data_6SJJ
#
_entry.id   6SJJ
#
_cell.length_a   145.850
_cell.length_b   145.850
_cell.length_c   385.400
_cell.angle_alpha   90.000
_cell.angle_beta   90.000
_cell.angle_gamma   90.000
#
_symmetry.space_group_name_H-M   'C 1 2 1'
#
loop_
_entity.id
_entity.type
_entity.pdbx_description
1 polymer 'PR-10 protein'
2 non-polymer '8-ANILINO-1-NAPHTHALENE SULFONATE'
3 non-polymer 'SULFATE ION'
4 non-polymer '4-(2-HYDROXYETHYL)-1-PIPERAZINE ETHANESULFONIC ACID'
5 non-polymer 'DIMETHYL SULFOXIDE'
6 non-polymer 'CITRATE ANION'
7 water water
#
_entity_poly.entity_id   1
_entity_poly.type   'polypeptide(L)'
_entity_poly.pdbx_seq_one_letter_code
;DPFTMAAYTIVKEEESPIAPHRLFKALVLERHQVLVKAQPHVFKSGEIIEGDGGVGTVTKITFVDGHPLTYMLHKFDEID
AANFYCKYTLFEGDVLRDNIEKVVYEVKLEAVGGGSKGKITVTYHPKPGCTVNEEEVKIGEKKAYEFYKQVEEYLAANPE
VFA
;
_entity_poly.pdbx_strand_id   B,A,R,Q,P,O,N,M,L,K,J,I,H,G,F,E,D,C,f,e,d,c,b,a,Z,Y,X,W,V,U,T,S,j,i,h,g
#
loop_
_chem_comp.id
_chem_comp.type
_chem_comp.name
_chem_comp.formula
2AN non-polymer '8-ANILINO-1-NAPHTHALENE SULFONATE' 'C16 H13 N O3 S'
DMS non-polymer 'DIMETHYL SULFOXIDE' 'C2 H6 O S'
EPE non-polymer '4-(2-HYDROXYETHYL)-1-PIPERAZINE ETHANESULFONIC ACID' 'C8 H18 N2 O4 S'
FLC non-polymer 'CITRATE ANION' 'C6 H5 O7 -3'
SO4 non-polymer 'SULFATE ION' 'O4 S -2'
#
# COMPACT_ATOMS: atom_id res chain seq x y z
N MET A 5 -157.34 40.58 -56.23
CA MET A 5 -157.62 41.36 -54.98
C MET A 5 -156.71 40.83 -53.85
N ALA A 6 -157.07 41.09 -52.59
CA ALA A 6 -156.25 40.67 -51.44
C ALA A 6 -155.78 39.22 -51.60
N ALA A 7 -154.59 38.92 -51.06
CA ALA A 7 -153.98 37.59 -51.15
C ALA A 7 -152.90 37.46 -50.06
N TYR A 8 -153.34 37.43 -48.80
CA TYR A 8 -152.43 37.29 -47.67
C TYR A 8 -152.38 35.82 -47.26
N THR A 9 -151.26 35.16 -47.57
CA THR A 9 -151.12 33.71 -47.36
C THR A 9 -149.99 33.35 -46.39
N ILE A 10 -150.19 32.18 -45.78
CA ILE A 10 -149.32 31.52 -44.83
C ILE A 10 -148.57 30.44 -45.61
N VAL A 11 -147.37 30.06 -45.14
CA VAL A 11 -146.61 28.97 -45.78
C VAL A 11 -145.85 28.19 -44.71
N LYS A 12 -146.43 27.07 -44.31
CA LYS A 12 -145.89 26.23 -43.26
C LYS A 12 -144.89 25.23 -43.84
N GLU A 13 -143.90 24.89 -43.02
CA GLU A 13 -142.89 23.93 -43.33
C GLU A 13 -142.66 23.14 -42.04
N GLU A 14 -143.68 22.34 -41.70
CA GLU A 14 -143.72 21.50 -40.52
C GLU A 14 -143.21 20.09 -40.86
N GLU A 15 -142.83 19.40 -39.80
CA GLU A 15 -142.10 18.19 -39.84
C GLU A 15 -142.33 17.52 -38.50
N SER A 16 -142.68 16.22 -38.48
CA SER A 16 -142.94 15.57 -37.20
C SER A 16 -142.67 14.09 -37.30
N PRO A 17 -142.38 13.45 -36.15
CA PRO A 17 -142.18 12.01 -36.08
C PRO A 17 -143.31 11.06 -36.53
N ILE A 18 -144.50 11.60 -36.81
CA ILE A 18 -145.64 10.76 -37.16
C ILE A 18 -145.62 10.46 -38.65
N ALA A 19 -145.86 9.18 -38.97
CA ALA A 19 -145.95 8.69 -40.33
C ALA A 19 -147.10 9.39 -41.04
N PRO A 20 -146.93 9.71 -42.33
CA PRO A 20 -147.87 10.56 -43.06
C PRO A 20 -149.29 10.08 -43.36
N HIS A 21 -149.51 8.78 -43.28
CA HIS A 21 -150.80 8.18 -43.46
C HIS A 21 -151.56 8.34 -42.13
N ARG A 22 -150.80 8.50 -41.06
CA ARG A 22 -151.38 8.63 -39.78
C ARG A 22 -151.89 10.07 -39.60
N LEU A 23 -151.15 11.06 -40.11
CA LEU A 23 -151.53 12.47 -40.08
C LEU A 23 -152.43 12.84 -41.25
N PHE A 24 -152.30 12.16 -42.36
CA PHE A 24 -153.14 12.51 -43.41
C PHE A 24 -154.56 12.09 -43.01
N LYS A 25 -154.67 10.95 -42.34
CA LYS A 25 -155.93 10.47 -41.91
C LYS A 25 -156.38 11.36 -40.74
N ALA A 26 -155.46 11.61 -39.80
CA ALA A 26 -155.85 12.26 -38.56
C ALA A 26 -156.20 13.73 -38.75
N LEU A 27 -155.58 14.45 -39.71
CA LEU A 27 -155.75 15.91 -39.84
C LEU A 27 -156.37 16.34 -41.16
N VAL A 28 -156.65 15.41 -42.08
CA VAL A 28 -157.29 15.78 -43.33
C VAL A 28 -158.58 14.99 -43.49
N LEU A 29 -158.43 13.68 -43.64
CA LEU A 29 -159.53 12.80 -44.02
C LEU A 29 -160.56 12.66 -42.93
N GLU A 30 -160.11 12.51 -41.69
CA GLU A 30 -160.98 12.35 -40.55
C GLU A 30 -160.85 13.53 -39.58
N ARG A 31 -160.35 14.68 -40.04
CA ARG A 31 -160.19 15.82 -39.10
C ARG A 31 -161.49 16.00 -38.30
N HIS A 32 -162.59 16.30 -39.02
CA HIS A 32 -163.95 16.60 -38.47
C HIS A 32 -164.36 15.74 -37.28
N GLN A 33 -164.06 14.44 -37.31
CA GLN A 33 -164.45 13.57 -36.21
C GLN A 33 -163.36 13.54 -35.13
N VAL A 34 -162.13 13.86 -35.54
CA VAL A 34 -160.95 13.91 -34.63
C VAL A 34 -160.98 15.24 -33.86
N LEU A 35 -161.58 16.27 -34.46
CA LEU A 35 -161.59 17.55 -33.74
C LEU A 35 -162.40 17.43 -32.45
N VAL A 36 -163.24 16.38 -32.34
CA VAL A 36 -164.14 16.27 -31.20
C VAL A 36 -163.52 15.40 -30.10
N LYS A 37 -162.65 14.48 -30.50
CA LYS A 37 -161.97 13.58 -29.56
C LYS A 37 -160.95 14.38 -28.76
N ALA A 38 -160.25 15.26 -29.48
CA ALA A 38 -159.15 16.11 -29.01
C ALA A 38 -159.60 17.28 -28.15
N GLN A 39 -160.61 18.02 -28.64
CA GLN A 39 -161.16 19.19 -27.96
C GLN A 39 -162.67 19.01 -27.76
N PRO A 40 -163.04 17.98 -27.00
CA PRO A 40 -164.42 17.71 -26.63
C PRO A 40 -165.01 18.87 -25.82
N HIS A 41 -164.17 19.88 -25.57
CA HIS A 41 -164.49 21.02 -24.74
C HIS A 41 -164.83 22.22 -25.61
N VAL A 42 -164.78 22.04 -26.93
CA VAL A 42 -165.07 23.08 -27.91
C VAL A 42 -166.07 22.57 -28.95
N PHE A 43 -165.94 21.27 -29.25
CA PHE A 43 -166.66 20.64 -30.29
C PHE A 43 -167.59 19.60 -29.71
N LYS A 44 -168.78 19.56 -30.30
CA LYS A 44 -169.85 18.65 -29.97
C LYS A 44 -169.84 17.53 -31.01
N SER A 45 -169.70 17.90 -32.29
CA SER A 45 -169.83 16.88 -33.29
C SER A 45 -169.11 17.24 -34.59
N GLY A 46 -168.61 16.20 -35.28
CA GLY A 46 -167.97 16.35 -36.61
C GLY A 46 -168.45 15.25 -37.54
N GLU A 47 -169.08 15.61 -38.68
CA GLU A 47 -169.54 14.55 -39.62
C GLU A 47 -169.77 15.12 -41.03
N ILE A 48 -169.76 14.25 -42.04
CA ILE A 48 -170.03 14.61 -43.46
C ILE A 48 -171.54 14.85 -43.61
N ILE A 49 -171.96 15.73 -44.51
CA ILE A 49 -173.41 16.00 -44.68
C ILE A 49 -173.88 15.43 -46.02
N GLU A 50 -172.91 15.22 -46.91
CA GLU A 50 -173.10 14.50 -48.16
C GLU A 50 -171.72 14.27 -48.75
N GLY A 51 -171.57 13.17 -49.50
CA GLY A 51 -170.30 12.82 -50.13
C GLY A 51 -169.80 11.46 -49.67
N ASP A 52 -168.70 11.04 -50.31
CA ASP A 52 -168.12 9.72 -50.15
C ASP A 52 -166.62 9.83 -49.93
N GLY A 53 -166.20 10.81 -49.12
CA GLY A 53 -164.81 11.02 -48.80
C GLY A 53 -163.96 11.32 -50.03
N GLY A 54 -164.64 11.60 -51.14
CA GLY A 54 -164.01 11.95 -52.39
C GLY A 54 -163.98 13.46 -52.53
N VAL A 55 -164.51 13.95 -53.65
CA VAL A 55 -164.52 15.38 -53.91
C VAL A 55 -165.99 15.80 -54.08
N GLY A 56 -166.37 16.83 -53.32
CA GLY A 56 -167.77 17.26 -53.29
C GLY A 56 -168.44 16.78 -52.03
N THR A 57 -167.67 16.05 -51.21
CA THR A 57 -168.10 15.64 -49.88
C THR A 57 -168.09 16.92 -49.03
N VAL A 58 -168.95 16.98 -48.02
CA VAL A 58 -169.01 18.16 -47.19
C VAL A 58 -169.13 17.68 -45.75
N THR A 59 -168.32 18.25 -44.85
CA THR A 59 -168.39 17.89 -43.45
C THR A 59 -169.03 19.05 -42.70
N LYS A 60 -169.57 18.81 -41.51
CA LYS A 60 -170.04 19.88 -40.63
C LYS A 60 -169.38 19.60 -39.28
N ILE A 61 -168.98 20.65 -38.56
CA ILE A 61 -168.35 20.54 -37.26
C ILE A 61 -169.10 21.48 -36.32
N THR A 62 -169.72 20.93 -35.28
CA THR A 62 -170.54 21.73 -34.37
C THR A 62 -169.79 21.95 -33.04
N PHE A 63 -169.84 23.21 -32.59
CA PHE A 63 -169.25 23.68 -31.37
C PHE A 63 -170.22 23.50 -30.23
N VAL A 64 -169.68 23.25 -29.05
CA VAL A 64 -170.48 23.05 -27.86
C VAL A 64 -171.44 24.24 -27.69
N ASP A 65 -172.61 23.93 -27.14
CA ASP A 65 -173.70 24.87 -26.90
C ASP A 65 -173.16 26.24 -26.47
N GLY A 66 -172.53 26.22 -25.30
CA GLY A 66 -172.01 27.40 -24.68
C GLY A 66 -171.11 28.22 -25.57
N HIS A 67 -170.44 27.60 -26.56
CA HIS A 67 -169.40 28.26 -27.38
C HIS A 67 -169.95 29.41 -28.22
N PRO A 68 -169.31 30.59 -28.24
CA PRO A 68 -169.79 31.69 -29.07
C PRO A 68 -169.99 31.26 -30.54
N LEU A 69 -169.15 30.31 -30.97
CA LEU A 69 -169.19 29.81 -32.31
C LEU A 69 -170.24 28.71 -32.42
N THR A 70 -170.74 28.56 -33.65
CA THR A 70 -171.85 27.67 -33.94
C THR A 70 -171.38 26.49 -34.80
N TYR A 71 -170.91 26.74 -36.01
CA TYR A 71 -170.55 25.59 -36.83
C TYR A 71 -169.76 25.99 -38.06
N MET A 72 -169.13 25.00 -38.69
CA MET A 72 -168.41 25.21 -39.92
C MET A 72 -168.60 23.97 -40.76
N LEU A 73 -168.69 24.13 -42.09
CA LEU A 73 -168.80 23.04 -43.00
C LEU A 73 -167.58 23.16 -43.91
N HIS A 74 -166.99 22.01 -44.18
CA HIS A 74 -165.84 21.90 -45.02
C HIS A 74 -166.26 21.11 -46.27
N LYS A 75 -165.73 21.47 -47.43
CA LYS A 75 -166.02 20.72 -48.64
C LYS A 75 -164.69 20.37 -49.29
N PHE A 76 -164.49 19.07 -49.58
CA PHE A 76 -163.27 18.67 -50.25
C PHE A 76 -163.36 19.07 -51.74
N ASP A 77 -162.25 19.63 -52.23
CA ASP A 77 -162.12 20.16 -53.57
C ASP A 77 -161.44 19.13 -54.47
N GLU A 78 -160.33 18.55 -53.97
CA GLU A 78 -159.56 17.53 -54.65
C GLU A 78 -158.75 16.76 -53.61
N ILE A 79 -158.61 15.44 -53.83
CA ILE A 79 -157.86 14.59 -52.90
C ILE A 79 -156.95 13.67 -53.72
N ASP A 80 -156.15 12.87 -53.00
CA ASP A 80 -155.21 11.91 -53.56
C ASP A 80 -154.46 11.34 -52.36
N ALA A 81 -155.22 10.68 -51.48
CA ALA A 81 -154.77 10.21 -50.18
C ALA A 81 -153.48 9.40 -50.29
N ALA A 82 -153.40 8.54 -51.30
CA ALA A 82 -152.24 7.70 -51.41
C ALA A 82 -150.96 8.54 -51.42
N ASN A 83 -151.10 9.83 -51.76
CA ASN A 83 -150.00 10.77 -51.82
C ASN A 83 -150.05 11.78 -50.68
N PHE A 84 -151.08 11.68 -49.85
CA PHE A 84 -151.31 12.61 -48.79
C PHE A 84 -151.34 14.01 -49.40
N TYR A 85 -152.27 14.21 -50.34
CA TYR A 85 -152.50 15.48 -50.96
C TYR A 85 -153.97 15.84 -50.87
N CYS A 86 -154.22 17.11 -50.52
CA CYS A 86 -155.57 17.61 -50.35
C CYS A 86 -155.58 19.13 -50.44
N LYS A 87 -156.62 19.68 -51.04
CA LYS A 87 -156.89 21.09 -50.99
C LYS A 87 -158.34 21.13 -50.49
N TYR A 88 -158.61 21.79 -49.36
CA TYR A 88 -160.00 21.79 -48.82
C TYR A 88 -160.49 23.20 -48.47
N THR A 89 -161.79 23.40 -48.70
CA THR A 89 -162.46 24.68 -48.58
C THR A 89 -163.29 24.79 -47.28
N LEU A 90 -163.09 25.92 -46.59
CA LEU A 90 -163.85 26.40 -45.45
C LEU A 90 -164.70 27.57 -45.95
N PHE A 91 -165.84 27.27 -46.56
CA PHE A 91 -166.65 28.25 -47.23
C PHE A 91 -167.71 28.89 -46.31
N GLU A 92 -168.44 28.08 -45.53
CA GLU A 92 -169.50 28.61 -44.64
C GLU A 92 -169.20 28.31 -43.17
N GLY A 93 -169.86 29.04 -42.26
CA GLY A 93 -169.72 28.78 -40.83
C GLY A 93 -169.74 30.05 -40.01
N ASP A 94 -170.11 29.95 -38.74
CA ASP A 94 -170.14 31.11 -37.86
C ASP A 94 -168.75 31.74 -37.89
N VAL A 95 -167.79 31.00 -37.33
CA VAL A 95 -166.39 31.38 -37.18
C VAL A 95 -165.92 32.22 -38.37
N LEU A 96 -166.51 31.98 -39.54
CA LEU A 96 -166.20 32.72 -40.75
C LEU A 96 -166.73 34.14 -40.58
N ARG A 97 -165.82 35.09 -40.33
CA ARG A 97 -166.17 36.49 -40.05
C ARG A 97 -166.49 37.23 -41.35
N ASP A 98 -166.98 38.47 -41.20
CA ASP A 98 -167.48 39.31 -42.29
C ASP A 98 -166.40 39.56 -43.36
N ASN A 99 -165.23 40.03 -42.95
CA ASN A 99 -164.16 40.37 -43.87
C ASN A 99 -163.79 39.18 -44.78
N ILE A 100 -164.00 37.95 -44.30
CA ILE A 100 -163.54 36.73 -44.97
C ILE A 100 -164.66 36.05 -45.76
N GLU A 101 -164.35 35.71 -47.00
CA GLU A 101 -165.20 34.93 -47.88
C GLU A 101 -164.92 33.45 -47.62
N LYS A 102 -163.62 33.10 -47.51
CA LYS A 102 -163.22 31.71 -47.24
C LYS A 102 -161.77 31.61 -46.76
N VAL A 103 -161.38 30.43 -46.28
CA VAL A 103 -160.01 30.12 -45.95
C VAL A 103 -159.68 28.82 -46.70
N VAL A 104 -158.48 28.75 -47.30
CA VAL A 104 -158.12 27.57 -48.11
C VAL A 104 -156.75 27.02 -47.70
N TYR A 105 -156.80 25.72 -47.42
CA TYR A 105 -155.68 24.93 -47.00
C TYR A 105 -155.35 23.99 -48.17
N GLU A 106 -154.06 23.72 -48.34
CA GLU A 106 -153.53 22.81 -49.33
C GLU A 106 -152.47 22.00 -48.62
N VAL A 107 -152.72 20.68 -48.57
CA VAL A 107 -151.90 19.72 -47.86
C VAL A 107 -151.23 18.77 -48.86
N LYS A 108 -150.01 18.40 -48.47
CA LYS A 108 -149.18 17.48 -49.16
C LYS A 108 -148.06 17.09 -48.19
N LEU A 109 -148.23 15.96 -47.51
CA LEU A 109 -147.20 15.41 -46.65
C LEU A 109 -146.31 14.49 -47.49
N GLU A 110 -145.22 14.01 -46.88
CA GLU A 110 -144.33 13.04 -47.49
C GLU A 110 -143.70 12.23 -46.36
N ALA A 111 -143.20 11.01 -46.65
CA ALA A 111 -142.59 10.21 -45.60
C ALA A 111 -141.15 10.64 -45.40
N VAL A 112 -140.71 10.61 -44.14
CA VAL A 112 -139.34 10.89 -43.83
C VAL A 112 -138.93 9.87 -42.77
N GLY A 113 -138.14 8.87 -43.16
CA GLY A 113 -137.81 7.86 -42.19
C GLY A 113 -139.10 7.50 -41.50
N GLY A 114 -139.04 7.16 -40.21
CA GLY A 114 -140.24 6.72 -39.49
C GLY A 114 -141.24 7.81 -39.16
N GLY A 115 -141.17 8.95 -39.87
CA GLY A 115 -142.02 10.12 -39.67
C GLY A 115 -142.34 10.83 -40.97
N SER A 116 -142.73 12.11 -40.87
CA SER A 116 -143.12 12.90 -42.06
C SER A 116 -142.76 14.39 -41.93
N LYS A 117 -142.83 15.05 -43.08
CA LYS A 117 -142.64 16.46 -43.31
C LYS A 117 -143.87 16.93 -44.09
N GLY A 118 -144.21 18.22 -44.01
CA GLY A 118 -145.36 18.72 -44.73
C GLY A 118 -145.34 20.22 -44.86
N LYS A 119 -145.69 20.69 -46.05
CA LYS A 119 -145.79 22.07 -46.40
C LYS A 119 -147.28 22.40 -46.54
N ILE A 120 -147.71 23.50 -45.88
CA ILE A 120 -149.09 23.92 -45.93
C ILE A 120 -149.17 25.34 -46.51
N THR A 121 -150.26 25.60 -47.25
CA THR A 121 -150.54 26.82 -47.94
C THR A 121 -151.97 27.26 -47.64
N VAL A 122 -152.15 27.79 -46.43
CA VAL A 122 -153.42 28.33 -46.00
C VAL A 122 -153.63 29.65 -46.75
N THR A 123 -154.87 29.90 -47.17
CA THR A 123 -155.16 31.05 -48.01
C THR A 123 -156.48 31.71 -47.60
N TYR A 124 -156.42 32.60 -46.59
CA TYR A 124 -157.56 33.41 -46.08
C TYR A 124 -158.02 34.42 -47.14
N HIS A 125 -159.21 34.19 -47.71
CA HIS A 125 -159.81 35.05 -48.77
C HIS A 125 -160.83 36.02 -48.19
N PRO A 126 -160.89 37.29 -48.67
CA PRO A 126 -161.87 38.27 -48.21
C PRO A 126 -163.15 38.32 -49.06
N LYS A 127 -164.22 38.85 -48.47
CA LYS A 127 -165.52 38.95 -49.12
C LYS A 127 -165.51 40.22 -49.97
N PRO A 128 -166.19 40.25 -51.15
CA PRO A 128 -166.16 41.41 -52.03
C PRO A 128 -166.17 42.75 -51.29
N GLY A 129 -165.09 43.52 -51.48
CA GLY A 129 -164.93 44.85 -50.92
C GLY A 129 -164.85 44.85 -49.40
N CYS A 130 -163.93 44.04 -48.85
CA CYS A 130 -163.66 44.02 -47.41
C CYS A 130 -162.23 43.49 -47.23
N THR A 131 -161.54 43.92 -46.16
CA THR A 131 -160.09 43.66 -45.97
C THR A 131 -159.80 42.64 -44.85
N VAL A 132 -158.66 41.94 -45.01
CA VAL A 132 -158.19 40.81 -44.16
C VAL A 132 -157.18 41.25 -43.08
N ASN A 133 -157.44 40.84 -41.84
CA ASN A 133 -156.60 41.13 -40.69
C ASN A 133 -155.41 40.16 -40.62
N GLU A 134 -154.56 40.40 -39.60
CA GLU A 134 -153.37 39.62 -39.23
C GLU A 134 -153.77 38.77 -38.01
N GLU A 135 -154.43 39.43 -37.06
CA GLU A 135 -155.03 38.82 -35.88
C GLU A 135 -155.78 37.55 -36.33
N GLU A 136 -156.81 37.74 -37.17
CA GLU A 136 -157.68 36.70 -37.72
C GLU A 136 -156.85 35.54 -38.26
N VAL A 137 -155.88 35.86 -39.12
CA VAL A 137 -155.01 34.90 -39.73
C VAL A 137 -154.15 34.25 -38.64
N LYS A 138 -153.59 35.09 -37.77
CA LYS A 138 -152.71 34.64 -36.70
C LYS A 138 -153.37 33.64 -35.77
N ILE A 139 -154.71 33.69 -35.63
CA ILE A 139 -155.48 32.84 -34.69
C ILE A 139 -155.77 31.48 -35.32
N GLY A 140 -156.13 31.48 -36.60
CA GLY A 140 -156.39 30.28 -37.36
C GLY A 140 -155.25 29.30 -37.22
N GLU A 141 -154.04 29.83 -37.38
CA GLU A 141 -152.74 29.15 -37.31
C GLU A 141 -152.53 28.51 -35.94
N LYS A 142 -152.85 29.28 -34.89
CA LYS A 142 -152.67 28.83 -33.55
C LYS A 142 -153.65 27.72 -33.25
N LYS A 143 -154.83 27.77 -33.86
CA LYS A 143 -155.85 26.81 -33.57
C LYS A 143 -155.41 25.48 -34.17
N ALA A 144 -155.19 25.52 -35.48
CA ALA A 144 -154.72 24.42 -36.26
C ALA A 144 -153.36 23.93 -35.75
N TYR A 145 -152.42 24.83 -35.48
CA TYR A 145 -151.13 24.35 -35.01
C TYR A 145 -151.31 23.64 -33.68
N GLU A 146 -152.12 24.20 -32.79
CA GLU A 146 -152.29 23.59 -31.51
C GLU A 146 -153.00 22.25 -31.65
N PHE A 147 -154.02 22.17 -32.51
CA PHE A 147 -154.74 20.90 -32.79
C PHE A 147 -153.72 19.76 -33.03
N TYR A 148 -152.97 19.84 -34.11
CA TYR A 148 -151.83 18.89 -34.42
C TYR A 148 -150.95 18.59 -33.19
N LYS A 149 -150.52 19.61 -32.45
CA LYS A 149 -149.62 19.32 -31.38
C LYS A 149 -150.31 18.30 -30.48
N GLN A 150 -151.55 18.60 -30.12
CA GLN A 150 -152.39 17.75 -29.26
C GLN A 150 -152.56 16.35 -29.87
N VAL A 151 -152.49 16.29 -31.21
CA VAL A 151 -152.71 15.07 -31.96
C VAL A 151 -151.41 14.28 -32.08
N GLU A 152 -150.33 14.96 -32.45
CA GLU A 152 -149.05 14.35 -32.50
C GLU A 152 -148.81 13.57 -31.22
N GLU A 153 -149.06 14.20 -30.07
CA GLU A 153 -148.97 13.53 -28.76
C GLU A 153 -149.77 12.23 -28.76
N TYR A 154 -150.92 12.23 -29.44
CA TYR A 154 -151.82 11.08 -29.38
C TYR A 154 -151.42 10.00 -30.40
N LEU A 155 -151.03 10.36 -31.62
CA LEU A 155 -150.64 9.33 -32.54
C LEU A 155 -149.34 8.73 -32.03
N ALA A 156 -148.59 9.54 -31.29
CA ALA A 156 -147.29 9.08 -30.76
C ALA A 156 -147.49 7.90 -29.81
N ALA A 157 -148.38 8.07 -28.84
CA ALA A 157 -148.56 7.16 -27.71
C ALA A 157 -149.57 6.03 -27.96
N ASN A 158 -150.33 6.09 -29.06
CA ASN A 158 -151.28 5.03 -29.45
C ASN A 158 -151.03 4.70 -30.92
N PRO A 159 -149.97 3.91 -31.20
CA PRO A 159 -149.50 3.69 -32.58
C PRO A 159 -150.43 2.89 -33.48
N GLU A 160 -151.38 2.19 -32.87
CA GLU A 160 -152.30 1.37 -33.63
C GLU A 160 -153.32 2.26 -34.33
N VAL A 161 -153.62 3.43 -33.75
CA VAL A 161 -154.64 4.35 -34.30
C VAL A 161 -154.27 4.77 -35.72
N PHE A 162 -155.10 4.32 -36.66
CA PHE A 162 -154.94 4.59 -38.08
C PHE A 162 -153.65 4.02 -38.65
N ALA A 163 -152.97 3.17 -37.89
CA ALA A 163 -151.70 2.65 -38.36
C ALA A 163 -151.99 1.77 -39.57
N PRO B 2 -142.21 33.54 -32.74
CA PRO B 2 -143.44 34.24 -33.10
C PRO B 2 -144.30 33.46 -34.12
N PHE B 3 -145.44 34.06 -34.50
CA PHE B 3 -146.29 33.54 -35.57
C PHE B 3 -145.54 33.93 -36.85
N THR B 4 -144.46 33.18 -37.09
CA THR B 4 -143.44 33.43 -38.10
C THR B 4 -143.97 33.62 -39.51
N MET B 5 -145.19 33.17 -39.79
CA MET B 5 -145.70 33.21 -41.16
C MET B 5 -146.20 34.61 -41.53
N ALA B 6 -145.33 35.33 -42.27
CA ALA B 6 -145.58 36.67 -42.78
C ALA B 6 -144.88 36.81 -44.14
N ALA B 7 -145.55 36.31 -45.19
CA ALA B 7 -145.06 36.37 -46.58
C ALA B 7 -146.19 36.84 -47.50
N TYR B 8 -145.82 37.19 -48.73
CA TYR B 8 -146.78 37.71 -49.70
C TYR B 8 -146.70 36.98 -51.05
N THR B 9 -147.82 36.33 -51.40
CA THR B 9 -147.94 35.54 -52.62
C THR B 9 -149.19 35.93 -53.43
N ILE B 10 -149.09 35.77 -54.75
CA ILE B 10 -150.16 36.08 -55.67
C ILE B 10 -150.35 34.88 -56.60
N VAL B 11 -151.61 34.60 -56.91
CA VAL B 11 -151.99 33.52 -57.82
C VAL B 11 -153.15 34.01 -58.70
N LYS B 12 -152.93 33.91 -60.01
CA LYS B 12 -153.95 34.23 -60.97
C LYS B 12 -153.95 33.13 -62.03
N GLU B 13 -155.03 33.14 -62.81
CA GLU B 13 -155.26 32.31 -63.95
C GLU B 13 -155.71 33.24 -65.07
N GLU B 14 -155.27 32.94 -66.30
CA GLU B 14 -155.70 33.70 -67.46
C GLU B 14 -155.84 32.74 -68.64
N GLU B 15 -156.57 33.22 -69.66
CA GLU B 15 -156.93 32.52 -70.88
C GLU B 15 -156.36 33.25 -72.10
N SER B 16 -155.59 32.51 -72.92
CA SER B 16 -154.97 33.02 -74.12
C SER B 16 -155.05 31.98 -75.24
N PRO B 17 -155.19 32.42 -76.51
CA PRO B 17 -155.38 31.50 -77.62
C PRO B 17 -154.04 30.93 -78.08
N ILE B 18 -153.12 30.74 -77.12
CA ILE B 18 -151.75 30.31 -77.41
C ILE B 18 -151.50 28.90 -76.86
N ALA B 19 -151.16 27.96 -77.75
CA ALA B 19 -150.81 26.62 -77.31
C ALA B 19 -149.86 26.76 -76.13
N PRO B 20 -150.05 26.00 -75.04
CA PRO B 20 -149.20 26.18 -73.88
C PRO B 20 -147.75 26.16 -74.36
N HIS B 21 -147.32 25.04 -74.96
CA HIS B 21 -145.92 24.89 -75.31
C HIS B 21 -145.35 26.22 -75.78
N ARG B 22 -146.18 27.03 -76.46
CA ARG B 22 -145.80 28.37 -77.00
C ARG B 22 -145.51 29.40 -75.90
N LEU B 23 -146.37 29.52 -74.87
CA LEU B 23 -146.13 30.45 -73.76
C LEU B 23 -145.02 29.92 -72.83
N PHE B 24 -144.89 28.60 -72.69
CA PHE B 24 -143.87 28.08 -71.77
C PHE B 24 -142.48 28.44 -72.33
N LYS B 25 -142.25 28.10 -73.60
CA LYS B 25 -141.01 28.39 -74.31
C LYS B 25 -140.69 29.90 -74.21
N ALA B 26 -141.66 30.72 -74.62
CA ALA B 26 -141.53 32.18 -74.69
C ALA B 26 -141.53 32.89 -73.32
N LEU B 27 -142.22 32.35 -72.30
CA LEU B 27 -142.34 33.03 -70.97
C LEU B 27 -141.59 32.33 -69.84
N VAL B 28 -141.05 31.13 -70.10
CA VAL B 28 -140.32 30.42 -69.09
C VAL B 28 -139.01 29.90 -69.71
N LEU B 29 -139.10 28.97 -70.65
CA LEU B 29 -137.89 28.31 -71.11
C LEU B 29 -136.94 29.33 -71.71
N GLU B 30 -137.47 30.29 -72.47
CA GLU B 30 -136.62 31.28 -73.17
C GLU B 30 -136.99 32.73 -72.75
N ARG B 31 -137.55 32.94 -71.55
CA ARG B 31 -137.95 34.31 -71.08
C ARG B 31 -136.77 35.30 -71.12
N HIS B 32 -135.59 34.82 -70.73
CA HIS B 32 -134.37 35.64 -70.72
C HIS B 32 -134.15 36.23 -72.13
N GLN B 33 -134.36 35.38 -73.15
CA GLN B 33 -134.14 35.78 -74.56
C GLN B 33 -135.29 36.68 -75.02
N VAL B 34 -136.50 36.28 -74.65
CA VAL B 34 -137.72 36.93 -75.10
C VAL B 34 -137.83 38.35 -74.50
N LEU B 35 -137.66 38.50 -73.21
CA LEU B 35 -137.96 39.84 -72.68
C LEU B 35 -137.18 40.83 -73.53
N VAL B 36 -135.96 40.47 -73.91
CA VAL B 36 -135.10 41.39 -74.69
C VAL B 36 -135.75 41.73 -76.03
N LYS B 37 -136.10 40.72 -76.81
CA LYS B 37 -136.64 40.95 -78.17
C LYS B 37 -137.98 41.68 -78.09
N ALA B 38 -138.69 41.51 -77.00
CA ALA B 38 -140.04 42.08 -76.79
C ALA B 38 -139.97 43.55 -76.36
N GLN B 39 -139.10 43.83 -75.40
CA GLN B 39 -138.92 45.18 -74.90
C GLN B 39 -137.45 45.52 -75.09
N PRO B 40 -137.02 45.66 -76.36
CA PRO B 40 -135.61 45.86 -76.69
C PRO B 40 -135.06 47.13 -76.03
N HIS B 41 -135.99 48.00 -75.66
CA HIS B 41 -135.74 49.31 -75.11
C HIS B 41 -135.42 49.25 -73.62
N VAL B 42 -135.66 48.10 -72.97
CA VAL B 42 -135.39 47.94 -71.52
C VAL B 42 -134.29 46.89 -71.26
N PHE B 43 -134.10 45.98 -72.21
CA PHE B 43 -133.20 44.87 -72.07
C PHE B 43 -132.14 44.89 -73.19
N LYS B 44 -130.88 44.82 -72.77
CA LYS B 44 -129.71 44.83 -73.66
C LYS B 44 -129.28 43.41 -74.00
N SER B 45 -129.36 42.50 -73.01
CA SER B 45 -128.87 41.13 -73.21
C SER B 45 -129.63 40.09 -72.39
N GLY B 46 -129.70 38.88 -72.95
CA GLY B 46 -130.31 37.69 -72.37
C GLY B 46 -129.32 36.54 -72.50
N GLU B 47 -129.02 35.88 -71.38
CA GLU B 47 -127.99 34.84 -71.38
C GLU B 47 -128.07 33.96 -70.13
N ILE B 48 -127.43 32.80 -70.24
CA ILE B 48 -127.31 31.84 -69.18
C ILE B 48 -125.88 31.97 -68.63
N ILE B 49 -125.79 32.12 -67.31
CA ILE B 49 -124.52 32.21 -66.64
C ILE B 49 -124.09 30.79 -66.26
N GLU B 50 -124.97 30.08 -65.54
CA GLU B 50 -124.72 28.73 -65.01
C GLU B 50 -125.84 27.77 -65.46
N GLY B 51 -125.50 26.84 -66.37
CA GLY B 51 -126.43 25.81 -66.84
C GLY B 51 -126.34 25.52 -68.33
N ASP B 52 -126.93 24.38 -68.73
CA ASP B 52 -127.01 23.90 -70.12
C ASP B 52 -128.49 23.63 -70.46
N GLY B 53 -129.39 24.40 -69.84
CA GLY B 53 -130.82 24.17 -69.92
C GLY B 53 -131.24 23.18 -68.85
N GLY B 54 -132.55 23.07 -68.62
CA GLY B 54 -133.03 22.18 -67.58
C GLY B 54 -132.93 22.86 -66.23
N VAL B 55 -133.09 22.09 -65.15
CA VAL B 55 -133.09 22.57 -63.76
C VAL B 55 -131.64 22.78 -63.32
N GLY B 56 -131.44 23.82 -62.51
CA GLY B 56 -130.14 24.20 -61.98
C GLY B 56 -129.47 25.27 -62.85
N THR B 57 -130.15 25.69 -63.92
CA THR B 57 -129.63 26.70 -64.83
C THR B 57 -130.19 28.06 -64.37
N VAL B 58 -129.31 29.09 -64.30
CA VAL B 58 -129.68 30.43 -63.82
C VAL B 58 -129.43 31.49 -64.90
N THR B 59 -130.34 32.47 -64.95
CA THR B 59 -130.37 33.55 -65.95
C THR B 59 -129.70 34.84 -65.45
N LYS B 60 -129.25 35.62 -66.44
CA LYS B 60 -128.70 37.00 -66.28
C LYS B 60 -129.49 37.88 -67.26
N ILE B 61 -130.17 38.91 -66.77
CA ILE B 61 -130.96 39.83 -67.58
C ILE B 61 -130.44 41.28 -67.43
N THR B 62 -129.64 41.69 -68.43
CA THR B 62 -128.97 42.99 -68.46
C THR B 62 -129.88 44.03 -69.13
N PHE B 63 -130.16 45.10 -68.39
CA PHE B 63 -130.92 46.23 -68.89
C PHE B 63 -130.03 47.08 -69.79
N VAL B 64 -130.67 47.91 -70.61
CA VAL B 64 -129.95 48.91 -71.37
C VAL B 64 -129.31 49.86 -70.33
N ASP B 65 -128.10 50.35 -70.63
CA ASP B 65 -127.24 51.10 -69.67
C ASP B 65 -127.86 52.42 -69.20
N GLY B 66 -129.10 52.69 -69.63
CA GLY B 66 -129.83 53.91 -69.25
C GLY B 66 -130.91 53.67 -68.20
N HIS B 67 -131.41 52.42 -68.12
CA HIS B 67 -132.51 52.05 -67.21
C HIS B 67 -132.08 52.19 -65.75
N PRO B 68 -132.97 52.61 -64.81
CA PRO B 68 -132.63 52.67 -63.40
C PRO B 68 -131.94 51.39 -62.90
N LEU B 69 -132.45 50.22 -63.35
CA LEU B 69 -131.98 48.90 -62.95
C LEU B 69 -130.79 48.47 -63.84
N THR B 70 -130.14 47.36 -63.48
CA THR B 70 -128.91 46.93 -64.18
C THR B 70 -128.99 45.47 -64.64
N TYR B 71 -129.48 44.58 -63.76
CA TYR B 71 -129.57 43.16 -64.13
C TYR B 71 -130.45 42.40 -63.13
N MET B 72 -130.95 41.25 -63.62
CA MET B 72 -131.75 40.30 -62.86
C MET B 72 -130.98 38.97 -62.82
N LEU B 73 -130.97 38.34 -61.64
CA LEU B 73 -130.42 37.04 -61.49
C LEU B 73 -131.63 36.16 -61.18
N HIS B 74 -131.80 35.11 -61.99
CA HIS B 74 -132.83 34.06 -61.79
C HIS B 74 -132.17 32.67 -61.92
N LYS B 75 -132.74 31.66 -61.32
CA LYS B 75 -132.14 30.31 -61.47
C LYS B 75 -133.26 29.28 -61.61
N PHE B 76 -133.01 28.21 -62.38
CA PHE B 76 -134.03 27.17 -62.66
C PHE B 76 -134.09 26.16 -61.51
N ASP B 77 -135.21 26.17 -60.78
CA ASP B 77 -135.38 25.35 -59.56
C ASP B 77 -135.97 23.97 -59.90
N GLU B 78 -137.25 23.98 -60.26
CA GLU B 78 -137.99 22.76 -60.64
C GLU B 78 -138.65 23.01 -61.98
N ILE B 79 -138.38 22.12 -62.93
CA ILE B 79 -138.89 22.16 -64.29
C ILE B 79 -139.49 20.79 -64.63
N ASP B 80 -140.80 20.76 -64.94
CA ASP B 80 -141.45 19.56 -65.47
C ASP B 80 -141.98 19.97 -66.85
N ALA B 81 -141.10 19.77 -67.84
CA ALA B 81 -141.24 20.15 -69.25
C ALA B 81 -142.62 19.86 -69.84
N ALA B 82 -142.93 18.56 -69.95
CA ALA B 82 -144.10 17.99 -70.63
C ALA B 82 -145.43 18.58 -70.15
N ASN B 83 -145.57 18.84 -68.85
CA ASN B 83 -146.83 19.36 -68.28
C ASN B 83 -146.80 20.90 -68.19
N PHE B 84 -145.60 21.49 -68.39
CA PHE B 84 -145.41 22.93 -68.37
C PHE B 84 -145.46 23.48 -66.93
N TYR B 85 -144.75 22.83 -66.01
CA TYR B 85 -144.68 23.27 -64.62
C TYR B 85 -143.30 23.87 -64.35
N CYS B 86 -143.29 24.99 -63.61
CA CYS B 86 -142.08 25.72 -63.33
C CYS B 86 -142.08 26.35 -61.93
N LYS B 87 -140.88 26.32 -61.35
CA LYS B 87 -140.47 27.00 -60.11
C LYS B 87 -139.05 27.53 -60.35
N TYR B 88 -138.94 28.86 -60.34
CA TYR B 88 -137.72 29.59 -60.54
C TYR B 88 -137.88 30.86 -59.70
N THR B 89 -136.79 31.61 -59.53
CA THR B 89 -136.84 32.85 -58.76
C THR B 89 -135.58 33.66 -58.97
N LEU B 90 -135.66 34.97 -58.66
CA LEU B 90 -134.51 35.86 -58.72
C LEU B 90 -133.88 35.92 -57.32
N PHE B 91 -132.54 35.97 -57.29
CA PHE B 91 -131.81 35.92 -56.05
C PHE B 91 -130.72 37.01 -55.97
N GLU B 92 -130.75 38.03 -56.86
CA GLU B 92 -129.79 39.18 -56.84
C GLU B 92 -130.01 40.08 -58.08
N GLY B 93 -129.95 41.40 -57.87
CA GLY B 93 -130.16 42.41 -58.93
C GLY B 93 -130.93 43.61 -58.37
N ASP B 94 -130.47 44.84 -58.70
CA ASP B 94 -131.02 46.12 -58.12
C ASP B 94 -132.54 46.19 -58.23
N VAL B 95 -133.12 45.24 -58.97
CA VAL B 95 -134.55 45.14 -59.17
C VAL B 95 -135.28 44.84 -57.84
N LEU B 96 -134.54 44.37 -56.83
CA LEU B 96 -135.16 43.98 -55.55
C LEU B 96 -136.10 45.08 -55.04
N ARG B 97 -135.74 46.35 -55.27
CA ARG B 97 -136.57 47.51 -54.90
C ARG B 97 -136.62 47.70 -53.37
N ASP B 98 -135.82 46.90 -52.65
CA ASP B 98 -135.67 47.09 -51.19
C ASP B 98 -136.64 46.28 -50.34
N ASN B 99 -137.54 45.50 -50.93
CA ASN B 99 -138.55 44.79 -50.08
C ASN B 99 -138.52 43.25 -50.19
N ILE B 100 -137.45 42.64 -50.69
CA ILE B 100 -137.49 41.15 -50.81
C ILE B 100 -136.10 40.55 -50.56
N GLU B 101 -136.08 39.28 -50.14
CA GLU B 101 -134.85 38.47 -50.00
C GLU B 101 -134.69 37.64 -51.28
N LYS B 102 -135.83 37.26 -51.86
CA LYS B 102 -135.93 36.48 -53.11
C LYS B 102 -137.38 36.53 -53.63
N VAL B 103 -137.55 36.18 -54.92
CA VAL B 103 -138.85 36.09 -55.58
C VAL B 103 -138.93 34.75 -56.36
N VAL B 104 -139.70 33.83 -55.78
CA VAL B 104 -139.96 32.46 -56.29
C VAL B 104 -141.22 32.47 -57.16
N TYR B 105 -140.98 32.20 -58.43
CA TYR B 105 -141.99 32.11 -59.46
C TYR B 105 -142.28 30.63 -59.67
N GLU B 106 -143.55 30.24 -59.49
CA GLU B 106 -144.05 28.88 -59.70
C GLU B 106 -145.18 28.96 -60.73
N VAL B 107 -145.08 28.18 -61.82
CA VAL B 107 -146.10 28.19 -62.85
C VAL B 107 -146.32 26.77 -63.37
N LYS B 108 -147.58 26.50 -63.69
CA LYS B 108 -148.04 25.24 -64.24
C LYS B 108 -149.13 25.56 -65.26
N LEU B 109 -148.97 25.06 -66.48
CA LEU B 109 -149.97 25.29 -67.53
C LEU B 109 -150.68 23.97 -67.89
N GLU B 110 -151.81 24.10 -68.59
CA GLU B 110 -152.69 23.00 -69.07
C GLU B 110 -153.26 23.37 -70.47
N ALA B 111 -153.10 22.47 -71.47
CA ALA B 111 -153.67 22.64 -72.86
C ALA B 111 -155.18 22.84 -72.76
N VAL B 112 -155.77 23.79 -73.50
CA VAL B 112 -157.18 24.12 -73.28
C VAL B 112 -157.80 24.55 -74.59
N GLY B 113 -158.25 23.58 -75.39
CA GLY B 113 -158.69 23.84 -76.75
C GLY B 113 -157.43 24.03 -77.58
N GLY B 114 -157.41 25.06 -78.43
CA GLY B 114 -156.21 25.39 -79.21
C GLY B 114 -155.45 26.55 -78.56
N GLY B 115 -155.43 26.53 -77.22
CA GLY B 115 -154.81 27.53 -76.33
C GLY B 115 -154.37 26.91 -75.01
N SER B 116 -154.38 27.70 -73.93
CA SER B 116 -153.90 27.18 -72.64
C SER B 116 -154.59 27.85 -71.43
N LYS B 117 -154.33 27.26 -70.27
CA LYS B 117 -154.72 27.72 -68.95
C LYS B 117 -153.47 27.71 -68.08
N GLY B 118 -153.25 28.84 -67.40
CA GLY B 118 -152.10 29.01 -66.57
C GLY B 118 -152.48 29.33 -65.14
N LYS B 119 -151.79 28.65 -64.22
CA LYS B 119 -151.89 28.90 -62.80
C LYS B 119 -150.51 29.38 -62.36
N ILE B 120 -150.45 30.64 -61.95
CA ILE B 120 -149.23 31.25 -61.56
C ILE B 120 -149.21 31.43 -60.03
N THR B 121 -148.18 30.87 -59.39
CA THR B 121 -147.85 31.11 -57.99
C THR B 121 -146.54 31.91 -57.97
N VAL B 122 -146.57 33.11 -57.40
CA VAL B 122 -145.41 34.00 -57.29
C VAL B 122 -145.38 34.49 -55.84
N THR B 123 -144.22 34.33 -55.19
CA THR B 123 -144.07 34.72 -53.80
C THR B 123 -142.98 35.79 -53.63
N TYR B 124 -143.41 37.00 -53.26
CA TYR B 124 -142.50 38.07 -52.92
C TYR B 124 -142.12 37.88 -51.44
N HIS B 125 -140.85 37.54 -51.16
CA HIS B 125 -140.36 37.26 -49.79
C HIS B 125 -139.94 38.52 -49.02
N PRO B 126 -140.79 39.15 -48.17
CA PRO B 126 -140.34 40.26 -47.31
C PRO B 126 -139.10 39.88 -46.50
N LYS B 127 -138.43 40.88 -45.88
CA LYS B 127 -137.19 40.68 -45.09
C LYS B 127 -137.41 41.24 -43.67
N PRO B 128 -136.50 40.95 -42.69
CA PRO B 128 -136.62 41.50 -41.34
C PRO B 128 -136.65 43.03 -41.24
N GLY B 129 -137.63 43.53 -40.47
CA GLY B 129 -137.85 44.96 -40.26
C GLY B 129 -138.45 45.62 -41.50
N CYS B 130 -139.14 44.81 -42.32
CA CYS B 130 -139.75 45.30 -43.55
C CYS B 130 -141.26 45.04 -43.50
N THR B 131 -142.01 45.81 -44.30
CA THR B 131 -143.44 45.67 -44.49
C THR B 131 -143.70 45.73 -45.99
N VAL B 132 -143.32 44.65 -46.69
CA VAL B 132 -143.45 44.50 -48.14
C VAL B 132 -144.62 45.36 -48.64
N ASN B 133 -144.32 46.18 -49.66
CA ASN B 133 -145.25 47.13 -50.22
C ASN B 133 -146.52 46.42 -50.72
N GLU B 134 -147.63 46.62 -49.97
CA GLU B 134 -148.94 46.06 -50.31
C GLU B 134 -149.56 46.87 -51.45
N GLU B 135 -148.90 47.97 -51.81
CA GLU B 135 -149.27 48.84 -52.92
C GLU B 135 -148.33 48.56 -54.11
N GLU B 136 -147.24 47.87 -53.82
CA GLU B 136 -146.22 47.53 -54.83
C GLU B 136 -146.66 46.27 -55.57
N VAL B 137 -147.84 45.78 -55.26
CA VAL B 137 -148.34 44.53 -55.89
C VAL B 137 -148.68 44.69 -57.38
N LYS B 138 -149.44 45.70 -57.75
CA LYS B 138 -149.98 45.79 -59.14
C LYS B 138 -148.83 45.86 -60.13
N ILE B 139 -147.80 46.55 -59.68
CA ILE B 139 -146.57 46.94 -60.41
C ILE B 139 -145.69 45.74 -60.82
N GLY B 140 -145.21 44.96 -59.84
CA GLY B 140 -144.37 43.80 -60.15
C GLY B 140 -145.06 42.90 -61.16
N GLU B 141 -146.34 42.68 -60.90
CA GLU B 141 -147.23 41.93 -61.74
C GLU B 141 -147.30 42.63 -63.10
N LYS B 142 -147.66 43.92 -63.06
CA LYS B 142 -147.90 44.77 -64.24
C LYS B 142 -146.80 44.61 -65.30
N LYS B 143 -145.52 44.49 -64.93
CA LYS B 143 -144.44 44.35 -65.93
C LYS B 143 -144.63 43.04 -66.72
N ALA B 144 -144.95 41.96 -65.99
CA ALA B 144 -145.11 40.58 -66.51
C ALA B 144 -146.34 40.44 -67.40
N TYR B 145 -147.44 41.12 -67.05
CA TYR B 145 -148.68 41.06 -67.79
C TYR B 145 -148.52 41.71 -69.16
N GLU B 146 -148.12 42.98 -69.14
CA GLU B 146 -147.97 43.75 -70.40
C GLU B 146 -146.98 42.99 -71.28
N PHE B 147 -145.93 42.44 -70.65
CA PHE B 147 -144.93 41.63 -71.40
C PHE B 147 -145.55 40.32 -71.90
N TYR B 148 -146.43 39.73 -71.09
CA TYR B 148 -147.25 38.60 -71.54
C TYR B 148 -148.09 39.08 -72.75
N LYS B 149 -148.93 40.12 -72.56
CA LYS B 149 -149.84 40.57 -73.62
C LYS B 149 -149.06 40.78 -74.94
N GLN B 150 -147.82 41.26 -74.81
CA GLN B 150 -146.94 41.52 -75.93
C GLN B 150 -146.40 40.23 -76.56
N VAL B 151 -145.91 39.29 -75.74
CA VAL B 151 -145.34 38.01 -76.27
C VAL B 151 -146.42 37.28 -77.08
N GLU B 152 -147.63 37.40 -76.55
CA GLU B 152 -148.81 36.87 -77.12
C GLU B 152 -148.95 37.37 -78.55
N GLU B 153 -149.18 38.68 -78.68
CA GLU B 153 -149.44 39.21 -79.98
C GLU B 153 -148.34 38.71 -80.94
N TYR B 154 -147.09 38.83 -80.54
CA TYR B 154 -146.07 38.40 -81.50
C TYR B 154 -146.32 36.93 -81.80
N LEU B 155 -146.56 36.14 -80.76
CA LEU B 155 -146.81 34.70 -80.93
C LEU B 155 -148.11 34.49 -81.71
N ALA B 156 -149.10 35.31 -81.45
CA ALA B 156 -150.33 35.13 -82.24
C ALA B 156 -150.03 35.44 -83.71
N ALA B 157 -149.27 36.51 -83.97
CA ALA B 157 -148.97 36.96 -85.34
C ALA B 157 -148.15 35.95 -86.13
N ASN B 158 -147.26 35.24 -85.46
CA ASN B 158 -146.33 34.31 -86.15
C ASN B 158 -146.50 32.93 -85.52
N PRO B 159 -147.50 32.12 -85.92
CA PRO B 159 -147.76 30.85 -85.28
C PRO B 159 -146.63 29.82 -85.39
N GLU B 160 -145.80 29.93 -86.41
CA GLU B 160 -144.73 28.94 -86.66
C GLU B 160 -143.62 29.07 -85.60
N VAL B 161 -143.59 30.20 -84.90
CA VAL B 161 -142.61 30.44 -83.88
C VAL B 161 -143.01 29.61 -82.65
N PHE B 162 -142.54 28.37 -82.60
CA PHE B 162 -142.78 27.40 -81.52
C PHE B 162 -144.09 26.64 -81.76
N ALA B 163 -144.41 26.33 -83.03
CA ALA B 163 -145.63 25.58 -83.38
C ALA B 163 -145.57 25.11 -84.84
N PHE C 3 161.11 14.34 68.15
CA PHE C 3 159.75 14.06 67.57
C PHE C 3 159.34 12.60 67.84
N THR C 4 160.26 11.83 68.40
CA THR C 4 159.95 10.45 68.84
C THR C 4 160.29 10.38 70.33
N MET C 5 159.30 10.08 71.17
CA MET C 5 159.39 10.12 72.65
C MET C 5 160.46 9.17 73.19
N ALA C 6 161.07 9.54 74.32
CA ALA C 6 162.18 8.73 74.88
C ALA C 6 161.78 7.97 76.14
N ALA C 7 162.15 6.70 76.22
CA ALA C 7 161.86 5.80 77.35
C ALA C 7 163.07 5.79 78.31
N TYR C 8 162.92 5.09 79.44
CA TYR C 8 163.95 5.09 80.47
C TYR C 8 164.41 3.65 80.71
N THR C 9 165.71 3.38 80.50
CA THR C 9 166.24 2.02 80.64
C THR C 9 167.28 1.91 81.76
N ILE C 10 167.27 0.79 82.48
CA ILE C 10 168.31 0.47 83.48
C ILE C 10 168.77 -0.97 83.24
N VAL C 11 170.07 -1.09 82.99
CA VAL C 11 170.77 -2.33 82.75
C VAL C 11 171.46 -2.73 84.04
N LYS C 12 171.00 -3.83 84.65
CA LYS C 12 171.60 -4.30 85.90
C LYS C 12 172.69 -5.31 85.56
N GLU C 13 173.40 -5.76 86.59
CA GLU C 13 174.46 -6.75 86.53
C GLU C 13 174.43 -7.51 87.85
N GLU C 14 173.80 -8.70 87.89
CA GLU C 14 173.71 -9.45 89.15
C GLU C 14 174.09 -10.92 88.98
N GLU C 15 174.29 -11.55 90.16
CA GLU C 15 174.84 -12.88 90.32
C GLU C 15 174.34 -13.47 91.66
N SER C 16 174.18 -14.80 91.71
CA SER C 16 173.59 -15.52 92.87
C SER C 16 174.14 -16.94 92.96
N PRO C 17 174.13 -17.57 94.17
CA PRO C 17 174.41 -19.01 94.34
C PRO C 17 173.26 -20.00 94.03
N ILE C 18 172.13 -19.46 93.63
CA ILE C 18 171.08 -20.23 93.15
C ILE C 18 171.37 -20.40 91.66
N ALA C 19 171.18 -21.64 91.22
CA ALA C 19 171.34 -22.11 89.87
C ALA C 19 170.24 -21.54 88.97
N PRO C 20 170.56 -21.24 87.70
CA PRO C 20 169.69 -20.47 86.81
C PRO C 20 168.27 -20.94 86.52
N HIS C 21 168.11 -22.26 86.61
CA HIS C 21 166.89 -22.91 86.42
C HIS C 21 165.93 -22.54 87.54
N ARG C 22 166.41 -22.55 88.79
CA ARG C 22 165.57 -22.29 89.96
C ARG C 22 165.13 -20.82 89.98
N LEU C 23 166.06 -19.96 89.60
CA LEU C 23 165.85 -18.56 89.52
C LEU C 23 165.04 -18.18 88.29
N PHE C 24 165.37 -18.78 87.15
CA PHE C 24 164.68 -18.31 86.05
C PHE C 24 163.20 -18.51 86.35
N LYS C 25 162.97 -19.52 87.15
CA LYS C 25 161.67 -19.96 87.46
C LYS C 25 160.95 -19.01 88.43
N ALA C 26 161.49 -18.94 89.66
CA ALA C 26 160.91 -18.22 90.83
C ALA C 26 160.75 -16.70 90.61
N LEU C 27 161.43 -16.15 89.60
CA LEU C 27 161.42 -14.70 89.38
C LEU C 27 160.92 -14.35 87.99
N VAL C 28 160.52 -15.34 87.17
CA VAL C 28 160.00 -15.05 85.84
C VAL C 28 158.70 -15.85 85.64
N LEU C 29 158.85 -17.18 85.56
CA LEU C 29 157.76 -18.09 85.26
C LEU C 29 156.69 -18.05 86.36
N GLU C 30 157.13 -18.24 87.58
CA GLU C 30 156.20 -18.36 88.71
C GLU C 30 156.29 -17.16 89.64
N ARG C 31 156.82 -16.03 89.20
CA ARG C 31 156.99 -14.87 90.09
C ARG C 31 155.64 -14.46 90.68
N HIS C 32 154.60 -14.42 89.85
CA HIS C 32 153.25 -13.97 90.25
C HIS C 32 152.77 -14.80 91.43
N GLN C 33 153.03 -16.09 91.42
CA GLN C 33 152.65 -16.96 92.51
C GLN C 33 153.66 -16.88 93.66
N VAL C 34 154.92 -16.60 93.31
CA VAL C 34 156.01 -16.55 94.29
C VAL C 34 156.01 -15.21 95.02
N LEU C 35 155.52 -14.14 94.38
CA LEU C 35 155.43 -12.83 95.05
C LEU C 35 154.57 -12.94 96.31
N VAL C 36 153.42 -13.63 96.19
CA VAL C 36 152.39 -13.79 97.28
C VAL C 36 152.90 -14.69 98.42
N LYS C 37 153.85 -15.59 98.13
CA LYS C 37 154.41 -16.50 99.15
C LYS C 37 155.54 -15.79 99.92
N ALA C 38 156.28 -14.96 99.18
CA ALA C 38 157.47 -14.21 99.61
C ALA C 38 157.09 -12.84 100.19
N GLN C 39 155.96 -12.29 99.75
CA GLN C 39 155.49 -11.00 100.29
C GLN C 39 153.99 -11.05 100.55
N PRO C 40 153.53 -11.97 101.43
CA PRO C 40 152.10 -12.23 101.62
C PRO C 40 151.32 -11.13 102.35
N HIS C 41 152.03 -10.06 102.71
CA HIS C 41 151.51 -8.89 103.42
C HIS C 41 151.23 -7.80 102.39
N VAL C 42 151.94 -7.88 101.26
CA VAL C 42 151.77 -6.93 100.21
C VAL C 42 150.79 -7.55 99.20
N PHE C 43 150.65 -8.88 99.27
CA PHE C 43 149.96 -9.65 98.26
C PHE C 43 148.88 -10.59 98.80
N LYS C 44 148.05 -10.96 97.82
CA LYS C 44 146.88 -11.77 97.93
C LYS C 44 146.97 -12.92 96.93
N SER C 45 147.20 -12.60 95.66
CA SER C 45 147.10 -13.62 94.66
C SER C 45 147.79 -13.21 93.37
N GLY C 46 148.25 -14.26 92.68
CA GLY C 46 148.80 -14.17 91.33
C GLY C 46 148.16 -15.30 90.55
N GLU C 47 147.69 -15.02 89.33
CA GLU C 47 146.94 -16.01 88.51
C GLU C 47 147.09 -15.74 87.02
N ILE C 48 147.62 -16.71 86.25
CA ILE C 48 147.78 -16.60 84.77
C ILE C 48 146.38 -16.63 84.11
N ILE C 49 145.99 -15.58 83.39
CA ILE C 49 144.63 -15.47 82.87
C ILE C 49 144.51 -15.54 81.34
N GLU C 50 145.60 -15.61 80.57
CA GLU C 50 145.43 -15.63 79.09
C GLU C 50 146.45 -16.57 78.43
N GLY C 51 146.87 -17.63 79.12
CA GLY C 51 147.83 -18.55 78.51
C GLY C 51 148.03 -19.81 79.30
N ASP C 52 148.93 -20.66 78.79
CA ASP C 52 149.30 -21.94 79.40
C ASP C 52 150.61 -21.79 80.18
N GLY C 53 151.42 -20.75 79.89
CA GLY C 53 152.68 -20.53 80.64
C GLY C 53 153.78 -19.89 79.81
N GLY C 54 154.00 -20.42 78.60
CA GLY C 54 155.05 -19.93 77.72
C GLY C 54 154.70 -18.62 77.04
N VAL C 55 155.26 -18.42 75.84
CA VAL C 55 155.09 -17.22 75.00
C VAL C 55 153.60 -16.84 74.94
N GLY C 56 153.34 -15.53 74.96
CA GLY C 56 152.01 -14.98 74.86
C GLY C 56 151.24 -14.93 76.16
N THR C 57 151.74 -15.65 77.19
CA THR C 57 151.04 -15.77 78.50
C THR C 57 150.84 -14.40 79.17
N VAL C 58 149.84 -14.32 80.06
CA VAL C 58 149.49 -13.14 80.80
C VAL C 58 149.25 -13.55 82.25
N THR C 59 149.49 -12.64 83.20
CA THR C 59 149.22 -12.93 84.60
C THR C 59 148.50 -11.74 85.21
N LYS C 60 148.01 -11.93 86.42
CA LYS C 60 147.37 -10.87 87.14
C LYS C 60 147.93 -10.97 88.55
N ILE C 61 148.40 -9.87 89.11
CA ILE C 61 148.94 -9.86 90.50
C ILE C 61 148.08 -8.88 91.32
N THR C 62 147.52 -9.34 92.45
CA THR C 62 146.67 -8.44 93.26
C THR C 62 147.27 -8.25 94.67
N PHE C 63 147.58 -7.00 95.03
CA PHE C 63 148.11 -6.66 96.38
C PHE C 63 146.93 -6.52 97.34
N VAL C 64 147.17 -6.62 98.65
CA VAL C 64 146.03 -6.48 99.60
C VAL C 64 145.32 -5.17 99.22
N ASP C 65 143.99 -5.14 99.29
CA ASP C 65 143.20 -3.97 98.81
C ASP C 65 143.62 -2.69 99.53
N GLY C 66 143.83 -2.77 100.85
CA GLY C 66 144.25 -1.60 101.65
C GLY C 66 145.56 -1.04 101.10
N HIS C 67 146.43 -1.94 100.65
CA HIS C 67 147.69 -1.55 100.05
C HIS C 67 147.34 -0.47 99.04
N PRO C 68 148.13 0.62 98.96
CA PRO C 68 147.81 1.69 98.01
C PRO C 68 147.47 1.17 96.61
N LEU C 69 147.89 -0.07 96.31
CA LEU C 69 147.76 -0.65 94.98
C LEU C 69 146.75 -1.80 94.97
N THR C 70 146.56 -2.36 93.77
CA THR C 70 145.49 -3.31 93.46
C THR C 70 146.04 -4.56 92.76
N TYR C 71 146.40 -4.42 91.49
CA TYR C 71 146.80 -5.54 90.69
C TYR C 71 147.75 -5.05 89.61
N MET C 72 148.60 -5.99 89.16
CA MET C 72 149.61 -5.78 88.12
C MET C 72 149.31 -6.78 87.01
N LEU C 73 149.47 -6.32 85.76
CA LEU C 73 149.20 -7.10 84.58
C LEU C 73 150.45 -7.17 83.72
N HIS C 74 151.01 -8.38 83.64
CA HIS C 74 152.15 -8.64 82.84
C HIS C 74 151.73 -9.60 81.74
N LYS C 75 152.14 -9.31 80.50
CA LYS C 75 151.99 -10.25 79.43
C LYS C 75 153.32 -11.01 79.36
N PHE C 76 153.45 -11.87 78.35
CA PHE C 76 154.67 -12.59 78.05
C PHE C 76 154.91 -12.44 76.54
N ASP C 77 156.08 -11.89 76.21
CA ASP C 77 156.47 -11.56 74.85
C ASP C 77 157.34 -12.68 74.24
N GLU C 78 158.60 -12.77 74.70
CA GLU C 78 159.65 -13.69 74.23
C GLU C 78 160.15 -14.57 75.38
N ILE C 79 160.18 -15.91 75.18
CA ILE C 79 160.68 -16.85 76.21
C ILE C 79 161.35 -18.06 75.55
N ASP C 80 162.60 -18.31 75.98
CA ASP C 80 163.29 -19.55 75.68
C ASP C 80 163.91 -19.97 77.02
N ALA C 81 163.08 -20.62 77.84
CA ALA C 81 163.39 -21.03 79.20
C ALA C 81 164.51 -22.05 79.23
N ALA C 82 164.78 -22.63 78.06
CA ALA C 82 165.83 -23.54 77.89
C ALA C 82 167.12 -22.77 78.20
N ASN C 83 167.12 -21.52 77.73
CA ASN C 83 168.26 -20.64 77.78
C ASN C 83 168.07 -19.54 78.84
N PHE C 84 167.02 -19.66 79.66
CA PHE C 84 166.73 -18.75 80.76
C PHE C 84 166.55 -17.32 80.26
N TYR C 85 165.79 -17.18 79.18
CA TYR C 85 165.51 -15.91 78.54
C TYR C 85 164.02 -15.58 78.73
N CYS C 86 163.73 -14.30 78.96
CA CYS C 86 162.34 -13.83 79.04
C CYS C 86 162.26 -12.36 78.64
N LYS C 87 161.08 -11.98 78.20
CA LYS C 87 160.74 -10.62 77.92
C LYS C 87 159.26 -10.54 78.28
N TYR C 88 158.96 -9.92 79.41
CA TYR C 88 157.60 -9.74 79.81
C TYR C 88 157.30 -8.24 79.87
N THR C 89 156.02 -7.93 79.66
CA THR C 89 155.46 -6.59 79.68
C THR C 89 154.56 -6.39 80.91
N LEU C 90 154.67 -5.22 81.51
CA LEU C 90 153.73 -4.81 82.58
C LEU C 90 152.88 -3.70 81.96
N PHE C 91 151.58 -3.89 81.76
CA PHE C 91 150.84 -2.81 81.05
C PHE C 91 149.70 -2.24 81.87
N GLU C 92 148.92 -3.08 82.53
CA GLU C 92 147.78 -2.58 83.32
C GLU C 92 148.10 -2.67 84.82
N GLY C 93 147.56 -1.75 85.61
CA GLY C 93 147.74 -1.64 87.07
C GLY C 93 147.93 -0.18 87.48
N ASP C 94 147.64 0.15 88.73
CA ASP C 94 147.75 1.55 89.23
C ASP C 94 149.16 1.83 89.78
N VAL C 95 150.09 0.90 89.63
CA VAL C 95 151.47 1.08 90.11
C VAL C 95 152.26 1.88 89.06
N LEU C 96 151.56 2.20 87.98
CA LEU C 96 152.05 2.99 86.91
C LEU C 96 151.84 4.46 87.27
N ARG C 97 150.77 4.70 88.03
CA ARG C 97 150.34 6.03 88.52
C ARG C 97 149.92 7.00 87.41
N ASP C 98 149.32 6.48 86.35
CA ASP C 98 148.81 7.30 85.21
C ASP C 98 149.95 8.17 84.66
N ASN C 99 151.19 7.68 84.76
CA ASN C 99 152.36 8.44 84.26
C ASN C 99 153.17 7.55 83.31
N ILE C 100 152.73 6.30 83.11
CA ILE C 100 153.50 5.35 82.26
C ILE C 100 152.57 4.61 81.28
N GLU C 101 153.17 4.13 80.19
CA GLU C 101 152.57 3.34 79.13
C GLU C 101 152.83 1.86 79.45
N LYS C 102 154.06 1.56 79.89
CA LYS C 102 154.48 0.19 80.28
C LYS C 102 155.88 0.18 80.94
N VAL C 103 156.23 -0.98 81.51
CA VAL C 103 157.60 -1.25 81.95
C VAL C 103 157.95 -2.67 81.48
N VAL C 104 159.02 -2.77 80.69
CA VAL C 104 159.40 -4.04 80.03
C VAL C 104 160.75 -4.56 80.52
N TYR C 105 160.71 -5.80 81.02
CA TYR C 105 161.84 -6.51 81.60
C TYR C 105 162.40 -7.56 80.64
N GLU C 106 163.65 -7.37 80.22
CA GLU C 106 164.40 -8.33 79.38
C GLU C 106 165.41 -9.02 80.32
N VAL C 107 165.35 -10.35 80.36
CA VAL C 107 166.17 -11.16 81.22
C VAL C 107 166.90 -12.26 80.44
N LYS C 108 168.09 -12.57 80.92
CA LYS C 108 168.93 -13.65 80.42
C LYS C 108 169.90 -14.02 81.56
N LEU C 109 169.93 -15.30 81.88
CA LEU C 109 170.74 -15.88 82.94
C LEU C 109 171.66 -16.94 82.35
N GLU C 110 172.63 -17.37 83.16
CA GLU C 110 173.58 -18.37 82.82
C GLU C 110 174.10 -19.02 84.10
N ALA C 111 174.45 -20.30 84.01
CA ALA C 111 174.93 -21.06 85.12
C ALA C 111 176.42 -20.82 85.28
N VAL C 112 176.86 -20.70 86.53
CA VAL C 112 178.26 -20.64 86.87
C VAL C 112 178.43 -21.42 88.16
N GLY C 113 179.48 -22.25 88.23
CA GLY C 113 179.67 -23.09 89.39
C GLY C 113 178.33 -23.61 89.84
N GLY C 114 178.00 -23.36 91.11
CA GLY C 114 176.70 -23.73 91.67
C GLY C 114 175.62 -22.69 91.43
N GLY C 115 176.01 -21.48 91.02
CA GLY C 115 175.05 -20.36 90.87
C GLY C 115 174.86 -19.85 89.45
N SER C 116 174.43 -18.59 89.40
CA SER C 116 174.08 -17.94 88.16
C SER C 116 174.64 -16.52 88.07
N LYS C 117 174.63 -15.98 86.84
CA LYS C 117 174.92 -14.56 86.43
C LYS C 117 173.60 -13.99 85.87
N GLY C 118 173.55 -12.73 85.46
CA GLY C 118 172.25 -12.25 84.95
C GLY C 118 172.27 -10.86 84.34
N LYS C 119 171.68 -10.76 83.14
CA LYS C 119 171.44 -9.50 82.48
C LYS C 119 169.97 -9.16 82.73
N ILE C 120 169.74 -8.03 83.39
CA ILE C 120 168.44 -7.52 83.66
C ILE C 120 168.36 -6.14 83.01
N THR C 121 167.28 -5.92 82.27
CA THR C 121 167.07 -4.69 81.58
C THR C 121 165.59 -4.33 81.70
N VAL C 122 165.33 -3.22 82.39
CA VAL C 122 163.98 -2.72 82.59
C VAL C 122 163.87 -1.43 81.78
N THR C 123 162.91 -1.39 80.86
CA THR C 123 162.64 -0.21 80.06
C THR C 123 161.24 0.28 80.47
N TYR C 124 161.17 1.45 81.14
CA TYR C 124 159.90 2.12 81.48
C TYR C 124 159.45 3.00 80.31
N HIS C 125 158.18 2.87 79.91
CA HIS C 125 157.66 3.61 78.74
C HIS C 125 156.53 4.57 79.11
N PRO C 126 156.59 5.85 78.66
CA PRO C 126 155.54 6.83 78.93
C PRO C 126 154.36 6.86 77.93
N LYS C 127 153.17 7.11 78.47
CA LYS C 127 151.98 7.32 77.61
C LYS C 127 152.22 8.68 76.97
N PRO C 128 151.85 8.92 75.69
CA PRO C 128 152.16 10.19 75.06
C PRO C 128 151.58 11.37 75.85
N GLY C 129 152.42 12.39 76.06
CA GLY C 129 152.00 13.58 76.82
C GLY C 129 152.37 13.51 78.28
N CYS C 130 153.19 12.55 78.70
CA CYS C 130 153.50 12.45 80.15
C CYS C 130 155.01 12.35 80.42
N THR C 131 155.41 12.51 81.68
CA THR C 131 156.83 12.49 82.06
C THR C 131 157.19 11.27 82.91
N VAL C 132 158.30 10.62 82.52
CA VAL C 132 158.87 9.47 83.21
C VAL C 132 159.84 10.01 84.26
N ASN C 133 159.33 10.26 85.47
CA ASN C 133 160.14 10.83 86.55
C ASN C 133 161.14 9.79 87.09
N GLU C 134 161.90 10.19 88.11
CA GLU C 134 162.98 9.41 88.72
C GLU C 134 162.47 8.52 89.86
N GLU C 135 161.65 9.09 90.75
CA GLU C 135 161.19 8.37 91.94
C GLU C 135 160.73 6.92 91.63
N GLU C 136 159.84 6.75 90.64
CA GLU C 136 159.23 5.46 90.39
C GLU C 136 160.23 4.44 89.84
N VAL C 137 161.01 4.82 88.82
CA VAL C 137 161.94 3.90 88.23
C VAL C 137 162.86 3.41 89.36
N LYS C 138 163.09 4.31 90.32
CA LYS C 138 163.94 4.10 91.50
C LYS C 138 163.33 3.07 92.44
N ILE C 139 162.00 3.05 92.55
CA ILE C 139 161.34 2.15 93.43
C ILE C 139 161.14 0.84 92.68
N GLY C 140 160.97 0.93 91.37
CA GLY C 140 160.89 -0.27 90.56
C GLY C 140 162.05 -1.21 90.84
N GLU C 141 163.28 -0.67 90.79
CA GLU C 141 164.54 -1.43 91.03
C GLU C 141 164.69 -1.90 92.50
N LYS C 142 164.18 -1.11 93.44
CA LYS C 142 164.35 -1.34 94.86
C LYS C 142 163.51 -2.49 95.38
N LYS C 143 162.28 -2.61 94.87
CA LYS C 143 161.36 -3.63 95.29
C LYS C 143 161.79 -4.98 94.73
N ALA C 144 162.05 -4.97 93.42
CA ALA C 144 162.50 -6.14 92.74
C ALA C 144 163.73 -6.68 93.47
N TYR C 145 164.71 -5.82 93.68
CA TYR C 145 165.95 -6.29 94.23
C TYR C 145 165.66 -7.05 95.50
N GLU C 146 165.04 -6.35 96.46
CA GLU C 146 164.68 -6.83 97.79
C GLU C 146 164.01 -8.18 97.70
N PHE C 147 163.14 -8.28 96.70
CA PHE C 147 162.37 -9.47 96.46
C PHE C 147 163.32 -10.65 96.25
N TYR C 148 164.07 -10.57 95.14
CA TYR C 148 165.15 -11.48 94.77
C TYR C 148 166.01 -11.79 96.00
N LYS C 149 166.48 -10.76 96.71
CA LYS C 149 167.32 -11.01 97.89
C LYS C 149 166.61 -11.91 98.91
N GLN C 150 165.27 -11.92 98.92
CA GLN C 150 164.46 -12.78 99.85
C GLN C 150 164.27 -14.21 99.34
N VAL C 151 164.08 -14.33 98.03
CA VAL C 151 163.86 -15.61 97.41
C VAL C 151 165.22 -16.34 97.41
N GLU C 152 166.27 -15.62 97.09
CA GLU C 152 167.57 -16.20 97.09
C GLU C 152 167.87 -16.90 98.41
N GLU C 153 167.66 -16.22 99.55
CA GLU C 153 167.93 -16.86 100.85
C GLU C 153 167.02 -18.08 101.05
N TYR C 154 165.77 -17.97 100.60
CA TYR C 154 164.80 -19.01 100.83
C TYR C 154 165.20 -20.28 100.09
N LEU C 155 165.50 -20.14 98.79
CA LEU C 155 165.84 -21.29 97.96
C LEU C 155 167.17 -21.86 98.43
N ALA C 156 168.09 -20.99 98.85
CA ALA C 156 169.38 -21.42 99.38
C ALA C 156 169.15 -22.21 100.66
N ALA C 157 168.15 -21.79 101.42
CA ALA C 157 167.72 -22.45 102.68
C ALA C 157 166.97 -23.78 102.42
N ASN C 158 166.05 -23.81 101.47
CA ASN C 158 165.30 -25.05 101.14
C ASN C 158 165.66 -25.39 99.70
N PRO C 159 166.71 -26.18 99.46
CA PRO C 159 167.22 -26.41 98.12
C PRO C 159 166.43 -27.37 97.22
N GLU C 160 165.36 -27.96 97.73
CA GLU C 160 164.53 -28.87 96.89
C GLU C 160 163.40 -28.09 96.22
N VAL C 161 163.30 -26.79 96.50
CA VAL C 161 162.17 -26.01 95.98
C VAL C 161 162.49 -25.63 94.54
N PHE C 162 161.62 -26.05 93.63
CA PHE C 162 161.73 -25.78 92.20
C PHE C 162 163.03 -26.32 91.59
N ALA C 163 163.85 -27.01 92.40
CA ALA C 163 165.12 -27.59 91.93
C ALA C 163 164.84 -28.55 90.76
N PRO D 2 174.29 3.68 94.61
CA PRO D 2 172.96 3.72 95.21
C PRO D 2 171.89 3.02 94.37
N PHE D 3 171.72 3.51 93.15
CA PHE D 3 170.74 2.98 92.18
C PHE D 3 171.50 2.72 90.88
N THR D 4 170.78 2.32 89.85
CA THR D 4 171.50 2.12 88.58
C THR D 4 171.34 3.41 87.80
N MET D 5 172.43 4.02 87.35
CA MET D 5 172.32 5.27 86.60
C MET D 5 171.34 5.10 85.43
N ALA D 6 170.80 6.23 85.00
CA ALA D 6 169.89 6.26 83.89
C ALA D 6 170.64 5.95 82.60
N ALA D 7 169.84 5.88 81.54
CA ALA D 7 170.20 5.77 80.17
C ALA D 7 168.86 5.95 79.48
N TYR D 8 168.84 6.63 78.34
CA TYR D 8 167.61 6.97 77.67
C TYR D 8 167.53 6.18 76.37
N THR D 9 166.34 5.61 76.12
CA THR D 9 166.06 4.76 74.97
C THR D 9 165.07 5.42 74.02
N ILE D 10 165.27 5.21 72.71
CA ILE D 10 164.33 5.61 71.69
C ILE D 10 164.00 4.33 70.92
N VAL D 11 162.73 3.93 70.96
CA VAL D 11 162.26 2.74 70.27
C VAL D 11 161.54 3.23 69.01
N LYS D 12 162.26 3.33 67.88
CA LYS D 12 161.67 3.80 66.63
C LYS D 12 161.19 2.58 65.83
N GLU D 13 160.25 2.83 64.90
CA GLU D 13 159.76 1.83 63.93
C GLU D 13 159.48 2.56 62.62
N GLU D 14 160.19 2.16 61.56
CA GLU D 14 160.13 2.84 60.26
C GLU D 14 159.68 1.87 59.16
N GLU D 15 159.36 2.44 57.99
CA GLU D 15 158.89 1.69 56.86
C GLU D 15 159.45 2.40 55.63
N SER D 16 159.94 1.59 54.69
CA SER D 16 160.57 2.08 53.49
C SER D 16 160.19 1.24 52.29
N PRO D 17 160.22 1.83 51.07
CA PRO D 17 160.08 1.10 49.82
C PRO D 17 161.42 0.66 49.18
N ILE D 18 162.55 0.91 49.85
CA ILE D 18 163.84 0.38 49.34
C ILE D 18 164.00 -1.04 49.89
N ALA D 19 164.44 -1.95 49.01
CA ALA D 19 164.73 -3.31 49.44
C ALA D 19 165.60 -3.24 50.70
N PRO D 20 165.40 -4.13 51.71
CA PRO D 20 166.11 -4.03 53.00
C PRO D 20 167.64 -4.24 53.01
N HIS D 21 168.12 -5.14 52.15
CA HIS D 21 169.52 -5.47 52.06
C HIS D 21 170.28 -4.26 51.50
N ARG D 22 169.55 -3.40 50.75
CA ARG D 22 170.13 -2.22 50.19
C ARG D 22 170.37 -1.21 51.32
N LEU D 23 169.34 -0.93 52.13
CA LEU D 23 169.48 0.02 53.22
C LEU D 23 170.44 -0.54 54.29
N PHE D 24 170.55 -1.86 54.38
CA PHE D 24 171.40 -2.46 55.37
C PHE D 24 172.86 -2.23 54.95
N LYS D 25 173.10 -2.28 53.64
CA LYS D 25 174.42 -1.99 53.09
C LYS D 25 174.72 -0.50 53.27
N ALA D 26 173.75 0.35 52.94
CA ALA D 26 173.92 1.82 52.88
C ALA D 26 173.93 2.50 54.26
N LEU D 27 172.93 2.21 55.10
CA LEU D 27 172.75 2.94 56.39
C LEU D 27 173.51 2.28 57.54
N VAL D 28 173.96 1.05 57.35
CA VAL D 28 174.55 0.26 58.42
C VAL D 28 175.98 -0.18 58.08
N LEU D 29 176.10 -1.14 57.17
CA LEU D 29 177.40 -1.72 56.87
C LEU D 29 178.34 -0.68 56.26
N GLU D 30 177.82 0.08 55.30
CA GLU D 30 178.64 1.07 54.59
C GLU D 30 178.26 2.52 54.95
N ARG D 31 177.77 2.74 56.19
CA ARG D 31 177.32 4.08 56.70
C ARG D 31 178.48 5.07 56.71
N HIS D 32 179.67 4.56 57.05
CA HIS D 32 180.89 5.36 57.13
C HIS D 32 181.20 6.00 55.78
N GLN D 33 180.97 5.21 54.72
CA GLN D 33 181.23 5.60 53.37
C GLN D 33 180.02 6.34 52.76
N VAL D 34 178.81 5.94 53.14
CA VAL D 34 177.68 6.60 52.59
C VAL D 34 177.61 8.03 53.12
N LEU D 35 177.84 8.19 54.43
CA LEU D 35 177.73 9.48 55.07
C LEU D 35 178.29 10.62 54.22
N VAL D 36 179.47 10.37 53.68
CA VAL D 36 180.18 11.33 52.80
C VAL D 36 179.45 11.47 51.47
N LYS D 37 178.97 10.38 50.87
CA LYS D 37 178.37 10.50 49.53
C LYS D 37 177.17 11.43 49.59
N ALA D 38 176.32 11.24 50.59
CA ALA D 38 175.14 12.09 50.77
C ALA D 38 175.53 13.51 51.18
N GLN D 39 176.50 13.64 52.09
CA GLN D 39 176.85 14.94 52.72
C GLN D 39 178.35 15.23 52.61
N PRO D 40 178.89 15.60 51.42
CA PRO D 40 180.32 15.91 51.30
C PRO D 40 180.68 17.30 51.86
N HIS D 41 179.62 18.07 52.11
CA HIS D 41 179.63 19.40 52.62
C HIS D 41 179.85 19.34 54.14
N VAL D 42 179.60 18.18 54.76
CA VAL D 42 179.67 18.07 56.24
C VAL D 42 180.73 17.05 56.66
N PHE D 43 181.06 16.12 55.76
CA PHE D 43 182.09 15.11 56.00
C PHE D 43 183.20 15.21 54.95
N LYS D 44 184.42 14.98 55.42
CA LYS D 44 185.65 14.93 54.62
C LYS D 44 185.91 13.49 54.16
N SER D 45 185.79 12.56 55.10
CA SER D 45 186.05 11.15 54.88
C SER D 45 185.67 10.33 56.12
N GLY D 46 185.38 9.04 55.91
CA GLY D 46 185.11 8.06 56.92
C GLY D 46 185.76 6.75 56.50
N GLU D 47 186.04 5.85 57.45
CA GLU D 47 186.80 4.62 57.10
C GLU D 47 186.81 3.58 58.22
N ILE D 48 187.43 2.46 57.88
CA ILE D 48 187.69 1.35 58.77
C ILE D 48 189.10 1.57 59.32
N ILE D 49 189.27 1.39 60.64
CA ILE D 49 190.57 1.50 61.24
C ILE D 49 190.97 0.16 61.86
N GLU D 50 189.98 -0.71 62.05
CA GLU D 50 190.17 -2.02 62.67
C GLU D 50 189.10 -2.98 62.15
N GLY D 51 189.55 -4.14 61.66
CA GLY D 51 188.69 -5.23 61.19
C GLY D 51 188.49 -5.23 59.68
N ASP D 52 187.71 -6.21 59.21
CA ASP D 52 187.35 -6.38 57.80
C ASP D 52 185.84 -6.59 57.71
N GLY D 53 185.12 -5.79 58.53
CA GLY D 53 183.66 -5.69 58.51
C GLY D 53 182.96 -6.51 59.57
N GLY D 54 183.68 -7.46 60.16
CA GLY D 54 183.11 -8.40 61.14
C GLY D 54 182.90 -7.75 62.49
N VAL D 55 182.27 -8.49 63.41
CA VAL D 55 182.03 -7.96 64.73
C VAL D 55 183.39 -7.68 65.37
N GLY D 56 183.48 -6.49 65.98
CA GLY D 56 184.69 -5.96 66.55
C GLY D 56 185.14 -4.74 65.76
N THR D 57 184.90 -4.77 64.45
CA THR D 57 185.30 -3.70 63.56
C THR D 57 184.94 -2.33 64.16
N VAL D 58 185.88 -1.39 64.05
CA VAL D 58 185.70 -0.02 64.51
C VAL D 58 185.94 0.87 63.30
N THR D 59 185.07 1.87 63.11
CA THR D 59 185.21 2.80 61.98
C THR D 59 185.52 4.18 62.54
N LYS D 60 185.85 5.14 61.67
CA LYS D 60 186.07 6.49 62.13
C LYS D 60 185.42 7.48 61.16
N ILE D 61 184.92 8.59 61.73
CA ILE D 61 184.17 9.58 60.96
C ILE D 61 184.73 11.00 61.21
N THR D 62 185.06 11.70 60.12
CA THR D 62 185.71 12.96 60.12
C THR D 62 184.85 14.04 59.45
N PHE D 63 184.59 15.13 60.17
CA PHE D 63 183.85 16.23 59.60
C PHE D 63 184.81 17.18 58.91
N VAL D 64 184.38 17.83 57.83
CA VAL D 64 185.22 18.79 57.13
C VAL D 64 185.90 19.70 58.15
N ASP D 65 186.94 20.38 57.68
CA ASP D 65 187.73 21.25 58.50
C ASP D 65 186.88 22.41 59.03
N GLY D 66 185.93 22.86 58.23
CA GLY D 66 185.11 24.00 58.68
C GLY D 66 184.15 23.64 59.80
N HIS D 67 183.92 22.35 60.01
CA HIS D 67 182.90 21.89 60.97
C HIS D 67 183.27 22.20 62.41
N PRO D 68 182.27 22.57 63.25
CA PRO D 68 182.44 22.75 64.68
C PRO D 68 182.66 21.39 65.39
N LEU D 69 182.20 20.30 64.78
CA LEU D 69 182.50 18.93 65.27
C LEU D 69 183.68 18.40 64.45
N THR D 70 184.36 17.34 64.90
CA THR D 70 185.60 16.92 64.22
C THR D 70 185.61 15.46 63.75
N TYR D 71 185.37 14.51 64.63
CA TYR D 71 185.34 13.08 64.20
C TYR D 71 184.44 12.26 65.12
N MET D 72 184.23 10.99 64.71
CA MET D 72 183.43 9.94 65.39
C MET D 72 184.00 8.55 65.13
N LEU D 73 184.10 7.76 66.21
CA LEU D 73 184.51 6.37 66.19
C LEU D 73 183.26 5.50 66.39
N HIS D 74 183.18 4.39 65.66
CA HIS D 74 182.06 3.47 65.76
C HIS D 74 182.62 2.05 65.79
N LYS D 75 182.11 1.23 66.72
CA LYS D 75 182.51 -0.15 66.80
C LYS D 75 181.27 -1.00 66.52
N PHE D 76 181.44 -2.05 65.73
CA PHE D 76 180.36 -2.97 65.43
C PHE D 76 180.30 -4.05 66.51
N ASP D 77 179.21 -4.08 67.28
CA ASP D 77 179.08 -5.06 68.37
C ASP D 77 178.64 -6.41 67.82
N GLU D 78 177.40 -6.47 67.35
CA GLU D 78 176.82 -7.70 66.83
C GLU D 78 176.16 -7.41 65.48
N ILE D 79 176.55 -8.20 64.46
CA ILE D 79 175.98 -8.18 63.11
C ILE D 79 175.26 -9.51 62.88
N ASP D 80 174.32 -9.53 61.93
CA ASP D 80 173.57 -10.74 61.55
C ASP D 80 172.87 -10.41 60.22
N ALA D 81 173.72 -10.15 59.22
CA ALA D 81 173.35 -9.72 57.88
C ALA D 81 172.07 -10.40 57.40
N ALA D 82 172.08 -11.74 57.44
CA ALA D 82 171.02 -12.59 56.95
C ALA D 82 169.64 -12.02 57.29
N ASN D 83 169.46 -11.69 58.57
CA ASN D 83 168.18 -11.20 59.14
C ASN D 83 168.22 -9.67 59.37
N PHE D 84 169.28 -9.02 58.92
CA PHE D 84 169.37 -7.55 58.91
C PHE D 84 169.42 -6.96 60.34
N TYR D 85 170.02 -7.69 61.28
CA TYR D 85 170.20 -7.21 62.64
C TYR D 85 171.63 -6.70 62.83
N CYS D 86 171.76 -5.62 63.61
CA CYS D 86 173.06 -5.13 64.03
C CYS D 86 172.95 -4.35 65.34
N LYS D 87 174.01 -4.44 66.16
CA LYS D 87 174.23 -3.63 67.36
C LYS D 87 175.64 -3.03 67.24
N TYR D 88 175.72 -1.69 67.10
CA TYR D 88 176.99 -0.94 66.99
C TYR D 88 176.97 0.24 67.97
N THR D 89 178.15 0.72 68.33
CA THR D 89 178.24 1.70 69.39
C THR D 89 179.07 2.92 68.95
N LEU D 90 178.47 4.09 69.15
CA LEU D 90 179.20 5.36 68.99
C LEU D 90 179.89 5.59 70.34
N PHE D 91 181.21 5.39 70.38
CA PHE D 91 181.91 5.43 71.67
C PHE D 91 183.03 6.46 71.74
N GLU D 92 183.37 7.09 70.61
CA GLU D 92 184.42 8.13 70.66
C GLU D 92 184.17 9.20 69.59
N GLY D 93 184.55 10.43 69.91
CA GLY D 93 184.52 11.55 69.00
C GLY D 93 183.89 12.75 69.68
N ASP D 94 184.22 13.93 69.15
CA ASP D 94 183.75 15.21 69.70
C ASP D 94 182.25 15.16 70.02
N VAL D 95 181.49 14.37 69.25
CA VAL D 95 180.01 14.36 69.29
C VAL D 95 179.47 13.93 70.67
N LEU D 96 180.07 12.90 71.24
CA LEU D 96 179.53 12.59 72.56
C LEU D 96 179.75 13.91 73.25
N ARG D 97 178.73 14.47 73.90
CA ARG D 97 178.93 15.74 74.62
C ARG D 97 179.49 15.45 76.02
N ASP D 98 179.69 16.47 76.85
CA ASP D 98 180.36 16.23 78.16
C ASP D 98 179.59 15.20 79.00
N ASN D 99 178.25 15.32 79.06
CA ASN D 99 177.43 14.38 79.87
C ASN D 99 177.48 12.94 79.33
N ILE D 100 177.42 12.78 78.00
CA ILE D 100 177.35 11.45 77.32
C ILE D 100 178.64 10.63 77.41
N GLU D 101 178.49 9.30 77.54
CA GLU D 101 179.54 8.31 77.53
C GLU D 101 179.55 7.52 76.21
N LYS D 102 178.37 7.10 75.73
CA LYS D 102 178.24 6.28 74.53
C LYS D 102 176.78 6.16 74.05
N VAL D 103 176.60 5.68 72.81
CA VAL D 103 175.27 5.51 72.20
C VAL D 103 175.21 4.10 71.57
N VAL D 104 174.25 3.29 72.06
CA VAL D 104 174.03 1.87 71.68
C VAL D 104 172.84 1.76 70.72
N TYR D 105 173.14 1.67 69.42
CA TYR D 105 172.11 1.60 68.38
C TYR D 105 171.82 0.16 67.97
N GLU D 106 170.58 -0.30 68.15
CA GLU D 106 170.12 -1.60 67.63
C GLU D 106 169.23 -1.33 66.41
N VAL D 107 169.48 -2.08 65.34
CA VAL D 107 168.66 -2.01 64.18
C VAL D 107 168.30 -3.43 63.74
N LYS D 108 167.06 -3.55 63.26
CA LYS D 108 166.49 -4.78 62.79
C LYS D 108 165.56 -4.47 61.62
N LEU D 109 165.93 -4.93 60.41
CA LEU D 109 165.10 -4.72 59.23
C LEU D 109 164.34 -6.00 58.86
N GLU D 110 163.35 -5.86 57.96
CA GLU D 110 162.45 -6.95 57.58
C GLU D 110 161.93 -6.66 56.17
N ALA D 111 161.72 -7.68 55.33
CA ALA D 111 161.21 -7.42 53.97
C ALA D 111 159.69 -7.23 54.01
N VAL D 112 159.18 -6.29 53.21
CA VAL D 112 157.74 -6.03 53.12
C VAL D 112 157.38 -5.90 51.65
N GLY D 113 157.28 -7.04 50.96
CA GLY D 113 157.05 -7.00 49.56
C GLY D 113 158.34 -6.58 48.91
N GLY D 114 158.30 -5.46 48.19
CA GLY D 114 159.44 -4.93 47.41
C GLY D 114 160.34 -3.96 48.17
N GLY D 115 159.91 -3.56 49.38
CA GLY D 115 160.61 -2.62 50.25
C GLY D 115 161.03 -3.23 51.57
N SER D 116 160.80 -2.50 52.68
CA SER D 116 161.17 -3.00 54.06
C SER D 116 160.66 -2.06 55.17
N LYS D 117 160.74 -2.57 56.41
CA LYS D 117 160.41 -1.85 57.65
C LYS D 117 161.46 -2.18 58.73
N GLY D 118 161.69 -1.23 59.64
CA GLY D 118 162.70 -1.42 60.69
C GLY D 118 162.24 -0.99 62.09
N LYS D 119 162.90 -1.56 63.09
CA LYS D 119 162.72 -1.22 64.48
C LYS D 119 164.07 -0.75 65.00
N ILE D 120 164.43 0.49 64.66
CA ILE D 120 165.68 1.08 65.10
C ILE D 120 165.50 1.38 66.58
N THR D 121 166.61 1.28 67.33
CA THR D 121 166.59 1.48 68.79
C THR D 121 167.95 2.03 69.20
N VAL D 122 167.93 3.13 69.95
CA VAL D 122 169.09 3.89 70.32
C VAL D 122 169.01 4.18 71.82
N THR D 123 170.08 3.83 72.54
CA THR D 123 170.18 3.99 73.99
C THR D 123 171.40 4.87 74.31
N TYR D 124 171.14 6.07 74.86
CA TYR D 124 172.23 6.99 75.26
C TYR D 124 172.65 6.67 76.71
N HIS D 125 173.95 6.50 76.95
CA HIS D 125 174.47 6.18 78.28
C HIS D 125 175.24 7.36 78.87
N PRO D 126 174.77 7.99 79.98
CA PRO D 126 175.52 9.07 80.64
C PRO D 126 176.73 8.60 81.46
N LYS D 127 177.68 9.52 81.63
CA LYS D 127 178.88 9.31 82.44
C LYS D 127 178.47 9.23 83.91
N PRO D 128 179.38 8.77 84.80
CA PRO D 128 179.09 8.70 86.23
C PRO D 128 178.57 10.04 86.79
N GLY D 129 177.30 10.04 87.23
CA GLY D 129 176.68 11.17 87.92
C GLY D 129 176.29 12.36 87.03
N CYS D 130 176.72 12.40 85.76
CA CYS D 130 176.33 13.50 84.84
C CYS D 130 174.95 13.16 84.25
N THR D 131 174.34 14.12 83.53
CA THR D 131 172.96 13.97 83.01
C THR D 131 172.84 14.17 81.50
N VAL D 132 172.00 13.32 80.88
CA VAL D 132 171.62 13.43 79.47
C VAL D 132 170.53 14.53 79.41
N ASN D 133 170.80 15.60 78.68
CA ASN D 133 169.91 16.78 78.60
C ASN D 133 168.80 16.60 77.57
N GLU D 134 168.87 15.50 76.79
CA GLU D 134 167.98 15.20 75.64
C GLU D 134 168.10 16.30 74.58
N GLU D 135 169.15 17.13 74.69
CA GLU D 135 169.49 18.14 73.68
C GLU D 135 170.08 17.38 72.49
N GLU D 136 171.16 16.65 72.81
CA GLU D 136 171.96 15.87 71.87
C GLU D 136 171.08 14.88 71.12
N VAL D 137 169.96 14.48 71.77
CA VAL D 137 169.06 13.46 71.26
C VAL D 137 168.27 13.96 70.06
N LYS D 138 167.56 15.08 70.17
CA LYS D 138 166.77 15.56 69.03
C LYS D 138 167.71 15.73 67.83
N ILE D 139 168.91 16.24 68.08
CA ILE D 139 169.89 16.46 67.03
C ILE D 139 170.33 15.10 66.49
N GLY D 140 170.48 14.14 67.39
CA GLY D 140 170.84 12.82 67.02
C GLY D 140 169.79 12.27 66.08
N GLU D 141 168.58 12.06 66.64
CA GLU D 141 167.49 11.49 65.87
C GLU D 141 167.43 12.19 64.51
N LYS D 142 167.39 13.53 64.55
CA LYS D 142 167.20 14.36 63.36
C LYS D 142 168.34 14.17 62.34
N LYS D 143 169.55 13.91 62.85
CA LYS D 143 170.71 13.83 62.00
C LYS D 143 170.63 12.54 61.19
N ALA D 144 170.33 11.45 61.89
CA ALA D 144 170.22 10.09 61.30
C ALA D 144 169.09 9.95 60.29
N TYR D 145 167.97 10.60 60.57
CA TYR D 145 166.78 10.46 59.78
C TYR D 145 166.92 11.18 58.46
N GLU D 146 167.46 12.40 58.55
CA GLU D 146 167.74 13.31 57.43
C GLU D 146 168.58 12.57 56.38
N PHE D 147 169.61 11.89 56.89
CA PHE D 147 170.54 11.18 56.04
C PHE D 147 169.79 10.03 55.35
N TYR D 148 169.18 9.15 56.13
CA TYR D 148 168.41 8.06 55.58
C TYR D 148 167.58 8.60 54.40
N LYS D 149 166.75 9.61 54.62
CA LYS D 149 165.91 10.12 53.53
C LYS D 149 166.76 10.27 52.28
N GLN D 150 167.95 10.86 52.44
CA GLN D 150 168.88 11.07 51.34
C GLN D 150 169.29 9.72 50.73
N VAL D 151 169.41 8.69 51.58
CA VAL D 151 169.83 7.34 51.20
C VAL D 151 168.64 6.62 50.55
N GLU D 152 167.44 7.16 50.74
CA GLU D 152 166.30 6.59 50.18
C GLU D 152 166.15 7.13 48.75
N GLU D 153 166.21 8.47 48.61
CA GLU D 153 166.03 9.11 47.32
C GLU D 153 167.12 8.70 46.33
N TYR D 154 168.32 8.32 46.78
CA TYR D 154 169.34 8.03 45.78
C TYR D 154 169.24 6.58 45.38
N LEU D 155 169.04 5.70 46.36
CA LEU D 155 168.92 4.26 46.08
C LEU D 155 167.77 4.03 45.09
N ALA D 156 166.69 4.80 45.25
CA ALA D 156 165.51 4.71 44.40
C ALA D 156 165.85 5.23 43.00
N ALA D 157 166.52 6.38 42.98
CA ALA D 157 166.91 7.01 41.77
C ALA D 157 167.74 6.02 40.94
N ASN D 158 168.59 5.24 41.60
CA ASN D 158 169.49 4.30 40.93
C ASN D 158 169.27 2.90 41.47
N PRO D 159 168.51 2.07 40.71
CA PRO D 159 168.09 0.74 41.15
C PRO D 159 169.08 -0.43 41.17
N GLU D 160 170.20 -0.30 40.45
CA GLU D 160 171.22 -1.37 40.38
C GLU D 160 172.36 -1.07 41.37
N VAL D 161 172.24 0.05 42.09
CA VAL D 161 173.17 0.43 43.12
C VAL D 161 172.82 -0.39 44.36
N PHE D 162 173.76 -1.25 44.76
CA PHE D 162 173.64 -2.17 45.87
C PHE D 162 172.54 -3.21 45.62
N ALA D 163 172.04 -3.32 44.38
CA ALA D 163 170.97 -4.30 44.11
C ALA D 163 171.54 -5.55 43.43
N MET E 5 117.18 12.82 57.07
CA MET E 5 117.58 13.07 58.49
C MET E 5 118.92 12.38 58.79
N ALA E 6 119.37 12.52 60.04
CA ALA E 6 120.63 11.94 60.52
C ALA E 6 120.38 11.29 61.89
N ALA E 7 121.11 10.21 62.14
CA ALA E 7 120.93 9.40 63.34
C ALA E 7 122.24 9.26 64.12
N TYR E 8 122.11 8.88 65.39
CA TYR E 8 123.22 8.58 66.25
C TYR E 8 123.61 7.12 66.02
N THR E 9 124.91 6.86 65.86
CA THR E 9 125.36 5.50 65.65
C THR E 9 126.41 5.10 66.69
N ILE E 10 126.02 4.20 67.61
CA ILE E 10 126.93 3.53 68.54
C ILE E 10 127.44 2.30 67.78
N VAL E 11 128.76 2.12 67.73
CA VAL E 11 129.38 0.98 67.09
C VAL E 11 130.33 0.36 68.11
N LYS E 12 130.40 -0.98 68.14
CA LYS E 12 131.17 -1.59 69.17
C LYS E 12 131.80 -2.90 68.69
N GLU E 13 132.66 -3.41 69.56
CA GLU E 13 133.49 -4.53 69.31
C GLU E 13 133.84 -5.16 70.66
N GLU E 14 133.02 -6.12 71.11
CA GLU E 14 133.18 -6.74 72.42
C GLU E 14 133.61 -8.21 72.27
N GLU E 15 134.12 -8.73 73.37
CA GLU E 15 134.72 -10.00 73.39
C GLU E 15 134.24 -10.72 74.63
N SER E 16 134.03 -12.04 74.48
CA SER E 16 133.40 -12.83 75.50
C SER E 16 133.91 -14.25 75.55
N PRO E 17 134.05 -14.83 76.77
CA PRO E 17 134.31 -16.26 76.95
C PRO E 17 133.25 -17.25 76.49
N ILE E 18 131.98 -16.83 76.39
CA ILE E 18 130.91 -17.72 75.93
C ILE E 18 130.99 -17.89 74.43
N ALA E 19 130.74 -19.11 73.98
CA ALA E 19 130.72 -19.52 72.58
C ALA E 19 129.59 -18.79 71.88
N PRO E 20 129.77 -18.43 70.58
CA PRO E 20 128.86 -17.53 69.89
C PRO E 20 127.44 -17.97 69.49
N HIS E 21 127.18 -19.26 69.63
CA HIS E 21 125.91 -19.86 69.35
C HIS E 21 125.09 -19.79 70.63
N ARG E 22 125.81 -19.69 71.76
CA ARG E 22 125.22 -19.60 73.05
C ARG E 22 124.74 -18.15 73.29
N LEU E 23 125.45 -17.18 72.70
CA LEU E 23 125.13 -15.77 72.81
C LEU E 23 124.15 -15.38 71.72
N PHE E 24 124.32 -15.96 70.55
CA PHE E 24 123.43 -15.63 69.54
C PHE E 24 122.05 -16.14 69.97
N LYS E 25 121.95 -17.34 70.51
CA LYS E 25 120.65 -17.83 70.95
C LYS E 25 120.16 -16.93 72.10
N ALA E 26 121.00 -16.76 73.11
CA ALA E 26 120.56 -16.05 74.32
C ALA E 26 120.21 -14.58 74.09
N LEU E 27 120.90 -13.87 73.17
CA LEU E 27 120.77 -12.42 73.05
C LEU E 27 120.17 -11.96 71.72
N VAL E 28 119.85 -12.87 70.80
CA VAL E 28 119.23 -12.47 69.56
C VAL E 28 117.94 -13.28 69.39
N LEU E 29 118.06 -14.61 69.29
CA LEU E 29 116.92 -15.46 68.96
C LEU E 29 115.93 -15.61 70.10
N GLU E 30 116.40 -15.69 71.33
CA GLU E 30 115.48 -15.87 72.42
C GLU E 30 115.61 -14.69 73.36
N ARG E 31 116.11 -13.60 72.84
CA ARG E 31 116.36 -12.47 73.71
C ARG E 31 115.11 -12.26 74.57
N HIS E 32 114.00 -11.93 73.89
CA HIS E 32 112.64 -11.62 74.44
C HIS E 32 112.17 -12.52 75.60
N GLN E 33 112.56 -13.77 75.57
CA GLN E 33 112.16 -14.72 76.58
C GLN E 33 113.23 -14.77 77.68
N VAL E 34 114.44 -14.27 77.35
CA VAL E 34 115.59 -14.25 78.27
C VAL E 34 115.64 -12.92 79.03
N LEU E 35 114.91 -11.91 78.56
CA LEU E 35 114.94 -10.66 79.28
C LEU E 35 114.11 -10.76 80.56
N VAL E 36 113.38 -11.85 80.75
CA VAL E 36 112.40 -11.90 81.81
C VAL E 36 112.93 -12.80 82.92
N LYS E 37 113.74 -13.79 82.54
CA LYS E 37 114.41 -14.72 83.48
C LYS E 37 115.46 -13.95 84.28
N ALA E 38 116.12 -13.05 83.56
CA ALA E 38 117.25 -12.24 84.03
C ALA E 38 116.78 -10.97 84.72
N GLN E 39 115.81 -10.26 84.11
CA GLN E 39 115.25 -9.05 84.71
C GLN E 39 113.75 -9.22 84.90
N PRO E 40 113.36 -10.21 85.72
CA PRO E 40 111.96 -10.46 86.08
C PRO E 40 111.39 -9.34 86.95
N HIS E 41 112.27 -8.41 87.36
CA HIS E 41 111.89 -7.26 88.16
C HIS E 41 111.66 -6.07 87.24
N VAL E 42 111.53 -6.33 85.93
CA VAL E 42 111.35 -5.29 84.99
C VAL E 42 110.32 -5.75 83.95
N PHE E 43 110.49 -7.01 83.55
CA PHE E 43 109.74 -7.61 82.54
C PHE E 43 108.89 -8.73 83.09
N LYS E 44 107.67 -8.73 82.53
CA LYS E 44 106.64 -9.68 82.80
C LYS E 44 106.66 -10.77 81.72
N SER E 45 106.91 -10.42 80.46
CA SER E 45 106.59 -11.41 79.47
C SER E 45 107.31 -11.16 78.17
N GLY E 46 107.72 -12.22 77.43
CA GLY E 46 108.30 -11.93 76.12
C GLY E 46 107.59 -12.86 75.16
N GLU E 47 107.38 -12.47 73.93
CA GLU E 47 106.65 -13.45 73.08
C GLU E 47 106.69 -13.01 71.64
N ILE E 48 106.56 -13.95 70.73
CA ILE E 48 106.49 -13.66 69.32
C ILE E 48 105.01 -13.43 69.05
N ILE E 49 104.63 -12.30 68.47
CA ILE E 49 103.18 -12.06 68.27
C ILE E 49 102.77 -12.51 66.86
N GLU E 50 103.77 -12.76 66.02
CA GLU E 50 103.62 -13.20 64.68
C GLU E 50 104.99 -13.60 64.14
N GLY E 51 105.04 -14.71 63.38
CA GLY E 51 106.26 -15.16 62.71
C GLY E 51 106.71 -16.53 63.16
N ASP E 52 107.57 -17.12 62.33
CA ASP E 52 108.14 -18.45 62.47
C ASP E 52 109.62 -18.37 62.87
N GLY E 53 110.01 -17.22 63.43
CA GLY E 53 111.40 -16.95 63.85
C GLY E 53 112.28 -16.61 62.65
N GLY E 54 111.66 -16.61 61.47
CA GLY E 54 112.29 -16.38 60.21
C GLY E 54 112.78 -14.96 60.09
N VAL E 55 112.21 -14.23 59.14
CA VAL E 55 112.64 -12.88 58.80
C VAL E 55 111.55 -11.84 59.13
N GLY E 56 110.28 -12.15 58.88
CA GLY E 56 109.23 -11.15 59.17
C GLY E 56 108.68 -11.25 60.59
N THR E 57 109.39 -11.93 61.49
CA THR E 57 108.93 -12.22 62.85
C THR E 57 108.84 -10.93 63.67
N VAL E 58 107.90 -10.92 64.63
CA VAL E 58 107.75 -9.79 65.54
C VAL E 58 107.58 -10.38 66.94
N THR E 59 108.37 -9.90 67.91
CA THR E 59 108.18 -10.33 69.31
C THR E 59 107.62 -9.16 70.10
N LYS E 60 107.13 -9.46 71.31
CA LYS E 60 106.60 -8.44 72.25
C LYS E 60 107.19 -8.71 73.65
N ILE E 61 107.82 -7.70 74.25
CA ILE E 61 108.33 -7.78 75.60
C ILE E 61 107.49 -6.81 76.43
N THR E 62 106.94 -7.29 77.55
CA THR E 62 106.11 -6.44 78.36
C THR E 62 106.81 -6.18 79.70
N PHE E 63 106.72 -4.92 80.16
CA PHE E 63 107.29 -4.49 81.43
C PHE E 63 106.32 -4.88 82.53
N VAL E 64 106.78 -4.90 83.78
CA VAL E 64 105.87 -5.22 84.93
C VAL E 64 104.90 -4.06 85.09
N ASP E 65 103.72 -4.34 85.65
CA ASP E 65 102.64 -3.34 85.84
C ASP E 65 103.16 -2.01 86.40
N GLY E 66 103.91 -2.03 87.50
CA GLY E 66 104.37 -0.79 88.12
C GLY E 66 105.34 -0.03 87.25
N HIS E 67 106.09 -0.74 86.41
CA HIS E 67 107.18 -0.10 85.65
C HIS E 67 106.68 1.08 84.84
N PRO E 68 107.42 2.18 84.80
CA PRO E 68 106.98 3.34 84.08
C PRO E 68 106.70 2.87 82.66
N LEU E 69 107.48 1.92 82.15
CA LEU E 69 107.35 1.42 80.78
C LEU E 69 106.25 0.36 80.62
N THR E 70 105.81 0.17 79.38
CA THR E 70 104.73 -0.80 79.07
C THR E 70 105.16 -1.90 78.09
N TYR E 71 105.55 -1.58 76.87
CA TYR E 71 105.87 -2.69 75.94
C TYR E 71 106.77 -2.27 74.78
N MET E 72 107.46 -3.25 74.20
CA MET E 72 108.31 -3.12 72.99
C MET E 72 107.97 -4.28 72.09
N LEU E 73 107.99 -4.09 70.78
CA LEU E 73 107.79 -5.10 69.77
C LEU E 73 108.99 -4.97 68.85
N HIS E 74 109.70 -6.07 68.63
CA HIS E 74 110.89 -6.10 67.83
C HIS E 74 110.53 -6.91 66.60
N LYS E 75 111.10 -6.56 65.45
CA LYS E 75 110.77 -7.25 64.28
C LYS E 75 112.06 -7.54 63.53
N PHE E 76 112.47 -8.81 63.52
CA PHE E 76 113.63 -9.20 62.79
C PHE E 76 113.51 -8.63 61.37
N ASP E 77 114.65 -8.53 60.67
CA ASP E 77 114.70 -7.96 59.36
C ASP E 77 115.26 -9.01 58.40
N GLU E 78 116.45 -9.52 58.73
CA GLU E 78 117.08 -10.65 58.03
C GLU E 78 117.96 -11.35 59.06
N ILE E 79 118.19 -12.65 58.88
CA ILE E 79 119.01 -13.43 59.82
C ILE E 79 119.93 -14.39 59.04
N ASP E 80 120.96 -14.87 59.72
CA ASP E 80 121.89 -15.92 59.26
C ASP E 80 122.43 -16.49 60.56
N ALA E 81 121.61 -17.23 61.29
CA ALA E 81 121.93 -17.68 62.64
C ALA E 81 123.20 -18.51 62.62
N ALA E 82 123.30 -19.35 61.62
CA ALA E 82 124.45 -20.24 61.49
C ALA E 82 125.73 -19.44 61.64
N ASN E 83 125.71 -18.23 61.08
CA ASN E 83 126.82 -17.30 61.07
C ASN E 83 126.72 -16.27 62.20
N PHE E 84 125.65 -16.36 62.99
CA PHE E 84 125.34 -15.42 64.04
C PHE E 84 125.31 -14.01 63.43
N TYR E 85 124.41 -13.79 62.45
CA TYR E 85 124.18 -12.49 61.90
C TYR E 85 122.68 -12.17 61.93
N CYS E 86 122.38 -10.99 62.47
CA CYS E 86 121.04 -10.51 62.64
C CYS E 86 121.02 -8.98 62.66
N LYS E 87 120.08 -8.40 61.90
CA LYS E 87 119.69 -6.99 61.97
C LYS E 87 118.23 -7.01 62.46
N TYR E 88 117.92 -6.34 63.57
CA TYR E 88 116.54 -6.39 64.08
C TYR E 88 116.01 -5.03 64.51
N THR E 89 114.74 -4.77 64.19
CA THR E 89 114.09 -3.49 64.36
C THR E 89 113.26 -3.40 65.65
N LEU E 90 113.47 -2.27 66.34
CA LEU E 90 112.67 -1.78 67.47
C LEU E 90 111.80 -0.68 66.84
N PHE E 91 110.63 -1.04 66.33
CA PHE E 91 109.79 -0.13 65.52
C PHE E 91 108.77 0.65 66.37
N GLU E 92 108.22 0.03 67.42
CA GLU E 92 107.27 0.74 68.29
C GLU E 92 107.38 0.22 69.73
N GLY E 93 106.64 0.85 70.64
CA GLY E 93 106.61 0.49 72.08
C GLY E 93 106.67 1.72 72.94
N ASP E 94 106.40 1.59 74.22
CA ASP E 94 106.44 2.76 75.13
C ASP E 94 107.85 3.34 75.22
N VAL E 95 108.87 2.47 75.21
CA VAL E 95 110.30 2.85 75.40
C VAL E 95 110.72 3.94 74.41
N LEU E 96 110.25 3.88 73.16
CA LEU E 96 110.63 4.90 72.15
C LEU E 96 110.05 6.22 72.60
N ARG E 97 110.88 7.24 72.73
CA ARG E 97 110.37 8.58 73.05
C ARG E 97 109.95 9.23 71.72
N ASP E 98 109.23 10.34 71.79
CA ASP E 98 108.68 10.94 70.56
C ASP E 98 109.77 11.22 69.52
N ASN E 99 110.97 11.50 70.00
CA ASN E 99 112.10 11.82 69.15
C ASN E 99 112.56 10.63 68.30
N ILE E 100 112.23 9.41 68.74
CA ILE E 100 112.72 8.19 68.07
C ILE E 100 111.61 7.48 67.31
N GLU E 101 111.89 7.23 66.02
CA GLU E 101 111.04 6.45 65.10
C GLU E 101 111.35 4.95 65.28
N LYS E 102 112.66 4.61 65.41
CA LYS E 102 113.15 3.23 65.62
C LYS E 102 114.64 3.19 66.00
N VAL E 103 115.11 2.01 66.40
CA VAL E 103 116.47 1.76 66.78
C VAL E 103 116.94 0.46 66.12
N VAL E 104 117.99 0.52 65.30
CA VAL E 104 118.46 -0.60 64.51
C VAL E 104 119.79 -1.18 65.04
N TYR E 105 119.70 -2.42 65.52
CA TYR E 105 120.83 -3.20 66.00
C TYR E 105 121.30 -4.13 64.86
N GLU E 106 122.62 -4.26 64.67
CA GLU E 106 123.23 -5.13 63.66
C GLU E 106 124.33 -5.97 64.35
N VAL E 107 123.95 -7.23 64.59
CA VAL E 107 124.69 -8.22 65.37
C VAL E 107 125.39 -9.22 64.45
N LYS E 108 126.65 -9.55 64.80
CA LYS E 108 127.46 -10.50 64.06
C LYS E 108 128.58 -10.97 64.97
N LEU E 109 128.54 -12.24 65.35
CA LEU E 109 129.53 -12.87 66.20
C LEU E 109 130.45 -13.80 65.40
N GLU E 110 131.58 -14.17 66.02
CA GLU E 110 132.47 -15.18 65.49
C GLU E 110 133.09 -15.88 66.69
N ALA E 111 133.69 -17.07 66.47
CA ALA E 111 134.28 -17.86 67.54
C ALA E 111 135.71 -17.42 67.84
N VAL E 112 136.07 -17.48 69.11
CA VAL E 112 137.43 -17.22 69.51
C VAL E 112 137.78 -18.33 70.50
N GLY E 113 138.32 -19.41 69.97
CA GLY E 113 138.58 -20.53 70.81
C GLY E 113 137.30 -20.88 71.54
N GLY E 114 137.41 -21.23 72.81
CA GLY E 114 136.23 -21.64 73.57
C GLY E 114 135.32 -20.47 73.94
N GLY E 115 135.53 -19.32 73.27
CA GLY E 115 134.82 -18.07 73.55
C GLY E 115 134.35 -17.40 72.29
N SER E 116 133.95 -16.11 72.39
CA SER E 116 133.46 -15.36 71.22
C SER E 116 133.89 -13.88 71.24
N LYS E 117 133.71 -13.27 70.06
CA LYS E 117 133.97 -11.91 69.70
C LYS E 117 132.74 -11.41 68.92
N GLY E 118 132.39 -10.12 69.04
CA GLY E 118 131.24 -9.56 68.32
C GLY E 118 131.27 -8.05 68.19
N LYS E 119 130.82 -7.57 67.02
CA LYS E 119 130.67 -6.18 66.65
C LYS E 119 129.17 -5.84 66.67
N ILE E 120 128.81 -4.73 67.31
CA ILE E 120 127.44 -4.23 67.40
C ILE E 120 127.39 -2.83 66.79
N THR E 121 126.27 -2.54 66.11
CA THR E 121 126.08 -1.35 65.34
C THR E 121 124.65 -0.83 65.53
N VAL E 122 124.36 -0.40 66.76
CA VAL E 122 123.09 0.17 67.21
C VAL E 122 122.89 1.58 66.65
N THR E 123 121.72 1.80 66.05
CA THR E 123 121.37 3.09 65.44
C THR E 123 120.01 3.59 65.90
N TYR E 124 119.99 4.81 66.43
CA TYR E 124 118.78 5.46 66.84
C TYR E 124 118.28 6.35 65.71
N HIS E 125 117.15 5.99 65.11
CA HIS E 125 116.57 6.82 64.09
C HIS E 125 115.45 7.64 64.74
N PRO E 126 115.29 8.93 64.37
CA PRO E 126 114.21 9.76 64.91
C PRO E 126 113.02 9.89 63.95
N LYS E 127 112.00 10.60 64.42
CA LYS E 127 110.84 10.95 63.62
C LYS E 127 111.13 12.31 63.01
N PRO E 128 110.57 12.68 61.83
CA PRO E 128 110.80 14.02 61.30
C PRO E 128 110.37 15.03 62.37
N GLY E 129 109.38 14.62 63.19
CA GLY E 129 108.82 15.40 64.28
C GLY E 129 109.74 15.65 65.46
N CYS E 130 111.00 15.17 65.44
CA CYS E 130 111.95 15.41 66.56
C CYS E 130 113.41 15.07 66.19
N THR E 131 114.32 15.25 67.16
CA THR E 131 115.79 15.08 67.00
C THR E 131 116.37 14.16 68.07
N VAL E 132 117.56 13.60 67.84
CA VAL E 132 118.19 12.59 68.75
C VAL E 132 119.36 13.16 69.58
N ASN E 133 119.24 13.08 70.90
CA ASN E 133 120.32 13.52 71.81
C ASN E 133 121.19 12.32 72.20
N GLU E 134 122.05 12.47 73.21
CA GLU E 134 123.02 11.40 73.57
C GLU E 134 122.69 10.74 74.91
N GLU E 135 121.89 11.41 75.72
CA GLU E 135 121.53 10.89 77.05
C GLU E 135 120.79 9.58 76.89
N GLU E 136 119.88 9.53 75.92
CA GLU E 136 119.05 8.36 75.72
C GLU E 136 119.81 7.27 74.97
N VAL E 137 120.54 7.67 73.94
CA VAL E 137 121.30 6.77 73.16
C VAL E 137 122.36 6.12 74.05
N LYS E 138 122.76 6.81 75.12
CA LYS E 138 123.75 6.30 76.05
C LYS E 138 123.13 5.28 77.00
N ILE E 139 121.81 5.45 77.29
CA ILE E 139 121.05 4.59 78.19
C ILE E 139 120.80 3.26 77.52
N GLY E 140 120.22 3.30 76.33
CA GLY E 140 119.97 2.06 75.61
C GLY E 140 121.11 1.11 75.83
N GLU E 141 122.32 1.63 75.56
CA GLU E 141 123.61 0.96 75.60
C GLU E 141 123.83 0.27 76.95
N LYS E 142 123.62 1.04 78.02
CA LYS E 142 123.76 0.58 79.38
C LYS E 142 122.78 -0.55 79.69
N LYS E 143 121.55 -0.39 79.20
CA LYS E 143 120.57 -1.33 79.51
C LYS E 143 121.01 -2.69 78.99
N ALA E 144 121.40 -2.67 77.72
CA ALA E 144 121.76 -3.82 76.92
C ALA E 144 123.18 -4.31 77.22
N TYR E 145 124.07 -3.43 77.68
CA TYR E 145 125.37 -3.93 78.05
C TYR E 145 125.14 -4.69 79.34
N GLU E 146 124.40 -4.10 80.28
CA GLU E 146 124.19 -4.67 81.64
C GLU E 146 123.48 -6.03 81.55
N PHE E 147 122.60 -6.17 80.55
CA PHE E 147 121.81 -7.37 80.27
C PHE E 147 122.76 -8.54 79.97
N TYR E 148 123.46 -8.46 78.84
CA TYR E 148 124.59 -9.40 78.50
C TYR E 148 125.43 -9.79 79.74
N LYS E 149 125.83 -8.82 80.51
CA LYS E 149 126.72 -9.15 81.60
C LYS E 149 126.03 -10.16 82.48
N GLN E 150 124.81 -9.85 82.88
CA GLN E 150 123.96 -10.68 83.70
C GLN E 150 123.81 -12.09 83.09
N VAL E 151 123.80 -12.17 81.76
CA VAL E 151 123.68 -13.38 80.98
C VAL E 151 125.02 -14.13 80.90
N GLU E 152 126.09 -13.46 80.47
CA GLU E 152 127.43 -14.06 80.57
C GLU E 152 127.50 -14.81 81.91
N GLU E 153 127.35 -14.12 83.05
CA GLU E 153 127.42 -14.85 84.33
C GLU E 153 126.61 -16.13 84.21
N TYR E 154 125.44 -16.05 83.58
CA TYR E 154 124.55 -17.22 83.52
C TYR E 154 125.06 -18.27 82.53
N LEU E 155 125.50 -17.88 81.32
CA LEU E 155 125.90 -18.92 80.38
C LEU E 155 127.21 -19.59 80.81
N ALA E 156 127.96 -18.90 81.68
CA ALA E 156 129.20 -19.45 82.17
C ALA E 156 128.92 -20.50 83.25
N ALA E 157 128.07 -20.16 84.23
CA ALA E 157 127.76 -21.05 85.37
C ALA E 157 126.84 -22.23 85.00
N ASN E 158 126.19 -22.20 83.83
CA ASN E 158 125.29 -23.31 83.43
C ASN E 158 125.51 -23.62 81.96
N PRO E 159 126.63 -24.31 81.64
CA PRO E 159 127.00 -24.66 80.26
C PRO E 159 126.05 -25.50 79.42
N GLU E 160 124.99 -25.96 80.04
CA GLU E 160 123.99 -26.79 79.34
C GLU E 160 123.09 -25.90 78.51
N VAL E 161 122.92 -24.65 78.92
CA VAL E 161 121.92 -23.73 78.31
C VAL E 161 122.31 -23.32 76.91
N PHE E 162 121.53 -23.76 75.93
CA PHE E 162 121.66 -23.46 74.49
C PHE E 162 122.96 -24.00 73.89
N ALA E 163 123.62 -24.95 74.52
CA ALA E 163 124.93 -25.43 74.05
C ALA E 163 124.68 -26.26 72.80
N PHE F 3 128.94 5.25 77.06
CA PHE F 3 130.30 5.70 77.45
C PHE F 3 131.23 5.74 76.23
N THR F 4 131.92 4.65 75.95
CA THR F 4 133.00 4.66 74.97
C THR F 4 132.54 4.85 73.52
N MET F 5 131.23 5.01 73.24
CA MET F 5 130.81 5.10 71.83
C MET F 5 130.07 6.42 71.55
N ALA F 6 130.29 6.95 70.33
CA ALA F 6 129.67 8.20 69.82
C ALA F 6 129.96 8.38 68.33
N ALA F 7 128.93 8.78 67.55
CA ALA F 7 129.04 9.06 66.08
C ALA F 7 127.70 9.56 65.51
N TYR F 8 127.76 10.17 64.32
CA TYR F 8 126.60 10.83 63.62
C TYR F 8 126.57 10.38 62.15
N THR F 9 125.45 9.75 61.75
CA THR F 9 125.31 9.18 60.38
C THR F 9 123.92 9.40 59.78
N ILE F 10 123.89 9.48 58.43
CA ILE F 10 122.65 9.61 57.64
C ILE F 10 122.60 8.42 56.68
N VAL F 11 121.38 7.92 56.41
CA VAL F 11 121.13 6.77 55.54
C VAL F 11 120.41 7.25 54.27
N LYS F 12 121.18 7.46 53.20
CA LYS F 12 120.67 8.00 51.95
C LYS F 12 120.20 6.85 51.03
N GLU F 13 119.18 7.14 50.21
CA GLU F 13 118.58 6.26 49.20
C GLU F 13 118.48 7.09 47.91
N GLU F 14 118.83 6.53 46.74
CA GLU F 14 118.83 7.35 45.49
C GLU F 14 118.62 6.50 44.22
N GLU F 15 117.66 6.90 43.39
CA GLU F 15 117.34 6.29 42.07
C GLU F 15 118.32 6.79 41.00
N SER F 16 118.89 5.86 40.24
CA SER F 16 119.86 6.15 39.16
C SER F 16 119.39 5.59 37.82
N PRO F 17 119.72 6.25 36.69
CA PRO F 17 119.51 5.69 35.35
C PRO F 17 120.78 5.00 34.79
N ILE F 18 121.86 4.94 35.56
CA ILE F 18 123.06 4.30 35.09
C ILE F 18 123.07 2.88 35.63
N ALA F 19 123.51 1.94 34.78
CA ALA F 19 123.69 0.53 35.10
C ALA F 19 124.73 0.48 36.21
N PRO F 20 124.48 -0.20 37.35
CA PRO F 20 125.35 -0.08 38.52
C PRO F 20 126.78 -0.65 38.57
N HIS F 21 127.19 -1.53 37.65
CA HIS F 21 128.59 -1.99 37.73
C HIS F 21 129.46 -0.85 37.20
N ARG F 22 128.80 0.08 36.48
CA ARG F 22 129.49 1.25 35.95
C ARG F 22 129.87 2.13 37.14
N LEU F 23 128.83 2.69 37.78
CA LEU F 23 128.89 3.60 38.91
C LEU F 23 129.79 3.05 40.02
N PHE F 24 130.32 1.83 39.87
CA PHE F 24 131.21 1.27 40.86
C PHE F 24 132.63 1.71 40.51
N LYS F 25 133.03 1.46 39.26
CA LYS F 25 134.38 1.83 38.81
C LYS F 25 134.56 3.36 38.86
N ALA F 26 133.52 4.08 38.44
CA ALA F 26 133.54 5.53 38.41
C ALA F 26 133.45 6.10 39.83
N LEU F 27 132.32 5.84 40.50
CA LEU F 27 132.00 6.48 41.77
C LEU F 27 132.58 5.71 42.97
N VAL F 28 133.40 4.66 42.77
CA VAL F 28 133.97 3.90 43.92
C VAL F 28 135.38 3.39 43.59
N LEU F 29 135.50 2.23 42.93
CA LEU F 29 136.80 1.54 42.63
C LEU F 29 137.87 2.58 42.28
N GLU F 30 137.57 3.45 41.30
CA GLU F 30 138.45 4.56 40.97
C GLU F 30 137.73 5.87 41.30
N ARG F 31 137.31 6.06 42.56
CA ARG F 31 136.74 7.34 43.01
C ARG F 31 137.89 8.35 42.92
N HIS F 32 139.12 7.79 42.94
CA HIS F 32 140.36 8.58 42.94
C HIS F 32 140.67 9.10 41.53
N GLN F 33 140.50 8.29 40.50
CA GLN F 33 140.84 8.75 39.14
C GLN F 33 139.82 9.78 38.61
N VAL F 34 138.58 9.64 39.05
CA VAL F 34 137.45 10.35 38.53
C VAL F 34 137.25 11.72 39.23
N LEU F 35 137.82 11.91 40.41
CA LEU F 35 137.64 13.21 41.12
C LEU F 35 138.42 14.32 40.40
N VAL F 36 139.45 13.94 39.64
CA VAL F 36 140.27 14.91 38.94
C VAL F 36 139.73 15.00 37.49
N LYS F 37 139.69 13.89 36.79
CA LYS F 37 139.20 14.09 35.42
C LYS F 37 137.92 14.89 35.56
N ALA F 38 137.05 14.50 36.47
CA ALA F 38 135.81 15.28 36.66
C ALA F 38 136.06 16.66 37.28
N GLN F 39 136.86 16.75 38.35
CA GLN F 39 137.06 18.04 39.04
C GLN F 39 138.55 18.43 39.09
N PRO F 40 139.11 18.94 37.95
CA PRO F 40 140.49 19.43 37.91
C PRO F 40 140.63 20.84 38.48
N HIS F 41 139.49 21.53 38.59
CA HIS F 41 139.43 22.87 39.10
C HIS F 41 139.65 22.87 40.63
N VAL F 42 139.32 21.78 41.34
CA VAL F 42 139.52 21.75 42.79
C VAL F 42 140.48 20.61 43.20
N PHE F 43 140.65 19.57 42.38
CA PHE F 43 141.59 18.43 42.73
C PHE F 43 142.78 18.42 41.77
N LYS F 44 143.96 17.93 42.21
CA LYS F 44 145.14 17.93 41.31
C LYS F 44 145.81 16.54 41.15
N SER F 45 146.05 15.81 42.25
CA SER F 45 146.77 14.50 42.20
C SER F 45 146.22 13.48 43.22
N GLY F 46 145.19 12.72 42.81
CA GLY F 46 144.63 11.63 43.63
C GLY F 46 145.30 10.31 43.29
N GLU F 47 146.08 9.76 44.26
CA GLU F 47 146.95 8.57 44.03
C GLU F 47 146.70 7.36 44.96
N ILE F 48 147.18 6.20 44.49
CA ILE F 48 147.18 4.93 45.21
C ILE F 48 148.50 4.84 45.98
N ILE F 49 148.43 4.88 47.31
CA ILE F 49 149.65 4.82 48.12
C ILE F 49 150.07 3.35 48.30
N GLU F 50 149.07 2.50 48.58
CA GLU F 50 149.33 1.06 48.79
C GLU F 50 148.11 0.23 48.37
N GLY F 51 148.34 -1.02 47.97
CA GLY F 51 147.20 -1.90 47.64
C GLY F 51 146.91 -2.04 46.17
N ASP F 52 146.09 -3.03 45.84
CA ASP F 52 145.73 -3.32 44.44
C ASP F 52 144.31 -2.83 44.16
N GLY F 53 143.74 -2.00 45.02
CA GLY F 53 142.41 -1.42 44.80
C GLY F 53 141.35 -2.18 45.57
N GLY F 54 141.69 -3.40 45.99
CA GLY F 54 140.78 -4.30 46.73
C GLY F 54 141.12 -4.28 48.20
N VAL F 55 140.10 -4.27 49.06
CA VAL F 55 140.14 -4.20 50.55
C VAL F 55 141.40 -3.58 51.21
N GLY F 56 142.62 -4.11 51.04
CA GLY F 56 143.82 -3.59 51.71
C GLY F 56 144.24 -2.18 51.32
N THR F 57 143.81 -1.71 50.16
CA THR F 57 144.18 -0.44 49.50
C THR F 57 143.84 0.82 50.30
N VAL F 58 144.78 1.76 50.27
CA VAL F 58 144.69 3.12 50.87
C VAL F 58 145.04 4.08 49.75
N THR F 59 144.22 5.10 49.54
CA THR F 59 144.42 6.08 48.49
C THR F 59 144.51 7.49 49.09
N LYS F 60 144.87 8.43 48.20
CA LYS F 60 145.11 9.80 48.54
C LYS F 60 144.51 10.71 47.47
N ILE F 61 144.12 11.90 47.89
CA ILE F 61 143.61 12.92 47.00
C ILE F 61 144.29 14.22 47.42
N THR F 62 144.98 14.86 46.47
CA THR F 62 145.55 16.17 46.68
C THR F 62 144.66 17.16 45.93
N PHE F 63 144.36 18.30 46.53
CA PHE F 63 143.61 19.29 45.85
C PHE F 63 144.62 20.06 45.00
N VAL F 64 144.11 21.03 44.23
CA VAL F 64 144.98 21.89 43.43
C VAL F 64 145.59 22.85 44.43
N ASP F 65 146.73 23.44 44.05
CA ASP F 65 147.53 24.30 44.94
C ASP F 65 146.69 25.46 45.49
N GLY F 66 145.79 26.00 44.66
CA GLY F 66 144.92 27.09 45.13
C GLY F 66 144.02 26.70 46.31
N HIS F 67 143.59 25.42 46.36
CA HIS F 67 142.57 24.89 47.32
C HIS F 67 143.01 25.02 48.79
N PRO F 68 142.09 25.45 49.69
CA PRO F 68 142.39 25.57 51.12
C PRO F 68 142.62 24.25 51.87
N LEU F 69 142.36 23.11 51.21
CA LEU F 69 142.59 21.77 51.83
C LEU F 69 143.63 21.02 50.99
N THR F 70 144.76 20.65 51.61
CA THR F 70 145.86 19.97 50.86
C THR F 70 145.50 18.56 50.37
N TYR F 71 144.97 17.69 51.24
CA TYR F 71 144.65 16.28 50.86
C TYR F 71 143.84 15.55 51.94
N MET F 72 143.42 14.31 51.62
CA MET F 72 142.72 13.40 52.54
C MET F 72 143.10 11.97 52.15
N LEU F 73 143.10 11.02 53.09
CA LEU F 73 143.38 9.59 52.80
C LEU F 73 142.16 8.69 53.08
N HIS F 74 142.02 7.67 52.23
CA HIS F 74 140.89 6.77 52.24
C HIS F 74 141.38 5.33 52.37
N LYS F 75 140.58 4.53 53.10
CA LYS F 75 140.81 3.11 53.33
C LYS F 75 139.55 2.34 52.92
N PHE F 76 139.71 1.23 52.20
CA PHE F 76 138.58 0.42 51.74
C PHE F 76 138.47 -0.84 52.61
N ASP F 77 137.60 -0.74 53.63
CA ASP F 77 137.40 -1.74 54.66
C ASP F 77 136.71 -2.96 54.09
N GLU F 78 135.64 -2.72 53.32
CA GLU F 78 134.83 -3.75 52.69
C GLU F 78 134.54 -3.34 51.23
N ILE F 79 134.64 -4.34 50.35
CA ILE F 79 134.43 -4.20 48.93
C ILE F 79 133.75 -5.46 48.39
N ASP F 80 132.54 -5.29 47.86
CA ASP F 80 131.91 -6.36 47.13
C ASP F 80 131.57 -5.79 45.77
N ALA F 81 132.24 -6.34 44.76
CA ALA F 81 132.06 -5.96 43.38
C ALA F 81 130.77 -6.58 42.83
N ALA F 82 130.41 -7.74 43.38
CA ALA F 82 129.31 -8.60 42.92
C ALA F 82 127.91 -8.09 43.34
N ASN F 83 127.85 -7.27 44.40
CA ASN F 83 126.55 -6.78 44.87
C ASN F 83 126.50 -5.25 44.83
N PHE F 84 127.65 -4.62 44.56
CA PHE F 84 127.73 -3.17 44.49
C PHE F 84 127.81 -2.60 45.91
N TYR F 85 128.40 -3.38 46.81
CA TYR F 85 128.58 -2.97 48.18
C TYR F 85 130.05 -2.65 48.46
N CYS F 86 130.29 -1.54 49.17
CA CYS F 86 131.66 -1.20 49.62
C CYS F 86 131.63 -0.39 50.92
N LYS F 87 132.63 -0.65 51.78
CA LYS F 87 132.82 0.09 53.05
C LYS F 87 134.23 0.70 53.09
N TYR F 88 134.32 2.03 53.03
CA TYR F 88 135.63 2.69 53.07
C TYR F 88 135.58 3.83 54.10
N THR F 89 136.76 4.18 54.61
CA THR F 89 136.92 5.11 55.70
C THR F 89 137.88 6.25 55.37
N LEU F 90 137.50 7.48 55.77
CA LEU F 90 138.40 8.63 55.79
C LEU F 90 139.02 8.65 57.20
N PHE F 91 140.36 8.53 57.28
CA PHE F 91 141.09 8.37 58.58
C PHE F 91 142.06 9.52 58.90
N GLU F 92 142.55 10.16 57.83
CA GLU F 92 143.54 11.23 57.89
C GLU F 92 143.21 12.21 56.75
N GLY F 93 143.09 13.50 57.06
CA GLY F 93 142.76 14.48 56.05
C GLY F 93 142.57 15.87 56.62
N ASP F 94 142.26 16.80 55.72
CA ASP F 94 142.19 18.20 56.06
C ASP F 94 140.75 18.58 56.42
N VAL F 95 139.78 17.88 55.82
CA VAL F 95 138.37 18.14 56.06
C VAL F 95 137.96 17.52 57.42
N LEU F 96 138.90 16.81 58.07
CA LEU F 96 138.72 16.23 59.43
C LEU F 96 138.58 17.38 60.44
N ARG F 97 139.37 18.44 60.21
CA ARG F 97 139.39 19.75 60.92
C ARG F 97 139.18 19.66 62.44
N ASP F 98 139.96 18.81 63.13
CA ASP F 98 140.05 18.77 64.62
C ASP F 98 138.81 18.26 65.40
N ASN F 99 137.64 18.12 64.79
CA ASN F 99 136.52 17.57 65.58
C ASN F 99 136.27 16.10 65.21
N ILE F 100 136.67 15.71 63.99
CA ILE F 100 136.39 14.39 63.39
C ILE F 100 137.56 13.41 63.53
N GLU F 101 137.27 12.21 64.04
CA GLU F 101 138.24 11.11 64.22
C GLU F 101 138.38 10.33 62.90
N LYS F 102 137.26 10.15 62.19
CA LYS F 102 137.21 9.48 60.89
C LYS F 102 135.77 9.44 60.41
N VAL F 103 135.60 9.19 59.10
CA VAL F 103 134.29 9.07 58.48
C VAL F 103 134.28 7.70 57.79
N VAL F 104 133.21 6.93 58.02
CA VAL F 104 133.04 5.58 57.45
C VAL F 104 131.90 5.58 56.43
N TYR F 105 132.23 5.12 55.23
CA TYR F 105 131.28 5.09 54.13
C TYR F 105 130.95 3.64 53.76
N GLU F 106 129.66 3.33 53.81
CA GLU F 106 129.13 2.03 53.43
C GLU F 106 128.09 2.28 52.31
N VAL F 107 128.42 1.87 51.09
CA VAL F 107 127.57 2.11 49.92
C VAL F 107 127.05 0.78 49.35
N LYS F 108 125.75 0.78 49.01
CA LYS F 108 125.09 -0.34 48.33
C LYS F 108 124.22 0.24 47.21
N LEU F 109 124.00 -0.57 46.17
CA LEU F 109 123.17 -0.20 45.02
C LEU F 109 122.91 -1.45 44.18
N GLU F 110 121.89 -1.40 43.31
CA GLU F 110 121.59 -2.58 42.45
C GLU F 110 120.97 -2.10 41.12
N ALA F 111 120.92 -3.01 40.13
CA ALA F 111 120.49 -2.72 38.74
C ALA F 111 118.99 -2.93 38.56
N VAL F 112 118.25 -1.82 38.55
CA VAL F 112 116.81 -1.79 38.36
C VAL F 112 116.56 -1.41 36.89
N GLY F 113 116.61 -2.44 36.03
CA GLY F 113 116.47 -2.30 34.60
C GLY F 113 117.80 -1.88 33.98
N GLY F 114 117.73 -0.88 33.10
CA GLY F 114 118.91 -0.32 32.44
C GLY F 114 119.71 0.56 33.38
N GLY F 115 119.03 1.10 34.41
CA GLY F 115 119.59 1.99 35.40
C GLY F 115 119.90 1.27 36.69
N SER F 116 119.69 1.98 37.82
CA SER F 116 119.98 1.48 39.17
C SER F 116 119.28 2.32 40.27
N LYS F 117 119.45 1.85 41.51
CA LYS F 117 119.04 2.51 42.76
C LYS F 117 120.17 2.24 43.76
N GLY F 118 120.44 3.17 44.69
CA GLY F 118 121.53 3.03 45.65
C GLY F 118 121.22 3.58 47.04
N LYS F 119 121.41 2.70 48.04
CA LYS F 119 121.31 2.98 49.48
C LYS F 119 122.73 3.25 49.99
N ILE F 120 122.99 4.50 50.40
CA ILE F 120 124.32 4.89 50.92
C ILE F 120 124.16 5.35 52.38
N THR F 121 125.07 4.85 53.23
CA THR F 121 125.11 5.14 54.66
C THR F 121 126.46 5.81 54.96
N VAL F 122 126.44 6.85 55.80
CA VAL F 122 127.65 7.59 56.11
C VAL F 122 127.72 7.86 57.62
N THR F 123 128.83 7.44 58.26
CA THR F 123 129.04 7.68 59.72
C THR F 123 130.20 8.67 60.00
N TYR F 124 129.83 9.72 60.73
CA TYR F 124 130.73 10.76 61.20
C TYR F 124 131.18 10.40 62.61
N HIS F 125 132.45 10.02 62.80
CA HIS F 125 132.95 9.63 64.12
C HIS F 125 133.69 10.78 64.81
N PRO F 126 133.04 11.57 65.71
CA PRO F 126 133.69 12.71 66.37
C PRO F 126 134.90 12.28 67.18
N LYS F 127 135.94 13.14 67.21
CA LYS F 127 137.16 12.85 67.98
C LYS F 127 136.76 12.80 69.46
N PRO F 128 137.46 12.02 70.31
CA PRO F 128 137.07 11.89 71.72
C PRO F 128 137.08 13.23 72.47
N GLY F 129 135.91 13.59 72.99
CA GLY F 129 135.69 14.84 73.73
C GLY F 129 135.06 15.91 72.86
N CYS F 130 135.32 15.85 71.54
CA CYS F 130 134.82 16.81 70.55
C CYS F 130 133.44 16.39 70.06
N THR F 131 132.88 17.16 69.12
CA THR F 131 131.54 16.88 68.61
C THR F 131 131.50 17.13 67.09
N VAL F 132 130.59 16.42 66.41
CA VAL F 132 130.32 16.54 64.98
C VAL F 132 129.34 17.70 64.83
N ASN F 133 129.77 18.77 64.14
CA ASN F 133 128.94 19.96 63.89
C ASN F 133 128.03 19.68 62.70
N GLU F 134 126.78 20.12 62.81
CA GLU F 134 125.80 19.74 61.79
C GLU F 134 126.39 20.17 60.48
N GLU F 135 127.01 21.33 60.49
CA GLU F 135 127.49 21.99 59.27
C GLU F 135 128.46 21.09 58.50
N GLU F 136 129.35 20.36 59.16
CA GLU F 136 130.38 19.61 58.40
C GLU F 136 129.74 18.60 57.46
N VAL F 137 128.72 17.88 57.92
CA VAL F 137 128.09 16.84 57.06
C VAL F 137 127.36 17.48 55.88
N LYS F 138 126.58 18.54 56.16
CA LYS F 138 125.87 19.23 55.09
C LYS F 138 126.87 19.58 53.96
N ILE F 139 127.97 20.26 54.34
CA ILE F 139 129.06 20.70 53.44
C ILE F 139 129.54 19.53 52.58
N GLY F 140 130.28 18.59 53.18
CA GLY F 140 130.80 17.42 52.47
C GLY F 140 129.69 16.63 51.79
N GLU F 141 128.52 16.59 52.44
CA GLU F 141 127.37 15.90 51.90
C GLU F 141 127.02 16.55 50.56
N LYS F 142 126.91 17.87 50.55
CA LYS F 142 126.54 18.66 49.36
C LYS F 142 127.62 18.58 48.28
N LYS F 143 128.85 18.18 48.61
CA LYS F 143 129.95 18.11 47.63
C LYS F 143 129.98 16.71 47.03
N ALA F 144 129.85 15.67 47.87
CA ALA F 144 129.92 14.23 47.45
C ALA F 144 128.82 13.84 46.44
N TYR F 145 127.66 14.53 46.51
CA TYR F 145 126.53 14.36 45.57
C TYR F 145 126.89 15.04 44.26
N GLU F 146 126.98 16.38 44.31
CA GLU F 146 127.31 17.25 43.15
C GLU F 146 128.24 16.53 42.18
N PHE F 147 129.25 15.86 42.74
CA PHE F 147 130.15 15.11 41.95
C PHE F 147 129.34 14.01 41.26
N TYR F 148 128.62 13.22 42.05
CA TYR F 148 127.87 12.09 41.53
C TYR F 148 127.08 12.52 40.28
N LYS F 149 126.20 13.52 40.43
CA LYS F 149 125.45 14.05 39.30
C LYS F 149 126.39 14.19 38.09
N GLN F 150 127.59 14.74 38.34
CA GLN F 150 128.69 14.95 37.35
C GLN F 150 129.22 13.62 36.80
N VAL F 151 128.71 12.51 37.31
CA VAL F 151 129.08 11.19 36.77
C VAL F 151 127.84 10.61 36.07
N GLU F 152 126.68 10.77 36.73
CA GLU F 152 125.37 10.36 36.23
C GLU F 152 125.10 11.10 34.92
N GLU F 153 125.56 12.36 34.83
CA GLU F 153 125.36 13.22 33.64
C GLU F 153 126.34 12.89 32.51
N TYR F 154 127.54 12.44 32.86
CA TYR F 154 128.60 12.12 31.92
C TYR F 154 128.46 10.70 31.40
N LEU F 155 128.25 9.75 32.31
CA LEU F 155 128.20 8.35 31.91
C LEU F 155 126.97 8.09 31.05
N ALA F 156 126.01 9.03 31.08
CA ALA F 156 124.74 9.00 30.33
C ALA F 156 124.95 9.43 28.87
N ALA F 157 126.05 10.13 28.59
CA ALA F 157 126.40 10.53 27.24
C ALA F 157 127.65 9.75 26.76
N ASN F 158 128.05 8.71 27.50
CA ASN F 158 129.24 7.91 27.16
C ASN F 158 128.99 6.44 27.42
N PRO F 159 128.28 5.77 26.50
CA PRO F 159 127.89 4.37 26.67
C PRO F 159 129.01 3.36 26.96
N GLU F 160 130.19 3.56 26.37
CA GLU F 160 131.23 2.54 26.42
C GLU F 160 132.19 2.76 27.59
N VAL F 161 131.94 3.80 28.39
CA VAL F 161 132.74 4.12 29.57
C VAL F 161 132.35 3.12 30.66
N PHE F 162 133.25 2.15 30.91
CA PHE F 162 133.09 1.07 31.88
C PHE F 162 131.81 0.27 31.58
N ALA F 163 131.64 -0.07 30.30
CA ALA F 163 130.47 -0.79 29.78
C ALA F 163 130.93 -2.00 28.96
N ASP G 1 79.05 21.30 31.04
CA ASP G 1 80.09 20.80 31.98
C ASP G 1 80.78 21.99 32.68
N PRO G 2 80.06 23.08 33.07
CA PRO G 2 80.72 24.25 33.67
C PRO G 2 81.64 23.73 34.76
N PHE G 3 81.18 22.62 35.36
CA PHE G 3 81.93 21.93 36.33
C PHE G 3 81.35 20.53 36.49
N THR G 4 82.25 19.61 36.79
CA THR G 4 81.88 18.31 37.27
C THR G 4 82.16 18.44 38.77
N MET G 5 81.07 18.60 39.53
CA MET G 5 81.07 18.79 40.98
C MET G 5 82.26 18.04 41.59
N ALA G 6 83.10 18.75 42.34
CA ALA G 6 84.27 18.13 42.97
C ALA G 6 83.80 17.17 44.05
N ALA G 7 84.51 16.05 44.21
CA ALA G 7 84.18 15.05 45.23
C ALA G 7 85.35 14.94 46.20
N TYR G 8 85.08 14.41 47.40
CA TYR G 8 86.04 14.28 48.51
C TYR G 8 86.35 12.79 48.70
N THR G 9 87.64 12.48 48.67
CA THR G 9 88.15 11.13 48.65
C THR G 9 89.19 10.86 49.75
N ILE G 10 88.98 9.77 50.50
CA ILE G 10 89.96 9.32 51.48
C ILE G 10 90.45 7.94 51.08
N VAL G 11 91.78 7.80 51.04
CA VAL G 11 92.50 6.58 50.67
C VAL G 11 93.18 6.06 51.94
N LYS G 12 92.73 4.91 52.45
CA LYS G 12 93.30 4.37 53.68
C LYS G 12 94.22 3.19 53.36
N GLU G 13 95.13 2.87 54.28
CA GLU G 13 96.05 1.72 54.20
C GLU G 13 96.06 1.05 55.58
N GLU G 14 95.37 -0.09 55.72
CA GLU G 14 95.18 -0.75 57.02
C GLU G 14 95.48 -2.26 56.95
N GLU G 15 95.86 -2.82 58.12
CA GLU G 15 96.43 -4.15 58.32
C GLU G 15 95.86 -4.84 59.58
N SER G 16 95.56 -6.13 59.49
CA SER G 16 94.99 -6.90 60.61
C SER G 16 95.71 -8.21 60.77
N PRO G 17 95.65 -8.86 61.97
CA PRO G 17 96.05 -10.25 62.13
C PRO G 17 94.95 -11.20 61.65
N ILE G 18 93.79 -10.63 61.33
CA ILE G 18 92.66 -11.39 60.92
C ILE G 18 92.87 -11.69 59.45
N ALA G 19 92.63 -12.97 59.10
CA ALA G 19 92.82 -13.52 57.77
C ALA G 19 91.79 -12.93 56.79
N PRO G 20 92.23 -12.44 55.59
CA PRO G 20 91.39 -11.69 54.65
C PRO G 20 90.01 -12.20 54.24
N HIS G 21 89.73 -13.45 54.57
CA HIS G 21 88.50 -14.06 54.26
C HIS G 21 87.53 -13.80 55.42
N ARG G 22 88.06 -13.79 56.65
CA ARG G 22 87.18 -13.56 57.77
C ARG G 22 86.77 -12.08 57.72
N LEU G 23 87.72 -11.20 57.35
CA LEU G 23 87.43 -9.79 57.24
C LEU G 23 86.67 -9.48 55.95
N PHE G 24 86.84 -10.22 54.89
CA PHE G 24 86.10 -9.76 53.78
C PHE G 24 84.61 -9.89 54.09
N LYS G 25 84.33 -10.93 54.87
CA LYS G 25 83.01 -11.40 55.24
C LYS G 25 82.36 -10.52 56.32
N ALA G 26 83.09 -10.34 57.42
CA ALA G 26 82.64 -9.59 58.60
C ALA G 26 82.30 -8.13 58.31
N LEU G 27 82.97 -7.52 57.33
CA LEU G 27 82.88 -6.10 57.20
C LEU G 27 82.45 -5.68 55.80
N VAL G 28 82.02 -6.62 54.98
CA VAL G 28 81.61 -6.25 53.65
C VAL G 28 80.31 -6.92 53.31
N LEU G 29 80.34 -8.26 53.38
CA LEU G 29 79.26 -9.12 52.98
C LEU G 29 78.18 -9.17 54.04
N GLU G 30 78.57 -9.59 55.24
CA GLU G 30 77.60 -9.70 56.33
C GLU G 30 77.67 -8.45 57.18
N ARG G 31 78.36 -7.44 56.72
CA ARG G 31 78.48 -6.22 57.52
C ARG G 31 77.11 -5.84 58.12
N HIS G 32 76.07 -5.84 57.27
CA HIS G 32 74.68 -5.44 57.64
C HIS G 32 74.25 -6.14 58.93
N GLN G 33 74.63 -7.40 59.00
CA GLN G 33 74.32 -8.24 60.13
C GLN G 33 75.31 -8.00 61.27
N VAL G 34 76.61 -7.91 60.97
CA VAL G 34 77.63 -7.83 62.00
C VAL G 34 77.57 -6.48 62.71
N LEU G 35 76.95 -5.48 62.10
CA LEU G 35 76.91 -4.19 62.76
C LEU G 35 76.07 -4.29 64.04
N VAL G 36 74.84 -4.78 63.87
CA VAL G 36 73.84 -4.93 64.91
C VAL G 36 74.32 -5.89 66.01
N LYS G 37 75.22 -6.81 65.65
CA LYS G 37 75.75 -7.83 66.56
C LYS G 37 76.84 -7.21 67.43
N ALA G 38 77.61 -6.34 66.77
CA ALA G 38 78.74 -5.67 67.30
C ALA G 38 78.30 -4.41 68.01
N GLN G 39 77.28 -3.75 67.45
CA GLN G 39 76.77 -2.56 68.08
C GLN G 39 75.27 -2.58 68.22
N PRO G 40 74.73 -3.47 69.07
CA PRO G 40 73.30 -3.68 69.25
C PRO G 40 72.49 -2.60 69.99
N HIS G 41 73.17 -1.55 70.39
CA HIS G 41 72.60 -0.41 71.04
C HIS G 41 72.36 0.71 70.03
N VAL G 42 73.05 0.64 68.91
CA VAL G 42 72.91 1.66 67.85
C VAL G 42 72.00 1.07 66.78
N PHE G 43 72.23 -0.18 66.38
CA PHE G 43 71.43 -0.72 65.25
C PHE G 43 70.61 -1.95 65.66
N LYS G 44 69.28 -1.85 65.49
CA LYS G 44 68.33 -2.95 65.78
C LYS G 44 68.55 -4.12 64.81
N SER G 45 68.74 -3.83 63.52
CA SER G 45 68.95 -4.91 62.51
C SER G 45 69.49 -4.38 61.17
N GLY G 46 69.94 -5.33 60.33
CA GLY G 46 70.43 -5.18 59.00
C GLY G 46 69.82 -6.34 58.25
N GLU G 47 69.32 -6.16 57.03
CA GLU G 47 68.63 -7.23 56.28
C GLU G 47 68.61 -6.93 54.77
N ILE G 48 69.12 -7.88 53.98
CA ILE G 48 69.13 -7.70 52.53
C ILE G 48 67.68 -7.74 52.00
N ILE G 49 67.24 -6.64 51.42
CA ILE G 49 65.91 -6.58 50.89
C ILE G 49 65.91 -7.10 49.46
N GLU G 50 66.83 -6.57 48.64
CA GLU G 50 66.93 -6.88 47.22
C GLU G 50 68.11 -7.83 46.97
N GLY G 51 68.04 -8.62 45.90
CA GLY G 51 69.16 -9.52 45.47
C GLY G 51 69.36 -10.73 46.38
N ASP G 52 70.44 -11.48 46.11
CA ASP G 52 70.76 -12.65 46.92
C ASP G 52 72.24 -12.63 47.33
N GLY G 53 72.62 -11.61 48.11
CA GLY G 53 73.98 -11.47 48.64
C GLY G 53 75.03 -11.76 47.60
N GLY G 54 75.14 -10.84 46.64
CA GLY G 54 76.05 -10.88 45.49
C GLY G 54 76.12 -9.49 44.90
N VAL G 55 76.30 -9.36 43.59
CA VAL G 55 76.42 -8.04 42.93
C VAL G 55 75.04 -7.36 42.90
N GLY G 56 75.05 -6.02 42.73
CA GLY G 56 73.85 -5.20 42.68
C GLY G 56 72.99 -5.34 43.94
N THR G 57 73.49 -6.08 44.93
CA THR G 57 72.77 -6.31 46.18
C THR G 57 72.63 -4.99 46.93
N VAL G 58 71.53 -4.89 47.68
CA VAL G 58 71.19 -3.73 48.44
C VAL G 58 70.75 -4.25 49.81
N THR G 59 71.21 -3.58 50.88
CA THR G 59 70.81 -3.97 52.22
C THR G 59 70.13 -2.78 52.90
N LYS G 60 69.38 -3.05 53.97
CA LYS G 60 68.81 -1.95 54.76
C LYS G 60 69.42 -2.07 56.16
N ILE G 61 70.26 -1.10 56.55
CA ILE G 61 70.81 -1.02 57.92
C ILE G 61 69.91 -0.06 58.71
N THR G 62 69.39 -0.58 59.83
CA THR G 62 68.41 0.08 60.68
C THR G 62 68.97 0.51 62.04
N PHE G 63 68.95 1.81 62.34
CA PHE G 63 69.35 2.33 63.67
C PHE G 63 68.24 2.09 64.69
N VAL G 64 68.52 2.31 65.99
CA VAL G 64 67.43 2.21 66.99
C VAL G 64 66.50 3.41 66.76
N ASP G 65 65.40 3.43 67.51
CA ASP G 65 64.38 4.50 67.40
C ASP G 65 64.81 5.81 68.06
N GLY G 66 65.23 5.77 69.32
CA GLY G 66 65.66 7.00 70.01
C GLY G 66 66.83 7.69 69.32
N HIS G 67 67.68 6.87 68.69
CA HIS G 67 68.89 7.28 67.92
C HIS G 67 68.51 8.32 66.90
N PRO G 68 69.33 9.37 66.68
CA PRO G 68 68.95 10.35 65.69
C PRO G 68 68.45 9.70 64.39
N LEU G 69 69.15 8.63 63.97
CA LEU G 69 69.00 8.02 62.66
C LEU G 69 68.02 6.83 62.69
N THR G 70 67.77 6.25 61.50
CA THR G 70 66.74 5.16 61.28
C THR G 70 67.26 3.97 60.46
N TYR G 71 67.47 4.21 59.16
CA TYR G 71 67.88 3.18 58.22
C TYR G 71 68.97 3.73 57.30
N MET G 72 69.81 2.81 56.81
CA MET G 72 70.92 3.07 55.85
C MET G 72 70.71 2.11 54.69
N LEU G 73 70.93 2.60 53.46
CA LEU G 73 70.73 1.79 52.25
C LEU G 73 72.05 1.72 51.46
N HIS G 74 72.54 0.48 51.32
CA HIS G 74 73.77 0.17 50.62
C HIS G 74 73.46 -0.68 49.40
N LYS G 75 74.15 -0.33 48.30
CA LYS G 75 74.09 -1.04 47.04
C LYS G 75 75.48 -1.57 46.70
N PHE G 76 75.52 -2.84 46.27
CA PHE G 76 76.70 -3.59 45.88
C PHE G 76 76.92 -3.46 44.37
N ASP G 77 77.95 -2.66 44.02
CA ASP G 77 78.31 -2.24 42.65
C ASP G 77 79.31 -3.17 41.96
N GLU G 78 80.25 -3.73 42.74
CA GLU G 78 81.30 -4.66 42.28
C GLU G 78 81.68 -5.61 43.41
N ILE G 79 81.77 -6.91 43.13
CA ILE G 79 82.32 -7.85 44.08
C ILE G 79 83.12 -8.93 43.34
N ASP G 80 84.20 -9.37 43.99
CA ASP G 80 85.01 -10.52 43.58
C ASP G 80 85.49 -11.14 44.90
N ALA G 81 84.61 -11.93 45.52
CA ALA G 81 84.78 -12.47 46.86
C ALA G 81 86.03 -13.35 46.95
N ALA G 82 86.47 -13.82 45.78
CA ALA G 82 87.58 -14.70 45.67
C ALA G 82 88.84 -13.93 46.01
N ASN G 83 88.89 -12.71 45.48
CA ASN G 83 89.98 -11.81 45.57
C ASN G 83 89.72 -10.71 46.60
N PHE G 84 88.63 -10.84 47.37
CA PHE G 84 88.24 -9.90 48.45
C PHE G 84 88.15 -8.47 47.94
N TYR G 85 87.45 -8.27 46.82
CA TYR G 85 87.21 -6.96 46.25
C TYR G 85 85.73 -6.64 46.43
N CYS G 86 85.45 -5.33 46.50
CA CYS G 86 84.09 -4.85 46.62
C CYS G 86 84.05 -3.33 46.43
N LYS G 87 83.05 -2.90 45.67
CA LYS G 87 82.60 -1.54 45.61
C LYS G 87 81.18 -1.63 46.18
N TYR G 88 80.86 -0.80 47.17
CA TYR G 88 79.52 -0.82 47.72
C TYR G 88 79.15 0.63 47.98
N THR G 89 77.96 1.05 47.57
CA THR G 89 77.56 2.47 47.75
C THR G 89 76.44 2.64 48.78
N LEU G 90 76.56 3.75 49.51
CA LEU G 90 75.58 4.23 50.47
C LEU G 90 74.70 5.28 49.77
N PHE G 91 73.38 5.03 49.67
CA PHE G 91 72.52 5.98 48.93
C PHE G 91 71.23 6.35 49.69
N GLU G 92 70.47 5.40 50.24
CA GLU G 92 69.18 5.75 50.87
C GLU G 92 69.33 5.68 52.39
N GLY G 93 69.06 6.80 53.07
CA GLY G 93 69.15 6.93 54.55
C GLY G 93 69.53 8.34 54.98
N ASP G 94 69.12 8.72 56.20
CA ASP G 94 69.34 10.09 56.72
C ASP G 94 70.75 10.29 57.32
N VAL G 95 71.64 9.32 57.17
CA VAL G 95 73.00 9.41 57.73
C VAL G 95 73.82 10.45 56.95
N LEU G 96 73.38 10.64 55.71
CA LEU G 96 73.92 11.62 54.75
C LEU G 96 73.61 13.01 55.28
N ARG G 97 72.42 13.18 55.85
CA ARG G 97 71.82 14.44 56.36
C ARG G 97 71.30 15.32 55.21
N ASP G 98 70.52 14.72 54.30
CA ASP G 98 69.86 15.47 53.20
C ASP G 98 70.85 16.37 52.47
N ASN G 99 72.03 15.89 52.09
CA ASN G 99 72.96 16.75 51.32
C ASN G 99 73.89 15.92 50.45
N ILE G 100 74.21 14.72 50.90
CA ILE G 100 75.16 13.86 50.15
C ILE G 100 74.35 13.00 49.20
N GLU G 101 74.80 12.90 47.95
CA GLU G 101 74.11 12.05 46.99
C GLU G 101 74.41 10.58 47.34
N LYS G 102 75.67 10.30 47.69
CA LYS G 102 76.11 8.94 48.08
C LYS G 102 77.56 8.95 48.64
N VAL G 103 77.96 7.85 49.28
CA VAL G 103 79.35 7.66 49.74
C VAL G 103 79.84 6.35 49.09
N VAL G 104 80.98 6.42 48.40
CA VAL G 104 81.54 5.33 47.57
C VAL G 104 82.72 4.63 48.27
N TYR G 105 82.44 3.45 48.80
CA TYR G 105 83.44 2.63 49.50
C TYR G 105 84.09 1.62 48.53
N GLU G 106 85.42 1.70 48.34
CA GLU G 106 86.17 0.75 47.48
C GLU G 106 87.13 -0.06 48.36
N VAL G 107 87.01 -1.39 48.35
CA VAL G 107 87.76 -2.22 49.27
C VAL G 107 88.46 -3.41 48.59
N LYS G 108 89.77 -3.52 48.87
CA LYS G 108 90.65 -4.56 48.37
C LYS G 108 91.59 -5.02 49.50
N LEU G 109 91.56 -6.32 49.83
CA LEU G 109 92.42 -6.91 50.88
C LEU G 109 93.26 -8.03 50.27
N GLU G 110 94.31 -8.44 50.99
CA GLU G 110 95.19 -9.52 50.58
C GLU G 110 95.86 -10.17 51.79
N ALA G 111 96.08 -11.48 51.69
CA ALA G 111 96.71 -12.28 52.74
C ALA G 111 98.17 -11.88 52.95
N VAL G 112 98.59 -12.01 54.21
CA VAL G 112 99.98 -11.88 54.59
C VAL G 112 100.15 -12.75 55.83
N GLY G 113 101.28 -13.44 55.92
CA GLY G 113 101.49 -14.29 57.06
C GLY G 113 100.15 -14.82 57.49
N GLY G 114 99.79 -14.67 58.76
CA GLY G 114 98.47 -15.12 59.22
C GLY G 114 97.37 -14.05 59.12
N GLY G 115 97.63 -12.92 58.45
CA GLY G 115 96.62 -11.86 58.44
C GLY G 115 96.29 -11.26 57.09
N SER G 116 96.01 -9.94 57.13
CA SER G 116 95.49 -9.14 56.04
C SER G 116 96.24 -7.84 55.81
N LYS G 117 96.06 -7.32 54.58
CA LYS G 117 96.49 -5.99 54.12
C LYS G 117 95.21 -5.36 53.54
N GLY G 118 95.08 -4.02 53.53
CA GLY G 118 93.78 -3.50 53.13
C GLY G 118 93.77 -2.21 52.35
N LYS G 119 93.09 -2.25 51.20
CA LYS G 119 92.85 -1.07 50.38
C LYS G 119 91.41 -0.65 50.64
N ILE G 120 91.24 0.53 51.25
CA ILE G 120 89.94 1.18 51.49
C ILE G 120 90.10 2.56 50.86
N THR G 121 89.03 3.06 50.26
CA THR G 121 89.03 4.37 49.63
C THR G 121 87.60 4.85 49.67
N VAL G 122 87.34 5.90 50.46
CA VAL G 122 85.98 6.41 50.57
C VAL G 122 85.88 7.71 49.78
N THR G 123 84.74 7.88 49.13
CA THR G 123 84.44 8.98 48.27
C THR G 123 83.03 9.47 48.60
N TYR G 124 82.92 10.76 48.93
CA TYR G 124 81.65 11.36 49.26
C TYR G 124 81.10 12.09 48.02
N HIS G 125 79.86 11.77 47.64
CA HIS G 125 79.21 12.37 46.46
C HIS G 125 77.98 13.18 46.83
N PRO G 126 78.02 14.51 46.64
CA PRO G 126 76.88 15.38 46.93
C PRO G 126 75.79 15.39 45.86
N LYS G 127 74.62 15.90 46.26
CA LYS G 127 73.47 16.13 45.40
C LYS G 127 73.66 17.52 44.78
N PRO G 128 73.02 17.81 43.63
CA PRO G 128 73.21 19.10 42.95
C PRO G 128 73.50 20.34 43.82
N GLY G 129 74.69 20.92 43.57
CA GLY G 129 75.20 22.20 44.11
C GLY G 129 75.18 22.33 45.62
N CYS G 130 75.68 21.30 46.32
CA CYS G 130 75.74 21.33 47.78
C CYS G 130 77.18 21.12 48.26
N THR G 131 77.40 21.46 49.54
CA THR G 131 78.70 21.34 50.16
C THR G 131 78.89 19.92 50.71
N VAL G 132 80.15 19.45 50.65
CA VAL G 132 80.56 18.17 51.22
C VAL G 132 81.26 18.47 52.54
N ASN G 133 80.46 18.38 53.60
CA ASN G 133 80.82 18.59 55.01
C ASN G 133 82.07 17.78 55.39
N GLU G 134 83.09 18.45 55.94
CA GLU G 134 84.27 17.75 56.46
C GLU G 134 83.84 16.92 57.68
N GLU G 135 82.94 17.52 58.45
CA GLU G 135 82.29 16.93 59.60
C GLU G 135 81.94 15.45 59.36
N GLU G 136 81.01 15.21 58.41
CA GLU G 136 80.45 13.85 58.13
C GLU G 136 81.58 12.86 57.84
N VAL G 137 82.61 13.37 57.15
CA VAL G 137 83.75 12.62 56.72
C VAL G 137 84.55 12.21 57.96
N LYS G 138 84.79 13.15 58.87
CA LYS G 138 85.45 12.88 60.13
C LYS G 138 84.73 11.72 60.84
N ILE G 139 83.40 11.69 60.70
CA ILE G 139 82.55 10.74 61.41
C ILE G 139 82.37 9.46 60.58
N GLY G 140 82.26 9.56 59.26
CA GLY G 140 82.15 8.38 58.44
C GLY G 140 83.36 7.46 58.63
N GLU G 141 84.53 8.05 58.87
CA GLU G 141 85.74 7.26 58.99
C GLU G 141 85.95 6.77 60.42
N LYS G 142 85.57 7.58 61.39
CA LYS G 142 85.80 7.32 62.79
C LYS G 142 84.89 6.23 63.35
N LYS G 143 83.64 6.22 62.92
CA LYS G 143 82.66 5.21 63.37
C LYS G 143 83.05 3.85 62.78
N ALA G 144 83.47 3.84 61.52
CA ALA G 144 83.90 2.61 60.82
C ALA G 144 85.20 2.06 61.41
N TYR G 145 86.17 2.91 61.72
CA TYR G 145 87.44 2.40 62.28
C TYR G 145 87.15 1.75 63.63
N GLU G 146 86.39 2.43 64.48
CA GLU G 146 85.90 1.89 65.75
C GLU G 146 85.14 0.59 65.45
N PHE G 147 84.28 0.63 64.44
CA PHE G 147 83.56 -0.55 64.12
C PHE G 147 84.54 -1.69 63.85
N TYR G 148 85.45 -1.44 62.91
CA TYR G 148 86.47 -2.37 62.49
C TYR G 148 87.26 -2.92 63.68
N LYS G 149 87.63 -2.03 64.59
CA LYS G 149 88.52 -2.40 65.69
C LYS G 149 87.83 -3.29 66.69
N GLN G 150 86.50 -3.15 66.84
CA GLN G 150 85.70 -4.00 67.70
C GLN G 150 85.59 -5.40 67.08
N VAL G 151 85.40 -5.44 65.76
CA VAL G 151 85.18 -6.72 65.11
C VAL G 151 86.52 -7.45 64.99
N GLU G 152 87.61 -6.72 64.87
CA GLU G 152 88.84 -7.43 64.91
C GLU G 152 88.93 -8.17 66.24
N GLU G 153 88.90 -7.44 67.36
CA GLU G 153 89.10 -8.10 68.66
C GLU G 153 88.18 -9.31 68.81
N TYR G 154 86.97 -9.23 68.29
CA TYR G 154 86.05 -10.33 68.46
C TYR G 154 86.62 -11.57 67.78
N LEU G 155 87.03 -11.40 66.52
CA LEU G 155 87.44 -12.48 65.67
C LEU G 155 88.80 -13.03 66.10
N ALA G 156 89.64 -12.18 66.67
CA ALA G 156 90.87 -12.67 67.22
C ALA G 156 90.51 -13.62 68.37
N ALA G 157 89.60 -13.14 69.23
CA ALA G 157 89.21 -13.82 70.43
C ALA G 157 88.49 -15.15 70.12
N ASN G 158 87.41 -15.06 69.37
CA ASN G 158 86.62 -16.18 68.87
C ASN G 158 87.18 -16.60 67.51
N PRO G 159 88.17 -17.51 67.41
CA PRO G 159 88.81 -17.83 66.15
C PRO G 159 88.03 -18.67 65.13
N GLU G 160 86.87 -19.21 65.48
CA GLU G 160 86.15 -20.02 64.49
C GLU G 160 84.95 -19.26 63.92
N VAL G 161 84.78 -18.02 64.30
CA VAL G 161 83.51 -17.32 64.00
C VAL G 161 83.20 -17.28 62.52
N PHE G 162 84.17 -16.94 61.69
CA PHE G 162 83.74 -16.83 60.29
C PHE G 162 84.33 -17.88 59.37
N ALA G 163 83.40 -18.40 58.59
CA ALA G 163 83.55 -19.36 57.56
C ALA G 163 82.26 -19.23 56.74
N PRO H 2 95.57 12.25 62.33
CA PRO H 2 94.41 11.81 63.13
C PRO H 2 93.29 11.24 62.25
N PHE H 3 93.06 11.90 61.12
CA PHE H 3 92.08 11.53 60.13
C PHE H 3 92.85 11.30 58.85
N THR H 4 92.19 10.73 57.84
CA THR H 4 92.87 10.53 56.58
C THR H 4 92.62 11.79 55.76
N MET H 5 93.73 12.32 55.26
CA MET H 5 93.83 13.52 54.49
C MET H 5 92.82 13.48 53.32
N ALA H 6 92.37 14.66 52.90
CA ALA H 6 91.49 14.70 51.76
C ALA H 6 92.32 14.73 50.49
N ALA H 7 91.60 14.51 49.39
CA ALA H 7 92.08 14.59 48.04
C ALA H 7 90.80 14.73 47.23
N TYR H 8 90.90 15.39 46.07
CA TYR H 8 89.71 15.71 45.33
C TYR H 8 89.71 14.93 44.00
N THR H 9 88.56 14.26 43.81
CA THR H 9 88.23 13.40 42.69
C THR H 9 87.12 14.02 41.84
N ILE H 10 87.24 13.86 40.51
CA ILE H 10 86.22 14.22 39.56
C ILE H 10 85.94 12.99 38.72
N VAL H 11 84.70 12.53 38.73
CA VAL H 11 84.30 11.43 37.90
C VAL H 11 83.56 12.04 36.70
N LYS H 12 83.87 11.56 35.50
CA LYS H 12 83.15 12.00 34.32
C LYS H 12 82.70 10.75 33.55
N GLU H 13 81.62 10.89 32.80
CA GLU H 13 81.21 9.87 31.88
C GLU H 13 81.01 10.58 30.55
N GLU H 14 81.63 10.01 29.50
CA GLU H 14 81.64 10.68 28.23
C GLU H 14 81.26 9.71 27.11
N GLU H 15 80.81 10.26 25.98
CA GLU H 15 80.46 9.45 24.82
C GLU H 15 80.98 10.13 23.57
N SER H 16 81.68 9.38 22.72
CA SER H 16 82.17 9.88 21.46
C SER H 16 81.62 9.08 20.29
N PRO H 17 81.45 9.72 19.12
CA PRO H 17 81.16 9.00 17.88
C PRO H 17 82.43 8.54 17.13
N ILE H 18 83.60 8.68 17.78
CA ILE H 18 84.90 8.22 17.24
C ILE H 18 85.13 6.81 17.76
N ALA H 19 85.63 5.92 16.91
CA ALA H 19 85.95 4.57 17.35
C ALA H 19 86.84 4.68 18.59
N PRO H 20 86.73 3.79 19.59
CA PRO H 20 87.52 3.93 20.82
C PRO H 20 89.03 3.65 20.83
N HIS H 21 89.52 2.86 19.88
CA HIS H 21 90.92 2.52 19.88
C HIS H 21 91.64 3.76 19.34
N ARG H 22 90.90 4.50 18.52
CA ARG H 22 91.39 5.69 17.99
C ARG H 22 91.73 6.64 19.15
N LEU H 23 90.73 6.95 20.00
CA LEU H 23 90.88 7.95 21.09
C LEU H 23 91.79 7.39 22.18
N PHE H 24 91.98 6.09 22.22
CA PHE H 24 92.88 5.58 23.23
C PHE H 24 94.32 5.84 22.78
N LYS H 25 94.52 5.94 21.48
CA LYS H 25 95.82 6.20 20.95
C LYS H 25 96.14 7.69 21.10
N ALA H 26 95.14 8.54 20.84
CA ALA H 26 95.32 9.99 20.79
C ALA H 26 95.43 10.68 22.17
N LEU H 27 94.51 10.38 23.09
CA LEU H 27 94.49 11.14 24.36
C LEU H 27 95.14 10.35 25.51
N VAL H 28 95.62 9.13 25.26
CA VAL H 28 96.21 8.33 26.26
C VAL H 28 97.60 7.86 25.84
N LEU H 29 97.68 6.88 24.95
CA LEU H 29 98.96 6.30 24.63
C LEU H 29 99.88 7.32 23.96
N GLU H 30 99.30 8.24 23.21
CA GLU H 30 100.08 9.21 22.49
C GLU H 30 99.65 10.64 22.84
N ARG H 31 99.18 10.86 24.08
CA ARG H 31 98.73 12.19 24.53
C ARG H 31 99.88 13.18 24.34
N HIS H 32 101.09 12.75 24.70
CA HIS H 32 102.26 13.62 24.70
C HIS H 32 102.59 14.15 23.30
N GLN H 33 102.32 13.37 22.25
CA GLN H 33 102.57 13.84 20.89
C GLN H 33 101.31 14.54 20.35
N VAL H 34 100.13 14.05 20.72
CA VAL H 34 98.89 14.64 20.24
C VAL H 34 98.74 16.05 20.81
N LEU H 35 99.22 16.23 22.04
CA LEU H 35 99.06 17.55 22.68
C LEU H 35 99.77 18.62 21.85
N VAL H 36 100.96 18.34 21.37
CA VAL H 36 101.69 19.33 20.54
C VAL H 36 100.99 19.53 19.21
N LYS H 37 100.57 18.49 18.51
CA LYS H 37 99.97 18.70 17.16
C LYS H 37 98.71 19.55 17.28
N ALA H 38 97.89 19.30 18.28
CA ALA H 38 96.66 20.05 18.53
C ALA H 38 96.97 21.46 19.00
N GLN H 39 97.97 21.59 19.88
CA GLN H 39 98.27 22.90 20.52
C GLN H 39 99.75 23.24 20.41
N PRO H 40 100.29 23.46 19.20
CA PRO H 40 101.70 23.84 19.02
C PRO H 40 101.92 25.26 19.52
N HIS H 41 100.79 25.88 19.87
CA HIS H 41 100.76 27.22 20.29
C HIS H 41 101.10 27.28 21.79
N VAL H 42 100.81 26.19 22.50
CA VAL H 42 100.94 26.13 23.91
C VAL H 42 102.06 25.17 24.27
N PHE H 43 102.30 24.20 23.38
CA PHE H 43 103.35 23.26 23.63
C PHE H 43 104.44 23.39 22.57
N LYS H 44 105.70 23.14 22.99
CA LYS H 44 106.91 23.16 22.13
C LYS H 44 107.26 21.72 21.72
N SER H 45 107.22 20.85 22.71
CA SER H 45 107.45 19.45 22.51
C SER H 45 106.87 18.70 23.71
N GLY H 46 106.90 17.36 23.58
CA GLY H 46 106.52 16.33 24.54
C GLY H 46 107.16 15.05 24.06
N GLU H 47 107.36 14.06 24.95
CA GLU H 47 108.17 12.86 24.58
C GLU H 47 108.30 11.85 25.74
N ILE H 48 108.80 10.65 25.42
CA ILE H 48 109.09 9.64 26.43
C ILE H 48 110.53 9.88 26.96
N ILE H 49 110.75 9.57 28.25
CA ILE H 49 112.04 9.65 28.90
C ILE H 49 112.37 8.33 29.63
N GLU H 50 111.41 7.40 29.75
CA GLU H 50 111.63 6.12 30.45
C GLU H 50 110.58 5.08 30.03
N GLY H 51 111.05 3.95 29.47
CA GLY H 51 110.19 2.82 29.06
C GLY H 51 109.90 2.79 27.57
N ASP H 52 109.01 1.87 27.17
CA ASP H 52 108.64 1.71 25.77
C ASP H 52 107.12 1.50 25.66
N GLY H 53 106.38 2.32 26.42
CA GLY H 53 104.91 2.42 26.35
C GLY H 53 104.16 1.65 27.43
N GLY H 54 104.76 0.62 28.00
CA GLY H 54 104.08 -0.28 28.95
C GLY H 54 104.04 0.22 30.38
N VAL H 55 103.53 -0.64 31.26
CA VAL H 55 103.45 -0.32 32.67
C VAL H 55 104.79 0.30 33.09
N GLY H 56 104.72 1.39 33.86
CA GLY H 56 105.92 2.07 34.39
C GLY H 56 106.51 3.11 33.45
N THR H 57 105.98 3.20 32.22
CA THR H 57 106.50 4.12 31.26
C THR H 57 106.28 5.54 31.76
N VAL H 58 107.26 6.43 31.54
CA VAL H 58 107.15 7.83 31.95
C VAL H 58 107.34 8.69 30.71
N THR H 59 106.73 9.88 30.71
CA THR H 59 106.80 10.85 29.58
C THR H 59 107.02 12.28 30.10
N LYS H 60 107.52 13.18 29.25
CA LYS H 60 107.80 14.59 29.64
C LYS H 60 107.07 15.56 28.69
N ILE H 61 106.45 16.60 29.25
CA ILE H 61 105.70 17.63 28.46
C ILE H 61 106.34 19.00 28.66
N THR H 62 106.55 19.75 27.56
CA THR H 62 107.17 21.05 27.61
C THR H 62 106.37 22.11 26.85
N PHE H 63 106.07 23.24 27.52
CA PHE H 63 105.37 24.38 26.92
C PHE H 63 106.36 25.44 26.44
N VAL H 64 106.01 26.07 25.32
CA VAL H 64 106.86 27.08 24.72
C VAL H 64 107.48 27.98 25.81
N ASP H 65 108.59 28.62 25.41
CA ASP H 65 109.40 29.47 26.24
C ASP H 65 108.58 30.63 26.83
N GLY H 66 107.50 31.05 26.14
CA GLY H 66 106.68 32.18 26.61
C GLY H 66 105.54 31.80 27.56
N HIS H 67 105.30 30.50 27.76
CA HIS H 67 104.17 30.03 28.58
C HIS H 67 104.52 30.13 30.06
N PRO H 68 103.63 30.70 30.90
CA PRO H 68 103.81 30.69 32.36
C PRO H 68 104.01 29.31 33.03
N LEU H 69 103.74 28.21 32.32
CA LEU H 69 104.12 26.85 32.78
C LEU H 69 105.33 26.44 31.92
N THR H 70 105.98 25.31 32.18
CA THR H 70 107.26 25.04 31.48
C THR H 70 107.43 23.57 31.11
N TYR H 71 107.04 22.66 32.01
CA TYR H 71 107.10 21.23 31.68
C TYR H 71 106.07 20.50 32.54
N MET H 72 105.93 19.20 32.26
CA MET H 72 105.03 18.26 32.98
C MET H 72 105.54 16.82 32.79
N LEU H 73 105.63 16.03 33.89
CA LEU H 73 106.01 14.60 33.83
C LEU H 73 104.78 13.74 34.09
N HIS H 74 104.81 12.53 33.52
CA HIS H 74 103.72 11.55 33.62
C HIS H 74 104.29 10.12 33.55
N LYS H 75 103.82 9.25 34.45
CA LYS H 75 104.17 7.84 34.57
C LYS H 75 102.90 7.04 34.29
N PHE H 76 103.01 5.93 33.54
CA PHE H 76 101.90 5.02 33.27
C PHE H 76 101.85 3.93 34.34
N ASP H 77 100.82 3.98 35.18
CA ASP H 77 100.65 3.06 36.33
C ASP H 77 100.09 1.70 35.87
N GLU H 78 99.01 1.73 35.10
CA GLU H 78 98.40 0.50 34.64
C GLU H 78 97.86 0.69 33.21
N ILE H 79 98.26 -0.19 32.31
CA ILE H 79 97.78 -0.15 30.93
C ILE H 79 97.20 -1.54 30.57
N ASP H 80 95.95 -1.55 30.10
CA ASP H 80 95.25 -2.73 29.58
C ASP H 80 94.55 -2.27 28.30
N ALA H 81 95.37 -1.71 27.41
CA ALA H 81 94.97 -1.12 26.14
C ALA H 81 93.78 -1.86 25.51
N ALA H 82 93.84 -3.20 25.60
CA ALA H 82 92.91 -4.16 24.97
C ALA H 82 91.45 -3.89 25.30
N ASN H 83 91.19 -3.43 26.54
CA ASN H 83 89.85 -3.10 27.06
C ASN H 83 89.72 -1.58 27.25
N PHE H 84 90.79 -0.85 26.91
CA PHE H 84 90.90 0.62 26.88
C PHE H 84 90.92 1.23 28.29
N TYR H 85 91.62 0.57 29.20
CA TYR H 85 91.75 1.03 30.57
C TYR H 85 93.19 1.46 30.82
N CYS H 86 93.37 2.65 31.38
CA CYS H 86 94.66 3.08 31.81
C CYS H 86 94.52 3.94 33.06
N LYS H 87 95.61 3.93 33.85
CA LYS H 87 95.81 4.70 35.06
C LYS H 87 97.20 5.30 34.97
N TYR H 88 97.30 6.64 34.94
CA TYR H 88 98.59 7.36 34.85
C TYR H 88 98.64 8.50 35.88
N THR H 89 99.84 9.02 36.13
CA THR H 89 100.01 10.00 37.18
C THR H 89 100.82 11.22 36.74
N LEU H 90 100.23 12.42 36.88
CA LEU H 90 100.97 13.70 36.71
C LEU H 90 101.68 13.98 38.05
N PHE H 91 102.97 13.63 38.13
CA PHE H 91 103.70 13.67 39.39
C PHE H 91 104.80 14.72 39.46
N GLU H 92 105.21 15.22 38.29
CA GLU H 92 106.22 16.30 38.33
C GLU H 92 106.04 17.29 37.18
N GLY H 93 106.24 18.56 37.52
CA GLY H 93 106.22 19.70 36.60
C GLY H 93 105.77 20.93 37.33
N ASP H 94 105.87 22.09 36.69
CA ASP H 94 105.48 23.36 37.36
C ASP H 94 103.95 23.54 37.43
N VAL H 95 103.18 22.67 36.79
CA VAL H 95 101.69 22.67 36.83
C VAL H 95 101.25 22.38 38.26
N LEU H 96 102.10 21.78 39.09
CA LEU H 96 101.65 21.49 40.44
C LEU H 96 101.87 22.70 41.36
N ARG H 97 100.84 23.56 41.41
CA ARG H 97 100.78 24.66 42.36
C ARG H 97 101.18 24.01 43.69
N ASP H 98 101.77 24.78 44.61
CA ASP H 98 102.40 24.23 45.85
C ASP H 98 101.51 23.30 46.69
N ASN H 99 100.19 23.44 46.63
CA ASN H 99 99.29 22.58 47.39
C ASN H 99 99.18 21.18 46.75
N ILE H 100 99.05 21.10 45.42
CA ILE H 100 98.90 19.83 44.69
C ILE H 100 100.19 19.02 44.84
N GLU H 101 100.07 17.73 45.16
CA GLU H 101 101.21 16.80 45.22
C GLU H 101 101.34 16.02 43.91
N LYS H 102 100.20 15.56 43.41
CA LYS H 102 100.12 14.71 42.23
C LYS H 102 98.68 14.60 41.73
N VAL H 103 98.54 14.21 40.46
CA VAL H 103 97.23 13.96 39.87
C VAL H 103 97.23 12.59 39.17
N VAL H 104 96.23 11.79 39.57
CA VAL H 104 95.97 10.43 39.16
C VAL H 104 94.77 10.46 38.22
N TYR H 105 94.89 9.76 37.09
CA TYR H 105 93.83 9.70 36.05
C TYR H 105 93.53 8.25 35.69
N GLU H 106 92.28 7.85 35.87
CA GLU H 106 91.80 6.55 35.46
C GLU H 106 90.85 6.80 34.30
N VAL H 107 91.03 6.03 33.23
CA VAL H 107 90.16 6.12 32.09
C VAL H 107 89.85 4.71 31.58
N LYS H 108 88.54 4.48 31.34
CA LYS H 108 87.98 3.31 30.71
C LYS H 108 87.09 3.75 29.56
N LEU H 109 87.26 3.08 28.41
CA LEU H 109 86.46 3.37 27.22
C LEU H 109 85.75 2.09 26.76
N GLU H 110 84.68 2.27 25.97
CA GLU H 110 83.85 1.14 25.52
C GLU H 110 83.25 1.43 24.13
N ALA H 111 83.01 0.37 23.35
CA ALA H 111 82.47 0.48 21.97
C ALA H 111 80.96 0.72 22.05
N VAL H 112 80.45 1.55 21.14
CA VAL H 112 79.03 1.85 21.06
C VAL H 112 78.72 2.14 19.59
N GLY H 113 78.53 1.08 18.81
CA GLY H 113 78.34 1.25 17.39
C GLY H 113 79.72 1.40 16.79
N GLY H 114 79.87 2.33 15.85
CA GLY H 114 81.19 2.65 15.30
C GLY H 114 81.89 3.78 16.05
N GLY H 115 81.49 4.00 17.31
CA GLY H 115 82.01 5.07 18.21
C GLY H 115 82.39 4.51 19.57
N SER H 116 82.23 5.32 20.64
CA SER H 116 82.54 4.86 22.02
C SER H 116 81.92 5.73 23.13
N LYS H 117 82.03 5.17 24.32
CA LYS H 117 81.63 5.67 25.64
C LYS H 117 82.83 5.54 26.60
N GLY H 118 83.14 6.62 27.32
CA GLY H 118 84.23 6.64 28.31
C GLY H 118 83.80 7.11 29.70
N LYS H 119 84.45 6.54 30.71
CA LYS H 119 84.32 6.95 32.10
C LYS H 119 85.72 7.38 32.55
N ILE H 120 85.88 8.66 32.89
CA ILE H 120 87.17 9.22 33.31
C ILE H 120 87.04 9.70 34.75
N THR H 121 87.98 9.27 35.59
CA THR H 121 88.06 9.69 36.97
C THR H 121 89.44 10.31 37.16
N VAL H 122 89.49 11.51 37.73
CA VAL H 122 90.73 12.23 37.98
C VAL H 122 90.76 12.62 39.48
N THR H 123 91.86 12.31 40.14
CA THR H 123 92.01 12.47 41.59
C THR H 123 93.25 13.31 41.89
N TYR H 124 93.05 14.51 42.46
CA TYR H 124 94.12 15.45 42.88
C TYR H 124 94.53 15.10 44.32
N HIS H 125 95.83 15.08 44.57
CA HIS H 125 96.32 14.68 45.89
C HIS H 125 97.06 15.84 46.55
N PRO H 126 96.52 16.37 47.67
CA PRO H 126 97.15 17.47 48.41
C PRO H 126 98.46 17.05 49.06
N LYS H 127 99.35 18.04 49.21
CA LYS H 127 100.69 17.88 49.78
C LYS H 127 100.63 18.31 51.25
N PRO H 128 101.44 17.70 52.14
CA PRO H 128 101.41 18.00 53.58
C PRO H 128 101.23 19.47 53.96
N GLY H 129 100.13 19.75 54.68
CA GLY H 129 99.84 21.07 55.22
C GLY H 129 98.96 21.91 54.32
N CYS H 130 99.47 22.21 53.12
CA CYS H 130 98.78 23.02 52.10
C CYS H 130 97.52 22.31 51.63
N THR H 131 96.60 23.07 51.03
CA THR H 131 95.28 22.55 50.59
C THR H 131 95.07 22.80 49.10
N VAL H 132 94.32 21.89 48.47
CA VAL H 132 93.95 22.00 47.07
C VAL H 132 92.67 22.83 47.00
N ASN H 133 92.42 23.42 45.82
CA ASN H 133 91.24 24.21 45.59
C ASN H 133 90.89 24.18 44.11
N GLU H 134 89.60 24.47 43.83
CA GLU H 134 88.98 24.49 42.49
C GLU H 134 89.92 25.07 41.43
N GLU H 135 90.71 26.08 41.80
CA GLU H 135 91.60 26.79 40.90
C GLU H 135 92.29 25.78 39.95
N GLU H 136 93.15 24.94 40.53
CA GLU H 136 93.94 23.97 39.79
C GLU H 136 93.01 22.99 39.03
N VAL H 137 91.84 22.71 39.63
CA VAL H 137 90.92 21.68 39.16
C VAL H 137 90.11 22.12 37.94
N LYS H 138 89.17 23.06 38.06
CA LYS H 138 88.39 23.46 36.89
C LYS H 138 89.34 23.71 35.71
N ILE H 139 90.42 24.45 35.95
CA ILE H 139 91.38 24.77 34.91
C ILE H 139 91.89 23.46 34.32
N GLY H 140 92.14 22.54 35.23
CA GLY H 140 92.59 21.21 34.83
C GLY H 140 91.47 20.52 34.10
N GLU H 141 90.24 20.71 34.55
CA GLU H 141 89.14 20.00 33.87
C GLU H 141 88.99 20.58 32.47
N LYS H 142 88.92 21.89 32.37
CA LYS H 142 88.68 22.49 31.03
C LYS H 142 89.83 22.23 30.06
N LYS H 143 91.07 22.13 30.52
CA LYS H 143 92.20 21.93 29.59
C LYS H 143 92.10 20.59 28.88
N ALA H 144 91.83 19.55 29.64
CA ALA H 144 91.78 18.21 29.13
C ALA H 144 90.62 18.04 28.15
N TYR H 145 89.49 18.68 28.43
CA TYR H 145 88.26 18.54 27.66
C TYR H 145 88.34 19.18 26.29
N GLU H 146 88.86 20.42 26.27
CA GLU H 146 89.06 21.22 25.03
C GLU H 146 90.07 20.49 24.15
N PHE H 147 91.18 20.01 24.74
CA PHE H 147 92.08 19.21 23.98
C PHE H 147 91.30 18.11 23.25
N TYR H 148 90.63 17.24 24.01
CA TYR H 148 89.88 16.11 23.44
C TYR H 148 88.92 16.58 22.34
N LYS H 149 88.15 17.64 22.54
CA LYS H 149 87.25 18.00 21.46
C LYS H 149 88.06 18.22 20.19
N GLN H 150 89.28 18.75 20.38
CA GLN H 150 90.21 19.08 19.29
C GLN H 150 90.67 17.80 18.63
N VAL H 151 90.86 16.77 19.44
CA VAL H 151 91.25 15.48 18.98
C VAL H 151 90.11 14.95 18.13
N GLU H 152 88.92 14.92 18.72
CA GLU H 152 87.74 14.39 18.12
C GLU H 152 87.48 14.99 16.73
N GLU H 153 87.64 16.29 16.55
CA GLU H 153 87.36 16.96 15.27
C GLU H 153 88.41 16.63 14.18
N TYR H 154 89.61 16.18 14.54
CA TYR H 154 90.59 15.88 13.52
C TYR H 154 90.49 14.40 13.19
N LEU H 155 90.23 13.57 14.20
CA LEU H 155 90.11 12.16 13.97
C LEU H 155 88.93 11.86 13.04
N ALA H 156 87.89 12.69 13.09
CA ALA H 156 86.71 12.52 12.26
C ALA H 156 87.01 13.06 10.85
N ALA H 157 87.72 14.17 10.81
CA ALA H 157 88.02 14.79 9.58
C ALA H 157 89.05 13.96 8.80
N ASN H 158 89.60 12.91 9.43
CA ASN H 158 90.60 12.05 8.79
C ASN H 158 90.39 10.60 9.20
N PRO H 159 89.48 9.91 8.50
CA PRO H 159 89.12 8.53 8.82
C PRO H 159 90.21 7.45 8.98
N GLU H 160 91.33 7.57 8.24
CA GLU H 160 92.38 6.52 8.20
C GLU H 160 93.50 6.77 9.24
N VAL H 161 93.46 7.92 9.90
CA VAL H 161 94.44 8.27 10.93
C VAL H 161 94.13 7.40 12.15
N PHE H 162 95.11 6.55 12.53
CA PHE H 162 94.97 5.60 13.64
C PHE H 162 93.76 4.68 13.41
N ALA H 163 93.36 4.43 12.16
CA ALA H 163 92.18 3.57 11.88
C ALA H 163 92.60 2.34 11.07
N THR I 4 37.30 23.08 22.70
CA THR I 4 38.41 22.26 23.27
C THR I 4 38.41 22.32 24.81
N MET I 5 38.34 21.14 25.44
CA MET I 5 38.33 21.00 26.90
C MET I 5 39.53 20.16 27.36
N ALA I 6 40.14 20.62 28.46
CA ALA I 6 41.30 20.00 29.08
C ALA I 6 40.88 19.07 30.21
N ALA I 7 41.68 18.02 30.42
CA ALA I 7 41.46 17.02 31.44
C ALA I 7 42.66 17.03 32.39
N TYR I 8 42.51 16.35 33.54
CA TYR I 8 43.57 16.26 34.51
C TYR I 8 44.14 14.85 34.43
N THR I 9 45.44 14.73 34.12
CA THR I 9 46.07 13.43 33.93
C THR I 9 47.23 13.19 34.90
N ILE I 10 47.03 12.23 35.83
CA ILE I 10 48.09 11.78 36.75
C ILE I 10 48.50 10.40 36.23
N VAL I 11 49.81 10.23 35.98
CA VAL I 11 50.38 8.99 35.43
C VAL I 11 51.40 8.45 36.43
N LYS I 12 51.32 7.13 36.74
CA LYS I 12 52.14 6.52 37.77
C LYS I 12 52.90 5.27 37.28
N GLU I 13 53.83 4.84 38.13
CA GLU I 13 54.68 3.69 37.96
C GLU I 13 54.87 3.06 39.34
N GLU I 14 54.15 1.98 39.66
CA GLU I 14 54.24 1.38 41.00
C GLU I 14 54.65 -0.08 40.86
N GLU I 15 55.32 -0.57 41.90
CA GLU I 15 55.86 -1.89 41.98
C GLU I 15 55.28 -2.58 43.22
N SER I 16 54.97 -3.88 43.05
CA SER I 16 54.29 -4.69 44.04
C SER I 16 54.90 -6.08 44.13
N PRO I 17 54.95 -6.66 45.34
CA PRO I 17 55.30 -8.07 45.54
C PRO I 17 54.23 -9.07 45.05
N ILE I 18 52.96 -8.66 45.06
CA ILE I 18 51.89 -9.52 44.61
C ILE I 18 52.04 -9.75 43.11
N ALA I 19 51.67 -10.96 42.66
CA ALA I 19 51.72 -11.36 41.23
C ALA I 19 50.61 -10.68 40.44
N PRO I 20 50.89 -10.29 39.17
CA PRO I 20 49.97 -9.51 38.34
C PRO I 20 48.58 -10.03 37.97
N HIS I 21 48.26 -11.27 38.33
CA HIS I 21 46.96 -11.85 38.04
C HIS I 21 46.09 -11.77 39.29
N ARG I 22 46.76 -11.70 40.45
CA ARG I 22 46.08 -11.56 41.75
C ARG I 22 45.70 -10.08 41.96
N LEU I 23 46.46 -9.17 41.33
CA LEU I 23 46.17 -7.75 41.42
C LEU I 23 45.14 -7.42 40.36
N PHE I 24 45.38 -7.90 39.14
CA PHE I 24 44.47 -7.56 38.11
C PHE I 24 43.07 -7.97 38.57
N LYS I 25 43.01 -9.17 39.14
CA LYS I 25 41.77 -9.72 39.62
C LYS I 25 41.19 -8.80 40.70
N ALA I 26 41.93 -8.59 41.76
CA ALA I 26 41.46 -7.86 42.95
C ALA I 26 41.13 -6.39 42.69
N LEU I 27 41.90 -5.72 41.83
CA LEU I 27 41.74 -4.29 41.70
C LEU I 27 41.15 -3.92 40.34
N VAL I 28 40.69 -4.90 39.55
CA VAL I 28 40.11 -4.58 38.25
C VAL I 28 38.84 -5.39 38.01
N LEU I 29 38.95 -6.73 37.89
CA LEU I 29 37.83 -7.55 37.49
C LEU I 29 36.86 -7.77 38.65
N GLU I 30 37.36 -7.73 39.89
CA GLU I 30 36.48 -7.93 41.04
C GLU I 30 36.62 -6.75 41.99
N ARG I 31 37.12 -5.65 41.46
CA ARG I 31 37.37 -4.50 42.24
C ARG I 31 36.12 -4.28 43.10
N HIS I 32 35.08 -3.81 42.41
CA HIS I 32 33.78 -3.43 42.94
C HIS I 32 33.37 -4.27 44.15
N GLN I 33 33.59 -5.59 44.10
CA GLN I 33 33.24 -6.50 45.19
C GLN I 33 34.38 -6.52 46.21
N VAL I 34 35.61 -6.21 45.78
CA VAL I 34 36.74 -6.24 46.75
C VAL I 34 36.75 -4.95 47.56
N LEU I 35 36.09 -3.91 47.06
CA LEU I 35 35.99 -2.67 47.83
C LEU I 35 35.12 -2.84 49.08
N VAL I 36 34.13 -3.72 49.00
CA VAL I 36 33.19 -3.87 50.12
C VAL I 36 33.84 -4.71 51.24
N LYS I 37 34.66 -5.69 50.84
CA LYS I 37 35.39 -6.59 51.74
C LYS I 37 36.42 -5.79 52.54
N ALA I 38 37.15 -4.93 51.82
CA ALA I 38 38.26 -4.11 52.36
C ALA I 38 37.77 -2.87 53.09
N GLN I 39 36.75 -2.25 52.52
CA GLN I 39 36.13 -1.10 53.10
C GLN I 39 34.67 -1.48 53.37
N PRO I 40 34.44 -2.25 54.46
CA PRO I 40 33.10 -2.52 54.94
C PRO I 40 32.51 -1.31 55.67
N HIS I 41 33.37 -0.40 56.13
CA HIS I 41 32.93 0.79 56.87
C HIS I 41 32.69 1.95 55.91
N VAL I 42 32.52 1.65 54.62
CA VAL I 42 32.38 2.65 53.57
C VAL I 42 31.38 2.18 52.52
N PHE I 43 31.53 0.94 52.10
CA PHE I 43 30.77 0.35 51.05
C PHE I 43 29.91 -0.78 51.58
N LYS I 44 28.70 -0.87 51.01
CA LYS I 44 27.73 -1.91 51.27
C LYS I 44 27.77 -2.94 50.14
N SER I 45 27.96 -2.52 48.90
CA SER I 45 27.83 -3.54 47.89
C SER I 45 28.52 -3.13 46.60
N GLY I 46 28.72 -4.15 45.74
CA GLY I 46 29.28 -3.99 44.42
C GLY I 46 28.57 -4.93 43.48
N GLU I 47 28.21 -4.46 42.29
CA GLU I 47 27.43 -5.35 41.45
C GLU I 47 27.59 -4.96 40.01
N ILE I 48 27.39 -5.96 39.15
CA ILE I 48 27.19 -5.80 37.74
C ILE I 48 25.67 -5.63 37.58
N ILE I 49 25.20 -4.42 37.26
CA ILE I 49 23.77 -4.20 37.07
C ILE I 49 23.34 -4.71 35.70
N GLU I 50 24.32 -4.82 34.79
CA GLU I 50 24.06 -5.25 33.46
C GLU I 50 25.43 -5.36 32.76
N GLY I 51 25.83 -6.61 32.49
CA GLY I 51 27.08 -6.94 31.82
C GLY I 51 27.34 -8.43 31.86
N ASP I 52 28.20 -8.91 30.96
CA ASP I 52 28.55 -10.33 30.89
C ASP I 52 29.96 -10.50 31.46
N GLY I 53 30.30 -9.66 32.45
CA GLY I 53 31.58 -9.66 33.14
C GLY I 53 32.75 -9.46 32.19
N GLY I 54 32.46 -9.44 30.87
CA GLY I 54 33.48 -9.31 29.87
C GLY I 54 33.76 -7.85 29.58
N VAL I 55 33.62 -7.48 28.30
CA VAL I 55 33.80 -6.13 27.83
C VAL I 55 32.39 -5.56 27.68
N GLY I 56 32.20 -4.29 28.03
CA GLY I 56 30.91 -3.61 27.94
C GLY I 56 30.15 -3.66 29.25
N THR I 57 30.59 -4.53 30.17
CA THR I 57 30.02 -4.71 31.49
C THR I 57 29.90 -3.38 32.25
N VAL I 58 28.82 -3.24 33.02
CA VAL I 58 28.62 -2.10 33.90
C VAL I 58 28.52 -2.62 35.33
N THR I 59 29.43 -2.20 36.21
CA THR I 59 29.30 -2.57 37.65
C THR I 59 28.71 -1.37 38.38
N LYS I 60 28.14 -1.59 39.56
CA LYS I 60 27.73 -0.50 40.42
C LYS I 60 28.25 -0.84 41.81
N ILE I 61 28.95 0.10 42.43
CA ILE I 61 29.44 -0.03 43.79
C ILE I 61 28.58 0.89 44.63
N THR I 62 28.07 0.41 45.76
CA THR I 62 27.24 1.27 46.56
C THR I 62 27.85 1.44 47.94
N PHE I 63 27.76 2.68 48.45
CA PHE I 63 28.29 3.11 49.77
C PHE I 63 27.33 2.67 50.87
N VAL I 64 27.72 2.89 52.13
CA VAL I 64 26.83 2.57 53.23
C VAL I 64 25.84 3.72 53.37
N ASP I 65 24.73 3.44 54.08
CA ASP I 65 23.64 4.40 54.37
C ASP I 65 24.25 5.77 54.72
N GLY I 66 24.79 5.89 55.94
CA GLY I 66 25.23 7.16 56.46
C GLY I 66 26.15 7.92 55.55
N HIS I 67 27.04 7.19 54.83
CA HIS I 67 28.13 7.79 54.03
C HIS I 67 27.67 9.00 53.25
N PRO I 68 28.48 10.07 53.19
CA PRO I 68 28.19 11.20 52.31
C PRO I 68 27.66 10.69 50.96
N LEU I 69 28.54 9.99 50.24
CA LEU I 69 28.27 9.52 48.90
C LEU I 69 27.22 8.43 48.83
N THR I 70 26.88 8.10 47.60
CA THR I 70 25.80 7.22 47.41
C THR I 70 26.19 6.08 46.47
N TYR I 71 26.69 6.41 45.29
CA TYR I 71 26.82 5.32 44.41
C TYR I 71 27.78 5.68 43.29
N MET I 72 28.49 4.66 42.80
CA MET I 72 29.40 4.79 41.71
C MET I 72 29.09 3.69 40.69
N LEU I 73 29.14 4.09 39.42
CA LEU I 73 28.98 3.24 38.27
C LEU I 73 30.25 3.29 37.43
N HIS I 74 30.66 2.14 36.92
CA HIS I 74 31.83 2.09 36.06
C HIS I 74 31.50 1.11 34.94
N LYS I 75 32.07 1.24 33.75
CA LYS I 75 31.86 0.19 32.80
C LYS I 75 33.13 0.01 31.99
N PHE I 76 33.41 -1.24 31.64
CA PHE I 76 34.61 -1.53 30.92
C PHE I 76 34.50 -1.02 29.49
N ASP I 77 35.66 -0.63 28.95
CA ASP I 77 35.79 -0.17 27.59
C ASP I 77 36.53 -1.29 26.83
N GLU I 78 37.78 -1.52 27.20
CA GLU I 78 38.60 -2.58 26.61
C GLU I 78 39.19 -3.46 27.72
N ILE I 79 39.41 -4.73 27.40
CA ILE I 79 40.00 -5.68 28.39
C ILE I 79 40.96 -6.61 27.67
N ASP I 80 42.03 -7.03 28.36
CA ASP I 80 43.01 -8.04 27.92
C ASP I 80 43.56 -8.59 29.23
N ALA I 81 42.76 -9.35 29.95
CA ALA I 81 43.15 -9.85 31.27
C ALA I 81 44.40 -10.71 31.12
N ALA I 82 44.55 -11.24 29.92
CA ALA I 82 45.66 -12.11 29.64
C ALA I 82 46.95 -11.35 29.88
N ASN I 83 46.96 -10.10 29.43
CA ASN I 83 48.10 -9.23 29.53
C ASN I 83 47.89 -8.21 30.65
N PHE I 84 46.77 -8.34 31.38
CA PHE I 84 46.40 -7.46 32.48
C PHE I 84 46.30 -6.01 32.00
N TYR I 85 45.55 -5.80 30.92
CA TYR I 85 45.27 -4.47 30.42
C TYR I 85 43.75 -4.23 30.45
N CYS I 86 43.37 -3.09 31.05
CA CYS I 86 41.99 -2.69 31.13
C CYS I 86 41.95 -1.15 31.23
N LYS I 87 40.90 -0.59 30.63
CA LYS I 87 40.54 0.83 30.70
C LYS I 87 39.06 0.79 31.10
N TYR I 88 38.71 1.45 32.21
CA TYR I 88 37.34 1.37 32.73
C TYR I 88 36.78 2.75 33.09
N THR I 89 35.50 2.91 32.73
CA THR I 89 34.81 4.17 32.78
C THR I 89 33.96 4.35 34.04
N LEU I 90 34.26 5.40 34.79
CA LEU I 90 33.45 5.93 35.88
C LEU I 90 32.68 7.09 35.26
N PHE I 91 31.48 6.83 34.74
CA PHE I 91 30.74 7.83 33.92
C PHE I 91 29.81 8.73 34.75
N GLU I 92 29.28 8.21 35.87
CA GLU I 92 28.39 8.98 36.74
C GLU I 92 28.51 8.45 38.18
N GLY I 93 27.66 8.95 39.10
CA GLY I 93 27.67 8.59 40.53
C GLY I 93 27.75 9.86 41.34
N ASP I 94 27.34 9.82 42.59
CA ASP I 94 27.24 11.03 43.45
C ASP I 94 28.61 11.73 43.57
N VAL I 95 29.69 10.96 43.62
CA VAL I 95 31.09 11.41 43.87
C VAL I 95 31.64 12.41 42.87
N LEU I 96 31.06 12.55 41.68
CA LEU I 96 31.57 13.47 40.64
C LEU I 96 31.58 14.97 41.04
N ARG I 97 30.71 15.43 41.94
CA ARG I 97 30.76 16.84 42.39
C ARG I 97 30.28 17.88 41.37
N ASP I 98 29.47 17.50 40.37
CA ASP I 98 28.86 18.48 39.42
C ASP I 98 29.84 19.11 38.42
N ASN I 99 31.14 18.79 38.47
CA ASN I 99 32.13 19.38 37.55
C ASN I 99 32.97 18.31 36.85
N ILE I 100 32.60 17.03 37.03
CA ILE I 100 33.28 15.91 36.40
C ILE I 100 32.26 15.14 35.56
N GLU I 101 32.68 14.74 34.37
CA GLU I 101 31.86 14.00 33.44
C GLU I 101 32.19 12.52 33.57
N LYS I 102 33.50 12.24 33.73
CA LYS I 102 34.00 10.90 33.86
C LYS I 102 35.49 10.94 34.23
N VAL I 103 36.02 9.77 34.60
CA VAL I 103 37.41 9.63 34.99
C VAL I 103 37.93 8.34 34.36
N VAL I 104 39.03 8.46 33.61
CA VAL I 104 39.56 7.36 32.81
C VAL I 104 40.86 6.77 33.39
N TYR I 105 40.69 5.55 33.90
CA TYR I 105 41.72 4.71 34.46
C TYR I 105 42.27 3.80 33.34
N GLU I 106 43.59 3.69 33.24
CA GLU I 106 44.25 2.88 32.24
C GLU I 106 45.31 2.02 32.93
N VAL I 107 44.91 0.75 33.16
CA VAL I 107 45.67 -0.22 33.91
C VAL I 107 46.35 -1.22 32.98
N LYS I 108 47.63 -1.46 33.25
CA LYS I 108 48.43 -2.40 32.54
C LYS I 108 49.58 -2.87 33.42
N LEU I 109 49.50 -4.12 33.89
CA LEU I 109 50.52 -4.75 34.74
C LEU I 109 51.51 -5.60 33.92
N GLU I 110 52.67 -5.86 34.54
CA GLU I 110 53.69 -6.77 34.04
C GLU I 110 54.17 -7.61 35.22
N ALA I 111 54.70 -8.82 34.94
CA ALA I 111 55.24 -9.66 35.98
C ALA I 111 56.69 -9.27 36.21
N VAL I 112 57.10 -9.21 37.49
CA VAL I 112 58.48 -8.95 37.84
C VAL I 112 58.85 -9.95 38.93
N GLY I 113 59.39 -11.09 38.48
CA GLY I 113 59.66 -12.18 39.39
C GLY I 113 58.38 -12.56 40.12
N GLY I 114 58.50 -12.83 41.42
CA GLY I 114 57.34 -13.19 42.26
C GLY I 114 56.41 -12.02 42.54
N GLY I 115 56.72 -10.84 41.97
CA GLY I 115 55.94 -9.63 42.16
C GLY I 115 55.53 -8.99 40.84
N SER I 116 55.07 -7.75 40.93
CA SER I 116 54.63 -7.06 39.76
C SER I 116 55.04 -5.60 39.76
N LYS I 117 54.81 -5.00 38.59
CA LYS I 117 54.99 -3.62 38.30
C LYS I 117 53.69 -3.17 37.63
N GLY I 118 53.39 -1.87 37.68
CA GLY I 118 52.18 -1.35 37.06
C GLY I 118 52.31 0.10 36.65
N LYS I 119 51.66 0.43 35.54
CA LYS I 119 51.55 1.81 35.11
C LYS I 119 50.05 2.15 35.14
N ILE I 120 49.69 3.21 35.87
CA ILE I 120 48.30 3.61 35.97
C ILE I 120 48.21 5.06 35.49
N THR I 121 47.17 5.31 34.70
CA THR I 121 46.84 6.57 34.19
C THR I 121 45.45 6.97 34.68
N VAL I 122 45.35 8.12 35.35
CA VAL I 122 44.03 8.60 35.68
C VAL I 122 43.86 9.98 35.06
N THR I 123 42.72 10.14 34.37
CA THR I 123 42.32 11.37 33.67
C THR I 123 40.90 11.75 34.08
N TYR I 124 40.76 12.96 34.61
CA TYR I 124 39.49 13.53 35.06
C TYR I 124 38.90 14.37 33.93
N HIS I 125 37.88 13.84 33.25
CA HIS I 125 37.27 14.63 32.23
C HIS I 125 36.15 15.44 32.87
N PRO I 126 36.17 16.78 32.77
CA PRO I 126 35.10 17.62 33.31
C PRO I 126 34.05 17.95 32.25
N LYS I 127 32.93 18.50 32.71
CA LYS I 127 31.83 18.87 31.86
C LYS I 127 32.07 20.29 31.37
N PRO I 128 31.59 20.66 30.16
CA PRO I 128 31.65 22.05 29.73
C PRO I 128 30.79 22.82 30.75
N GLY I 129 31.26 24.02 31.13
CA GLY I 129 30.59 24.84 32.14
C GLY I 129 31.15 24.54 33.54
N CYS I 130 32.22 23.75 33.58
CA CYS I 130 32.92 23.36 34.81
C CYS I 130 34.40 23.07 34.49
N THR I 131 35.27 23.27 35.50
CA THR I 131 36.73 23.16 35.37
C THR I 131 37.28 22.21 36.46
N VAL I 132 38.57 21.87 36.38
CA VAL I 132 39.19 20.85 37.26
C VAL I 132 40.30 21.44 38.17
N ASN I 133 40.24 21.07 39.46
CA ASN I 133 41.14 21.55 40.51
C ASN I 133 42.09 20.47 41.03
N GLU I 134 43.20 20.93 41.58
CA GLU I 134 44.32 20.14 42.11
C GLU I 134 43.87 19.15 43.20
N GLU I 135 43.07 19.62 44.16
CA GLU I 135 42.69 18.89 45.40
C GLU I 135 41.82 17.64 45.17
N GLU I 136 40.88 17.70 44.23
CA GLU I 136 39.92 16.58 44.05
C GLU I 136 40.61 15.37 43.40
N VAL I 137 41.52 15.66 42.49
CA VAL I 137 42.24 14.65 41.82
C VAL I 137 43.09 13.89 42.84
N LYS I 138 43.75 14.63 43.74
CA LYS I 138 44.66 14.05 44.71
C LYS I 138 43.89 13.13 45.67
N ILE I 139 42.61 13.44 45.94
CA ILE I 139 41.80 12.62 46.80
C ILE I 139 41.61 11.28 46.14
N GLY I 140 41.03 11.30 44.94
CA GLY I 140 40.85 10.10 44.16
C GLY I 140 42.10 9.26 44.25
N GLU I 141 43.21 9.83 43.79
CA GLU I 141 44.49 9.17 43.86
C GLU I 141 44.65 8.48 45.23
N LYS I 142 44.60 9.30 46.29
CA LYS I 142 44.80 8.91 47.68
C LYS I 142 43.88 7.79 48.16
N LYS I 143 42.62 7.80 47.74
CA LYS I 143 41.66 6.75 48.14
C LYS I 143 41.97 5.44 47.44
N ALA I 144 42.26 5.51 46.15
CA ALA I 144 42.63 4.33 45.34
C ALA I 144 44.01 3.80 45.75
N TYR I 145 44.94 4.67 46.07
CA TYR I 145 46.26 4.15 46.49
C TYR I 145 46.14 3.49 47.84
N GLU I 146 45.48 4.12 48.80
CA GLU I 146 45.27 3.53 50.17
C GLU I 146 44.56 2.16 50.05
N PHE I 147 43.59 2.07 49.13
CA PHE I 147 42.84 0.85 48.82
C PHE I 147 43.79 -0.30 48.48
N TYR I 148 44.51 -0.14 47.38
CA TYR I 148 45.54 -1.10 46.91
C TYR I 148 46.46 -1.54 48.05
N LYS I 149 46.92 -0.61 48.87
CA LYS I 149 47.84 -1.02 49.94
C LYS I 149 47.07 -1.96 50.88
N GLN I 150 45.85 -1.58 51.24
CA GLN I 150 45.08 -2.41 52.12
C GLN I 150 44.93 -3.79 51.50
N VAL I 151 44.86 -3.87 50.18
CA VAL I 151 44.62 -5.11 49.46
C VAL I 151 45.88 -5.97 49.31
N GLU I 152 47.00 -5.33 48.97
CA GLU I 152 48.31 -5.94 48.94
C GLU I 152 48.47 -6.71 50.24
N GLU I 153 48.24 -6.03 51.38
CA GLU I 153 48.36 -6.63 52.72
C GLU I 153 47.54 -7.91 52.81
N TYR I 154 46.34 -7.91 52.23
CA TYR I 154 45.49 -9.08 52.25
C TYR I 154 46.09 -10.17 51.34
N LEU I 155 46.40 -9.82 50.09
CA LEU I 155 46.89 -10.81 49.15
C LEU I 155 48.25 -11.40 49.55
N ALA I 156 48.87 -10.86 50.62
CA ALA I 156 50.17 -11.34 51.09
C ALA I 156 49.95 -12.31 52.25
N ALA I 157 49.05 -11.96 53.15
CA ALA I 157 48.72 -12.83 54.25
C ALA I 157 47.95 -14.04 53.70
N ASN I 158 47.27 -13.89 52.56
CA ASN I 158 46.38 -14.93 52.07
C ASN I 158 46.63 -15.26 50.63
N PRO I 159 47.71 -16.03 50.32
CA PRO I 159 48.07 -16.39 48.94
C PRO I 159 47.13 -17.30 48.15
N GLU I 160 46.05 -17.76 48.78
CA GLU I 160 45.06 -18.59 48.10
C GLU I 160 44.19 -17.73 47.19
N VAL I 161 44.03 -16.47 47.58
CA VAL I 161 43.02 -15.60 47.02
C VAL I 161 43.32 -15.21 45.57
N PHE I 162 42.32 -15.53 44.72
CA PHE I 162 42.31 -15.30 43.30
C PHE I 162 43.59 -15.87 42.68
N ALA I 163 44.11 -16.93 43.31
CA ALA I 163 45.35 -17.55 42.88
C ALA I 163 45.19 -18.08 41.45
N PRO J 2 54.81 13.47 47.38
CA PRO J 2 53.71 12.59 47.80
C PRO J 2 52.85 12.24 46.58
N PHE J 3 51.96 13.16 46.21
CA PHE J 3 51.10 12.99 45.05
C PHE J 3 51.97 12.97 43.79
N THR J 4 51.50 12.23 42.78
CA THR J 4 52.15 12.15 41.50
C THR J 4 51.73 13.42 40.77
N MET J 5 52.72 14.19 40.27
CA MET J 5 52.47 15.49 39.62
C MET J 5 51.55 15.26 38.41
N ALA J 6 50.57 16.15 38.23
CA ALA J 6 49.57 15.98 37.20
C ALA J 6 50.07 16.50 35.85
N ALA J 7 49.14 16.51 34.89
CA ALA J 7 49.40 17.02 33.56
C ALA J 7 48.07 17.43 32.90
N TYR J 8 48.11 18.61 32.29
CA TYR J 8 47.02 19.18 31.49
C TYR J 8 47.09 18.47 30.15
N THR J 9 45.95 17.97 29.66
CA THR J 9 45.88 17.13 28.48
C THR J 9 44.64 17.41 27.62
N ILE J 10 44.85 17.60 26.31
CA ILE J 10 43.73 17.75 25.41
C ILE J 10 43.66 16.50 24.54
N VAL J 11 42.44 16.02 24.30
CA VAL J 11 42.16 14.84 23.48
C VAL J 11 41.33 15.29 22.29
N LYS J 12 41.99 15.57 21.16
CA LYS J 12 41.37 16.12 20.00
C LYS J 12 40.99 15.04 18.99
N GLU J 13 40.06 15.36 18.07
CA GLU J 13 39.64 14.46 16.99
C GLU J 13 39.34 15.28 15.73
N GLU J 14 39.80 14.78 14.57
CA GLU J 14 39.72 15.52 13.31
C GLU J 14 39.47 14.59 12.11
N GLU J 15 38.62 15.04 11.17
CA GLU J 15 38.34 14.35 9.90
C GLU J 15 39.22 15.00 8.83
N SER J 16 39.77 14.18 7.93
CA SER J 16 40.70 14.64 6.87
C SER J 16 40.45 13.91 5.55
N PRO J 17 40.71 14.55 4.38
CA PRO J 17 40.56 13.92 3.08
C PRO J 17 41.88 13.40 2.52
N ILE J 18 42.83 13.16 3.41
CA ILE J 18 44.10 12.64 3.01
C ILE J 18 44.20 11.24 3.61
N ALA J 19 44.46 10.25 2.77
CA ALA J 19 44.62 8.87 3.22
C ALA J 19 45.65 8.85 4.35
N PRO J 20 45.42 8.04 5.40
CA PRO J 20 46.22 8.18 6.63
C PRO J 20 47.74 7.99 6.47
N HIS J 21 48.15 6.98 5.71
CA HIS J 21 49.55 6.66 5.59
C HIS J 21 50.33 7.89 5.14
N ARG J 22 49.70 8.76 4.33
CA ARG J 22 50.35 10.00 3.82
C ARG J 22 50.59 11.05 4.94
N LEU J 23 49.58 11.29 5.78
CA LEU J 23 49.63 12.18 6.90
C LEU J 23 50.56 11.61 7.98
N PHE J 24 50.70 10.29 8.03
CA PHE J 24 51.54 9.67 9.06
C PHE J 24 53.01 9.90 8.73
N LYS J 25 53.37 9.65 7.46
CA LYS J 25 54.70 9.94 6.96
C LYS J 25 54.93 11.45 7.02
N ALA J 26 53.88 12.23 6.73
CA ALA J 26 53.99 13.69 6.73
C ALA J 26 53.92 14.27 8.15
N LEU J 27 52.80 14.07 8.85
CA LEU J 27 52.54 14.72 10.13
C LEU J 27 53.17 13.97 11.30
N VAL J 28 54.05 12.98 11.06
CA VAL J 28 54.70 12.25 12.15
C VAL J 28 56.11 11.83 11.73
N LEU J 29 56.24 10.63 11.15
CA LEU J 29 57.54 10.02 10.78
C LEU J 29 58.51 11.03 10.16
N GLU J 30 57.99 11.85 9.25
CA GLU J 30 58.81 12.76 8.54
C GLU J 30 58.57 14.19 9.04
N ARG J 31 57.78 14.34 10.11
CA ARG J 31 57.43 15.65 10.70
C ARG J 31 58.64 16.56 10.77
N HIS J 32 59.81 15.98 11.04
CA HIS J 32 61.09 16.74 11.20
C HIS J 32 61.58 17.36 9.89
N GLN J 33 61.35 16.65 8.78
CA GLN J 33 61.64 17.11 7.44
C GLN J 33 60.56 18.11 6.98
N VAL J 34 59.31 17.75 7.19
CA VAL J 34 58.22 18.52 6.67
C VAL J 34 58.06 19.88 7.35
N LEU J 35 58.66 20.11 8.52
CA LEU J 35 58.47 21.44 9.18
C LEU J 35 59.19 22.55 8.41
N VAL J 36 60.37 22.24 7.88
CA VAL J 36 61.12 23.18 7.10
C VAL J 36 60.63 23.13 5.63
N LYS J 37 60.12 22.00 5.16
CA LYS J 37 59.54 22.00 3.81
C LYS J 37 58.48 23.09 3.79
N ALA J 38 57.55 22.95 4.73
CA ALA J 38 56.39 23.81 4.90
C ALA J 38 56.72 25.16 5.52
N GLN J 39 57.68 25.26 6.47
CA GLN J 39 57.96 26.56 7.17
C GLN J 39 59.45 26.91 7.22
N PRO J 40 60.03 27.27 6.06
CA PRO J 40 61.40 27.80 5.94
C PRO J 40 61.59 29.20 6.49
N HIS J 41 60.44 29.83 6.74
CA HIS J 41 60.41 31.11 7.30
C HIS J 41 60.62 31.03 8.82
N VAL J 42 60.50 29.83 9.42
CA VAL J 42 60.54 29.70 10.87
C VAL J 42 61.56 28.64 11.30
N PHE J 43 61.78 27.64 10.46
CA PHE J 43 62.62 26.54 10.81
C PHE J 43 63.86 26.54 9.94
N LYS J 44 64.86 25.74 10.31
CA LYS J 44 66.16 25.73 9.56
C LYS J 44 66.68 24.32 9.26
N SER J 45 66.51 23.38 10.18
CA SER J 45 67.07 22.03 9.95
C SER J 45 66.32 20.96 10.73
N GLY J 46 66.00 19.84 10.10
CA GLY J 46 65.35 18.76 10.84
C GLY J 46 66.18 17.53 10.66
N GLU J 47 66.76 17.00 11.73
CA GLU J 47 67.72 15.87 11.63
C GLU J 47 67.32 14.73 12.55
N ILE J 48 67.97 13.60 12.35
CA ILE J 48 67.75 12.41 13.12
C ILE J 48 69.04 12.15 13.91
N ILE J 49 69.20 12.85 15.05
CA ILE J 49 70.44 12.74 15.82
C ILE J 49 70.70 11.29 16.25
N GLU J 50 69.64 10.55 16.60
CA GLU J 50 69.77 9.20 17.20
C GLU J 50 68.76 8.20 16.62
N GLY J 51 69.25 7.12 16.01
CA GLY J 51 68.40 6.01 15.54
C GLY J 51 68.08 6.06 14.06
N ASP J 52 67.35 5.03 13.60
CA ASP J 52 66.97 4.86 12.19
C ASP J 52 65.55 5.38 11.91
N GLY J 53 64.81 5.74 12.96
CA GLY J 53 63.44 6.21 12.79
C GLY J 53 62.46 5.35 13.57
N GLY J 54 62.96 4.20 14.01
CA GLY J 54 62.21 3.26 14.84
C GLY J 54 62.07 3.80 16.24
N VAL J 55 61.43 3.06 17.14
CA VAL J 55 61.06 3.58 18.50
C VAL J 55 62.27 4.22 19.22
N GLY J 56 63.46 3.64 19.15
CA GLY J 56 64.59 4.36 19.76
C GLY J 56 65.18 5.36 18.79
N THR J 57 64.49 6.47 18.50
CA THR J 57 65.02 7.53 17.59
C THR J 57 64.78 8.91 18.21
N VAL J 58 65.75 9.81 18.08
CA VAL J 58 65.68 11.16 18.61
C VAL J 58 66.03 12.13 17.47
N THR J 59 65.14 13.09 17.22
CA THR J 59 65.32 14.06 16.16
C THR J 59 65.42 15.44 16.78
N LYS J 60 65.98 16.38 16.00
CA LYS J 60 66.19 17.74 16.45
C LYS J 60 65.63 18.72 15.40
N ILE J 61 65.20 19.90 15.84
CA ILE J 61 64.70 20.90 14.92
C ILE J 61 65.31 22.22 15.34
N THR J 62 65.94 22.92 14.40
CA THR J 62 66.47 24.20 14.66
C THR J 62 65.58 25.21 13.96
N PHE J 63 65.44 26.38 14.58
CA PHE J 63 64.75 27.46 13.94
C PHE J 63 65.77 28.29 13.17
N VAL J 64 65.26 29.15 12.30
CA VAL J 64 66.04 30.06 11.55
C VAL J 64 66.69 30.97 12.59
N ASP J 65 67.78 31.62 12.22
CA ASP J 65 68.57 32.41 13.15
C ASP J 65 67.77 33.62 13.62
N GLY J 66 66.82 34.05 12.79
CA GLY J 66 65.93 35.12 13.19
C GLY J 66 65.01 34.78 14.38
N HIS J 67 64.76 33.50 14.67
CA HIS J 67 63.68 33.10 15.65
C HIS J 67 64.03 33.25 17.13
N PRO J 68 63.05 33.71 17.95
CA PRO J 68 63.17 33.72 19.40
C PRO J 68 63.61 32.39 20.02
N LEU J 69 63.27 31.27 19.37
CA LEU J 69 63.51 29.96 19.87
C LEU J 69 64.63 29.39 19.04
N THR J 70 65.15 28.22 19.44
CA THR J 70 66.41 27.75 18.93
C THR J 70 66.31 26.36 18.33
N TYR J 71 65.90 25.39 19.15
CA TYR J 71 65.77 24.00 18.71
C TYR J 71 64.85 23.33 19.72
N MET J 72 64.62 22.03 19.54
CA MET J 72 63.75 21.25 20.42
C MET J 72 63.98 19.77 20.05
N LEU J 73 63.93 18.87 21.04
CA LEU J 73 64.22 17.49 20.79
C LEU J 73 63.00 16.65 21.10
N HIS J 74 62.77 15.64 20.24
CA HIS J 74 61.62 14.76 20.33
C HIS J 74 62.10 13.31 20.36
N LYS J 75 61.39 12.49 21.15
CA LYS J 75 61.68 11.07 21.34
C LYS J 75 60.43 10.29 20.96
N PHE J 76 60.59 9.24 20.14
CA PHE J 76 59.48 8.39 19.69
C PHE J 76 59.40 7.16 20.62
N ASP J 77 58.39 7.14 21.52
CA ASP J 77 58.30 6.13 22.56
C ASP J 77 57.67 4.83 22.03
N GLU J 78 56.58 4.98 21.26
CA GLU J 78 55.79 3.89 20.66
C GLU J 78 55.49 4.23 19.18
N ILE J 79 55.54 3.21 18.30
CA ILE J 79 55.21 3.31 16.85
C ILE J 79 54.60 1.99 16.36
N ASP J 80 53.41 2.12 15.75
CA ASP J 80 52.68 1.04 15.11
C ASP J 80 52.16 1.64 13.82
N ALA J 81 53.04 1.71 12.82
CA ALA J 81 52.80 2.36 11.56
C ALA J 81 51.75 1.65 10.71
N ALA J 82 51.26 0.49 11.17
CA ALA J 82 50.30 -0.31 10.43
C ALA J 82 48.86 0.00 10.86
N ASN J 83 48.73 0.50 12.07
CA ASN J 83 47.41 0.87 12.63
C ASN J 83 47.35 2.38 12.85
N PHE J 84 48.33 3.10 12.32
CA PHE J 84 48.45 4.57 12.40
C PHE J 84 48.51 5.11 13.83
N TYR J 85 49.35 4.55 14.68
CA TYR J 85 49.46 5.03 16.08
C TYR J 85 50.91 5.39 16.44
N CYS J 86 51.12 6.55 17.07
CA CYS J 86 52.46 6.94 17.58
C CYS J 86 52.37 7.70 18.92
N LYS J 87 53.29 7.42 19.85
CA LYS J 87 53.45 8.15 21.12
C LYS J 87 54.90 8.66 21.19
N TYR J 88 55.09 9.97 21.03
CA TYR J 88 56.41 10.61 21.05
C TYR J 88 56.40 11.78 22.03
N THR J 89 57.60 12.19 22.45
CA THR J 89 57.77 13.15 23.54
C THR J 89 58.75 14.29 23.23
N LEU J 90 58.28 15.54 23.41
CA LEU J 90 59.17 16.75 23.43
C LEU J 90 59.67 16.93 24.88
N PHE J 91 60.97 16.68 25.09
CA PHE J 91 61.56 16.65 26.42
C PHE J 91 62.58 17.77 26.67
N GLU J 92 63.22 18.25 25.60
CA GLU J 92 64.22 19.28 25.74
C GLU J 92 64.03 20.33 24.65
N GLY J 93 63.99 21.60 25.07
CA GLY J 93 63.80 22.67 24.13
C GLY J 93 63.34 23.97 24.76
N ASP J 94 63.65 25.03 24.02
CA ASP J 94 63.38 26.41 24.35
C ASP J 94 61.88 26.64 24.54
N VAL J 95 61.07 25.67 24.12
CA VAL J 95 59.64 25.90 24.11
C VAL J 95 59.02 25.38 25.42
N LEU J 96 59.89 24.77 26.21
CA LEU J 96 59.52 24.38 27.57
C LEU J 96 59.62 25.69 28.32
N ARG J 97 58.54 26.14 28.93
CA ARG J 97 58.46 27.53 29.43
C ARG J 97 58.93 27.69 30.88
N ASP J 98 59.75 26.75 31.36
CA ASP J 98 60.36 26.67 32.71
C ASP J 98 59.30 26.10 33.64
N ASN J 99 58.09 25.92 33.13
CA ASN J 99 57.08 25.33 33.98
C ASN J 99 56.90 23.87 33.59
N ILE J 100 57.49 23.46 32.46
CA ILE J 100 57.21 22.20 31.81
C ILE J 100 58.45 21.27 31.78
N GLU J 101 58.20 19.98 32.05
CA GLU J 101 59.21 18.90 32.05
C GLU J 101 59.29 18.32 30.64
N LYS J 102 58.13 17.98 30.07
CA LYS J 102 58.06 17.43 28.73
C LYS J 102 56.60 17.35 28.25
N VAL J 103 56.46 17.09 26.94
CA VAL J 103 55.19 16.98 26.25
C VAL J 103 55.13 15.58 25.59
N VAL J 104 53.95 14.98 25.57
CA VAL J 104 53.81 13.65 25.02
C VAL J 104 52.67 13.63 24.01
N TYR J 105 52.97 13.09 22.83
CA TYR J 105 52.02 13.06 21.75
C TYR J 105 51.62 11.60 21.48
N GLU J 106 50.33 11.30 21.62
CA GLU J 106 49.78 10.01 21.31
C GLU J 106 48.76 10.26 20.18
N VAL J 107 49.13 9.89 18.94
CA VAL J 107 48.32 10.10 17.71
C VAL J 107 47.73 8.78 17.24
N LYS J 108 46.53 8.82 16.65
CA LYS J 108 45.88 7.65 16.09
C LYS J 108 45.03 8.08 14.90
N LEU J 109 45.16 7.34 13.79
CA LEU J 109 44.43 7.65 12.54
C LEU J 109 43.91 6.35 11.94
N GLU J 110 42.86 6.43 11.13
CA GLU J 110 42.46 5.26 10.38
C GLU J 110 41.80 5.79 9.10
N ALA J 111 42.01 5.06 8.00
CA ALA J 111 41.46 5.43 6.70
C ALA J 111 39.94 5.41 6.78
N VAL J 112 39.31 6.40 6.18
CA VAL J 112 37.87 6.52 6.14
C VAL J 112 37.54 7.02 4.74
N GLY J 113 37.36 6.07 3.81
CA GLY J 113 37.19 6.42 2.43
C GLY J 113 38.58 6.64 1.84
N GLY J 114 38.69 7.52 0.86
CA GLY J 114 39.98 7.84 0.33
C GLY J 114 40.68 8.92 1.13
N GLY J 115 40.29 9.08 2.40
CA GLY J 115 40.78 10.09 3.33
C GLY J 115 41.06 9.50 4.69
N SER J 116 40.67 10.20 5.76
CA SER J 116 40.94 9.72 7.14
C SER J 116 40.22 10.52 8.23
N LYS J 117 40.35 10.01 9.47
CA LYS J 117 39.94 10.65 10.71
C LYS J 117 41.05 10.31 11.72
N GLY J 118 41.24 11.14 12.76
CA GLY J 118 42.27 10.86 13.77
C GLY J 118 41.89 11.35 15.16
N LYS J 119 42.46 10.70 16.18
CA LYS J 119 42.33 11.11 17.59
C LYS J 119 43.74 11.35 18.10
N ILE J 120 43.98 12.55 18.62
CA ILE J 120 45.29 13.04 19.07
C ILE J 120 45.16 13.55 20.51
N THR J 121 46.00 12.99 21.39
CA THR J 121 46.07 13.34 22.78
C THR J 121 47.41 14.04 22.99
N VAL J 122 47.41 15.24 23.57
CA VAL J 122 48.65 15.96 23.92
C VAL J 122 48.65 16.21 25.44
N THR J 123 49.73 15.78 26.09
CA THR J 123 49.87 15.83 27.54
C THR J 123 51.01 16.77 27.94
N TYR J 124 50.68 17.86 28.65
CA TYR J 124 51.68 18.84 29.09
C TYR J 124 52.09 18.54 30.54
N HIS J 125 53.38 18.29 30.74
CA HIS J 125 53.89 17.89 32.06
C HIS J 125 54.52 19.07 32.80
N PRO J 126 53.83 19.70 33.78
CA PRO J 126 54.43 20.77 34.58
C PRO J 126 55.63 20.26 35.38
N LYS J 127 56.67 21.09 35.46
CA LYS J 127 57.89 20.77 36.16
C LYS J 127 57.54 20.70 37.65
N PRO J 128 58.23 19.85 38.45
CA PRO J 128 57.92 19.70 39.87
C PRO J 128 57.78 21.05 40.59
N GLY J 129 56.67 21.22 41.31
CA GLY J 129 56.41 22.46 42.04
C GLY J 129 55.68 23.47 41.18
N CYS J 130 56.15 23.64 39.93
CA CYS J 130 55.59 24.55 38.93
C CYS J 130 54.23 24.04 38.43
N THR J 131 53.54 24.89 37.65
CA THR J 131 52.22 24.59 37.07
C THR J 131 52.24 24.89 35.56
N VAL J 132 51.28 24.32 34.83
CA VAL J 132 51.15 24.50 33.36
C VAL J 132 50.30 25.75 33.08
N ASN J 133 50.92 26.68 32.35
CA ASN J 133 50.20 27.91 31.99
C ASN J 133 49.24 27.53 30.89
N GLU J 134 47.99 27.95 31.01
CA GLU J 134 46.87 27.69 30.05
C GLU J 134 47.29 28.26 28.69
N GLU J 135 47.93 29.42 28.68
CA GLU J 135 48.44 30.10 27.48
C GLU J 135 49.34 29.13 26.70
N GLU J 136 50.20 28.35 27.36
CA GLU J 136 51.15 27.47 26.64
C GLU J 136 50.39 26.54 25.71
N VAL J 137 49.29 25.93 26.13
CA VAL J 137 48.68 25.00 25.14
C VAL J 137 48.16 25.73 23.90
N LYS J 138 47.40 26.81 24.06
CA LYS J 138 46.84 27.47 22.90
C LYS J 138 47.91 27.74 21.84
N ILE J 139 49.05 28.29 22.27
CA ILE J 139 50.13 28.66 21.35
C ILE J 139 50.54 27.42 20.54
N GLY J 140 51.24 26.50 21.20
CA GLY J 140 51.72 25.32 20.58
C GLY J 140 50.62 24.65 19.79
N GLU J 141 49.49 24.39 20.46
CA GLU J 141 48.35 23.73 19.91
C GLU J 141 47.99 24.41 18.58
N LYS J 142 47.93 25.74 18.64
CA LYS J 142 47.60 26.61 17.50
C LYS J 142 48.65 26.51 16.38
N LYS J 143 49.90 26.28 16.75
CA LYS J 143 51.03 26.15 15.80
C LYS J 143 50.93 24.82 15.05
N ALA J 144 50.82 23.71 15.79
CA ALA J 144 50.79 22.35 15.20
C ALA J 144 49.51 22.07 14.40
N TYR J 145 48.45 22.80 14.69
CA TYR J 145 47.24 22.66 13.95
C TYR J 145 47.46 23.26 12.57
N GLU J 146 47.88 24.53 12.55
CA GLU J 146 48.02 25.32 11.33
C GLU J 146 48.90 24.59 10.33
N PHE J 147 49.88 23.86 10.85
CA PHE J 147 50.81 23.14 10.08
C PHE J 147 50.06 22.04 9.33
N TYR J 148 49.30 21.24 10.09
CA TYR J 148 48.47 20.17 9.58
C TYR J 148 47.62 20.69 8.41
N LYS J 149 46.99 21.86 8.55
CA LYS J 149 46.23 22.49 7.49
C LYS J 149 47.12 22.79 6.28
N GLN J 150 48.42 22.99 6.53
CA GLN J 150 49.47 23.27 5.51
C GLN J 150 49.85 21.98 4.81
N VAL J 151 49.85 20.91 5.60
CA VAL J 151 50.15 19.66 5.06
C VAL J 151 48.90 19.26 4.29
N GLU J 152 47.76 19.20 4.98
CA GLU J 152 46.50 18.82 4.37
C GLU J 152 46.32 19.46 2.99
N GLU J 153 46.67 20.74 2.87
CA GLU J 153 46.46 21.47 1.61
C GLU J 153 47.46 21.02 0.54
N TYR J 154 48.65 20.61 0.96
CA TYR J 154 49.68 20.28 0.02
C TYR J 154 49.50 18.87 -0.53
N LEU J 155 49.24 17.94 0.39
CA LEU J 155 49.15 16.56 0.05
C LEU J 155 47.97 16.26 -0.86
N ALA J 156 47.13 17.29 -1.08
CA ALA J 156 45.92 17.26 -1.88
C ALA J 156 46.19 17.71 -3.32
N ALA J 157 47.09 18.69 -3.47
CA ALA J 157 47.45 19.30 -4.74
C ALA J 157 48.68 18.62 -5.36
N ASN J 158 49.23 17.64 -4.63
CA ASN J 158 50.38 16.81 -5.04
C ASN J 158 50.10 15.39 -4.59
N PRO J 159 49.13 14.68 -5.20
CA PRO J 159 48.69 13.37 -4.72
C PRO J 159 49.71 12.21 -4.82
N GLU J 160 50.90 12.51 -5.33
CA GLU J 160 51.92 11.49 -5.54
C GLU J 160 52.97 11.59 -4.42
N VAL J 161 52.82 12.59 -3.53
CA VAL J 161 53.70 12.76 -2.39
C VAL J 161 53.21 11.83 -1.27
N PHE J 162 54.12 10.96 -0.83
CA PHE J 162 53.89 9.93 0.20
C PHE J 162 52.76 9.00 -0.27
N ALA J 163 52.52 9.01 -1.59
CA ALA J 163 51.46 8.25 -2.26
C ALA J 163 51.90 6.80 -2.52
N ASP K 1 1.46 35.64 1.18
CA ASP K 1 2.61 35.06 1.94
C ASP K 1 2.26 33.69 2.54
N PRO K 2 1.18 33.01 2.09
CA PRO K 2 0.76 31.76 2.71
C PRO K 2 1.79 30.67 2.47
N PHE K 3 2.23 30.09 3.58
CA PHE K 3 3.24 29.01 3.57
C PHE K 3 2.65 27.82 4.31
N THR K 4 3.51 26.93 4.73
CA THR K 4 3.04 25.77 5.50
C THR K 4 3.26 26.18 6.96
N MET K 5 2.26 26.05 7.82
CA MET K 5 2.44 26.55 9.21
C MET K 5 3.31 25.56 9.99
N ALA K 6 4.53 25.97 10.33
CA ALA K 6 5.50 25.05 10.97
C ALA K 6 4.95 24.54 12.29
N ALA K 7 5.18 23.27 12.56
CA ALA K 7 4.73 22.64 13.82
C ALA K 7 5.95 22.43 14.73
N TYR K 8 5.70 22.15 16.00
CA TYR K 8 6.77 22.00 17.02
C TYR K 8 7.18 20.52 17.05
N THR K 9 8.46 20.28 16.81
CA THR K 9 9.05 18.95 16.74
C THR K 9 10.12 18.79 17.81
N ILE K 10 10.13 17.61 18.42
CA ILE K 10 11.06 17.26 19.46
C ILE K 10 11.58 15.87 19.13
N VAL K 11 12.91 15.73 19.10
CA VAL K 11 13.59 14.49 18.77
C VAL K 11 14.30 13.97 20.02
N LYS K 12 13.76 12.89 20.59
CA LYS K 12 14.29 12.30 21.81
C LYS K 12 15.14 11.08 21.45
N GLU K 13 16.12 10.78 22.31
CA GLU K 13 17.03 9.64 22.19
C GLU K 13 17.10 8.99 23.58
N GLU K 14 16.34 7.91 23.78
CA GLU K 14 16.24 7.24 25.11
C GLU K 14 16.57 5.74 24.99
N GLU K 15 17.15 5.21 26.08
CA GLU K 15 17.69 3.89 26.17
C GLU K 15 17.17 3.21 27.45
N SER K 16 16.65 1.97 27.30
CA SER K 16 16.05 1.17 28.37
C SER K 16 16.82 -0.11 28.63
N PRO K 17 16.56 -0.80 29.77
CA PRO K 17 17.08 -2.14 30.01
C PRO K 17 15.99 -3.14 29.59
N ILE K 18 14.76 -2.66 29.37
CA ILE K 18 13.70 -3.51 28.89
C ILE K 18 14.02 -3.79 27.44
N ALA K 19 13.53 -4.94 26.95
CA ALA K 19 13.79 -5.44 25.59
C ALA K 19 12.78 -4.89 24.58
N PRO K 20 13.26 -4.48 23.38
CA PRO K 20 12.44 -3.83 22.34
C PRO K 20 11.02 -4.27 22.00
N HIS K 21 10.73 -5.56 22.20
CA HIS K 21 9.44 -6.16 21.91
C HIS K 21 8.45 -5.87 23.04
N ARG K 22 9.00 -5.63 24.23
CA ARG K 22 8.19 -5.33 25.41
C ARG K 22 7.83 -3.82 25.39
N LEU K 23 8.87 -2.97 25.28
CA LEU K 23 8.68 -1.52 25.25
C LEU K 23 7.94 -1.10 23.98
N PHE K 24 7.64 -2.04 23.09
CA PHE K 24 6.90 -1.65 21.92
C PHE K 24 5.41 -1.95 22.17
N LYS K 25 5.13 -3.06 22.86
CA LYS K 25 3.80 -3.55 23.15
C LYS K 25 3.16 -2.72 24.27
N ALA K 26 3.98 -2.45 25.30
CA ALA K 26 3.56 -1.73 26.47
C ALA K 26 3.19 -0.27 26.19
N LEU K 27 4.00 0.43 25.37
CA LEU K 27 3.87 1.84 25.15
C LEU K 27 3.47 2.19 23.72
N VAL K 28 2.99 1.25 22.91
CA VAL K 28 2.60 1.66 21.56
C VAL K 28 1.30 1.01 21.12
N LEU K 29 1.20 -0.32 21.31
CA LEU K 29 0.08 -1.11 20.81
C LEU K 29 -1.04 -1.28 21.83
N GLU K 30 -0.67 -1.63 23.08
CA GLU K 30 -1.67 -1.78 24.13
C GLU K 30 -1.58 -0.55 25.06
N ARG K 31 -0.89 0.49 24.58
CA ARG K 31 -0.64 1.75 25.31
C ARG K 31 -1.93 2.28 25.91
N HIS K 32 -3.04 2.11 25.17
CA HIS K 32 -4.37 2.50 25.62
C HIS K 32 -4.71 1.75 26.91
N GLN K 33 -4.24 0.52 27.02
CA GLN K 33 -4.45 -0.25 28.23
C GLN K 33 -3.47 0.24 29.31
N VAL K 34 -2.19 0.02 29.04
CA VAL K 34 -1.10 0.20 30.01
C VAL K 34 -1.21 1.53 30.76
N LEU K 35 -1.91 2.52 30.22
CA LEU K 35 -2.07 3.75 31.00
C LEU K 35 -2.97 3.43 32.19
N VAL K 36 -4.17 2.97 31.89
CA VAL K 36 -5.21 2.63 32.87
C VAL K 36 -4.67 1.69 33.97
N LYS K 37 -3.76 0.78 33.62
CA LYS K 37 -3.17 -0.19 34.57
C LYS K 37 -2.13 0.52 35.43
N ALA K 38 -1.40 1.44 34.79
CA ALA K 38 -0.30 2.18 35.38
C ALA K 38 -0.84 3.40 36.13
N GLN K 39 -1.79 4.08 35.49
CA GLN K 39 -2.35 5.26 36.07
C GLN K 39 -3.85 5.08 36.26
N PRO K 40 -4.27 4.12 37.13
CA PRO K 40 -5.66 3.70 37.28
C PRO K 40 -6.57 4.71 37.96
N HIS K 41 -6.00 5.88 38.25
CA HIS K 41 -6.55 7.07 38.87
C HIS K 41 -6.71 8.22 37.87
N VAL K 42 -5.94 8.21 36.78
CA VAL K 42 -6.09 9.28 35.80
C VAL K 42 -7.03 8.76 34.71
N PHE K 43 -6.97 7.45 34.45
CA PHE K 43 -7.79 6.87 33.42
C PHE K 43 -8.72 5.80 33.96
N LYS K 44 -9.91 5.77 33.36
CA LYS K 44 -10.97 4.82 33.67
C LYS K 44 -10.85 3.61 32.74
N SER K 45 -10.67 3.86 31.44
CA SER K 45 -10.60 2.79 30.43
C SER K 45 -9.89 3.22 29.14
N GLY K 46 -9.15 2.26 28.60
CA GLY K 46 -8.55 2.33 27.28
C GLY K 46 -9.35 1.36 26.42
N GLU K 47 -9.64 1.71 25.16
CA GLU K 47 -10.54 0.90 24.34
C GLU K 47 -10.38 1.25 22.86
N ILE K 48 -9.88 0.27 22.08
CA ILE K 48 -9.80 0.45 20.65
C ILE K 48 -11.23 0.34 20.12
N ILE K 49 -11.49 0.93 18.96
CA ILE K 49 -12.84 0.97 18.43
C ILE K 49 -12.82 0.64 16.93
N GLU K 50 -12.01 1.39 16.18
CA GLU K 50 -11.83 1.16 14.77
C GLU K 50 -10.73 0.13 14.58
N GLY K 51 -10.78 -0.56 13.43
CA GLY K 51 -9.77 -1.52 13.01
C GLY K 51 -9.59 -2.68 13.97
N ASP K 52 -8.46 -3.36 13.84
CA ASP K 52 -8.18 -4.57 14.58
C ASP K 52 -6.74 -4.51 15.11
N GLY K 53 -6.34 -3.32 15.56
CA GLY K 53 -5.02 -3.07 16.15
C GLY K 53 -3.92 -2.76 15.14
N GLY K 54 -4.17 -3.02 13.85
CA GLY K 54 -3.20 -2.78 12.77
C GLY K 54 -3.35 -1.38 12.19
N VAL K 55 -2.28 -0.91 11.53
CA VAL K 55 -2.17 0.47 10.96
C VAL K 55 -3.56 1.01 10.58
N GLY K 56 -3.76 2.31 10.79
CA GLY K 56 -5.03 2.99 10.53
C GLY K 56 -5.98 2.85 11.71
N THR K 57 -5.45 2.29 12.80
CA THR K 57 -6.22 2.05 14.00
C THR K 57 -6.46 3.38 14.70
N VAL K 58 -7.48 3.37 15.56
CA VAL K 58 -7.89 4.53 16.32
C VAL K 58 -8.34 4.07 17.70
N THR K 59 -7.66 4.55 18.75
CA THR K 59 -8.01 4.22 20.13
C THR K 59 -8.77 5.40 20.73
N LYS K 60 -9.42 5.15 21.87
CA LYS K 60 -10.00 6.23 22.73
C LYS K 60 -9.47 6.03 24.14
N ILE K 61 -8.70 7.00 24.63
CA ILE K 61 -8.20 6.96 25.96
C ILE K 61 -9.09 7.85 26.81
N THR K 62 -9.76 7.24 27.80
CA THR K 62 -10.69 7.96 28.67
C THR K 62 -10.09 8.22 30.06
N PHE K 63 -10.14 9.49 30.48
CA PHE K 63 -9.73 9.93 31.81
C PHE K 63 -10.86 9.70 32.81
N VAL K 64 -10.63 10.17 34.04
CA VAL K 64 -11.62 10.06 35.14
C VAL K 64 -12.59 11.22 35.08
N ASP K 65 -13.54 11.24 36.00
CA ASP K 65 -14.44 12.40 36.12
C ASP K 65 -13.93 13.21 37.33
N GLY K 66 -13.89 14.52 37.12
CA GLY K 66 -13.34 15.51 38.05
C GLY K 66 -12.04 16.02 37.45
N HIS K 67 -11.37 15.15 36.68
CA HIS K 67 -10.14 15.50 35.92
C HIS K 67 -10.61 16.47 34.88
N PRO K 68 -9.84 17.52 34.54
CA PRO K 68 -10.28 18.50 33.57
C PRO K 68 -10.66 17.84 32.23
N LEU K 69 -9.94 16.81 31.85
CA LEU K 69 -10.06 16.11 30.58
C LEU K 69 -11.03 14.91 30.68
N THR K 70 -11.40 14.37 29.50
CA THR K 70 -12.38 13.26 29.33
C THR K 70 -11.82 12.15 28.43
N TYR K 71 -11.42 12.50 27.21
CA TYR K 71 -10.93 11.51 26.24
C TYR K 71 -9.84 12.07 25.32
N MET K 72 -9.07 11.11 24.77
CA MET K 72 -8.04 11.30 23.76
C MET K 72 -8.29 10.27 22.66
N LEU K 73 -8.11 10.70 21.41
CA LEU K 73 -8.32 9.85 20.25
C LEU K 73 -7.03 9.83 19.42
N HIS K 74 -6.50 8.62 19.21
CA HIS K 74 -5.27 8.41 18.48
C HIS K 74 -5.52 7.58 17.23
N LYS K 75 -4.83 7.94 16.15
CA LYS K 75 -4.84 7.16 14.91
C LYS K 75 -3.41 6.70 14.64
N PHE K 76 -3.29 5.47 14.11
CA PHE K 76 -2.01 4.87 13.73
C PHE K 76 -1.85 4.99 12.21
N ASP K 77 -0.73 5.61 11.80
CA ASP K 77 -0.42 5.92 10.41
C ASP K 77 0.53 4.87 9.81
N GLU K 78 1.46 4.35 10.62
CA GLU K 78 2.44 3.34 10.19
C GLU K 78 2.86 2.45 11.38
N ILE K 79 2.92 1.14 11.12
CA ILE K 79 3.40 0.19 12.10
C ILE K 79 4.04 -1.00 11.38
N ASP K 80 5.14 -1.45 11.98
CA ASP K 80 5.92 -2.58 11.57
C ASP K 80 6.45 -3.20 12.86
N ALA K 81 5.58 -3.96 13.54
CA ALA K 81 5.96 -4.67 14.72
C ALA K 81 7.37 -5.20 14.51
N ALA K 82 7.62 -5.80 13.34
CA ALA K 82 8.89 -6.40 12.99
C ALA K 82 10.05 -5.51 13.45
N ASN K 83 10.00 -4.22 13.10
CA ASN K 83 11.09 -3.31 13.43
C ASN K 83 10.79 -2.44 14.67
N PHE K 84 9.65 -2.65 15.31
CA PHE K 84 9.24 -1.82 16.44
C PHE K 84 9.21 -0.37 15.96
N TYR K 85 8.43 -0.12 14.90
CA TYR K 85 8.30 1.21 14.35
C TYR K 85 6.81 1.59 14.39
N CYS K 86 6.54 2.86 14.71
CA CYS K 86 5.18 3.31 14.78
C CYS K 86 5.07 4.81 14.53
N LYS K 87 4.08 5.17 13.71
CA LYS K 87 3.63 6.53 13.53
C LYS K 87 2.18 6.57 14.00
N TYR K 88 1.93 7.28 15.10
CA TYR K 88 0.59 7.43 15.67
C TYR K 88 0.36 8.92 15.91
N THR K 89 -0.91 9.32 15.77
CA THR K 89 -1.35 10.71 15.85
C THR K 89 -2.54 10.89 16.81
N LEU K 90 -2.39 11.89 17.70
CA LEU K 90 -3.41 12.35 18.64
C LEU K 90 -4.34 13.29 17.88
N PHE K 91 -5.63 12.94 17.73
CA PHE K 91 -6.47 13.76 16.88
C PHE K 91 -7.74 14.28 17.60
N GLU K 92 -8.57 13.39 18.14
CA GLU K 92 -9.89 13.77 18.72
C GLU K 92 -9.83 13.71 20.25
N GLY K 93 -9.46 14.81 20.91
CA GLY K 93 -9.44 14.88 22.38
C GLY K 93 -9.32 16.29 22.93
N ASP K 94 -9.60 16.51 24.22
CA ASP K 94 -9.50 17.88 24.79
C ASP K 94 -8.07 18.25 25.17
N VAL K 95 -7.14 17.29 25.11
CA VAL K 95 -5.73 17.51 25.55
C VAL K 95 -5.03 18.62 24.74
N LEU K 96 -5.38 18.79 23.47
CA LEU K 96 -4.86 19.88 22.62
C LEU K 96 -5.46 21.18 23.13
N ARG K 97 -6.61 21.05 23.81
CA ARG K 97 -7.36 22.21 24.38
C ARG K 97 -7.92 23.10 23.28
N ASP K 98 -8.53 22.52 22.23
CA ASP K 98 -9.13 23.31 21.12
C ASP K 98 -8.09 24.27 20.57
N ASN K 99 -6.89 23.76 20.29
CA ASN K 99 -5.76 24.62 19.87
C ASN K 99 -5.07 23.91 18.74
N ILE K 100 -4.55 22.74 19.06
CA ILE K 100 -3.80 21.89 18.10
C ILE K 100 -4.80 21.15 17.23
N GLU K 101 -4.39 20.84 16.01
CA GLU K 101 -5.13 20.07 15.02
C GLU K 101 -4.93 18.58 15.34
N LYS K 102 -3.66 18.24 15.61
CA LYS K 102 -3.20 16.92 15.99
C LYS K 102 -1.76 16.99 16.51
N VAL K 103 -1.31 15.92 17.20
CA VAL K 103 0.10 15.77 17.64
C VAL K 103 0.63 14.46 17.04
N VAL K 104 1.80 14.52 16.37
CA VAL K 104 2.37 13.39 15.59
C VAL K 104 3.51 12.69 16.32
N TYR K 105 3.26 11.44 16.71
CA TYR K 105 4.22 10.58 17.41
C TYR K 105 4.82 9.53 16.43
N GLU K 106 6.15 9.51 16.34
CA GLU K 106 6.97 8.56 15.52
C GLU K 106 8.07 7.95 16.40
N VAL K 107 8.06 6.61 16.53
CA VAL K 107 8.97 5.89 17.44
C VAL K 107 9.64 4.69 16.73
N LYS K 108 10.96 4.53 16.97
CA LYS K 108 11.81 3.46 16.44
C LYS K 108 12.77 2.98 17.54
N LEU K 109 12.66 1.68 17.90
CA LEU K 109 13.47 1.02 18.94
C LEU K 109 14.37 -0.03 18.28
N GLU K 110 15.39 -0.44 19.03
CA GLU K 110 16.44 -1.28 18.50
C GLU K 110 17.10 -2.05 19.67
N ALA K 111 17.13 -3.39 19.57
CA ALA K 111 17.73 -4.25 20.56
C ALA K 111 19.18 -3.83 20.82
N VAL K 112 19.65 -4.00 22.06
CA VAL K 112 21.08 -3.79 22.38
C VAL K 112 21.34 -4.53 23.68
N GLY K 113 22.26 -5.50 23.64
CA GLY K 113 22.48 -6.32 24.80
C GLY K 113 21.12 -6.85 25.25
N GLY K 114 20.84 -6.79 26.56
CA GLY K 114 19.53 -7.23 27.09
C GLY K 114 18.43 -6.15 27.01
N GLY K 115 18.75 -4.96 26.46
CA GLY K 115 17.87 -3.80 26.45
C GLY K 115 17.50 -3.23 25.08
N SER K 116 17.16 -1.93 25.09
CA SER K 116 16.60 -1.16 23.93
C SER K 116 17.29 0.20 23.71
N LYS K 117 17.08 0.73 22.49
CA LYS K 117 17.49 2.08 22.03
C LYS K 117 16.21 2.71 21.48
N GLY K 118 16.02 4.00 21.73
CA GLY K 118 14.78 4.66 21.33
C GLY K 118 14.95 5.93 20.54
N LYS K 119 14.22 6.00 19.41
CA LYS K 119 14.10 7.23 18.66
C LYS K 119 12.62 7.57 18.72
N ILE K 120 12.30 8.71 19.36
CA ILE K 120 10.96 9.23 19.46
C ILE K 120 11.01 10.60 18.81
N THR K 121 9.89 11.00 18.19
CA THR K 121 9.77 12.27 17.48
C THR K 121 8.31 12.74 17.53
N VAL K 122 8.07 13.82 18.29
CA VAL K 122 6.70 14.33 18.40
C VAL K 122 6.59 15.59 17.54
N THR K 123 5.42 15.74 16.91
CA THR K 123 5.08 16.84 16.03
C THR K 123 3.69 17.36 16.39
N TYR K 124 3.65 18.57 16.94
CA TYR K 124 2.46 19.26 17.45
C TYR K 124 1.87 20.15 16.34
N HIS K 125 0.73 19.75 15.76
CA HIS K 125 0.11 20.48 14.62
C HIS K 125 -1.16 21.24 14.98
N PRO K 126 -1.16 22.59 14.79
CA PRO K 126 -2.30 23.43 15.13
C PRO K 126 -3.39 23.52 14.05
N LYS K 127 -4.57 23.99 14.48
CA LYS K 127 -5.69 24.31 13.61
C LYS K 127 -5.41 25.71 13.06
N PRO K 128 -5.91 26.06 11.85
CA PRO K 128 -5.50 27.30 11.15
C PRO K 128 -5.16 28.57 11.95
N GLY K 129 -3.93 29.05 11.73
CA GLY K 129 -3.36 30.32 12.24
C GLY K 129 -3.41 30.50 13.75
N CYS K 130 -2.80 29.57 14.49
CA CYS K 130 -2.78 29.62 15.94
C CYS K 130 -1.35 29.51 16.46
N THR K 131 -1.26 29.62 17.79
CA THR K 131 -0.02 29.58 18.51
C THR K 131 0.15 28.18 19.10
N VAL K 132 1.38 27.64 18.99
CA VAL K 132 1.73 26.32 19.54
C VAL K 132 2.43 26.52 20.89
N ASN K 133 1.63 26.42 21.95
CA ASN K 133 2.02 26.53 23.36
C ASN K 133 3.25 25.65 23.67
N GLU K 134 4.36 26.30 24.05
CA GLU K 134 5.59 25.63 24.47
C GLU K 134 5.39 25.11 25.89
N GLU K 135 4.16 25.28 26.38
CA GLU K 135 3.65 24.86 27.70
C GLU K 135 3.11 23.42 27.61
N GLU K 136 2.17 23.24 26.67
CA GLU K 136 1.51 21.97 26.39
C GLU K 136 2.56 20.92 26.03
N VAL K 137 3.65 21.41 25.45
CA VAL K 137 4.73 20.63 24.97
C VAL K 137 5.67 20.25 26.11
N LYS K 138 5.81 21.13 27.11
CA LYS K 138 6.57 20.79 28.29
C LYS K 138 5.86 19.65 28.99
N ILE K 139 4.53 19.74 28.92
CA ILE K 139 3.55 18.83 29.52
C ILE K 139 3.37 17.58 28.65
N GLY K 140 3.32 17.75 27.32
CA GLY K 140 3.23 16.61 26.41
C GLY K 140 4.36 15.63 26.68
N GLU K 141 5.59 16.12 26.77
CA GLU K 141 6.70 15.24 27.06
C GLU K 141 6.56 14.70 28.49
N LYS K 142 6.85 15.56 29.46
CA LYS K 142 7.02 15.18 30.91
C LYS K 142 6.01 14.15 31.43
N LYS K 143 4.80 14.08 30.87
CA LYS K 143 3.80 13.12 31.39
C LYS K 143 4.04 11.74 30.78
N ALA K 144 4.56 11.69 29.56
CA ALA K 144 4.85 10.44 28.86
C ALA K 144 6.15 9.83 29.41
N TYR K 145 7.14 10.66 29.67
CA TYR K 145 8.39 10.14 30.16
C TYR K 145 8.19 9.62 31.59
N GLU K 146 7.22 10.19 32.29
CA GLU K 146 6.82 9.76 33.62
C GLU K 146 6.05 8.43 33.48
N PHE K 147 5.22 8.32 32.44
CA PHE K 147 4.48 7.13 32.13
C PHE K 147 5.41 6.00 31.72
N TYR K 148 6.42 6.34 30.92
CA TYR K 148 7.44 5.42 30.43
C TYR K 148 8.25 4.84 31.61
N LYS K 149 8.76 5.69 32.49
CA LYS K 149 9.56 5.27 33.61
C LYS K 149 8.79 4.37 34.59
N GLN K 150 7.45 4.38 34.57
CA GLN K 150 6.61 3.56 35.47
C GLN K 150 6.47 2.15 34.89
N VAL K 151 6.04 2.07 33.62
CA VAL K 151 5.83 0.79 32.91
C VAL K 151 7.19 0.19 32.55
N GLU K 152 8.24 0.71 33.16
CA GLU K 152 9.55 0.22 33.00
C GLU K 152 9.83 -0.52 34.29
N GLU K 153 9.75 0.21 35.41
CA GLU K 153 9.95 -0.31 36.75
C GLU K 153 9.06 -1.52 36.93
N TYR K 154 7.96 -1.55 36.17
CA TYR K 154 7.05 -2.66 36.23
C TYR K 154 7.55 -3.85 35.41
N LEU K 155 7.85 -3.63 34.13
CA LEU K 155 8.26 -4.72 33.26
C LEU K 155 9.61 -5.29 33.72
N ALA K 156 10.42 -4.42 34.34
CA ALA K 156 11.66 -4.84 34.92
C ALA K 156 11.35 -5.80 36.07
N ALA K 157 10.60 -5.32 37.06
CA ALA K 157 10.21 -6.06 38.26
C ALA K 157 9.49 -7.37 37.92
N ASN K 158 8.53 -7.30 36.99
CA ASN K 158 7.71 -8.46 36.55
C ASN K 158 8.24 -8.99 35.22
N PRO K 159 9.34 -9.77 35.21
CA PRO K 159 10.02 -10.16 33.96
C PRO K 159 9.21 -10.93 32.89
N GLU K 160 8.00 -11.32 33.18
CA GLU K 160 7.22 -12.07 32.18
C GLU K 160 5.94 -11.31 31.86
N VAL K 161 5.88 -10.06 32.30
CA VAL K 161 4.59 -9.32 32.26
C VAL K 161 4.08 -9.23 30.84
N PHE K 162 4.97 -8.93 29.89
CA PHE K 162 4.38 -8.77 28.54
C PHE K 162 4.94 -9.74 27.51
N ALA K 163 4.01 -10.35 26.81
CA ALA K 163 4.31 -11.26 25.70
C ALA K 163 3.04 -11.29 24.87
N PHE L 3 14.56 21.15 27.91
CA PHE L 3 14.52 19.66 28.09
C PHE L 3 13.87 19.04 26.84
N THR L 4 14.72 18.55 25.94
CA THR L 4 14.32 18.05 24.62
C THR L 4 13.83 19.28 23.86
N MET L 5 14.76 20.20 23.57
CA MET L 5 14.50 21.48 22.90
C MET L 5 13.71 21.24 21.59
N ALA L 6 13.31 22.34 20.95
CA ALA L 6 12.44 22.26 19.81
C ALA L 6 13.13 22.61 18.50
N ALA L 7 12.64 21.94 17.45
CA ALA L 7 12.99 22.17 16.10
C ALA L 7 11.68 22.52 15.39
N TYR L 8 11.82 23.06 14.20
CA TYR L 8 10.71 23.47 13.42
C TYR L 8 10.75 22.69 12.09
N THR L 9 9.83 21.76 11.95
CA THR L 9 9.72 21.03 10.74
C THR L 9 8.53 21.56 9.94
N ILE L 10 8.61 21.43 8.62
CA ILE L 10 7.55 21.78 7.71
C ILE L 10 7.28 20.55 6.83
N VAL L 11 6.11 19.96 6.98
CA VAL L 11 5.68 18.87 6.16
C VAL L 11 4.88 19.47 5.00
N LYS L 12 4.89 18.85 3.82
CA LYS L 12 3.96 19.24 2.76
C LYS L 12 3.80 18.09 1.76
N GLU L 13 2.76 18.22 0.94
CA GLU L 13 2.43 17.26 -0.05
C GLU L 13 2.15 18.01 -1.33
N GLU L 14 2.73 17.52 -2.42
CA GLU L 14 2.71 18.27 -3.64
C GLU L 14 2.38 17.32 -4.78
N GLU L 15 1.93 17.87 -5.91
CA GLU L 15 1.60 17.07 -7.05
C GLU L 15 2.14 17.73 -8.30
N SER L 16 2.80 16.97 -9.16
CA SER L 16 3.29 17.50 -10.44
C SER L 16 2.78 16.65 -11.58
N PRO L 17 2.59 17.20 -12.79
CA PRO L 17 2.25 16.41 -13.97
C PRO L 17 3.50 15.76 -14.62
N ILE L 18 4.66 15.93 -13.97
CA ILE L 18 5.91 15.37 -14.38
C ILE L 18 6.02 14.01 -13.72
N ALA L 19 6.69 13.08 -14.41
CA ALA L 19 6.92 11.72 -13.97
C ALA L 19 7.81 11.70 -12.75
N PRO L 20 7.59 10.79 -11.78
CA PRO L 20 8.35 10.79 -10.53
C PRO L 20 9.87 10.63 -10.67
N HIS L 21 10.30 9.69 -11.49
CA HIS L 21 11.74 9.41 -11.68
C HIS L 21 12.45 10.64 -12.23
N ARG L 22 11.78 11.43 -13.07
CA ARG L 22 12.40 12.65 -13.66
C ARG L 22 12.70 13.66 -12.54
N LEU L 23 11.79 13.78 -11.57
CA LEU L 23 11.89 14.75 -10.45
C LEU L 23 12.91 14.28 -9.42
N PHE L 24 12.97 12.99 -9.17
CA PHE L 24 13.88 12.45 -8.12
C PHE L 24 15.35 12.50 -8.57
N LYS L 25 15.57 13.03 -9.77
CA LYS L 25 16.88 13.14 -10.38
C LYS L 25 17.21 14.62 -10.60
N ALA L 26 16.18 15.44 -10.84
CA ALA L 26 16.32 16.89 -11.07
C ALA L 26 16.49 17.68 -9.76
N LEU L 27 15.63 17.37 -8.78
CA LEU L 27 15.57 18.14 -7.53
C LEU L 27 16.28 17.44 -6.38
N VAL L 28 16.70 16.18 -6.54
CA VAL L 28 17.34 15.43 -5.43
C VAL L 28 18.73 14.89 -5.79
N LEU L 29 18.82 13.90 -6.71
CA LEU L 29 20.10 13.23 -6.96
C LEU L 29 21.03 14.17 -7.73
N GLU L 30 20.43 15.11 -8.47
CA GLU L 30 21.22 16.04 -9.26
C GLU L 30 20.79 17.49 -8.98
N ARG L 31 20.28 17.78 -7.78
CA ARG L 31 19.88 19.17 -7.34
C ARG L 31 21.00 20.17 -7.55
N HIS L 32 22.22 19.78 -7.12
CA HIS L 32 23.43 20.67 -7.19
C HIS L 32 23.74 21.09 -8.63
N GLN L 33 23.42 20.21 -9.59
CA GLN L 33 23.59 20.53 -10.97
C GLN L 33 22.46 21.44 -11.42
N VAL L 34 21.23 21.03 -11.16
CA VAL L 34 20.06 21.70 -11.70
C VAL L 34 19.85 23.07 -11.08
N LEU L 35 20.29 23.28 -9.85
CA LEU L 35 20.15 24.62 -9.22
C LEU L 35 20.94 25.64 -10.02
N VAL L 36 22.14 25.25 -10.44
CA VAL L 36 22.99 26.18 -11.22
C VAL L 36 22.29 26.49 -12.52
N LYS L 37 21.88 25.47 -13.26
CA LYS L 37 21.30 25.65 -14.60
C LYS L 37 20.02 26.47 -14.51
N ALA L 38 19.20 26.23 -13.50
CA ALA L 38 17.90 26.91 -13.32
C ALA L 38 18.07 28.36 -12.86
N GLN L 39 19.04 28.53 -11.95
CA GLN L 39 19.27 29.80 -11.29
C GLN L 39 20.74 30.18 -11.45
N PRO L 40 21.21 30.45 -12.69
CA PRO L 40 22.60 30.80 -12.95
C PRO L 40 22.87 32.21 -12.44
N HIS L 41 21.80 32.86 -11.98
CA HIS L 41 21.88 34.18 -11.58
C HIS L 41 22.26 34.23 -10.11
N VAL L 42 22.19 33.06 -9.45
CA VAL L 42 22.43 32.97 -8.05
C VAL L 42 23.54 31.96 -7.74
N PHE L 43 23.67 30.95 -8.59
CA PHE L 43 24.52 29.83 -8.35
C PHE L 43 25.65 29.75 -9.37
N LYS L 44 26.85 29.41 -8.86
CA LYS L 44 28.04 29.37 -9.68
C LYS L 44 28.47 27.93 -9.92
N SER L 45 28.37 27.08 -8.91
CA SER L 45 28.87 25.77 -9.12
C SER L 45 28.16 24.72 -8.26
N GLY L 46 28.12 23.51 -8.83
CA GLY L 46 27.66 22.36 -8.18
C GLY L 46 28.77 21.36 -8.30
N GLU L 47 28.80 20.39 -7.39
CA GLU L 47 29.79 19.39 -7.42
C GLU L 47 29.62 18.47 -6.23
N ILE L 48 30.26 17.33 -6.38
CA ILE L 48 30.36 16.35 -5.40
C ILE L 48 31.77 16.48 -4.84
N ILE L 49 31.89 16.72 -3.53
CA ILE L 49 33.21 16.82 -2.92
C ILE L 49 33.53 15.50 -2.21
N GLU L 50 32.48 14.78 -1.79
CA GLU L 50 32.65 13.52 -1.09
C GLU L 50 31.60 12.51 -1.59
N GLY L 51 32.03 11.29 -1.86
CA GLY L 51 31.15 10.19 -2.32
C GLY L 51 31.07 10.08 -3.83
N ASP L 52 30.17 9.25 -4.32
CA ASP L 52 29.93 9.10 -5.78
C ASP L 52 28.44 9.22 -6.12
N GLY L 53 27.58 9.50 -5.13
CA GLY L 53 26.13 9.64 -5.36
C GLY L 53 25.24 8.78 -4.47
N GLY L 54 25.82 7.89 -3.68
CA GLY L 54 25.09 7.04 -2.74
C GLY L 54 25.00 7.66 -1.36
N VAL L 55 24.66 6.84 -0.36
CA VAL L 55 24.61 7.29 1.03
C VAL L 55 26.02 7.77 1.41
N GLY L 56 26.07 8.96 2.04
CA GLY L 56 27.31 9.60 2.51
C GLY L 56 27.84 10.67 1.57
N THR L 57 27.32 10.71 0.34
CA THR L 57 27.76 11.66 -0.67
C THR L 57 27.47 13.06 -0.18
N VAL L 58 28.38 13.99 -0.50
CA VAL L 58 28.31 15.39 -0.07
C VAL L 58 28.43 16.29 -1.30
N THR L 59 27.52 17.26 -1.39
CA THR L 59 27.50 18.22 -2.53
C THR L 59 27.63 19.65 -1.98
N LYS L 60 28.53 20.44 -2.57
CA LYS L 60 28.73 21.84 -2.13
C LYS L 60 28.17 22.78 -3.19
N ILE L 61 27.28 23.71 -2.78
CA ILE L 61 26.67 24.68 -3.73
C ILE L 61 27.40 26.01 -3.54
N THR L 62 27.94 26.57 -4.63
CA THR L 62 28.67 27.81 -4.56
C THR L 62 27.84 28.89 -5.26
N PHE L 63 27.50 29.94 -4.51
CA PHE L 63 26.79 31.04 -5.07
C PHE L 63 27.75 32.03 -5.74
N VAL L 64 27.24 32.73 -6.73
CA VAL L 64 28.02 33.69 -7.42
C VAL L 64 28.64 34.61 -6.37
N ASP L 65 29.61 35.42 -6.84
CA ASP L 65 30.49 36.30 -6.05
C ASP L 65 29.71 37.38 -5.29
N GLY L 66 28.82 38.08 -5.99
CA GLY L 66 28.12 39.23 -5.45
C GLY L 66 26.84 38.89 -4.72
N HIS L 67 26.67 37.62 -4.32
CA HIS L 67 25.47 37.21 -3.61
C HIS L 67 25.72 37.24 -2.10
N PRO L 68 24.75 37.69 -1.29
CA PRO L 68 24.88 37.66 0.16
C PRO L 68 25.41 36.35 0.77
N LEU L 69 25.33 35.24 0.02
CA LEU L 69 25.80 33.92 0.48
C LEU L 69 27.02 33.47 -0.34
N THR L 70 27.69 32.43 0.13
CA THR L 70 28.93 31.99 -0.46
C THR L 70 28.82 30.54 -0.93
N TYR L 71 28.41 29.66 -0.02
CA TYR L 71 28.28 28.24 -0.36
C TYR L 71 27.38 27.57 0.66
N MET L 72 27.17 26.26 0.45
CA MET L 72 26.47 25.36 1.40
C MET L 72 26.88 23.90 1.11
N LEU L 73 26.91 23.08 2.16
CA LEU L 73 27.23 21.70 2.02
C LEU L 73 25.98 20.89 2.38
N HIS L 74 25.83 19.73 1.73
CA HIS L 74 24.75 18.76 2.01
C HIS L 74 25.34 17.36 2.00
N LYS L 75 24.76 16.47 2.79
CA LYS L 75 25.18 15.08 2.90
C LYS L 75 23.98 14.18 2.59
N PHE L 76 24.17 13.12 1.79
CA PHE L 76 23.05 12.18 1.56
C PHE L 76 23.01 11.16 2.71
N ASP L 77 21.97 11.25 3.55
CA ASP L 77 21.78 10.40 4.75
C ASP L 77 21.17 9.03 4.39
N GLU L 78 20.16 9.05 3.52
CA GLU L 78 19.50 7.86 3.07
C GLU L 78 19.07 8.02 1.62
N ILE L 79 19.45 7.06 0.78
CA ILE L 79 19.01 7.04 -0.59
C ILE L 79 18.47 5.64 -0.93
N ASP L 80 17.18 5.60 -1.29
CA ASP L 80 16.52 4.41 -1.86
C ASP L 80 15.74 4.96 -3.06
N ALA L 81 16.53 5.42 -4.03
CA ALA L 81 16.05 6.10 -5.22
C ALA L 81 14.98 5.28 -5.96
N ALA L 82 15.02 3.95 -5.76
CA ALA L 82 14.15 2.96 -6.40
C ALA L 82 12.67 3.20 -6.10
N ASN L 83 12.35 3.81 -4.94
CA ASN L 83 10.98 4.15 -4.53
C ASN L 83 10.84 5.66 -4.35
N PHE L 84 11.87 6.41 -4.73
CA PHE L 84 11.90 7.87 -4.70
C PHE L 84 11.81 8.40 -3.25
N TYR L 85 12.76 7.97 -2.40
CA TYR L 85 12.84 8.41 -1.03
C TYR L 85 14.28 8.77 -0.66
N CYS L 86 14.45 10.05 -0.29
CA CYS L 86 15.71 10.56 0.13
C CYS L 86 15.57 11.32 1.47
N LYS L 87 16.63 11.21 2.28
CA LYS L 87 16.86 12.01 3.47
C LYS L 87 18.26 12.59 3.31
N TYR L 88 18.38 13.92 3.31
CA TYR L 88 19.67 14.63 3.24
C TYR L 88 19.60 15.90 4.11
N THR L 89 20.77 16.38 4.52
CA THR L 89 20.91 17.45 5.47
C THR L 89 21.89 18.53 5.04
N LEU L 90 21.40 19.78 5.09
CA LEU L 90 22.26 20.95 4.96
C LEU L 90 23.01 21.09 6.30
N PHE L 91 24.34 20.95 6.28
CA PHE L 91 25.10 20.89 7.54
C PHE L 91 26.24 21.91 7.63
N GLU L 92 26.50 22.66 6.56
CA GLU L 92 27.55 23.67 6.62
C GLU L 92 27.32 24.65 5.47
N GLY L 93 27.47 25.94 5.81
CA GLY L 93 27.31 27.06 4.89
C GLY L 93 26.72 28.27 5.59
N ASP L 94 27.12 29.45 5.12
CA ASP L 94 26.65 30.70 5.70
C ASP L 94 25.15 30.90 5.43
N VAL L 95 24.40 29.81 5.22
CA VAL L 95 22.93 29.87 4.97
C VAL L 95 22.22 29.80 6.33
N LEU L 96 22.93 29.22 7.30
CA LEU L 96 22.42 28.92 8.61
C LEU L 96 22.50 30.13 9.56
N ARG L 97 22.69 31.34 9.01
CA ARG L 97 22.77 32.53 9.83
C ARG L 97 23.57 32.21 11.10
N ASP L 98 22.88 32.22 12.24
CA ASP L 98 23.47 31.98 13.55
C ASP L 98 22.61 31.03 14.39
N ASN L 99 21.30 31.31 14.45
CA ASN L 99 20.37 30.50 15.20
C ASN L 99 20.25 29.07 14.66
N ILE L 100 20.21 28.93 13.33
CA ILE L 100 20.02 27.62 12.70
C ILE L 100 21.32 26.79 12.83
N GLU L 101 21.20 25.48 13.08
CA GLU L 101 22.37 24.55 13.12
C GLU L 101 22.43 23.67 11.87
N LYS L 102 21.25 23.29 11.34
CA LYS L 102 21.14 22.40 10.17
C LYS L 102 19.71 22.30 9.67
N VAL L 103 19.57 21.76 8.45
CA VAL L 103 18.27 21.49 7.88
C VAL L 103 18.25 20.07 7.25
N VAL L 104 17.26 19.30 7.71
CA VAL L 104 17.03 17.94 7.31
C VAL L 104 15.83 17.93 6.37
N TYR L 105 16.03 17.27 5.21
CA TYR L 105 15.04 17.14 4.16
C TYR L 105 14.80 15.65 3.91
N GLU L 106 13.55 15.19 4.09
CA GLU L 106 13.13 13.81 3.87
C GLU L 106 12.06 13.83 2.76
N VAL L 107 12.45 13.48 1.54
CA VAL L 107 11.54 13.55 0.37
C VAL L 107 11.09 12.15 -0.04
N LYS L 108 9.85 12.09 -0.55
CA LYS L 108 9.22 10.90 -1.06
C LYS L 108 8.30 11.29 -2.22
N LEU L 109 8.34 10.49 -3.28
CA LEU L 109 7.53 10.69 -4.46
C LEU L 109 6.86 9.36 -4.84
N GLU L 110 5.72 9.42 -5.51
CA GLU L 110 4.99 8.19 -5.88
C GLU L 110 4.37 8.37 -7.26
N ALA L 111 4.48 7.37 -8.12
CA ALA L 111 3.93 7.51 -9.49
C ALA L 111 2.43 7.71 -9.41
N VAL L 112 1.87 8.66 -10.12
CA VAL L 112 0.38 8.79 -10.18
C VAL L 112 0.05 9.22 -11.61
N GLY L 113 -0.44 8.32 -12.44
CA GLY L 113 -0.65 8.68 -13.85
C GLY L 113 0.70 8.81 -14.52
N GLY L 114 0.82 9.65 -15.52
CA GLY L 114 2.13 9.86 -16.10
C GLY L 114 2.82 11.01 -15.38
N GLY L 115 2.52 11.10 -14.07
CA GLY L 115 2.92 12.18 -13.16
C GLY L 115 3.35 11.66 -11.80
N SER L 116 3.11 12.44 -10.73
CA SER L 116 3.59 12.04 -9.36
C SER L 116 2.98 12.86 -8.21
N LYS L 117 3.15 12.30 -7.01
CA LYS L 117 2.79 12.87 -5.71
C LYS L 117 4.09 12.93 -4.89
N GLY L 118 4.23 13.94 -4.03
CA GLY L 118 5.41 14.01 -3.18
C GLY L 118 5.06 14.38 -1.74
N LYS L 119 5.72 13.74 -0.78
CA LYS L 119 5.59 14.15 0.59
C LYS L 119 6.96 14.71 0.95
N ILE L 120 7.01 16.02 1.21
CA ILE L 120 8.25 16.65 1.60
C ILE L 120 8.11 17.12 3.03
N THR L 121 9.11 16.77 3.84
CA THR L 121 9.25 17.23 5.19
C THR L 121 10.61 17.91 5.30
N VAL L 122 10.60 19.14 5.79
CA VAL L 122 11.80 19.92 5.99
C VAL L 122 11.88 20.21 7.50
N THR L 123 13.04 20.06 8.13
CA THR L 123 13.17 20.28 9.59
C THR L 123 14.35 21.19 9.92
N TYR L 124 14.09 22.39 10.47
CA TYR L 124 15.17 23.37 10.90
C TYR L 124 15.50 23.12 12.37
N HIS L 125 16.80 23.03 12.64
CA HIS L 125 17.36 22.63 13.92
C HIS L 125 18.06 23.80 14.59
N PRO L 126 17.51 24.37 15.69
CA PRO L 126 18.15 25.47 16.40
C PRO L 126 19.48 25.00 17.01
N LYS L 127 20.43 25.93 17.08
CA LYS L 127 21.80 25.72 17.61
C LYS L 127 21.82 26.07 19.10
N PRO L 128 22.88 25.69 19.85
CA PRO L 128 22.93 25.94 21.28
C PRO L 128 22.59 27.36 21.70
N GLY L 129 21.55 27.49 22.54
CA GLY L 129 21.16 28.77 23.13
C GLY L 129 20.25 29.60 22.25
N CYS L 130 20.69 29.92 21.02
CA CYS L 130 19.93 30.75 20.08
C CYS L 130 18.65 30.00 19.67
N THR L 131 17.73 30.70 19.00
CA THR L 131 16.42 30.13 18.61
C THR L 131 16.21 30.14 17.09
N VAL L 132 15.51 29.13 16.56
CA VAL L 132 15.28 29.12 15.09
C VAL L 132 14.45 30.36 14.74
N ASN L 133 14.78 31.01 13.63
CA ASN L 133 14.10 32.26 13.21
C ASN L 133 12.61 32.01 13.06
N GLU L 134 11.82 33.00 13.45
CA GLU L 134 10.36 32.81 13.39
C GLU L 134 9.91 32.55 11.94
N GLU L 135 10.40 33.32 10.98
CA GLU L 135 9.91 33.11 9.61
C GLU L 135 11.02 32.99 8.58
N GLU L 136 12.20 32.52 8.93
CA GLU L 136 13.20 32.32 7.82
C GLU L 136 13.10 30.88 7.30
N VAL L 137 12.24 30.09 7.92
CA VAL L 137 11.82 28.75 7.48
C VAL L 137 11.07 28.96 6.17
N LYS L 138 10.23 29.99 6.13
CA LYS L 138 9.42 30.35 4.96
C LYS L 138 10.35 30.72 3.79
N ILE L 139 11.46 31.38 4.08
CA ILE L 139 12.36 31.84 3.03
C ILE L 139 13.02 30.64 2.36
N GLY L 140 13.28 29.62 3.16
CA GLY L 140 13.82 28.37 2.68
C GLY L 140 12.72 27.50 2.11
N GLU L 141 11.48 27.84 2.49
CA GLU L 141 10.37 27.20 1.94
C GLU L 141 10.26 27.75 0.53
N LYS L 142 10.04 29.06 0.43
CA LYS L 142 9.79 29.69 -0.86
C LYS L 142 10.97 29.49 -1.83
N LYS L 143 12.20 29.20 -1.36
CA LYS L 143 13.30 29.07 -2.35
C LYS L 143 13.22 27.72 -3.05
N ALA L 144 13.03 26.68 -2.26
CA ALA L 144 12.90 25.27 -2.74
C ALA L 144 11.70 25.05 -3.67
N TYR L 145 10.59 25.78 -3.44
CA TYR L 145 9.34 25.65 -4.16
C TYR L 145 9.42 26.27 -5.54
N GLU L 146 9.72 27.55 -5.55
CA GLU L 146 9.93 28.37 -6.76
C GLU L 146 10.90 27.64 -7.68
N PHE L 147 11.95 27.12 -7.05
CA PHE L 147 12.92 26.40 -7.77
C PHE L 147 12.22 25.23 -8.48
N TYR L 148 11.62 24.35 -7.69
CA TYR L 148 10.84 23.20 -8.15
C TYR L 148 9.92 23.56 -9.34
N LYS L 149 9.23 24.70 -9.32
CA LYS L 149 8.27 24.98 -10.43
C LYS L 149 9.04 25.40 -11.68
N GLN L 150 10.31 25.77 -11.47
CA GLN L 150 11.24 26.18 -12.54
C GLN L 150 11.66 24.95 -13.31
N VAL L 151 11.98 23.91 -12.54
CA VAL L 151 12.35 22.65 -13.02
C VAL L 151 11.19 22.13 -13.87
N GLU L 152 10.05 21.84 -13.23
CA GLU L 152 8.82 21.32 -13.84
C GLU L 152 8.52 21.93 -15.20
N GLU L 153 8.41 23.25 -15.30
CA GLU L 153 8.15 23.92 -16.59
C GLU L 153 9.20 23.46 -17.63
N TYR L 154 10.47 23.44 -17.21
CA TYR L 154 11.57 23.05 -18.07
C TYR L 154 11.43 21.61 -18.53
N LEU L 155 11.14 20.70 -17.57
CA LEU L 155 11.05 19.23 -17.77
C LEU L 155 9.89 18.84 -18.67
N ALA L 156 8.74 19.50 -18.49
CA ALA L 156 7.56 19.27 -19.30
C ALA L 156 7.88 19.64 -20.75
N ALA L 157 8.47 20.83 -20.92
CA ALA L 157 8.80 21.42 -22.21
C ALA L 157 9.96 20.73 -22.94
N ASN L 158 10.53 19.70 -22.31
CA ASN L 158 11.68 18.95 -22.81
C ASN L 158 11.54 17.53 -22.30
N PRO L 159 10.54 16.78 -22.83
CA PRO L 159 10.21 15.46 -22.30
C PRO L 159 11.34 14.43 -22.31
N GLU L 160 12.27 14.56 -23.25
CA GLU L 160 13.36 13.61 -23.40
C GLU L 160 14.28 13.65 -22.17
N VAL L 161 14.40 14.81 -21.51
CA VAL L 161 15.38 14.96 -20.42
C VAL L 161 14.99 14.14 -19.19
N PHE L 162 15.87 13.19 -18.86
CA PHE L 162 15.70 12.24 -17.78
C PHE L 162 14.46 11.38 -18.07
N ALA L 163 14.11 11.29 -19.36
CA ALA L 163 12.91 10.59 -19.82
C ALA L 163 13.27 9.62 -20.93
N THR M 4 -41.28 31.72 -9.30
CA THR M 4 -40.25 30.85 -8.66
C THR M 4 -40.58 30.66 -7.17
N MET M 5 -40.15 29.52 -6.62
CA MET M 5 -40.37 29.16 -5.22
C MET M 5 -39.20 28.32 -4.74
N ALA M 6 -38.54 28.77 -3.67
CA ALA M 6 -37.39 28.05 -3.09
C ALA M 6 -37.90 27.01 -2.09
N ALA M 7 -36.99 26.13 -1.66
CA ALA M 7 -37.27 25.08 -0.70
C ALA M 7 -36.06 24.93 0.21
N TYR M 8 -36.30 24.45 1.43
CA TYR M 8 -35.28 24.33 2.43
C TYR M 8 -34.82 22.87 2.38
N THR M 9 -33.54 22.66 2.09
CA THR M 9 -32.95 21.32 1.91
C THR M 9 -31.83 20.99 2.92
N ILE M 10 -32.04 19.91 3.69
CA ILE M 10 -31.09 19.38 4.67
C ILE M 10 -30.53 18.07 4.13
N VAL M 11 -29.20 18.00 4.05
CA VAL M 11 -28.49 16.83 3.54
C VAL M 11 -27.50 16.38 4.61
N LYS M 12 -27.66 15.11 5.03
CA LYS M 12 -26.92 14.54 6.13
C LYS M 12 -26.21 13.25 5.71
N GLU M 13 -25.25 12.85 6.56
CA GLU M 13 -24.45 11.65 6.45
C GLU M 13 -24.29 11.12 7.88
N GLU M 14 -24.86 9.94 8.18
CA GLU M 14 -24.80 9.35 9.55
C GLU M 14 -24.38 7.89 9.41
N GLU M 15 -23.84 7.35 10.52
CA GLU M 15 -23.28 6.03 10.63
C GLU M 15 -23.85 5.37 11.88
N SER M 16 -24.07 4.05 11.78
CA SER M 16 -24.75 3.25 12.77
C SER M 16 -24.16 1.84 12.85
N PRO M 17 -24.06 1.29 14.07
CA PRO M 17 -23.73 -0.12 14.21
C PRO M 17 -24.91 -1.01 13.78
N ILE M 18 -26.08 -0.43 13.49
CA ILE M 18 -27.22 -1.26 13.08
C ILE M 18 -27.09 -1.58 11.60
N ALA M 19 -27.39 -2.84 11.25
CA ALA M 19 -27.34 -3.29 9.86
C ALA M 19 -28.52 -2.69 9.09
N PRO M 20 -28.24 -2.35 7.80
CA PRO M 20 -29.16 -1.61 6.92
C PRO M 20 -30.53 -2.15 6.53
N HIS M 21 -30.90 -3.34 7.01
CA HIS M 21 -32.18 -3.95 6.72
C HIS M 21 -33.09 -3.82 7.94
N ARG M 22 -32.46 -3.78 9.13
CA ARG M 22 -33.12 -3.52 10.39
C ARG M 22 -33.51 -2.04 10.44
N LEU M 23 -32.58 -1.17 9.99
CA LEU M 23 -32.77 0.27 10.02
C LEU M 23 -33.76 0.65 8.97
N PHE M 24 -33.50 0.17 7.75
CA PHE M 24 -34.37 0.50 6.71
C PHE M 24 -35.80 0.17 7.13
N LYS M 25 -35.95 -0.95 7.81
CA LYS M 25 -37.26 -1.41 8.18
C LYS M 25 -37.83 -0.59 9.34
N ALA M 26 -37.04 -0.44 10.40
CA ALA M 26 -37.54 0.24 11.59
C ALA M 26 -37.82 1.73 11.35
N LEU M 27 -37.08 2.40 10.45
CA LEU M 27 -37.26 3.85 10.32
C LEU M 27 -37.88 4.23 8.98
N VAL M 28 -38.18 3.28 8.09
CA VAL M 28 -38.73 3.63 6.77
C VAL M 28 -40.03 2.86 6.53
N LEU M 29 -39.92 1.53 6.40
CA LEU M 29 -41.05 0.64 6.10
C LEU M 29 -42.00 0.46 7.30
N GLU M 30 -41.48 0.52 8.52
CA GLU M 30 -42.39 0.34 9.67
C GLU M 30 -42.32 1.57 10.56
N ARG M 31 -41.83 2.68 10.05
CA ARG M 31 -41.59 3.85 10.91
C ARG M 31 -42.86 4.30 11.61
N HIS M 32 -43.96 4.41 10.89
CA HIS M 32 -45.24 4.92 11.44
C HIS M 32 -45.63 4.03 12.59
N GLN M 33 -45.27 2.76 12.49
CA GLN M 33 -45.60 1.84 13.57
C GLN M 33 -44.58 2.01 14.71
N VAL M 34 -43.28 2.02 14.38
CA VAL M 34 -42.25 2.02 15.39
C VAL M 34 -42.25 3.35 16.13
N LEU M 35 -42.85 4.36 15.50
CA LEU M 35 -42.92 5.66 16.15
C LEU M 35 -43.75 5.59 17.43
N VAL M 36 -44.81 4.78 17.46
CA VAL M 36 -45.73 4.75 18.61
C VAL M 36 -45.14 3.89 19.74
N LYS M 37 -44.41 2.85 19.34
CA LYS M 37 -43.75 1.93 20.26
C LYS M 37 -42.71 2.70 21.09
N ALA M 38 -41.97 3.56 20.39
CA ALA M 38 -40.83 4.24 20.98
C ALA M 38 -41.27 5.43 21.80
N GLN M 39 -42.22 6.19 21.26
CA GLN M 39 -42.72 7.40 21.89
C GLN M 39 -44.20 7.23 22.15
N PRO M 40 -44.60 6.35 23.11
CA PRO M 40 -46.01 6.09 23.39
C PRO M 40 -46.58 7.24 24.23
N HIS M 41 -45.70 8.20 24.55
CA HIS M 41 -46.03 9.40 25.30
C HIS M 41 -46.32 10.53 24.30
N VAL M 42 -46.30 10.17 23.00
CA VAL M 42 -46.51 11.12 21.92
C VAL M 42 -47.50 10.56 20.87
N PHE M 43 -47.47 9.27 20.61
CA PHE M 43 -48.31 8.74 19.61
C PHE M 43 -49.23 7.66 20.18
N LYS M 44 -50.33 7.44 19.44
CA LYS M 44 -51.33 6.42 19.74
C LYS M 44 -51.30 5.37 18.65
N SER M 45 -51.18 5.76 17.39
CA SER M 45 -51.19 4.74 16.32
C SER M 45 -50.55 5.21 15.01
N GLY M 46 -50.13 4.21 14.25
CA GLY M 46 -49.57 4.30 12.89
C GLY M 46 -50.25 3.25 12.05
N GLU M 47 -50.60 3.55 10.81
CA GLU M 47 -51.38 2.60 10.04
C GLU M 47 -51.49 3.03 8.58
N ILE M 48 -51.64 2.05 7.68
CA ILE M 48 -51.85 2.31 6.26
C ILE M 48 -53.34 2.63 6.09
N ILE M 49 -53.69 3.92 5.99
CA ILE M 49 -55.12 4.28 5.79
C ILE M 49 -55.55 3.70 4.44
N GLU M 50 -54.69 3.85 3.45
CA GLU M 50 -54.88 3.29 2.08
C GLU M 50 -53.52 2.76 1.61
N GLY M 51 -53.45 2.26 0.39
CA GLY M 51 -52.15 1.78 -0.11
C GLY M 51 -51.90 0.35 0.31
N ASP M 52 -50.88 -0.27 -0.29
CA ASP M 52 -50.58 -1.69 0.01
C ASP M 52 -49.38 -1.85 0.93
N GLY M 53 -48.49 -0.86 0.95
CA GLY M 53 -47.24 -1.00 1.73
C GLY M 53 -46.04 -0.98 0.82
N GLY M 54 -46.30 -0.95 -0.48
CA GLY M 54 -45.22 -0.83 -1.47
C GLY M 54 -45.29 0.57 -2.06
N VAL M 55 -44.79 0.78 -3.25
CA VAL M 55 -44.94 2.11 -3.88
C VAL M 55 -46.43 2.37 -4.03
N GLY M 56 -46.88 3.58 -3.73
CA GLY M 56 -48.31 3.93 -3.85
C GLY M 56 -49.06 3.78 -2.55
N THR M 57 -48.31 3.52 -1.48
CA THR M 57 -48.85 3.35 -0.13
C THR M 57 -48.95 4.70 0.60
N VAL M 58 -49.97 4.80 1.45
CA VAL M 58 -50.23 6.01 2.24
C VAL M 58 -50.42 5.60 3.70
N THR M 59 -49.43 5.93 4.55
CA THR M 59 -49.54 5.63 5.97
C THR M 59 -50.07 6.86 6.70
N LYS M 60 -50.74 6.62 7.83
CA LYS M 60 -51.33 7.71 8.65
C LYS M 60 -50.80 7.62 10.08
N ILE M 61 -50.34 8.75 10.63
CA ILE M 61 -49.82 8.80 12.03
C ILE M 61 -50.81 9.63 12.86
N THR M 62 -51.29 9.07 13.98
CA THR M 62 -52.26 9.78 14.85
C THR M 62 -51.59 10.16 16.17
N PHE M 63 -51.62 11.45 16.51
CA PHE M 63 -51.01 11.95 17.77
C PHE M 63 -51.91 11.58 18.96
N VAL M 64 -51.28 11.57 20.13
CA VAL M 64 -52.02 11.25 21.37
C VAL M 64 -53.03 12.36 21.57
N ASP M 65 -54.05 12.06 22.35
CA ASP M 65 -55.07 13.06 22.67
C ASP M 65 -54.38 14.17 23.46
N GLY M 66 -54.65 15.42 23.10
CA GLY M 66 -54.07 16.58 23.82
C GLY M 66 -52.71 16.99 23.30
N HIS M 67 -52.12 16.23 22.40
CA HIS M 67 -50.79 16.67 21.93
C HIS M 67 -50.98 17.89 21.06
N PRO M 68 -50.12 18.91 21.15
CA PRO M 68 -50.22 20.05 20.24
C PRO M 68 -50.53 19.57 18.81
N LEU M 69 -49.73 18.64 18.32
CA LEU M 69 -49.90 18.08 16.96
C LEU M 69 -51.12 17.18 16.93
N THR M 70 -51.60 16.83 15.73
CA THR M 70 -52.78 15.94 15.65
C THR M 70 -52.51 14.70 14.79
N TYR M 71 -52.19 14.85 13.52
CA TYR M 71 -51.98 13.62 12.73
C TYR M 71 -51.00 13.85 11.59
N MET M 72 -50.38 12.78 11.12
CA MET M 72 -49.47 12.85 10.01
C MET M 72 -49.80 11.77 8.99
N LEU M 73 -49.70 12.17 7.72
CA LEU M 73 -49.89 11.32 6.56
C LEU M 73 -48.62 11.40 5.70
N HIS M 74 -48.19 10.25 5.17
CA HIS M 74 -47.03 10.12 4.31
C HIS M 74 -47.37 9.17 3.16
N LYS M 75 -46.81 9.42 1.98
CA LYS M 75 -47.06 8.53 0.85
C LYS M 75 -45.70 8.09 0.32
N PHE M 76 -45.63 6.90 -0.30
CA PHE M 76 -44.39 6.44 -0.90
C PHE M 76 -44.38 6.85 -2.37
N ASP M 77 -43.20 7.27 -2.86
CA ASP M 77 -43.01 7.76 -4.25
C ASP M 77 -42.23 6.75 -5.10
N GLU M 78 -41.28 6.05 -4.46
CA GLU M 78 -40.44 5.05 -5.10
C GLU M 78 -39.72 4.27 -4.00
N ILE M 79 -39.64 2.95 -4.15
CA ILE M 79 -39.00 2.09 -3.12
C ILE M 79 -38.12 1.07 -3.82
N ASP M 80 -36.99 0.74 -3.21
CA ASP M 80 -36.09 -0.36 -3.64
C ASP M 80 -35.54 -0.91 -2.33
N ALA M 81 -36.24 -1.86 -1.73
CA ALA M 81 -35.84 -2.39 -0.42
C ALA M 81 -34.57 -3.23 -0.58
N ALA M 82 -34.19 -3.52 -1.82
CA ALA M 82 -33.01 -4.33 -2.07
C ALA M 82 -31.76 -3.51 -1.72
N ASN M 83 -31.81 -2.23 -2.06
CA ASN M 83 -30.73 -1.33 -1.93
C ASN M 83 -31.07 -0.26 -0.89
N PHE M 84 -32.14 -0.50 -0.14
CA PHE M 84 -32.57 0.34 0.94
C PHE M 84 -32.70 1.80 0.50
N TYR M 85 -33.61 2.03 -0.46
CA TYR M 85 -33.86 3.37 -0.94
C TYR M 85 -35.35 3.68 -0.82
N CYS M 86 -35.66 4.93 -0.47
CA CYS M 86 -37.04 5.37 -0.43
C CYS M 86 -37.14 6.90 -0.54
N LYS M 87 -38.30 7.31 -1.06
CA LYS M 87 -38.78 8.67 -1.15
C LYS M 87 -40.20 8.59 -0.59
N TYR M 88 -40.45 9.19 0.58
CA TYR M 88 -41.76 9.15 1.17
C TYR M 88 -42.21 10.57 1.43
N THR M 89 -43.49 10.81 1.12
CA THR M 89 -44.06 12.14 1.08
C THR M 89 -44.88 12.42 2.35
N LEU M 90 -44.54 13.52 3.02
CA LEU M 90 -45.30 14.06 4.12
C LEU M 90 -46.14 15.21 3.55
N PHE M 91 -47.27 14.88 2.92
CA PHE M 91 -48.01 15.89 2.13
C PHE M 91 -48.92 16.79 2.97
N GLU M 92 -49.30 16.36 4.17
CA GLU M 92 -50.22 17.15 4.98
C GLU M 92 -50.17 16.68 6.43
N GLY M 93 -51.01 17.27 7.29
CA GLY M 93 -51.04 16.99 8.71
C GLY M 93 -51.08 18.32 9.46
N ASP M 94 -51.75 18.35 10.62
CA ASP M 94 -51.88 19.62 11.35
C ASP M 94 -50.46 20.13 11.68
N VAL M 95 -49.56 19.19 12.03
CA VAL M 95 -48.15 19.47 12.40
C VAL M 95 -47.49 20.38 11.35
N LEU M 96 -47.79 20.17 10.07
CA LEU M 96 -47.26 21.03 9.03
C LEU M 96 -47.92 22.41 9.25
N ARG M 97 -47.09 23.38 9.60
CA ARG M 97 -47.65 24.73 9.87
C ARG M 97 -48.18 25.28 8.56
N ASP M 98 -48.84 26.42 8.63
CA ASP M 98 -49.59 27.05 7.49
C ASP M 98 -48.75 27.38 6.25
N ASN M 99 -47.42 27.45 6.32
CA ASN M 99 -46.56 27.76 5.17
C ASN M 99 -45.84 26.51 4.62
N ILE M 100 -46.35 25.29 4.85
CA ILE M 100 -45.65 24.09 4.39
C ILE M 100 -46.60 23.17 3.62
N GLU M 101 -46.19 22.81 2.41
CA GLU M 101 -46.93 21.92 1.53
C GLU M 101 -46.48 20.47 1.73
N LYS M 102 -45.16 20.26 1.76
CA LYS M 102 -44.64 18.93 1.92
C LYS M 102 -43.14 18.98 2.24
N VAL M 103 -42.68 17.84 2.76
CA VAL M 103 -41.32 17.63 3.13
C VAL M 103 -40.87 16.37 2.40
N VAL M 104 -39.76 16.42 1.67
CA VAL M 104 -39.35 15.25 0.88
C VAL M 104 -38.12 14.57 1.48
N TYR M 105 -38.38 13.32 1.91
CA TYR M 105 -37.42 12.40 2.49
C TYR M 105 -36.91 11.46 1.40
N GLU M 106 -35.58 11.39 1.29
CA GLU M 106 -34.85 10.55 0.35
C GLU M 106 -33.79 9.78 1.13
N VAL M 107 -34.11 8.50 1.36
CA VAL M 107 -33.28 7.64 2.13
C VAL M 107 -32.60 6.63 1.22
N LYS M 108 -31.35 6.31 1.57
CA LYS M 108 -30.54 5.37 0.88
C LYS M 108 -29.38 4.93 1.78
N LEU M 109 -29.50 3.72 2.35
CA LEU M 109 -28.52 3.15 3.29
C LEU M 109 -27.59 2.14 2.59
N GLU M 110 -26.65 1.60 3.37
CA GLU M 110 -25.63 0.70 2.87
C GLU M 110 -24.91 0.00 4.02
N ALA M 111 -24.45 -1.21 3.75
CA ALA M 111 -23.76 -2.02 4.73
C ALA M 111 -22.32 -1.55 4.89
N VAL M 112 -21.86 -1.49 6.14
CA VAL M 112 -20.48 -1.20 6.50
C VAL M 112 -20.19 -2.05 7.74
N GLY M 113 -19.53 -3.19 7.52
CA GLY M 113 -19.33 -4.15 8.59
C GLY M 113 -20.69 -4.72 8.97
N GLY M 114 -20.97 -4.80 10.27
CA GLY M 114 -22.29 -5.24 10.77
C GLY M 114 -23.19 -4.06 11.08
N GLY M 115 -22.72 -2.86 10.68
CA GLY M 115 -23.37 -1.57 10.87
C GLY M 115 -23.74 -0.92 9.54
N SER M 116 -23.84 0.41 9.53
CA SER M 116 -24.28 1.09 8.32
C SER M 116 -23.81 2.55 8.23
N LYS M 117 -24.25 3.18 7.16
CA LYS M 117 -24.03 4.56 6.82
C LYS M 117 -25.26 5.05 6.04
N GLY M 118 -25.44 6.35 5.92
CA GLY M 118 -26.61 6.80 5.22
C GLY M 118 -26.50 8.25 4.80
N LYS M 119 -27.15 8.53 3.67
CA LYS M 119 -27.33 9.88 3.20
C LYS M 119 -28.84 10.14 3.31
N ILE M 120 -29.19 11.10 4.18
CA ILE M 120 -30.55 11.46 4.44
C ILE M 120 -30.75 12.88 3.90
N THR M 121 -31.78 13.02 3.07
CA THR M 121 -32.14 14.27 2.43
C THR M 121 -33.57 14.67 2.79
N VAL M 122 -33.72 15.80 3.47
CA VAL M 122 -35.06 16.31 3.79
C VAL M 122 -35.22 17.63 3.06
N THR M 123 -36.44 17.92 2.59
CA THR M 123 -36.70 19.15 1.84
C THR M 123 -38.13 19.64 2.09
N TYR M 124 -38.23 20.82 2.70
CA TYR M 124 -39.52 21.42 3.00
C TYR M 124 -39.99 22.24 1.80
N HIS M 125 -41.15 21.89 1.25
CA HIS M 125 -41.71 22.64 0.15
C HIS M 125 -42.88 23.47 0.67
N PRO M 126 -42.85 24.80 0.52
CA PRO M 126 -43.93 25.68 0.99
C PRO M 126 -45.12 25.80 0.02
N LYS M 127 -46.23 26.31 0.55
CA LYS M 127 -47.48 26.46 -0.18
C LYS M 127 -47.39 27.62 -1.15
N PRO M 128 -48.45 27.99 -1.89
CA PRO M 128 -48.32 29.13 -2.77
C PRO M 128 -48.10 30.34 -1.86
N GLY M 129 -47.11 31.17 -2.18
CA GLY M 129 -46.92 32.40 -1.39
C GLY M 129 -46.73 32.21 0.10
N CYS M 130 -45.68 31.48 0.50
CA CYS M 130 -45.26 31.37 1.93
C CYS M 130 -43.73 31.21 1.96
N THR M 131 -43.06 31.65 3.02
CA THR M 131 -41.61 31.51 3.15
C THR M 131 -41.30 30.47 4.23
N VAL M 132 -40.02 30.11 4.33
CA VAL M 132 -39.53 29.09 5.30
C VAL M 132 -38.44 29.68 6.18
N ASN M 133 -38.42 29.18 7.43
CA ASN M 133 -37.56 29.66 8.51
C ASN M 133 -36.65 28.56 9.07
N GLU M 134 -35.49 29.02 9.55
CA GLU M 134 -34.41 28.25 10.16
C GLU M 134 -34.91 27.25 11.22
N GLU M 135 -35.61 27.78 12.24
CA GLU M 135 -36.01 27.06 13.45
C GLU M 135 -36.89 25.83 13.16
N GLU M 136 -37.94 26.02 12.35
CA GLU M 136 -38.98 24.99 12.07
C GLU M 136 -38.35 23.68 11.57
N VAL M 137 -37.44 23.81 10.62
CA VAL M 137 -36.79 22.65 10.08
C VAL M 137 -35.97 21.98 11.18
N LYS M 138 -35.09 22.78 11.78
CA LYS M 138 -34.16 22.36 12.79
C LYS M 138 -34.89 21.60 13.90
N ILE M 139 -36.23 21.73 13.98
CA ILE M 139 -37.07 21.02 14.97
C ILE M 139 -37.36 19.63 14.40
N GLY M 140 -37.80 19.58 13.13
CA GLY M 140 -38.07 18.31 12.48
C GLY M 140 -36.86 17.44 12.64
N GLU M 141 -35.80 17.80 11.93
CA GLU M 141 -34.50 17.14 12.03
C GLU M 141 -34.26 16.62 13.46
N LYS M 142 -34.52 17.47 14.46
CA LYS M 142 -34.24 17.16 15.86
C LYS M 142 -35.06 15.97 16.37
N LYS M 143 -36.34 15.87 15.97
CA LYS M 143 -37.21 14.78 16.46
C LYS M 143 -36.82 13.48 15.78
N ALA M 144 -36.70 13.55 14.46
CA ALA M 144 -36.33 12.46 13.62
C ALA M 144 -35.00 11.83 14.07
N TYR M 145 -34.02 12.66 14.40
CA TYR M 145 -32.73 12.16 14.73
C TYR M 145 -32.78 11.55 16.12
N GLU M 146 -33.45 12.24 17.06
CA GLU M 146 -33.65 11.75 18.41
C GLU M 146 -34.30 10.36 18.38
N PHE M 147 -35.30 10.21 17.51
CA PHE M 147 -36.06 9.00 17.32
C PHE M 147 -35.07 7.90 16.95
N TYR M 148 -34.42 8.09 15.81
CA TYR M 148 -33.39 7.19 15.30
C TYR M 148 -32.49 6.65 16.43
N LYS M 149 -31.99 7.54 17.29
CA LYS M 149 -31.13 7.11 18.39
C LYS M 149 -31.90 6.20 19.35
N GLN M 150 -33.15 6.57 19.68
CA GLN M 150 -34.01 5.78 20.55
C GLN M 150 -34.19 4.37 19.98
N VAL M 151 -34.33 4.31 18.66
CA VAL M 151 -34.57 3.09 17.90
C VAL M 151 -33.27 2.33 17.69
N GLU M 152 -32.15 3.07 17.62
CA GLU M 152 -30.84 2.51 17.47
C GLU M 152 -30.51 1.72 18.74
N GLU M 153 -30.70 2.38 19.89
CA GLU M 153 -30.46 1.78 21.20
C GLU M 153 -31.34 0.55 21.36
N TYR M 154 -32.58 0.61 20.86
CA TYR M 154 -33.52 -0.48 21.00
C TYR M 154 -33.04 -1.68 20.17
N LEU M 155 -32.69 -1.46 18.91
CA LEU M 155 -32.27 -2.58 18.02
C LEU M 155 -30.96 -3.22 18.54
N ALA M 156 -30.18 -2.40 19.22
CA ALA M 156 -28.93 -2.96 19.75
C ALA M 156 -29.29 -3.97 20.83
N ALA M 157 -30.18 -3.60 21.73
CA ALA M 157 -30.50 -4.51 22.83
C ALA M 157 -31.22 -5.75 22.32
N ASN M 158 -32.27 -5.59 21.53
CA ASN M 158 -33.06 -6.76 21.10
C ASN M 158 -32.69 -7.06 19.66
N PRO M 159 -31.86 -8.07 19.40
CA PRO M 159 -31.33 -8.34 18.07
C PRO M 159 -32.22 -9.20 17.18
N GLU M 160 -33.34 -9.68 17.69
CA GLU M 160 -34.18 -10.52 16.86
C GLU M 160 -35.02 -9.64 15.97
N VAL M 161 -35.31 -8.45 16.49
CA VAL M 161 -36.25 -7.53 15.95
C VAL M 161 -35.95 -7.17 14.47
N PHE M 162 -36.98 -7.42 13.64
CA PHE M 162 -37.02 -7.14 12.21
C PHE M 162 -35.89 -7.80 11.43
N ALA M 163 -35.07 -8.61 12.09
CA ALA M 163 -33.88 -9.25 11.49
C ALA M 163 -34.23 -10.01 10.20
N PRO N 2 -25.62 21.35 17.50
CA PRO N 2 -26.01 22.04 16.29
C PRO N 2 -26.68 21.11 15.26
N PHE N 3 -27.18 21.70 14.18
CA PHE N 3 -27.92 20.98 13.15
C PHE N 3 -27.01 20.82 11.93
N THR N 4 -27.62 20.42 10.81
CA THR N 4 -26.92 20.29 9.54
C THR N 4 -27.25 21.54 8.70
N MET N 5 -26.22 22.27 8.26
CA MET N 5 -26.36 23.53 7.49
C MET N 5 -27.43 23.35 6.40
N ALA N 6 -28.32 24.34 6.29
CA ALA N 6 -29.42 24.29 5.32
C ALA N 6 -28.89 24.44 3.90
N ALA N 7 -29.84 24.45 2.95
CA ALA N 7 -29.57 24.71 1.54
C ALA N 7 -30.87 25.14 0.88
N TYR N 8 -30.78 26.17 0.02
CA TYR N 8 -31.90 26.64 -0.78
C TYR N 8 -31.84 25.80 -2.06
N THR N 9 -32.99 25.50 -2.65
CA THR N 9 -33.02 24.63 -3.80
C THR N 9 -34.24 24.92 -4.68
N ILE N 10 -33.98 25.13 -5.98
CA ILE N 10 -35.08 25.35 -6.86
C ILE N 10 -35.18 24.09 -7.73
N VAL N 11 -36.41 23.61 -7.90
CA VAL N 11 -36.73 22.47 -8.76
C VAL N 11 -37.58 23.03 -9.90
N LYS N 12 -36.97 23.13 -11.06
CA LYS N 12 -37.61 23.69 -12.22
C LYS N 12 -37.75 22.58 -13.28
N GLU N 13 -38.68 22.78 -14.22
CA GLU N 13 -39.03 21.82 -15.29
C GLU N 13 -39.43 22.59 -16.55
N GLU N 14 -38.74 22.33 -17.66
CA GLU N 14 -38.92 23.08 -18.92
C GLU N 14 -39.15 22.12 -20.10
N GLU N 15 -39.82 22.62 -21.17
CA GLU N 15 -40.12 21.94 -22.47
C GLU N 15 -39.44 22.70 -23.61
N SER N 16 -38.75 21.98 -24.50
CA SER N 16 -37.98 22.57 -25.59
C SER N 16 -38.31 21.89 -26.92
N PRO N 17 -38.24 22.57 -28.08
CA PRO N 17 -38.57 21.91 -29.35
C PRO N 17 -37.38 21.14 -29.91
N ILE N 18 -36.38 20.95 -29.04
CA ILE N 18 -35.08 20.39 -29.36
C ILE N 18 -34.93 19.04 -28.68
N ALA N 19 -34.63 18.02 -29.48
CA ALA N 19 -34.44 16.65 -29.01
C ALA N 19 -33.39 16.61 -27.90
N PRO N 20 -33.50 15.69 -26.92
CA PRO N 20 -32.61 15.70 -25.77
C PRO N 20 -31.10 15.66 -26.09
N HIS N 21 -30.65 14.65 -26.82
CA HIS N 21 -29.22 14.48 -27.02
C HIS N 21 -28.59 15.85 -27.29
N ARG N 22 -29.22 16.64 -28.15
CA ARG N 22 -28.63 17.95 -28.52
C ARG N 22 -28.52 18.83 -27.28
N LEU N 23 -29.63 18.99 -26.57
CA LEU N 23 -29.64 19.72 -25.34
C LEU N 23 -28.59 19.15 -24.38
N PHE N 24 -28.49 17.81 -24.30
CA PHE N 24 -27.58 17.20 -23.35
C PHE N 24 -26.13 17.52 -23.74
N LYS N 25 -25.82 17.43 -25.03
CA LYS N 25 -24.48 17.74 -25.48
C LYS N 25 -24.22 19.24 -25.35
N ALA N 26 -25.26 20.06 -25.55
CA ALA N 26 -25.17 21.51 -25.49
C ALA N 26 -25.25 22.02 -24.04
N LEU N 27 -26.36 21.76 -23.36
CA LEU N 27 -26.51 22.37 -22.01
C LEU N 27 -25.77 21.54 -20.96
N VAL N 28 -25.08 20.47 -21.32
CA VAL N 28 -24.46 19.70 -20.21
C VAL N 28 -23.05 19.25 -20.56
N LEU N 29 -22.92 18.28 -21.47
CA LEU N 29 -21.62 17.65 -21.83
C LEU N 29 -20.63 18.65 -22.46
N GLU N 30 -21.10 19.63 -23.22
CA GLU N 30 -20.18 20.61 -23.84
C GLU N 30 -20.43 22.02 -23.29
N ARG N 31 -21.17 22.10 -22.19
CA ARG N 31 -21.60 23.42 -21.68
C ARG N 31 -20.37 24.31 -21.55
N HIS N 32 -19.23 23.72 -21.19
CA HIS N 32 -17.97 24.52 -21.04
C HIS N 32 -17.51 25.11 -22.39
N GLN N 33 -17.82 24.41 -23.47
CA GLN N 33 -17.50 24.86 -24.79
C GLN N 33 -18.53 25.89 -25.25
N VAL N 34 -19.80 25.54 -25.07
CA VAL N 34 -20.90 26.27 -25.68
C VAL N 34 -21.15 27.61 -24.98
N LEU N 35 -20.78 27.75 -23.72
CA LEU N 35 -20.89 29.05 -23.06
C LEU N 35 -20.04 30.09 -23.81
N VAL N 36 -18.85 29.66 -24.22
CA VAL N 36 -17.92 30.52 -24.87
C VAL N 36 -18.35 30.73 -26.31
N LYS N 37 -19.03 29.74 -26.90
CA LYS N 37 -19.43 29.86 -28.29
C LYS N 37 -20.54 30.91 -28.43
N ALA N 38 -21.45 30.86 -27.46
CA ALA N 38 -22.65 31.62 -27.42
C ALA N 38 -22.51 32.92 -26.61
N GLN N 39 -21.45 33.04 -25.79
CA GLN N 39 -21.20 34.27 -25.04
C GLN N 39 -19.72 34.61 -25.08
N PRO N 40 -19.25 35.09 -26.25
CA PRO N 40 -17.87 35.51 -26.44
C PRO N 40 -17.52 36.76 -25.61
N HIS N 41 -18.56 37.57 -25.39
CA HIS N 41 -18.48 38.79 -24.72
C HIS N 41 -18.27 38.59 -23.22
N VAL N 42 -18.41 37.37 -22.71
CA VAL N 42 -18.35 37.08 -21.27
C VAL N 42 -17.30 36.02 -20.96
N PHE N 43 -17.20 35.00 -21.81
CA PHE N 43 -16.41 33.82 -21.57
C PHE N 43 -15.27 33.67 -22.58
N LYS N 44 -14.06 33.36 -22.08
CA LYS N 44 -12.88 33.13 -22.97
C LYS N 44 -12.33 31.71 -22.86
N SER N 45 -12.50 31.05 -21.74
CA SER N 45 -11.85 29.73 -21.64
C SER N 45 -12.86 28.61 -21.51
N GLY N 46 -12.87 27.70 -22.48
CA GLY N 46 -13.80 26.55 -22.50
C GLY N 46 -12.98 25.30 -22.65
N GLU N 47 -12.30 24.97 -21.56
CA GLU N 47 -11.36 23.83 -21.56
C GLU N 47 -11.63 22.95 -20.35
N ILE N 48 -11.10 21.75 -20.46
CA ILE N 48 -11.17 20.69 -19.48
C ILE N 48 -9.80 20.63 -18.76
N ILE N 49 -9.83 20.35 -17.45
CA ILE N 49 -8.62 20.31 -16.65
C ILE N 49 -8.31 18.90 -16.18
N GLU N 50 -9.32 18.14 -15.70
CA GLU N 50 -9.11 16.74 -15.28
C GLU N 50 -10.16 15.84 -15.95
N GLY N 51 -9.72 14.63 -16.31
CA GLY N 51 -10.56 13.61 -16.94
C GLY N 51 -10.65 13.76 -18.44
N ASP N 52 -11.32 12.80 -19.08
CA ASP N 52 -11.52 12.77 -20.55
C ASP N 52 -12.97 13.14 -20.87
N GLY N 53 -13.75 13.53 -19.87
CA GLY N 53 -15.16 13.86 -20.10
C GLY N 53 -16.06 12.90 -19.35
N GLY N 54 -15.45 11.93 -18.64
CA GLY N 54 -16.19 10.96 -17.83
C GLY N 54 -16.54 11.52 -16.46
N VAL N 55 -17.39 10.82 -15.69
CA VAL N 55 -17.77 11.33 -14.34
C VAL N 55 -16.48 11.55 -13.57
N GLY N 56 -16.34 12.71 -12.95
CA GLY N 56 -15.08 13.08 -12.29
C GLY N 56 -14.20 13.93 -13.18
N THR N 57 -14.66 14.29 -14.36
CA THR N 57 -13.85 15.23 -15.17
C THR N 57 -14.01 16.61 -14.55
N VAL N 58 -12.96 17.43 -14.51
CA VAL N 58 -13.21 18.79 -13.98
C VAL N 58 -12.89 19.81 -15.07
N THR N 59 -13.78 20.78 -15.27
CA THR N 59 -13.59 21.77 -16.30
C THR N 59 -13.46 23.15 -15.67
N LYS N 60 -12.71 24.02 -16.35
CA LYS N 60 -12.52 25.35 -15.89
C LYS N 60 -13.03 26.29 -16.99
N ILE N 61 -13.76 27.31 -16.53
CA ILE N 61 -14.29 28.35 -17.37
C ILE N 61 -13.68 29.66 -16.88
N THR N 62 -13.11 30.41 -17.82
CA THR N 62 -12.46 31.64 -17.56
C THR N 62 -13.27 32.73 -18.23
N PHE N 63 -13.47 33.85 -17.52
CA PHE N 63 -14.12 35.01 -18.09
C PHE N 63 -13.13 35.87 -18.87
N VAL N 64 -13.67 36.80 -19.67
CA VAL N 64 -12.81 37.75 -20.44
C VAL N 64 -12.08 38.63 -19.42
N ASP N 65 -10.98 39.27 -19.83
CA ASP N 65 -10.16 40.08 -18.89
C ASP N 65 -11.02 41.17 -18.25
N GLY N 66 -11.86 41.85 -19.04
CA GLY N 66 -12.74 42.90 -18.50
C GLY N 66 -14.02 42.33 -17.91
N HIS N 67 -13.93 41.66 -16.75
CA HIS N 67 -15.13 41.07 -16.13
C HIS N 67 -14.96 41.05 -14.62
N PRO N 68 -16.01 41.31 -13.85
CA PRO N 68 -15.95 41.21 -12.40
C PRO N 68 -15.47 39.83 -11.95
N LEU N 69 -15.93 38.78 -12.61
CA LEU N 69 -15.56 37.38 -12.36
C LEU N 69 -14.28 37.05 -13.13
N THR N 70 -13.73 35.87 -12.87
CA THR N 70 -12.43 35.37 -13.32
C THR N 70 -12.56 34.04 -14.04
N TYR N 71 -12.94 33.01 -13.26
CA TYR N 71 -13.09 31.63 -13.70
C TYR N 71 -14.05 30.92 -12.73
N MET N 72 -14.27 29.61 -12.95
CA MET N 72 -15.11 28.80 -12.07
C MET N 72 -14.84 27.32 -12.36
N LEU N 73 -15.03 26.50 -11.31
CA LEU N 73 -14.79 25.08 -11.33
C LEU N 73 -16.10 24.32 -11.07
N HIS N 74 -16.30 23.26 -11.89
CA HIS N 74 -17.40 22.30 -11.83
C HIS N 74 -16.87 20.87 -11.88
N LYS N 75 -17.61 19.96 -11.24
CA LYS N 75 -17.25 18.54 -11.23
C LYS N 75 -18.53 17.69 -11.35
N PHE N 76 -18.48 16.70 -12.25
CA PHE N 76 -19.59 15.77 -12.49
C PHE N 76 -19.58 14.63 -11.46
N ASP N 77 -20.58 14.64 -10.57
CA ASP N 77 -20.74 13.66 -9.50
C ASP N 77 -21.31 12.33 -10.05
N GLU N 78 -22.32 12.45 -10.92
CA GLU N 78 -23.03 11.32 -11.57
C GLU N 78 -23.40 11.69 -13.01
N ILE N 79 -23.20 10.76 -13.96
CA ILE N 79 -23.64 10.90 -15.39
C ILE N 79 -24.22 9.56 -15.88
N ASP N 80 -25.32 9.67 -16.62
CA ASP N 80 -26.02 8.59 -17.30
C ASP N 80 -26.47 9.20 -18.63
N ALA N 81 -25.50 9.38 -19.52
CA ALA N 81 -25.67 10.08 -20.79
C ALA N 81 -26.81 9.50 -21.64
N ALA N 82 -27.00 8.20 -21.56
CA ALA N 82 -28.00 7.51 -22.39
C ALA N 82 -29.40 7.72 -21.86
N ASN N 83 -29.50 8.17 -20.60
CA ASN N 83 -30.79 8.45 -19.93
C ASN N 83 -30.95 9.97 -19.75
N PHE N 84 -29.98 10.74 -20.27
CA PHE N 84 -29.98 12.23 -20.18
C PHE N 84 -30.08 12.68 -18.72
N TYR N 85 -29.35 12.03 -17.81
CA TYR N 85 -29.36 12.38 -16.37
C TYR N 85 -27.96 12.80 -15.92
N CYS N 86 -27.86 13.94 -15.22
CA CYS N 86 -26.56 14.44 -14.73
C CYS N 86 -26.71 15.14 -13.38
N LYS N 87 -25.72 14.97 -12.50
CA LYS N 87 -25.57 15.70 -11.24
C LYS N 87 -24.12 16.17 -11.16
N TYR N 88 -23.88 17.50 -11.27
CA TYR N 88 -22.53 18.15 -11.22
C TYR N 88 -22.53 19.35 -10.27
N THR N 89 -21.32 19.75 -9.81
CA THR N 89 -21.19 20.82 -8.79
C THR N 89 -20.17 21.94 -9.09
N LEU N 90 -20.65 23.19 -8.88
CA LEU N 90 -19.79 24.37 -8.85
C LEU N 90 -19.35 24.53 -7.39
N PHE N 91 -18.05 24.32 -7.14
CA PHE N 91 -17.48 24.35 -5.79
C PHE N 91 -16.44 25.46 -5.62
N GLU N 92 -15.63 25.75 -6.64
CA GLU N 92 -14.60 26.79 -6.53
C GLU N 92 -14.78 27.82 -7.65
N GLY N 93 -14.84 29.10 -7.26
CA GLY N 93 -15.01 30.23 -8.17
C GLY N 93 -15.53 31.49 -7.51
N ASP N 94 -15.16 32.61 -8.12
CA ASP N 94 -15.47 33.96 -7.71
C ASP N 94 -16.96 34.19 -7.42
N VAL N 95 -17.83 33.35 -8.00
CA VAL N 95 -19.29 33.56 -7.95
C VAL N 95 -19.88 33.13 -6.60
N LEU N 96 -19.08 32.42 -5.82
CA LEU N 96 -19.46 31.99 -4.48
C LEU N 96 -19.25 33.19 -3.54
N ARG N 97 -20.20 34.13 -3.59
CA ARG N 97 -20.07 35.46 -2.94
C ARG N 97 -19.96 35.36 -1.40
N ASP N 98 -18.92 34.65 -0.95
CA ASP N 98 -18.48 34.52 0.45
C ASP N 98 -19.53 33.92 1.40
N ASN N 99 -20.72 33.57 0.92
CA ASN N 99 -21.77 33.02 1.80
C ASN N 99 -22.18 31.61 1.35
N ILE N 100 -21.34 30.99 0.52
CA ILE N 100 -21.67 29.74 -0.15
C ILE N 100 -20.42 28.87 -0.35
N GLU N 101 -20.60 27.56 -0.07
CA GLU N 101 -19.62 26.47 -0.23
C GLU N 101 -19.58 26.04 -1.70
N LYS N 102 -20.71 25.54 -2.23
CA LYS N 102 -20.81 25.09 -3.67
C LYS N 102 -22.29 24.99 -4.14
N VAL N 103 -22.47 24.73 -5.45
CA VAL N 103 -23.82 24.64 -6.08
C VAL N 103 -23.93 23.35 -6.90
N VAL N 104 -25.05 22.64 -6.69
CA VAL N 104 -25.28 21.29 -7.24
C VAL N 104 -26.41 21.33 -8.28
N TYR N 105 -26.00 20.97 -9.50
CA TYR N 105 -26.87 20.91 -10.65
C TYR N 105 -27.26 19.43 -10.83
N GLU N 106 -28.56 19.15 -10.74
CA GLU N 106 -29.10 17.82 -10.96
C GLU N 106 -30.16 17.94 -12.07
N VAL N 107 -29.79 17.46 -13.27
CA VAL N 107 -30.59 17.61 -14.48
C VAL N 107 -31.00 16.25 -15.07
N LYS N 108 -32.25 16.22 -15.52
CA LYS N 108 -32.92 15.07 -16.10
C LYS N 108 -33.79 15.54 -17.27
N LEU N 109 -33.68 14.87 -18.40
CA LEU N 109 -34.51 15.19 -19.53
C LEU N 109 -34.68 13.94 -20.42
N GLU N 110 -35.90 13.74 -20.93
CA GLU N 110 -36.20 12.63 -21.82
C GLU N 110 -36.74 13.17 -23.14
N ALA N 111 -37.10 12.25 -24.05
CA ALA N 111 -37.63 12.63 -25.36
C ALA N 111 -39.15 12.80 -25.26
N VAL N 112 -39.68 13.79 -25.99
CA VAL N 112 -41.12 13.96 -26.15
C VAL N 112 -41.32 14.57 -27.53
N GLY N 113 -41.62 13.68 -28.47
CA GLY N 113 -41.76 14.05 -29.84
C GLY N 113 -40.39 14.29 -30.43
N GLY N 114 -40.31 15.33 -31.26
CA GLY N 114 -39.09 15.71 -31.88
C GLY N 114 -38.26 16.60 -30.98
N GLY N 115 -38.68 16.76 -29.72
CA GLY N 115 -37.99 17.61 -28.73
C GLY N 115 -37.84 16.95 -27.36
N SER N 116 -37.98 17.78 -26.31
CA SER N 116 -37.71 17.31 -24.94
C SER N 116 -38.49 18.10 -23.89
N LYS N 117 -38.36 17.60 -22.65
CA LYS N 117 -38.94 18.04 -21.40
C LYS N 117 -37.86 17.73 -20.35
N GLY N 118 -37.68 18.58 -19.33
CA GLY N 118 -36.67 18.35 -18.31
C GLY N 118 -37.15 18.71 -16.91
N LYS N 119 -36.39 18.27 -15.91
CA LYS N 119 -36.60 18.65 -14.50
C LYS N 119 -35.22 18.93 -13.93
N ILE N 120 -34.95 20.17 -13.51
CA ILE N 120 -33.62 20.60 -12.99
C ILE N 120 -33.77 21.02 -11.52
N THR N 121 -32.81 20.58 -10.72
CA THR N 121 -32.76 20.94 -9.34
C THR N 121 -31.40 21.59 -9.09
N VAL N 122 -31.44 22.78 -8.49
CA VAL N 122 -30.21 23.50 -8.15
C VAL N 122 -30.21 23.80 -6.64
N THR N 123 -29.23 23.23 -5.94
CA THR N 123 -28.99 23.48 -4.51
C THR N 123 -27.84 24.47 -4.32
N TYR N 124 -28.08 25.52 -3.53
CA TYR N 124 -27.04 26.49 -3.17
C TYR N 124 -26.67 26.24 -1.69
N HIS N 125 -25.40 25.88 -1.46
CA HIS N 125 -24.92 25.55 -0.13
C HIS N 125 -24.43 26.79 0.62
N PRO N 126 -25.14 27.24 1.69
CA PRO N 126 -24.65 28.34 2.55
C PRO N 126 -23.34 28.01 3.30
N LYS N 127 -22.40 28.95 3.33
CA LYS N 127 -21.08 28.75 3.97
C LYS N 127 -21.28 28.63 5.48
N PRO N 128 -20.59 27.67 6.15
CA PRO N 128 -20.68 27.51 7.60
C PRO N 128 -20.76 28.88 8.30
N GLY N 129 -21.77 29.01 9.18
CA GLY N 129 -22.03 30.26 9.91
C GLY N 129 -22.82 31.24 9.07
N CYS N 130 -22.33 31.46 7.84
CA CYS N 130 -22.93 32.34 6.81
C CYS N 130 -24.25 31.74 6.30
N THR N 131 -25.05 32.56 5.61
CA THR N 131 -26.36 32.19 5.04
C THR N 131 -26.51 32.77 3.62
N VAL N 132 -27.14 31.99 2.72
CA VAL N 132 -27.37 32.35 1.30
C VAL N 132 -28.23 33.62 1.21
N ASN N 133 -28.12 34.31 0.07
CA ASN N 133 -28.87 35.52 -0.26
C ASN N 133 -29.85 35.22 -1.40
N GLU N 134 -31.15 35.21 -1.11
CA GLU N 134 -32.20 34.97 -2.12
C GLU N 134 -31.79 35.63 -3.43
N GLU N 135 -31.56 36.94 -3.38
CA GLU N 135 -31.17 37.77 -4.52
C GLU N 135 -30.06 37.09 -5.34
N GLU N 136 -29.25 36.25 -4.68
CA GLU N 136 -28.15 35.53 -5.31
C GLU N 136 -28.68 34.46 -6.27
N VAL N 137 -29.87 33.92 -5.99
CA VAL N 137 -30.53 32.89 -6.80
C VAL N 137 -30.86 33.47 -8.18
N LYS N 138 -31.83 34.39 -8.22
CA LYS N 138 -32.32 34.92 -9.51
C LYS N 138 -31.15 35.48 -10.34
N ILE N 139 -30.30 36.33 -9.75
CA ILE N 139 -29.14 36.96 -10.45
C ILE N 139 -28.46 35.90 -11.32
N GLY N 140 -28.24 34.72 -10.72
CA GLY N 140 -27.66 33.56 -11.38
C GLY N 140 -28.70 32.81 -12.21
N GLU N 141 -29.71 32.25 -11.55
CA GLU N 141 -30.77 31.54 -12.23
C GLU N 141 -31.09 32.28 -13.53
N LYS N 142 -31.10 33.61 -13.43
CA LYS N 142 -31.35 34.49 -14.56
C LYS N 142 -30.37 34.20 -15.71
N LYS N 143 -29.10 33.98 -15.37
CA LYS N 143 -28.01 33.80 -16.33
C LYS N 143 -28.11 32.48 -17.11
N ALA N 144 -28.19 31.36 -16.37
CA ALA N 144 -28.21 30.00 -16.93
C ALA N 144 -29.49 29.72 -17.75
N TYR N 145 -30.57 30.43 -17.45
CA TYR N 145 -31.77 30.35 -18.26
C TYR N 145 -31.51 31.11 -19.55
N GLU N 146 -30.97 32.32 -19.40
CA GLU N 146 -30.63 33.12 -20.54
C GLU N 146 -29.97 32.18 -21.55
N PHE N 147 -28.95 31.49 -21.05
CA PHE N 147 -28.13 30.62 -21.82
C PHE N 147 -28.99 29.68 -22.65
N TYR N 148 -29.71 28.82 -21.93
CA TYR N 148 -30.64 27.83 -22.46
C TYR N 148 -31.41 28.42 -23.66
N LYS N 149 -32.01 29.60 -23.47
CA LYS N 149 -32.77 30.32 -24.53
C LYS N 149 -31.90 30.59 -25.76
N GLN N 150 -30.62 30.81 -25.49
CA GLN N 150 -29.69 31.21 -26.49
C GLN N 150 -29.33 30.00 -27.34
N VAL N 151 -29.09 28.88 -26.65
CA VAL N 151 -28.68 27.69 -27.27
C VAL N 151 -29.92 27.12 -27.97
N GLU N 152 -31.05 27.04 -27.26
CA GLU N 152 -32.32 26.60 -27.82
C GLU N 152 -32.55 27.26 -29.19
N GLU N 153 -32.05 28.49 -29.36
CA GLU N 153 -32.26 29.22 -30.61
C GLU N 153 -31.29 28.72 -31.69
N TYR N 154 -30.02 28.55 -31.34
CA TYR N 154 -29.01 28.10 -32.32
C TYR N 154 -29.31 26.67 -32.76
N LEU N 155 -29.66 25.81 -31.82
CA LEU N 155 -29.86 24.36 -32.08
C LEU N 155 -30.99 24.16 -33.09
N ALA N 156 -32.06 24.95 -33.01
CA ALA N 156 -33.14 24.94 -34.01
C ALA N 156 -32.63 25.53 -35.35
N ALA N 157 -31.84 26.59 -35.27
CA ALA N 157 -31.34 27.29 -36.48
C ALA N 157 -30.41 26.39 -37.29
N ASN N 158 -29.64 25.57 -36.60
CA ASN N 158 -28.67 24.65 -37.26
C ASN N 158 -28.95 23.22 -36.77
N PRO N 159 -29.90 22.48 -37.36
CA PRO N 159 -30.31 21.16 -36.89
C PRO N 159 -29.24 20.07 -36.88
N GLU N 160 -28.21 20.21 -37.69
CA GLU N 160 -27.14 19.22 -37.77
C GLU N 160 -26.27 19.30 -36.51
N VAL N 161 -26.09 20.54 -36.02
CA VAL N 161 -25.28 20.81 -34.85
C VAL N 161 -25.76 19.90 -33.70
N PHE N 162 -24.84 19.01 -33.30
CA PHE N 162 -25.04 18.01 -32.25
C PHE N 162 -26.06 16.94 -32.68
N ALA N 163 -26.26 16.77 -33.99
CA ALA N 163 -27.22 15.78 -34.54
C ALA N 163 -26.49 14.73 -35.38
N MET O 5 -78.19 33.96 -21.71
CA MET O 5 -77.52 33.03 -22.68
C MET O 5 -76.42 32.28 -21.92
N ALA O 6 -75.39 33.01 -21.46
CA ALA O 6 -74.21 32.44 -20.73
C ALA O 6 -74.62 31.92 -19.35
N ALA O 7 -74.51 30.59 -19.16
CA ALA O 7 -74.90 29.89 -17.92
C ALA O 7 -73.66 29.46 -17.12
N TYR O 8 -73.64 29.79 -15.82
CA TYR O 8 -72.53 29.48 -14.89
C TYR O 8 -72.24 27.97 -14.92
N THR O 9 -70.97 27.57 -15.05
CA THR O 9 -70.65 26.14 -15.04
C THR O 9 -69.49 25.85 -14.09
N ILE O 10 -69.66 24.79 -13.29
CA ILE O 10 -68.63 24.26 -12.41
C ILE O 10 -68.30 22.87 -12.98
N VAL O 11 -67.01 22.52 -13.00
CA VAL O 11 -66.56 21.25 -13.60
C VAL O 11 -66.11 20.28 -12.50
N LYS O 12 -67.00 19.33 -12.17
CA LYS O 12 -66.79 18.31 -11.13
C LYS O 12 -65.77 17.27 -11.61
N GLU O 13 -64.64 17.18 -10.88
CA GLU O 13 -63.53 16.26 -11.16
C GLU O 13 -63.10 15.61 -9.83
N GLU O 14 -63.82 14.55 -9.45
CA GLU O 14 -63.57 13.81 -8.22
C GLU O 14 -63.65 12.30 -8.47
N GLU O 15 -63.06 11.56 -7.54
CA GLU O 15 -62.98 10.12 -7.57
C GLU O 15 -63.08 9.57 -6.14
N SER O 16 -63.86 8.48 -6.02
CA SER O 16 -64.13 7.77 -4.75
C SER O 16 -63.85 6.28 -4.95
N PRO O 17 -63.63 5.52 -3.85
CA PRO O 17 -63.30 4.10 -3.93
C PRO O 17 -64.47 3.14 -4.20
N ILE O 18 -65.41 3.53 -5.06
CA ILE O 18 -66.60 2.70 -5.30
C ILE O 18 -66.72 2.38 -6.80
N ALA O 19 -67.01 1.11 -7.11
CA ALA O 19 -67.19 0.65 -8.48
C ALA O 19 -68.29 1.45 -9.18
N PRO O 20 -68.06 1.87 -10.43
CA PRO O 20 -68.99 2.73 -11.14
C PRO O 20 -70.40 2.18 -11.30
N HIS O 21 -70.52 0.85 -11.29
CA HIS O 21 -71.80 0.19 -11.47
C HIS O 21 -72.65 0.39 -10.21
N ARG O 22 -72.00 0.84 -9.13
CA ARG O 22 -72.63 1.05 -7.83
C ARG O 22 -73.08 2.50 -7.71
N LEU O 23 -72.16 3.44 -7.98
CA LEU O 23 -72.47 4.86 -7.98
C LEU O 23 -73.45 5.16 -9.12
N PHE O 24 -73.38 4.39 -10.19
CA PHE O 24 -74.21 4.65 -11.33
C PHE O 24 -75.62 4.07 -11.05
N LYS O 25 -75.69 3.08 -10.17
CA LYS O 25 -76.99 2.56 -9.77
C LYS O 25 -77.52 3.43 -8.63
N ALA O 26 -76.60 3.78 -7.69
CA ALA O 26 -76.89 4.53 -6.43
C ALA O 26 -77.14 6.02 -6.65
N LEU O 27 -76.70 6.57 -7.79
CA LEU O 27 -76.81 8.04 -8.05
C LEU O 27 -77.43 8.36 -9.42
N VAL O 28 -77.74 7.36 -10.24
CA VAL O 28 -78.36 7.65 -11.51
C VAL O 28 -79.60 6.77 -11.64
N LEU O 29 -79.39 5.46 -11.82
CA LEU O 29 -80.51 4.58 -12.16
C LEU O 29 -81.50 4.39 -11.01
N GLU O 30 -81.05 4.38 -9.74
CA GLU O 30 -81.98 4.19 -8.60
C GLU O 30 -81.88 5.33 -7.57
N ARG O 31 -81.20 6.45 -7.90
CA ARG O 31 -81.04 7.62 -6.98
C ARG O 31 -82.33 7.93 -6.18
N HIS O 32 -83.43 8.17 -6.89
CA HIS O 32 -84.74 8.54 -6.34
C HIS O 32 -85.25 7.63 -5.21
N GLN O 33 -85.01 6.32 -5.30
CA GLN O 33 -85.42 5.42 -4.23
C GLN O 33 -84.36 5.46 -3.12
N VAL O 34 -83.14 5.87 -3.51
CA VAL O 34 -81.95 5.92 -2.67
C VAL O 34 -81.84 7.29 -1.98
N LEU O 35 -82.51 8.30 -2.53
CA LEU O 35 -82.42 9.63 -1.93
C LEU O 35 -83.16 9.60 -0.58
N VAL O 36 -84.22 8.78 -0.52
CA VAL O 36 -85.12 8.62 0.61
C VAL O 36 -84.55 7.62 1.63
N LYS O 37 -83.55 6.83 1.20
CA LYS O 37 -82.82 5.86 2.05
C LYS O 37 -81.80 6.59 2.91
N ALA O 38 -81.14 7.58 2.32
CA ALA O 38 -80.05 8.33 2.92
C ALA O 38 -80.57 9.51 3.76
N GLN O 39 -81.70 10.07 3.34
CA GLN O 39 -82.24 11.18 4.04
C GLN O 39 -83.73 11.04 4.25
N PRO O 40 -84.13 10.08 5.09
CA PRO O 40 -85.54 9.97 5.45
C PRO O 40 -85.97 11.27 6.17
N HIS O 41 -85.05 12.22 6.34
CA HIS O 41 -85.30 13.49 7.03
C HIS O 41 -85.59 14.64 6.06
N VAL O 42 -85.30 14.46 4.75
CA VAL O 42 -85.56 15.50 3.75
C VAL O 42 -86.48 14.95 2.65
N PHE O 43 -86.83 13.65 2.74
CA PHE O 43 -87.65 12.99 1.76
C PHE O 43 -88.50 11.87 2.36
N LYS O 44 -89.58 11.60 1.62
CA LYS O 44 -90.56 10.61 1.93
C LYS O 44 -90.66 9.60 0.79
N SER O 45 -90.68 10.09 -0.46
CA SER O 45 -90.96 9.23 -1.61
C SER O 45 -90.02 9.49 -2.79
N GLY O 46 -89.74 8.38 -3.50
CA GLY O 46 -89.01 8.27 -4.77
C GLY O 46 -89.81 7.28 -5.61
N GLU O 47 -90.07 7.55 -6.88
CA GLU O 47 -91.02 6.67 -7.59
C GLU O 47 -90.96 6.88 -9.10
N ILE O 48 -91.70 6.02 -9.82
CA ILE O 48 -91.86 6.12 -11.27
C ILE O 48 -93.33 6.43 -11.54
N ILE O 49 -93.56 7.53 -12.29
CA ILE O 49 -94.91 7.94 -12.67
C ILE O 49 -95.38 7.08 -13.84
N GLU O 50 -94.62 7.13 -14.95
CA GLU O 50 -94.87 6.38 -16.18
C GLU O 50 -93.52 6.29 -16.90
N GLY O 51 -93.05 5.06 -17.17
CA GLY O 51 -91.75 4.91 -17.80
C GLY O 51 -91.30 3.48 -18.04
N ASP O 52 -90.13 3.39 -18.69
CA ASP O 52 -89.49 2.16 -19.16
C ASP O 52 -88.11 1.96 -18.54
N GLY O 53 -87.75 2.72 -17.50
CA GLY O 53 -86.40 2.65 -16.92
C GLY O 53 -85.37 3.22 -17.88
N GLY O 54 -85.76 3.30 -19.16
CA GLY O 54 -85.01 3.87 -20.25
C GLY O 54 -85.31 5.36 -20.41
N VAL O 55 -85.26 5.85 -21.65
CA VAL O 55 -85.46 7.27 -21.96
C VAL O 55 -86.97 7.55 -22.13
N GLY O 56 -87.59 8.17 -21.12
CA GLY O 56 -89.04 8.50 -21.15
C GLY O 56 -89.73 8.27 -19.81
N THR O 57 -89.09 7.50 -18.93
CA THR O 57 -89.58 7.17 -17.58
C THR O 57 -89.63 8.47 -16.75
N VAL O 58 -90.52 8.47 -15.75
CA VAL O 58 -90.68 9.61 -14.86
C VAL O 58 -90.49 9.16 -13.41
N THR O 59 -89.60 9.83 -12.69
CA THR O 59 -89.28 9.51 -11.30
C THR O 59 -89.58 10.71 -10.40
N LYS O 60 -90.70 10.62 -9.67
CA LYS O 60 -91.14 11.65 -8.74
C LYS O 60 -90.29 11.58 -7.47
N ILE O 61 -90.14 12.72 -6.79
CA ILE O 61 -89.34 12.79 -5.55
C ILE O 61 -89.98 13.82 -4.60
N THR O 62 -90.96 13.35 -3.82
CA THR O 62 -91.69 14.17 -2.85
C THR O 62 -90.90 14.22 -1.51
N PHE O 63 -90.79 15.44 -0.99
CA PHE O 63 -90.11 15.74 0.29
C PHE O 63 -91.05 15.46 1.45
N VAL O 64 -90.50 15.48 2.65
CA VAL O 64 -91.29 15.19 3.89
C VAL O 64 -92.46 16.17 3.98
N ASP O 65 -93.58 15.69 4.53
CA ASP O 65 -94.84 16.46 4.65
C ASP O 65 -94.54 17.77 5.36
N GLY O 66 -93.69 17.70 6.38
CA GLY O 66 -93.20 18.90 7.09
C GLY O 66 -92.36 19.82 6.23
N HIS O 67 -91.47 19.26 5.38
CA HIS O 67 -90.43 20.02 4.53
C HIS O 67 -91.08 21.10 3.66
N PRO O 68 -90.48 22.32 3.56
CA PRO O 68 -90.99 23.40 2.71
C PRO O 68 -91.24 23.01 1.24
N LEU O 69 -90.17 22.49 0.60
CA LEU O 69 -90.19 22.05 -0.77
C LEU O 69 -91.23 20.94 -0.84
N THR O 70 -91.73 20.69 -2.06
CA THR O 70 -92.88 19.84 -2.29
C THR O 70 -92.51 18.54 -3.03
N TYR O 71 -91.83 18.68 -4.17
CA TYR O 71 -91.52 17.51 -4.97
C TYR O 71 -90.75 17.88 -6.21
N MET O 72 -90.33 16.82 -6.91
CA MET O 72 -89.65 16.92 -8.18
C MET O 72 -89.88 15.66 -9.01
N LEU O 73 -89.78 15.88 -10.32
CA LEU O 73 -89.89 14.87 -11.30
C LEU O 73 -88.59 14.93 -12.10
N HIS O 74 -87.97 13.77 -12.18
CA HIS O 74 -86.85 13.56 -13.04
C HIS O 74 -87.36 12.73 -14.24
N LYS O 75 -86.91 13.09 -15.44
CA LYS O 75 -87.27 12.32 -16.62
C LYS O 75 -85.96 12.05 -17.35
N PHE O 76 -85.75 10.76 -17.72
CA PHE O 76 -84.50 10.34 -18.33
C PHE O 76 -84.56 10.61 -19.84
N ASP O 77 -83.47 11.26 -20.29
CA ASP O 77 -83.33 11.86 -21.61
C ASP O 77 -82.49 10.96 -22.52
N GLU O 78 -81.36 10.47 -22.00
CA GLU O 78 -80.51 9.55 -22.72
C GLU O 78 -79.80 8.67 -21.68
N ILE O 79 -79.90 7.35 -21.86
CA ILE O 79 -79.30 6.35 -20.95
C ILE O 79 -78.38 5.41 -21.76
N ASP O 80 -77.47 4.72 -21.05
CA ASP O 80 -76.54 3.73 -21.58
C ASP O 80 -75.68 3.23 -20.41
N ALA O 81 -76.35 2.51 -19.50
CA ALA O 81 -75.82 2.04 -18.23
C ALA O 81 -74.46 1.36 -18.38
N ALA O 82 -74.36 0.48 -19.39
CA ALA O 82 -73.16 -0.31 -19.67
C ALA O 82 -71.89 0.53 -19.57
N ASN O 83 -71.90 1.73 -20.15
CA ASN O 83 -70.71 2.59 -20.17
C ASN O 83 -70.65 3.44 -18.91
N PHE O 84 -71.79 3.50 -18.21
CA PHE O 84 -72.03 4.32 -17.04
C PHE O 84 -72.18 5.77 -17.53
N TYR O 85 -73.21 6.01 -18.38
CA TYR O 85 -73.52 7.33 -18.94
C TYR O 85 -75.01 7.69 -18.84
N CYS O 86 -75.24 8.95 -18.48
CA CYS O 86 -76.58 9.46 -18.34
C CYS O 86 -76.53 10.99 -18.32
N LYS O 87 -77.40 11.60 -19.12
CA LYS O 87 -77.64 13.03 -19.10
C LYS O 87 -79.01 13.15 -18.44
N TYR O 88 -79.09 13.92 -17.34
CA TYR O 88 -80.37 14.01 -16.66
C TYR O 88 -80.81 15.46 -16.49
N THR O 89 -82.13 15.58 -16.24
CA THR O 89 -82.81 16.85 -16.20
C THR O 89 -83.91 16.87 -15.13
N LEU O 90 -83.79 17.88 -14.26
CA LEU O 90 -84.77 18.26 -13.27
C LEU O 90 -85.36 19.57 -13.78
N PHE O 91 -86.58 19.49 -14.30
CA PHE O 91 -87.23 20.58 -15.00
C PHE O 91 -88.42 21.14 -14.21
N GLU O 92 -89.11 20.29 -13.43
CA GLU O 92 -90.28 20.67 -12.63
C GLU O 92 -90.07 20.27 -11.16
N GLY O 93 -90.91 20.83 -10.28
CA GLY O 93 -90.82 20.62 -8.84
C GLY O 93 -90.52 21.92 -8.10
N ASP O 94 -91.14 22.08 -6.92
CA ASP O 94 -91.06 23.29 -6.09
C ASP O 94 -89.62 23.80 -5.98
N VAL O 95 -88.67 22.87 -5.80
CA VAL O 95 -87.23 23.17 -5.64
C VAL O 95 -86.80 24.20 -6.69
N LEU O 96 -87.51 24.21 -7.82
CA LEU O 96 -87.22 25.13 -8.88
C LEU O 96 -87.47 26.55 -8.39
N ARG O 97 -86.43 27.40 -8.46
CA ARG O 97 -86.54 28.82 -8.05
C ARG O 97 -86.72 29.70 -9.29
N ASP O 98 -87.90 30.35 -9.33
CA ASP O 98 -88.34 31.19 -10.42
C ASP O 98 -87.26 31.32 -11.50
N ASN O 99 -86.20 32.09 -11.22
CA ASN O 99 -85.14 32.45 -12.20
C ASN O 99 -84.56 31.25 -12.96
N ILE O 100 -84.67 30.05 -12.39
CA ILE O 100 -84.18 28.83 -13.03
C ILE O 100 -85.33 28.12 -13.77
N GLU O 101 -84.99 27.56 -14.94
CA GLU O 101 -85.90 26.82 -15.83
C GLU O 101 -85.76 25.31 -15.60
N LYS O 102 -84.52 24.82 -15.80
CA LYS O 102 -84.11 23.42 -15.65
C LYS O 102 -82.68 23.38 -15.10
N VAL O 103 -82.26 22.23 -14.56
CA VAL O 103 -80.86 22.07 -14.14
C VAL O 103 -80.25 20.94 -14.96
N VAL O 104 -79.05 21.20 -15.52
CA VAL O 104 -78.38 20.27 -16.45
C VAL O 104 -77.04 19.78 -15.88
N TYR O 105 -77.04 18.49 -15.52
CA TYR O 105 -75.86 17.77 -15.13
C TYR O 105 -75.75 16.61 -16.11
N GLU O 106 -74.53 16.29 -16.56
CA GLU O 106 -74.34 15.14 -17.43
C GLU O 106 -73.38 14.17 -16.72
N VAL O 107 -73.73 12.87 -16.78
CA VAL O 107 -73.01 11.82 -16.07
C VAL O 107 -72.27 10.90 -17.05
N LYS O 108 -71.01 10.65 -16.73
CA LYS O 108 -70.26 9.60 -17.35
C LYS O 108 -69.20 9.16 -16.33
N LEU O 109 -69.44 7.95 -15.83
CA LEU O 109 -68.59 7.28 -14.86
C LEU O 109 -67.66 6.30 -15.58
N GLU O 110 -66.41 6.17 -15.08
CA GLU O 110 -65.41 5.24 -15.60
C GLU O 110 -64.86 4.40 -14.42
N ALA O 111 -64.24 3.27 -14.73
CA ALA O 111 -63.73 2.35 -13.69
C ALA O 111 -62.24 2.56 -13.46
N VAL O 112 -61.82 2.63 -12.21
CA VAL O 112 -60.36 2.78 -11.96
C VAL O 112 -59.93 1.99 -10.73
N GLY O 113 -59.11 0.95 -10.91
CA GLY O 113 -58.45 0.25 -9.81
C GLY O 113 -59.37 -0.13 -8.67
N GLY O 114 -60.51 -0.74 -8.97
CA GLY O 114 -61.45 -1.19 -7.92
C GLY O 114 -62.42 -0.11 -7.51
N GLY O 115 -62.35 1.04 -8.17
CA GLY O 115 -63.27 2.14 -7.85
C GLY O 115 -63.70 2.88 -9.09
N SER O 116 -63.74 4.20 -9.01
CA SER O 116 -64.15 4.99 -10.14
C SER O 116 -63.63 6.43 -10.07
N LYS O 117 -63.87 7.11 -11.21
CA LYS O 117 -63.70 8.53 -11.42
C LYS O 117 -64.91 8.96 -12.27
N GLY O 118 -65.05 10.27 -12.46
CA GLY O 118 -66.13 10.82 -13.23
C GLY O 118 -66.05 12.33 -13.24
N LYS O 119 -66.41 12.91 -14.39
CA LYS O 119 -66.47 14.32 -14.56
C LYS O 119 -67.95 14.68 -14.72
N ILE O 120 -68.41 15.58 -13.85
CA ILE O 120 -69.77 16.06 -13.90
C ILE O 120 -69.73 17.54 -14.35
N THR O 121 -70.64 17.88 -15.26
CA THR O 121 -70.75 19.21 -15.83
C THR O 121 -72.13 19.79 -15.54
N VAL O 122 -72.21 20.62 -14.48
CA VAL O 122 -73.48 21.24 -14.13
C VAL O 122 -73.57 22.57 -14.87
N THR O 123 -74.73 22.76 -15.51
CA THR O 123 -75.15 24.02 -16.13
C THR O 123 -76.62 24.19 -15.73
N TYR O 124 -76.91 25.24 -14.94
CA TYR O 124 -78.27 25.51 -14.46
C TYR O 124 -78.97 26.41 -15.49
N HIS O 125 -80.12 25.93 -16.01
CA HIS O 125 -80.87 26.63 -17.07
C HIS O 125 -81.74 27.74 -16.48
N PRO O 126 -81.43 29.03 -16.73
CA PRO O 126 -82.28 30.12 -16.26
C PRO O 126 -83.48 30.27 -17.21
N LYS O 127 -84.35 31.23 -16.90
CA LYS O 127 -85.48 31.58 -17.77
C LYS O 127 -85.10 32.88 -18.48
N PRO O 128 -85.81 33.27 -19.57
CA PRO O 128 -85.43 34.46 -20.32
C PRO O 128 -85.46 35.76 -19.50
N GLY O 129 -84.32 36.48 -19.50
CA GLY O 129 -84.18 37.80 -18.87
C GLY O 129 -83.70 37.78 -17.42
N CYS O 130 -83.81 36.63 -16.74
CA CYS O 130 -83.41 36.49 -15.33
C CYS O 130 -81.88 36.58 -15.19
N THR O 131 -81.38 36.14 -14.04
CA THR O 131 -79.93 36.21 -13.78
C THR O 131 -79.44 34.85 -13.27
N VAL O 132 -78.16 34.53 -13.49
CA VAL O 132 -77.62 33.21 -13.08
C VAL O 132 -77.31 33.33 -11.60
N ASN O 133 -78.29 33.00 -10.75
CA ASN O 133 -78.09 33.16 -9.30
C ASN O 133 -76.91 32.30 -8.86
N GLU O 134 -76.07 32.86 -8.01
CA GLU O 134 -74.86 32.17 -7.59
C GLU O 134 -75.10 31.33 -6.32
N GLU O 135 -75.65 31.95 -5.25
CA GLU O 135 -75.89 31.28 -3.95
C GLU O 135 -76.57 29.91 -4.14
N GLU O 136 -77.42 29.80 -5.19
CA GLU O 136 -78.11 28.55 -5.55
C GLU O 136 -77.12 27.56 -6.19
N VAL O 137 -75.95 28.08 -6.61
CA VAL O 137 -74.88 27.28 -7.20
C VAL O 137 -73.91 26.92 -6.06
N LYS O 138 -73.57 27.90 -5.23
CA LYS O 138 -72.80 27.61 -4.04
C LYS O 138 -73.61 26.60 -3.23
N ILE O 139 -74.94 26.66 -3.38
CA ILE O 139 -75.94 25.86 -2.65
C ILE O 139 -76.28 24.56 -3.38
N GLY O 140 -76.32 24.58 -4.71
CA GLY O 140 -76.69 23.41 -5.54
C GLY O 140 -75.65 22.31 -5.45
N GLU O 141 -74.41 22.75 -5.21
CA GLU O 141 -73.24 21.88 -5.05
C GLU O 141 -73.40 20.99 -3.82
N LYS O 142 -73.82 21.55 -2.69
CA LYS O 142 -73.92 20.77 -1.43
C LYS O 142 -75.00 19.68 -1.41
N LYS O 143 -76.21 19.89 -1.91
CA LYS O 143 -77.24 18.83 -1.73
C LYS O 143 -76.81 17.54 -2.41
N ALA O 144 -76.43 17.62 -3.69
CA ALA O 144 -75.89 16.44 -4.39
C ALA O 144 -74.52 16.04 -3.82
N TYR O 145 -73.68 17.00 -3.42
CA TYR O 145 -72.38 16.62 -2.95
C TYR O 145 -72.55 15.78 -1.69
N GLU O 146 -73.11 16.35 -0.62
CA GLU O 146 -73.29 15.61 0.63
C GLU O 146 -73.88 14.24 0.32
N PHE O 147 -75.00 14.25 -0.39
CA PHE O 147 -75.72 13.06 -0.75
C PHE O 147 -74.77 11.91 -1.18
N TYR O 148 -73.83 12.21 -2.07
CA TYR O 148 -72.84 11.25 -2.61
C TYR O 148 -71.96 10.72 -1.47
N LYS O 149 -71.48 11.60 -0.58
CA LYS O 149 -70.63 11.21 0.56
C LYS O 149 -71.43 10.26 1.48
N GLN O 150 -72.60 10.72 1.95
CA GLN O 150 -73.49 9.87 2.71
C GLN O 150 -73.52 8.49 2.07
N VAL O 151 -73.75 8.45 0.74
CA VAL O 151 -73.83 7.20 -0.03
C VAL O 151 -72.44 6.57 -0.20
N GLU O 152 -71.37 7.35 -0.31
CA GLU O 152 -70.01 6.81 -0.42
C GLU O 152 -69.80 5.86 0.76
N GLU O 153 -70.07 6.38 1.96
CA GLU O 153 -69.90 5.66 3.23
C GLU O 153 -70.82 4.43 3.31
N TYR O 154 -72.00 4.46 2.69
CA TYR O 154 -72.88 3.28 2.81
C TYR O 154 -72.48 2.22 1.77
N LEU O 155 -72.02 2.65 0.59
CA LEU O 155 -71.51 1.72 -0.41
C LEU O 155 -70.18 1.19 0.09
N ALA O 156 -69.60 1.91 1.03
CA ALA O 156 -68.33 1.55 1.58
C ALA O 156 -68.46 0.30 2.44
N ALA O 157 -69.42 0.32 3.37
CA ALA O 157 -69.60 -0.70 4.42
C ALA O 157 -70.48 -1.89 3.99
N ASN O 158 -71.36 -1.72 3.00
CA ASN O 158 -72.28 -2.79 2.56
C ASN O 158 -72.07 -3.09 1.08
N PRO O 159 -70.91 -3.63 0.68
CA PRO O 159 -70.60 -3.83 -0.74
C PRO O 159 -71.50 -4.84 -1.47
N GLU O 160 -72.38 -5.52 -0.72
CA GLU O 160 -73.31 -6.48 -1.29
C GLU O 160 -74.44 -5.73 -2.02
N VAL O 161 -74.59 -4.44 -1.71
CA VAL O 161 -75.66 -3.62 -2.26
C VAL O 161 -75.31 -3.23 -3.72
N PHE O 162 -76.08 -3.80 -4.65
CA PHE O 162 -75.99 -3.53 -6.07
C PHE O 162 -74.70 -4.09 -6.70
N ALA O 163 -73.88 -4.83 -5.95
CA ALA O 163 -72.61 -5.36 -6.49
C ALA O 163 -72.91 -6.35 -7.62
N PHE P 3 -68.53 25.53 -5.15
CA PHE P 3 -67.23 25.90 -4.53
C PHE P 3 -66.12 25.62 -5.56
N THR P 4 -65.20 26.56 -5.70
CA THR P 4 -64.10 26.38 -6.68
C THR P 4 -64.71 26.14 -8.07
N MET P 5 -65.77 26.84 -8.45
CA MET P 5 -66.30 26.51 -9.79
C MET P 5 -66.98 27.71 -10.44
N ALA P 6 -66.26 28.52 -11.19
CA ALA P 6 -66.93 29.66 -11.85
C ALA P 6 -66.49 29.84 -13.30
N ALA P 7 -66.83 28.92 -14.19
CA ALA P 7 -66.46 29.13 -15.60
C ALA P 7 -67.67 29.72 -16.32
N TYR P 8 -67.47 30.11 -17.58
CA TYR P 8 -68.56 30.66 -18.40
C TYR P 8 -68.60 29.91 -19.74
N THR P 9 -69.48 28.90 -19.80
CA THR P 9 -69.62 28.09 -20.97
C THR P 9 -70.82 28.54 -21.80
N ILE P 10 -70.57 28.77 -23.09
CA ILE P 10 -71.60 29.03 -24.02
C ILE P 10 -71.93 27.65 -24.59
N VAL P 11 -73.14 27.49 -25.12
CA VAL P 11 -73.54 26.26 -25.74
C VAL P 11 -74.56 26.62 -26.81
N LYS P 12 -74.25 26.26 -28.06
CA LYS P 12 -75.19 26.50 -29.10
C LYS P 12 -75.18 25.31 -30.06
N GLU P 13 -76.17 25.37 -30.94
CA GLU P 13 -76.37 24.47 -32.01
C GLU P 13 -76.61 25.41 -33.18
N GLU P 14 -76.31 24.95 -34.39
CA GLU P 14 -76.43 25.83 -35.48
C GLU P 14 -76.69 24.98 -36.73
N GLU P 15 -77.21 25.62 -37.77
CA GLU P 15 -77.55 24.91 -38.96
C GLU P 15 -76.90 25.56 -40.18
N SER P 16 -76.43 24.66 -41.04
CA SER P 16 -75.80 24.98 -42.28
C SER P 16 -76.15 23.98 -43.36
N PRO P 17 -76.28 24.42 -44.62
CA PRO P 17 -76.50 23.50 -45.72
C PRO P 17 -75.17 22.91 -46.24
N ILE P 18 -74.22 22.63 -45.31
CA ILE P 18 -72.86 22.20 -45.67
C ILE P 18 -72.55 20.81 -45.08
N ALA P 19 -72.22 19.82 -45.93
CA ALA P 19 -71.97 18.51 -45.40
C ALA P 19 -70.98 18.65 -44.25
N PRO P 20 -71.14 17.91 -43.14
CA PRO P 20 -70.24 18.05 -42.02
C PRO P 20 -68.80 18.03 -42.52
N HIS P 21 -68.37 16.88 -43.04
CA HIS P 21 -67.00 16.67 -43.35
C HIS P 21 -66.41 18.00 -43.83
N ARG P 22 -67.19 18.79 -44.55
CA ARG P 22 -66.65 20.01 -45.08
C ARG P 22 -66.32 20.97 -43.92
N LEU P 23 -67.26 21.16 -42.98
CA LEU P 23 -67.11 22.10 -41.90
C LEU P 23 -66.07 21.61 -40.90
N PHE P 24 -65.91 20.31 -40.77
CA PHE P 24 -64.97 19.80 -39.79
C PHE P 24 -63.55 19.98 -40.29
N LYS P 25 -63.42 20.21 -41.59
CA LYS P 25 -62.16 20.48 -42.24
C LYS P 25 -61.85 21.97 -42.18
N ALA P 26 -62.81 22.78 -42.64
CA ALA P 26 -62.63 24.26 -42.72
C ALA P 26 -62.58 24.96 -41.35
N LEU P 27 -63.27 24.44 -40.33
CA LEU P 27 -63.38 25.18 -39.07
C LEU P 27 -62.63 24.54 -37.92
N VAL P 28 -62.17 23.29 -38.07
CA VAL P 28 -61.45 22.62 -37.01
C VAL P 28 -60.10 22.12 -37.50
N LEU P 29 -60.10 21.17 -38.43
CA LEU P 29 -58.83 20.54 -38.83
C LEU P 29 -57.93 21.56 -39.54
N GLU P 30 -58.52 22.48 -40.30
CA GLU P 30 -57.72 23.45 -41.02
C GLU P 30 -58.14 24.89 -40.67
N ARG P 31 -58.63 25.14 -39.46
CA ARG P 31 -59.02 26.52 -39.00
C ARG P 31 -57.84 27.48 -39.14
N HIS P 32 -56.66 27.03 -38.68
CA HIS P 32 -55.43 27.89 -38.63
C HIS P 32 -55.15 28.52 -40.00
N GLN P 33 -55.48 27.77 -41.05
CA GLN P 33 -55.15 28.25 -42.33
C GLN P 33 -56.38 28.77 -43.05
N VAL P 34 -57.56 28.32 -42.65
CA VAL P 34 -58.74 28.91 -43.26
C VAL P 34 -58.94 30.31 -42.67
N LEU P 35 -58.66 30.51 -41.37
CA LEU P 35 -58.88 31.85 -40.78
C LEU P 35 -58.19 32.90 -41.65
N VAL P 36 -56.92 32.61 -41.99
CA VAL P 36 -56.11 33.47 -42.78
C VAL P 36 -56.92 33.85 -44.02
N LYS P 37 -57.02 32.88 -44.93
CA LYS P 37 -57.67 32.97 -46.23
C LYS P 37 -58.96 33.80 -46.19
N ALA P 38 -59.79 33.57 -45.18
CA ALA P 38 -61.10 34.19 -45.09
C ALA P 38 -61.00 35.61 -44.54
N GLN P 39 -60.05 35.81 -43.63
CA GLN P 39 -59.82 37.08 -42.98
C GLN P 39 -58.35 37.43 -43.15
N PRO P 40 -57.90 37.64 -44.41
CA PRO P 40 -56.49 37.91 -44.69
C PRO P 40 -56.05 39.26 -44.10
N HIS P 41 -57.06 40.01 -43.67
CA HIS P 41 -56.94 41.30 -43.25
C HIS P 41 -56.58 41.33 -41.76
N VAL P 42 -56.78 40.17 -41.13
CA VAL P 42 -56.56 40.03 -39.75
C VAL P 42 -55.40 39.09 -39.48
N PHE P 43 -55.27 38.05 -40.30
CA PHE P 43 -54.34 37.01 -40.06
C PHE P 43 -53.29 36.98 -41.17
N LYS P 44 -52.03 36.87 -40.75
CA LYS P 44 -50.91 36.93 -41.70
C LYS P 44 -50.46 35.51 -42.03
N SER P 45 -50.47 34.66 -41.03
CA SER P 45 -49.94 33.36 -41.21
C SER P 45 -50.73 32.38 -40.37
N GLY P 46 -50.73 31.13 -40.82
CA GLY P 46 -51.30 30.00 -40.13
C GLY P 46 -50.31 28.86 -40.31
N GLU P 47 -50.13 28.03 -39.28
CA GLU P 47 -49.13 26.96 -39.37
C GLU P 47 -49.22 26.01 -38.17
N ILE P 48 -48.62 24.84 -38.35
CA ILE P 48 -48.49 23.89 -37.31
C ILE P 48 -47.09 24.04 -36.75
N ILE P 49 -46.94 23.90 -35.43
CA ILE P 49 -45.63 24.02 -34.82
C ILE P 49 -45.32 22.70 -34.10
N GLU P 50 -46.33 22.16 -33.43
CA GLU P 50 -46.27 20.84 -32.78
C GLU P 50 -47.40 19.99 -33.36
N GLY P 51 -47.12 18.70 -33.59
CA GLY P 51 -48.08 17.73 -34.15
C GLY P 51 -47.90 17.49 -35.64
N ASP P 52 -48.66 16.53 -36.16
CA ASP P 52 -48.70 16.16 -37.58
C ASP P 52 -50.15 16.21 -38.09
N GLY P 53 -51.08 16.55 -37.18
CA GLY P 53 -52.50 16.64 -37.52
C GLY P 53 -53.39 15.91 -36.51
N GLY P 54 -52.82 14.90 -35.84
CA GLY P 54 -53.58 14.11 -34.87
C GLY P 54 -53.90 14.90 -33.62
N VAL P 55 -53.98 14.19 -32.48
CA VAL P 55 -54.14 14.78 -31.15
C VAL P 55 -52.74 15.12 -30.64
N GLY P 56 -52.65 16.25 -29.94
CA GLY P 56 -51.41 16.81 -29.42
C GLY P 56 -50.94 17.99 -30.27
N THR P 57 -51.48 18.04 -31.50
CA THR P 57 -51.16 19.02 -32.53
C THR P 57 -51.49 20.42 -32.02
N VAL P 58 -50.51 21.32 -32.14
CA VAL P 58 -50.66 22.72 -31.76
C VAL P 58 -50.49 23.58 -33.01
N THR P 59 -51.11 24.75 -32.93
CA THR P 59 -51.22 25.67 -34.00
C THR P 59 -50.88 27.05 -33.48
N LYS P 60 -50.29 27.88 -34.35
CA LYS P 60 -50.01 29.25 -34.02
C LYS P 60 -50.66 30.11 -35.11
N ILE P 61 -51.38 31.16 -34.69
CA ILE P 61 -52.10 32.09 -35.54
C ILE P 61 -51.52 33.49 -35.33
N THR P 62 -50.92 34.04 -36.39
CA THR P 62 -50.19 35.28 -36.40
C THR P 62 -51.07 36.35 -37.03
N PHE P 63 -51.30 37.43 -36.30
CA PHE P 63 -52.09 38.55 -36.81
C PHE P 63 -51.21 39.51 -37.62
N VAL P 64 -51.79 40.08 -38.67
CA VAL P 64 -51.06 40.97 -39.46
C VAL P 64 -50.36 41.94 -38.49
N ASP P 65 -49.34 42.65 -38.97
CA ASP P 65 -48.42 43.46 -38.12
C ASP P 65 -49.11 44.57 -37.33
N GLY P 66 -50.17 45.17 -37.89
CA GLY P 66 -50.80 46.35 -37.26
C GLY P 66 -52.12 46.07 -36.55
N HIS P 67 -52.35 44.83 -36.11
CA HIS P 67 -53.58 44.46 -35.39
C HIS P 67 -53.28 44.35 -33.89
N PRO P 68 -54.21 44.84 -33.05
CA PRO P 68 -54.01 44.78 -31.61
C PRO P 68 -53.23 43.56 -31.15
N LEU P 69 -53.64 42.37 -31.58
CA LEU P 69 -53.09 41.11 -31.10
C LEU P 69 -51.86 40.71 -31.93
N THR P 70 -51.17 39.69 -31.46
CA THR P 70 -49.94 39.27 -32.05
C THR P 70 -50.04 37.82 -32.55
N TYR P 71 -50.51 36.92 -31.69
CA TYR P 71 -50.58 35.49 -32.03
C TYR P 71 -51.40 34.74 -31.00
N MET P 72 -51.78 33.51 -31.35
CA MET P 72 -52.47 32.61 -30.46
C MET P 72 -52.05 31.18 -30.77
N LEU P 73 -51.92 30.37 -29.72
CA LEU P 73 -51.63 29.00 -29.83
C LEU P 73 -52.87 28.26 -29.32
N HIS P 74 -53.13 27.08 -29.93
CA HIS P 74 -54.21 26.14 -29.57
C HIS P 74 -53.67 24.71 -29.60
N LYS P 75 -54.30 23.81 -28.86
CA LYS P 75 -53.86 22.42 -28.80
C LYS P 75 -55.03 21.50 -29.16
N PHE P 76 -54.76 20.51 -30.01
CA PHE P 76 -55.75 19.52 -30.34
C PHE P 76 -55.82 18.49 -29.20
N ASP P 77 -56.77 18.68 -28.29
CA ASP P 77 -56.96 17.83 -27.10
C ASP P 77 -57.52 16.46 -27.54
N GLU P 78 -58.77 16.47 -28.05
CA GLU P 78 -59.43 15.25 -28.53
C GLU P 78 -59.85 15.44 -29.99
N ILE P 79 -59.56 14.45 -30.82
CA ILE P 79 -59.92 14.45 -32.24
C ILE P 79 -60.43 13.05 -32.64
N ASP P 80 -61.75 12.93 -32.87
CA ASP P 80 -62.36 11.72 -33.45
C ASP P 80 -63.07 12.19 -34.72
N ALA P 81 -62.25 12.45 -35.74
CA ALA P 81 -62.68 13.10 -36.99
C ALA P 81 -63.80 12.36 -37.70
N ALA P 82 -63.80 11.03 -37.56
CA ALA P 82 -64.71 10.13 -38.21
C ALA P 82 -66.17 10.50 -37.92
N ASN P 83 -66.43 11.04 -36.71
CA ASN P 83 -67.78 11.42 -36.28
C ASN P 83 -67.92 12.94 -36.14
N PHE P 84 -66.83 13.69 -36.33
CA PHE P 84 -66.88 15.15 -36.25
C PHE P 84 -66.93 15.62 -34.79
N TYR P 85 -65.99 15.12 -33.97
CA TYR P 85 -65.88 15.50 -32.58
C TYR P 85 -64.47 16.01 -32.30
N CYS P 86 -64.41 17.23 -31.73
CA CYS P 86 -63.18 17.92 -31.44
C CYS P 86 -63.21 18.61 -30.07
N LYS P 87 -62.09 18.46 -29.34
CA LYS P 87 -61.76 19.20 -28.12
C LYS P 87 -60.39 19.82 -28.36
N TYR P 88 -60.36 21.15 -28.40
CA TYR P 88 -59.16 21.91 -28.55
C TYR P 88 -59.36 23.20 -27.75
N THR P 89 -58.25 23.75 -27.29
CA THR P 89 -58.25 24.86 -26.38
C THR P 89 -57.13 25.85 -26.67
N LEU P 90 -57.50 27.10 -26.52
CA LEU P 90 -56.55 28.21 -26.66
C LEU P 90 -55.82 28.28 -25.33
N PHE P 91 -54.49 28.12 -25.34
CA PHE P 91 -53.72 28.14 -24.08
C PHE P 91 -52.59 29.18 -24.04
N GLU P 92 -52.36 29.97 -25.10
CA GLU P 92 -51.32 31.02 -25.06
C GLU P 92 -51.49 32.06 -26.16
N GLY P 93 -51.38 33.34 -25.81
CA GLY P 93 -51.45 34.45 -26.75
C GLY P 93 -52.09 35.65 -26.12
N ASP P 94 -52.04 36.81 -26.76
CA ASP P 94 -52.57 38.06 -26.17
C ASP P 94 -54.09 38.18 -26.27
N VAL P 95 -54.81 37.20 -26.79
CA VAL P 95 -56.29 37.22 -26.88
C VAL P 95 -56.88 37.13 -25.47
N LEU P 96 -56.11 36.66 -24.51
CA LEU P 96 -56.57 36.42 -23.15
C LEU P 96 -56.75 37.72 -22.35
N ARG P 97 -56.57 38.84 -23.03
CA ARG P 97 -56.78 40.10 -22.29
C ARG P 97 -56.12 39.79 -20.94
N ASP P 98 -56.94 39.88 -19.92
CA ASP P 98 -56.71 39.46 -18.52
C ASP P 98 -57.99 38.73 -18.09
N ASN P 99 -57.98 38.04 -16.96
CA ASN P 99 -59.24 37.39 -16.50
C ASN P 99 -59.63 36.26 -17.45
N ILE P 100 -58.70 35.81 -18.29
CA ILE P 100 -58.89 34.58 -19.02
C ILE P 100 -57.60 33.77 -18.92
N GLU P 101 -57.68 32.51 -18.51
CA GLU P 101 -56.51 31.62 -18.49
C GLU P 101 -56.46 30.77 -19.77
N LYS P 102 -57.65 30.38 -20.26
CA LYS P 102 -57.76 29.52 -21.45
C LYS P 102 -59.17 29.61 -22.04
N VAL P 103 -59.33 29.00 -23.22
CA VAL P 103 -60.61 28.88 -23.88
C VAL P 103 -60.65 27.51 -24.54
N VAL P 104 -61.51 26.63 -23.98
CA VAL P 104 -61.76 25.24 -24.37
C VAL P 104 -62.90 25.19 -25.37
N TYR P 105 -62.61 24.54 -26.51
CA TYR P 105 -63.54 24.41 -27.55
C TYR P 105 -63.84 22.92 -27.70
N GLU P 106 -65.11 22.54 -27.45
CA GLU P 106 -65.59 21.17 -27.65
C GLU P 106 -66.67 21.26 -28.75
N VAL P 107 -66.40 20.64 -29.89
CA VAL P 107 -67.33 20.64 -31.03
C VAL P 107 -67.61 19.20 -31.45
N LYS P 108 -68.85 19.00 -31.91
CA LYS P 108 -69.40 17.72 -32.35
C LYS P 108 -70.48 18.02 -33.40
N LEU P 109 -70.40 17.36 -34.56
CA LEU P 109 -71.37 17.62 -35.66
C LEU P 109 -72.03 16.30 -36.11
N GLU P 110 -73.03 16.39 -37.00
CA GLU P 110 -73.82 15.24 -37.49
C GLU P 110 -74.27 15.45 -38.94
N ALA P 111 -74.22 14.39 -39.76
CA ALA P 111 -74.82 14.51 -41.12
C ALA P 111 -76.31 14.80 -40.91
N VAL P 112 -76.88 15.75 -41.62
CA VAL P 112 -78.26 16.09 -41.38
C VAL P 112 -78.86 16.57 -42.71
N GLY P 113 -79.20 15.61 -43.55
CA GLY P 113 -79.63 15.93 -44.89
C GLY P 113 -78.39 16.00 -45.73
N GLY P 114 -78.34 16.97 -46.64
CA GLY P 114 -77.15 17.25 -47.42
C GLY P 114 -76.30 18.32 -46.76
N GLY P 115 -76.48 18.50 -45.44
CA GLY P 115 -75.81 19.48 -44.58
C GLY P 115 -75.44 18.90 -43.23
N SER P 116 -75.62 19.67 -42.16
CA SER P 116 -75.20 19.20 -40.83
C SER P 116 -75.85 19.99 -39.71
N LYS P 117 -75.65 19.45 -38.52
CA LYS P 117 -76.02 20.03 -37.28
C LYS P 117 -74.76 19.97 -36.39
N GLY P 118 -74.58 20.96 -35.51
CA GLY P 118 -73.42 20.97 -34.64
C GLY P 118 -73.73 21.45 -33.24
N LYS P 119 -73.02 20.89 -32.26
CA LYS P 119 -73.10 21.33 -30.90
C LYS P 119 -71.75 21.85 -30.47
N ILE P 120 -71.73 23.18 -30.32
CA ILE P 120 -70.57 23.93 -29.91
C ILE P 120 -70.71 24.27 -28.41
N THR P 121 -69.69 23.93 -27.62
CA THR P 121 -69.62 24.37 -26.23
C THR P 121 -68.29 25.09 -26.01
N VAL P 122 -68.37 26.42 -26.00
CA VAL P 122 -67.27 27.29 -25.71
C VAL P 122 -67.23 27.48 -24.18
N THR P 123 -66.04 27.40 -23.57
CA THR P 123 -65.91 27.56 -22.11
C THR P 123 -64.69 28.42 -21.72
N TYR P 124 -64.95 29.70 -21.41
CA TYR P 124 -63.93 30.70 -21.00
C TYR P 124 -63.64 30.54 -19.50
N HIS P 125 -62.36 30.27 -19.18
CA HIS P 125 -61.86 30.04 -17.81
C HIS P 125 -61.23 31.29 -17.19
N PRO P 126 -61.79 31.81 -16.06
CA PRO P 126 -61.22 32.95 -15.36
C PRO P 126 -59.84 32.59 -14.76
N LYS P 127 -58.90 33.55 -14.74
CA LYS P 127 -57.52 33.32 -14.27
C LYS P 127 -57.41 33.66 -12.78
N PRO P 128 -56.28 33.28 -12.10
CA PRO P 128 -56.13 33.51 -10.66
C PRO P 128 -56.77 34.82 -10.19
N GLY P 129 -57.60 34.73 -9.16
CA GLY P 129 -58.15 35.96 -8.59
C GLY P 129 -58.66 36.88 -9.67
N CYS P 130 -59.36 36.32 -10.66
CA CYS P 130 -59.91 37.21 -11.72
C CYS P 130 -61.26 36.68 -12.18
N THR P 131 -62.19 37.60 -12.44
CA THR P 131 -63.58 37.35 -12.90
C THR P 131 -63.60 37.16 -14.41
N VAL P 132 -64.74 36.72 -14.95
CA VAL P 132 -64.86 36.64 -16.43
C VAL P 132 -65.88 37.68 -16.88
N ASN P 133 -65.44 38.72 -17.58
CA ASN P 133 -66.37 39.71 -18.10
C ASN P 133 -67.44 38.95 -18.89
N GLU P 134 -68.70 39.00 -18.41
CA GLU P 134 -69.83 38.32 -19.04
C GLU P 134 -70.21 39.04 -20.34
N GLU P 135 -69.42 40.09 -20.66
CA GLU P 135 -69.56 40.85 -21.89
C GLU P 135 -68.52 40.36 -22.91
N GLU P 136 -67.58 39.51 -22.47
CA GLU P 136 -66.57 38.91 -23.37
C GLU P 136 -67.19 37.70 -24.08
N VAL P 137 -68.21 37.12 -23.46
CA VAL P 137 -68.94 36.03 -24.06
C VAL P 137 -69.13 36.37 -25.53
N LYS P 138 -69.76 37.52 -25.76
CA LYS P 138 -70.15 38.00 -27.07
C LYS P 138 -68.96 38.18 -28.04
N ILE P 139 -67.84 38.73 -27.60
CA ILE P 139 -66.74 39.02 -28.55
C ILE P 139 -66.08 37.73 -29.03
N GLY P 140 -65.71 36.84 -28.10
CA GLY P 140 -65.15 35.57 -28.51
C GLY P 140 -66.11 34.91 -29.47
N GLU P 141 -67.34 34.69 -28.97
CA GLU P 141 -68.46 34.19 -29.72
C GLU P 141 -68.50 34.86 -31.09
N LYS P 142 -68.70 36.18 -31.08
CA LYS P 142 -69.04 36.93 -32.31
C LYS P 142 -68.00 36.81 -33.43
N LYS P 143 -66.71 36.56 -33.10
CA LYS P 143 -65.64 36.55 -34.12
C LYS P 143 -65.70 35.23 -34.90
N ALA P 144 -65.82 34.15 -34.14
CA ALA P 144 -66.04 32.74 -34.62
C ALA P 144 -67.26 32.59 -35.53
N TYR P 145 -68.41 33.07 -35.06
CA TYR P 145 -69.63 33.00 -35.79
C TYR P 145 -69.51 33.62 -37.17
N GLU P 146 -69.14 34.89 -37.16
CA GLU P 146 -68.99 35.65 -38.33
C GLU P 146 -68.10 34.88 -39.29
N PHE P 147 -67.10 34.25 -38.68
CA PHE P 147 -66.09 33.55 -39.39
C PHE P 147 -66.73 32.34 -40.03
N TYR P 148 -67.50 31.61 -39.22
CA TYR P 148 -68.27 30.49 -39.65
C TYR P 148 -69.06 30.92 -40.90
N LYS P 149 -69.80 32.02 -40.84
CA LYS P 149 -70.64 32.39 -42.00
C LYS P 149 -69.82 32.74 -43.23
N GLN P 150 -68.60 33.28 -43.03
CA GLN P 150 -67.74 33.65 -44.17
C GLN P 150 -67.32 32.39 -44.95
N VAL P 151 -67.11 31.30 -44.21
CA VAL P 151 -66.59 30.01 -44.69
C VAL P 151 -67.69 29.33 -45.52
N GLU P 152 -68.82 29.08 -44.85
CA GLU P 152 -70.00 28.47 -45.44
C GLU P 152 -70.35 29.15 -46.77
N GLU P 153 -70.33 30.48 -46.81
CA GLU P 153 -70.59 31.10 -48.09
C GLU P 153 -69.61 30.45 -49.05
N TYR P 154 -68.31 30.71 -48.81
CA TYR P 154 -67.25 30.22 -49.64
C TYR P 154 -67.52 28.78 -50.05
N LEU P 155 -67.78 27.93 -49.07
CA LEU P 155 -67.96 26.51 -49.28
C LEU P 155 -69.15 26.15 -50.16
N ALA P 156 -70.27 26.84 -49.99
CA ALA P 156 -71.45 26.59 -50.81
C ALA P 156 -71.10 26.87 -52.27
N ALA P 157 -70.55 28.06 -52.51
CA ALA P 157 -70.22 28.58 -53.82
C ALA P 157 -69.08 27.83 -54.50
N ASN P 158 -68.44 26.90 -53.78
CA ASN P 158 -67.32 26.11 -54.28
C ASN P 158 -67.45 24.68 -53.77
N PRO P 159 -68.52 23.95 -54.16
CA PRO P 159 -68.77 22.60 -53.67
C PRO P 159 -67.60 21.63 -53.59
N GLU P 160 -66.61 21.82 -54.45
CA GLU P 160 -65.50 20.87 -54.62
C GLU P 160 -64.43 21.07 -53.54
N VAL P 161 -64.37 22.21 -52.85
CA VAL P 161 -63.31 22.32 -51.86
C VAL P 161 -63.74 21.49 -50.64
N PHE P 162 -62.88 20.54 -50.28
CA PHE P 162 -63.21 19.56 -49.27
C PHE P 162 -64.41 18.81 -49.84
N ALA P 163 -64.10 17.90 -50.78
CA ALA P 163 -65.06 17.11 -51.54
C ALA P 163 -65.94 18.05 -52.37
N MET Q 5 -118.28 38.01 -39.55
CA MET Q 5 -116.88 37.75 -40.04
C MET Q 5 -115.92 37.57 -38.85
N ALA Q 6 -116.45 37.14 -37.69
CA ALA Q 6 -115.66 36.95 -36.43
C ALA Q 6 -115.96 35.59 -35.79
N ALA Q 7 -115.02 35.09 -34.97
CA ALA Q 7 -115.14 33.79 -34.27
C ALA Q 7 -113.93 33.62 -33.33
N TYR Q 8 -114.24 33.20 -32.10
CA TYR Q 8 -113.23 33.03 -31.01
C TYR Q 8 -112.79 31.57 -30.88
N THR Q 9 -111.71 31.23 -31.59
CA THR Q 9 -111.05 29.91 -31.54
C THR Q 9 -110.11 29.83 -30.33
N ILE Q 10 -109.78 28.61 -29.90
CA ILE Q 10 -108.96 28.40 -28.72
C ILE Q 10 -108.42 26.97 -28.72
N VAL Q 11 -107.12 26.84 -28.98
CA VAL Q 11 -106.40 25.57 -29.16
C VAL Q 11 -105.67 25.18 -27.88
N LYS Q 12 -106.00 24.02 -27.29
CA LYS Q 12 -105.31 23.61 -26.08
C LYS Q 12 -104.78 22.17 -26.20
N GLU Q 13 -103.46 22.02 -25.94
CA GLU Q 13 -102.79 20.71 -25.92
C GLU Q 13 -102.87 20.16 -24.48
N GLU Q 14 -103.40 18.95 -24.28
CA GLU Q 14 -103.44 18.37 -22.95
C GLU Q 14 -102.98 16.91 -23.05
N GLU Q 15 -102.55 16.38 -21.90
CA GLU Q 15 -101.91 15.10 -21.76
C GLU Q 15 -102.45 14.48 -20.49
N SER Q 16 -102.61 13.15 -20.48
CA SER Q 16 -103.20 12.42 -19.38
C SER Q 16 -102.76 10.96 -19.37
N PRO Q 17 -102.71 10.32 -18.17
CA PRO Q 17 -102.48 8.87 -18.02
C PRO Q 17 -103.60 7.85 -18.28
N ILE Q 18 -104.75 8.32 -18.71
CA ILE Q 18 -105.87 7.48 -19.05
C ILE Q 18 -105.71 7.17 -20.53
N ALA Q 19 -105.96 5.92 -20.89
CA ALA Q 19 -105.84 5.50 -22.26
C ALA Q 19 -106.95 6.15 -23.09
N PRO Q 20 -106.65 6.54 -24.36
CA PRO Q 20 -107.57 7.30 -25.21
C PRO Q 20 -108.95 6.73 -25.54
N HIS Q 21 -109.16 5.46 -25.20
CA HIS Q 21 -110.38 4.80 -25.47
C HIS Q 21 -111.42 5.34 -24.49
N ARG Q 22 -111.09 5.16 -23.19
CA ARG Q 22 -111.91 5.58 -22.05
C ARG Q 22 -112.14 7.10 -22.09
N LEU Q 23 -111.07 7.86 -22.31
CA LEU Q 23 -111.16 9.32 -22.41
C LEU Q 23 -112.10 9.70 -23.54
N PHE Q 24 -112.07 8.94 -24.63
CA PHE Q 24 -112.96 9.26 -25.70
C PHE Q 24 -114.38 8.88 -25.24
N LYS Q 25 -114.51 7.74 -24.56
CA LYS Q 25 -115.80 7.30 -24.12
C LYS Q 25 -116.36 8.15 -22.97
N ALA Q 26 -115.54 8.96 -22.30
CA ALA Q 26 -116.02 9.68 -21.10
C ALA Q 26 -116.23 11.19 -21.31
N LEU Q 27 -115.45 11.82 -22.20
CA LEU Q 27 -115.55 13.29 -22.45
C LEU Q 27 -116.09 13.55 -23.85
N VAL Q 28 -116.52 12.48 -24.56
CA VAL Q 28 -117.07 12.67 -25.90
C VAL Q 28 -118.34 11.81 -26.02
N LEU Q 29 -118.17 10.48 -26.07
CA LEU Q 29 -119.30 9.56 -26.29
C LEU Q 29 -120.36 9.67 -25.19
N GLU Q 30 -119.99 9.37 -23.93
CA GLU Q 30 -120.94 9.28 -22.82
C GLU Q 30 -120.87 10.51 -21.90
N ARG Q 31 -120.26 11.59 -22.39
CA ARG Q 31 -120.06 12.78 -21.55
C ARG Q 31 -121.34 13.07 -20.79
N HIS Q 32 -122.33 13.54 -21.55
CA HIS Q 32 -123.67 13.92 -21.13
C HIS Q 32 -124.22 12.98 -20.04
N GLN Q 33 -123.86 11.70 -20.09
CA GLN Q 33 -124.30 10.73 -19.12
C GLN Q 33 -123.33 10.73 -17.94
N VAL Q 34 -122.09 11.13 -18.25
CA VAL Q 34 -120.99 11.16 -17.29
C VAL Q 34 -121.01 12.48 -16.51
N LEU Q 35 -121.53 13.56 -17.09
CA LEU Q 35 -121.61 14.85 -16.37
C LEU Q 35 -122.47 14.69 -15.11
N VAL Q 36 -123.58 13.95 -15.19
CA VAL Q 36 -124.50 13.71 -14.04
C VAL Q 36 -123.81 12.80 -13.01
N LYS Q 37 -122.84 11.98 -13.44
CA LYS Q 37 -122.20 11.04 -12.52
C LYS Q 37 -121.21 11.74 -11.61
N ALA Q 38 -120.37 12.58 -12.21
CA ALA Q 38 -119.27 13.29 -11.54
C ALA Q 38 -119.77 14.58 -10.86
N GLN Q 39 -120.49 15.44 -11.62
CA GLN Q 39 -121.11 16.69 -11.14
C GLN Q 39 -122.63 16.52 -11.06
N PRO Q 40 -123.14 15.66 -10.15
CA PRO Q 40 -124.58 15.41 -10.06
C PRO Q 40 -125.35 16.58 -9.42
N HIS Q 41 -124.68 17.27 -8.48
CA HIS Q 41 -125.23 18.42 -7.78
C HIS Q 41 -125.26 19.61 -8.73
N VAL Q 42 -125.03 19.36 -10.02
CA VAL Q 42 -125.05 20.38 -11.04
C VAL Q 42 -125.91 19.93 -12.21
N PHE Q 43 -126.26 18.63 -12.22
CA PHE Q 43 -126.92 18.07 -13.35
C PHE Q 43 -128.01 17.09 -12.95
N LYS Q 44 -128.99 17.04 -13.87
CA LYS Q 44 -130.15 16.24 -13.79
C LYS Q 44 -130.02 15.07 -14.79
N SER Q 45 -129.87 15.42 -16.06
CA SER Q 45 -129.95 14.46 -17.11
C SER Q 45 -129.22 14.90 -18.37
N GLY Q 46 -128.77 13.85 -19.08
CA GLY Q 46 -128.20 13.89 -20.42
C GLY Q 46 -128.85 12.79 -21.23
N GLU Q 47 -129.47 13.15 -22.36
CA GLU Q 47 -130.21 12.17 -23.16
C GLU Q 47 -130.19 12.56 -24.64
N ILE Q 48 -130.95 11.79 -25.44
CA ILE Q 48 -131.11 11.99 -26.89
C ILE Q 48 -132.59 12.14 -27.21
N ILE Q 49 -132.89 12.86 -28.30
CA ILE Q 49 -134.26 13.07 -28.76
C ILE Q 49 -134.40 12.55 -30.20
N GLU Q 50 -133.39 12.78 -31.02
CA GLU Q 50 -133.39 12.34 -32.42
C GLU Q 50 -131.94 12.06 -32.85
N GLY Q 51 -131.39 10.97 -32.33
CA GLY Q 51 -130.02 10.57 -32.64
C GLY Q 51 -129.78 9.09 -32.40
N ASP Q 52 -129.05 8.55 -33.36
CA ASP Q 52 -128.62 7.14 -33.47
C ASP Q 52 -127.67 6.82 -32.31
N GLY Q 53 -126.80 7.75 -31.93
CA GLY Q 53 -125.73 7.47 -30.95
C GLY Q 53 -124.38 7.49 -31.66
N GLY Q 54 -124.40 7.61 -32.99
CA GLY Q 54 -123.20 7.67 -33.85
C GLY Q 54 -123.14 9.01 -34.56
N VAL Q 55 -122.53 9.09 -35.74
CA VAL Q 55 -122.44 10.40 -36.46
C VAL Q 55 -123.84 10.94 -36.73
N GLY Q 56 -124.01 12.25 -36.56
CA GLY Q 56 -125.31 12.91 -36.82
C GLY Q 56 -126.21 12.87 -35.61
N THR Q 57 -125.77 12.26 -34.50
CA THR Q 57 -126.59 12.18 -33.28
C THR Q 57 -126.65 13.53 -32.59
N VAL Q 58 -127.66 13.70 -31.78
CA VAL Q 58 -127.86 14.92 -31.01
C VAL Q 58 -127.83 14.46 -29.55
N THR Q 59 -127.67 15.42 -28.63
CA THR Q 59 -127.78 15.23 -27.19
C THR Q 59 -128.39 16.50 -26.60
N LYS Q 60 -128.75 16.45 -25.31
CA LYS Q 60 -129.37 17.57 -24.64
C LYS Q 60 -128.91 17.43 -23.18
N ILE Q 61 -128.69 18.56 -22.47
CA ILE Q 61 -128.17 18.47 -21.08
C ILE Q 61 -129.04 19.30 -20.11
N THR Q 62 -129.54 18.63 -19.06
CA THR Q 62 -130.40 19.25 -18.02
C THR Q 62 -129.67 19.28 -16.68
N PHE Q 63 -129.60 20.47 -16.07
CA PHE Q 63 -128.91 20.74 -14.77
C PHE Q 63 -129.75 20.20 -13.60
N VAL Q 64 -129.72 20.89 -12.45
CA VAL Q 64 -130.49 20.51 -11.26
C VAL Q 64 -131.70 21.45 -11.13
N ASP Q 65 -132.22 21.58 -9.91
CA ASP Q 65 -133.48 22.27 -9.63
C ASP Q 65 -133.41 23.79 -9.90
N GLY Q 66 -132.30 24.45 -9.53
CA GLY Q 66 -132.21 25.92 -9.62
C GLY Q 66 -131.20 26.47 -10.63
N HIS Q 67 -130.15 25.71 -10.96
CA HIS Q 67 -129.07 26.17 -11.83
C HIS Q 67 -129.59 27.15 -12.89
N PRO Q 68 -128.89 28.29 -13.07
CA PRO Q 68 -129.32 29.31 -14.03
C PRO Q 68 -129.72 28.73 -15.40
N LEU Q 69 -128.75 28.13 -16.10
CA LEU Q 69 -128.94 27.51 -17.41
C LEU Q 69 -130.06 26.47 -17.30
N THR Q 70 -130.37 25.85 -18.43
CA THR Q 70 -131.38 24.83 -18.50
C THR Q 70 -130.81 23.56 -19.17
N TYR Q 71 -130.29 23.73 -20.38
CA TYR Q 71 -129.88 22.60 -21.15
C TYR Q 71 -128.98 23.03 -22.30
N MET Q 72 -128.18 22.07 -22.77
CA MET Q 72 -127.22 22.28 -23.83
C MET Q 72 -127.53 21.35 -25.01
N LEU Q 73 -127.51 21.94 -26.21
CA LEU Q 73 -127.77 21.29 -27.47
C LEU Q 73 -126.42 21.06 -28.15
N HIS Q 74 -126.01 19.79 -28.21
CA HIS Q 74 -124.81 19.41 -28.92
C HIS Q 74 -125.18 18.41 -30.02
N LYS Q 75 -124.78 18.71 -31.24
CA LYS Q 75 -124.92 17.77 -32.30
C LYS Q 75 -123.59 17.00 -32.39
N PHE Q 76 -123.49 16.18 -33.44
CA PHE Q 76 -122.32 15.40 -33.81
C PHE Q 76 -122.19 15.57 -35.32
N ASP Q 77 -121.02 16.02 -35.77
CA ASP Q 77 -120.75 16.36 -37.17
C ASP Q 77 -119.89 15.28 -37.86
N GLU Q 78 -118.71 14.99 -37.28
CA GLU Q 78 -117.75 14.01 -37.85
C GLU Q 78 -117.12 13.16 -36.73
N ILE Q 79 -117.55 11.88 -36.62
CA ILE Q 79 -117.05 10.90 -35.63
C ILE Q 79 -116.25 9.80 -36.33
N ASP Q 80 -115.26 9.30 -35.59
CA ASP Q 80 -114.40 8.19 -35.94
C ASP Q 80 -113.80 7.70 -34.62
N ALA Q 81 -114.59 6.89 -33.90
CA ALA Q 81 -114.22 6.32 -32.59
C ALA Q 81 -112.87 5.59 -32.69
N ALA Q 82 -112.62 4.99 -33.86
CA ALA Q 82 -111.39 4.31 -34.18
C ALA Q 82 -110.20 5.19 -33.82
N ASN Q 83 -110.19 6.41 -34.38
CA ASN Q 83 -109.09 7.36 -34.24
C ASN Q 83 -109.39 8.42 -33.17
N PHE Q 84 -110.41 8.16 -32.36
CA PHE Q 84 -110.74 9.06 -31.26
C PHE Q 84 -110.74 10.51 -31.78
N TYR Q 85 -111.55 10.76 -32.82
CA TYR Q 85 -111.79 12.06 -33.39
C TYR Q 85 -113.28 12.33 -33.18
N CYS Q 86 -113.64 13.60 -32.97
CA CYS Q 86 -115.05 14.00 -32.81
C CYS Q 86 -115.19 15.52 -32.87
N LYS Q 87 -116.29 15.92 -33.51
CA LYS Q 87 -116.77 17.29 -33.59
C LYS Q 87 -118.21 17.26 -33.07
N TYR Q 88 -118.55 18.16 -32.15
CA TYR Q 88 -119.89 18.22 -31.65
C TYR Q 88 -120.26 19.69 -31.45
N THR Q 89 -121.27 20.12 -32.23
CA THR Q 89 -121.82 21.47 -32.24
C THR Q 89 -122.61 21.72 -30.95
N LEU Q 90 -122.70 22.98 -30.56
CA LEU Q 90 -123.50 23.45 -29.43
C LEU Q 90 -124.32 24.67 -29.87
N PHE Q 91 -125.42 24.46 -30.61
CA PHE Q 91 -126.16 25.59 -31.18
C PHE Q 91 -127.35 26.03 -30.33
N GLU Q 92 -127.84 25.19 -29.41
CA GLU Q 92 -128.96 25.61 -28.57
C GLU Q 92 -128.64 25.32 -27.09
N GLY Q 93 -129.29 26.13 -26.26
CA GLY Q 93 -129.15 26.24 -24.81
C GLY Q 93 -129.28 27.72 -24.46
N ASP Q 94 -129.02 28.12 -23.22
CA ASP Q 94 -129.10 29.54 -22.88
C ASP Q 94 -127.75 30.04 -22.37
N VAL Q 95 -126.70 29.22 -22.56
CA VAL Q 95 -125.32 29.58 -22.23
C VAL Q 95 -124.80 30.42 -23.41
N LEU Q 96 -125.51 30.34 -24.54
CA LEU Q 96 -125.23 31.12 -25.73
C LEU Q 96 -125.39 32.61 -25.38
N ARG Q 97 -126.21 32.87 -24.35
CA ARG Q 97 -126.38 34.15 -23.66
C ARG Q 97 -126.56 35.33 -24.64
N ASP Q 98 -127.17 35.10 -25.82
CA ASP Q 98 -127.46 36.14 -26.86
C ASP Q 98 -126.24 36.57 -27.66
N ASN Q 99 -125.09 35.93 -27.41
CA ASN Q 99 -123.86 36.28 -28.10
C ASN Q 99 -123.49 35.16 -29.07
N ILE Q 100 -123.68 33.93 -28.59
CA ILE Q 100 -123.19 32.71 -29.19
C ILE Q 100 -124.12 32.16 -30.28
N GLU Q 101 -123.64 32.20 -31.50
CA GLU Q 101 -124.41 31.49 -32.54
C GLU Q 101 -124.27 30.03 -32.16
N LYS Q 102 -123.04 29.59 -31.82
CA LYS Q 102 -122.70 28.19 -31.41
C LYS Q 102 -121.31 28.09 -30.77
N VAL Q 103 -120.94 26.91 -30.30
CA VAL Q 103 -119.56 26.61 -29.80
C VAL Q 103 -119.15 25.25 -30.38
N VAL Q 104 -118.16 25.19 -31.28
CA VAL Q 104 -117.74 23.94 -31.94
C VAL Q 104 -116.48 23.34 -31.30
N TYR Q 105 -116.68 22.36 -30.41
CA TYR Q 105 -115.61 21.58 -29.78
C TYR Q 105 -115.05 20.54 -30.77
N GLU Q 106 -113.73 20.49 -30.96
CA GLU Q 106 -113.11 19.51 -31.86
C GLU Q 106 -111.94 18.81 -31.16
N VAL Q 107 -112.07 17.48 -31.03
CA VAL Q 107 -111.20 16.59 -30.30
C VAL Q 107 -110.44 15.63 -31.24
N LYS Q 108 -109.34 15.08 -30.72
CA LYS Q 108 -108.53 14.10 -31.42
C LYS Q 108 -107.47 13.54 -30.45
N LEU Q 109 -107.78 12.38 -29.87
CA LEU Q 109 -106.91 11.68 -28.92
C LEU Q 109 -106.05 10.62 -29.61
N GLU Q 110 -104.85 10.40 -29.03
CA GLU Q 110 -103.85 9.43 -29.47
C GLU Q 110 -103.21 8.76 -28.24
N ALA Q 111 -103.06 7.43 -28.31
CA ALA Q 111 -102.41 6.62 -27.30
C ALA Q 111 -100.93 6.98 -27.18
N VAL Q 112 -100.47 7.14 -25.93
CA VAL Q 112 -99.07 7.30 -25.58
C VAL Q 112 -98.88 6.47 -24.30
N GLY Q 113 -97.93 5.54 -24.35
CA GLY Q 113 -97.76 4.63 -23.25
C GLY Q 113 -99.09 4.01 -22.89
N GLY Q 114 -99.46 4.12 -21.60
CA GLY Q 114 -100.77 3.67 -21.11
C GLY Q 114 -101.75 4.84 -21.00
N GLY Q 115 -101.28 6.04 -21.37
CA GLY Q 115 -102.01 7.32 -21.29
C GLY Q 115 -102.27 7.92 -22.65
N SER Q 116 -102.32 9.26 -22.72
CA SER Q 116 -102.73 9.93 -23.95
C SER Q 116 -102.31 11.40 -24.02
N LYS Q 117 -102.47 11.96 -25.24
CA LYS Q 117 -102.31 13.37 -25.65
C LYS Q 117 -103.66 13.88 -26.21
N GLY Q 118 -103.75 15.17 -26.48
CA GLY Q 118 -105.00 15.71 -27.01
C GLY Q 118 -104.84 17.11 -27.58
N LYS Q 119 -105.30 17.29 -28.82
CA LYS Q 119 -105.38 18.58 -29.45
C LYS Q 119 -106.86 18.97 -29.37
N ILE Q 120 -107.18 19.95 -28.52
CA ILE Q 120 -108.55 20.40 -28.32
C ILE Q 120 -108.67 21.82 -28.87
N THR Q 121 -109.67 22.01 -29.72
CA THR Q 121 -109.93 23.26 -30.35
C THR Q 121 -111.41 23.60 -30.18
N VAL Q 122 -111.75 24.32 -29.11
CA VAL Q 122 -113.11 24.77 -28.90
C VAL Q 122 -113.37 25.88 -29.92
N THR Q 123 -114.56 26.47 -29.91
CA THR Q 123 -114.88 27.58 -30.80
C THR Q 123 -116.21 28.20 -30.37
N TYR Q 124 -116.31 29.51 -30.55
CA TYR Q 124 -117.48 30.27 -30.23
C TYR Q 124 -117.86 31.12 -31.44
N HIS Q 125 -119.04 30.86 -32.01
CA HIS Q 125 -119.48 31.62 -33.18
C HIS Q 125 -120.43 32.73 -32.78
N PRO Q 126 -120.45 33.87 -33.52
CA PRO Q 126 -121.34 35.01 -33.25
C PRO Q 126 -122.50 35.24 -34.22
N LYS Q 127 -123.72 35.33 -33.67
CA LYS Q 127 -124.90 35.58 -34.48
C LYS Q 127 -124.77 37.01 -35.00
N PRO Q 128 -124.90 37.26 -36.32
CA PRO Q 128 -124.71 38.61 -36.85
C PRO Q 128 -125.37 39.66 -35.95
N GLY Q 129 -124.60 40.70 -35.60
CA GLY Q 129 -125.05 41.79 -34.73
C GLY Q 129 -124.97 41.38 -33.26
N CYS Q 130 -123.96 40.58 -32.95
CA CYS Q 130 -123.75 40.13 -31.56
C CYS Q 130 -122.28 40.34 -31.21
N THR Q 131 -122.00 40.57 -29.93
CA THR Q 131 -120.65 40.86 -29.40
C THR Q 131 -119.88 39.58 -29.11
N VAL Q 132 -118.68 39.48 -29.65
CA VAL Q 132 -117.84 38.26 -29.42
C VAL Q 132 -117.19 38.48 -28.06
N ASN Q 133 -117.88 38.04 -27.00
CA ASN Q 133 -117.53 38.30 -25.58
C ASN Q 133 -116.15 37.76 -25.20
N GLU Q 134 -115.52 38.41 -24.23
CA GLU Q 134 -114.13 38.09 -23.83
C GLU Q 134 -114.10 37.02 -22.74
N GLU Q 135 -114.45 37.37 -21.51
CA GLU Q 135 -114.26 36.46 -20.37
C GLU Q 135 -115.26 35.29 -20.40
N GLU Q 136 -116.32 35.40 -21.21
CA GLU Q 136 -117.31 34.32 -21.27
C GLU Q 136 -116.63 33.05 -21.76
N VAL Q 137 -115.93 33.16 -22.90
CA VAL Q 137 -115.26 32.04 -23.54
C VAL Q 137 -114.25 31.45 -22.56
N LYS Q 138 -113.81 32.29 -21.62
CA LYS Q 138 -112.87 31.93 -20.57
C LYS Q 138 -113.53 30.99 -19.54
N ILE Q 139 -114.87 31.00 -19.47
CA ILE Q 139 -115.54 30.10 -18.54
C ILE Q 139 -115.73 28.77 -19.26
N GLY Q 140 -115.93 28.80 -20.58
CA GLY Q 140 -116.00 27.59 -21.36
C GLY Q 140 -114.90 26.62 -20.97
N GLU Q 141 -113.65 26.97 -21.32
CA GLU Q 141 -112.42 26.19 -21.00
C GLU Q 141 -112.34 25.79 -19.52
N LYS Q 142 -112.81 26.66 -18.62
CA LYS Q 142 -112.75 26.42 -17.17
C LYS Q 142 -113.65 25.24 -16.77
N LYS Q 143 -114.91 25.30 -17.21
CA LYS Q 143 -115.89 24.26 -16.91
C LYS Q 143 -115.28 22.90 -17.28
N ALA Q 144 -115.01 22.74 -18.57
CA ALA Q 144 -114.50 21.51 -19.15
C ALA Q 144 -113.22 21.05 -18.46
N TYR Q 145 -112.20 21.92 -18.48
CA TYR Q 145 -110.92 21.52 -17.96
C TYR Q 145 -111.09 20.82 -16.63
N GLU Q 146 -111.86 21.46 -15.75
CA GLU Q 146 -112.10 21.09 -14.36
C GLU Q 146 -112.74 19.70 -14.24
N PHE Q 147 -113.68 19.42 -15.14
CA PHE Q 147 -114.41 18.15 -15.20
C PHE Q 147 -113.40 17.04 -15.53
N TYR Q 148 -112.73 17.22 -16.67
CA TYR Q 148 -111.68 16.34 -17.15
C TYR Q 148 -110.86 15.80 -15.98
N LYS Q 149 -110.43 16.68 -15.08
CA LYS Q 149 -109.57 16.27 -13.96
C LYS Q 149 -110.34 15.36 -13.01
N GLN Q 150 -111.63 15.64 -12.80
CA GLN Q 150 -112.50 14.83 -11.92
C GLN Q 150 -112.71 13.44 -12.50
N VAL Q 151 -112.87 13.42 -13.82
CA VAL Q 151 -113.08 12.20 -14.59
C VAL Q 151 -111.76 11.44 -14.51
N GLU Q 152 -110.71 12.05 -15.07
CA GLU Q 152 -109.39 11.48 -15.06
C GLU Q 152 -109.08 10.71 -13.78
N GLU Q 153 -109.34 11.34 -12.64
CA GLU Q 153 -109.02 10.67 -11.41
C GLU Q 153 -109.99 9.52 -11.15
N TYR Q 154 -111.25 9.65 -11.59
CA TYR Q 154 -112.26 8.60 -11.36
C TYR Q 154 -111.85 7.32 -12.10
N LEU Q 155 -111.45 7.46 -13.37
CA LEU Q 155 -111.02 6.32 -14.17
C LEU Q 155 -109.77 5.69 -13.54
N ALA Q 156 -109.01 6.46 -12.75
CA ALA Q 156 -107.89 5.83 -12.08
C ALA Q 156 -108.44 4.85 -11.02
N ALA Q 157 -109.32 5.38 -10.17
CA ALA Q 157 -109.93 4.60 -9.10
C ALA Q 157 -110.51 3.27 -9.62
N ASN Q 158 -111.55 3.34 -10.45
CA ASN Q 158 -112.27 2.16 -10.96
C ASN Q 158 -111.78 1.86 -12.37
N PRO Q 159 -110.75 1.00 -12.52
CA PRO Q 159 -110.13 0.78 -13.83
C PRO Q 159 -110.94 -0.02 -14.86
N GLU Q 160 -111.80 -0.95 -14.40
CA GLU Q 160 -112.64 -1.81 -15.28
C GLU Q 160 -113.70 -0.98 -16.03
N VAL Q 161 -113.98 0.22 -15.50
CA VAL Q 161 -114.97 1.16 -16.04
C VAL Q 161 -114.60 1.57 -17.48
N PHE Q 162 -115.41 1.08 -18.43
CA PHE Q 162 -115.37 1.42 -19.85
C PHE Q 162 -114.27 0.71 -20.65
N ALA Q 163 -113.69 -0.38 -20.11
CA ALA Q 163 -112.74 -1.30 -20.81
C ALA Q 163 -111.78 -0.57 -21.78
N PHE R 3 -105.47 29.59 -17.56
CA PHE R 3 -105.89 30.42 -18.74
C PHE R 3 -105.20 29.89 -20.03
N THR R 4 -105.59 30.48 -21.18
CA THR R 4 -105.08 30.08 -22.50
C THR R 4 -105.23 31.26 -23.47
N MET R 5 -104.11 31.80 -23.99
CA MET R 5 -104.15 32.93 -24.94
C MET R 5 -105.17 32.60 -26.05
N ALA R 6 -105.83 33.62 -26.60
CA ALA R 6 -106.86 33.40 -27.61
C ALA R 6 -106.37 33.86 -28.98
N ALA R 7 -107.14 33.48 -30.01
CA ALA R 7 -106.92 33.85 -31.42
C ALA R 7 -108.29 33.86 -32.10
N TYR R 8 -108.34 34.52 -33.24
CA TYR R 8 -109.59 34.76 -33.97
C TYR R 8 -109.63 33.97 -35.28
N THR R 9 -110.82 33.42 -35.56
CA THR R 9 -111.05 32.61 -36.75
C THR R 9 -112.26 33.12 -37.54
N ILE R 10 -112.08 33.18 -38.86
CA ILE R 10 -113.10 33.53 -39.80
C ILE R 10 -113.40 32.26 -40.57
N VAL R 11 -114.65 31.81 -40.58
CA VAL R 11 -115.06 30.65 -41.37
C VAL R 11 -115.86 31.15 -42.56
N LYS R 12 -115.25 31.13 -43.74
CA LYS R 12 -115.86 31.59 -44.97
C LYS R 12 -116.28 30.40 -45.85
N GLU R 13 -117.19 30.67 -46.79
CA GLU R 13 -117.60 29.75 -47.85
C GLU R 13 -117.85 30.58 -49.12
N GLU R 14 -117.00 30.41 -50.14
CA GLU R 14 -117.10 31.18 -51.39
C GLU R 14 -117.42 30.22 -52.55
N GLU R 15 -117.75 30.79 -53.72
CA GLU R 15 -118.12 30.07 -54.97
C GLU R 15 -117.57 30.82 -56.18
N SER R 16 -117.11 30.07 -57.19
CA SER R 16 -116.46 30.61 -58.39
C SER R 16 -116.78 29.78 -59.62
N PRO R 17 -116.82 30.37 -60.83
CA PRO R 17 -117.09 29.62 -62.05
C PRO R 17 -115.87 28.93 -62.68
N ILE R 18 -114.70 29.03 -62.04
CA ILE R 18 -113.50 28.39 -62.56
C ILE R 18 -113.29 27.09 -61.79
N ALA R 19 -112.80 26.07 -62.53
CA ALA R 19 -112.55 24.73 -62.00
C ALA R 19 -111.62 24.81 -60.78
N PRO R 20 -111.83 23.95 -59.76
CA PRO R 20 -111.05 23.99 -58.53
C PRO R 20 -109.54 23.86 -58.76
N HIS R 21 -109.14 22.86 -59.55
CA HIS R 21 -107.73 22.63 -59.81
C HIS R 21 -107.09 23.94 -60.23
N ARG R 22 -107.76 24.69 -61.12
CA ARG R 22 -107.25 25.97 -61.57
C ARG R 22 -107.08 26.90 -60.35
N LEU R 23 -108.16 27.10 -59.57
CA LEU R 23 -108.08 27.94 -58.36
C LEU R 23 -107.01 27.38 -57.43
N PHE R 24 -106.94 26.05 -57.33
CA PHE R 24 -106.01 25.42 -56.41
C PHE R 24 -104.57 25.79 -56.82
N LYS R 25 -104.26 25.64 -58.11
CA LYS R 25 -102.95 25.94 -58.63
C LYS R 25 -102.71 27.46 -58.60
N ALA R 26 -103.78 28.25 -58.69
CA ALA R 26 -103.73 29.71 -58.72
C ALA R 26 -103.65 30.30 -57.31
N LEU R 27 -104.68 30.02 -56.50
CA LEU R 27 -104.85 30.57 -55.15
C LEU R 27 -104.14 29.74 -54.06
N VAL R 28 -103.27 28.80 -54.42
CA VAL R 28 -102.65 27.97 -53.40
C VAL R 28 -101.23 27.57 -53.80
N LEU R 29 -101.12 26.61 -54.75
CA LEU R 29 -99.81 26.07 -55.12
C LEU R 29 -98.85 27.18 -55.54
N GLU R 30 -99.13 27.82 -56.69
CA GLU R 30 -98.25 28.87 -57.27
C GLU R 30 -98.70 30.29 -56.88
N ARG R 31 -99.27 30.44 -55.67
CA ARG R 31 -99.72 31.72 -55.12
C ARG R 31 -98.54 32.70 -55.04
N HIS R 32 -97.35 32.16 -54.76
CA HIS R 32 -96.12 32.93 -54.69
C HIS R 32 -95.83 33.63 -56.03
N GLN R 33 -96.14 32.94 -57.14
CA GLN R 33 -95.82 33.44 -58.48
C GLN R 33 -97.03 34.16 -59.09
N VAL R 34 -98.22 33.85 -58.60
CA VAL R 34 -99.40 34.49 -59.14
C VAL R 34 -99.47 35.87 -58.49
N LEU R 35 -99.38 35.91 -57.16
CA LEU R 35 -99.41 37.16 -56.44
C LEU R 35 -98.71 38.27 -57.26
N VAL R 36 -97.62 37.91 -57.93
CA VAL R 36 -96.81 38.83 -58.71
C VAL R 36 -97.56 39.21 -60.00
N LYS R 37 -97.70 38.26 -60.92
CA LYS R 37 -98.32 38.53 -62.21
C LYS R 37 -99.48 39.50 -62.02
N ALA R 38 -100.41 39.12 -61.14
CA ALA R 38 -101.63 39.84 -60.86
C ALA R 38 -101.32 41.25 -60.35
N GLN R 39 -100.58 41.31 -59.24
CA GLN R 39 -100.21 42.55 -58.55
C GLN R 39 -98.72 42.81 -58.63
N PRO R 40 -98.21 43.36 -59.77
CA PRO R 40 -96.80 43.72 -59.91
C PRO R 40 -96.53 45.15 -59.42
N HIS R 41 -97.40 45.63 -58.52
CA HIS R 41 -97.34 46.94 -57.92
C HIS R 41 -97.03 46.80 -56.41
N VAL R 42 -97.28 45.61 -55.86
CA VAL R 42 -97.08 45.30 -54.45
C VAL R 42 -96.04 44.19 -54.33
N PHE R 43 -95.62 43.66 -55.49
CA PHE R 43 -94.72 42.51 -55.57
C PHE R 43 -93.69 42.70 -56.68
N LYS R 44 -92.42 42.43 -56.32
CA LYS R 44 -91.26 42.52 -57.22
C LYS R 44 -90.78 41.11 -57.58
N SER R 45 -90.75 40.21 -56.57
CA SER R 45 -90.33 38.84 -56.75
C SER R 45 -91.08 37.89 -55.81
N GLY R 46 -91.44 36.72 -56.36
CA GLY R 46 -92.10 35.58 -55.67
C GLY R 46 -91.19 34.35 -55.75
N GLU R 47 -91.00 33.70 -54.62
CA GLU R 47 -89.98 32.62 -54.57
C GLU R 47 -90.30 31.49 -53.58
N ILE R 48 -89.70 30.35 -53.86
CA ILE R 48 -89.74 29.13 -53.01
C ILE R 48 -88.28 28.91 -52.67
N ILE R 49 -87.80 29.66 -51.68
CA ILE R 49 -86.42 29.62 -51.16
C ILE R 49 -86.16 28.25 -50.55
N GLU R 50 -87.19 27.61 -49.99
CA GLU R 50 -87.02 26.32 -49.33
C GLU R 50 -88.03 25.31 -49.91
N GLY R 51 -87.64 24.02 -49.89
CA GLY R 51 -88.42 22.91 -50.43
C GLY R 51 -88.29 22.89 -51.95
N ASP R 52 -88.96 21.92 -52.58
CA ASP R 52 -89.02 21.81 -54.06
C ASP R 52 -90.50 21.70 -54.48
N GLY R 53 -91.40 22.07 -53.55
CA GLY R 53 -92.86 22.06 -53.78
C GLY R 53 -93.65 21.39 -52.66
N GLY R 54 -93.10 20.32 -52.08
CA GLY R 54 -93.82 19.56 -51.07
C GLY R 54 -94.11 20.36 -49.81
N VAL R 55 -94.89 19.75 -48.92
CA VAL R 55 -95.13 20.34 -47.61
C VAL R 55 -93.75 20.55 -46.98
N GLY R 56 -93.65 21.60 -46.16
CA GLY R 56 -92.41 21.98 -45.55
C GLY R 56 -91.85 23.22 -46.21
N THR R 57 -92.19 23.41 -47.49
CA THR R 57 -91.71 24.49 -48.34
C THR R 57 -91.96 25.86 -47.70
N VAL R 58 -90.93 26.70 -47.74
CA VAL R 58 -91.02 28.06 -47.30
C VAL R 58 -90.91 28.90 -48.56
N THR R 59 -91.75 29.93 -48.69
CA THR R 59 -91.73 30.86 -49.85
C THR R 59 -91.51 32.29 -49.32
N LYS R 60 -91.06 33.19 -50.20
CA LYS R 60 -90.75 34.59 -49.83
C LYS R 60 -91.43 35.58 -50.78
N ILE R 61 -92.01 36.63 -50.17
CA ILE R 61 -92.74 37.65 -50.90
C ILE R 61 -92.11 39.00 -50.56
N THR R 62 -91.67 39.68 -51.63
CA THR R 62 -90.93 40.90 -51.61
C THR R 62 -91.80 41.96 -52.28
N PHE R 63 -92.06 43.01 -51.52
CA PHE R 63 -92.90 44.09 -52.07
C PHE R 63 -92.00 45.01 -52.87
N VAL R 64 -92.50 45.51 -54.01
CA VAL R 64 -91.69 46.41 -54.89
C VAL R 64 -91.25 47.60 -54.04
N ASP R 65 -90.07 48.15 -54.33
CA ASP R 65 -89.48 49.25 -53.52
C ASP R 65 -90.50 50.38 -53.40
N GLY R 66 -90.62 50.92 -52.18
CA GLY R 66 -91.60 51.98 -51.86
C GLY R 66 -92.81 51.43 -51.13
N HIS R 67 -92.88 50.11 -50.92
CA HIS R 67 -94.01 49.57 -50.16
C HIS R 67 -93.70 49.61 -48.67
N PRO R 68 -94.69 49.97 -47.81
CA PRO R 68 -94.50 49.99 -46.36
C PRO R 68 -93.90 48.66 -45.90
N LEU R 69 -94.50 47.58 -46.40
CA LEU R 69 -94.06 46.23 -46.14
C LEU R 69 -92.92 45.94 -47.11
N THR R 70 -91.94 45.16 -46.66
CA THR R 70 -90.76 44.81 -47.47
C THR R 70 -90.96 43.41 -48.06
N TYR R 71 -91.20 42.43 -47.17
CA TYR R 71 -91.40 41.05 -47.57
C TYR R 71 -92.18 40.28 -46.52
N MET R 72 -92.57 39.06 -46.92
CA MET R 72 -93.22 38.05 -46.08
C MET R 72 -92.86 36.64 -46.58
N LEU R 73 -92.77 35.71 -45.63
CA LEU R 73 -92.40 34.33 -45.83
C LEU R 73 -93.59 33.43 -45.51
N HIS R 74 -93.80 32.41 -46.36
CA HIS R 74 -94.87 31.39 -46.22
C HIS R 74 -94.29 29.97 -46.20
N LYS R 75 -94.79 29.14 -45.27
CA LYS R 75 -94.37 27.75 -45.18
C LYS R 75 -95.63 26.87 -45.23
N PHE R 76 -95.74 26.01 -46.26
CA PHE R 76 -96.88 25.10 -46.45
C PHE R 76 -96.90 23.98 -45.41
N ASP R 77 -97.87 24.05 -44.48
CA ASP R 77 -98.00 23.09 -43.38
C ASP R 77 -98.38 21.69 -43.90
N GLU R 78 -99.50 21.62 -44.63
CA GLU R 78 -100.09 20.37 -45.15
C GLU R 78 -100.81 20.64 -46.47
N ILE R 79 -100.63 19.72 -47.43
CA ILE R 79 -101.29 19.78 -48.78
C ILE R 79 -101.99 18.44 -49.00
N ASP R 80 -103.01 18.43 -49.84
CA ASP R 80 -103.73 17.20 -50.26
C ASP R 80 -104.42 17.59 -51.56
N ALA R 81 -103.64 17.78 -52.62
CA ALA R 81 -104.18 18.40 -53.84
C ALA R 81 -105.37 17.65 -54.42
N ALA R 82 -105.29 16.34 -54.48
CA ALA R 82 -106.33 15.52 -55.09
C ALA R 82 -107.73 15.83 -54.55
N ASN R 83 -107.82 16.30 -53.30
CA ASN R 83 -109.10 16.63 -52.64
C ASN R 83 -109.26 18.15 -52.44
N PHE R 84 -108.24 18.89 -52.86
CA PHE R 84 -108.27 20.34 -52.91
C PHE R 84 -108.16 20.93 -51.49
N TYR R 85 -107.36 20.28 -50.64
CA TYR R 85 -107.14 20.76 -49.28
C TYR R 85 -105.70 21.25 -49.12
N CYS R 86 -105.53 22.34 -48.36
CA CYS R 86 -104.21 22.78 -47.95
C CYS R 86 -104.27 23.54 -46.62
N LYS R 87 -103.12 23.51 -45.91
CA LYS R 87 -102.88 24.30 -44.68
C LYS R 87 -101.49 24.94 -44.82
N TYR R 88 -101.44 26.27 -44.73
CA TYR R 88 -100.21 27.01 -44.85
C TYR R 88 -100.20 28.11 -43.80
N THR R 89 -99.08 28.85 -43.72
CA THR R 89 -98.89 29.84 -42.66
C THR R 89 -97.95 30.96 -43.09
N LEU R 90 -98.44 32.19 -42.92
CA LEU R 90 -97.65 33.39 -43.02
C LEU R 90 -96.99 33.47 -41.65
N PHE R 91 -95.69 33.13 -41.58
CA PHE R 91 -94.98 33.04 -40.27
C PHE R 91 -93.94 34.17 -40.08
N GLU R 92 -93.39 34.74 -41.16
CA GLU R 92 -92.40 35.84 -41.03
C GLU R 92 -92.65 36.91 -42.10
N GLY R 93 -92.53 38.18 -41.69
CA GLY R 93 -92.73 39.34 -42.56
C GLY R 93 -93.17 40.57 -41.80
N ASP R 94 -92.89 41.74 -42.37
CA ASP R 94 -93.28 42.98 -41.75
C ASP R 94 -94.80 42.98 -41.60
N VAL R 95 -95.51 42.44 -42.60
CA VAL R 95 -97.00 42.42 -42.68
C VAL R 95 -97.63 41.93 -41.38
N LEU R 96 -96.86 41.20 -40.54
CA LEU R 96 -97.31 40.89 -39.21
C LEU R 96 -97.30 42.21 -38.45
N ARG R 97 -98.47 42.79 -38.17
CA ARG R 97 -98.54 44.02 -37.35
C ARG R 97 -97.92 43.70 -35.97
N ASP R 98 -97.97 44.68 -35.07
CA ASP R 98 -97.38 44.57 -33.74
C ASP R 98 -97.75 43.21 -33.10
N ASN R 99 -99.02 43.07 -32.70
CA ASN R 99 -99.53 41.91 -31.95
C ASN R 99 -99.43 40.60 -32.77
N ILE R 100 -99.70 40.65 -34.08
CA ILE R 100 -99.73 39.44 -34.95
C ILE R 100 -98.40 38.68 -34.84
N GLU R 101 -98.54 37.37 -34.56
CA GLU R 101 -97.48 36.36 -34.43
C GLU R 101 -97.38 35.54 -35.73
N LYS R 102 -98.54 35.01 -36.17
CA LYS R 102 -98.65 34.17 -37.39
C LYS R 102 -100.12 34.05 -37.82
N VAL R 103 -100.35 33.44 -38.99
CA VAL R 103 -101.70 33.26 -39.51
C VAL R 103 -101.81 31.84 -40.09
N VAL R 104 -102.96 31.17 -39.85
CA VAL R 104 -103.16 29.80 -40.34
C VAL R 104 -104.39 29.71 -41.24
N TYR R 105 -104.11 29.53 -42.54
CA TYR R 105 -105.08 29.42 -43.59
C TYR R 105 -105.34 27.94 -43.85
N GLU R 106 -106.59 27.52 -43.69
CA GLU R 106 -107.02 26.14 -43.94
C GLU R 106 -108.12 26.17 -45.03
N VAL R 107 -107.69 25.94 -46.29
CA VAL R 107 -108.54 26.04 -47.48
C VAL R 107 -108.93 24.67 -48.04
N LYS R 108 -110.22 24.53 -48.39
CA LYS R 108 -110.80 23.30 -48.93
C LYS R 108 -111.73 23.58 -50.13
N LEU R 109 -111.34 23.11 -51.32
CA LEU R 109 -112.13 23.28 -52.56
C LEU R 109 -112.67 21.95 -53.06
N GLU R 110 -113.58 22.06 -54.04
CA GLU R 110 -114.23 20.94 -54.68
C GLU R 110 -114.93 21.41 -55.95
N ALA R 111 -115.28 20.46 -56.81
CA ALA R 111 -115.90 20.76 -58.09
C ALA R 111 -117.42 20.91 -57.95
N VAL R 112 -117.97 21.86 -58.70
CA VAL R 112 -119.41 22.04 -58.77
C VAL R 112 -119.71 22.50 -60.19
N GLY R 113 -119.67 21.54 -61.11
CA GLY R 113 -119.88 21.72 -62.51
C GLY R 113 -118.57 22.15 -63.14
N GLY R 114 -118.62 23.25 -63.88
CA GLY R 114 -117.42 23.82 -64.53
C GLY R 114 -116.60 24.72 -63.62
N GLY R 115 -117.02 24.87 -62.36
CA GLY R 115 -116.35 25.75 -61.37
C GLY R 115 -116.20 25.13 -59.99
N SER R 116 -116.14 25.99 -58.94
CA SER R 116 -115.84 25.54 -57.56
C SER R 116 -116.70 26.21 -56.49
N LYS R 117 -116.58 25.63 -55.28
CA LYS R 117 -117.12 26.12 -53.98
C LYS R 117 -116.06 25.74 -52.94
N GLY R 118 -116.02 26.44 -51.79
CA GLY R 118 -115.02 26.13 -50.79
C GLY R 118 -115.47 26.45 -49.37
N LYS R 119 -114.59 26.13 -48.42
CA LYS R 119 -114.78 26.45 -47.01
C LYS R 119 -113.43 26.89 -46.43
N ILE R 120 -113.10 28.18 -46.62
CA ILE R 120 -111.84 28.75 -46.15
C ILE R 120 -111.99 29.13 -44.69
N THR R 121 -110.89 28.90 -43.96
CA THR R 121 -110.75 29.31 -42.58
C THR R 121 -109.39 30.00 -42.48
N VAL R 122 -109.35 31.11 -41.73
CA VAL R 122 -108.14 31.86 -41.50
C VAL R 122 -108.10 32.18 -40.00
N THR R 123 -107.00 31.78 -39.34
CA THR R 123 -106.84 31.95 -37.91
C THR R 123 -105.60 32.82 -37.63
N TYR R 124 -105.84 34.02 -37.09
CA TYR R 124 -104.79 34.98 -36.74
C TYR R 124 -104.38 34.77 -35.27
N HIS R 125 -103.06 34.78 -35.01
CA HIS R 125 -102.47 34.51 -33.69
C HIS R 125 -101.81 35.72 -33.05
N PRO R 126 -102.42 36.38 -32.03
CA PRO R 126 -101.76 37.49 -31.34
C PRO R 126 -100.65 36.96 -30.42
N LYS R 127 -99.55 37.71 -30.29
CA LYS R 127 -98.41 37.26 -29.48
C LYS R 127 -98.84 37.12 -28.01
N PRO R 128 -98.15 36.24 -27.26
CA PRO R 128 -98.44 36.03 -25.85
C PRO R 128 -98.53 37.37 -25.13
N GLY R 129 -99.58 37.56 -24.33
CA GLY R 129 -99.82 38.78 -23.59
C GLY R 129 -100.66 39.78 -24.35
N CYS R 130 -100.33 40.01 -25.64
CA CYS R 130 -101.01 40.98 -26.52
C CYS R 130 -102.29 40.35 -27.10
N THR R 131 -103.07 41.15 -27.88
CA THR R 131 -104.35 40.69 -28.46
C THR R 131 -104.68 41.43 -29.78
N VAL R 132 -105.18 40.67 -30.76
CA VAL R 132 -105.58 41.17 -32.10
C VAL R 132 -106.85 42.02 -31.93
N ASN R 133 -106.95 43.10 -32.71
CA ASN R 133 -108.11 44.03 -32.65
C ASN R 133 -108.88 44.02 -33.98
N GLU R 134 -108.68 42.97 -34.78
CA GLU R 134 -109.33 42.80 -36.08
C GLU R 134 -109.28 44.10 -36.89
N GLU R 135 -108.15 44.80 -36.82
CA GLU R 135 -107.98 46.01 -37.62
C GLU R 135 -107.49 45.58 -39.00
N GLU R 136 -106.57 44.60 -39.00
CA GLU R 136 -105.89 44.10 -40.19
C GLU R 136 -106.65 42.94 -40.85
N VAL R 137 -107.71 42.44 -40.21
CA VAL R 137 -108.48 41.33 -40.78
C VAL R 137 -109.25 41.83 -42.02
N LYS R 138 -109.93 42.98 -41.93
CA LYS R 138 -110.60 43.54 -43.11
C LYS R 138 -109.54 43.75 -44.20
N ILE R 139 -108.42 44.40 -43.85
CA ILE R 139 -107.30 44.57 -44.80
C ILE R 139 -106.93 43.16 -45.26
N GLY R 140 -106.90 42.24 -44.28
CA GLY R 140 -106.65 40.83 -44.50
C GLY R 140 -107.63 40.27 -45.51
N GLU R 141 -108.88 40.04 -45.07
CA GLU R 141 -109.90 39.52 -45.94
C GLU R 141 -109.77 40.23 -47.27
N LYS R 142 -109.76 41.58 -47.23
CA LYS R 142 -109.74 42.39 -48.44
C LYS R 142 -108.58 41.99 -49.34
N LYS R 143 -107.39 41.84 -48.74
CA LYS R 143 -106.18 41.58 -49.48
C LYS R 143 -106.29 40.28 -50.30
N ALA R 144 -106.60 39.16 -49.65
CA ALA R 144 -106.75 37.84 -50.32
C ALA R 144 -107.98 37.85 -51.25
N TYR R 145 -109.13 38.22 -50.68
CA TYR R 145 -110.34 38.29 -51.45
C TYR R 145 -110.07 39.10 -52.71
N GLU R 146 -109.47 40.29 -52.53
CA GLU R 146 -109.18 41.21 -53.63
C GLU R 146 -108.43 40.47 -54.74
N PHE R 147 -107.51 39.61 -54.28
CA PHE R 147 -106.64 38.81 -55.12
C PHE R 147 -107.49 37.75 -55.83
N TYR R 148 -108.15 36.90 -55.03
CA TYR R 148 -109.04 35.88 -55.56
C TYR R 148 -109.79 36.43 -56.79
N LYS R 149 -110.47 37.57 -56.64
CA LYS R 149 -111.27 38.21 -57.70
C LYS R 149 -110.36 38.61 -58.88
N GLN R 150 -109.18 39.14 -58.59
CA GLN R 150 -108.25 39.47 -59.66
C GLN R 150 -107.99 38.21 -60.50
N VAL R 151 -107.78 37.09 -59.79
CA VAL R 151 -107.40 35.80 -60.40
C VAL R 151 -108.54 35.20 -61.24
N GLU R 152 -109.80 35.29 -60.79
CA GLU R 152 -110.88 34.82 -61.64
C GLU R 152 -110.72 35.35 -63.06
N GLU R 153 -110.69 36.68 -63.16
CA GLU R 153 -110.64 37.38 -64.44
C GLU R 153 -109.71 36.64 -65.42
N TYR R 154 -108.40 36.65 -65.15
CA TYR R 154 -107.36 36.14 -66.10
C TYR R 154 -107.63 34.67 -66.46
N LEU R 155 -107.99 33.85 -65.47
CA LEU R 155 -108.27 32.42 -65.66
C LEU R 155 -109.35 32.23 -66.73
N ALA R 156 -110.53 32.80 -66.49
CA ALA R 156 -111.66 32.73 -67.42
C ALA R 156 -111.31 33.48 -68.72
N ALA R 157 -110.49 34.51 -68.59
CA ALA R 157 -110.06 35.31 -69.72
C ALA R 157 -109.10 34.50 -70.60
N ASN R 158 -108.21 33.76 -69.93
CA ASN R 158 -107.20 32.92 -70.57
C ASN R 158 -107.41 31.48 -70.12
N PRO R 159 -108.22 30.66 -70.84
CA PRO R 159 -108.57 29.30 -70.41
C PRO R 159 -107.43 28.25 -70.40
N GLU R 160 -106.60 28.25 -71.46
CA GLU R 160 -105.48 27.29 -71.62
C GLU R 160 -104.46 27.43 -70.47
N VAL R 161 -104.60 28.50 -69.66
CA VAL R 161 -103.70 28.80 -68.53
C VAL R 161 -104.15 28.01 -67.29
N PHE R 162 -103.27 27.07 -66.91
CA PHE R 162 -103.46 26.12 -65.81
C PHE R 162 -104.46 25.05 -66.23
N ALA R 163 -104.87 25.03 -67.50
CA ALA R 163 -105.88 24.08 -67.97
C ALA R 163 -105.20 22.80 -68.47
N PHE S 3 -74.95 -14.80 -52.81
CA PHE S 3 -73.64 -14.20 -52.37
C PHE S 3 -73.80 -13.79 -50.90
N THR S 4 -74.97 -13.20 -50.61
CA THR S 4 -75.41 -12.85 -49.27
C THR S 4 -76.33 -13.98 -48.80
N MET S 5 -76.38 -14.21 -47.48
CA MET S 5 -77.17 -15.31 -46.92
C MET S 5 -78.67 -15.09 -47.20
N ALA S 6 -79.39 -16.21 -47.27
CA ALA S 6 -80.84 -16.25 -47.52
C ALA S 6 -81.60 -16.26 -46.19
N ALA S 7 -82.33 -15.17 -45.92
CA ALA S 7 -83.13 -15.06 -44.71
C ALA S 7 -84.59 -15.20 -45.10
N TYR S 8 -85.35 -15.88 -44.23
CA TYR S 8 -86.75 -16.13 -44.44
C TYR S 8 -87.54 -15.27 -43.44
N THR S 9 -88.58 -14.59 -43.93
CA THR S 9 -89.26 -13.58 -43.18
C THR S 9 -90.77 -13.61 -43.27
N ILE S 10 -91.38 -13.65 -42.08
CA ILE S 10 -92.83 -13.56 -41.89
C ILE S 10 -93.13 -12.09 -41.64
N VAL S 11 -94.17 -11.58 -42.30
CA VAL S 11 -94.57 -10.21 -42.14
C VAL S 11 -96.09 -10.21 -42.12
N LYS S 12 -96.71 -9.90 -40.97
CA LYS S 12 -98.16 -10.03 -40.90
C LYS S 12 -98.82 -8.88 -40.15
N GLU S 13 -100.13 -8.76 -40.38
CA GLU S 13 -100.99 -7.78 -39.75
C GLU S 13 -102.00 -8.55 -38.94
N GLU S 14 -102.24 -8.09 -37.69
CA GLU S 14 -103.15 -8.72 -36.72
C GLU S 14 -104.06 -7.61 -36.17
N GLU S 15 -105.18 -8.00 -35.54
CA GLU S 15 -106.23 -7.07 -35.00
C GLU S 15 -106.84 -7.67 -33.75
N SER S 16 -106.82 -6.94 -32.64
CA SER S 16 -107.28 -7.42 -31.35
C SER S 16 -108.32 -6.48 -30.74
N PRO S 17 -109.39 -7.03 -30.14
CA PRO S 17 -110.32 -6.22 -29.38
C PRO S 17 -109.64 -5.60 -28.14
N ILE S 18 -108.45 -6.13 -27.81
CA ILE S 18 -107.70 -5.80 -26.61
C ILE S 18 -106.83 -4.57 -26.82
N ALA S 19 -106.88 -3.70 -25.81
CA ALA S 19 -106.21 -2.41 -25.79
C ALA S 19 -104.72 -2.64 -26.03
N PRO S 20 -104.08 -1.73 -26.78
CA PRO S 20 -102.71 -1.90 -27.28
C PRO S 20 -101.55 -1.68 -26.32
N HIS S 21 -101.88 -1.36 -25.07
CA HIS S 21 -100.95 -1.15 -23.97
C HIS S 21 -100.87 -2.45 -23.17
N ARG S 22 -102.05 -3.05 -22.99
CA ARG S 22 -102.18 -4.27 -22.28
C ARG S 22 -101.38 -5.34 -23.03
N LEU S 23 -101.71 -5.45 -24.31
CA LEU S 23 -101.27 -6.48 -25.18
C LEU S 23 -99.75 -6.42 -25.39
N PHE S 24 -99.21 -5.21 -25.33
CA PHE S 24 -97.79 -4.96 -25.49
C PHE S 24 -97.08 -5.37 -24.19
N LYS S 25 -97.66 -4.99 -23.06
CA LYS S 25 -97.09 -5.33 -21.79
C LYS S 25 -97.00 -6.85 -21.63
N ALA S 26 -98.07 -7.56 -21.96
CA ALA S 26 -98.12 -9.02 -21.72
C ALA S 26 -97.37 -9.82 -22.78
N LEU S 27 -97.46 -9.36 -24.02
CA LEU S 27 -96.88 -10.08 -25.17
C LEU S 27 -95.48 -9.57 -25.51
N VAL S 28 -94.98 -8.55 -24.80
CA VAL S 28 -93.60 -8.09 -25.04
C VAL S 28 -92.89 -7.86 -23.70
N LEU S 29 -93.31 -6.85 -22.96
CA LEU S 29 -92.58 -6.50 -21.73
C LEU S 29 -92.57 -7.65 -20.71
N GLU S 30 -93.69 -8.32 -20.49
CA GLU S 30 -93.79 -9.37 -19.46
C GLU S 30 -94.03 -10.75 -20.07
N ARG S 31 -93.81 -10.89 -21.36
CA ARG S 31 -94.09 -12.11 -22.10
C ARG S 31 -93.46 -13.29 -21.40
N HIS S 32 -92.18 -13.13 -21.02
CA HIS S 32 -91.43 -14.23 -20.40
C HIS S 32 -92.17 -14.77 -19.18
N GLN S 33 -93.01 -13.90 -18.60
CA GLN S 33 -93.77 -14.16 -17.43
C GLN S 33 -95.11 -14.77 -17.82
N VAL S 34 -95.84 -14.08 -18.71
CA VAL S 34 -97.18 -14.52 -19.17
C VAL S 34 -97.08 -15.83 -19.96
N LEU S 35 -95.98 -16.02 -20.68
CA LEU S 35 -95.75 -17.33 -21.29
C LEU S 35 -95.96 -18.39 -20.21
N VAL S 36 -95.56 -17.99 -18.98
CA VAL S 36 -95.59 -18.85 -17.79
C VAL S 36 -97.00 -18.79 -17.17
N LYS S 37 -97.62 -17.61 -17.15
CA LYS S 37 -98.96 -17.56 -16.61
C LYS S 37 -99.93 -18.29 -17.54
N ALA S 38 -99.78 -18.15 -18.86
CA ALA S 38 -100.71 -18.75 -19.89
C ALA S 38 -100.49 -20.24 -20.20
N GLN S 39 -99.27 -20.77 -20.09
CA GLN S 39 -99.07 -22.22 -20.34
C GLN S 39 -98.13 -22.78 -19.27
N PRO S 40 -98.66 -23.22 -18.11
CA PRO S 40 -97.86 -23.93 -17.11
C PRO S 40 -97.52 -25.38 -17.46
N HIS S 41 -98.12 -25.92 -18.51
CA HIS S 41 -97.81 -27.26 -18.80
C HIS S 41 -96.55 -27.27 -19.67
N VAL S 42 -96.05 -26.07 -19.98
CA VAL S 42 -94.93 -25.85 -20.88
C VAL S 42 -93.76 -25.13 -20.21
N PHE S 43 -93.99 -23.94 -19.67
CA PHE S 43 -92.90 -23.10 -19.13
C PHE S 43 -92.93 -23.14 -17.60
N LYS S 44 -91.74 -23.34 -17.01
CA LYS S 44 -91.60 -23.52 -15.58
C LYS S 44 -91.21 -22.19 -14.97
N SER S 45 -90.71 -21.27 -15.79
CA SER S 45 -90.41 -19.97 -15.28
C SER S 45 -89.83 -19.08 -16.37
N GLY S 46 -90.00 -17.77 -16.12
CA GLY S 46 -89.51 -16.70 -16.96
C GLY S 46 -88.73 -15.74 -16.09
N GLU S 47 -87.69 -15.14 -16.67
CA GLU S 47 -86.79 -14.32 -15.88
C GLU S 47 -85.84 -13.51 -16.76
N ILE S 48 -85.47 -12.37 -16.20
CA ILE S 48 -84.51 -11.43 -16.68
C ILE S 48 -83.21 -11.73 -15.92
N ILE S 49 -82.12 -12.00 -16.67
CA ILE S 49 -80.81 -12.32 -16.09
C ILE S 49 -79.80 -11.19 -16.38
N GLU S 50 -80.11 -10.34 -17.37
CA GLU S 50 -79.19 -9.30 -17.75
C GLU S 50 -80.02 -8.09 -18.20
N GLY S 51 -80.26 -7.19 -17.24
CA GLY S 51 -80.92 -5.91 -17.53
C GLY S 51 -81.87 -5.49 -16.45
N ASP S 52 -82.28 -4.23 -16.49
CA ASP S 52 -83.33 -3.65 -15.62
C ASP S 52 -84.69 -4.23 -16.06
N GLY S 53 -84.82 -4.36 -17.38
CA GLY S 53 -86.03 -4.76 -18.13
C GLY S 53 -86.24 -3.71 -19.21
N GLY S 54 -85.11 -3.26 -19.76
CA GLY S 54 -84.99 -2.22 -20.79
C GLY S 54 -84.11 -2.68 -21.93
N VAL S 55 -84.10 -1.94 -23.04
CA VAL S 55 -83.32 -2.38 -24.22
C VAL S 55 -81.96 -2.84 -23.74
N GLY S 56 -81.56 -4.03 -24.17
CA GLY S 56 -80.35 -4.67 -23.65
C GLY S 56 -80.74 -5.69 -22.59
N THR S 57 -82.03 -5.86 -22.33
CA THR S 57 -82.47 -6.87 -21.35
C THR S 57 -82.39 -8.26 -21.99
N VAL S 58 -81.99 -9.28 -21.20
CA VAL S 58 -81.82 -10.66 -21.65
C VAL S 58 -82.63 -11.60 -20.74
N THR S 59 -83.66 -12.26 -21.32
CA THR S 59 -84.58 -13.22 -20.60
C THR S 59 -84.14 -14.66 -20.81
N LYS S 60 -84.47 -15.50 -19.83
CA LYS S 60 -84.32 -16.93 -19.89
C LYS S 60 -85.70 -17.57 -19.73
N ILE S 61 -86.10 -18.37 -20.72
CA ILE S 61 -87.36 -19.07 -20.71
C ILE S 61 -87.02 -20.53 -20.49
N THR S 62 -87.40 -21.05 -19.31
CA THR S 62 -87.16 -22.42 -18.95
C THR S 62 -88.40 -23.25 -19.19
N PHE S 63 -88.29 -24.27 -20.05
CA PHE S 63 -89.36 -25.24 -20.28
C PHE S 63 -89.43 -26.21 -19.07
N VAL S 64 -90.48 -27.01 -18.99
CA VAL S 64 -90.62 -27.99 -17.87
C VAL S 64 -89.74 -29.19 -18.19
N ASP S 65 -89.47 -30.04 -17.20
CA ASP S 65 -88.49 -31.13 -17.37
C ASP S 65 -88.88 -32.02 -18.53
N GLY S 66 -90.13 -32.43 -18.60
CA GLY S 66 -90.53 -33.35 -19.67
C GLY S 66 -90.36 -32.71 -21.02
N HIS S 67 -90.66 -31.44 -21.13
CA HIS S 67 -90.61 -30.80 -22.43
C HIS S 67 -89.24 -31.05 -23.02
N PRO S 68 -89.15 -31.45 -24.32
CA PRO S 68 -87.86 -31.65 -24.98
C PRO S 68 -86.93 -30.44 -24.86
N LEU S 69 -87.45 -29.23 -25.13
CA LEU S 69 -86.64 -28.03 -25.07
C LEU S 69 -86.22 -27.77 -23.63
N THR S 70 -85.22 -26.90 -23.47
CA THR S 70 -84.59 -26.70 -22.19
C THR S 70 -84.80 -25.27 -21.70
N TYR S 71 -84.35 -24.34 -22.52
CA TYR S 71 -84.51 -22.95 -22.28
C TYR S 71 -84.15 -22.28 -23.59
N MET S 72 -84.63 -21.06 -23.76
CA MET S 72 -84.34 -20.32 -24.94
C MET S 72 -84.05 -18.92 -24.45
N LEU S 73 -83.16 -18.19 -25.14
CA LEU S 73 -82.73 -16.88 -24.69
C LEU S 73 -83.11 -15.83 -25.72
N HIS S 74 -83.39 -14.63 -25.19
CA HIS S 74 -83.90 -13.48 -25.90
C HIS S 74 -83.19 -12.20 -25.46
N LYS S 75 -82.89 -11.32 -26.42
CA LYS S 75 -82.34 -10.02 -26.13
C LYS S 75 -83.22 -8.96 -26.79
N PHE S 76 -83.28 -7.78 -26.15
CA PHE S 76 -84.01 -6.61 -26.58
C PHE S 76 -83.07 -5.66 -27.31
N ASP S 77 -83.36 -5.46 -28.59
CA ASP S 77 -82.63 -4.63 -29.52
C ASP S 77 -83.05 -3.18 -29.36
N GLU S 78 -84.37 -2.94 -29.38
CA GLU S 78 -84.99 -1.62 -29.18
C GLU S 78 -86.35 -1.76 -28.46
N ILE S 79 -86.67 -0.71 -27.71
CA ILE S 79 -87.97 -0.55 -27.02
C ILE S 79 -88.40 0.90 -27.15
N ASP S 80 -89.69 1.13 -27.38
CA ASP S 80 -90.37 2.45 -27.39
C ASP S 80 -91.79 2.14 -26.95
N ALA S 81 -91.95 1.87 -25.65
CA ALA S 81 -93.24 1.41 -25.07
C ALA S 81 -94.33 2.44 -25.31
N ALA S 82 -93.96 3.67 -25.57
CA ALA S 82 -94.91 4.76 -25.77
C ALA S 82 -95.68 4.58 -27.08
N ASN S 83 -94.98 4.06 -28.10
CA ASN S 83 -95.54 3.87 -29.45
C ASN S 83 -95.60 2.37 -29.78
N PHE S 84 -95.34 1.54 -28.78
CA PHE S 84 -95.57 0.14 -28.88
C PHE S 84 -94.61 -0.56 -29.84
N TYR S 85 -93.42 0.01 -30.03
CA TYR S 85 -92.40 -0.57 -30.87
C TYR S 85 -91.41 -1.38 -30.05
N CYS S 86 -91.06 -2.57 -30.57
CA CYS S 86 -90.00 -3.35 -30.01
C CYS S 86 -89.49 -4.40 -30.99
N LYS S 87 -88.15 -4.46 -31.02
CA LYS S 87 -87.28 -5.36 -31.78
C LYS S 87 -86.52 -6.20 -30.76
N TYR S 88 -86.76 -7.50 -30.75
CA TYR S 88 -86.06 -8.38 -29.81
C TYR S 88 -85.61 -9.61 -30.62
N THR S 89 -84.70 -10.42 -30.04
CA THR S 89 -84.03 -11.47 -30.83
C THR S 89 -83.79 -12.71 -29.96
N LEU S 90 -84.11 -13.88 -30.54
CA LEU S 90 -83.90 -15.18 -29.95
C LEU S 90 -82.50 -15.60 -30.36
N PHE S 91 -81.54 -15.45 -29.46
CA PHE S 91 -80.15 -15.63 -29.80
C PHE S 91 -79.52 -16.90 -29.22
N GLU S 92 -80.25 -17.67 -28.42
CA GLU S 92 -79.67 -18.92 -27.91
C GLU S 92 -80.74 -19.78 -27.26
N GLY S 93 -80.77 -21.04 -27.71
CA GLY S 93 -81.65 -22.07 -27.21
C GLY S 93 -81.69 -23.28 -28.11
N ASP S 94 -82.13 -24.41 -27.56
CA ASP S 94 -82.15 -25.70 -28.27
C ASP S 94 -83.28 -25.77 -29.31
N VAL S 95 -84.16 -24.76 -29.40
CA VAL S 95 -85.13 -24.74 -30.51
C VAL S 95 -84.31 -24.29 -31.72
N LEU S 96 -83.31 -23.46 -31.40
CA LEU S 96 -82.23 -23.07 -32.27
C LEU S 96 -81.33 -24.31 -32.42
N ARG S 97 -81.59 -25.11 -33.46
CA ARG S 97 -80.79 -26.30 -33.68
C ARG S 97 -79.39 -25.84 -34.09
N ASP S 98 -78.73 -26.65 -34.91
CA ASP S 98 -77.40 -26.34 -35.40
C ASP S 98 -77.53 -25.31 -36.53
N ASN S 99 -78.52 -25.57 -37.39
CA ASN S 99 -78.79 -24.76 -38.57
C ASN S 99 -79.01 -23.28 -38.22
N ILE S 100 -80.14 -23.01 -37.54
CA ILE S 100 -80.58 -21.64 -37.28
C ILE S 100 -79.68 -20.98 -36.23
N GLU S 101 -79.25 -19.76 -36.54
CA GLU S 101 -78.37 -18.97 -35.70
C GLU S 101 -79.17 -18.13 -34.70
N LYS S 102 -80.31 -17.57 -35.15
CA LYS S 102 -81.17 -16.70 -34.34
C LYS S 102 -82.42 -16.21 -35.09
N VAL S 103 -83.37 -15.66 -34.32
CA VAL S 103 -84.63 -15.14 -34.84
C VAL S 103 -84.87 -13.74 -34.26
N VAL S 104 -85.26 -12.80 -35.13
CA VAL S 104 -85.40 -11.45 -34.72
C VAL S 104 -86.87 -11.03 -34.89
N TYR S 105 -87.37 -10.40 -33.83
CA TYR S 105 -88.74 -10.04 -33.77
C TYR S 105 -88.90 -8.53 -33.68
N GLU S 106 -89.81 -7.98 -34.51
CA GLU S 106 -90.14 -6.57 -34.56
C GLU S 106 -91.68 -6.44 -34.49
N VAL S 107 -92.14 -5.94 -33.35
CA VAL S 107 -93.51 -5.76 -33.11
C VAL S 107 -93.79 -4.27 -33.00
N LYS S 108 -94.90 -3.82 -33.60
CA LYS S 108 -95.26 -2.44 -33.55
C LYS S 108 -96.78 -2.33 -33.53
N LEU S 109 -97.31 -2.03 -32.34
CA LEU S 109 -98.75 -1.92 -32.12
C LEU S 109 -99.25 -0.50 -32.35
N GLU S 110 -100.57 -0.40 -32.40
CA GLU S 110 -101.28 0.86 -32.44
C GLU S 110 -102.74 0.57 -32.09
N ALA S 111 -103.51 1.63 -31.77
CA ALA S 111 -104.88 1.52 -31.22
C ALA S 111 -105.98 1.76 -32.24
N VAL S 112 -106.95 0.85 -32.25
CA VAL S 112 -108.13 0.98 -33.08
C VAL S 112 -109.34 0.79 -32.14
N GLY S 113 -109.97 1.91 -31.77
CA GLY S 113 -111.06 1.89 -30.79
C GLY S 113 -110.50 1.56 -29.43
N GLY S 114 -111.20 0.70 -28.68
CA GLY S 114 -110.71 0.27 -27.36
C GLY S 114 -109.77 -0.93 -27.44
N GLY S 115 -109.48 -1.34 -28.70
CA GLY S 115 -108.66 -2.50 -29.06
C GLY S 115 -107.44 -2.08 -29.88
N SER S 116 -106.89 -2.98 -30.71
CA SER S 116 -105.61 -2.68 -31.37
C SER S 116 -105.46 -3.34 -32.75
N LYS S 117 -104.34 -2.97 -33.40
CA LYS S 117 -103.88 -3.46 -34.70
C LYS S 117 -102.34 -3.42 -34.71
N GLY S 118 -101.72 -4.37 -35.41
CA GLY S 118 -100.26 -4.40 -35.45
C GLY S 118 -99.67 -5.11 -36.65
N LYS S 119 -98.34 -5.09 -36.67
CA LYS S 119 -97.55 -5.78 -37.64
C LYS S 119 -96.36 -6.39 -36.89
N ILE S 120 -96.22 -7.73 -36.96
CA ILE S 120 -95.08 -8.46 -36.40
C ILE S 120 -94.18 -8.78 -37.59
N THR S 121 -92.87 -8.82 -37.34
CA THR S 121 -91.91 -9.20 -38.36
C THR S 121 -91.03 -10.28 -37.75
N VAL S 122 -91.18 -11.51 -38.23
CA VAL S 122 -90.28 -12.56 -37.77
C VAL S 122 -89.34 -12.93 -38.94
N THR S 123 -88.03 -12.97 -38.62
CA THR S 123 -86.95 -13.28 -39.57
C THR S 123 -85.97 -14.25 -38.90
N TYR S 124 -85.80 -15.43 -39.51
CA TYR S 124 -85.00 -16.53 -39.00
C TYR S 124 -83.66 -16.53 -39.70
N HIS S 125 -82.59 -16.54 -38.90
CA HIS S 125 -81.22 -16.43 -39.42
C HIS S 125 -80.51 -17.77 -39.40
N PRO S 126 -80.43 -18.48 -40.55
CA PRO S 126 -79.60 -19.67 -40.72
C PRO S 126 -78.11 -19.32 -40.71
N LYS S 127 -77.29 -20.21 -40.15
CA LYS S 127 -75.86 -19.98 -39.99
C LYS S 127 -75.16 -19.97 -41.36
N PRO S 128 -73.96 -19.34 -41.47
CA PRO S 128 -73.21 -19.27 -42.72
C PRO S 128 -73.12 -20.64 -43.40
N GLY S 129 -73.60 -20.68 -44.65
CA GLY S 129 -73.70 -21.91 -45.41
C GLY S 129 -74.63 -22.90 -44.74
N CYS S 130 -75.89 -22.48 -44.50
CA CYS S 130 -76.96 -23.34 -43.94
C CYS S 130 -78.31 -22.97 -44.57
N THR S 131 -79.28 -23.88 -44.43
CA THR S 131 -80.61 -23.71 -45.03
C THR S 131 -81.65 -23.45 -43.93
N VAL S 132 -82.78 -22.88 -44.37
CA VAL S 132 -83.90 -22.54 -43.52
C VAL S 132 -84.93 -23.66 -43.57
N ASN S 133 -84.91 -24.47 -42.50
CA ASN S 133 -85.87 -25.53 -42.28
C ASN S 133 -87.28 -24.93 -42.40
N GLU S 134 -87.88 -25.06 -43.59
CA GLU S 134 -89.18 -24.50 -43.85
C GLU S 134 -90.04 -24.71 -42.59
N GLU S 135 -89.77 -25.82 -41.90
CA GLU S 135 -90.45 -26.20 -40.67
C GLU S 135 -90.37 -25.04 -39.68
N GLU S 136 -89.14 -24.74 -39.22
CA GLU S 136 -88.86 -23.72 -38.20
C GLU S 136 -89.85 -22.55 -38.35
N VAL S 137 -90.00 -22.07 -39.58
CA VAL S 137 -90.89 -20.97 -39.92
C VAL S 137 -92.31 -21.21 -39.39
N LYS S 138 -92.95 -22.32 -39.79
CA LYS S 138 -94.40 -22.60 -39.55
C LYS S 138 -94.67 -23.01 -38.08
N ILE S 139 -93.63 -23.52 -37.42
CA ILE S 139 -93.72 -24.02 -36.10
C ILE S 139 -93.77 -22.84 -35.13
N GLY S 140 -92.80 -21.94 -35.29
CA GLY S 140 -92.68 -20.77 -34.44
C GLY S 140 -93.88 -19.84 -34.59
N GLU S 141 -94.37 -19.74 -35.83
CA GLU S 141 -95.51 -18.94 -36.13
C GLU S 141 -96.66 -19.44 -35.26
N LYS S 142 -96.99 -20.73 -35.38
CA LYS S 142 -98.14 -21.32 -34.66
C LYS S 142 -97.99 -21.08 -33.15
N LYS S 143 -97.06 -21.78 -32.50
CA LYS S 143 -96.79 -21.66 -31.02
C LYS S 143 -97.04 -20.26 -30.48
N ALA S 144 -96.70 -19.25 -31.27
CA ALA S 144 -96.78 -17.89 -30.82
C ALA S 144 -98.18 -17.29 -31.03
N TYR S 145 -98.81 -17.60 -32.17
CA TYR S 145 -100.08 -17.07 -32.49
C TYR S 145 -101.08 -17.65 -31.49
N GLU S 146 -100.87 -18.93 -31.20
CA GLU S 146 -101.66 -19.67 -30.22
C GLU S 146 -101.63 -19.03 -28.84
N PHE S 147 -100.46 -18.47 -28.51
CA PHE S 147 -100.14 -17.86 -27.22
C PHE S 147 -100.83 -16.51 -27.12
N TYR S 148 -100.80 -15.80 -28.22
CA TYR S 148 -101.47 -14.49 -28.34
C TYR S 148 -102.98 -14.70 -28.16
N LYS S 149 -103.55 -15.76 -28.70
CA LYS S 149 -105.01 -16.01 -28.56
C LYS S 149 -105.37 -16.37 -27.14
N GLN S 150 -104.56 -17.18 -26.47
CA GLN S 150 -104.81 -17.61 -25.07
C GLN S 150 -104.82 -16.39 -24.17
N VAL S 151 -103.84 -15.50 -24.36
CA VAL S 151 -103.63 -14.27 -23.57
C VAL S 151 -104.71 -13.23 -23.84
N GLU S 152 -105.14 -13.13 -25.08
CA GLU S 152 -106.11 -12.17 -25.47
C GLU S 152 -107.40 -12.57 -24.74
N GLU S 153 -107.74 -13.85 -24.73
CA GLU S 153 -108.95 -14.33 -24.07
C GLU S 153 -108.91 -13.88 -22.59
N TYR S 154 -107.98 -14.50 -21.86
CA TYR S 154 -107.79 -14.20 -20.48
C TYR S 154 -107.98 -12.71 -20.25
N LEU S 155 -107.29 -11.90 -21.04
CA LEU S 155 -107.31 -10.47 -20.82
C LEU S 155 -108.70 -9.85 -21.03
N ALA S 156 -109.43 -10.37 -22.02
CA ALA S 156 -110.79 -9.88 -22.30
C ALA S 156 -111.64 -10.23 -21.09
N ALA S 157 -111.41 -11.42 -20.57
CA ALA S 157 -112.09 -11.97 -19.38
C ALA S 157 -111.70 -11.18 -18.15
N ASN S 158 -110.46 -10.77 -18.05
CA ASN S 158 -109.97 -10.09 -16.83
C ASN S 158 -109.45 -8.73 -17.20
N PRO S 159 -110.34 -7.73 -17.34
CA PRO S 159 -109.98 -6.39 -17.77
C PRO S 159 -109.05 -5.60 -16.83
N GLU S 160 -109.00 -5.94 -15.55
CA GLU S 160 -108.11 -5.17 -14.65
C GLU S 160 -106.64 -5.42 -14.98
N VAL S 161 -106.32 -6.62 -15.47
CA VAL S 161 -104.92 -6.96 -15.61
C VAL S 161 -104.34 -6.22 -16.82
N PHE S 162 -103.30 -5.44 -16.51
CA PHE S 162 -102.45 -4.64 -17.39
C PHE S 162 -103.11 -3.33 -17.83
N ALA S 163 -104.34 -3.06 -17.36
CA ALA S 163 -105.03 -1.82 -17.70
C ALA S 163 -104.18 -0.63 -17.23
N PHE T 3 -98.33 -21.06 -42.48
CA PHE T 3 -99.46 -20.08 -42.47
C PHE T 3 -99.13 -18.86 -43.34
N THR T 4 -98.09 -18.11 -42.95
CA THR T 4 -97.59 -16.95 -43.69
C THR T 4 -96.44 -17.44 -44.57
N MET T 5 -96.55 -17.23 -45.90
CA MET T 5 -95.53 -17.67 -46.88
C MET T 5 -94.30 -16.80 -46.64
N ALA T 6 -93.18 -17.43 -46.26
CA ALA T 6 -91.97 -16.72 -45.91
C ALA T 6 -91.44 -15.93 -47.11
N ALA T 7 -90.66 -14.88 -46.82
CA ALA T 7 -89.99 -14.09 -47.82
C ALA T 7 -88.48 -14.23 -47.66
N TYR T 8 -87.80 -14.14 -48.81
CA TYR T 8 -86.33 -14.16 -48.95
C TYR T 8 -85.91 -12.71 -48.77
N THR T 9 -85.07 -12.47 -47.75
CA THR T 9 -84.62 -11.12 -47.37
C THR T 9 -83.09 -11.10 -47.34
N ILE T 10 -82.56 -10.05 -47.95
CA ILE T 10 -81.16 -9.82 -48.11
C ILE T 10 -80.80 -8.54 -47.33
N VAL T 11 -79.87 -8.67 -46.38
CA VAL T 11 -79.42 -7.57 -45.49
C VAL T 11 -77.95 -7.28 -45.82
N LYS T 12 -77.67 -6.03 -46.22
CA LYS T 12 -76.34 -5.64 -46.68
C LYS T 12 -75.71 -4.52 -45.83
N GLU T 13 -74.43 -4.69 -45.50
CA GLU T 13 -73.58 -3.72 -44.78
C GLU T 13 -72.59 -3.18 -45.81
N GLU T 14 -72.68 -1.90 -46.16
CA GLU T 14 -71.86 -1.41 -47.25
C GLU T 14 -71.16 -0.10 -46.85
N GLU T 15 -69.97 0.12 -47.44
CA GLU T 15 -69.06 1.26 -47.22
C GLU T 15 -68.60 1.84 -48.57
N SER T 16 -68.47 3.16 -48.58
CA SER T 16 -68.04 3.90 -49.77
C SER T 16 -67.15 5.08 -49.37
N PRO T 17 -66.37 5.67 -50.29
CA PRO T 17 -65.66 6.90 -50.02
C PRO T 17 -66.60 8.08 -50.30
N ILE T 18 -67.73 7.82 -50.94
CA ILE T 18 -68.74 8.84 -51.26
C ILE T 18 -69.56 9.06 -49.99
N ALA T 19 -70.06 10.25 -49.85
CA ALA T 19 -70.72 10.73 -48.69
C ALA T 19 -72.23 10.55 -48.81
N PRO T 20 -72.89 10.43 -47.63
CA PRO T 20 -74.30 10.06 -47.54
C PRO T 20 -75.27 10.79 -48.47
N HIS T 21 -75.52 12.08 -48.26
CA HIS T 21 -76.51 12.73 -49.08
C HIS T 21 -76.30 12.36 -50.54
N ARG T 22 -75.05 12.05 -50.91
CA ARG T 22 -74.74 11.83 -52.31
C ARG T 22 -75.16 10.42 -52.74
N LEU T 23 -74.63 9.39 -52.08
CA LEU T 23 -75.10 8.10 -52.46
C LEU T 23 -76.63 8.17 -52.47
N PHE T 24 -77.19 8.41 -51.28
CA PHE T 24 -78.64 8.46 -51.06
C PHE T 24 -79.35 9.16 -52.21
N LYS T 25 -78.80 10.30 -52.62
CA LYS T 25 -79.39 10.97 -53.72
C LYS T 25 -79.45 10.05 -54.94
N ALA T 26 -78.30 9.45 -55.25
CA ALA T 26 -78.11 8.73 -56.49
C ALA T 26 -78.78 7.35 -56.50
N LEU T 27 -78.59 6.63 -55.42
CA LEU T 27 -79.02 5.23 -55.30
C LEU T 27 -80.45 5.15 -54.81
N VAL T 28 -81.09 6.28 -54.51
CA VAL T 28 -82.47 6.14 -54.00
C VAL T 28 -83.37 7.12 -54.72
N LEU T 29 -83.26 8.40 -54.42
CA LEU T 29 -84.23 9.33 -55.02
C LEU T 29 -84.09 9.35 -56.52
N GLU T 30 -82.87 9.55 -57.03
CA GLU T 30 -82.69 9.66 -58.46
C GLU T 30 -82.10 8.36 -59.01
N ARG T 31 -82.35 7.26 -58.31
CA ARG T 31 -81.92 5.95 -58.73
C ARG T 31 -82.48 5.61 -60.11
N HIS T 32 -83.72 6.06 -60.35
CA HIS T 32 -84.49 5.71 -61.57
C HIS T 32 -83.95 6.48 -62.79
N GLN T 33 -83.47 7.71 -62.60
CA GLN T 33 -82.99 8.53 -63.69
C GLN T 33 -81.47 8.31 -63.87
N VAL T 34 -80.81 7.96 -62.79
CA VAL T 34 -79.41 7.71 -62.75
C VAL T 34 -79.13 6.40 -63.48
N LEU T 35 -79.91 5.38 -63.20
CA LEU T 35 -79.70 4.07 -63.84
C LEU T 35 -79.48 4.26 -65.34
N VAL T 36 -80.38 5.02 -65.95
CA VAL T 36 -80.25 5.28 -67.35
C VAL T 36 -78.89 5.96 -67.52
N LYS T 37 -78.78 7.17 -66.95
CA LYS T 37 -77.54 7.92 -66.94
C LYS T 37 -76.35 6.96 -66.83
N ALA T 38 -76.48 5.92 -65.99
CA ALA T 38 -75.38 5.02 -65.72
C ALA T 38 -75.30 3.84 -66.69
N GLN T 39 -76.44 3.39 -67.23
CA GLN T 39 -76.49 2.20 -68.14
C GLN T 39 -77.44 2.48 -69.29
N PRO T 40 -77.07 3.43 -70.15
CA PRO T 40 -77.93 3.88 -71.24
C PRO T 40 -78.06 2.81 -72.32
N HIS T 41 -77.29 1.75 -72.13
CA HIS T 41 -77.25 0.58 -73.03
C HIS T 41 -78.26 -0.45 -72.56
N VAL T 42 -78.84 -0.24 -71.39
CA VAL T 42 -79.85 -1.20 -70.89
C VAL T 42 -81.12 -0.42 -70.58
N PHE T 43 -80.99 0.85 -70.27
CA PHE T 43 -82.18 1.62 -69.86
C PHE T 43 -82.53 2.72 -70.82
N LYS T 44 -83.83 2.84 -71.06
CA LYS T 44 -84.46 3.75 -71.96
C LYS T 44 -84.86 5.04 -71.21
N SER T 45 -85.62 4.87 -70.13
CA SER T 45 -86.16 5.97 -69.37
C SER T 45 -86.44 5.57 -67.92
N GLY T 46 -86.28 6.55 -67.03
CA GLY T 46 -86.62 6.41 -65.62
C GLY T 46 -87.47 7.59 -65.23
N GLU T 47 -88.54 7.38 -64.47
CA GLU T 47 -89.39 8.51 -64.18
C GLU T 47 -90.36 8.19 -63.06
N ILE T 48 -91.01 9.28 -62.65
CA ILE T 48 -92.12 9.36 -61.74
C ILE T 48 -93.42 9.37 -62.56
N ILE T 49 -94.44 8.65 -62.09
CA ILE T 49 -95.74 8.63 -62.77
C ILE T 49 -96.85 9.05 -61.80
N GLU T 50 -96.69 8.73 -60.50
CA GLU T 50 -97.66 9.12 -59.48
C GLU T 50 -96.90 9.60 -58.25
N GLY T 51 -97.20 10.85 -57.85
CA GLY T 51 -96.54 11.56 -56.76
C GLY T 51 -95.77 12.76 -57.31
N ASP T 52 -95.48 13.76 -56.46
CA ASP T 52 -94.74 14.93 -56.96
C ASP T 52 -93.23 14.70 -56.71
N GLY T 53 -92.93 13.67 -55.89
CA GLY T 53 -91.58 13.30 -55.55
C GLY T 53 -91.46 12.85 -54.10
N GLY T 54 -92.48 13.15 -53.29
CA GLY T 54 -92.52 12.83 -51.85
C GLY T 54 -92.75 11.35 -51.56
N VAL T 55 -93.50 11.07 -50.49
CA VAL T 55 -93.81 9.70 -50.00
C VAL T 55 -94.90 9.07 -50.89
N GLY T 56 -94.93 7.73 -50.90
CA GLY T 56 -95.87 6.95 -51.72
C GLY T 56 -95.71 7.25 -53.20
N THR T 57 -94.59 7.90 -53.58
CA THR T 57 -94.27 8.26 -54.96
C THR T 57 -94.00 6.98 -55.74
N VAL T 58 -94.37 7.01 -57.02
CA VAL T 58 -94.18 5.87 -57.88
C VAL T 58 -93.37 6.32 -59.08
N THR T 59 -92.29 5.58 -59.32
CA THR T 59 -91.43 5.77 -60.43
C THR T 59 -91.80 4.67 -61.42
N LYS T 60 -91.58 4.93 -62.71
CA LYS T 60 -91.73 3.92 -63.75
C LYS T 60 -90.34 3.86 -64.40
N ILE T 61 -89.83 2.66 -64.74
CA ILE T 61 -88.52 2.51 -65.37
C ILE T 61 -88.67 1.61 -66.59
N THR T 62 -88.25 2.08 -67.77
CA THR T 62 -88.36 1.29 -68.99
C THR T 62 -86.96 0.91 -69.50
N PHE T 63 -86.91 -0.26 -70.13
CA PHE T 63 -85.72 -0.87 -70.70
C PHE T 63 -85.73 -0.68 -72.22
N VAL T 64 -84.53 -0.53 -72.81
CA VAL T 64 -84.37 -0.44 -74.25
C VAL T 64 -85.19 -1.58 -74.85
N ASP T 65 -85.71 -1.37 -76.06
CA ASP T 65 -86.70 -2.27 -76.73
C ASP T 65 -86.27 -3.74 -76.85
N GLY T 66 -85.20 -4.03 -77.60
CA GLY T 66 -84.84 -5.44 -77.83
C GLY T 66 -84.52 -6.22 -76.57
N HIS T 67 -84.21 -5.49 -75.48
CA HIS T 67 -83.97 -6.06 -74.18
C HIS T 67 -85.18 -6.83 -73.77
N PRO T 68 -85.03 -8.05 -73.24
CA PRO T 68 -86.18 -8.80 -72.76
C PRO T 68 -87.14 -7.87 -72.00
N LEU T 69 -86.74 -7.51 -70.79
CA LEU T 69 -87.58 -6.79 -69.88
C LEU T 69 -88.11 -5.55 -70.58
N THR T 70 -89.22 -5.04 -70.02
CA THR T 70 -89.87 -3.87 -70.54
C THR T 70 -89.81 -2.72 -69.54
N TYR T 71 -90.37 -2.91 -68.35
CA TYR T 71 -90.33 -1.82 -67.37
C TYR T 71 -90.56 -2.35 -65.95
N MET T 72 -90.29 -1.48 -64.98
CA MET T 72 -90.43 -1.76 -63.59
C MET T 72 -91.09 -0.57 -62.91
N LEU T 73 -91.81 -0.88 -61.83
CA LEU T 73 -92.48 0.09 -61.01
C LEU T 73 -92.05 -0.15 -59.56
N HIS T 74 -91.48 0.89 -58.92
CA HIS T 74 -91.12 0.90 -57.49
C HIS T 74 -91.91 2.03 -56.84
N LYS T 75 -92.32 1.84 -55.59
CA LYS T 75 -93.05 2.93 -54.88
C LYS T 75 -92.31 3.22 -53.56
N PHE T 76 -92.32 4.50 -53.15
CA PHE T 76 -91.64 4.97 -51.95
C PHE T 76 -92.59 4.89 -50.74
N ASP T 77 -92.44 3.82 -49.96
CA ASP T 77 -93.23 3.54 -48.79
C ASP T 77 -93.07 4.66 -47.75
N GLU T 78 -91.81 4.96 -47.38
CA GLU T 78 -91.48 6.01 -46.38
C GLU T 78 -90.10 6.59 -46.67
N ILE T 79 -89.90 7.88 -46.34
CA ILE T 79 -88.66 8.61 -46.66
C ILE T 79 -88.28 9.60 -45.55
N ASP T 80 -87.07 9.45 -44.99
CA ASP T 80 -86.50 10.40 -44.02
C ASP T 80 -85.18 10.91 -44.64
N ALA T 81 -85.33 11.72 -45.68
CA ALA T 81 -84.21 12.21 -46.41
C ALA T 81 -83.32 13.03 -45.48
N ALA T 82 -83.80 13.24 -44.25
CA ALA T 82 -83.06 13.97 -43.26
C ALA T 82 -81.86 13.14 -42.82
N ASN T 83 -82.18 11.87 -42.52
CA ASN T 83 -81.27 10.87 -41.94
C ASN T 83 -80.92 9.76 -42.94
N PHE T 84 -81.25 9.99 -44.22
CA PHE T 84 -80.96 9.11 -45.36
C PHE T 84 -81.52 7.70 -45.11
N TYR T 85 -82.85 7.62 -44.98
CA TYR T 85 -83.61 6.41 -44.80
C TYR T 85 -84.69 6.33 -45.88
N CYS T 86 -84.92 5.11 -46.37
CA CYS T 86 -85.96 4.84 -47.33
C CYS T 86 -86.43 3.38 -47.21
N LYS T 87 -87.73 3.22 -47.43
CA LYS T 87 -88.36 1.95 -47.61
C LYS T 87 -89.04 2.08 -48.97
N TYR T 88 -88.59 1.28 -49.94
CA TYR T 88 -89.18 1.31 -51.29
C TYR T 88 -89.38 -0.14 -51.66
N THR T 89 -90.27 -0.34 -52.64
CA THR T 89 -90.69 -1.68 -53.08
C THR T 89 -90.69 -1.78 -54.61
N LEU T 90 -90.13 -2.85 -55.15
CA LEU T 90 -90.34 -3.14 -56.58
C LEU T 90 -91.69 -3.87 -56.65
N PHE T 91 -92.72 -3.25 -57.24
CA PHE T 91 -94.08 -3.86 -57.16
C PHE T 91 -94.76 -4.10 -58.50
N GLU T 92 -94.05 -4.00 -59.63
CA GLU T 92 -94.67 -4.30 -60.92
C GLU T 92 -93.61 -4.33 -62.01
N GLY T 93 -93.87 -5.14 -63.05
CA GLY T 93 -93.04 -5.30 -64.21
C GLY T 93 -92.68 -6.75 -64.41
N ASP T 94 -92.27 -7.09 -65.64
CA ASP T 94 -91.92 -8.45 -65.95
C ASP T 94 -90.52 -8.78 -65.45
N VAL T 95 -89.93 -7.94 -64.61
CA VAL T 95 -88.65 -8.32 -63.99
C VAL T 95 -88.96 -9.33 -62.87
N LEU T 96 -90.21 -9.32 -62.47
CA LEU T 96 -90.70 -10.18 -61.37
C LEU T 96 -91.12 -11.56 -61.88
N ARG T 97 -91.06 -11.77 -63.20
CA ARG T 97 -91.52 -13.04 -63.80
C ARG T 97 -92.99 -13.21 -63.40
N ASP T 98 -93.35 -14.36 -62.83
CA ASP T 98 -94.72 -14.58 -62.34
C ASP T 98 -94.70 -14.80 -60.82
N ASN T 99 -93.75 -15.63 -60.37
CA ASN T 99 -93.60 -16.12 -58.98
C ASN T 99 -93.42 -15.00 -57.94
N ILE T 100 -92.98 -13.81 -58.33
CA ILE T 100 -92.75 -12.78 -57.33
C ILE T 100 -93.90 -11.79 -57.44
N GLU T 101 -94.34 -11.26 -56.30
CA GLU T 101 -95.41 -10.23 -56.25
C GLU T 101 -94.82 -8.85 -55.96
N LYS T 102 -93.82 -8.79 -55.07
CA LYS T 102 -93.15 -7.51 -54.75
C LYS T 102 -91.78 -7.74 -54.11
N VAL T 103 -90.80 -6.91 -54.52
CA VAL T 103 -89.47 -6.88 -53.89
C VAL T 103 -89.35 -5.54 -53.16
N VAL T 104 -89.09 -5.65 -51.86
CA VAL T 104 -89.12 -4.55 -50.90
C VAL T 104 -87.69 -4.20 -50.49
N TYR T 105 -87.35 -2.91 -50.69
CA TYR T 105 -86.02 -2.38 -50.45
C TYR T 105 -86.07 -1.43 -49.26
N GLU T 106 -85.09 -1.58 -48.35
CA GLU T 106 -84.98 -0.75 -47.14
C GLU T 106 -83.54 -0.26 -46.94
N VAL T 107 -83.32 1.06 -47.11
CA VAL T 107 -82.01 1.63 -47.10
C VAL T 107 -81.86 2.69 -46.00
N LYS T 108 -80.78 2.57 -45.21
CA LYS T 108 -80.40 3.55 -44.16
C LYS T 108 -78.91 3.94 -44.29
N LEU T 109 -78.60 5.22 -44.50
CA LEU T 109 -77.19 5.64 -44.57
C LEU T 109 -76.78 6.41 -43.31
N GLU T 110 -75.47 6.38 -43.03
CA GLU T 110 -74.85 7.11 -41.92
C GLU T 110 -73.46 7.60 -42.36
N ALA T 111 -73.23 8.92 -42.16
CA ALA T 111 -71.99 9.70 -42.47
C ALA T 111 -70.77 9.22 -41.69
N VAL T 112 -69.65 8.97 -42.37
CA VAL T 112 -68.44 8.51 -41.69
C VAL T 112 -67.22 9.19 -42.29
N GLY T 113 -66.84 10.32 -41.69
CA GLY T 113 -65.71 11.07 -42.13
C GLY T 113 -66.06 11.79 -43.41
N GLY T 114 -65.25 11.61 -44.46
CA GLY T 114 -65.51 12.21 -45.76
C GLY T 114 -66.47 11.37 -46.62
N GLY T 115 -66.68 10.12 -46.17
CA GLY T 115 -67.48 9.08 -46.79
C GLY T 115 -68.74 8.70 -46.04
N SER T 116 -69.15 7.44 -46.23
CA SER T 116 -70.42 6.97 -45.71
C SER T 116 -70.41 5.46 -45.52
N LYS T 117 -71.28 5.02 -44.59
CA LYS T 117 -71.69 3.63 -44.29
C LYS T 117 -73.20 3.54 -44.61
N GLY T 118 -73.65 2.36 -45.02
CA GLY T 118 -75.03 2.16 -45.43
C GLY T 118 -75.38 0.71 -45.28
N LYS T 119 -76.55 0.43 -44.68
CA LYS T 119 -77.05 -0.96 -44.49
C LYS T 119 -78.33 -1.08 -45.31
N ILE T 120 -78.45 -2.13 -46.11
CA ILE T 120 -79.60 -2.24 -47.00
C ILE T 120 -80.23 -3.63 -46.88
N THR T 121 -81.56 -3.65 -46.82
CA THR T 121 -82.30 -4.91 -46.82
C THR T 121 -83.11 -4.92 -48.12
N VAL T 122 -83.36 -6.13 -48.63
CA VAL T 122 -84.24 -6.33 -49.82
C VAL T 122 -85.04 -7.60 -49.55
N THR T 123 -86.37 -7.47 -49.56
CA THR T 123 -87.25 -8.56 -49.29
C THR T 123 -87.94 -8.99 -50.58
N TYR T 124 -87.90 -10.30 -50.82
CA TYR T 124 -88.47 -10.94 -51.95
C TYR T 124 -89.75 -11.66 -51.53
N HIS T 125 -90.89 -11.03 -51.76
CA HIS T 125 -92.20 -11.63 -51.44
C HIS T 125 -92.66 -12.59 -52.54
N PRO T 126 -92.54 -13.93 -52.32
CA PRO T 126 -92.94 -14.95 -53.31
C PRO T 126 -94.46 -15.14 -53.29
N LYS T 127 -95.09 -15.14 -54.48
CA LYS T 127 -96.57 -15.16 -54.59
C LYS T 127 -97.17 -16.29 -53.75
N PRO T 128 -98.34 -16.06 -53.15
CA PRO T 128 -98.93 -17.03 -52.24
C PRO T 128 -98.90 -18.43 -52.89
N GLY T 129 -98.19 -19.33 -52.22
CA GLY T 129 -98.08 -20.74 -52.63
C GLY T 129 -97.01 -21.02 -53.65
N CYS T 130 -96.26 -20.01 -54.07
CA CYS T 130 -95.20 -20.27 -55.07
C CYS T 130 -93.86 -20.45 -54.38
N THR T 131 -92.77 -20.18 -55.10
CA THR T 131 -91.46 -20.33 -54.43
C THR T 131 -90.55 -19.15 -54.78
N VAL T 132 -89.50 -18.95 -53.98
CA VAL T 132 -88.55 -17.86 -54.22
C VAL T 132 -87.23 -18.46 -54.72
N ASN T 133 -87.09 -18.49 -56.05
CA ASN T 133 -85.88 -18.96 -56.69
C ASN T 133 -84.75 -18.04 -56.22
N GLU T 134 -83.77 -18.62 -55.55
CA GLU T 134 -82.69 -17.79 -54.98
C GLU T 134 -82.04 -17.07 -56.14
N GLU T 135 -82.09 -17.67 -57.33
CA GLU T 135 -81.46 -17.07 -58.54
C GLU T 135 -82.01 -15.66 -58.77
N GLU T 136 -83.32 -15.43 -58.60
CA GLU T 136 -83.89 -14.09 -58.83
C GLU T 136 -83.20 -13.09 -57.91
N VAL T 137 -82.97 -13.43 -56.65
CA VAL T 137 -82.29 -12.51 -55.71
C VAL T 137 -80.82 -12.32 -56.10
N LYS T 138 -80.13 -13.40 -56.43
CA LYS T 138 -78.71 -13.33 -56.76
C LYS T 138 -78.45 -12.36 -57.91
N ILE T 139 -79.33 -12.36 -58.92
CA ILE T 139 -79.11 -11.51 -60.07
C ILE T 139 -79.61 -10.11 -59.72
N GLY T 140 -80.60 -10.01 -58.83
CA GLY T 140 -81.03 -8.73 -58.32
C GLY T 140 -79.94 -8.12 -57.45
N GLU T 141 -79.28 -9.00 -56.70
CA GLU T 141 -78.16 -8.58 -55.92
C GLU T 141 -77.15 -7.89 -56.84
N LYS T 142 -76.60 -8.68 -57.78
CA LYS T 142 -75.53 -8.31 -58.71
C LYS T 142 -75.77 -6.97 -59.38
N LYS T 143 -76.99 -6.79 -59.90
CA LYS T 143 -77.32 -5.62 -60.68
C LYS T 143 -77.28 -4.32 -59.87
N ALA T 144 -77.90 -4.32 -58.68
CA ALA T 144 -78.07 -3.09 -57.91
C ALA T 144 -76.71 -2.55 -57.47
N TYR T 145 -75.77 -3.49 -57.38
CA TYR T 145 -74.45 -3.30 -56.84
C TYR T 145 -73.47 -2.93 -57.94
N GLU T 146 -73.50 -3.68 -59.05
CA GLU T 146 -72.69 -3.41 -60.19
C GLU T 146 -72.82 -1.92 -60.47
N PHE T 147 -74.08 -1.52 -60.56
CA PHE T 147 -74.50 -0.21 -60.89
C PHE T 147 -74.00 0.80 -59.86
N TYR T 148 -73.96 0.35 -58.62
CA TYR T 148 -73.48 1.10 -57.55
C TYR T 148 -72.00 1.42 -57.81
N LYS T 149 -71.15 0.39 -57.85
CA LYS T 149 -69.74 0.56 -58.11
C LYS T 149 -69.49 1.57 -59.22
N GLN T 150 -70.33 1.51 -60.27
CA GLN T 150 -70.30 2.44 -61.40
C GLN T 150 -70.66 3.86 -60.94
N VAL T 151 -71.63 3.95 -60.01
CA VAL T 151 -72.06 5.24 -59.53
C VAL T 151 -70.94 5.81 -58.65
N GLU T 152 -70.45 5.03 -57.70
CA GLU T 152 -69.31 5.44 -56.90
C GLU T 152 -68.22 6.00 -57.82
N GLU T 153 -67.62 5.18 -58.68
CA GLU T 153 -66.49 5.68 -59.42
C GLU T 153 -66.82 7.02 -60.04
N TYR T 154 -68.02 7.15 -60.63
CA TYR T 154 -68.42 8.37 -61.32
C TYR T 154 -68.54 9.54 -60.35
N LEU T 155 -69.25 9.37 -59.24
CA LEU T 155 -69.35 10.48 -58.30
C LEU T 155 -67.94 10.89 -57.86
N ALA T 156 -67.16 9.95 -57.31
CA ALA T 156 -65.77 10.17 -56.93
C ALA T 156 -64.99 10.96 -57.97
N ALA T 157 -65.08 10.55 -59.24
CA ALA T 157 -64.41 11.25 -60.29
C ALA T 157 -64.97 12.66 -60.48
N ASN T 158 -66.18 12.93 -59.97
CA ASN T 158 -66.85 14.24 -60.15
C ASN T 158 -67.52 14.73 -58.87
N PRO T 159 -66.81 15.38 -57.93
CA PRO T 159 -67.44 15.85 -56.71
C PRO T 159 -68.48 16.97 -56.92
N GLU T 160 -68.67 17.44 -58.17
CA GLU T 160 -69.65 18.50 -58.41
C GLU T 160 -71.06 17.92 -58.42
N VAL T 161 -71.16 16.62 -58.70
CA VAL T 161 -72.45 15.96 -58.90
C VAL T 161 -73.01 15.52 -57.56
N PHE T 162 -74.23 16.00 -57.30
CA PHE T 162 -75.07 15.72 -56.14
C PHE T 162 -74.43 16.25 -54.85
N ALA T 163 -73.80 17.42 -55.00
CA ALA T 163 -73.18 18.22 -53.96
C ALA T 163 -73.53 19.68 -54.21
N PRO U 2 -35.03 -14.07 -41.93
CA PRO U 2 -35.53 -15.39 -41.66
C PRO U 2 -34.81 -16.00 -40.46
N PHE U 3 -34.74 -15.25 -39.36
CA PHE U 3 -33.92 -15.66 -38.17
C PHE U 3 -34.73 -15.66 -36.87
N THR U 4 -35.52 -14.60 -36.63
CA THR U 4 -36.26 -14.46 -35.37
C THR U 4 -37.14 -15.71 -35.19
N MET U 5 -37.12 -16.24 -33.97
CA MET U 5 -37.87 -17.43 -33.52
C MET U 5 -39.34 -17.08 -33.34
N ALA U 6 -40.20 -17.70 -34.17
CA ALA U 6 -41.64 -17.44 -34.25
C ALA U 6 -42.41 -18.26 -33.20
N ALA U 7 -43.29 -17.55 -32.49
CA ALA U 7 -44.11 -18.08 -31.40
C ALA U 7 -45.59 -18.13 -31.82
N TYR U 8 -46.31 -19.05 -31.18
CA TYR U 8 -47.75 -19.27 -31.42
C TYR U 8 -48.55 -18.35 -30.50
N THR U 9 -49.28 -17.43 -31.10
CA THR U 9 -50.13 -16.51 -30.37
C THR U 9 -51.57 -17.02 -30.34
N ILE U 10 -52.22 -16.84 -29.19
CA ILE U 10 -53.64 -17.16 -28.96
C ILE U 10 -54.31 -15.84 -28.60
N VAL U 11 -55.40 -15.51 -29.31
CA VAL U 11 -56.10 -14.25 -29.09
C VAL U 11 -57.56 -14.56 -28.72
N LYS U 12 -57.88 -14.16 -27.49
CA LYS U 12 -59.13 -14.49 -26.87
C LYS U 12 -59.92 -13.21 -26.57
N GLU U 13 -61.25 -13.35 -26.55
CA GLU U 13 -62.20 -12.31 -26.23
C GLU U 13 -63.31 -12.94 -25.40
N GLU U 14 -63.32 -12.69 -24.08
CA GLU U 14 -64.29 -13.30 -23.16
C GLU U 14 -64.90 -12.26 -22.20
N GLU U 15 -66.22 -12.38 -21.99
CA GLU U 15 -67.05 -11.56 -21.10
C GLU U 15 -67.40 -12.35 -19.82
N SER U 16 -67.87 -11.62 -18.79
CA SER U 16 -68.25 -12.19 -17.48
C SER U 16 -69.26 -11.32 -16.74
N PRO U 17 -70.28 -11.91 -16.06
CA PRO U 17 -71.20 -11.15 -15.21
C PRO U 17 -70.57 -10.75 -13.87
N ILE U 18 -69.28 -11.05 -13.69
CA ILE U 18 -68.53 -10.66 -12.52
C ILE U 18 -67.97 -9.27 -12.80
N ALA U 19 -67.75 -8.48 -11.73
CA ALA U 19 -67.15 -7.13 -11.81
C ALA U 19 -65.68 -7.32 -12.14
N PRO U 20 -65.03 -6.36 -12.84
CA PRO U 20 -63.64 -6.49 -13.28
C PRO U 20 -62.50 -6.20 -12.28
N HIS U 21 -62.71 -5.46 -11.20
CA HIS U 21 -61.58 -5.27 -10.33
C HIS U 21 -61.23 -6.55 -9.57
N ARG U 22 -62.26 -7.37 -9.23
CA ARG U 22 -62.05 -8.59 -8.43
C ARG U 22 -61.45 -9.67 -9.34
N LEU U 23 -62.04 -9.74 -10.54
CA LEU U 23 -61.75 -10.72 -11.55
C LEU U 23 -60.33 -10.51 -12.07
N PHE U 24 -59.87 -9.27 -11.97
CA PHE U 24 -58.50 -8.94 -12.24
C PHE U 24 -57.71 -9.35 -10.98
N LYS U 25 -58.30 -9.00 -9.83
CA LYS U 25 -57.69 -9.22 -8.55
C LYS U 25 -57.59 -10.72 -8.27
N ALA U 26 -58.34 -11.52 -9.03
CA ALA U 26 -58.34 -12.95 -8.89
C ALA U 26 -57.54 -13.62 -10.02
N LEU U 27 -58.02 -13.42 -11.23
CA LEU U 27 -57.40 -14.04 -12.41
C LEU U 27 -56.01 -13.46 -12.62
N VAL U 28 -55.72 -12.31 -12.03
CA VAL U 28 -54.36 -11.74 -12.24
C VAL U 28 -53.63 -11.35 -10.95
N LEU U 29 -54.17 -10.45 -10.15
CA LEU U 29 -53.33 -9.99 -9.02
C LEU U 29 -53.03 -11.11 -8.04
N GLU U 30 -54.08 -11.79 -7.57
CA GLU U 30 -54.03 -12.90 -6.63
C GLU U 30 -54.26 -14.23 -7.36
N ARG U 31 -53.53 -14.46 -8.45
CA ARG U 31 -53.67 -15.70 -9.18
C ARG U 31 -53.11 -16.82 -8.31
N HIS U 32 -51.84 -16.66 -7.90
CA HIS U 32 -51.11 -17.66 -7.09
C HIS U 32 -51.97 -18.14 -5.89
N GLN U 33 -52.80 -17.27 -5.32
CA GLN U 33 -53.60 -17.68 -4.18
C GLN U 33 -54.82 -18.47 -4.64
N VAL U 34 -55.74 -17.77 -5.31
CA VAL U 34 -57.04 -18.27 -5.72
C VAL U 34 -56.94 -19.63 -6.43
N LEU U 35 -55.83 -19.89 -7.12
CA LEU U 35 -55.59 -21.23 -7.68
C LEU U 35 -55.74 -22.27 -6.58
N VAL U 36 -55.17 -21.98 -5.40
CA VAL U 36 -55.08 -22.88 -4.25
C VAL U 36 -56.43 -23.01 -3.51
N LYS U 37 -57.40 -22.18 -3.86
CA LYS U 37 -58.67 -22.27 -3.17
C LYS U 37 -59.60 -23.13 -4.01
N ALA U 38 -59.68 -22.80 -5.31
CA ALA U 38 -60.58 -23.47 -6.21
C ALA U 38 -60.12 -24.91 -6.47
N GLN U 39 -58.83 -25.12 -6.71
CA GLN U 39 -58.33 -26.43 -7.06
C GLN U 39 -57.28 -26.92 -6.06
N PRO U 40 -57.59 -27.08 -4.75
CA PRO U 40 -56.62 -27.62 -3.77
C PRO U 40 -56.25 -29.07 -4.09
N HIS U 41 -57.21 -29.80 -4.67
CA HIS U 41 -57.02 -31.17 -5.12
C HIS U 41 -55.91 -31.26 -6.18
N VAL U 42 -55.61 -30.14 -6.85
CA VAL U 42 -54.56 -30.06 -7.87
C VAL U 42 -53.35 -29.30 -7.34
N PHE U 43 -53.53 -28.12 -6.74
CA PHE U 43 -52.39 -27.28 -6.26
C PHE U 43 -52.24 -27.34 -4.74
N LYS U 44 -51.00 -27.56 -4.33
CA LYS U 44 -50.50 -27.70 -2.94
C LYS U 44 -50.42 -26.35 -2.19
N SER U 45 -49.62 -25.43 -2.77
CA SER U 45 -49.32 -24.07 -2.26
C SER U 45 -49.12 -23.11 -3.44
N GLY U 46 -48.73 -21.86 -3.13
CA GLY U 46 -48.47 -20.77 -4.09
C GLY U 46 -48.08 -19.51 -3.35
N GLU U 47 -47.02 -18.82 -3.81
CA GLU U 47 -46.49 -17.70 -3.02
C GLU U 47 -45.65 -16.71 -3.83
N ILE U 48 -45.59 -15.48 -3.30
CA ILE U 48 -44.72 -14.42 -3.78
C ILE U 48 -43.34 -14.73 -3.18
N ILE U 49 -42.30 -14.65 -4.00
CA ILE U 49 -40.95 -14.95 -3.54
C ILE U 49 -39.98 -13.86 -3.98
N GLU U 50 -40.50 -12.74 -4.50
CA GLU U 50 -39.65 -11.68 -5.02
C GLU U 50 -40.53 -10.53 -5.49
N GLY U 51 -40.25 -9.33 -4.95
CA GLY U 51 -40.94 -8.09 -5.32
C GLY U 51 -42.29 -7.87 -4.63
N ASP U 52 -42.93 -6.77 -5.02
CA ASP U 52 -44.26 -6.39 -4.56
C ASP U 52 -45.27 -7.16 -5.39
N GLY U 53 -46.53 -6.80 -5.23
CA GLY U 53 -47.56 -7.28 -6.11
C GLY U 53 -47.20 -6.85 -7.53
N GLY U 54 -46.78 -5.60 -7.67
CA GLY U 54 -46.36 -4.96 -8.92
C GLY U 54 -45.03 -5.50 -9.46
N VAL U 55 -44.61 -4.97 -10.61
CA VAL U 55 -43.46 -5.46 -11.42
C VAL U 55 -42.32 -5.99 -10.53
N GLY U 56 -41.63 -7.00 -11.09
CA GLY U 56 -40.51 -7.68 -10.47
C GLY U 56 -40.94 -8.98 -9.80
N THR U 57 -42.24 -9.07 -9.50
CA THR U 57 -42.83 -10.18 -8.76
C THR U 57 -42.61 -11.49 -9.54
N VAL U 58 -42.21 -12.51 -8.79
CA VAL U 58 -42.03 -13.86 -9.27
C VAL U 58 -42.84 -14.77 -8.34
N THR U 59 -43.75 -15.55 -8.92
CA THR U 59 -44.58 -16.47 -8.15
C THR U 59 -44.05 -17.90 -8.29
N LYS U 60 -44.27 -18.70 -7.26
CA LYS U 60 -43.96 -20.12 -7.30
C LYS U 60 -45.22 -20.86 -6.86
N ILE U 61 -45.86 -21.54 -7.81
CA ILE U 61 -47.07 -22.30 -7.58
C ILE U 61 -46.69 -23.76 -7.37
N THR U 62 -46.99 -24.30 -6.18
CA THR U 62 -46.68 -25.73 -5.85
C THR U 62 -47.87 -26.66 -6.16
N PHE U 63 -47.63 -27.62 -7.05
CA PHE U 63 -48.55 -28.67 -7.39
C PHE U 63 -48.48 -29.72 -6.27
N VAL U 64 -49.40 -30.67 -6.29
CA VAL U 64 -49.42 -31.78 -5.30
C VAL U 64 -48.25 -32.71 -5.63
N ASP U 65 -47.71 -33.42 -4.64
CA ASP U 65 -46.44 -34.15 -4.88
C ASP U 65 -46.58 -35.14 -6.02
N GLY U 66 -47.68 -35.89 -6.03
CA GLY U 66 -47.94 -36.94 -7.03
C GLY U 66 -48.28 -36.42 -8.42
N HIS U 67 -48.53 -35.12 -8.58
CA HIS U 67 -48.85 -34.55 -9.90
C HIS U 67 -47.65 -34.61 -10.84
N PRO U 68 -47.86 -35.12 -12.07
CA PRO U 68 -46.85 -35.19 -13.13
C PRO U 68 -46.07 -33.89 -13.37
N LEU U 69 -46.67 -32.79 -12.90
CA LEU U 69 -46.15 -31.41 -12.95
C LEU U 69 -45.78 -31.00 -11.52
N THR U 70 -44.64 -30.31 -11.38
CA THR U 70 -43.98 -30.16 -10.09
C THR U 70 -43.95 -28.74 -9.54
N TYR U 71 -43.61 -27.78 -10.42
CA TYR U 71 -43.42 -26.35 -10.06
C TYR U 71 -43.44 -25.46 -11.31
N MET U 72 -43.84 -24.21 -11.13
CA MET U 72 -43.86 -23.20 -12.19
C MET U 72 -43.68 -21.80 -11.56
N LEU U 73 -42.87 -20.96 -12.24
CA LEU U 73 -42.56 -19.61 -11.80
C LEU U 73 -43.09 -18.60 -12.82
N HIS U 74 -43.78 -17.58 -12.29
CA HIS U 74 -44.32 -16.52 -13.07
C HIS U 74 -43.64 -15.20 -12.68
N LYS U 75 -43.29 -14.42 -13.69
CA LYS U 75 -42.73 -13.09 -13.53
C LYS U 75 -43.77 -12.13 -14.11
N PHE U 76 -44.03 -11.03 -13.37
CA PHE U 76 -44.92 -9.91 -13.75
C PHE U 76 -44.13 -8.84 -14.50
N ASP U 77 -44.43 -8.67 -15.78
CA ASP U 77 -43.69 -7.79 -16.64
C ASP U 77 -44.29 -6.38 -16.56
N GLU U 78 -45.63 -6.28 -16.59
CA GLU U 78 -46.33 -4.97 -16.54
C GLU U 78 -47.35 -4.98 -15.39
N ILE U 79 -47.61 -3.80 -14.81
CA ILE U 79 -48.52 -3.66 -13.68
C ILE U 79 -49.23 -2.30 -13.74
N ASP U 80 -50.38 -2.26 -14.41
CA ASP U 80 -51.23 -1.10 -14.30
C ASP U 80 -52.47 -1.64 -13.59
N ALA U 81 -52.49 -1.47 -12.27
CA ALA U 81 -53.62 -1.91 -11.48
C ALA U 81 -54.85 -1.08 -11.88
N ALA U 82 -54.64 0.23 -12.03
CA ALA U 82 -55.71 1.16 -12.29
C ALA U 82 -56.48 0.87 -13.59
N ASN U 83 -55.94 0.07 -14.51
CA ASN U 83 -56.66 -0.18 -15.83
C ASN U 83 -56.92 -1.67 -16.10
N PHE U 84 -56.55 -2.55 -15.17
CA PHE U 84 -56.84 -3.97 -15.33
C PHE U 84 -56.06 -4.51 -16.54
N TYR U 85 -54.75 -4.22 -16.52
CA TYR U 85 -53.80 -4.58 -17.56
C TYR U 85 -52.55 -5.23 -16.96
N CYS U 86 -52.21 -6.45 -17.42
CA CYS U 86 -50.95 -7.07 -16.99
C CYS U 86 -50.39 -8.02 -18.06
N LYS U 87 -49.06 -8.11 -18.04
CA LYS U 87 -48.23 -8.99 -18.86
C LYS U 87 -47.28 -9.73 -17.92
N TYR U 88 -47.41 -11.06 -17.87
CA TYR U 88 -46.53 -11.86 -17.07
C TYR U 88 -46.00 -13.00 -17.93
N THR U 89 -44.85 -13.49 -17.48
CA THR U 89 -44.06 -14.47 -18.16
C THR U 89 -43.87 -15.73 -17.30
N LEU U 90 -44.28 -16.85 -17.88
CA LEU U 90 -44.02 -18.17 -17.38
C LEU U 90 -42.74 -18.64 -18.06
N PHE U 91 -41.64 -18.74 -17.30
CA PHE U 91 -40.30 -19.01 -17.81
C PHE U 91 -39.65 -20.27 -17.25
N GLU U 92 -40.03 -20.68 -16.02
CA GLU U 92 -39.40 -21.79 -15.29
C GLU U 92 -40.39 -22.78 -14.68
N GLY U 93 -40.33 -24.03 -15.14
CA GLY U 93 -41.15 -25.11 -14.63
C GLY U 93 -41.06 -26.33 -15.51
N ASP U 94 -41.47 -27.47 -14.97
CA ASP U 94 -41.47 -28.67 -15.77
C ASP U 94 -42.73 -28.70 -16.65
N VAL U 95 -43.60 -27.68 -16.57
CA VAL U 95 -44.81 -27.57 -17.41
C VAL U 95 -44.40 -27.17 -18.83
N LEU U 96 -43.22 -26.52 -18.92
CA LEU U 96 -42.52 -26.19 -20.16
C LEU U 96 -41.79 -27.48 -20.59
N ARG U 97 -42.32 -28.16 -21.58
CA ARG U 97 -41.77 -29.46 -21.95
C ARG U 97 -40.44 -29.30 -22.70
N ASP U 98 -39.73 -28.20 -22.42
CA ASP U 98 -38.40 -27.90 -22.95
C ASP U 98 -38.44 -27.67 -24.47
N ASN U 99 -39.54 -28.03 -25.15
CA ASN U 99 -39.70 -27.67 -26.55
C ASN U 99 -40.22 -26.23 -26.55
N ILE U 100 -40.54 -25.76 -25.33
CA ILE U 100 -41.08 -24.43 -25.06
C ILE U 100 -40.14 -23.65 -24.11
N GLU U 101 -39.76 -22.45 -24.58
CA GLU U 101 -38.83 -21.51 -23.99
C GLU U 101 -39.53 -20.60 -22.95
N LYS U 102 -40.70 -20.07 -23.32
CA LYS U 102 -41.45 -19.20 -22.43
C LYS U 102 -42.89 -19.03 -22.93
N VAL U 103 -43.80 -18.77 -21.98
CA VAL U 103 -45.18 -18.44 -22.29
C VAL U 103 -45.42 -17.03 -21.73
N VAL U 104 -45.95 -16.12 -22.56
CA VAL U 104 -46.21 -14.74 -22.15
C VAL U 104 -47.71 -14.48 -22.20
N TYR U 105 -48.24 -13.84 -21.16
CA TYR U 105 -49.65 -13.53 -21.10
C TYR U 105 -49.82 -12.01 -20.96
N GLU U 106 -50.65 -11.48 -21.85
CA GLU U 106 -51.07 -10.10 -21.91
C GLU U 106 -52.57 -10.12 -21.61
N VAL U 107 -52.97 -9.50 -20.48
CA VAL U 107 -54.34 -9.50 -19.98
C VAL U 107 -54.87 -8.07 -19.88
N LYS U 108 -56.05 -7.80 -20.47
CA LYS U 108 -56.67 -6.47 -20.35
C LYS U 108 -58.18 -6.57 -20.16
N LEU U 109 -58.68 -5.99 -19.07
CA LEU U 109 -60.11 -6.00 -18.75
C LEU U 109 -60.66 -4.57 -18.77
N GLU U 110 -61.97 -4.48 -19.03
CA GLU U 110 -62.70 -3.23 -19.02
C GLU U 110 -64.03 -3.48 -18.32
N ALA U 111 -64.64 -2.39 -17.83
CA ALA U 111 -65.93 -2.44 -17.14
C ALA U 111 -67.08 -2.48 -18.16
N VAL U 112 -68.15 -3.18 -17.80
CA VAL U 112 -69.29 -3.26 -18.67
C VAL U 112 -70.50 -3.72 -17.83
N GLY U 113 -71.07 -2.76 -17.09
CA GLY U 113 -72.22 -2.95 -16.22
C GLY U 113 -71.81 -3.51 -14.88
N GLY U 114 -72.63 -4.41 -14.34
CA GLY U 114 -72.27 -5.12 -13.13
C GLY U 114 -70.98 -5.91 -13.34
N GLY U 115 -70.79 -6.43 -14.57
CA GLY U 115 -69.67 -7.32 -14.97
C GLY U 115 -68.57 -6.66 -15.80
N SER U 116 -68.00 -7.42 -16.75
CA SER U 116 -66.83 -6.95 -17.55
C SER U 116 -66.61 -7.67 -18.90
N LYS U 117 -65.70 -7.10 -19.70
CA LYS U 117 -65.22 -7.65 -20.98
C LYS U 117 -63.69 -7.70 -20.88
N GLY U 118 -63.08 -8.59 -21.67
CA GLY U 118 -61.64 -8.80 -21.64
C GLY U 118 -61.09 -9.42 -22.91
N LYS U 119 -59.84 -9.06 -23.18
CA LYS U 119 -59.07 -9.59 -24.27
C LYS U 119 -57.80 -10.16 -23.65
N ILE U 120 -57.53 -11.45 -23.89
CA ILE U 120 -56.28 -12.06 -23.35
C ILE U 120 -55.43 -12.58 -24.51
N THR U 121 -54.12 -12.37 -24.37
CA THR U 121 -53.12 -12.76 -25.36
C THR U 121 -52.10 -13.72 -24.76
N VAL U 122 -52.07 -14.92 -25.31
CA VAL U 122 -51.13 -15.91 -24.88
C VAL U 122 -50.22 -16.24 -26.06
N THR U 123 -48.93 -16.01 -25.85
CA THR U 123 -47.91 -16.32 -26.84
C THR U 123 -46.90 -17.33 -26.26
N TYR U 124 -46.91 -18.52 -26.87
CA TYR U 124 -46.02 -19.61 -26.53
C TYR U 124 -44.75 -19.46 -27.37
N HIS U 125 -43.61 -19.35 -26.69
CA HIS U 125 -42.34 -19.10 -27.36
C HIS U 125 -41.49 -20.37 -27.35
N PRO U 126 -41.12 -20.90 -28.54
CA PRO U 126 -40.30 -22.11 -28.62
C PRO U 126 -38.80 -21.96 -28.28
N LYS U 127 -38.15 -23.07 -27.93
CA LYS U 127 -36.69 -23.13 -27.67
C LYS U 127 -35.94 -23.11 -29.00
N PRO U 128 -34.61 -22.83 -28.99
CA PRO U 128 -33.78 -22.80 -30.19
C PRO U 128 -34.13 -23.85 -31.27
N GLY U 129 -34.80 -23.38 -32.32
CA GLY U 129 -35.19 -24.17 -33.49
C GLY U 129 -36.22 -25.25 -33.20
N CYS U 130 -36.93 -25.14 -32.07
CA CYS U 130 -37.93 -26.12 -31.66
C CYS U 130 -39.28 -25.80 -32.33
N THR U 131 -40.17 -26.79 -32.37
CA THR U 131 -41.51 -26.66 -32.95
C THR U 131 -42.56 -26.87 -31.85
N VAL U 132 -43.21 -25.77 -31.42
CA VAL U 132 -44.25 -25.78 -30.37
C VAL U 132 -45.39 -26.70 -30.82
N ASN U 133 -45.94 -27.45 -29.86
CA ASN U 133 -46.99 -28.45 -30.11
C ASN U 133 -48.37 -27.88 -29.76
N GLU U 134 -49.24 -27.79 -30.79
CA GLU U 134 -50.63 -27.31 -30.69
C GLU U 134 -51.38 -28.16 -29.65
N GLU U 135 -50.65 -29.14 -29.09
CA GLU U 135 -51.06 -29.94 -27.95
C GLU U 135 -50.84 -29.09 -26.70
N GLU U 136 -49.58 -28.81 -26.40
CA GLU U 136 -49.25 -28.14 -25.14
C GLU U 136 -50.15 -26.92 -25.09
N VAL U 137 -50.38 -26.31 -26.24
CA VAL U 137 -51.18 -25.06 -26.28
C VAL U 137 -52.63 -25.26 -25.81
N LYS U 138 -53.37 -26.21 -26.36
CA LYS U 138 -54.81 -26.32 -26.00
C LYS U 138 -54.96 -26.65 -24.52
N ILE U 139 -54.01 -27.43 -24.03
CA ILE U 139 -53.95 -27.88 -22.65
C ILE U 139 -53.81 -26.64 -21.75
N GLY U 140 -52.65 -25.99 -21.80
CA GLY U 140 -52.40 -24.80 -21.00
C GLY U 140 -53.58 -23.83 -21.03
N GLU U 141 -54.16 -23.71 -22.22
CA GLU U 141 -55.31 -22.82 -22.43
C GLU U 141 -56.56 -23.40 -21.77
N LYS U 142 -56.83 -24.68 -22.00
CA LYS U 142 -58.08 -25.26 -21.47
C LYS U 142 -58.08 -25.20 -19.96
N LYS U 143 -56.97 -25.59 -19.32
CA LYS U 143 -56.90 -25.61 -17.83
C LYS U 143 -57.08 -24.18 -17.31
N ALA U 144 -56.46 -23.20 -17.97
CA ALA U 144 -56.60 -21.78 -17.55
C ALA U 144 -58.07 -21.37 -17.70
N TYR U 145 -58.70 -21.77 -18.80
CA TYR U 145 -60.12 -21.44 -19.08
C TYR U 145 -61.02 -22.11 -18.02
N GLU U 146 -60.70 -23.34 -17.66
CA GLU U 146 -61.49 -24.11 -16.65
C GLU U 146 -61.41 -23.38 -15.31
N PHE U 147 -60.23 -22.89 -14.94
CA PHE U 147 -60.04 -22.16 -13.65
C PHE U 147 -60.90 -20.89 -13.66
N TYR U 148 -60.93 -20.20 -14.80
CA TYR U 148 -61.71 -18.96 -14.95
C TYR U 148 -63.18 -19.22 -14.54
N LYS U 149 -63.83 -20.11 -15.29
CA LYS U 149 -65.22 -20.51 -15.16
C LYS U 149 -65.59 -20.93 -13.73
N GLN U 150 -64.65 -21.59 -13.02
CA GLN U 150 -64.83 -22.00 -11.61
C GLN U 150 -64.99 -20.78 -10.72
N VAL U 151 -64.04 -19.85 -10.89
CA VAL U 151 -63.97 -18.66 -10.06
C VAL U 151 -65.17 -17.74 -10.36
N GLU U 152 -65.42 -17.52 -11.66
CA GLU U 152 -66.59 -16.78 -12.07
C GLU U 152 -67.77 -17.34 -11.26
N GLU U 153 -67.91 -18.66 -11.23
CA GLU U 153 -69.03 -19.31 -10.50
C GLU U 153 -69.04 -18.84 -9.05
N TYR U 154 -67.90 -18.98 -8.37
CA TYR U 154 -67.76 -18.66 -6.97
C TYR U 154 -68.18 -17.22 -6.70
N LEU U 155 -67.54 -16.30 -7.43
CA LEU U 155 -67.69 -14.84 -7.24
C LEU U 155 -69.16 -14.48 -7.33
N ALA U 156 -69.92 -15.17 -8.16
CA ALA U 156 -71.37 -14.93 -8.35
C ALA U 156 -72.19 -15.15 -7.07
N ALA U 157 -71.63 -15.79 -6.05
CA ALA U 157 -72.39 -15.93 -4.80
C ALA U 157 -71.63 -15.25 -3.65
N ASN U 158 -70.50 -14.60 -3.96
CA ASN U 158 -69.68 -14.00 -2.87
C ASN U 158 -69.33 -12.55 -3.23
N PRO U 159 -70.31 -11.62 -3.28
CA PRO U 159 -70.05 -10.26 -3.74
C PRO U 159 -68.98 -9.47 -2.99
N GLU U 160 -68.94 -9.63 -1.68
CA GLU U 160 -67.95 -8.95 -0.87
C GLU U 160 -66.55 -9.44 -1.24
N VAL U 161 -66.43 -10.74 -1.52
CA VAL U 161 -65.14 -11.31 -1.86
C VAL U 161 -64.51 -10.46 -2.96
N PHE U 162 -63.37 -9.87 -2.59
CA PHE U 162 -62.61 -8.99 -3.43
C PHE U 162 -63.48 -7.81 -3.91
N ALA U 163 -64.22 -7.23 -2.98
CA ALA U 163 -64.97 -6.02 -3.26
C ALA U 163 -63.94 -4.90 -3.42
N MET V 5 -58.20 -21.01 -32.72
CA MET V 5 -57.12 -20.85 -33.73
C MET V 5 -55.93 -20.14 -33.08
N ALA V 6 -55.07 -19.51 -33.88
CA ALA V 6 -53.85 -18.88 -33.36
C ALA V 6 -53.24 -17.93 -34.38
N ALA V 7 -52.07 -17.38 -34.05
CA ALA V 7 -51.32 -16.49 -34.95
C ALA V 7 -49.82 -16.66 -34.70
N TYR V 8 -49.01 -16.24 -35.66
CA TYR V 8 -47.56 -16.28 -35.48
C TYR V 8 -47.07 -14.85 -35.28
N THR V 9 -46.25 -14.71 -34.24
CA THR V 9 -45.68 -13.47 -33.78
C THR V 9 -44.16 -13.60 -33.77
N ILE V 10 -43.47 -12.47 -33.97
CA ILE V 10 -42.03 -12.35 -33.87
C ILE V 10 -41.75 -11.07 -33.07
N VAL V 11 -41.06 -11.20 -31.94
CA VAL V 11 -40.73 -10.10 -31.07
C VAL V 11 -39.25 -9.74 -31.28
N LYS V 12 -39.00 -8.50 -31.72
CA LYS V 12 -37.65 -8.00 -32.00
C LYS V 12 -37.41 -6.80 -31.08
N GLU V 13 -36.17 -6.70 -30.57
CA GLU V 13 -35.64 -5.61 -29.77
C GLU V 13 -34.57 -5.01 -30.65
N GLU V 14 -34.58 -3.70 -30.91
CA GLU V 14 -33.61 -3.18 -31.84
C GLU V 14 -32.94 -1.92 -31.28
N GLU V 15 -31.78 -1.60 -31.88
CA GLU V 15 -30.89 -0.51 -31.53
C GLU V 15 -30.51 0.23 -32.81
N SER V 16 -30.23 1.55 -32.68
CA SER V 16 -29.79 2.39 -33.85
C SER V 16 -29.03 3.61 -33.35
N PRO V 17 -28.05 4.10 -34.13
CA PRO V 17 -27.36 5.36 -33.84
C PRO V 17 -28.18 6.60 -34.28
N ILE V 18 -29.46 6.41 -34.62
CA ILE V 18 -30.39 7.47 -35.07
C ILE V 18 -31.39 7.72 -33.95
N ALA V 19 -31.75 8.99 -33.73
CA ALA V 19 -32.65 9.33 -32.63
C ALA V 19 -34.04 8.80 -32.95
N PRO V 20 -34.83 8.46 -31.90
CA PRO V 20 -36.10 7.82 -32.08
C PRO V 20 -37.06 8.59 -32.96
N HIS V 21 -37.19 9.88 -32.73
CA HIS V 21 -38.16 10.73 -33.47
C HIS V 21 -37.87 10.69 -34.97
N ARG V 22 -36.61 10.64 -35.36
CA ARG V 22 -36.17 10.48 -36.76
C ARG V 22 -36.56 9.09 -37.27
N LEU V 23 -36.41 8.06 -36.45
CA LEU V 23 -36.69 6.73 -36.93
C LEU V 23 -38.18 6.56 -37.15
N PHE V 24 -38.93 6.95 -36.11
CA PHE V 24 -40.35 6.89 -36.07
C PHE V 24 -40.99 7.63 -37.25
N LYS V 25 -40.42 8.78 -37.59
CA LYS V 25 -40.88 9.56 -38.70
C LYS V 25 -40.63 8.76 -40.00
N ALA V 26 -39.50 8.06 -40.11
CA ALA V 26 -39.16 7.39 -41.39
C ALA V 26 -39.87 6.04 -41.58
N LEU V 27 -39.75 5.22 -40.53
CA LEU V 27 -40.20 3.82 -40.51
C LEU V 27 -41.64 3.67 -40.04
N VAL V 28 -42.31 4.76 -39.69
CA VAL V 28 -43.73 4.54 -39.34
C VAL V 28 -44.61 5.60 -40.00
N LEU V 29 -44.57 6.85 -39.57
CA LEU V 29 -45.51 7.86 -40.09
C LEU V 29 -45.37 8.06 -41.59
N GLU V 30 -44.17 8.19 -42.10
CA GLU V 30 -43.92 8.45 -43.54
C GLU V 30 -43.34 7.22 -44.19
N ARG V 31 -43.54 6.06 -43.58
CA ARG V 31 -43.02 4.79 -44.15
C ARG V 31 -43.55 4.58 -45.56
N HIS V 32 -44.87 4.80 -45.73
CA HIS V 32 -45.51 4.68 -47.03
C HIS V 32 -44.68 5.38 -48.12
N GLN V 33 -44.11 6.57 -47.87
CA GLN V 33 -43.39 7.31 -48.95
C GLN V 33 -41.90 6.96 -48.97
N VAL V 34 -41.26 6.78 -47.80
CA VAL V 34 -39.83 6.46 -47.80
C VAL V 34 -39.57 5.15 -48.56
N LEU V 35 -40.50 4.18 -48.45
CA LEU V 35 -40.32 2.88 -49.14
C LEU V 35 -40.00 3.14 -50.60
N VAL V 36 -40.74 4.08 -51.17
CA VAL V 36 -40.58 4.33 -52.56
C VAL V 36 -39.15 4.84 -52.79
N LYS V 37 -38.78 5.84 -51.98
CA LYS V 37 -37.50 6.52 -52.01
C LYS V 37 -36.35 5.51 -51.89
N ALA V 38 -36.47 4.65 -50.90
CA ALA V 38 -35.47 3.63 -50.54
C ALA V 38 -35.33 2.53 -51.58
N GLN V 39 -36.43 2.20 -52.27
CA GLN V 39 -36.35 1.17 -53.25
C GLN V 39 -37.34 1.49 -54.38
N PRO V 40 -36.86 2.32 -55.34
CA PRO V 40 -37.62 2.74 -56.52
C PRO V 40 -37.81 1.65 -57.59
N HIS V 41 -37.23 0.49 -57.35
CA HIS V 41 -37.29 -0.67 -58.17
C HIS V 41 -38.25 -1.67 -57.55
N VAL V 42 -38.85 -1.35 -56.40
CA VAL V 42 -39.75 -2.29 -55.81
C VAL V 42 -41.13 -1.64 -55.65
N PHE V 43 -41.16 -0.33 -55.40
CA PHE V 43 -42.39 0.36 -55.13
C PHE V 43 -42.60 1.55 -56.05
N LYS V 44 -43.82 1.65 -56.61
CA LYS V 44 -44.13 2.72 -57.56
C LYS V 44 -44.56 3.98 -56.83
N SER V 45 -45.24 3.82 -55.70
CA SER V 45 -45.84 4.94 -55.05
C SER V 45 -46.32 4.50 -53.68
N GLY V 46 -46.38 5.42 -52.71
CA GLY V 46 -46.91 5.16 -51.36
C GLY V 46 -47.79 6.33 -50.99
N GLU V 47 -49.07 6.09 -50.65
CA GLU V 47 -49.97 7.21 -50.54
C GLU V 47 -51.05 6.97 -49.49
N ILE V 48 -51.64 8.07 -49.00
CA ILE V 48 -52.68 8.03 -48.00
C ILE V 48 -54.05 8.15 -48.69
N ILE V 49 -54.96 7.23 -48.38
CA ILE V 49 -56.26 7.25 -48.99
C ILE V 49 -57.21 7.99 -48.03
N GLU V 50 -57.24 7.57 -46.76
CA GLU V 50 -58.14 8.13 -45.77
C GLU V 50 -57.31 8.74 -44.63
N GLY V 51 -57.76 9.87 -44.07
CA GLY V 51 -57.16 10.41 -42.84
C GLY V 51 -56.19 11.57 -43.03
N ASP V 52 -56.03 12.31 -41.92
CA ASP V 52 -55.19 13.49 -41.78
C ASP V 52 -53.82 13.09 -41.26
N GLY V 53 -53.66 11.79 -40.95
CA GLY V 53 -52.48 11.29 -40.32
C GLY V 53 -52.74 11.24 -38.83
N GLY V 54 -53.32 10.11 -38.41
CA GLY V 54 -53.73 9.84 -37.05
C GLY V 54 -54.39 8.49 -37.01
N VAL V 55 -55.05 8.17 -35.89
CA VAL V 55 -55.77 6.90 -35.75
C VAL V 55 -56.81 6.84 -36.88
N GLY V 56 -56.95 5.65 -37.48
CA GLY V 56 -57.85 5.42 -38.59
C GLY V 56 -57.18 5.57 -39.94
N THR V 57 -56.20 6.48 -40.05
CA THR V 57 -55.53 6.68 -41.33
C THR V 57 -55.19 5.34 -41.98
N VAL V 58 -55.31 5.29 -43.31
CA VAL V 58 -54.89 4.13 -44.08
C VAL V 58 -54.03 4.68 -45.21
N THR V 59 -52.96 3.93 -45.49
CA THR V 59 -52.05 4.22 -46.55
C THR V 59 -52.14 3.08 -47.57
N LYS V 60 -51.88 3.41 -48.84
CA LYS V 60 -51.90 2.49 -49.97
C LYS V 60 -50.50 2.51 -50.58
N ILE V 61 -49.90 1.35 -50.80
CA ILE V 61 -48.57 1.34 -51.35
C ILE V 61 -48.60 0.40 -52.56
N THR V 62 -48.30 0.97 -53.72
CA THR V 62 -48.30 0.27 -54.96
C THR V 62 -46.85 -0.07 -55.32
N PHE V 63 -46.71 -1.15 -56.08
CA PHE V 63 -45.43 -1.76 -56.51
C PHE V 63 -45.12 -1.45 -57.97
N VAL V 64 -43.87 -1.65 -58.38
CA VAL V 64 -43.49 -1.35 -59.74
C VAL V 64 -44.30 -2.24 -60.67
N ASP V 65 -44.35 -1.81 -61.93
CA ASP V 65 -45.15 -2.45 -62.97
C ASP V 65 -44.78 -3.93 -63.09
N GLY V 66 -43.50 -4.26 -63.06
CA GLY V 66 -43.05 -5.65 -63.28
C GLY V 66 -43.11 -6.57 -62.07
N HIS V 67 -43.21 -6.01 -60.85
CA HIS V 67 -43.17 -6.81 -59.61
C HIS V 67 -44.24 -7.89 -59.57
N PRO V 68 -43.94 -9.05 -58.93
CA PRO V 68 -44.95 -10.09 -58.75
C PRO V 68 -46.15 -9.60 -57.93
N LEU V 69 -45.91 -8.61 -57.07
CA LEU V 69 -46.90 -8.06 -56.15
C LEU V 69 -47.64 -6.89 -56.79
N THR V 70 -48.65 -6.40 -56.07
CA THR V 70 -49.45 -5.42 -56.65
C THR V 70 -49.72 -4.29 -55.69
N TYR V 71 -50.24 -4.61 -54.51
CA TYR V 71 -50.54 -3.52 -53.60
C TYR V 71 -50.70 -4.05 -52.19
N MET V 72 -50.69 -3.13 -51.22
CA MET V 72 -51.03 -3.41 -49.85
C MET V 72 -51.49 -2.13 -49.15
N LEU V 73 -52.24 -2.32 -48.07
CA LEU V 73 -52.93 -1.27 -47.32
C LEU V 73 -52.72 -1.53 -45.84
N HIS V 74 -52.37 -0.51 -45.05
CA HIS V 74 -52.18 -0.64 -43.58
C HIS V 74 -53.11 0.33 -42.86
N LYS V 75 -53.61 -0.06 -41.69
CA LYS V 75 -54.47 0.84 -40.92
C LYS V 75 -53.75 1.19 -39.62
N PHE V 76 -53.70 2.50 -39.32
CA PHE V 76 -53.13 3.04 -38.08
C PHE V 76 -54.18 2.95 -36.96
N ASP V 77 -54.20 1.78 -36.32
CA ASP V 77 -55.13 1.37 -35.26
C ASP V 77 -54.85 2.13 -33.95
N GLU V 78 -53.57 2.44 -33.71
CA GLU V 78 -53.15 3.27 -32.57
C GLU V 78 -51.82 3.98 -32.90
N ILE V 79 -51.68 5.19 -32.36
CA ILE V 79 -50.50 6.07 -32.50
C ILE V 79 -50.35 6.86 -31.19
N ASP V 80 -49.12 7.34 -30.94
CA ASP V 80 -48.73 8.19 -29.81
C ASP V 80 -47.36 8.76 -30.18
N ALA V 81 -47.35 9.50 -31.28
CA ALA V 81 -46.14 9.97 -31.94
C ALA V 81 -45.15 10.59 -30.94
N ALA V 82 -45.69 11.17 -29.86
CA ALA V 82 -44.88 11.79 -28.82
C ALA V 82 -44.26 10.73 -27.90
N ASN V 83 -44.75 9.48 -27.97
CA ASN V 83 -44.20 8.38 -27.16
C ASN V 83 -43.44 7.38 -28.04
N PHE V 84 -43.38 7.64 -29.35
CA PHE V 84 -42.69 6.82 -30.37
C PHE V 84 -43.21 5.39 -30.36
N TYR V 85 -44.52 5.27 -30.16
CA TYR V 85 -45.23 4.02 -30.14
C TYR V 85 -46.21 4.03 -31.32
N CYS V 86 -46.63 2.84 -31.80
CA CYS V 86 -47.65 2.67 -32.85
C CYS V 86 -48.22 1.24 -32.87
N LYS V 87 -49.28 1.07 -33.66
CA LYS V 87 -49.98 -0.20 -33.93
C LYS V 87 -50.77 -0.02 -35.23
N TYR V 88 -50.20 -0.46 -36.35
CA TYR V 88 -50.80 -0.39 -37.69
C TYR V 88 -50.84 -1.80 -38.31
N THR V 89 -52.00 -2.15 -38.89
CA THR V 89 -52.23 -3.48 -39.47
C THR V 89 -52.21 -3.43 -41.01
N LEU V 90 -51.73 -4.51 -41.60
CA LEU V 90 -51.77 -4.68 -43.06
C LEU V 90 -53.05 -5.46 -43.27
N PHE V 91 -54.01 -4.93 -44.01
CA PHE V 91 -55.30 -5.64 -44.11
C PHE V 91 -55.78 -5.88 -45.55
N GLU V 92 -55.05 -5.47 -46.58
CA GLU V 92 -55.45 -5.77 -47.98
C GLU V 92 -54.19 -5.91 -48.83
N GLY V 93 -54.10 -6.91 -49.70
CA GLY V 93 -52.97 -6.98 -50.62
C GLY V 93 -52.60 -8.37 -51.15
N ASP V 94 -51.92 -8.39 -52.29
CA ASP V 94 -51.44 -9.61 -52.98
C ASP V 94 -50.45 -10.33 -52.04
N VAL V 95 -49.62 -9.59 -51.31
CA VAL V 95 -48.58 -10.15 -50.39
C VAL V 95 -49.18 -10.99 -49.27
N LEU V 96 -50.41 -10.70 -48.87
CA LEU V 96 -51.15 -11.48 -47.85
C LEU V 96 -51.42 -12.89 -48.39
N ARG V 97 -51.36 -13.09 -49.70
CA ARG V 97 -51.74 -14.40 -50.24
C ARG V 97 -53.19 -14.70 -49.86
N ASP V 98 -53.53 -16.00 -49.75
CA ASP V 98 -54.87 -16.46 -49.37
C ASP V 98 -54.87 -16.93 -47.93
N ASN V 99 -53.69 -17.36 -47.47
CA ASN V 99 -53.51 -17.95 -46.17
C ASN V 99 -53.53 -16.92 -45.02
N ILE V 100 -53.65 -15.61 -45.32
CA ILE V 100 -53.48 -14.62 -44.23
C ILE V 100 -54.56 -13.54 -44.22
N GLU V 101 -55.11 -13.33 -43.02
CA GLU V 101 -56.19 -12.41 -42.79
C GLU V 101 -55.60 -10.98 -42.72
N LYS V 102 -54.61 -10.81 -41.85
CA LYS V 102 -53.96 -9.50 -41.59
C LYS V 102 -52.66 -9.67 -40.79
N VAL V 103 -51.75 -8.70 -41.00
CA VAL V 103 -50.50 -8.63 -40.25
C VAL V 103 -50.52 -7.33 -39.45
N VAL V 104 -50.20 -7.44 -38.14
CA VAL V 104 -50.23 -6.38 -37.15
C VAL V 104 -48.79 -6.01 -36.75
N TYR V 105 -48.48 -4.72 -36.87
CA TYR V 105 -47.16 -4.15 -36.57
C TYR V 105 -47.26 -3.26 -35.33
N GLU V 106 -46.60 -3.68 -34.26
CA GLU V 106 -46.53 -2.99 -32.99
C GLU V 106 -45.10 -2.47 -32.79
N VAL V 107 -44.96 -1.15 -32.62
CA VAL V 107 -43.68 -0.50 -32.52
C VAL V 107 -43.62 0.30 -31.23
N LYS V 108 -42.42 0.44 -30.63
CA LYS V 108 -42.15 1.29 -29.46
C LYS V 108 -40.67 1.67 -29.50
N LEU V 109 -40.38 2.96 -29.69
CA LEU V 109 -39.01 3.44 -29.72
C LEU V 109 -38.71 4.24 -28.45
N GLU V 110 -37.43 4.28 -28.07
CA GLU V 110 -37.00 4.92 -26.84
C GLU V 110 -35.66 5.65 -27.09
N ALA V 111 -35.52 6.90 -26.65
CA ALA V 111 -34.27 7.61 -26.83
C ALA V 111 -33.18 6.98 -25.96
N VAL V 112 -31.99 6.80 -26.56
CA VAL V 112 -30.83 6.20 -25.91
C VAL V 112 -29.60 6.98 -26.34
N GLY V 113 -29.18 7.93 -25.51
CA GLY V 113 -28.05 8.70 -25.87
C GLY V 113 -28.36 9.37 -27.17
N GLY V 114 -27.36 9.48 -28.04
CA GLY V 114 -27.58 10.07 -29.35
C GLY V 114 -28.40 9.16 -30.24
N GLY V 115 -28.68 7.95 -29.74
CA GLY V 115 -29.31 6.86 -30.43
C GLY V 115 -30.74 6.57 -29.96
N SER V 116 -31.14 5.32 -30.15
CA SER V 116 -32.50 4.86 -29.92
C SER V 116 -32.58 3.34 -29.84
N LYS V 117 -33.67 2.85 -29.24
CA LYS V 117 -33.90 1.42 -29.14
C LYS V 117 -35.40 1.17 -29.34
N GLY V 118 -35.71 0.17 -30.17
CA GLY V 118 -37.07 -0.13 -30.45
C GLY V 118 -37.48 -1.55 -30.12
N LYS V 119 -38.74 -1.65 -29.70
CA LYS V 119 -39.42 -2.91 -29.51
C LYS V 119 -40.42 -3.02 -30.68
N ILE V 120 -40.36 -4.13 -31.41
CA ILE V 120 -41.22 -4.33 -32.58
C ILE V 120 -41.79 -5.75 -32.53
N THR V 121 -43.13 -5.86 -32.61
CA THR V 121 -43.83 -7.12 -32.53
C THR V 121 -44.75 -7.30 -33.74
N VAL V 122 -44.33 -8.15 -34.68
CA VAL V 122 -45.08 -8.39 -35.90
C VAL V 122 -45.86 -9.70 -35.71
N THR V 123 -47.19 -9.59 -35.77
CA THR V 123 -48.12 -10.70 -35.54
C THR V 123 -48.81 -11.14 -36.82
N TYR V 124 -48.64 -12.40 -37.18
CA TYR V 124 -49.26 -12.96 -38.37
C TYR V 124 -50.53 -13.69 -37.92
N HIS V 125 -51.70 -13.14 -38.33
CA HIS V 125 -53.07 -13.62 -38.04
C HIS V 125 -53.63 -14.38 -39.24
N PRO V 126 -53.89 -15.71 -39.12
CA PRO V 126 -54.34 -16.53 -40.24
C PRO V 126 -55.83 -16.43 -40.57
N LYS V 127 -56.10 -16.53 -41.88
CA LYS V 127 -57.40 -16.50 -42.46
C LYS V 127 -58.20 -17.66 -41.85
N PRO V 128 -59.43 -17.41 -41.34
CA PRO V 128 -60.19 -18.47 -40.67
C PRO V 128 -60.19 -19.77 -41.49
N GLY V 129 -59.62 -20.82 -40.89
CA GLY V 129 -59.55 -22.14 -41.50
C GLY V 129 -58.17 -22.46 -42.06
N CYS V 130 -57.43 -21.42 -42.47
CA CYS V 130 -56.07 -21.59 -43.01
C CYS V 130 -55.05 -21.49 -41.87
N THR V 131 -53.79 -21.81 -42.20
CA THR V 131 -52.64 -21.78 -41.28
C THR V 131 -51.55 -20.84 -41.85
N VAL V 132 -50.56 -20.49 -41.01
CA VAL V 132 -49.47 -19.62 -41.44
C VAL V 132 -48.21 -20.48 -41.57
N ASN V 133 -47.53 -20.34 -42.73
CA ASN V 133 -46.24 -20.97 -43.07
C ASN V 133 -45.10 -19.95 -42.84
N GLU V 134 -44.00 -20.42 -42.25
CA GLU V 134 -42.86 -19.56 -41.90
C GLU V 134 -42.26 -18.87 -43.14
N GLU V 135 -42.44 -19.42 -44.34
CA GLU V 135 -41.90 -18.80 -45.56
C GLU V 135 -42.41 -17.35 -45.67
N GLU V 136 -43.65 -17.14 -45.19
CA GLU V 136 -44.35 -15.86 -45.22
C GLU V 136 -43.76 -14.87 -44.19
N VAL V 137 -43.40 -15.38 -43.02
CA VAL V 137 -42.96 -14.60 -41.88
C VAL V 137 -41.45 -14.38 -41.91
N LYS V 138 -40.69 -15.28 -42.53
CA LYS V 138 -39.25 -15.07 -42.66
C LYS V 138 -39.02 -13.99 -43.74
N ILE V 139 -39.80 -14.05 -44.83
CA ILE V 139 -39.74 -13.15 -45.98
C ILE V 139 -40.26 -11.77 -45.59
N GLY V 140 -41.14 -11.70 -44.60
CA GLY V 140 -41.68 -10.40 -44.17
C GLY V 140 -40.71 -9.66 -43.29
N GLU V 141 -40.04 -10.40 -42.39
CA GLU V 141 -39.10 -9.86 -41.44
C GLU V 141 -37.86 -9.29 -42.14
N LYS V 142 -37.31 -10.11 -43.03
CA LYS V 142 -36.16 -9.78 -43.75
C LYS V 142 -36.46 -8.52 -44.57
N LYS V 143 -37.54 -8.55 -45.35
CA LYS V 143 -37.88 -7.45 -46.24
C LYS V 143 -37.86 -6.10 -45.49
N ALA V 144 -38.63 -6.05 -44.41
CA ALA V 144 -38.79 -4.87 -43.57
C ALA V 144 -37.45 -4.36 -43.02
N TYR V 145 -36.49 -5.27 -42.89
CA TYR V 145 -35.29 -5.04 -42.15
C TYR V 145 -34.16 -4.67 -43.07
N GLU V 146 -34.13 -5.16 -44.32
CA GLU V 146 -33.09 -4.57 -45.16
C GLU V 146 -33.42 -3.07 -45.34
N PHE V 147 -34.70 -2.76 -45.58
CA PHE V 147 -35.24 -1.38 -45.73
C PHE V 147 -34.77 -0.46 -44.59
N TYR V 148 -34.98 -0.90 -43.34
CA TYR V 148 -34.52 -0.24 -42.12
C TYR V 148 -33.00 0.00 -42.17
N LYS V 149 -32.22 -0.94 -42.72
CA LYS V 149 -30.73 -0.77 -42.81
C LYS V 149 -30.31 0.30 -43.84
N GLN V 150 -31.10 0.38 -44.92
CA GLN V 150 -30.95 1.34 -45.96
C GLN V 150 -31.32 2.75 -45.47
N VAL V 151 -32.34 2.85 -44.62
CA VAL V 151 -32.77 4.12 -44.11
C VAL V 151 -31.73 4.67 -43.11
N GLU V 152 -31.37 3.84 -42.14
CA GLU V 152 -30.36 4.18 -41.19
C GLU V 152 -29.17 4.76 -41.97
N GLU V 153 -28.43 3.93 -42.69
CA GLU V 153 -27.32 4.50 -43.47
C GLU V 153 -27.72 5.87 -44.03
N TYR V 154 -28.96 5.99 -44.56
CA TYR V 154 -29.37 7.25 -45.20
C TYR V 154 -29.46 8.41 -44.19
N LEU V 155 -30.18 8.19 -43.09
CA LEU V 155 -30.36 9.25 -42.15
C LEU V 155 -29.04 9.68 -41.51
N ALA V 156 -28.12 8.71 -41.37
CA ALA V 156 -26.79 8.93 -40.81
C ALA V 156 -25.97 9.80 -41.77
N ALA V 157 -26.04 9.49 -43.06
CA ALA V 157 -25.33 10.25 -44.08
C ALA V 157 -26.11 11.53 -44.44
N ASN V 158 -27.24 11.80 -43.75
CA ASN V 158 -28.07 12.99 -44.03
C ASN V 158 -28.77 13.43 -42.75
N PRO V 159 -28.09 14.17 -41.82
CA PRO V 159 -28.69 14.55 -40.54
C PRO V 159 -29.76 15.65 -40.61
N GLU V 160 -30.01 16.17 -41.81
CA GLU V 160 -31.02 17.19 -42.00
C GLU V 160 -32.41 16.55 -41.95
N VAL V 161 -32.51 15.28 -42.40
CA VAL V 161 -33.78 14.55 -42.55
C VAL V 161 -34.39 14.14 -41.19
N PHE V 162 -35.61 14.65 -40.99
CA PHE V 162 -36.56 14.31 -39.92
C PHE V 162 -36.21 14.89 -38.53
N ALA V 163 -35.32 15.87 -38.48
CA ALA V 163 -34.91 16.46 -37.19
C ALA V 163 -35.86 17.61 -36.80
N PHE W 3 4.65 -21.06 -22.57
CA PHE W 3 5.63 -21.81 -21.71
C PHE W 3 5.39 -21.53 -20.21
N THR W 4 4.23 -20.99 -19.84
CA THR W 4 3.86 -20.75 -18.43
C THR W 4 2.71 -21.71 -18.07
N MET W 5 2.87 -22.45 -16.96
CA MET W 5 1.82 -23.36 -16.54
C MET W 5 0.66 -22.51 -16.02
N ALA W 6 -0.55 -23.07 -16.03
CA ALA W 6 -1.73 -22.32 -15.62
C ALA W 6 -2.46 -22.99 -14.45
N ALA W 7 -3.49 -22.31 -13.97
CA ALA W 7 -4.32 -22.74 -12.86
C ALA W 7 -5.78 -22.84 -13.34
N TYR W 8 -6.57 -23.56 -12.54
CA TYR W 8 -7.97 -23.77 -12.81
C TYR W 8 -8.76 -23.01 -11.74
N THR W 9 -9.76 -22.27 -12.19
CA THR W 9 -10.48 -21.29 -11.39
C THR W 9 -12.00 -21.43 -11.47
N ILE W 10 -12.59 -21.82 -10.33
CA ILE W 10 -14.03 -21.86 -10.15
C ILE W 10 -14.52 -20.45 -9.83
N VAL W 11 -15.54 -19.98 -10.53
CA VAL W 11 -16.07 -18.64 -10.29
C VAL W 11 -17.60 -18.70 -10.26
N LYS W 12 -18.16 -18.67 -9.06
CA LYS W 12 -19.58 -18.76 -8.84
C LYS W 12 -20.14 -17.45 -8.27
N GLU W 13 -21.47 -17.36 -8.35
CA GLU W 13 -22.27 -16.30 -7.75
C GLU W 13 -23.46 -16.99 -7.05
N GLU W 14 -23.63 -16.68 -5.76
CA GLU W 14 -24.64 -17.25 -4.90
C GLU W 14 -25.48 -16.10 -4.31
N GLU W 15 -26.50 -16.45 -3.53
CA GLU W 15 -27.39 -15.47 -2.89
C GLU W 15 -28.16 -16.17 -1.75
N SER W 16 -28.26 -15.45 -0.63
CA SER W 16 -28.81 -15.97 0.60
C SER W 16 -29.82 -15.03 1.25
N PRO W 17 -30.89 -15.57 1.86
CA PRO W 17 -31.82 -14.73 2.62
C PRO W 17 -31.12 -14.28 3.91
N ILE W 18 -29.86 -14.71 4.08
CA ILE W 18 -29.07 -14.41 5.24
C ILE W 18 -28.24 -13.15 5.01
N ALA W 19 -28.23 -12.32 6.06
CA ALA W 19 -27.58 -11.03 6.09
C ALA W 19 -26.07 -11.22 5.91
N PRO W 20 -25.39 -10.29 5.19
CA PRO W 20 -23.99 -10.45 4.81
C PRO W 20 -22.92 -10.33 5.90
N HIS W 21 -23.28 -9.77 7.06
CA HIS W 21 -22.36 -9.66 8.17
C HIS W 21 -22.30 -11.03 8.88
N ARG W 22 -23.47 -11.67 8.99
CA ARG W 22 -23.63 -13.02 9.59
C ARG W 22 -22.98 -14.12 8.72
N LEU W 23 -23.23 -14.09 7.41
CA LEU W 23 -22.68 -15.06 6.47
C LEU W 23 -21.15 -14.95 6.36
N PHE W 24 -20.60 -13.73 6.52
CA PHE W 24 -19.17 -13.45 6.39
C PHE W 24 -18.41 -13.81 7.67
N LYS W 25 -19.00 -13.45 8.81
CA LYS W 25 -18.44 -13.74 10.13
C LYS W 25 -18.39 -15.26 10.33
N ALA W 26 -19.35 -15.97 9.75
CA ALA W 26 -19.50 -17.42 9.91
C ALA W 26 -18.66 -18.20 8.90
N LEU W 27 -18.82 -17.85 7.63
CA LEU W 27 -18.17 -18.58 6.52
C LEU W 27 -16.73 -18.11 6.29
N VAL W 28 -16.27 -17.07 7.01
CA VAL W 28 -14.89 -16.52 6.82
C VAL W 28 -14.17 -16.25 8.14
N LEU W 29 -14.66 -15.28 8.89
CA LEU W 29 -13.95 -14.88 10.13
C LEU W 29 -13.84 -16.04 11.11
N GLU W 30 -14.92 -16.79 11.30
CA GLU W 30 -14.96 -17.90 12.28
C GLU W 30 -15.22 -19.24 11.58
N ARG W 31 -14.95 -19.37 10.29
CA ARG W 31 -15.27 -20.60 9.52
C ARG W 31 -14.65 -21.83 10.17
N HIS W 32 -13.41 -21.73 10.63
CA HIS W 32 -12.72 -22.87 11.29
C HIS W 32 -13.48 -23.30 12.54
N GLN W 33 -14.04 -22.37 13.31
CA GLN W 33 -14.86 -22.71 14.48
C GLN W 33 -16.19 -23.32 14.05
N VAL W 34 -16.81 -22.76 13.02
CA VAL W 34 -18.16 -23.14 12.56
C VAL W 34 -18.12 -24.48 11.80
N LEU W 35 -17.03 -24.75 11.08
CA LEU W 35 -16.90 -26.07 10.46
C LEU W 35 -17.07 -27.13 11.56
N VAL W 36 -16.37 -26.98 12.67
CA VAL W 36 -16.44 -27.90 13.80
C VAL W 36 -17.85 -27.85 14.41
N LYS W 37 -18.42 -26.65 14.58
CA LYS W 37 -19.73 -26.47 15.24
C LYS W 37 -20.87 -27.03 14.40
N ALA W 38 -20.72 -27.01 13.07
CA ALA W 38 -21.77 -27.50 12.17
C ALA W 38 -21.53 -28.95 11.72
N GLN W 39 -20.30 -29.47 11.88
CA GLN W 39 -19.94 -30.82 11.43
C GLN W 39 -18.92 -31.47 12.37
N PRO W 40 -19.32 -31.80 13.62
CA PRO W 40 -18.41 -32.43 14.57
C PRO W 40 -18.29 -33.95 14.37
N HIS W 41 -18.96 -34.47 13.33
CA HIS W 41 -18.85 -35.85 12.94
C HIS W 41 -17.71 -35.95 11.93
N VAL W 42 -17.14 -34.79 11.59
CA VAL W 42 -16.07 -34.68 10.60
C VAL W 42 -14.89 -33.88 11.14
N PHE W 43 -15.15 -32.90 12.03
CA PHE W 43 -14.08 -32.04 12.53
C PHE W 43 -14.02 -32.10 14.07
N LYS W 44 -12.79 -32.38 14.54
CA LYS W 44 -12.42 -32.46 15.97
C LYS W 44 -12.40 -31.06 16.59
N SER W 45 -11.72 -30.11 15.95
CA SER W 45 -11.61 -28.69 16.34
C SER W 45 -10.84 -27.88 15.28
N GLY W 46 -10.90 -26.54 15.39
CA GLY W 46 -10.19 -25.60 14.51
C GLY W 46 -9.62 -24.45 15.33
N GLU W 47 -8.53 -23.84 14.89
CA GLU W 47 -7.94 -22.79 15.72
C GLU W 47 -7.00 -21.89 14.89
N ILE W 48 -6.53 -20.84 15.57
CA ILE W 48 -5.58 -19.89 15.06
C ILE W 48 -4.26 -20.17 15.77
N ILE W 49 -3.16 -20.28 15.01
CA ILE W 49 -1.86 -20.53 15.63
C ILE W 49 -0.90 -19.36 15.28
N GLU W 50 -1.18 -18.65 14.18
CA GLU W 50 -0.36 -17.51 13.76
C GLU W 50 -1.26 -16.31 13.42
N GLY W 51 -1.45 -15.41 14.40
CA GLY W 51 -2.19 -14.18 14.23
C GLY W 51 -3.10 -13.94 15.42
N ASP W 52 -3.70 -12.74 15.48
CA ASP W 52 -4.66 -12.37 16.52
C ASP W 52 -6.07 -12.37 15.90
N GLY W 53 -6.13 -12.69 14.60
CA GLY W 53 -7.38 -12.78 13.83
C GLY W 53 -7.48 -11.75 12.73
N GLY W 54 -6.37 -11.44 12.06
CA GLY W 54 -6.33 -10.45 10.96
C GLY W 54 -5.53 -10.96 9.75
N VAL W 55 -5.31 -10.09 8.77
CA VAL W 55 -4.54 -10.43 7.58
C VAL W 55 -3.25 -11.12 8.01
N GLY W 56 -3.05 -12.33 7.49
CA GLY W 56 -1.91 -13.20 7.80
C GLY W 56 -2.24 -14.24 8.85
N THR W 57 -3.43 -14.21 9.44
CA THR W 57 -3.76 -15.22 10.49
C THR W 57 -3.67 -16.63 9.89
N VAL W 58 -3.08 -17.57 10.62
CA VAL W 58 -2.96 -18.96 10.08
C VAL W 58 -3.82 -19.90 10.91
N THR W 59 -4.74 -20.62 10.24
CA THR W 59 -5.68 -21.55 10.89
C THR W 59 -5.26 -23.00 10.64
N LYS W 60 -5.50 -23.84 11.65
CA LYS W 60 -5.35 -25.27 11.56
C LYS W 60 -6.71 -25.89 11.89
N ILE W 61 -7.24 -26.63 10.91
CA ILE W 61 -8.49 -27.36 11.01
C ILE W 61 -8.12 -28.82 11.28
N THR W 62 -8.61 -29.39 12.39
CA THR W 62 -8.30 -30.77 12.77
C THR W 62 -9.48 -31.69 12.45
N PHE W 63 -9.24 -32.67 11.57
CA PHE W 63 -10.21 -33.71 11.23
C PHE W 63 -10.20 -34.84 12.28
N VAL W 64 -11.39 -35.22 12.76
CA VAL W 64 -11.58 -36.31 13.78
C VAL W 64 -10.71 -37.50 13.38
N ASP W 65 -10.36 -38.33 14.35
CA ASP W 65 -9.40 -39.42 14.06
C ASP W 65 -9.93 -40.24 12.89
N GLY W 66 -11.22 -40.54 12.89
CA GLY W 66 -11.79 -41.41 11.85
C GLY W 66 -11.55 -40.88 10.44
N HIS W 67 -11.69 -39.58 10.21
CA HIS W 67 -11.50 -39.05 8.83
C HIS W 67 -10.08 -39.30 8.37
N PRO W 68 -9.83 -39.66 7.09
CA PRO W 68 -8.48 -39.89 6.66
C PRO W 68 -7.59 -38.64 6.75
N LEU W 69 -8.07 -37.52 6.19
CA LEU W 69 -7.39 -36.26 6.26
C LEU W 69 -7.09 -35.97 7.73
N THR W 70 -5.94 -35.34 7.98
CA THR W 70 -5.47 -35.11 9.33
C THR W 70 -5.80 -33.68 9.75
N TYR W 71 -5.38 -32.73 8.91
CA TYR W 71 -5.59 -31.31 9.13
C TYR W 71 -5.05 -30.58 7.90
N MET W 72 -5.63 -29.39 7.68
CA MET W 72 -5.28 -28.51 6.59
C MET W 72 -5.03 -27.13 7.21
N LEU W 73 -4.10 -26.39 6.61
CA LEU W 73 -3.68 -25.10 7.08
C LEU W 73 -4.14 -24.05 6.07
N HIS W 74 -4.49 -22.88 6.60
CA HIS W 74 -4.99 -21.71 5.85
C HIS W 74 -4.32 -20.42 6.36
N LYS W 75 -3.93 -19.58 5.40
CA LYS W 75 -3.39 -18.28 5.64
C LYS W 75 -4.33 -17.25 5.02
N PHE W 76 -4.54 -16.13 5.71
CA PHE W 76 -5.36 -15.01 5.24
C PHE W 76 -4.51 -13.97 4.50
N ASP W 77 -4.68 -13.87 3.17
CA ASP W 77 -3.91 -12.94 2.34
C ASP W 77 -4.38 -11.50 2.62
N GLU W 78 -5.68 -11.24 2.42
CA GLU W 78 -6.34 -9.92 2.63
C GLU W 78 -7.69 -10.09 3.34
N ILE W 79 -8.11 -9.05 4.07
CA ILE W 79 -9.40 -8.97 4.76
C ILE W 79 -9.87 -7.51 4.78
N ASP W 80 -11.13 -7.28 4.39
CA ASP W 80 -11.79 -5.96 4.46
C ASP W 80 -13.25 -6.22 4.87
N ALA W 81 -13.44 -6.40 6.17
CA ALA W 81 -14.69 -6.83 6.79
C ALA W 81 -15.84 -5.80 6.68
N ALA W 82 -15.60 -4.66 6.03
CA ALA W 82 -16.64 -3.65 5.83
C ALA W 82 -17.34 -3.86 4.49
N ASN W 83 -16.62 -4.46 3.54
CA ASN W 83 -17.13 -4.72 2.20
C ASN W 83 -17.11 -6.24 1.96
N PHE W 84 -16.89 -6.99 3.04
CA PHE W 84 -17.01 -8.42 3.04
C PHE W 84 -16.06 -9.06 2.01
N TYR W 85 -14.92 -8.41 1.78
CA TYR W 85 -13.88 -8.92 0.89
C TYR W 85 -12.85 -9.68 1.72
N CYS W 86 -12.35 -10.79 1.15
CA CYS W 86 -11.30 -11.57 1.77
C CYS W 86 -10.67 -12.49 0.73
N LYS W 87 -9.33 -12.48 0.72
CA LYS W 87 -8.49 -13.38 -0.06
C LYS W 87 -7.76 -14.26 0.97
N TYR W 88 -8.16 -15.53 1.06
CA TYR W 88 -7.50 -16.45 1.96
C TYR W 88 -7.00 -17.62 1.10
N THR W 89 -6.06 -18.40 1.65
CA THR W 89 -5.31 -19.41 0.88
C THR W 89 -4.97 -20.66 1.70
N LEU W 90 -5.28 -21.81 1.10
CA LEU W 90 -4.96 -23.15 1.63
C LEU W 90 -3.56 -23.52 1.11
N PHE W 91 -2.60 -23.65 2.01
CA PHE W 91 -1.19 -23.86 1.67
C PHE W 91 -0.58 -25.12 2.30
N GLU W 92 -1.35 -25.88 3.10
CA GLU W 92 -0.74 -27.04 3.69
C GLU W 92 -1.81 -27.97 4.24
N GLY W 93 -1.79 -29.22 3.74
CA GLY W 93 -2.69 -30.25 4.18
C GLY W 93 -2.65 -31.49 3.29
N ASP W 94 -3.07 -32.61 3.89
CA ASP W 94 -3.09 -33.89 3.22
C ASP W 94 -4.36 -33.97 2.35
N VAL W 95 -5.08 -32.85 2.23
CA VAL W 95 -6.18 -32.76 1.29
C VAL W 95 -5.57 -32.37 -0.06
N LEU W 96 -4.41 -31.71 0.01
CA LEU W 96 -3.64 -31.32 -1.17
C LEU W 96 -3.04 -32.61 -1.75
N ARG W 97 -2.32 -33.33 -0.91
CA ARG W 97 -1.77 -34.62 -1.38
C ARG W 97 -0.59 -34.44 -2.32
N ASP W 98 0.31 -33.50 -2.02
CA ASP W 98 1.58 -33.31 -2.78
C ASP W 98 1.41 -32.64 -4.16
N ASN W 99 0.57 -33.18 -5.05
CA ASN W 99 0.45 -32.63 -6.42
C ASN W 99 0.05 -31.15 -6.40
N ILE W 100 -0.94 -30.75 -5.62
CA ILE W 100 -1.33 -29.32 -5.68
C ILE W 100 -0.63 -28.56 -4.57
N GLU W 101 0.00 -27.45 -4.95
CA GLU W 101 0.77 -26.55 -4.07
C GLU W 101 -0.14 -25.78 -3.11
N LYS W 102 -1.20 -25.16 -3.65
CA LYS W 102 -2.17 -24.39 -2.85
C LYS W 102 -3.44 -24.07 -3.64
N VAL W 103 -4.44 -23.56 -2.91
CA VAL W 103 -5.73 -23.09 -3.45
C VAL W 103 -6.01 -21.71 -2.81
N VAL W 104 -6.35 -20.74 -3.66
CA VAL W 104 -6.61 -19.36 -3.27
C VAL W 104 -8.12 -19.07 -3.30
N TYR W 105 -8.67 -18.76 -2.12
CA TYR W 105 -10.08 -18.41 -1.96
C TYR W 105 -10.23 -16.88 -1.88
N GLU W 106 -11.13 -16.32 -2.70
CA GLU W 106 -11.39 -14.88 -2.74
C GLU W 106 -12.92 -14.63 -2.72
N VAL W 107 -13.43 -14.24 -1.54
CA VAL W 107 -14.86 -14.06 -1.39
C VAL W 107 -15.18 -12.57 -1.26
N LYS W 108 -16.33 -12.17 -1.85
CA LYS W 108 -16.81 -10.79 -1.81
C LYS W 108 -18.34 -10.77 -1.73
N LEU W 109 -18.85 -10.31 -0.58
CA LEU W 109 -20.30 -10.25 -0.37
C LEU W 109 -20.80 -8.82 -0.60
N GLU W 110 -21.99 -8.75 -1.22
CA GLU W 110 -22.76 -7.52 -1.37
C GLU W 110 -24.01 -7.77 -0.52
N ALA W 111 -24.92 -6.82 -0.45
CA ALA W 111 -26.13 -6.95 0.38
C ALA W 111 -27.38 -6.69 -0.45
N VAL W 112 -28.33 -7.62 -0.41
CA VAL W 112 -29.61 -7.44 -1.12
C VAL W 112 -30.69 -7.52 -0.04
N GLY W 113 -31.14 -6.37 0.44
CA GLY W 113 -32.13 -6.34 1.52
C GLY W 113 -31.61 -6.99 2.78
N GLY W 114 -32.41 -7.88 3.35
CA GLY W 114 -32.06 -8.57 4.60
C GLY W 114 -31.03 -9.68 4.44
N GLY W 115 -30.68 -10.03 3.22
CA GLY W 115 -29.76 -11.12 2.90
C GLY W 115 -28.55 -10.65 2.10
N SER W 116 -28.09 -11.52 1.18
CA SER W 116 -26.87 -11.27 0.39
C SER W 116 -26.95 -11.80 -1.03
N LYS W 117 -25.97 -11.34 -1.83
CA LYS W 117 -25.60 -11.92 -3.13
C LYS W 117 -24.08 -12.16 -3.02
N GLY W 118 -23.52 -13.05 -3.82
CA GLY W 118 -22.09 -13.29 -3.70
C GLY W 118 -21.38 -13.53 -5.03
N LYS W 119 -20.07 -13.73 -4.90
CA LYS W 119 -19.15 -14.11 -5.94
C LYS W 119 -17.92 -14.72 -5.23
N ILE W 120 -17.84 -16.07 -5.25
CA ILE W 120 -16.71 -16.78 -4.66
C ILE W 120 -15.78 -17.18 -5.81
N THR W 121 -14.47 -16.89 -5.65
CA THR W 121 -13.46 -17.32 -6.64
C THR W 121 -12.47 -18.27 -5.99
N VAL W 122 -12.55 -19.54 -6.45
CA VAL W 122 -11.67 -20.57 -5.99
C VAL W 122 -10.74 -20.88 -7.17
N THR W 123 -9.44 -20.93 -6.88
CA THR W 123 -8.40 -21.20 -7.87
C THR W 123 -7.38 -22.14 -7.21
N TYR W 124 -7.09 -23.24 -7.91
CA TYR W 124 -6.19 -24.27 -7.42
C TYR W 124 -4.85 -24.11 -8.15
N HIS W 125 -3.75 -24.17 -7.39
CA HIS W 125 -2.38 -23.98 -7.91
C HIS W 125 -1.54 -25.25 -7.75
N PRO W 126 -1.39 -26.03 -8.86
CA PRO W 126 -0.58 -27.24 -8.87
C PRO W 126 0.93 -26.98 -9.09
N LYS W 127 1.76 -27.58 -8.23
CA LYS W 127 3.23 -27.46 -8.26
C LYS W 127 3.75 -27.62 -9.69
N PRO W 128 5.04 -27.29 -9.95
CA PRO W 128 5.60 -27.30 -11.31
C PRO W 128 5.29 -28.52 -12.19
N GLY W 129 5.75 -29.69 -11.75
CA GLY W 129 5.54 -30.94 -12.47
C GLY W 129 4.32 -31.67 -11.95
N CYS W 130 3.14 -31.08 -12.22
CA CYS W 130 1.83 -31.62 -11.79
C CYS W 130 0.71 -31.02 -12.64
N THR W 131 -0.50 -31.57 -12.45
CA THR W 131 -1.71 -31.11 -13.11
C THR W 131 -2.88 -31.15 -12.10
N VAL W 132 -4.04 -30.71 -12.59
CA VAL W 132 -5.22 -30.60 -11.69
C VAL W 132 -6.20 -31.72 -12.02
N ASN W 133 -6.52 -32.54 -11.01
CA ASN W 133 -7.46 -33.65 -11.27
C ASN W 133 -8.76 -32.99 -11.69
N GLU W 134 -9.28 -33.43 -12.85
CA GLU W 134 -10.47 -32.84 -13.52
C GLU W 134 -11.60 -32.92 -12.51
N GLU W 135 -11.75 -34.08 -11.90
CA GLU W 135 -12.69 -34.32 -10.79
C GLU W 135 -12.24 -33.48 -9.59
N GLU W 136 -10.92 -33.40 -9.38
CA GLU W 136 -10.41 -32.82 -8.15
C GLU W 136 -11.23 -31.61 -7.69
N VAL W 137 -11.58 -30.74 -8.65
CA VAL W 137 -12.27 -29.50 -8.41
C VAL W 137 -13.66 -29.73 -7.76
N LYS W 138 -14.50 -30.59 -8.37
CA LYS W 138 -15.88 -30.89 -7.89
C LYS W 138 -15.93 -31.17 -6.37
N ILE W 139 -14.92 -31.91 -5.91
CA ILE W 139 -14.81 -32.32 -4.52
C ILE W 139 -14.85 -31.10 -3.61
N GLY W 140 -13.98 -30.11 -3.91
CA GLY W 140 -13.93 -28.91 -3.13
C GLY W 140 -15.25 -28.18 -3.16
N GLU W 141 -15.79 -28.00 -4.37
CA GLU W 141 -17.05 -27.27 -4.58
C GLU W 141 -18.10 -27.88 -3.62
N LYS W 142 -18.32 -29.20 -3.77
CA LYS W 142 -19.36 -29.95 -3.07
C LYS W 142 -19.29 -29.75 -1.54
N LYS W 143 -18.16 -30.08 -0.91
CA LYS W 143 -17.98 -30.08 0.56
C LYS W 143 -18.20 -28.69 1.18
N ALA W 144 -17.93 -27.63 0.42
CA ALA W 144 -18.01 -26.24 0.94
C ALA W 144 -19.38 -25.57 0.69
N TYR W 145 -20.11 -25.91 -0.36
CA TYR W 145 -21.44 -25.34 -0.55
C TYR W 145 -22.34 -25.99 0.50
N GLU W 146 -22.08 -27.29 0.71
CA GLU W 146 -22.77 -28.10 1.68
C GLU W 146 -22.78 -27.38 3.02
N PHE W 147 -21.56 -27.07 3.46
CA PHE W 147 -21.28 -26.41 4.68
C PHE W 147 -21.98 -25.06 4.72
N TYR W 148 -22.12 -24.44 3.56
CA TYR W 148 -22.81 -23.14 3.43
C TYR W 148 -24.31 -23.28 3.75
N LYS W 149 -24.89 -24.45 3.44
CA LYS W 149 -26.34 -24.67 3.55
C LYS W 149 -26.74 -25.01 4.98
N GLN W 150 -25.89 -25.84 5.58
CA GLN W 150 -26.03 -26.22 6.96
C GLN W 150 -26.04 -24.96 7.84
N VAL W 151 -25.09 -24.03 7.59
CA VAL W 151 -24.82 -22.87 8.50
C VAL W 151 -25.93 -21.85 8.29
N GLU W 152 -26.20 -21.57 7.01
CA GLU W 152 -27.29 -20.77 6.59
C GLU W 152 -28.57 -21.22 7.31
N GLU W 153 -28.89 -22.52 7.22
CA GLU W 153 -30.08 -23.05 7.89
C GLU W 153 -30.02 -22.64 9.36
N TYR W 154 -29.04 -23.18 10.09
CA TYR W 154 -28.89 -22.84 11.49
C TYR W 154 -29.13 -21.33 11.66
N LEU W 155 -28.31 -20.52 10.97
CA LEU W 155 -28.42 -19.05 11.08
C LEU W 155 -29.89 -18.63 10.93
N ALA W 156 -30.54 -19.18 9.90
CA ALA W 156 -31.91 -18.82 9.58
C ALA W 156 -32.80 -19.12 10.78
N ALA W 157 -32.57 -20.28 11.38
CA ALA W 157 -33.31 -20.71 12.55
C ALA W 157 -32.84 -19.96 13.81
N ASN W 158 -31.61 -19.43 13.82
CA ASN W 158 -31.09 -18.77 15.04
C ASN W 158 -30.62 -17.35 14.73
N PRO W 159 -31.57 -16.42 14.50
CA PRO W 159 -31.24 -15.05 14.09
C PRO W 159 -30.37 -14.22 15.04
N GLU W 160 -30.18 -14.65 16.30
CA GLU W 160 -29.44 -13.83 17.26
C GLU W 160 -27.94 -14.16 17.19
N VAL W 161 -27.62 -15.31 16.60
CA VAL W 161 -26.26 -15.73 16.39
C VAL W 161 -25.67 -14.89 15.25
N PHE W 162 -24.65 -14.12 15.58
CA PHE W 162 -23.86 -13.32 14.65
C PHE W 162 -24.64 -12.11 14.10
N ALA W 163 -25.62 -11.61 14.83
CA ALA W 163 -26.37 -10.42 14.41
C ALA W 163 -25.49 -9.17 14.60
N MET X 5 -16.74 -26.26 -16.42
CA MET X 5 -17.03 -25.16 -15.46
C MET X 5 -15.75 -24.35 -15.23
N ALA X 6 -14.68 -25.02 -14.74
CA ALA X 6 -13.39 -24.35 -14.36
C ALA X 6 -12.75 -23.60 -15.54
N ALA X 7 -12.02 -22.54 -15.17
CA ALA X 7 -11.35 -21.69 -16.10
C ALA X 7 -9.83 -21.83 -15.94
N TYR X 8 -9.14 -21.62 -17.06
CA TYR X 8 -7.71 -21.72 -17.15
C TYR X 8 -7.23 -20.29 -16.88
N THR X 9 -6.29 -20.10 -15.96
CA THR X 9 -5.80 -18.73 -15.55
C THR X 9 -4.26 -18.71 -15.43
N ILE X 10 -3.65 -17.64 -15.98
CA ILE X 10 -2.18 -17.50 -16.03
C ILE X 10 -1.75 -16.21 -15.33
N VAL X 11 -1.14 -16.36 -14.15
CA VAL X 11 -0.63 -15.26 -13.34
C VAL X 11 0.85 -15.06 -13.74
N LYS X 12 1.20 -13.81 -14.09
CA LYS X 12 2.54 -13.45 -14.56
C LYS X 12 3.10 -12.26 -13.76
N GLU X 13 4.42 -12.27 -13.54
CA GLU X 13 5.17 -11.20 -12.86
C GLU X 13 6.32 -10.80 -13.80
N GLU X 14 6.23 -9.61 -14.39
CA GLU X 14 7.16 -9.16 -15.44
C GLU X 14 7.86 -7.84 -15.06
N GLU X 15 8.95 -7.52 -15.79
CA GLU X 15 9.85 -6.39 -15.51
C GLU X 15 10.38 -5.74 -16.81
N SER X 16 10.37 -4.41 -16.84
CA SER X 16 10.80 -3.58 -17.99
C SER X 16 11.69 -2.44 -17.52
N PRO X 17 12.49 -1.84 -18.43
CA PRO X 17 13.23 -0.62 -18.15
C PRO X 17 12.38 0.61 -18.46
N ILE X 18 11.14 0.34 -18.90
CA ILE X 18 10.22 1.36 -19.33
C ILE X 18 9.32 1.64 -18.12
N ALA X 19 8.82 2.86 -18.01
CA ALA X 19 8.11 3.32 -16.81
C ALA X 19 6.59 3.20 -16.96
N PRO X 20 5.88 2.92 -15.84
CA PRO X 20 4.47 2.57 -15.82
C PRO X 20 3.56 3.35 -16.76
N HIS X 21 3.47 4.66 -16.52
CA HIS X 21 2.59 5.43 -17.32
C HIS X 21 2.85 4.99 -18.75
N ARG X 22 4.11 4.74 -19.05
CA ARG X 22 4.52 4.54 -20.41
C ARG X 22 4.06 3.17 -20.93
N LEU X 23 4.40 2.08 -20.25
CA LEU X 23 4.00 0.81 -20.75
C LEU X 23 2.48 0.89 -20.92
N PHE X 24 1.80 1.04 -19.78
CA PHE X 24 0.34 1.11 -19.64
C PHE X 24 -0.29 1.79 -20.85
N LYS X 25 0.27 2.93 -21.23
CA LYS X 25 -0.36 3.67 -22.30
C LYS X 25 -0.37 2.78 -23.55
N ALA X 26 0.80 2.17 -23.84
CA ALA X 26 1.01 1.33 -25.03
C ALA X 26 0.36 -0.06 -24.91
N LEU X 27 0.56 -0.70 -23.76
CA LEU X 27 0.13 -2.07 -23.53
C LEU X 27 -1.33 -2.19 -23.06
N VAL X 28 -2.06 -1.09 -22.80
CA VAL X 28 -3.41 -1.22 -22.22
C VAL X 28 -4.39 -0.29 -22.92
N LEU X 29 -4.22 1.00 -22.64
CA LEU X 29 -5.11 2.06 -23.10
C LEU X 29 -5.02 2.20 -24.63
N GLU X 30 -3.80 2.12 -25.16
CA GLU X 30 -3.60 2.25 -26.59
C GLU X 30 -3.03 0.94 -27.17
N ARG X 31 -3.42 -0.19 -26.59
CA ARG X 31 -3.00 -1.48 -27.07
C ARG X 31 -3.53 -1.70 -28.50
N HIS X 32 -4.73 -1.14 -28.78
CA HIS X 32 -5.43 -1.36 -30.05
C HIS X 32 -4.75 -0.63 -31.22
N GLN X 33 -4.18 0.56 -30.98
CA GLN X 33 -3.50 1.30 -32.06
C GLN X 33 -1.99 1.07 -32.01
N VAL X 34 -1.48 0.44 -30.95
CA VAL X 34 -0.06 0.20 -30.96
C VAL X 34 0.13 -1.15 -31.65
N LEU X 35 -0.64 -2.15 -31.24
CA LEU X 35 -0.62 -3.45 -31.90
C LEU X 35 -0.40 -3.25 -33.38
N VAL X 36 -1.29 -2.49 -34.01
CA VAL X 36 -1.13 -2.21 -35.44
C VAL X 36 0.27 -1.62 -35.63
N LYS X 37 0.52 -0.48 -34.98
CA LYS X 37 1.77 0.28 -35.05
C LYS X 37 2.98 -0.65 -35.01
N ALA X 38 2.94 -1.60 -34.08
CA ALA X 38 4.02 -2.57 -33.83
C ALA X 38 4.09 -3.65 -34.93
N GLN X 39 2.93 -4.25 -35.22
CA GLN X 39 2.84 -5.31 -36.20
C GLN X 39 1.85 -4.95 -37.30
N PRO X 40 2.23 -4.06 -38.22
CA PRO X 40 1.35 -3.65 -39.30
C PRO X 40 0.98 -4.80 -40.26
N HIS X 41 1.83 -5.84 -40.28
CA HIS X 41 1.74 -7.03 -41.11
C HIS X 41 0.80 -8.09 -40.53
N VAL X 42 0.06 -7.75 -39.47
CA VAL X 42 -0.82 -8.72 -38.81
C VAL X 42 -2.19 -8.08 -38.59
N PHE X 43 -2.22 -6.75 -38.46
CA PHE X 43 -3.48 -6.09 -38.26
C PHE X 43 -3.62 -4.90 -39.19
N LYS X 44 -4.88 -4.58 -39.48
CA LYS X 44 -5.23 -3.46 -40.31
C LYS X 44 -5.78 -2.32 -39.44
N SER X 45 -6.63 -2.69 -38.50
CA SER X 45 -7.33 -1.66 -37.72
C SER X 45 -7.34 -1.94 -36.22
N GLY X 46 -7.03 -0.89 -35.46
CA GLY X 46 -7.16 -0.87 -33.99
C GLY X 46 -8.24 0.16 -33.73
N GLU X 47 -9.29 -0.14 -32.97
CA GLU X 47 -10.35 0.90 -32.82
C GLU X 47 -11.21 0.74 -31.58
N ILE X 48 -11.79 1.87 -31.20
CA ILE X 48 -12.75 2.05 -30.09
C ILE X 48 -14.11 2.09 -30.77
N ILE X 49 -15.07 1.27 -30.33
CA ILE X 49 -16.36 1.27 -31.07
C ILE X 49 -17.54 1.49 -30.12
N GLU X 50 -17.29 1.57 -28.83
CA GLU X 50 -18.39 1.80 -27.87
C GLU X 50 -17.94 2.49 -26.57
N GLY X 51 -17.68 3.79 -26.61
CA GLY X 51 -17.28 4.53 -25.40
C GLY X 51 -16.43 5.72 -25.77
N ASP X 52 -16.12 6.59 -24.81
CA ASP X 52 -15.28 7.76 -25.16
C ASP X 52 -13.81 7.45 -24.85
N GLY X 53 -13.52 6.21 -24.48
CA GLY X 53 -12.16 5.82 -24.09
C GLY X 53 -12.05 5.71 -22.59
N GLY X 54 -13.19 5.75 -21.91
CA GLY X 54 -13.28 5.65 -20.44
C GLY X 54 -13.45 4.23 -19.94
N VAL X 55 -13.79 4.05 -18.67
CA VAL X 55 -14.07 2.69 -18.14
C VAL X 55 -15.36 2.24 -18.80
N GLY X 56 -15.46 0.96 -19.18
CA GLY X 56 -16.64 0.40 -19.86
C GLY X 56 -16.50 0.48 -21.36
N THR X 57 -15.45 1.15 -21.85
CA THR X 57 -15.22 1.33 -23.29
C THR X 57 -15.01 -0.02 -23.97
N VAL X 58 -15.54 -0.15 -25.16
CA VAL X 58 -15.25 -1.36 -25.94
C VAL X 58 -14.38 -0.85 -27.09
N THR X 59 -13.29 -1.57 -27.32
CA THR X 59 -12.39 -1.37 -28.44
C THR X 59 -12.61 -2.49 -29.46
N LYS X 60 -12.71 -2.10 -30.72
CA LYS X 60 -12.75 -3.05 -31.81
C LYS X 60 -11.34 -3.13 -32.36
N ILE X 61 -10.80 -4.33 -32.57
CA ILE X 61 -9.47 -4.55 -33.16
C ILE X 61 -9.65 -5.55 -34.30
N THR X 62 -9.04 -5.27 -35.46
CA THR X 62 -9.19 -6.06 -36.71
C THR X 62 -7.84 -6.42 -37.32
N PHE X 63 -7.77 -7.62 -37.92
CA PHE X 63 -6.61 -8.20 -38.62
C PHE X 63 -6.68 -7.91 -40.12
N VAL X 64 -5.55 -8.16 -40.79
CA VAL X 64 -5.45 -8.04 -42.24
C VAL X 64 -6.26 -9.21 -42.83
N ASP X 65 -6.83 -9.02 -44.02
CA ASP X 65 -7.77 -9.98 -44.66
C ASP X 65 -7.12 -11.34 -45.00
N GLY X 66 -5.90 -11.32 -45.55
CA GLY X 66 -5.25 -12.58 -45.94
C GLY X 66 -5.01 -13.45 -44.74
N HIS X 67 -4.57 -12.83 -43.63
CA HIS X 67 -4.34 -13.49 -42.33
C HIS X 67 -5.63 -14.19 -41.98
N PRO X 68 -5.61 -15.44 -41.52
CA PRO X 68 -6.84 -16.16 -41.28
C PRO X 68 -7.81 -15.46 -40.32
N LEU X 69 -7.31 -14.87 -39.24
CA LEU X 69 -8.18 -14.19 -38.26
C LEU X 69 -8.82 -12.93 -38.85
N THR X 70 -9.95 -12.53 -38.29
CA THR X 70 -10.69 -11.39 -38.74
C THR X 70 -10.60 -10.27 -37.68
N TYR X 71 -11.19 -10.46 -36.50
CA TYR X 71 -11.14 -9.38 -35.54
C TYR X 71 -11.41 -9.88 -34.13
N MET X 72 -11.17 -8.97 -33.16
CA MET X 72 -11.34 -9.17 -31.72
C MET X 72 -11.93 -7.90 -31.12
N LEU X 73 -12.68 -8.05 -30.01
CA LEU X 73 -13.23 -6.92 -29.28
C LEU X 73 -12.95 -7.14 -27.79
N HIS X 74 -12.46 -6.09 -27.11
CA HIS X 74 -12.18 -6.11 -25.66
C HIS X 74 -13.01 -5.04 -25.00
N LYS X 75 -13.42 -5.29 -23.74
CA LYS X 75 -14.21 -4.32 -22.94
C LYS X 75 -13.48 -4.10 -21.59
N PHE X 76 -13.38 -2.83 -21.21
CA PHE X 76 -12.71 -2.40 -19.99
C PHE X 76 -13.71 -2.43 -18.83
N ASP X 77 -13.58 -3.45 -18.00
CA ASP X 77 -14.40 -3.63 -16.82
C ASP X 77 -14.02 -2.58 -15.77
N GLU X 78 -12.70 -2.36 -15.58
CA GLU X 78 -12.23 -1.38 -14.61
C GLU X 78 -11.07 -0.57 -15.21
N ILE X 79 -10.67 0.51 -14.51
CA ILE X 79 -9.60 1.46 -14.87
C ILE X 79 -9.31 2.39 -13.67
N ASP X 80 -8.13 2.23 -13.08
CA ASP X 80 -7.55 3.20 -12.13
C ASP X 80 -6.17 3.52 -12.74
N ALA X 81 -6.22 4.29 -13.81
CA ALA X 81 -5.05 4.62 -14.55
C ALA X 81 -4.05 5.35 -13.64
N ALA X 82 -4.56 5.97 -12.57
CA ALA X 82 -3.71 6.68 -11.64
C ALA X 82 -2.67 5.71 -11.06
N ASN X 83 -3.13 4.49 -10.78
CA ASN X 83 -2.34 3.38 -10.17
C ASN X 83 -1.99 2.31 -11.19
N PHE X 84 -2.26 2.54 -12.47
CA PHE X 84 -1.96 1.60 -13.57
C PHE X 84 -2.58 0.20 -13.35
N TYR X 85 -3.91 0.14 -13.19
CA TYR X 85 -4.67 -1.13 -13.01
C TYR X 85 -5.82 -1.23 -14.02
N CYS X 86 -5.97 -2.38 -14.65
CA CYS X 86 -7.00 -2.59 -15.63
C CYS X 86 -7.49 -4.04 -15.54
N LYS X 87 -8.81 -4.17 -15.67
CA LYS X 87 -9.44 -5.45 -15.84
C LYS X 87 -10.20 -5.29 -17.17
N TYR X 88 -9.77 -6.00 -18.19
CA TYR X 88 -10.43 -5.96 -19.51
C TYR X 88 -10.56 -7.41 -20.00
N THR X 89 -11.66 -7.68 -20.72
CA THR X 89 -11.99 -9.02 -21.21
C THR X 89 -12.14 -9.01 -22.73
N LEU X 90 -11.50 -10.00 -23.37
CA LEU X 90 -11.68 -10.25 -24.79
C LEU X 90 -13.01 -10.99 -24.89
N PHE X 91 -14.05 -10.31 -25.40
CA PHE X 91 -15.39 -10.88 -25.33
C PHE X 91 -15.95 -11.29 -26.68
N GLU X 92 -15.25 -10.99 -27.79
CA GLU X 92 -15.77 -11.40 -29.07
C GLU X 92 -14.69 -11.36 -30.15
N GLY X 93 -14.81 -12.31 -31.09
CA GLY X 93 -13.94 -12.49 -32.25
C GLY X 93 -13.82 -13.98 -32.58
N ASP X 94 -13.18 -14.30 -33.71
CA ASP X 94 -13.02 -15.69 -34.10
C ASP X 94 -11.69 -16.23 -33.56
N VAL X 95 -11.05 -15.53 -32.62
CA VAL X 95 -9.85 -16.06 -32.04
C VAL X 95 -10.25 -16.84 -30.78
N LEU X 96 -11.47 -16.55 -30.36
CA LEU X 96 -12.09 -17.24 -29.21
C LEU X 96 -12.50 -18.65 -29.68
N ARG X 97 -12.21 -18.98 -30.95
CA ARG X 97 -12.49 -20.30 -31.53
C ARG X 97 -13.97 -20.54 -31.34
N ASP X 98 -14.30 -21.65 -30.70
CA ASP X 98 -15.70 -21.94 -30.41
C ASP X 98 -15.84 -22.27 -28.93
N ASN X 99 -14.84 -23.00 -28.42
CA ASN X 99 -14.79 -23.48 -27.04
C ASN X 99 -14.74 -22.36 -25.99
N ILE X 100 -14.32 -21.14 -26.36
CA ILE X 100 -14.15 -20.06 -25.38
C ILE X 100 -15.23 -19.00 -25.54
N GLU X 101 -15.77 -18.54 -24.40
CA GLU X 101 -16.75 -17.46 -24.33
C GLU X 101 -16.00 -16.11 -24.31
N LYS X 102 -15.12 -15.94 -23.32
CA LYS X 102 -14.38 -14.67 -23.14
C LYS X 102 -13.05 -14.90 -22.40
N VAL X 103 -11.99 -14.21 -22.82
CA VAL X 103 -10.69 -14.25 -22.12
C VAL X 103 -10.55 -12.94 -21.32
N VAL X 104 -10.29 -13.08 -20.02
CA VAL X 104 -10.29 -12.00 -19.02
C VAL X 104 -8.86 -11.66 -18.57
N TYR X 105 -8.51 -10.39 -18.74
CA TYR X 105 -7.17 -9.87 -18.46
C TYR X 105 -7.19 -8.93 -17.25
N GLU X 106 -6.19 -9.08 -16.36
CA GLU X 106 -6.05 -8.24 -15.16
C GLU X 106 -4.58 -7.81 -15.01
N VAL X 107 -4.36 -6.51 -15.22
CA VAL X 107 -3.05 -5.85 -15.25
C VAL X 107 -2.93 -4.86 -14.09
N LYS X 108 -1.83 -4.97 -13.35
CA LYS X 108 -1.47 -3.99 -12.33
C LYS X 108 0.01 -3.67 -12.49
N LEU X 109 0.32 -2.42 -12.90
CA LEU X 109 1.71 -1.87 -13.01
C LEU X 109 2.09 -1.05 -11.75
N GLU X 110 3.36 -1.11 -11.36
CA GLU X 110 3.97 -0.44 -10.20
C GLU X 110 5.35 0.13 -10.55
N ALA X 111 5.48 1.47 -10.55
CA ALA X 111 6.74 2.19 -10.85
C ALA X 111 7.86 1.74 -9.90
N VAL X 112 9.08 1.62 -10.44
CA VAL X 112 10.28 1.33 -9.61
C VAL X 112 11.53 1.85 -10.35
N GLY X 113 12.17 2.85 -9.73
CA GLY X 113 13.29 3.55 -10.32
C GLY X 113 12.83 4.19 -11.62
N GLY X 114 13.73 4.23 -12.62
CA GLY X 114 13.42 4.73 -13.97
C GLY X 114 12.47 3.81 -14.74
N GLY X 115 12.23 2.60 -14.19
CA GLY X 115 11.39 1.58 -14.83
C GLY X 115 10.13 1.23 -14.04
N SER X 116 9.63 0.00 -14.31
CA SER X 116 8.37 -0.53 -13.81
C SER X 116 8.42 -2.03 -13.50
N LYS X 117 7.48 -2.46 -12.66
CA LYS X 117 7.19 -3.85 -12.33
C LYS X 117 5.70 -4.07 -12.62
N GLY X 118 5.32 -5.28 -13.04
CA GLY X 118 3.94 -5.56 -13.38
C GLY X 118 3.64 -7.03 -13.18
N LYS X 119 2.38 -7.29 -12.81
CA LYS X 119 1.78 -8.63 -12.61
C LYS X 119 0.54 -8.70 -13.52
N ILE X 120 0.34 -9.83 -14.20
CA ILE X 120 -0.78 -9.95 -15.16
C ILE X 120 -1.38 -11.36 -15.06
N THR X 121 -2.71 -11.45 -15.02
CA THR X 121 -3.42 -12.73 -15.01
C THR X 121 -4.36 -12.70 -16.21
N VAL X 122 -4.45 -13.83 -16.93
CA VAL X 122 -5.36 -13.98 -18.09
C VAL X 122 -6.22 -15.21 -17.81
N THR X 123 -7.54 -15.01 -17.71
CA THR X 123 -8.49 -16.10 -17.40
C THR X 123 -9.17 -16.52 -18.71
N TYR X 124 -9.11 -17.83 -18.96
CA TYR X 124 -9.69 -18.47 -20.10
C TYR X 124 -11.02 -19.09 -19.67
N HIS X 125 -12.10 -18.48 -20.13
CA HIS X 125 -13.46 -18.90 -19.82
C HIS X 125 -13.99 -19.81 -20.92
N PRO X 126 -14.06 -21.15 -20.66
CA PRO X 126 -14.56 -22.12 -21.62
C PRO X 126 -16.09 -22.29 -21.56
N LYS X 127 -16.67 -22.91 -22.60
CA LYS X 127 -18.12 -23.23 -22.63
C LYS X 127 -18.33 -24.42 -21.70
N PRO X 128 -19.47 -24.52 -20.97
CA PRO X 128 -19.65 -25.56 -19.96
C PRO X 128 -19.11 -26.94 -20.34
N GLY X 129 -19.44 -27.43 -21.54
CA GLY X 129 -19.02 -28.75 -22.02
C GLY X 129 -17.85 -28.70 -23.00
N CYS X 130 -17.20 -27.53 -23.10
CA CYS X 130 -16.08 -27.29 -23.99
C CYS X 130 -14.80 -27.19 -23.14
N THR X 131 -13.73 -27.85 -23.60
CA THR X 131 -12.48 -27.97 -22.83
C THR X 131 -11.62 -26.69 -22.88
N VAL X 132 -10.81 -26.54 -21.84
CA VAL X 132 -9.84 -25.43 -21.76
C VAL X 132 -8.59 -25.97 -22.43
N ASN X 133 -8.63 -26.18 -23.73
CA ASN X 133 -7.42 -26.73 -24.39
C ASN X 133 -6.31 -25.71 -24.19
N GLU X 134 -5.13 -26.18 -23.81
CA GLU X 134 -4.00 -25.29 -23.51
C GLU X 134 -3.43 -24.61 -24.76
N GLU X 135 -3.68 -25.14 -25.96
CA GLU X 135 -2.99 -24.59 -27.15
C GLU X 135 -3.31 -23.12 -27.32
N GLU X 136 -4.57 -22.73 -27.20
CA GLU X 136 -4.91 -21.30 -27.41
C GLU X 136 -4.18 -20.46 -26.37
N VAL X 137 -4.10 -20.95 -25.15
CA VAL X 137 -3.51 -20.28 -24.01
C VAL X 137 -2.00 -20.05 -24.22
N LYS X 138 -1.32 -20.98 -24.90
CA LYS X 138 0.13 -20.88 -25.13
C LYS X 138 0.43 -19.91 -26.26
N ILE X 139 -0.34 -19.98 -27.35
CA ILE X 139 -0.18 -19.06 -28.47
C ILE X 139 -0.50 -17.65 -27.95
N GLY X 140 -1.58 -17.56 -27.17
CA GLY X 140 -2.09 -16.32 -26.58
C GLY X 140 -1.10 -15.66 -25.62
N GLU X 141 -0.28 -16.47 -24.93
CA GLU X 141 0.71 -15.91 -24.04
C GLU X 141 1.91 -15.46 -24.87
N LYS X 142 2.42 -16.36 -25.71
CA LYS X 142 3.51 -16.06 -26.67
C LYS X 142 3.26 -14.71 -27.35
N LYS X 143 2.05 -14.58 -27.88
CA LYS X 143 1.67 -13.43 -28.68
C LYS X 143 1.74 -12.13 -27.89
N ALA X 144 1.03 -12.07 -26.77
CA ALA X 144 0.91 -10.86 -25.99
C ALA X 144 2.29 -10.39 -25.51
N TYR X 145 3.24 -11.33 -25.39
CA TYR X 145 4.55 -11.09 -24.86
C TYR X 145 5.57 -10.80 -25.95
N GLU X 146 5.31 -11.29 -27.16
CA GLU X 146 6.18 -10.96 -28.27
C GLU X 146 6.11 -9.44 -28.46
N PHE X 147 4.86 -8.94 -28.62
CA PHE X 147 4.54 -7.51 -28.88
C PHE X 147 5.04 -6.65 -27.72
N TYR X 148 5.03 -7.17 -26.50
CA TYR X 148 5.58 -6.48 -25.37
C TYR X 148 7.06 -6.18 -25.63
N LYS X 149 7.89 -7.22 -25.82
CA LYS X 149 9.35 -7.01 -26.04
C LYS X 149 9.57 -6.00 -27.18
N GLN X 150 8.61 -5.97 -28.10
CA GLN X 150 8.59 -5.09 -29.26
C GLN X 150 8.09 -3.70 -28.88
N VAL X 151 7.20 -3.61 -27.88
CA VAL X 151 6.76 -2.30 -27.50
C VAL X 151 7.92 -1.70 -26.74
N GLU X 152 8.41 -2.46 -25.78
CA GLU X 152 9.54 -2.11 -24.96
C GLU X 152 10.70 -1.53 -25.77
N GLU X 153 11.37 -2.33 -26.61
CA GLU X 153 12.57 -1.82 -27.29
C GLU X 153 12.23 -0.57 -28.08
N TYR X 154 11.01 -0.52 -28.66
CA TYR X 154 10.63 0.62 -29.49
C TYR X 154 10.57 1.88 -28.64
N LEU X 155 9.86 1.79 -27.51
CA LEU X 155 9.74 2.93 -26.65
C LEU X 155 11.14 3.32 -26.15
N ALA X 156 11.90 2.37 -25.59
CA ALA X 156 13.26 2.68 -25.06
C ALA X 156 14.11 3.44 -26.09
N ALA X 157 14.08 2.96 -27.34
CA ALA X 157 14.83 3.58 -28.39
C ALA X 157 14.41 5.04 -28.60
N ASN X 158 13.16 5.36 -28.24
CA ASN X 158 12.53 6.66 -28.50
C ASN X 158 11.80 7.19 -27.28
N PRO X 159 12.50 7.77 -26.27
CA PRO X 159 11.84 8.23 -25.03
C PRO X 159 10.80 9.35 -25.15
N GLU X 160 10.48 9.78 -26.37
CA GLU X 160 9.48 10.86 -26.54
C GLU X 160 8.10 10.25 -26.80
N VAL X 161 7.99 8.94 -26.81
CA VAL X 161 6.66 8.35 -27.09
C VAL X 161 6.01 7.99 -25.76
N PHE X 162 4.78 8.45 -25.59
CA PHE X 162 3.96 8.25 -24.37
C PHE X 162 4.63 8.82 -23.13
N ALA X 163 5.13 10.04 -23.26
CA ALA X 163 5.79 10.74 -22.14
C ALA X 163 5.02 12.02 -21.87
N MET Y 5 42.66 -24.35 0.18
CA MET Y 5 41.99 -23.71 -1.00
C MET Y 5 40.46 -23.96 -1.02
N ALA Y 6 39.98 -25.13 -0.56
CA ALA Y 6 38.52 -25.43 -0.54
C ALA Y 6 38.15 -26.21 0.74
N ALA Y 7 37.17 -25.66 1.50
CA ALA Y 7 36.68 -26.25 2.76
C ALA Y 7 35.14 -26.18 2.79
N TYR Y 8 34.57 -26.84 3.81
CA TYR Y 8 33.13 -26.91 4.02
C TYR Y 8 32.69 -25.70 4.88
N THR Y 9 31.62 -25.04 4.43
CA THR Y 9 31.06 -23.85 5.09
C THR Y 9 29.53 -23.87 4.90
N ILE Y 10 28.82 -23.94 6.03
CA ILE Y 10 27.35 -24.01 6.04
C ILE Y 10 26.81 -22.68 6.56
N VAL Y 11 25.69 -22.25 5.97
CA VAL Y 11 25.06 -20.97 6.28
C VAL Y 11 23.55 -21.08 6.08
N LYS Y 12 22.79 -20.97 7.18
CA LYS Y 12 21.32 -21.03 7.12
C LYS Y 12 20.74 -19.77 7.79
N GLU Y 13 19.42 -19.65 7.72
CA GLU Y 13 18.61 -18.59 8.34
C GLU Y 13 17.42 -19.27 9.00
N GLU Y 14 17.14 -18.98 10.28
CA GLU Y 14 16.03 -19.66 10.97
C GLU Y 14 15.02 -18.67 11.56
N GLU Y 15 13.89 -19.23 12.04
CA GLU Y 15 12.73 -18.48 12.59
C GLU Y 15 12.18 -19.13 13.87
N SER Y 16 12.20 -18.34 14.96
CA SER Y 16 11.81 -18.75 16.33
C SER Y 16 10.96 -17.69 17.02
N PRO Y 17 10.02 -18.08 17.93
CA PRO Y 17 9.23 -17.13 18.70
C PRO Y 17 9.93 -16.79 20.03
N ILE Y 18 11.27 -16.77 19.99
CA ILE Y 18 12.09 -16.55 21.16
C ILE Y 18 12.90 -15.25 21.01
N ALA Y 19 12.87 -14.44 22.07
CA ALA Y 19 13.62 -13.22 22.14
C ALA Y 19 15.07 -13.50 21.78
N PRO Y 20 15.70 -12.67 20.92
CA PRO Y 20 17.07 -12.93 20.47
C PRO Y 20 18.19 -12.75 21.51
N HIS Y 21 17.93 -11.92 22.51
CA HIS Y 21 18.93 -11.79 23.59
C HIS Y 21 18.91 -13.11 24.36
N ARG Y 22 17.73 -13.68 24.56
CA ARG Y 22 17.60 -14.93 25.34
C ARG Y 22 18.25 -16.10 24.60
N LEU Y 23 17.93 -16.22 23.32
CA LEU Y 23 18.40 -17.34 22.50
C LEU Y 23 19.93 -17.38 22.51
N PHE Y 24 20.54 -16.22 22.33
CA PHE Y 24 22.00 -16.02 22.20
C PHE Y 24 22.71 -16.35 23.51
N LYS Y 25 22.09 -15.94 24.61
CA LYS Y 25 22.64 -16.19 25.95
C LYS Y 25 22.69 -17.72 26.12
N ALA Y 26 21.60 -18.37 25.68
CA ALA Y 26 21.50 -19.80 25.74
C ALA Y 26 22.46 -20.45 24.73
N LEU Y 27 22.09 -20.36 23.45
CA LEU Y 27 22.82 -20.97 22.35
C LEU Y 27 24.27 -20.51 22.23
N VAL Y 28 24.65 -19.35 22.81
CA VAL Y 28 26.00 -18.84 22.56
C VAL Y 28 26.76 -18.57 23.87
N LEU Y 29 26.37 -17.59 24.67
CA LEU Y 29 27.22 -17.22 25.84
C LEU Y 29 27.15 -18.26 26.96
N GLU Y 30 26.04 -19.01 27.06
CA GLU Y 30 25.90 -19.98 28.15
C GLU Y 30 25.76 -21.41 27.59
N ARG Y 31 25.98 -21.55 26.27
CA ARG Y 31 25.88 -22.84 25.53
C ARG Y 31 26.50 -24.02 26.33
N HIS Y 32 27.72 -23.85 26.82
CA HIS Y 32 28.45 -24.90 27.61
C HIS Y 32 27.57 -25.46 28.76
N GLN Y 33 26.82 -24.59 29.47
CA GLN Y 33 25.95 -24.98 30.58
C GLN Y 33 24.58 -25.48 30.09
N VAL Y 34 24.11 -24.86 28.99
CA VAL Y 34 22.80 -25.13 28.35
C VAL Y 34 22.81 -26.47 27.62
N LEU Y 35 23.96 -26.91 27.08
CA LEU Y 35 24.03 -28.25 26.43
C LEU Y 35 23.70 -29.32 27.47
N VAL Y 36 24.31 -29.19 28.64
CA VAL Y 36 24.11 -30.11 29.78
C VAL Y 36 22.67 -29.98 30.28
N LYS Y 37 22.14 -28.77 30.42
CA LYS Y 37 20.75 -28.63 30.91
C LYS Y 37 19.75 -29.28 29.95
N ALA Y 38 19.96 -29.27 28.64
CA ALA Y 38 18.95 -29.87 27.74
C ALA Y 38 19.24 -31.33 27.38
N GLN Y 39 20.50 -31.75 27.47
CA GLN Y 39 20.81 -33.13 27.08
C GLN Y 39 21.58 -33.81 28.22
N PRO Y 40 20.93 -33.97 29.39
CA PRO Y 40 21.61 -34.53 30.56
C PRO Y 40 22.21 -35.90 30.25
N HIS Y 41 21.66 -36.57 29.24
CA HIS Y 41 22.02 -37.92 28.87
C HIS Y 41 23.30 -37.96 28.03
N VAL Y 42 23.78 -36.81 27.57
CA VAL Y 42 24.91 -36.80 26.64
C VAL Y 42 26.09 -35.98 27.18
N PHE Y 43 25.82 -35.00 28.05
CA PHE Y 43 26.84 -34.14 28.60
C PHE Y 43 26.81 -34.19 30.12
N LYS Y 44 27.98 -34.46 30.72
CA LYS Y 44 28.09 -34.65 32.16
C LYS Y 44 28.27 -33.30 32.87
N SER Y 45 28.93 -32.36 32.18
CA SER Y 45 29.26 -31.04 32.69
C SER Y 45 29.72 -30.12 31.55
N GLY Y 46 29.79 -28.81 31.84
CA GLY Y 46 30.23 -27.76 30.88
C GLY Y 46 30.73 -26.52 31.62
N GLU Y 47 32.01 -26.16 31.42
CA GLU Y 47 32.68 -25.05 32.15
C GLU Y 47 33.48 -24.13 31.20
N ILE Y 48 34.24 -23.22 31.84
CA ILE Y 48 35.21 -22.31 31.23
C ILE Y 48 36.54 -22.53 31.95
N ILE Y 49 37.60 -22.90 31.21
CA ILE Y 49 38.92 -23.20 31.80
C ILE Y 49 39.79 -21.92 31.79
N GLU Y 50 39.85 -21.24 30.63
CA GLU Y 50 40.62 -20.00 30.40
C GLU Y 50 39.71 -18.94 29.77
N GLY Y 51 39.09 -18.10 30.61
CA GLY Y 51 38.19 -17.03 30.18
C GLY Y 51 37.63 -16.27 31.37
N ASP Y 52 36.67 -15.37 31.09
CA ASP Y 52 35.92 -14.67 32.15
C ASP Y 52 34.52 -14.33 31.63
N GLY Y 53 34.27 -14.67 30.36
CA GLY Y 53 32.99 -14.42 29.68
C GLY Y 53 33.22 -13.85 28.29
N GLY Y 54 34.09 -12.82 28.26
CA GLY Y 54 34.48 -12.14 27.06
C GLY Y 54 35.24 -13.06 26.12
N VAL Y 55 36.01 -12.44 25.21
CA VAL Y 55 36.79 -13.10 24.17
C VAL Y 55 38.07 -13.64 24.81
N GLY Y 56 38.51 -14.81 24.32
CA GLY Y 56 39.65 -15.57 24.88
C GLY Y 56 39.15 -16.63 25.86
N THR Y 57 37.81 -16.73 25.97
CA THR Y 57 37.16 -17.68 26.82
C THR Y 57 37.32 -19.08 26.20
N VAL Y 58 37.80 -20.02 27.03
CA VAL Y 58 37.99 -21.45 26.74
C VAL Y 58 36.99 -22.22 27.59
N THR Y 59 36.27 -23.17 26.98
CA THR Y 59 35.27 -23.96 27.69
C THR Y 59 35.52 -25.44 27.46
N LYS Y 60 35.31 -26.24 28.51
CA LYS Y 60 35.47 -27.69 28.48
C LYS Y 60 34.09 -28.33 28.63
N ILE Y 61 33.66 -29.02 27.58
CA ILE Y 61 32.39 -29.69 27.59
C ILE Y 61 32.66 -31.20 27.50
N THR Y 62 32.47 -31.83 28.67
CA THR Y 62 32.66 -33.23 28.97
C THR Y 62 31.38 -33.99 28.68
N PHE Y 63 31.52 -35.14 28.03
CA PHE Y 63 30.41 -36.03 27.82
C PHE Y 63 30.25 -36.92 29.05
N VAL Y 64 29.15 -37.67 29.05
CA VAL Y 64 28.87 -38.65 30.07
C VAL Y 64 29.91 -39.75 29.86
N ASP Y 65 30.32 -40.37 30.98
CA ASP Y 65 31.35 -41.43 31.01
C ASP Y 65 30.97 -42.59 30.08
N GLY Y 66 29.71 -42.60 29.60
CA GLY Y 66 29.18 -43.62 28.69
C GLY Y 66 29.01 -43.13 27.25
N HIS Y 67 29.85 -42.18 26.81
CA HIS Y 67 29.82 -41.66 25.43
C HIS Y 67 31.14 -41.97 24.73
N PRO Y 68 31.12 -42.31 23.42
CA PRO Y 68 32.34 -42.56 22.65
C PRO Y 68 33.30 -41.37 22.74
N LEU Y 69 32.71 -40.17 22.69
CA LEU Y 69 33.41 -38.90 22.79
C LEU Y 69 33.70 -38.63 24.28
N THR Y 70 34.65 -37.72 24.53
CA THR Y 70 35.15 -37.48 25.88
C THR Y 70 35.03 -35.99 26.23
N TYR Y 71 35.53 -35.10 25.37
CA TYR Y 71 35.48 -33.65 25.66
C TYR Y 71 35.47 -32.80 24.39
N MET Y 72 35.18 -31.52 24.60
CA MET Y 72 35.14 -30.47 23.60
C MET Y 72 35.78 -29.21 24.20
N LEU Y 73 36.49 -28.47 23.35
CA LEU Y 73 37.09 -27.24 23.79
C LEU Y 73 36.78 -26.18 22.73
N HIS Y 74 36.15 -25.10 23.19
CA HIS Y 74 35.82 -23.96 22.39
C HIS Y 74 36.52 -22.72 22.95
N LYS Y 75 37.03 -21.89 22.05
CA LYS Y 75 37.63 -20.60 22.39
C LYS Y 75 36.70 -19.53 21.83
N PHE Y 76 36.64 -18.37 22.49
CA PHE Y 76 35.86 -17.24 21.99
C PHE Y 76 36.78 -16.27 21.25
N ASP Y 77 36.49 -16.10 19.95
CA ASP Y 77 37.33 -15.33 19.01
C ASP Y 77 36.88 -13.85 18.96
N GLU Y 78 35.58 -13.63 18.77
CA GLU Y 78 35.03 -12.29 18.63
C GLU Y 78 33.62 -12.22 19.21
N ILE Y 79 33.48 -11.59 20.38
CA ILE Y 79 32.18 -11.41 21.00
C ILE Y 79 31.72 -9.99 20.70
N ASP Y 80 30.42 -9.86 20.45
CA ASP Y 80 29.76 -8.58 20.32
C ASP Y 80 28.30 -8.81 20.66
N ALA Y 81 28.08 -9.04 21.96
CA ALA Y 81 26.79 -9.31 22.56
C ALA Y 81 25.83 -8.13 22.33
N ALA Y 82 26.41 -6.96 22.02
CA ALA Y 82 25.63 -5.78 21.71
C ALA Y 82 24.67 -6.09 20.56
N ASN Y 83 25.19 -6.64 19.45
CA ASN Y 83 24.37 -6.91 18.27
C ASN Y 83 24.15 -8.40 18.05
N PHE Y 84 24.61 -9.21 19.02
CA PHE Y 84 24.41 -10.66 19.01
C PHE Y 84 25.34 -11.30 17.97
N TYR Y 85 26.63 -11.04 18.16
CA TYR Y 85 27.66 -11.54 17.30
C TYR Y 85 28.76 -12.24 18.10
N CYS Y 86 28.95 -13.52 17.78
CA CYS Y 86 30.07 -14.29 18.27
C CYS Y 86 30.58 -15.17 17.14
N LYS Y 87 31.92 -15.21 17.10
CA LYS Y 87 32.74 -16.07 16.31
C LYS Y 87 33.64 -16.82 17.30
N TYR Y 88 33.41 -18.13 17.38
CA TYR Y 88 34.15 -18.96 18.31
C TYR Y 88 34.57 -20.22 17.56
N THR Y 89 35.36 -21.04 18.26
CA THR Y 89 35.95 -22.14 17.59
C THR Y 89 36.12 -23.35 18.52
N LEU Y 90 35.78 -24.51 17.97
CA LEU Y 90 36.06 -25.81 18.52
C LEU Y 90 37.47 -26.13 18.01
N PHE Y 91 38.47 -26.00 18.89
CA PHE Y 91 39.87 -26.15 18.47
C PHE Y 91 40.46 -27.51 18.87
N GLU Y 92 40.03 -28.06 20.02
CA GLU Y 92 40.50 -29.34 20.54
C GLU Y 92 39.28 -30.15 21.00
N GLY Y 93 39.44 -31.49 21.08
CA GLY Y 93 38.39 -32.45 21.51
C GLY Y 93 38.29 -33.66 20.59
N ASP Y 94 38.13 -34.85 21.18
CA ASP Y 94 38.06 -36.14 20.45
C ASP Y 94 37.00 -36.10 19.33
N VAL Y 95 36.07 -35.16 19.44
CA VAL Y 95 35.02 -34.94 18.41
C VAL Y 95 35.70 -34.49 17.10
N LEU Y 96 36.91 -33.93 17.22
CA LEU Y 96 37.68 -33.47 16.08
C LEU Y 96 38.16 -34.71 15.32
N ARG Y 97 38.58 -35.69 16.10
CA ARG Y 97 38.99 -37.00 15.60
C ARG Y 97 40.38 -36.83 14.94
N ASP Y 98 40.51 -37.08 13.63
CA ASP Y 98 41.84 -37.06 12.95
C ASP Y 98 41.83 -36.23 11.66
N ASN Y 99 40.71 -36.24 10.92
CA ASN Y 99 40.59 -35.54 9.66
C ASN Y 99 40.29 -34.04 9.84
N ILE Y 100 40.23 -33.51 11.08
CA ILE Y 100 39.83 -32.08 11.33
C ILE Y 100 40.71 -31.43 12.41
N GLU Y 101 41.00 -30.13 12.23
CA GLU Y 101 41.87 -29.27 13.09
C GLU Y 101 41.07 -28.36 14.04
N LYS Y 102 39.90 -27.87 13.61
CA LYS Y 102 39.04 -27.01 14.44
C LYS Y 102 37.78 -26.61 13.64
N VAL Y 103 36.65 -26.43 14.35
CA VAL Y 103 35.36 -25.97 13.79
C VAL Y 103 35.15 -24.53 14.27
N VAL Y 104 35.06 -23.57 13.35
CA VAL Y 104 34.88 -22.12 13.67
C VAL Y 104 33.43 -21.70 13.39
N TYR Y 105 32.81 -21.10 14.42
CA TYR Y 105 31.41 -20.71 14.36
C TYR Y 105 31.35 -19.19 14.31
N GLU Y 106 30.37 -18.69 13.54
CA GLU Y 106 30.12 -17.26 13.36
C GLU Y 106 28.60 -17.05 13.27
N VAL Y 107 28.05 -16.51 14.36
CA VAL Y 107 26.59 -16.37 14.54
C VAL Y 107 26.23 -14.88 14.54
N LYS Y 108 25.05 -14.60 13.95
CA LYS Y 108 24.39 -13.30 13.83
C LYS Y 108 22.92 -13.43 14.22
N LEU Y 109 22.47 -12.64 15.19
CA LEU Y 109 21.03 -12.68 15.55
C LEU Y 109 20.41 -11.29 15.38
N GLU Y 110 19.08 -11.26 15.19
CA GLU Y 110 18.28 -10.04 15.02
C GLU Y 110 16.79 -10.26 15.39
N ALA Y 111 16.24 -9.39 16.25
CA ALA Y 111 14.81 -9.45 16.68
C ALA Y 111 13.88 -9.20 15.48
N VAL Y 112 12.70 -9.83 15.52
CA VAL Y 112 11.67 -9.72 14.47
C VAL Y 112 10.31 -10.09 15.11
N GLY Y 113 9.77 -9.10 15.83
CA GLY Y 113 8.61 -9.23 16.67
C GLY Y 113 9.10 -9.51 18.07
N GLY Y 114 8.32 -10.28 18.84
CA GLY Y 114 8.72 -10.71 20.18
C GLY Y 114 9.71 -11.86 20.11
N GLY Y 115 9.91 -12.37 18.88
CA GLY Y 115 10.82 -13.47 18.56
C GLY Y 115 12.13 -12.97 17.96
N SER Y 116 12.83 -13.88 17.27
CA SER Y 116 14.17 -13.62 16.72
C SER Y 116 14.29 -14.07 15.25
N LYS Y 117 15.54 -13.97 14.77
CA LYS Y 117 16.01 -14.38 13.44
C LYS Y 117 17.54 -14.20 13.43
N GLY Y 118 18.27 -15.02 12.69
CA GLY Y 118 19.72 -14.87 12.66
C GLY Y 118 20.37 -15.69 11.56
N LYS Y 119 21.64 -15.38 11.27
CA LYS Y 119 22.44 -16.09 10.28
C LYS Y 119 23.58 -16.80 11.00
N ILE Y 120 23.88 -18.01 10.55
CA ILE Y 120 24.92 -18.80 11.17
C ILE Y 120 25.87 -19.32 10.10
N THR Y 121 27.18 -19.22 10.38
CA THR Y 121 28.18 -19.78 9.51
C THR Y 121 29.22 -20.54 10.33
N VAL Y 122 29.32 -21.81 9.94
CA VAL Y 122 30.20 -22.82 10.47
C VAL Y 122 31.15 -23.21 9.34
N THR Y 123 32.45 -23.14 9.61
CA THR Y 123 33.50 -23.51 8.67
C THR Y 123 34.32 -24.65 9.29
N TYR Y 124 34.51 -25.73 8.53
CA TYR Y 124 35.30 -26.90 8.95
C TYR Y 124 36.71 -26.75 8.34
N HIS Y 125 37.73 -26.85 9.20
CA HIS Y 125 39.13 -26.57 8.84
C HIS Y 125 40.00 -27.81 8.90
N PRO Y 126 40.26 -28.48 7.76
CA PRO Y 126 41.04 -29.71 7.72
C PRO Y 126 42.51 -29.43 7.97
N LYS Y 127 43.26 -30.52 8.22
CA LYS Y 127 44.71 -30.52 8.47
C LYS Y 127 45.47 -30.61 7.15
N PRO Y 128 46.78 -30.91 7.13
CA PRO Y 128 47.53 -30.85 5.88
C PRO Y 128 47.00 -31.75 4.77
N GLY Y 129 46.52 -31.12 3.70
CA GLY Y 129 45.96 -31.77 2.49
C GLY Y 129 44.92 -32.79 2.87
N CYS Y 130 44.04 -32.46 3.81
CA CYS Y 130 43.04 -33.42 4.33
C CYS Y 130 41.66 -33.03 3.83
N THR Y 131 40.79 -34.01 3.70
CA THR Y 131 39.43 -33.77 3.21
C THR Y 131 38.41 -33.94 4.35
N VAL Y 132 37.79 -32.82 4.76
CA VAL Y 132 36.73 -32.83 5.76
C VAL Y 132 35.55 -33.61 5.15
N ASN Y 133 35.39 -34.88 5.58
CA ASN Y 133 34.33 -35.75 5.07
C ASN Y 133 32.97 -35.08 5.27
N GLU Y 134 31.96 -35.55 4.54
CA GLU Y 134 30.60 -34.99 4.58
C GLU Y 134 29.75 -35.65 5.67
N GLU Y 135 30.27 -36.74 6.26
CA GLU Y 135 29.52 -37.49 7.26
C GLU Y 135 29.53 -36.68 8.58
N GLU Y 136 30.62 -35.95 8.82
CA GLU Y 136 30.83 -35.18 10.05
C GLU Y 136 30.05 -33.85 9.97
N VAL Y 137 29.51 -33.51 8.80
CA VAL Y 137 28.90 -32.21 8.62
C VAL Y 137 27.38 -32.29 8.86
N LYS Y 138 26.71 -33.29 8.28
CA LYS Y 138 25.26 -33.42 8.47
C LYS Y 138 25.02 -33.80 9.94
N ILE Y 139 25.98 -34.50 10.54
CA ILE Y 139 25.91 -34.93 11.95
C ILE Y 139 25.99 -33.70 12.83
N GLY Y 140 26.92 -32.80 12.51
CA GLY Y 140 27.11 -31.53 13.21
C GLY Y 140 25.86 -30.67 13.12
N GLU Y 141 25.47 -30.31 11.88
CA GLU Y 141 24.26 -29.52 11.67
C GLU Y 141 23.11 -30.07 12.51
N LYS Y 142 22.95 -31.40 12.45
CA LYS Y 142 21.81 -32.07 13.02
C LYS Y 142 21.85 -32.11 14.55
N LYS Y 143 23.01 -32.10 15.18
CA LYS Y 143 23.08 -32.08 16.66
C LYS Y 143 22.67 -30.70 17.21
N ALA Y 144 23.28 -29.65 16.66
CA ALA Y 144 23.03 -28.28 17.06
C ALA Y 144 21.60 -27.89 16.71
N TYR Y 145 21.11 -28.35 15.54
CA TYR Y 145 19.80 -28.04 15.11
C TYR Y 145 18.80 -28.60 16.13
N GLU Y 146 19.03 -29.83 16.59
CA GLU Y 146 18.12 -30.42 17.55
C GLU Y 146 18.22 -29.60 18.82
N PHE Y 147 19.45 -29.34 19.25
CA PHE Y 147 19.71 -28.61 20.49
C PHE Y 147 18.89 -27.32 20.53
N TYR Y 148 19.13 -26.47 19.51
CA TYR Y 148 18.35 -25.23 19.28
C TYR Y 148 16.85 -25.48 19.50
N LYS Y 149 16.28 -26.52 18.85
CA LYS Y 149 14.85 -26.85 18.94
C LYS Y 149 14.46 -27.19 20.38
N GLN Y 150 15.29 -28.00 21.04
CA GLN Y 150 15.02 -28.43 22.44
C GLN Y 150 15.04 -27.21 23.37
N VAL Y 151 16.00 -26.30 23.14
CA VAL Y 151 16.21 -25.12 23.96
C VAL Y 151 15.07 -24.14 23.68
N GLU Y 152 14.78 -23.93 22.40
CA GLU Y 152 13.71 -23.08 21.98
C GLU Y 152 12.47 -23.33 22.84
N GLU Y 153 12.01 -24.59 22.83
CA GLU Y 153 10.78 -25.03 23.49
C GLU Y 153 10.86 -24.81 25.01
N TYR Y 154 12.06 -24.87 25.59
CA TYR Y 154 12.14 -24.68 27.04
C TYR Y 154 11.81 -23.22 27.37
N LEU Y 155 12.58 -22.34 26.75
CA LEU Y 155 12.50 -20.93 26.95
C LEU Y 155 11.10 -20.43 26.59
N ALA Y 156 10.46 -21.09 25.61
CA ALA Y 156 9.10 -20.74 25.23
C ALA Y 156 8.20 -20.87 26.47
N ALA Y 157 8.05 -22.11 26.92
CA ALA Y 157 7.17 -22.47 28.03
C ALA Y 157 7.74 -21.99 29.37
N ASN Y 158 8.85 -21.26 29.32
CA ASN Y 158 9.52 -20.70 30.49
C ASN Y 158 10.02 -19.31 30.11
N PRO Y 159 9.10 -18.39 29.72
CA PRO Y 159 9.49 -17.08 29.21
C PRO Y 159 10.38 -16.26 30.16
N GLU Y 160 10.47 -16.68 31.42
CA GLU Y 160 11.23 -15.98 32.44
C GLU Y 160 12.72 -16.33 32.36
N VAL Y 161 13.08 -17.41 31.64
CA VAL Y 161 14.47 -17.87 31.62
C VAL Y 161 15.27 -17.03 30.61
N PHE Y 162 16.24 -16.27 31.13
CA PHE Y 162 17.13 -15.39 30.35
C PHE Y 162 16.39 -14.14 29.85
N ALA Y 163 15.13 -14.01 30.26
CA ALA Y 163 14.21 -12.94 29.85
C ALA Y 163 14.71 -11.55 30.28
N MET Z 5 26.64 -27.67 2.73
CA MET Z 5 27.23 -26.73 1.75
C MET Z 5 26.75 -27.12 0.35
N ALA Z 6 25.69 -26.43 -0.10
CA ALA Z 6 25.09 -26.59 -1.42
C ALA Z 6 25.81 -25.68 -2.43
N ALA Z 7 26.59 -24.72 -1.90
CA ALA Z 7 27.37 -23.74 -2.67
C ALA Z 7 28.85 -23.79 -2.27
N TYR Z 8 29.75 -23.89 -3.26
CA TYR Z 8 31.18 -23.87 -2.94
C TYR Z 8 31.61 -22.46 -2.51
N THR Z 9 32.74 -22.37 -1.78
CA THR Z 9 33.30 -21.10 -1.26
C THR Z 9 34.81 -21.21 -0.99
N ILE Z 10 35.53 -20.13 -1.32
CA ILE Z 10 36.99 -20.00 -1.13
C ILE Z 10 37.27 -18.77 -0.25
N VAL Z 11 38.06 -19.00 0.80
CA VAL Z 11 38.50 -18.00 1.76
C VAL Z 11 39.92 -17.60 1.38
N LYS Z 12 40.10 -16.34 0.95
CA LYS Z 12 41.40 -15.84 0.52
C LYS Z 12 41.81 -14.68 1.44
N GLU Z 13 43.04 -14.73 1.93
CA GLU Z 13 43.59 -13.68 2.71
C GLU Z 13 44.62 -13.03 1.80
N GLU Z 14 44.39 -11.79 1.39
CA GLU Z 14 45.33 -11.19 0.48
C GLU Z 14 45.90 -9.88 1.05
N GLU Z 15 47.09 -9.53 0.54
CA GLU Z 15 47.88 -8.35 0.86
C GLU Z 15 48.27 -7.66 -0.46
N SER Z 16 48.66 -6.37 -0.34
CA SER Z 16 49.09 -5.54 -1.46
C SER Z 16 49.84 -4.33 -0.94
N PRO Z 17 50.78 -3.78 -1.72
CA PRO Z 17 51.42 -2.51 -1.37
C PRO Z 17 50.51 -1.35 -1.77
N ILE Z 18 49.21 -1.61 -2.01
CA ILE Z 18 48.26 -0.61 -2.51
C ILE Z 18 47.26 -0.25 -1.42
N ALA Z 19 47.07 1.05 -1.24
CA ALA Z 19 46.19 1.59 -0.23
C ALA Z 19 44.79 1.05 -0.43
N PRO Z 20 44.09 0.64 0.65
CA PRO Z 20 42.80 -0.03 0.52
C PRO Z 20 41.85 0.65 -0.46
N HIS Z 21 41.51 1.90 -0.15
CA HIS Z 21 40.54 2.66 -0.90
C HIS Z 21 40.84 2.62 -2.40
N ARG Z 22 42.09 2.33 -2.77
CA ARG Z 22 42.54 2.41 -4.14
C ARG Z 22 42.31 1.06 -4.86
N LEU Z 23 42.46 -0.03 -4.11
CA LEU Z 23 42.12 -1.33 -4.61
C LEU Z 23 40.61 -1.38 -4.76
N PHE Z 24 39.96 -1.02 -3.65
CA PHE Z 24 38.56 -1.01 -3.53
C PHE Z 24 37.92 -0.34 -4.75
N LYS Z 25 38.34 0.87 -5.07
CA LYS Z 25 37.79 1.63 -6.21
C LYS Z 25 37.97 0.85 -7.51
N ALA Z 26 39.16 0.26 -7.70
CA ALA Z 26 39.48 -0.45 -8.96
C ALA Z 26 38.76 -1.80 -9.06
N LEU Z 27 38.94 -2.61 -8.01
CA LEU Z 27 38.53 -3.98 -7.95
C LEU Z 27 37.11 -4.13 -7.42
N VAL Z 28 36.34 -3.04 -7.30
CA VAL Z 28 34.99 -3.20 -6.80
C VAL Z 28 34.01 -2.24 -7.49
N LEU Z 29 33.91 -1.01 -6.96
CA LEU Z 29 32.97 -0.02 -7.44
C LEU Z 29 33.07 0.17 -8.96
N GLU Z 30 34.31 0.22 -9.47
CA GLU Z 30 34.60 0.46 -10.90
C GLU Z 30 35.19 -0.78 -11.57
N ARG Z 31 34.96 -1.96 -11.00
CA ARG Z 31 35.45 -3.21 -11.58
C ARG Z 31 34.94 -3.38 -13.01
N HIS Z 32 33.70 -2.97 -13.27
CA HIS Z 32 33.10 -3.10 -14.62
C HIS Z 32 34.02 -2.42 -15.64
N GLN Z 33 34.43 -1.18 -15.40
CA GLN Z 33 35.29 -0.43 -16.34
C GLN Z 33 36.75 -0.95 -16.32
N VAL Z 34 37.32 -1.11 -15.13
CA VAL Z 34 38.70 -1.56 -14.97
C VAL Z 34 38.98 -2.84 -15.77
N LEU Z 35 38.09 -3.84 -15.73
CA LEU Z 35 38.33 -5.09 -16.53
C LEU Z 35 38.67 -4.75 -17.97
N VAL Z 36 37.87 -3.88 -18.58
CA VAL Z 36 38.12 -3.53 -19.97
C VAL Z 36 39.51 -2.89 -20.08
N LYS Z 37 39.92 -2.17 -19.05
CA LYS Z 37 41.22 -1.52 -19.03
C LYS Z 37 42.31 -2.59 -18.98
N ALA Z 38 42.19 -3.51 -18.02
CA ALA Z 38 43.15 -4.58 -17.80
C ALA Z 38 43.23 -5.57 -18.98
N GLN Z 39 42.07 -6.00 -19.49
CA GLN Z 39 42.06 -7.05 -20.51
C GLN Z 39 41.19 -6.69 -21.71
N PRO Z 40 41.79 -6.00 -22.71
CA PRO Z 40 41.11 -5.69 -23.97
C PRO Z 40 41.01 -6.79 -25.04
N HIS Z 41 41.43 -8.01 -24.70
CA HIS Z 41 41.37 -9.16 -25.57
C HIS Z 41 40.29 -10.09 -25.04
N VAL Z 42 39.71 -9.72 -23.90
CA VAL Z 42 38.76 -10.57 -23.24
C VAL Z 42 37.42 -9.86 -23.06
N PHE Z 43 37.47 -8.53 -22.95
CA PHE Z 43 36.30 -7.72 -22.64
C PHE Z 43 36.12 -6.58 -23.62
N LYS Z 44 34.86 -6.35 -24.02
CA LYS Z 44 34.52 -5.34 -25.01
C LYS Z 44 34.05 -4.06 -24.30
N SER Z 45 33.32 -4.24 -23.19
CA SER Z 45 32.80 -3.12 -22.47
C SER Z 45 32.31 -3.54 -21.07
N GLY Z 46 32.36 -2.59 -20.14
CA GLY Z 46 31.88 -2.72 -18.78
C GLY Z 46 31.04 -1.51 -18.47
N GLU Z 47 29.73 -1.70 -18.32
CA GLU Z 47 28.79 -0.58 -18.22
C GLU Z 47 27.76 -0.80 -17.11
N ILE Z 48 27.10 0.29 -16.71
CA ILE Z 48 26.07 0.23 -15.68
C ILE Z 48 24.71 0.25 -16.38
N ILE Z 49 23.82 -0.68 -15.96
CA ILE Z 49 22.51 -0.87 -16.57
C ILE Z 49 21.44 -0.21 -15.69
N GLU Z 50 21.53 -0.40 -14.37
CA GLU Z 50 20.53 0.14 -13.45
C GLU Z 50 21.21 0.52 -12.14
N GLY Z 51 21.37 1.82 -11.88
CA GLY Z 51 21.95 2.28 -10.62
C GLY Z 51 22.56 3.67 -10.66
N ASP Z 52 22.75 4.22 -9.46
CA ASP Z 52 23.38 5.49 -9.18
C ASP Z 52 24.85 5.24 -8.84
N GLY Z 53 25.14 3.99 -8.43
CA GLY Z 53 26.45 3.53 -8.02
C GLY Z 53 26.41 2.78 -6.69
N GLY Z 54 25.25 2.83 -6.03
CA GLY Z 54 25.07 2.22 -4.73
C GLY Z 54 24.44 0.84 -4.80
N VAL Z 55 23.74 0.49 -3.71
CA VAL Z 55 23.05 -0.78 -3.57
C VAL Z 55 21.93 -0.81 -4.61
N GLY Z 56 21.77 -1.98 -5.25
CA GLY Z 56 20.81 -2.18 -6.31
C GLY Z 56 21.37 -1.88 -7.68
N THR Z 57 22.66 -1.48 -7.75
CA THR Z 57 23.30 -1.20 -9.04
C THR Z 57 23.61 -2.55 -9.71
N VAL Z 58 23.34 -2.61 -11.02
CA VAL Z 58 23.64 -3.75 -11.91
C VAL Z 58 24.52 -3.27 -13.07
N THR Z 59 25.66 -3.93 -13.19
CA THR Z 59 26.64 -3.68 -14.20
C THR Z 59 26.60 -4.83 -15.20
N LYS Z 60 26.78 -4.49 -16.47
CA LYS Z 60 26.85 -5.47 -17.53
C LYS Z 60 28.29 -5.42 -18.06
N ILE Z 61 28.91 -6.58 -18.25
CA ILE Z 61 30.23 -6.58 -18.86
C ILE Z 61 30.20 -7.53 -20.06
N THR Z 62 30.27 -6.93 -21.26
CA THR Z 62 30.33 -7.64 -22.52
C THR Z 62 31.81 -7.98 -22.83
N PHE Z 63 32.01 -9.11 -23.52
CA PHE Z 63 33.31 -9.65 -23.94
C PHE Z 63 33.47 -9.40 -25.44
N VAL Z 64 34.69 -9.66 -25.96
CA VAL Z 64 34.97 -9.51 -27.39
C VAL Z 64 34.19 -10.62 -28.12
N ASP Z 65 33.89 -10.38 -29.41
CA ASP Z 65 33.12 -11.34 -30.24
C ASP Z 65 33.73 -12.75 -30.14
N GLY Z 66 34.97 -12.90 -30.61
CA GLY Z 66 35.66 -14.20 -30.67
C GLY Z 66 35.55 -15.02 -29.39
N HIS Z 67 35.62 -14.35 -28.24
CA HIS Z 67 35.62 -15.05 -26.93
C HIS Z 67 34.34 -15.88 -26.77
N PRO Z 68 34.43 -17.11 -26.20
CA PRO Z 68 33.24 -17.95 -26.01
C PRO Z 68 32.27 -17.23 -25.06
N LEU Z 69 32.81 -16.60 -24.01
CA LEU Z 69 31.97 -15.83 -23.07
C LEU Z 69 31.37 -14.64 -23.84
N THR Z 70 30.06 -14.42 -23.64
CA THR Z 70 29.33 -13.35 -24.27
C THR Z 70 29.07 -12.19 -23.33
N TYR Z 71 28.55 -12.48 -22.13
CA TYR Z 71 28.21 -11.41 -21.22
C TYR Z 71 28.10 -11.94 -19.79
N MET Z 72 28.02 -10.99 -18.85
CA MET Z 72 28.01 -11.24 -17.42
C MET Z 72 27.31 -10.06 -16.75
N LEU Z 73 26.48 -10.31 -15.73
CA LEU Z 73 25.76 -9.23 -15.00
C LEU Z 73 25.98 -9.43 -13.52
N HIS Z 74 26.24 -8.33 -12.80
CA HIS Z 74 26.47 -8.32 -11.33
C HIS Z 74 25.49 -7.35 -10.66
N LYS Z 75 25.04 -7.70 -9.45
CA LYS Z 75 24.16 -6.82 -8.68
C LYS Z 75 24.84 -6.51 -7.34
N PHE Z 76 24.91 -5.21 -7.02
CA PHE Z 76 25.54 -4.67 -5.78
C PHE Z 76 24.57 -4.82 -4.61
N ASP Z 77 24.76 -5.93 -3.88
CA ASP Z 77 23.84 -6.40 -2.85
C ASP Z 77 24.05 -5.62 -1.53
N GLU Z 78 25.31 -5.47 -1.08
CA GLU Z 78 25.64 -4.73 0.17
C GLU Z 78 27.03 -4.07 0.09
N ILE Z 79 27.05 -2.72 0.04
CA ILE Z 79 28.26 -1.86 -0.01
C ILE Z 79 28.40 -1.07 1.30
N ASP Z 80 29.65 -0.78 1.69
CA ASP Z 80 30.03 0.17 2.76
C ASP Z 80 31.41 0.73 2.38
N ALA Z 81 31.38 1.57 1.35
CA ALA Z 81 32.55 2.10 0.65
C ALA Z 81 33.58 2.73 1.58
N ALA Z 82 33.13 3.41 2.64
CA ALA Z 82 34.04 4.04 3.59
C ALA Z 82 34.75 2.98 4.44
N ASN Z 83 34.13 1.79 4.52
CA ASN Z 83 34.63 0.68 5.29
C ASN Z 83 35.22 -0.40 4.38
N PHE Z 84 35.46 -0.05 3.11
CA PHE Z 84 36.06 -0.93 2.11
C PHE Z 84 35.51 -2.35 2.24
N TYR Z 85 34.18 -2.51 2.13
CA TYR Z 85 33.49 -3.80 2.27
C TYR Z 85 32.44 -3.94 1.17
N CYS Z 86 32.24 -5.17 0.66
CA CYS Z 86 31.22 -5.39 -0.42
C CYS Z 86 30.68 -6.83 -0.34
N LYS Z 87 29.53 -6.97 -1.00
CA LYS Z 87 28.82 -8.19 -1.35
C LYS Z 87 27.96 -7.82 -2.56
N TYR Z 88 28.39 -8.23 -3.75
CA TYR Z 88 27.63 -8.05 -5.00
C TYR Z 88 27.44 -9.45 -5.62
N THR Z 89 26.33 -9.62 -6.35
CA THR Z 89 26.00 -10.91 -6.98
C THR Z 89 26.09 -10.83 -8.51
N LEU Z 90 26.61 -11.94 -9.07
CA LEU Z 90 26.70 -12.26 -10.48
C LEU Z 90 25.56 -13.22 -10.77
N PHE Z 91 24.69 -12.93 -11.73
CA PHE Z 91 23.50 -13.75 -11.83
C PHE Z 91 22.89 -13.86 -13.24
N GLU Z 92 23.58 -13.37 -14.28
CA GLU Z 92 23.14 -13.51 -15.70
C GLU Z 92 24.44 -13.55 -16.53
N GLY Z 93 24.66 -14.63 -17.28
CA GLY Z 93 25.89 -14.78 -18.09
C GLY Z 93 26.24 -16.23 -18.41
N ASP Z 94 26.72 -16.45 -19.63
CA ASP Z 94 27.04 -17.78 -20.13
C ASP Z 94 28.20 -18.43 -19.36
N VAL Z 95 28.92 -17.68 -18.49
CA VAL Z 95 30.00 -18.31 -17.71
C VAL Z 95 29.38 -19.04 -16.51
N LEU Z 96 28.13 -18.69 -16.20
CA LEU Z 96 27.34 -19.40 -15.20
C LEU Z 96 27.19 -20.84 -15.69
N ARG Z 97 27.15 -20.96 -17.02
CA ARG Z 97 26.90 -22.19 -17.72
C ARG Z 97 25.46 -22.57 -17.36
N ASP Z 98 25.26 -23.84 -17.01
CA ASP Z 98 23.99 -24.41 -16.55
C ASP Z 98 24.17 -24.94 -15.12
N ASN Z 99 25.42 -25.08 -14.65
CA ASN Z 99 25.75 -25.66 -13.35
C ASN Z 99 25.51 -24.69 -12.18
N ILE Z 100 25.44 -23.36 -12.42
CA ILE Z 100 25.31 -22.36 -11.31
C ILE Z 100 24.16 -21.35 -11.54
N GLU Z 101 23.57 -20.86 -10.43
CA GLU Z 101 22.43 -19.89 -10.36
C GLU Z 101 22.91 -18.43 -10.36
N LYS Z 102 23.82 -18.14 -9.42
CA LYS Z 102 24.43 -16.82 -9.19
C LYS Z 102 25.69 -16.99 -8.33
N VAL Z 103 26.68 -16.11 -8.53
CA VAL Z 103 27.90 -16.13 -7.75
C VAL Z 103 27.93 -14.84 -6.92
N VAL Z 104 28.19 -14.99 -5.61
CA VAL Z 104 28.20 -13.86 -4.64
C VAL Z 104 29.58 -13.73 -3.98
N TYR Z 105 30.23 -12.60 -4.26
CA TYR Z 105 31.58 -12.27 -3.79
C TYR Z 105 31.49 -11.27 -2.63
N GLU Z 106 32.20 -11.52 -1.52
CA GLU Z 106 32.22 -10.63 -0.33
C GLU Z 106 33.64 -10.13 -0.07
N VAL Z 107 33.78 -8.81 0.12
CA VAL Z 107 35.07 -8.10 0.23
C VAL Z 107 35.17 -7.31 1.55
N LYS Z 108 36.39 -7.24 2.10
CA LYS Z 108 36.69 -6.42 3.26
C LYS Z 108 38.18 -6.10 3.25
N LEU Z 109 38.51 -4.85 2.87
CA LEU Z 109 39.89 -4.34 2.81
C LEU Z 109 40.24 -3.58 4.09
N GLU Z 110 41.53 -3.56 4.43
CA GLU Z 110 42.03 -2.97 5.66
C GLU Z 110 43.39 -2.31 5.38
N ALA Z 111 43.60 -1.11 5.95
CA ALA Z 111 44.86 -0.33 5.82
C ALA Z 111 46.01 -0.96 6.61
N VAL Z 112 47.17 -1.09 5.98
CA VAL Z 112 48.31 -1.71 6.57
C VAL Z 112 49.54 -0.95 6.14
N GLY Z 113 49.89 0.08 6.93
CA GLY Z 113 51.00 0.91 6.57
C GLY Z 113 50.69 1.53 5.23
N GLY Z 114 51.70 1.68 4.38
CA GLY Z 114 51.51 2.19 3.01
C GLY Z 114 50.56 1.28 2.19
N GLY Z 115 50.54 -0.01 2.54
CA GLY Z 115 49.75 -1.03 1.86
C GLY Z 115 48.33 -1.18 2.38
N SER Z 116 47.83 -2.39 2.11
CA SER Z 116 46.50 -2.87 2.42
C SER Z 116 46.54 -4.39 2.59
N LYS Z 117 45.43 -4.95 3.06
CA LYS Z 117 45.19 -6.37 3.17
C LYS Z 117 43.69 -6.60 2.98
N GLY Z 118 43.32 -7.68 2.27
CA GLY Z 118 41.93 -7.96 1.95
C GLY Z 118 41.51 -9.37 2.29
N LYS Z 119 40.28 -9.48 2.79
CA LYS Z 119 39.65 -10.73 3.11
C LYS Z 119 38.42 -10.88 2.22
N ILE Z 120 38.55 -11.78 1.22
CA ILE Z 120 37.52 -12.03 0.24
C ILE Z 120 37.16 -13.51 0.28
N THR Z 121 35.85 -13.78 0.13
CA THR Z 121 35.25 -15.10 0.15
C THR Z 121 34.14 -15.19 -0.89
N VAL Z 122 34.50 -15.71 -2.08
CA VAL Z 122 33.62 -15.87 -3.25
C VAL Z 122 32.77 -17.13 -3.07
N THR Z 123 31.46 -16.93 -2.93
CA THR Z 123 30.49 -18.01 -2.74
C THR Z 123 29.83 -18.37 -4.09
N TYR Z 124 30.06 -19.63 -4.52
CA TYR Z 124 29.50 -20.25 -5.74
C TYR Z 124 28.24 -21.07 -5.40
N HIS Z 125 27.07 -20.65 -5.91
CA HIS Z 125 25.73 -21.27 -5.62
C HIS Z 125 25.15 -22.03 -6.82
N PRO Z 126 25.03 -23.39 -6.77
CA PRO Z 126 24.56 -24.20 -7.89
C PRO Z 126 23.05 -24.28 -8.14
N LYS Z 127 22.68 -24.46 -9.41
CA LYS Z 127 21.26 -24.49 -9.87
C LYS Z 127 20.51 -25.64 -9.20
N PRO Z 128 19.22 -25.46 -8.86
CA PRO Z 128 18.43 -26.50 -8.19
C PRO Z 128 18.45 -27.81 -9.00
N GLY Z 129 19.36 -28.71 -8.63
CA GLY Z 129 19.51 -29.99 -9.29
C GLY Z 129 20.98 -30.32 -9.55
N CYS Z 130 21.68 -29.41 -10.25
CA CYS Z 130 23.09 -29.61 -10.59
C CYS Z 130 23.95 -29.32 -9.36
N THR Z 131 25.16 -29.89 -9.34
CA THR Z 131 26.16 -29.70 -8.28
C THR Z 131 27.39 -29.04 -8.90
N VAL Z 132 28.14 -28.24 -8.12
CA VAL Z 132 29.28 -27.44 -8.65
C VAL Z 132 30.52 -28.34 -8.84
N ASN Z 133 31.38 -27.95 -9.79
CA ASN Z 133 32.64 -28.64 -10.17
C ASN Z 133 33.86 -27.74 -9.93
N GLU Z 134 35.02 -28.38 -9.65
CA GLU Z 134 36.30 -27.67 -9.44
C GLU Z 134 36.75 -26.93 -10.70
N GLU Z 135 36.29 -27.42 -11.86
CA GLU Z 135 36.64 -26.86 -13.17
C GLU Z 135 36.14 -25.41 -13.29
N GLU Z 136 35.02 -25.12 -12.62
CA GLU Z 136 34.36 -23.81 -12.69
C GLU Z 136 34.87 -22.83 -11.62
N VAL Z 137 35.58 -23.31 -10.60
CA VAL Z 137 35.95 -22.49 -9.44
C VAL Z 137 37.43 -22.08 -9.46
N LYS Z 138 38.35 -23.01 -9.78
CA LYS Z 138 39.75 -22.63 -9.97
C LYS Z 138 39.85 -21.73 -11.22
N ILE Z 139 38.94 -21.96 -12.18
CA ILE Z 139 38.87 -21.24 -13.44
C ILE Z 139 38.49 -19.78 -13.14
N GLY Z 140 37.55 -19.58 -12.21
CA GLY Z 140 37.10 -18.24 -11.79
C GLY Z 140 38.06 -17.58 -10.81
N GLU Z 141 38.82 -18.36 -10.03
CA GLU Z 141 39.73 -17.80 -9.04
C GLU Z 141 41.02 -17.30 -9.70
N LYS Z 142 41.57 -18.14 -10.56
CA LYS Z 142 42.83 -17.77 -11.24
C LYS Z 142 42.54 -16.54 -12.10
N LYS Z 143 41.42 -16.58 -12.80
CA LYS Z 143 41.13 -15.46 -13.72
C LYS Z 143 41.02 -14.14 -12.96
N ALA Z 144 40.24 -14.10 -11.89
CA ALA Z 144 40.08 -12.85 -11.11
C ALA Z 144 41.42 -12.45 -10.51
N TYR Z 145 42.17 -13.40 -9.98
CA TYR Z 145 43.46 -13.12 -9.33
C TYR Z 145 44.52 -12.60 -10.30
N GLU Z 146 44.69 -13.19 -11.47
CA GLU Z 146 45.72 -12.66 -12.38
C GLU Z 146 45.39 -11.19 -12.66
N PHE Z 147 44.08 -10.86 -12.67
CA PHE Z 147 43.53 -9.49 -12.90
C PHE Z 147 44.00 -8.52 -11.82
N TYR Z 148 43.89 -8.96 -10.56
CA TYR Z 148 44.37 -8.23 -9.36
C TYR Z 148 45.87 -7.94 -9.48
N LYS Z 149 46.63 -8.97 -9.88
CA LYS Z 149 48.08 -8.80 -10.08
C LYS Z 149 48.35 -7.73 -11.15
N GLN Z 150 47.57 -7.76 -12.23
CA GLN Z 150 47.77 -6.79 -13.29
C GLN Z 150 47.38 -5.37 -12.84
N VAL Z 151 46.38 -5.26 -11.95
CA VAL Z 151 45.85 -3.97 -11.46
C VAL Z 151 46.84 -3.36 -10.47
N GLU Z 152 47.23 -4.19 -9.50
CA GLU Z 152 48.24 -3.87 -8.54
C GLU Z 152 49.45 -3.26 -9.26
N GLU Z 153 50.19 -4.07 -10.02
CA GLU Z 153 51.35 -3.51 -10.67
C GLU Z 153 50.98 -2.18 -11.30
N TYR Z 154 49.78 -2.11 -11.88
CA TYR Z 154 49.37 -0.93 -12.61
C TYR Z 154 49.32 0.30 -11.70
N LEU Z 155 48.69 0.14 -10.54
CA LEU Z 155 48.49 1.26 -9.66
C LEU Z 155 49.81 1.71 -9.01
N ALA Z 156 50.79 0.81 -8.91
CA ALA Z 156 52.10 1.16 -8.39
C ALA Z 156 52.82 2.04 -9.41
N ALA Z 157 52.81 1.56 -10.66
CA ALA Z 157 53.43 2.29 -11.76
C ALA Z 157 52.74 3.63 -11.95
N ASN Z 158 51.54 3.78 -11.36
CA ASN Z 158 50.73 5.00 -11.43
C ASN Z 158 50.12 5.29 -10.05
N PRO Z 159 50.79 6.07 -9.16
CA PRO Z 159 50.26 6.32 -7.83
C PRO Z 159 49.24 7.45 -7.85
N GLU Z 160 48.93 7.98 -9.03
CA GLU Z 160 48.01 9.09 -9.19
C GLU Z 160 46.60 8.58 -9.49
N VAL Z 161 46.45 7.26 -9.73
CA VAL Z 161 45.16 6.64 -10.08
C VAL Z 161 44.40 6.21 -8.81
N PHE Z 162 43.16 6.70 -8.70
CA PHE Z 162 42.16 6.38 -7.65
C PHE Z 162 42.53 6.93 -6.26
N ALA Z 163 43.53 7.82 -6.19
CA ALA Z 163 43.93 8.45 -4.95
C ALA Z 163 42.93 9.58 -4.67
N MET AA 5 82.13 -29.13 13.91
CA MET AA 5 81.36 -30.19 14.63
C MET AA 5 79.91 -29.70 14.84
N ALA AA 6 78.94 -30.42 14.27
CA ALA AA 6 77.51 -30.04 14.32
C ALA AA 6 76.91 -30.32 15.72
N ALA AA 7 75.76 -29.68 15.99
CA ALA AA 7 75.05 -29.82 17.27
C ALA AA 7 73.55 -29.93 17.01
N TYR AA 8 72.86 -30.57 17.95
CA TYR AA 8 71.43 -30.84 17.87
C TYR AA 8 70.69 -29.86 18.77
N THR AA 9 69.74 -29.15 18.14
CA THR AA 9 69.03 -28.03 18.69
C THR AA 9 67.51 -28.24 18.72
N ILE AA 10 66.90 -27.98 19.89
CA ILE AA 10 65.47 -28.11 20.13
C ILE AA 10 64.81 -26.73 20.26
N VAL AA 11 63.76 -26.50 19.45
CA VAL AA 11 62.96 -25.29 19.53
C VAL AA 11 61.57 -25.76 19.97
N LYS AA 12 61.33 -25.71 21.28
CA LYS AA 12 60.05 -26.16 21.86
C LYS AA 12 59.31 -24.96 22.47
N GLU AA 13 58.10 -24.66 22.01
CA GLU AA 13 57.25 -23.58 22.59
C GLU AA 13 56.12 -24.27 23.34
N GLU AA 14 56.04 -24.08 24.65
CA GLU AA 14 55.03 -24.75 25.52
C GLU AA 14 54.01 -23.72 26.03
N GLU AA 15 53.07 -24.20 26.84
CA GLU AA 15 52.01 -23.41 27.50
C GLU AA 15 51.68 -24.10 28.82
N SER AA 16 51.00 -23.39 29.69
CA SER AA 16 50.60 -23.88 31.01
C SER AA 16 49.76 -22.83 31.74
N PRO AA 17 48.65 -23.25 32.36
CA PRO AA 17 47.85 -22.34 33.19
C PRO AA 17 48.63 -21.85 34.40
N ILE AA 18 49.50 -22.71 34.92
CA ILE AA 18 50.17 -22.44 36.18
C ILE AA 18 51.09 -21.24 36.01
N ALA AA 19 51.04 -20.39 37.05
CA ALA AA 19 51.70 -19.11 37.13
C ALA AA 19 53.22 -19.25 36.99
N PRO AA 20 53.86 -18.40 36.16
CA PRO AA 20 55.31 -18.46 35.94
C PRO AA 20 56.25 -18.16 37.12
N HIS AA 21 55.77 -17.48 38.16
CA HIS AA 21 56.63 -17.17 39.30
C HIS AA 21 56.77 -18.43 40.15
N ARG AA 22 56.15 -19.52 39.67
CA ARG AA 22 56.12 -20.80 40.34
C ARG AA 22 56.79 -21.85 39.44
N LEU AA 23 56.33 -21.96 38.18
CA LEU AA 23 56.96 -22.83 37.22
C LEU AA 23 58.44 -22.50 37.15
N PHE AA 24 58.77 -21.24 36.83
CA PHE AA 24 60.15 -20.79 36.63
C PHE AA 24 61.03 -21.24 37.80
N LYS AA 25 60.50 -21.04 39.00
CA LYS AA 25 61.21 -21.43 40.18
C LYS AA 25 61.36 -22.96 40.11
N ALA AA 26 60.23 -23.66 40.05
CA ALA AA 26 60.18 -25.13 40.00
C ALA AA 26 61.03 -25.71 38.87
N LEU AA 27 60.67 -25.32 37.65
CA LEU AA 27 61.28 -25.77 36.39
C LEU AA 27 62.74 -25.31 36.27
N VAL AA 28 63.10 -24.17 36.84
CA VAL AA 28 64.51 -23.76 36.67
C VAL AA 28 65.23 -23.56 38.00
N LEU AA 29 64.86 -22.53 38.75
CA LEU AA 29 65.65 -22.17 39.95
C LEU AA 29 65.68 -23.27 41.01
N GLU AA 30 64.58 -23.92 41.30
CA GLU AA 30 64.63 -24.94 42.37
C GLU AA 30 64.44 -26.34 41.75
N ARG AA 31 64.88 -26.53 40.51
CA ARG AA 31 64.61 -27.76 39.74
C ARG AA 31 65.26 -28.93 40.47
N HIS AA 32 66.50 -28.76 40.89
CA HIS AA 32 67.33 -29.73 41.67
C HIS AA 32 66.61 -30.29 42.91
N GLN AA 33 65.95 -29.44 43.69
CA GLN AA 33 65.18 -29.91 44.85
C GLN AA 33 63.83 -30.48 44.42
N VAL AA 34 63.35 -30.12 43.23
CA VAL AA 34 61.98 -30.50 42.84
C VAL AA 34 62.02 -31.78 42.00
N LEU AA 35 63.05 -31.96 41.16
CA LEU AA 35 63.23 -33.23 40.49
C LEU AA 35 63.03 -34.33 41.55
N VAL AA 36 63.78 -34.18 42.64
CA VAL AA 36 63.84 -35.05 43.83
C VAL AA 36 62.54 -35.04 44.62
N LYS AA 37 61.54 -34.24 44.20
CA LYS AA 37 60.29 -34.15 44.93
C LYS AA 37 59.18 -34.86 44.19
N ALA AA 38 59.23 -34.73 42.86
CA ALA AA 38 58.25 -35.31 41.92
C ALA AA 38 58.56 -36.78 41.63
N GLN AA 39 59.85 -37.17 41.70
CA GLN AA 39 60.24 -38.53 41.42
C GLN AA 39 61.23 -39.06 42.46
N PRO AA 40 60.78 -39.30 43.72
CA PRO AA 40 61.66 -39.88 44.73
C PRO AA 40 62.26 -41.22 44.29
N HIS AA 41 61.56 -41.92 43.37
CA HIS AA 41 61.98 -43.24 42.90
C HIS AA 41 63.14 -43.11 41.90
N VAL AA 42 63.27 -41.95 41.27
CA VAL AA 42 64.33 -41.76 40.30
C VAL AA 42 65.54 -41.12 40.99
N PHE AA 43 65.30 -40.23 41.96
CA PHE AA 43 66.35 -39.46 42.67
C PHE AA 43 66.11 -39.49 44.19
N LYS AA 44 67.20 -39.63 44.98
CA LYS AA 44 67.16 -39.73 46.48
C LYS AA 44 67.64 -38.43 47.13
N SER AA 45 68.38 -37.64 46.36
CA SER AA 45 69.01 -36.45 46.84
C SER AA 45 69.41 -35.56 45.65
N GLY AA 46 69.49 -34.26 45.93
CA GLY AA 46 69.88 -33.21 44.99
C GLY AA 46 70.17 -31.94 45.75
N GLU AA 47 71.30 -31.29 45.43
CA GLU AA 47 71.70 -30.11 46.18
C GLU AA 47 72.64 -29.22 45.34
N ILE AA 48 72.92 -28.05 45.91
CA ILE AA 48 73.81 -27.03 45.40
C ILE AA 48 75.10 -27.18 46.21
N ILE AA 49 76.22 -27.53 45.55
CA ILE AA 49 77.46 -27.77 46.26
C ILE AA 49 78.50 -26.70 45.93
N GLU AA 50 78.14 -25.78 45.03
CA GLU AA 50 79.00 -24.66 44.69
C GLU AA 50 78.09 -23.46 44.41
N GLY AA 51 78.68 -22.32 44.06
CA GLY AA 51 77.95 -21.08 43.78
C GLY AA 51 76.98 -20.70 44.89
N ASP AA 52 76.22 -19.64 44.66
CA ASP AA 52 75.27 -19.20 45.70
C ASP AA 52 73.94 -18.77 45.08
N GLY AA 53 73.18 -19.71 44.49
CA GLY AA 53 71.84 -19.36 43.98
C GLY AA 53 71.88 -18.15 43.08
N GLY AA 54 72.63 -18.24 41.98
CA GLY AA 54 72.76 -17.12 41.02
C GLY AA 54 73.50 -17.57 39.78
N VAL AA 55 73.86 -16.66 38.89
CA VAL AA 55 74.60 -17.15 37.70
C VAL AA 55 75.93 -17.74 38.16
N GLY AA 56 76.35 -18.87 37.59
CA GLY AA 56 77.61 -19.54 37.94
C GLY AA 56 77.50 -20.61 38.99
N THR AA 57 76.30 -20.91 39.50
CA THR AA 57 76.07 -21.96 40.53
C THR AA 57 76.20 -23.36 39.92
N VAL AA 58 76.47 -24.36 40.75
CA VAL AA 58 76.57 -25.76 40.26
C VAL AA 58 75.73 -26.67 41.18
N THR AA 59 74.86 -27.51 40.59
CA THR AA 59 73.95 -28.47 41.25
C THR AA 59 74.40 -29.93 41.10
N LYS AA 60 73.99 -30.75 42.09
CA LYS AA 60 74.31 -32.16 42.23
C LYS AA 60 73.03 -32.96 42.54
N ILE AA 61 72.42 -33.54 41.49
CA ILE AA 61 71.23 -34.39 41.67
C ILE AA 61 71.74 -35.82 41.77
N THR AA 62 71.27 -36.54 42.80
CA THR AA 62 71.75 -37.88 43.09
C THR AA 62 70.62 -38.91 42.93
N PHE AA 63 70.72 -39.65 41.82
CA PHE AA 63 69.84 -40.77 41.50
C PHE AA 63 69.96 -41.80 42.63
N VAL AA 64 68.88 -42.53 42.85
CA VAL AA 64 68.72 -43.52 43.97
C VAL AA 64 69.61 -44.74 43.72
N ASP AA 65 69.54 -45.68 44.65
CA ASP AA 65 70.46 -46.85 44.62
C ASP AA 65 70.31 -47.57 43.30
N GLY AA 66 69.06 -47.81 42.90
CA GLY AA 66 68.77 -48.60 41.69
C GLY AA 66 68.74 -47.81 40.40
N HIS AA 67 69.84 -47.14 40.06
CA HIS AA 67 69.82 -46.42 38.77
C HIS AA 67 71.15 -46.54 38.04
N PRO AA 68 71.17 -46.62 36.70
CA PRO AA 68 72.42 -46.68 35.95
C PRO AA 68 73.35 -45.53 36.40
N LEU AA 69 72.78 -44.33 36.36
CA LEU AA 69 73.43 -43.09 36.69
C LEU AA 69 73.34 -42.90 38.20
N THR AA 70 74.20 -42.06 38.77
CA THR AA 70 74.12 -41.80 40.20
C THR AA 70 74.13 -40.29 40.47
N TYR AA 71 74.54 -39.48 39.49
CA TYR AA 71 74.55 -38.01 39.64
C TYR AA 71 74.96 -37.30 38.35
N MET AA 72 74.53 -36.03 38.29
CA MET AA 72 74.86 -35.10 37.20
C MET AA 72 74.98 -33.69 37.81
N LEU AA 73 75.68 -32.80 37.10
CA LEU AA 73 76.04 -31.52 37.62
C LEU AA 73 75.67 -30.45 36.59
N HIS AA 74 75.02 -29.38 37.07
CA HIS AA 74 74.57 -28.29 36.19
C HIS AA 74 75.19 -26.96 36.62
N LYS AA 75 75.38 -26.08 35.63
CA LYS AA 75 75.98 -24.77 35.77
C LYS AA 75 75.05 -23.74 35.12
N PHE AA 76 74.87 -22.60 35.79
CA PHE AA 76 73.96 -21.52 35.41
C PHE AA 76 74.67 -20.42 34.60
N ASP AA 77 74.91 -20.69 33.31
CA ASP AA 77 75.55 -19.71 32.42
C ASP AA 77 74.88 -18.33 32.55
N GLU AA 78 73.61 -18.27 32.97
CA GLU AA 78 72.88 -17.00 33.03
C GLU AA 78 71.55 -17.18 33.78
N ILE AA 79 71.20 -16.23 34.67
CA ILE AA 79 69.94 -16.20 35.43
C ILE AA 79 69.31 -14.80 35.33
N ASP AA 80 67.99 -14.76 35.27
CA ASP AA 80 67.24 -13.50 35.28
C ASP AA 80 65.89 -13.86 35.87
N ALA AA 81 65.78 -13.76 37.18
CA ALA AA 81 64.59 -14.24 37.91
C ALA AA 81 63.38 -13.30 37.84
N ALA AA 82 63.45 -12.20 37.09
CA ALA AA 82 62.32 -11.27 36.90
C ALA AA 82 61.76 -11.31 35.47
N ASN AA 83 62.54 -11.70 34.47
CA ASN AA 83 62.01 -11.74 33.11
C ASN AA 83 61.83 -13.19 32.70
N PHE AA 84 62.08 -14.09 33.66
CA PHE AA 84 61.94 -15.51 33.56
C PHE AA 84 62.81 -16.06 32.41
N TYR AA 85 64.07 -15.59 32.34
CA TYR AA 85 65.04 -15.99 31.34
C TYR AA 85 66.23 -16.65 32.03
N CYS AA 86 66.54 -17.90 31.65
CA CYS AA 86 67.70 -18.60 32.22
C CYS AA 86 68.50 -19.28 31.11
N LYS AA 87 69.71 -19.71 31.45
CA LYS AA 87 70.57 -20.40 30.51
C LYS AA 87 71.61 -21.16 31.33
N TYR AA 88 71.29 -22.41 31.63
CA TYR AA 88 72.11 -23.30 32.43
C TYR AA 88 72.64 -24.46 31.55
N THR AA 89 73.85 -24.93 31.89
CA THR AA 89 74.52 -26.01 31.18
C THR AA 89 74.69 -27.26 32.06
N LEU AA 90 74.35 -28.42 31.48
CA LEU AA 90 74.64 -29.76 32.00
C LEU AA 90 76.09 -30.08 31.57
N PHE AA 91 77.05 -29.88 32.48
CA PHE AA 91 78.48 -30.02 32.15
C PHE AA 91 78.99 -31.44 32.42
N GLU AA 92 78.76 -31.94 33.65
CA GLU AA 92 79.28 -33.24 34.09
C GLU AA 92 78.14 -34.13 34.63
N GLY AA 93 78.39 -35.45 34.62
CA GLY AA 93 77.48 -36.53 35.04
C GLY AA 93 77.62 -37.72 34.11
N ASP AA 94 77.15 -38.90 34.53
CA ASP AA 94 77.27 -40.11 33.68
C ASP AA 94 76.37 -40.01 32.45
N VAL AA 95 75.16 -39.44 32.57
CA VAL AA 95 74.18 -39.32 31.45
C VAL AA 95 74.89 -38.97 30.15
N LEU AA 96 75.97 -38.19 30.24
CA LEU AA 96 76.66 -37.78 29.04
C LEU AA 96 77.45 -38.95 28.44
N ARG AA 97 76.82 -39.58 27.44
CA ARG AA 97 77.40 -40.68 26.72
C ARG AA 97 78.67 -40.12 26.07
N ASP AA 98 79.66 -40.98 25.88
CA ASP AA 98 80.94 -40.62 25.28
C ASP AA 98 80.76 -39.59 24.14
N ASN AA 99 79.63 -39.63 23.42
CA ASN AA 99 79.40 -38.75 22.25
C ASN AA 99 78.88 -37.35 22.66
N ILE AA 100 78.41 -37.20 23.90
CA ILE AA 100 77.87 -35.91 24.39
C ILE AA 100 78.79 -35.38 25.51
N GLU AA 101 79.05 -34.06 25.45
CA GLU AA 101 79.94 -33.37 26.40
C GLU AA 101 79.13 -32.44 27.33
N LYS AA 102 78.05 -31.84 26.79
CA LYS AA 102 77.17 -30.95 27.56
C LYS AA 102 75.92 -30.61 26.75
N VAL AA 103 74.86 -30.28 27.50
CA VAL AA 103 73.61 -29.82 26.92
C VAL AA 103 73.33 -28.43 27.50
N VAL AA 104 73.02 -27.47 26.61
CA VAL AA 104 72.75 -26.06 26.94
C VAL AA 104 71.24 -25.80 26.83
N TYR AA 105 70.61 -25.48 27.97
CA TYR AA 105 69.16 -25.23 28.02
C TYR AA 105 68.85 -23.74 28.18
N GLU AA 106 68.19 -23.17 27.19
CA GLU AA 106 67.78 -21.75 27.28
C GLU AA 106 66.26 -21.70 27.45
N VAL AA 107 65.83 -21.14 28.57
CA VAL AA 107 64.40 -21.05 28.97
C VAL AA 107 63.98 -19.60 29.06
N LYS AA 108 62.73 -19.32 28.70
CA LYS AA 108 62.16 -17.98 28.85
C LYS AA 108 60.69 -18.13 29.21
N LEU AA 109 60.25 -17.62 30.36
CA LEU AA 109 58.81 -17.74 30.72
C LEU AA 109 58.16 -16.37 30.58
N GLU AA 110 56.99 -16.32 29.97
CA GLU AA 110 56.18 -15.08 29.80
C GLU AA 110 54.86 -15.24 30.55
N ALA AA 111 54.20 -14.15 30.91
CA ALA AA 111 52.96 -14.19 31.70
C ALA AA 111 51.72 -14.19 30.81
N VAL AA 112 50.92 -15.26 30.89
CA VAL AA 112 49.66 -15.26 30.16
C VAL AA 112 48.58 -15.33 31.22
N GLY AA 113 48.07 -14.15 31.61
CA GLY AA 113 47.08 -14.03 32.63
C GLY AA 113 47.57 -14.72 33.89
N GLY AA 114 46.73 -15.63 34.41
CA GLY AA 114 47.02 -16.43 35.59
C GLY AA 114 48.10 -17.48 35.37
N GLY AA 115 48.64 -17.57 34.15
CA GLY AA 115 49.67 -18.58 33.79
C GLY AA 115 50.77 -18.10 32.86
N SER AA 116 51.37 -19.08 32.15
CA SER AA 116 52.53 -18.93 31.33
C SER AA 116 52.39 -19.61 29.98
N LYS AA 117 53.34 -19.24 29.12
CA LYS AA 117 53.72 -19.81 27.82
C LYS AA 117 55.26 -19.95 27.89
N GLY AA 118 55.95 -20.50 26.88
CA GLY AA 118 57.41 -20.64 27.02
C GLY AA 118 58.16 -21.01 25.74
N LYS AA 119 59.48 -20.81 25.78
CA LYS AA 119 60.41 -21.16 24.73
C LYS AA 119 61.66 -21.77 25.38
N ILE AA 120 61.92 -23.05 25.06
CA ILE AA 120 63.08 -23.81 25.59
C ILE AA 120 63.97 -24.25 24.42
N THR AA 121 65.23 -23.83 24.45
CA THR AA 121 66.17 -24.25 23.44
C THR AA 121 67.15 -25.23 24.08
N VAL AA 122 67.04 -26.50 23.67
CA VAL AA 122 67.97 -27.49 24.15
C VAL AA 122 68.91 -27.80 22.98
N THR AA 123 70.21 -27.67 23.24
CA THR AA 123 71.24 -27.85 22.24
C THR AA 123 72.33 -28.76 22.81
N TYR AA 124 72.45 -29.96 22.24
CA TYR AA 124 73.45 -30.94 22.65
C TYR AA 124 74.73 -30.76 21.82
N HIS AA 125 75.85 -30.56 22.54
CA HIS AA 125 77.16 -30.32 21.95
C HIS AA 125 78.04 -31.58 22.07
N PRO AA 126 78.50 -32.14 20.92
CA PRO AA 126 79.37 -33.32 20.90
C PRO AA 126 80.83 -33.04 21.25
N LYS AA 127 81.52 -34.11 21.63
CA LYS AA 127 82.93 -34.01 22.06
C LYS AA 127 83.81 -33.97 20.82
N PRO AA 128 85.10 -34.36 20.89
CA PRO AA 128 86.00 -34.09 19.80
C PRO AA 128 85.63 -34.55 18.39
N GLY AA 129 85.29 -35.81 18.19
CA GLY AA 129 84.91 -36.18 16.81
C GLY AA 129 83.58 -36.89 16.80
N CYS AA 130 83.15 -37.24 18.01
CA CYS AA 130 81.97 -38.03 18.31
C CYS AA 130 80.71 -37.28 17.86
N THR AA 131 79.63 -38.04 17.66
CA THR AA 131 78.34 -37.52 17.19
C THR AA 131 77.20 -38.07 18.07
N VAL AA 132 76.20 -37.21 18.32
CA VAL AA 132 75.04 -37.50 19.19
C VAL AA 132 74.09 -38.48 18.51
N ASN AA 133 73.55 -39.41 19.31
CA ASN AA 133 72.59 -40.40 18.83
C ASN AA 133 71.19 -39.79 18.93
N GLU AA 134 70.40 -39.94 17.86
CA GLU AA 134 69.00 -39.47 17.84
C GLU AA 134 68.33 -39.90 19.14
N GLU AA 135 68.77 -41.05 19.63
CA GLU AA 135 68.35 -41.65 20.89
C GLU AA 135 68.52 -40.63 22.02
N GLU AA 136 69.74 -40.08 22.09
CA GLU AA 136 70.22 -39.21 23.14
C GLU AA 136 69.38 -37.94 23.30
N VAL AA 137 68.58 -37.61 22.28
CA VAL AA 137 67.78 -36.39 22.25
C VAL AA 137 66.36 -36.66 22.75
N LYS AA 138 65.72 -37.75 22.28
CA LYS AA 138 64.31 -38.03 22.60
C LYS AA 138 64.19 -38.45 24.08
N ILE AA 139 65.21 -39.14 24.57
CA ILE AA 139 65.30 -39.51 25.98
C ILE AA 139 65.17 -38.26 26.87
N GLY AA 140 66.09 -37.31 26.63
CA GLY AA 140 66.24 -36.09 27.41
C GLY AA 140 65.02 -35.21 27.34
N GLU AA 141 64.44 -35.15 26.14
CA GLU AA 141 63.26 -34.37 25.81
C GLU AA 141 62.00 -34.89 26.53
N LYS AA 142 62.00 -36.18 26.88
CA LYS AA 142 60.81 -36.86 27.40
C LYS AA 142 60.72 -36.99 28.92
N LYS AA 143 61.78 -37.43 29.59
CA LYS AA 143 61.65 -37.66 31.04
C LYS AA 143 61.43 -36.31 31.73
N ALA AA 144 61.87 -35.26 31.01
CA ALA AA 144 61.84 -33.79 31.31
C ALA AA 144 60.47 -33.15 31.04
N TYR AA 145 59.89 -33.42 29.85
CA TYR AA 145 58.53 -32.97 29.53
C TYR AA 145 57.59 -33.61 30.56
N GLU AA 146 57.78 -34.92 30.75
CA GLU AA 146 57.03 -35.73 31.67
C GLU AA 146 57.10 -35.10 33.06
N PHE AA 147 58.32 -34.71 33.47
CA PHE AA 147 58.58 -34.10 34.77
C PHE AA 147 57.74 -32.84 34.90
N TYR AA 148 57.87 -31.99 33.86
CA TYR AA 148 57.10 -30.77 33.75
C TYR AA 148 55.59 -31.04 33.95
N LYS AA 149 55.08 -32.14 33.37
CA LYS AA 149 53.65 -32.49 33.38
C LYS AA 149 53.17 -32.87 34.79
N GLN AA 150 54.08 -33.40 35.62
CA GLN AA 150 53.73 -33.86 36.97
C GLN AA 150 53.59 -32.67 37.91
N VAL AA 151 54.34 -31.62 37.57
CA VAL AA 151 54.46 -30.40 38.33
C VAL AA 151 53.30 -29.47 37.94
N GLU AA 152 52.93 -29.48 36.66
CA GLU AA 152 51.76 -28.71 36.27
C GLU AA 152 50.66 -29.10 37.27
N GLU AA 153 50.54 -30.42 37.52
CA GLU AA 153 49.62 -30.99 38.51
C GLU AA 153 50.02 -30.52 39.93
N TYR AA 154 51.18 -30.99 40.40
CA TYR AA 154 51.72 -30.67 41.76
C TYR AA 154 51.32 -29.26 42.20
N LEU AA 155 51.71 -28.29 41.38
CA LEU AA 155 51.45 -26.89 41.62
C LEU AA 155 49.94 -26.63 41.55
N ALA AA 156 49.37 -26.65 40.35
CA ALA AA 156 47.91 -26.45 40.22
C ALA AA 156 47.23 -27.12 41.42
N ALA AA 157 47.60 -28.37 41.65
CA ALA AA 157 47.03 -29.15 42.72
C ALA AA 157 46.89 -28.26 43.97
N ASN AA 158 48.00 -27.64 44.37
CA ASN AA 158 48.08 -26.87 45.60
C ASN AA 158 48.70 -25.50 45.37
N PRO AA 159 47.88 -24.43 45.29
CA PRO AA 159 48.42 -23.08 45.11
C PRO AA 159 49.14 -22.62 46.40
N GLU AA 160 49.00 -23.37 47.48
CA GLU AA 160 49.68 -23.05 48.72
C GLU AA 160 51.17 -22.79 48.42
N VAL AA 161 51.77 -23.70 47.64
CA VAL AA 161 53.21 -23.76 47.36
C VAL AA 161 53.64 -22.85 46.21
N PHE AA 162 54.83 -22.28 46.39
CA PHE AA 162 55.56 -21.40 45.47
C PHE AA 162 54.81 -20.11 45.16
N ALA AA 163 53.60 -19.94 45.69
CA ALA AA 163 52.78 -18.75 45.43
C ALA AA 163 53.61 -17.49 45.71
N MET BA 5 63.20 -34.37 14.91
CA MET BA 5 62.68 -32.97 14.82
C MET BA 5 63.83 -31.96 15.03
N ALA BA 6 64.58 -32.12 16.12
CA ALA BA 6 65.70 -31.25 16.54
C ALA BA 6 66.61 -30.87 15.35
N ALA BA 7 66.96 -29.56 15.29
CA ALA BA 7 67.76 -28.93 14.22
C ALA BA 7 69.26 -28.97 14.57
N TYR BA 8 70.08 -28.48 13.64
CA TYR BA 8 71.52 -28.46 13.82
C TYR BA 8 72.04 -27.02 13.80
N THR BA 9 72.66 -26.60 14.90
CA THR BA 9 73.25 -25.26 15.06
C THR BA 9 74.74 -25.41 15.43
N ILE BA 10 75.62 -24.87 14.55
CA ILE BA 10 77.08 -24.88 14.69
C ILE BA 10 77.55 -23.58 15.38
N VAL BA 11 77.99 -23.68 16.64
CA VAL BA 11 78.45 -22.52 17.45
C VAL BA 11 79.92 -22.24 17.11
N LYS BA 12 80.19 -21.10 16.44
CA LYS BA 12 81.57 -20.66 16.07
C LYS BA 12 82.00 -19.43 16.88
N GLU BA 13 83.31 -19.22 16.96
CA GLU BA 13 83.93 -18.11 17.68
C GLU BA 13 85.21 -17.71 16.94
N GLU BA 14 85.30 -16.47 16.42
CA GLU BA 14 86.46 -16.08 15.64
C GLU BA 14 86.95 -14.66 16.01
N GLU BA 15 88.13 -14.32 15.45
CA GLU BA 15 88.93 -13.15 15.77
C GLU BA 15 89.41 -12.47 14.48
N SER BA 16 89.19 -11.16 14.36
CA SER BA 16 89.65 -10.36 13.21
C SER BA 16 90.46 -9.17 13.71
N PRO BA 17 91.50 -8.74 12.98
CA PRO BA 17 92.22 -7.49 13.28
C PRO BA 17 91.34 -6.25 13.05
N ILE BA 18 90.18 -6.47 12.41
CA ILE BA 18 89.25 -5.40 12.03
C ILE BA 18 88.36 -5.06 13.23
N ALA BA 19 87.92 -3.82 13.32
CA ALA BA 19 87.08 -3.36 14.43
C ALA BA 19 85.64 -3.81 14.21
N PRO BA 20 84.94 -4.18 15.30
CA PRO BA 20 83.62 -4.82 15.24
C PRO BA 20 82.55 -4.11 14.40
N HIS BA 21 82.61 -2.77 14.41
CA HIS BA 21 81.69 -2.01 13.65
C HIS BA 21 82.03 -2.12 12.18
N ARG BA 22 83.30 -2.44 11.90
CA ARG BA 22 83.72 -2.65 10.53
C ARG BA 22 83.25 -4.05 10.14
N LEU BA 23 83.66 -5.08 10.90
CA LEU BA 23 83.20 -6.43 10.63
C LEU BA 23 81.69 -6.40 10.40
N PHE BA 24 80.98 -5.94 11.44
CA PHE BA 24 79.52 -5.92 11.50
C PHE BA 24 78.88 -5.25 10.29
N LYS BA 25 79.46 -4.15 9.85
CA LYS BA 25 78.91 -3.42 8.75
C LYS BA 25 79.00 -4.29 7.48
N ALA BA 26 80.25 -4.71 7.23
CA ALA BA 26 80.63 -5.41 6.02
C ALA BA 26 79.97 -6.78 5.94
N LEU BA 27 80.07 -7.51 7.04
CA LEU BA 27 79.61 -8.91 7.07
C LEU BA 27 78.14 -8.99 7.44
N VAL BA 28 77.47 -7.88 7.69
CA VAL BA 28 76.03 -8.00 8.07
C VAL BA 28 75.17 -6.97 7.33
N LEU BA 29 75.31 -5.69 7.69
CA LEU BA 29 74.43 -4.60 7.22
C LEU BA 29 74.45 -4.35 5.71
N GLU BA 30 75.62 -4.16 5.12
CA GLU BA 30 75.75 -3.94 3.66
C GLU BA 30 76.29 -5.21 2.99
N ARG BA 31 76.17 -6.34 3.70
CA ARG BA 31 76.59 -7.68 3.28
C ARG BA 31 76.05 -8.03 1.89
N HIS BA 32 74.79 -7.65 1.64
CA HIS BA 32 74.11 -7.91 0.38
C HIS BA 32 74.85 -7.24 -0.79
N GLN BA 33 75.46 -6.08 -0.53
CA GLN BA 33 76.20 -5.28 -1.53
C GLN BA 33 77.70 -5.69 -1.62
N VAL BA 34 78.29 -6.17 -0.52
CA VAL BA 34 79.70 -6.55 -0.49
C VAL BA 34 79.93 -7.89 -1.22
N LEU BA 35 79.06 -8.86 -0.96
CA LEU BA 35 79.11 -10.16 -1.63
C LEU BA 35 79.37 -10.00 -3.13
N VAL BA 36 78.90 -8.88 -3.72
CA VAL BA 36 79.05 -8.60 -5.17
C VAL BA 36 80.39 -7.90 -5.42
N LYS BA 37 80.89 -7.19 -4.41
CA LYS BA 37 82.11 -6.43 -4.54
C LYS BA 37 83.30 -7.38 -4.42
N ALA BA 38 83.13 -8.38 -3.56
CA ALA BA 38 84.16 -9.30 -3.24
C ALA BA 38 84.14 -10.54 -4.16
N GLN BA 39 82.95 -10.87 -4.72
CA GLN BA 39 82.75 -12.10 -5.52
C GLN BA 39 81.89 -11.81 -6.75
N PRO BA 40 82.33 -10.91 -7.65
CA PRO BA 40 81.57 -10.59 -8.87
C PRO BA 40 81.57 -11.67 -9.97
N HIS BA 41 82.20 -12.81 -9.70
CA HIS BA 41 82.16 -13.97 -10.60
C HIS BA 41 81.05 -14.90 -10.12
N VAL BA 42 80.78 -14.86 -8.81
CA VAL BA 42 79.73 -15.61 -8.18
C VAL BA 42 78.41 -14.83 -8.26
N PHE BA 43 78.48 -13.53 -7.93
CA PHE BA 43 77.29 -12.72 -7.75
C PHE BA 43 77.13 -11.59 -8.77
N LYS BA 44 75.84 -11.29 -8.99
CA LYS BA 44 75.34 -10.30 -9.92
C LYS BA 44 74.81 -9.06 -9.18
N SER BA 45 74.01 -9.24 -8.12
CA SER BA 45 73.45 -8.08 -7.44
C SER BA 45 72.92 -8.40 -6.03
N GLY BA 46 73.05 -7.42 -5.12
CA GLY BA 46 72.51 -7.46 -3.74
C GLY BA 46 71.55 -6.30 -3.48
N GLU BA 47 70.39 -6.58 -2.88
CA GLU BA 47 69.42 -5.52 -2.67
C GLU BA 47 68.45 -5.87 -1.53
N ILE BA 48 67.63 -4.87 -1.17
CA ILE BA 48 66.60 -4.97 -0.14
C ILE BA 48 65.25 -4.83 -0.85
N ILE BA 49 64.40 -5.86 -0.73
CA ILE BA 49 63.07 -5.96 -1.41
C ILE BA 49 61.90 -5.79 -0.42
N GLU BA 50 62.17 -5.89 0.88
CA GLU BA 50 61.12 -5.72 1.87
C GLU BA 50 61.75 -5.29 3.21
N GLY BA 51 62.07 -4.01 3.33
CA GLY BA 51 62.63 -3.42 4.56
C GLY BA 51 63.22 -2.04 4.35
N ASP BA 52 63.58 -1.38 5.46
CA ASP BA 52 64.21 -0.06 5.46
C ASP BA 52 65.64 -0.16 6.01
N GLY BA 53 66.05 -1.37 6.38
CA GLY BA 53 67.35 -1.64 6.96
C GLY BA 53 67.23 -1.93 8.45
N GLY BA 54 66.05 -1.65 9.00
CA GLY BA 54 65.73 -1.91 10.39
C GLY BA 54 65.36 -3.37 10.56
N VAL BA 55 64.91 -3.75 11.77
CA VAL BA 55 64.51 -5.13 12.04
C VAL BA 55 63.45 -5.54 11.02
N GLY BA 56 63.35 -6.84 10.78
CA GLY BA 56 62.42 -7.44 9.82
C GLY BA 56 62.64 -6.95 8.40
N THR BA 57 63.90 -6.79 7.97
CA THR BA 57 64.27 -6.29 6.60
C THR BA 57 64.74 -7.48 5.73
N VAL BA 58 64.45 -7.41 4.43
CA VAL BA 58 64.72 -8.53 3.50
C VAL BA 58 65.58 -8.09 2.31
N THR BA 59 66.62 -8.89 2.01
CA THR BA 59 67.55 -8.60 0.93
C THR BA 59 67.41 -9.63 -0.19
N LYS BA 60 67.69 -9.22 -1.43
CA LYS BA 60 67.57 -10.13 -2.57
C LYS BA 60 68.93 -10.14 -3.27
N ILE BA 61 69.55 -11.32 -3.32
CA ILE BA 61 70.93 -11.50 -3.79
C ILE BA 61 71.00 -12.48 -4.97
N THR BA 62 71.20 -11.97 -6.18
CA THR BA 62 71.25 -12.87 -7.35
C THR BA 62 72.68 -13.31 -7.65
N PHE BA 63 72.80 -14.57 -8.08
CA PHE BA 63 74.04 -15.21 -8.48
C PHE BA 63 74.22 -14.98 -9.98
N VAL BA 64 75.47 -14.83 -10.43
CA VAL BA 64 75.74 -14.64 -11.86
C VAL BA 64 75.00 -15.75 -12.64
N ASP BA 65 74.79 -15.54 -13.95
CA ASP BA 65 74.10 -16.51 -14.80
C ASP BA 65 75.04 -17.70 -15.06
N GLY BA 66 74.44 -18.84 -15.38
CA GLY BA 66 75.16 -20.09 -15.65
C GLY BA 66 75.67 -20.73 -14.37
N HIS BA 67 75.10 -20.29 -13.24
CA HIS BA 67 75.47 -20.73 -11.92
C HIS BA 67 74.39 -21.68 -11.43
N PRO BA 68 74.75 -22.74 -10.68
CA PRO BA 68 73.79 -23.69 -10.14
C PRO BA 68 72.66 -22.92 -9.42
N LEU BA 69 73.06 -22.16 -8.40
CA LEU BA 69 72.14 -21.37 -7.60
C LEU BA 69 71.59 -20.21 -8.43
N THR BA 70 70.49 -19.65 -7.95
CA THR BA 70 69.81 -18.58 -8.64
C THR BA 70 69.70 -17.35 -7.73
N TYR BA 71 69.25 -17.53 -6.49
CA TYR BA 71 69.15 -16.39 -5.59
C TYR BA 71 68.85 -16.85 -4.17
N MET BA 72 69.00 -15.89 -3.22
CA MET BA 72 68.84 -16.09 -1.79
C MET BA 72 68.19 -14.86 -1.15
N LEU BA 73 67.24 -15.06 -0.23
CA LEU BA 73 66.59 -13.96 0.52
C LEU BA 73 66.79 -14.22 2.00
N HIS BA 74 67.31 -13.23 2.75
CA HIS BA 74 67.52 -13.29 4.23
C HIS BA 74 66.68 -12.20 4.90
N LYS BA 75 66.18 -12.46 6.12
CA LYS BA 75 65.44 -11.45 6.85
C LYS BA 75 66.15 -11.15 8.18
N PHE BA 76 66.28 -9.85 8.48
CA PHE BA 76 66.94 -9.34 9.67
C PHE BA 76 65.92 -9.26 10.80
N ASP BA 77 66.01 -10.24 11.69
CA ASP BA 77 65.06 -10.49 12.76
C ASP BA 77 65.37 -9.62 13.99
N GLU BA 78 66.64 -9.55 14.42
CA GLU BA 78 67.08 -8.67 15.55
C GLU BA 78 68.31 -7.86 15.14
N ILE BA 79 68.36 -6.57 15.50
CA ILE BA 79 69.49 -5.63 15.16
C ILE BA 79 69.81 -4.69 16.35
N ASP BA 80 70.84 -5.00 17.14
CA ASP BA 80 71.32 -4.10 18.23
C ASP BA 80 72.75 -3.66 17.88
N ALA BA 81 72.85 -2.77 16.90
CA ALA BA 81 74.13 -2.28 16.38
C ALA BA 81 75.08 -1.82 17.50
N ALA BA 82 74.55 -1.08 18.48
CA ALA BA 82 75.35 -0.52 19.59
C ALA BA 82 76.27 -1.56 20.21
N ASN BA 83 75.76 -2.79 20.36
CA ASN BA 83 76.50 -3.88 20.99
C ASN BA 83 76.96 -4.91 19.94
N PHE BA 84 76.65 -4.64 18.66
CA PHE BA 84 77.12 -5.42 17.49
C PHE BA 84 76.52 -6.83 17.46
N TYR BA 85 75.21 -6.92 17.74
CA TYR BA 85 74.44 -8.16 17.69
C TYR BA 85 73.47 -8.12 16.50
N CYS BA 86 73.20 -9.30 15.94
CA CYS BA 86 72.25 -9.42 14.82
C CYS BA 86 71.69 -10.84 14.82
N LYS BA 87 70.43 -10.95 14.39
CA LYS BA 87 69.75 -12.22 14.19
C LYS BA 87 69.08 -12.08 12.82
N TYR BA 88 69.53 -12.87 11.85
CA TYR BA 88 68.99 -12.85 10.49
C TYR BA 88 68.82 -14.33 10.09
N THR BA 89 68.09 -14.59 8.99
CA THR BA 89 67.74 -15.96 8.60
C THR BA 89 67.53 -16.10 7.09
N LEU BA 90 68.18 -17.11 6.49
CA LEU BA 90 67.95 -17.43 5.07
C LEU BA 90 66.70 -18.32 5.03
N PHE BA 91 65.68 -17.88 4.29
CA PHE BA 91 64.40 -18.62 4.19
C PHE BA 91 63.92 -18.81 2.75
N GLU BA 92 64.70 -18.44 1.73
CA GLU BA 92 64.22 -18.61 0.34
C GLU BA 92 65.43 -18.68 -0.63
N GLY BA 93 65.38 -19.67 -1.54
CA GLY BA 93 66.40 -19.87 -2.55
C GLY BA 93 66.66 -21.34 -2.85
N ASP BA 94 67.13 -21.60 -4.07
CA ASP BA 94 67.42 -22.97 -4.52
C ASP BA 94 68.65 -23.51 -3.79
N VAL BA 95 69.31 -22.66 -2.98
CA VAL BA 95 70.48 -23.06 -2.20
C VAL BA 95 70.01 -23.86 -0.98
N LEU BA 96 68.79 -23.55 -0.54
CA LEU BA 96 68.14 -24.35 0.48
C LEU BA 96 67.42 -25.49 -0.28
N ARG BA 97 67.94 -26.71 -0.17
CA ARG BA 97 67.41 -27.75 -1.08
C ARG BA 97 65.98 -28.09 -0.63
N ASP BA 98 65.49 -29.30 -0.93
CA ASP BA 98 64.10 -29.68 -0.56
C ASP BA 98 63.93 -29.64 0.96
N ASN BA 99 64.91 -30.17 1.70
CA ASN BA 99 64.87 -30.20 3.19
C ASN BA 99 65.23 -28.82 3.76
N ILE BA 100 64.80 -28.58 5.01
CA ILE BA 100 65.07 -27.37 5.85
C ILE BA 100 64.17 -26.18 5.46
N GLU BA 101 63.32 -25.77 6.42
CA GLU BA 101 62.43 -24.61 6.30
C GLU BA 101 63.26 -23.33 6.30
N LYS BA 102 64.33 -23.25 7.10
CA LYS BA 102 65.06 -21.98 7.35
C LYS BA 102 66.33 -22.17 8.18
N VAL BA 103 67.52 -21.91 7.62
CA VAL BA 103 68.75 -21.97 8.46
C VAL BA 103 68.86 -20.56 9.06
N VAL BA 104 69.11 -20.45 10.36
CA VAL BA 104 69.12 -19.11 11.04
C VAL BA 104 70.54 -18.65 11.38
N TYR BA 105 70.80 -17.34 11.23
CA TYR BA 105 72.13 -16.74 11.50
C TYR BA 105 72.06 -15.75 12.67
N GLU BA 106 73.00 -15.90 13.63
CA GLU BA 106 73.08 -15.09 14.86
C GLU BA 106 74.53 -14.67 15.16
N VAL BA 107 74.83 -13.39 14.88
CA VAL BA 107 76.13 -12.79 15.02
C VAL BA 107 76.20 -11.88 16.25
N LYS BA 108 77.20 -12.10 17.09
CA LYS BA 108 77.48 -11.26 18.25
C LYS BA 108 78.97 -10.88 18.32
N LEU BA 109 79.32 -9.60 18.04
CA LEU BA 109 80.73 -9.10 17.99
C LEU BA 109 81.08 -8.20 19.20
N GLU BA 110 82.40 -8.08 19.49
CA GLU BA 110 82.94 -7.25 20.62
C GLU BA 110 84.30 -6.62 20.26
N ALA BA 111 84.49 -5.36 20.68
CA ALA BA 111 85.73 -4.59 20.45
C ALA BA 111 86.86 -5.19 21.27
N VAL BA 112 88.10 -5.11 20.76
CA VAL BA 112 89.30 -5.60 21.46
C VAL BA 112 90.53 -4.97 20.80
N GLY BA 113 91.26 -4.16 21.58
CA GLY BA 113 92.40 -3.44 21.05
C GLY BA 113 92.00 -2.85 19.71
N GLY BA 114 92.92 -2.86 18.74
CA GLY BA 114 92.60 -2.32 17.39
C GLY BA 114 91.60 -3.16 16.58
N GLY BA 115 91.16 -4.31 17.13
CA GLY BA 115 90.29 -5.27 16.42
C GLY BA 115 89.05 -5.74 17.18
N SER BA 116 88.77 -7.04 17.04
CA SER BA 116 87.49 -7.58 17.43
C SER BA 116 87.47 -9.11 17.50
N LYS BA 117 86.67 -9.63 18.45
CA LYS BA 117 86.35 -11.05 18.57
C LYS BA 117 84.86 -11.21 18.18
N GLY BA 118 84.48 -12.38 17.67
CA GLY BA 118 83.09 -12.64 17.29
C GLY BA 118 82.55 -13.95 17.84
N LYS BA 119 81.22 -14.03 17.85
CA LYS BA 119 80.48 -15.24 18.18
C LYS BA 119 79.38 -15.34 17.11
N ILE BA 120 79.33 -16.48 16.41
CA ILE BA 120 78.35 -16.73 15.36
C ILE BA 120 77.76 -18.13 15.60
N THR BA 121 76.43 -18.23 15.40
CA THR BA 121 75.66 -19.45 15.54
C THR BA 121 74.76 -19.62 14.32
N VAL BA 122 74.92 -20.74 13.60
CA VAL BA 122 74.02 -21.05 12.48
C VAL BA 122 73.14 -22.21 12.94
N THR BA 123 71.82 -22.05 12.79
CA THR BA 123 70.85 -23.03 13.25
C THR BA 123 70.06 -23.55 12.04
N TYR BA 124 70.44 -24.74 11.56
CA TYR BA 124 69.82 -25.38 10.40
C TYR BA 124 68.58 -26.16 10.82
N HIS BA 125 67.41 -25.70 10.32
CA HIS BA 125 66.07 -26.28 10.65
C HIS BA 125 65.61 -27.20 9.53
N PRO BA 126 65.41 -28.50 9.81
CA PRO BA 126 65.02 -29.47 8.78
C PRO BA 126 63.65 -29.13 8.15
N LYS BA 127 63.42 -29.65 6.94
CA LYS BA 127 62.16 -29.38 6.23
C LYS BA 127 61.07 -30.29 6.78
N PRO BA 128 59.78 -29.88 6.74
CA PRO BA 128 58.68 -30.70 7.26
C PRO BA 128 58.84 -32.21 7.02
N GLY BA 129 59.07 -32.96 8.10
CA GLY BA 129 59.25 -34.40 8.05
C GLY BA 129 60.43 -34.76 7.16
N CYS BA 130 61.61 -34.33 7.57
CA CYS BA 130 62.85 -34.62 6.86
C CYS BA 130 64.03 -34.66 7.83
N THR BA 131 65.22 -34.82 7.25
CA THR BA 131 66.50 -34.81 7.93
C THR BA 131 67.29 -33.61 7.40
N VAL BA 132 68.34 -33.20 8.12
CA VAL BA 132 69.19 -32.09 7.72
C VAL BA 132 70.44 -32.67 7.04
N ASN BA 133 70.61 -32.37 5.75
CA ASN BA 133 71.75 -32.81 4.95
C ASN BA 133 72.99 -32.09 5.51
N GLU BA 134 73.50 -32.61 6.62
CA GLU BA 134 74.60 -32.03 7.38
C GLU BA 134 75.86 -31.94 6.54
N GLU BA 135 75.72 -32.03 5.22
CA GLU BA 135 76.83 -31.86 4.30
C GLU BA 135 76.69 -30.50 3.60
N GLU BA 136 75.55 -29.83 3.81
CA GLU BA 136 75.25 -28.51 3.26
C GLU BA 136 75.77 -27.44 4.23
N VAL BA 137 76.00 -27.86 5.47
CA VAL BA 137 76.49 -27.05 6.57
C VAL BA 137 78.01 -26.92 6.43
N LYS BA 138 78.64 -28.04 6.10
CA LYS BA 138 80.04 -28.02 5.80
C LYS BA 138 80.28 -27.03 4.64
N ILE BA 139 79.40 -27.06 3.64
CA ILE BA 139 79.50 -26.22 2.42
C ILE BA 139 79.20 -24.74 2.74
N GLY BA 140 78.20 -24.49 3.61
CA GLY BA 140 77.79 -23.12 3.95
C GLY BA 140 78.87 -22.33 4.66
N GLU BA 141 79.51 -22.93 5.67
CA GLU BA 141 80.52 -22.29 6.50
C GLU BA 141 81.71 -21.78 5.68
N LYS BA 142 82.28 -22.66 4.86
CA LYS BA 142 83.45 -22.38 4.05
C LYS BA 142 83.26 -21.04 3.34
N LYS BA 143 82.31 -21.02 2.40
CA LYS BA 143 82.12 -19.84 1.52
C LYS BA 143 81.88 -18.61 2.39
N ALA BA 144 81.16 -18.77 3.50
CA ALA BA 144 80.88 -17.62 4.34
C ALA BA 144 82.15 -17.12 5.04
N TYR BA 145 83.11 -18.02 5.27
CA TYR BA 145 84.34 -17.72 5.96
C TYR BA 145 85.36 -17.11 5.01
N GLU BA 146 85.42 -17.63 3.76
CA GLU BA 146 86.27 -17.04 2.71
C GLU BA 146 85.77 -15.63 2.42
N PHE BA 147 84.49 -15.53 2.02
CA PHE BA 147 83.85 -14.25 1.84
C PHE BA 147 84.45 -13.34 2.93
N TYR BA 148 84.32 -13.80 4.19
CA TYR BA 148 84.85 -13.07 5.35
C TYR BA 148 86.32 -12.72 5.10
N LYS BA 149 87.17 -13.75 5.05
CA LYS BA 149 88.64 -13.53 4.91
C LYS BA 149 88.99 -12.57 3.77
N GLN BA 150 88.28 -12.67 2.64
CA GLN BA 150 88.49 -11.75 1.53
C GLN BA 150 88.14 -10.32 1.98
N VAL BA 151 87.03 -10.19 2.71
CA VAL BA 151 86.58 -8.87 3.22
C VAL BA 151 87.63 -8.37 4.23
N GLU BA 152 88.00 -9.20 5.21
CA GLU BA 152 89.09 -8.87 6.17
C GLU BA 152 90.30 -8.23 5.44
N GLU BA 153 90.94 -8.97 4.53
CA GLU BA 153 92.12 -8.47 3.82
C GLU BA 153 91.79 -7.18 3.08
N TYR BA 154 90.59 -7.11 2.50
CA TYR BA 154 90.16 -5.97 1.73
C TYR BA 154 90.07 -4.75 2.66
N LEU BA 155 89.50 -4.94 3.85
CA LEU BA 155 89.30 -3.82 4.80
C LEU BA 155 90.61 -3.37 5.47
N ALA BA 156 91.55 -4.32 5.68
CA ALA BA 156 92.82 -3.97 6.25
C ALA BA 156 93.63 -3.09 5.29
N ALA BA 157 93.61 -3.42 4.00
CA ALA BA 157 94.36 -2.66 3.02
C ALA BA 157 93.81 -1.23 2.95
N ASN BA 158 92.48 -1.11 2.84
CA ASN BA 158 91.81 0.20 2.69
C ASN BA 158 91.13 0.59 4.00
N PRO BA 159 91.82 1.21 4.98
CA PRO BA 159 91.21 1.52 6.27
C PRO BA 159 90.23 2.69 6.30
N GLU BA 160 89.53 2.96 5.18
CA GLU BA 160 88.52 4.02 5.11
C GLU BA 160 87.14 3.47 4.78
N VAL BA 161 87.02 2.14 4.67
CA VAL BA 161 85.80 1.45 4.30
C VAL BA 161 85.11 0.96 5.58
N PHE BA 162 83.94 1.55 5.87
CA PHE BA 162 83.06 1.28 7.01
C PHE BA 162 83.65 1.82 8.33
N ALA BA 163 84.32 2.97 8.21
CA ALA BA 163 84.97 3.66 9.30
C ALA BA 163 83.93 4.39 10.16
N MET CA 5 121.60 -34.51 32.10
CA MET CA 5 120.84 -34.02 33.29
C MET CA 5 119.32 -34.17 33.04
N ALA CA 6 118.87 -35.42 32.83
CA ALA CA 6 117.45 -35.80 32.57
C ALA CA 6 116.66 -35.92 33.88
N ALA CA 7 115.86 -34.88 34.21
CA ALA CA 7 115.10 -34.78 35.47
C ALA CA 7 113.59 -34.77 35.23
N TYR CA 8 112.89 -35.76 35.81
CA TYR CA 8 111.45 -35.83 35.66
C TYR CA 8 110.83 -34.84 36.65
N THR CA 9 109.73 -34.22 36.24
CA THR CA 9 109.11 -33.14 36.95
C THR CA 9 107.58 -33.25 36.91
N ILE CA 10 106.94 -33.00 38.05
CA ILE CA 10 105.50 -32.91 38.15
C ILE CA 10 105.16 -31.52 38.74
N VAL CA 11 104.61 -30.69 37.87
CA VAL CA 11 104.12 -29.41 38.20
C VAL CA 11 102.60 -29.48 38.04
N LYS CA 12 101.86 -29.26 39.14
CA LYS CA 12 100.41 -29.33 39.15
C LYS CA 12 99.83 -28.18 39.96
N GLU CA 13 98.49 -28.13 39.98
CA GLU CA 13 97.75 -27.14 40.70
C GLU CA 13 96.60 -27.85 41.41
N GLU CA 14 96.24 -27.34 42.58
CA GLU CA 14 95.16 -27.94 43.37
C GLU CA 14 94.24 -26.84 43.91
N GLU CA 15 93.20 -27.23 44.65
CA GLU CA 15 92.30 -26.24 45.25
C GLU CA 15 91.53 -26.90 46.40
N SER CA 16 91.38 -26.11 47.48
CA SER CA 16 90.84 -26.56 48.76
C SER CA 16 89.81 -25.62 49.35
N PRO CA 17 88.88 -26.14 50.19
CA PRO CA 17 88.02 -25.33 51.04
C PRO CA 17 88.78 -24.76 52.26
N ILE CA 18 89.96 -25.31 52.54
CA ILE CA 18 90.81 -24.93 53.69
C ILE CA 18 91.61 -23.68 53.36
N ALA CA 19 91.81 -22.83 54.38
CA ALA CA 19 92.48 -21.52 54.23
C ALA CA 19 93.96 -21.71 53.95
N PRO CA 20 94.60 -20.81 53.18
CA PRO CA 20 95.98 -21.01 52.71
C PRO CA 20 97.16 -20.91 53.68
N HIS CA 21 97.00 -20.13 54.75
CA HIS CA 21 98.05 -20.02 55.78
C HIS CA 21 98.00 -21.29 56.62
N ARG CA 22 96.80 -21.78 56.79
CA ARG CA 22 96.51 -22.90 57.62
C ARG CA 22 97.07 -24.17 56.99
N LEU CA 23 96.71 -24.34 55.72
CA LEU CA 23 97.12 -25.48 54.95
C LEU CA 23 98.65 -25.54 54.80
N PHE CA 24 99.29 -24.37 54.80
CA PHE CA 24 100.74 -24.21 54.61
C PHE CA 24 101.45 -24.65 55.90
N LYS CA 25 100.97 -24.12 57.01
CA LYS CA 25 101.48 -24.48 58.30
C LYS CA 25 101.47 -26.01 58.42
N ALA CA 26 100.35 -26.58 57.96
CA ALA CA 26 100.03 -28.02 58.06
C ALA CA 26 100.85 -28.88 57.09
N LEU CA 27 101.03 -28.39 55.87
CA LEU CA 27 101.63 -29.15 54.82
C LEU CA 27 103.05 -28.72 54.56
N VAL CA 28 103.53 -27.64 55.17
CA VAL CA 28 104.91 -27.19 54.86
C VAL CA 28 105.73 -26.97 56.14
N LEU CA 29 105.30 -26.03 56.99
CA LEU CA 29 106.12 -25.69 58.15
C LEU CA 29 106.07 -26.80 59.21
N GLU CA 30 104.88 -27.37 59.36
CA GLU CA 30 104.66 -28.33 60.40
C GLU CA 30 104.52 -29.75 59.85
N ARG CA 31 104.72 -29.90 58.55
CA ARG CA 31 104.58 -31.17 57.85
C ARG CA 31 105.20 -32.32 58.63
N HIS CA 32 106.42 -32.13 59.18
CA HIS CA 32 107.14 -33.28 59.85
C HIS CA 32 106.33 -33.83 61.02
N GLN CA 33 105.61 -32.92 61.67
CA GLN CA 33 104.77 -33.25 62.79
C GLN CA 33 103.41 -33.75 62.31
N VAL CA 34 102.84 -33.09 61.31
CA VAL CA 34 101.49 -33.39 60.80
C VAL CA 34 101.49 -34.77 60.14
N LEU CA 35 102.60 -35.17 59.49
CA LEU CA 35 102.69 -36.50 58.93
C LEU CA 35 102.35 -37.57 59.97
N VAL CA 36 102.82 -37.35 61.19
CA VAL CA 36 102.64 -38.31 62.30
C VAL CA 36 101.23 -38.14 62.90
N LYS CA 37 100.61 -36.99 62.71
CA LYS CA 37 99.29 -36.82 63.24
C LYS CA 37 98.31 -37.60 62.38
N ALA CA 38 98.49 -37.56 61.05
CA ALA CA 38 97.55 -38.18 60.11
C ALA CA 38 97.84 -39.65 59.84
N GLN CA 39 99.11 -40.09 59.92
CA GLN CA 39 99.43 -41.47 59.62
C GLN CA 39 100.26 -42.10 60.74
N PRO CA 40 99.67 -42.29 61.95
CA PRO CA 40 100.40 -42.94 63.03
C PRO CA 40 100.80 -44.41 62.78
N HIS CA 41 100.25 -45.01 61.69
CA HIS CA 41 100.53 -46.37 61.37
C HIS CA 41 101.80 -46.46 60.49
N VAL CA 42 102.34 -45.33 60.04
CA VAL CA 42 103.46 -45.31 59.11
C VAL CA 42 104.68 -44.52 59.64
N PHE CA 43 104.42 -43.52 60.48
CA PHE CA 43 105.44 -42.59 60.95
C PHE CA 43 105.38 -42.53 62.47
N LYS CA 44 106.53 -42.80 63.09
CA LYS CA 44 106.67 -42.96 64.54
C LYS CA 44 106.94 -41.64 65.25
N SER CA 45 107.54 -40.67 64.53
CA SER CA 45 107.96 -39.43 65.08
C SER CA 45 108.34 -38.50 63.94
N GLY CA 46 108.37 -37.17 64.18
CA GLY CA 46 108.78 -36.14 63.18
C GLY CA 46 109.41 -34.92 63.86
N GLU CA 47 110.68 -34.60 63.58
CA GLU CA 47 111.33 -33.43 64.24
C GLU CA 47 112.22 -32.58 63.32
N ILE CA 48 112.78 -31.54 63.97
CA ILE CA 48 113.79 -30.61 63.47
C ILE CA 48 115.10 -30.94 64.20
N ILE CA 49 116.18 -31.03 63.43
CA ILE CA 49 117.48 -31.40 63.96
C ILE CA 49 118.51 -30.31 63.69
N GLU CA 50 118.13 -29.35 62.85
CA GLU CA 50 119.00 -28.30 62.40
C GLU CA 50 118.13 -27.15 61.92
N GLY CA 51 118.25 -25.98 62.55
CA GLY CA 51 117.49 -24.76 62.17
C GLY CA 51 116.61 -24.30 63.31
N ASP CA 52 115.93 -23.17 63.13
CA ASP CA 52 115.06 -22.65 64.19
C ASP CA 52 113.60 -22.59 63.71
N GLY CA 53 113.36 -23.02 62.46
CA GLY CA 53 112.01 -23.06 61.86
C GLY CA 53 111.88 -22.28 60.55
N GLY CA 54 113.00 -21.75 60.06
CA GLY CA 54 113.07 -20.98 58.82
C GLY CA 54 114.04 -21.61 57.84
N VAL CA 55 114.50 -20.85 56.85
CA VAL CA 55 115.41 -21.37 55.80
C VAL CA 55 116.65 -22.01 56.43
N GLY CA 56 116.99 -23.20 55.93
CA GLY CA 56 118.13 -23.98 56.42
C GLY CA 56 117.72 -25.06 57.41
N THR CA 57 116.47 -25.00 57.88
CA THR CA 57 115.92 -25.94 58.86
C THR CA 57 115.96 -27.37 58.27
N VAL CA 58 116.38 -28.35 59.10
CA VAL CA 58 116.48 -29.77 58.70
C VAL CA 58 115.61 -30.63 59.62
N THR CA 59 114.75 -31.44 58.99
CA THR CA 59 113.82 -32.31 59.68
C THR CA 59 114.22 -33.77 59.52
N LYS CA 60 113.79 -34.58 60.49
CA LYS CA 60 113.96 -36.02 60.51
C LYS CA 60 112.61 -36.71 60.76
N ILE CA 61 112.15 -37.42 59.72
CA ILE CA 61 110.97 -38.20 59.74
C ILE CA 61 111.40 -39.67 59.76
N THR CA 62 110.92 -40.39 60.77
CA THR CA 62 111.20 -41.75 61.12
C THR CA 62 109.95 -42.63 60.98
N PHE CA 63 110.05 -43.73 60.23
CA PHE CA 63 108.92 -44.62 60.03
C PHE CA 63 108.77 -45.56 61.21
N VAL CA 64 107.58 -46.11 61.39
CA VAL CA 64 107.41 -47.04 62.47
C VAL CA 64 108.47 -48.12 62.22
N ASP CA 65 108.76 -48.90 63.26
CA ASP CA 65 109.80 -49.94 63.22
C ASP CA 65 109.37 -51.08 62.27
N GLY CA 66 108.08 -51.19 61.95
CA GLY CA 66 107.58 -52.27 61.13
C GLY CA 66 107.44 -51.91 59.66
N HIS CA 67 107.85 -50.70 59.31
CA HIS CA 67 107.77 -50.21 57.97
C HIS CA 67 109.12 -50.45 57.28
N PRO CA 68 109.10 -50.79 55.98
CA PRO CA 68 110.31 -51.06 55.21
C PRO CA 68 111.31 -49.90 55.16
N LEU CA 69 110.78 -48.68 55.26
CA LEU CA 69 111.57 -47.49 55.21
C LEU CA 69 111.97 -47.14 56.63
N THR CA 70 113.05 -46.36 56.75
CA THR CA 70 113.69 -46.06 58.02
C THR CA 70 113.50 -44.61 58.43
N TYR CA 71 113.93 -43.68 57.58
CA TYR CA 71 113.86 -42.25 57.87
C TYR CA 71 114.14 -41.43 56.61
N MET CA 72 113.86 -40.11 56.72
CA MET CA 72 114.15 -39.15 55.66
C MET CA 72 114.48 -37.79 56.28
N LEU CA 73 115.25 -37.02 55.53
CA LEU CA 73 115.61 -35.74 55.94
C LEU CA 73 115.28 -34.84 54.75
N HIS CA 74 114.80 -33.65 55.09
CA HIS CA 74 114.48 -32.59 54.21
C HIS CA 74 115.14 -31.36 54.75
N LYS CA 75 115.51 -30.42 53.88
CA LYS CA 75 116.11 -29.17 54.24
C LYS CA 75 115.24 -28.06 53.65
N PHE CA 76 115.16 -26.90 54.30
CA PHE CA 76 114.41 -25.76 53.77
C PHE CA 76 115.35 -24.84 52.98
N ASP CA 77 115.02 -24.68 51.69
CA ASP CA 77 115.83 -23.96 50.74
C ASP CA 77 115.50 -22.47 50.85
N GLU CA 78 114.23 -22.17 50.58
CA GLU CA 78 113.65 -20.85 50.71
C GLU CA 78 112.30 -20.98 51.42
N ILE CA 79 112.01 -19.98 52.22
CA ILE CA 79 110.70 -19.91 52.92
C ILE CA 79 110.30 -18.44 52.94
N ASP CA 80 109.06 -18.16 52.63
CA ASP CA 80 108.49 -16.80 52.67
C ASP CA 80 107.05 -17.01 53.08
N ALA CA 81 106.83 -17.26 54.36
CA ALA CA 81 105.49 -17.57 54.86
C ALA CA 81 104.57 -16.39 54.61
N ALA CA 82 105.15 -15.26 54.30
CA ALA CA 82 104.40 -14.09 53.99
C ALA CA 82 103.52 -14.37 52.78
N ASN CA 83 104.08 -15.01 51.73
CA ASN CA 83 103.30 -15.30 50.49
C ASN CA 83 103.24 -16.81 50.18
N PHE CA 84 103.34 -17.61 51.24
CA PHE CA 84 103.12 -19.04 51.19
C PHE CA 84 104.08 -19.70 50.20
N TYR CA 85 105.34 -19.34 50.34
CA TYR CA 85 106.32 -19.82 49.49
C TYR CA 85 107.43 -20.54 50.24
N CYS CA 86 107.66 -21.77 49.78
CA CYS CA 86 108.73 -22.55 50.24
C CYS CA 86 109.14 -23.56 49.16
N LYS CA 87 110.46 -23.78 49.13
CA LYS CA 87 111.17 -24.74 48.35
C LYS CA 87 111.98 -25.57 49.35
N TYR CA 88 111.66 -26.86 49.49
CA TYR CA 88 112.44 -27.74 50.36
C TYR CA 88 113.03 -28.89 49.51
N THR CA 89 113.78 -29.75 50.18
CA THR CA 89 114.54 -30.78 49.51
C THR CA 89 114.74 -31.94 50.47
N LEU CA 90 114.47 -33.12 49.92
CA LEU CA 90 114.61 -34.45 50.50
C LEU CA 90 115.98 -34.88 50.00
N PHE CA 91 117.00 -34.81 50.87
CA PHE CA 91 118.39 -35.03 50.47
C PHE CA 91 119.04 -36.27 51.12
N GLU CA 92 118.36 -36.91 52.07
CA GLU CA 92 118.89 -38.13 52.68
C GLU CA 92 117.72 -38.99 53.15
N GLY CA 93 117.89 -40.31 53.02
CA GLY CA 93 116.91 -41.29 53.41
C GLY CA 93 116.79 -42.42 52.41
N ASP CA 94 116.59 -43.61 52.95
CA ASP CA 94 116.46 -44.82 52.18
C ASP CA 94 115.52 -44.64 51.00
N VAL CA 95 114.31 -44.09 51.22
CA VAL CA 95 113.33 -43.99 50.11
C VAL CA 95 114.04 -43.60 48.81
N LEU CA 96 115.03 -42.71 48.91
CA LEU CA 96 115.78 -42.24 47.76
C LEU CA 96 116.33 -43.43 46.98
N ARG CA 97 116.87 -44.39 47.73
CA ARG CA 97 117.52 -45.53 47.16
C ARG CA 97 118.88 -45.07 46.63
N ASP CA 98 119.36 -45.75 45.60
CA ASP CA 98 120.65 -45.53 45.05
C ASP CA 98 120.56 -44.76 43.72
N ASN CA 99 119.37 -44.71 43.10
CA ASN CA 99 119.25 -44.10 41.80
C ASN CA 99 119.03 -42.60 41.88
N ILE CA 100 118.57 -42.11 43.05
CA ILE CA 100 118.19 -40.68 43.26
C ILE CA 100 119.13 -40.04 44.29
N GLU CA 101 119.47 -38.76 44.08
CA GLU CA 101 120.36 -37.96 44.95
C GLU CA 101 119.60 -37.03 45.93
N LYS CA 102 118.45 -36.48 45.48
CA LYS CA 102 117.59 -35.56 46.30
C LYS CA 102 116.34 -35.16 45.50
N VAL CA 103 115.18 -35.10 46.19
CA VAL CA 103 113.88 -34.71 45.58
C VAL CA 103 113.53 -33.32 46.10
N VAL CA 104 113.30 -32.36 45.19
CA VAL CA 104 113.08 -30.95 45.56
C VAL CA 104 111.63 -30.53 45.27
N TYR CA 105 111.00 -29.97 46.32
CA TYR CA 105 109.63 -29.50 46.29
C TYR CA 105 109.64 -27.98 46.40
N GLU CA 106 108.79 -27.36 45.58
CA GLU CA 106 108.58 -25.93 45.53
C GLU CA 106 107.05 -25.72 45.52
N VAL CA 107 106.56 -25.09 46.58
CA VAL CA 107 105.13 -24.89 46.84
C VAL CA 107 104.82 -23.39 46.86
N LYS CA 108 103.71 -23.01 46.23
CA LYS CA 108 103.19 -21.65 46.13
C LYS CA 108 101.68 -21.69 46.36
N LEU CA 109 101.20 -20.98 47.39
CA LEU CA 109 99.80 -21.00 47.72
C LEU CA 109 99.19 -19.60 47.60
N GLU CA 110 97.86 -19.53 47.67
CA GLU CA 110 97.15 -18.23 47.67
C GLU CA 110 95.67 -18.43 47.95
N ALA CA 111 95.08 -17.43 48.61
CA ALA CA 111 93.69 -17.51 49.04
C ALA CA 111 92.76 -17.30 47.85
N VAL CA 112 91.68 -18.07 47.82
CA VAL CA 112 90.64 -18.00 46.80
C VAL CA 112 89.32 -18.27 47.53
N GLY CA 113 88.82 -17.22 48.18
CA GLY CA 113 87.65 -17.31 49.04
C GLY CA 113 88.15 -17.54 50.43
N GLY CA 114 87.40 -18.31 51.23
CA GLY CA 114 87.87 -18.70 52.53
C GLY CA 114 88.80 -19.90 52.44
N GLY CA 115 89.07 -20.32 51.19
CA GLY CA 115 89.87 -21.51 50.82
C GLY CA 115 91.16 -21.12 50.15
N SER CA 116 91.77 -22.05 49.41
CA SER CA 116 93.12 -21.80 48.87
C SER CA 116 93.32 -22.27 47.43
N LYS CA 117 94.52 -21.99 46.93
CA LYS CA 117 95.01 -22.38 45.62
C LYS CA 117 96.51 -22.57 45.76
N GLY CA 118 97.06 -23.58 45.11
CA GLY CA 118 98.47 -23.82 45.16
C GLY CA 118 99.05 -24.46 43.92
N LYS CA 119 100.29 -24.07 43.61
CA LYS CA 119 101.13 -24.56 42.53
C LYS CA 119 102.24 -25.42 43.15
N ILE CA 120 102.12 -26.75 43.08
CA ILE CA 120 103.13 -27.66 43.63
C ILE CA 120 103.93 -28.27 42.47
N THR CA 121 105.26 -28.25 42.65
CA THR CA 121 106.22 -28.75 41.69
C THR CA 121 107.22 -29.72 42.35
N VAL CA 122 107.31 -30.94 41.83
CA VAL CA 122 108.28 -31.91 42.30
C VAL CA 122 109.26 -32.22 41.16
N THR CA 123 110.57 -32.25 41.48
CA THR CA 123 111.65 -32.55 40.53
C THR CA 123 112.64 -33.51 41.18
N TYR CA 124 112.90 -34.65 40.52
CA TYR CA 124 113.80 -35.70 41.02
C TYR CA 124 115.20 -35.46 40.43
N HIS CA 125 116.21 -35.38 41.30
CA HIS CA 125 117.59 -35.08 40.90
C HIS CA 125 118.43 -36.36 40.93
N PRO CA 126 118.53 -37.09 39.79
CA PRO CA 126 119.22 -38.38 39.74
C PRO CA 126 120.74 -38.30 39.88
N LYS CA 127 121.33 -39.41 40.29
CA LYS CA 127 122.75 -39.52 40.41
C LYS CA 127 123.31 -39.63 39.00
N PRO CA 128 124.58 -39.19 38.80
CA PRO CA 128 125.26 -39.29 37.51
C PRO CA 128 124.97 -40.53 36.66
N GLY CA 129 124.33 -40.31 35.51
CA GLY CA 129 124.01 -41.32 34.50
C GLY CA 129 123.07 -42.43 34.95
N CYS CA 130 122.06 -42.09 35.78
CA CYS CA 130 121.02 -43.03 36.28
C CYS CA 130 119.64 -42.65 35.71
N THR CA 131 118.72 -43.61 35.74
CA THR CA 131 117.31 -43.41 35.32
C THR CA 131 116.45 -43.10 36.56
N VAL CA 132 115.86 -41.90 36.51
CA VAL CA 132 114.95 -41.47 37.61
C VAL CA 132 113.78 -42.45 37.55
N ASN CA 133 113.27 -42.90 38.70
CA ASN CA 133 112.18 -43.89 38.61
C ASN CA 133 110.89 -43.18 38.21
N GLU CA 134 110.37 -43.51 37.01
CA GLU CA 134 109.09 -42.93 36.55
C GLU CA 134 108.06 -43.40 37.57
N GLU CA 135 108.24 -44.66 38.00
CA GLU CA 135 107.39 -45.30 39.01
C GLU CA 135 107.69 -44.63 40.34
N GLU CA 136 108.93 -44.28 40.61
CA GLU CA 136 109.12 -43.71 41.92
C GLU CA 136 108.32 -42.41 42.07
N VAL CA 137 108.14 -41.71 40.95
CA VAL CA 137 107.41 -40.45 40.83
C VAL CA 137 105.90 -40.61 41.08
N LYS CA 138 105.29 -41.65 40.53
CA LYS CA 138 103.86 -41.87 40.70
C LYS CA 138 103.61 -42.18 42.19
N ILE CA 139 104.59 -42.83 42.81
CA ILE CA 139 104.51 -43.22 44.19
C ILE CA 139 104.64 -41.96 45.04
N GLY CA 140 105.46 -41.02 44.54
CA GLY CA 140 105.66 -39.77 45.21
C GLY CA 140 104.41 -38.93 45.28
N GLU CA 141 103.81 -38.61 44.13
CA GLU CA 141 102.66 -37.73 44.17
C GLU CA 141 101.56 -38.47 44.87
N LYS CA 142 101.57 -39.80 44.78
CA LYS CA 142 100.54 -40.54 45.42
C LYS CA 142 100.60 -40.31 46.92
N LYS CA 143 101.78 -40.47 47.53
CA LYS CA 143 101.84 -40.52 49.01
C LYS CA 143 101.40 -39.19 49.60
N ALA CA 144 101.81 -38.11 48.95
CA ALA CA 144 101.57 -36.79 49.36
C ALA CA 144 100.11 -36.37 49.18
N TYR CA 145 99.55 -36.68 48.01
CA TYR CA 145 98.26 -36.22 47.63
C TYR CA 145 97.25 -36.80 48.62
N GLU CA 146 97.48 -38.04 49.05
CA GLU CA 146 96.64 -38.66 50.01
C GLU CA 146 96.76 -37.88 51.32
N PHE CA 147 98.00 -37.64 51.70
CA PHE CA 147 98.29 -36.98 52.97
C PHE CA 147 97.55 -35.64 52.98
N TYR CA 148 97.83 -34.81 51.97
CA TYR CA 148 97.18 -33.51 51.76
C TYR CA 148 95.65 -33.61 51.81
N LYS CA 149 95.05 -34.70 51.30
CA LYS CA 149 93.58 -34.79 51.29
C LYS CA 149 93.13 -35.22 52.68
N GLN CA 150 93.99 -35.94 53.36
CA GLN CA 150 93.69 -36.47 54.69
C GLN CA 150 93.71 -35.36 55.76
N VAL CA 151 94.59 -34.38 55.55
CA VAL CA 151 94.82 -33.23 56.45
C VAL CA 151 93.68 -32.22 56.23
N GLU CA 152 93.47 -31.88 54.97
CA GLU CA 152 92.38 -31.07 54.52
C GLU CA 152 91.09 -31.49 55.24
N GLU CA 153 90.86 -32.79 55.41
CA GLU CA 153 89.60 -33.27 56.04
C GLU CA 153 89.61 -33.12 57.57
N TYR CA 154 90.78 -33.22 58.20
CA TYR CA 154 90.82 -33.03 59.63
C TYR CA 154 90.49 -31.58 59.89
N LEU CA 155 91.18 -30.74 59.14
CA LEU CA 155 91.12 -29.33 59.32
C LEU CA 155 89.72 -28.77 59.07
N ALA CA 156 89.14 -29.19 57.96
CA ALA CA 156 87.83 -28.77 57.57
C ALA CA 156 86.93 -28.81 58.80
N ALA CA 157 86.93 -30.01 59.39
CA ALA CA 157 86.13 -30.45 60.49
C ALA CA 157 86.64 -29.97 61.86
N ASN CA 158 87.86 -29.41 61.93
CA ASN CA 158 88.43 -28.85 63.17
C ASN CA 158 88.97 -27.45 62.85
N PRO CA 159 88.06 -26.50 62.55
CA PRO CA 159 88.43 -25.18 62.03
C PRO CA 159 89.34 -24.30 62.89
N GLU CA 160 89.53 -24.68 64.15
CA GLU CA 160 90.34 -23.91 65.09
C GLU CA 160 91.82 -24.31 64.98
N VAL CA 161 92.10 -25.37 64.21
CA VAL CA 161 93.43 -25.91 64.06
C VAL CA 161 94.18 -25.09 63.01
N PHE CA 162 95.21 -24.41 63.49
CA PHE CA 162 96.12 -23.57 62.71
C PHE CA 162 95.43 -22.30 62.20
N ALA CA 163 94.18 -22.06 62.62
CA ALA CA 163 93.35 -20.93 62.13
C ALA CA 163 93.92 -19.58 62.52
N MET DA 5 101.95 -37.49 32.43
CA MET DA 5 101.97 -36.61 33.65
C MET DA 5 103.38 -36.02 33.77
N ALA DA 6 104.41 -36.89 33.91
CA ALA DA 6 105.82 -36.49 34.17
C ALA DA 6 106.51 -35.88 32.94
N ALA DA 7 107.25 -34.78 33.20
CA ALA DA 7 108.00 -33.99 32.21
C ALA DA 7 109.52 -34.08 32.42
N TYR DA 8 110.20 -33.99 31.27
CA TYR DA 8 111.64 -33.98 31.15
C TYR DA 8 112.08 -32.55 31.45
N THR DA 9 112.90 -32.35 32.50
CA THR DA 9 113.36 -31.00 32.86
C THR DA 9 114.86 -30.85 32.62
N ILE DA 10 115.22 -29.66 32.11
CA ILE DA 10 116.58 -29.26 31.85
C ILE DA 10 116.87 -28.00 32.66
N VAL DA 11 117.78 -28.14 33.62
CA VAL DA 11 118.20 -27.01 34.48
C VAL DA 11 119.59 -26.63 33.98
N LYS DA 12 119.81 -25.37 33.62
CA LYS DA 12 121.13 -24.96 33.07
C LYS DA 12 121.67 -23.70 33.75
N GLU DA 13 122.94 -23.75 34.20
CA GLU DA 13 123.63 -22.59 34.81
C GLU DA 13 124.98 -22.42 34.08
N GLU DA 14 125.27 -21.21 33.58
CA GLU DA 14 126.55 -20.99 32.85
C GLU DA 14 127.22 -19.67 33.29
N GLU DA 15 126.61 -18.53 32.96
CA GLU DA 15 127.16 -17.19 33.30
C GLU DA 15 127.96 -16.62 32.12
N SER DA 16 127.60 -15.40 31.68
CA SER DA 16 128.23 -14.73 30.51
C SER DA 16 128.60 -13.28 30.85
N PRO DA 17 129.76 -12.82 30.36
CA PRO DA 17 130.31 -11.50 30.67
C PRO DA 17 129.44 -10.26 30.42
N ILE DA 18 128.16 -10.42 30.06
CA ILE DA 18 127.37 -9.24 29.70
C ILE DA 18 126.40 -8.90 30.84
N ALA DA 19 126.30 -7.59 31.11
CA ALA DA 19 125.39 -7.04 32.10
C ALA DA 19 124.01 -7.65 31.88
N PRO DA 20 123.37 -8.20 32.93
CA PRO DA 20 122.09 -8.88 32.76
C PRO DA 20 121.10 -8.09 31.89
N HIS DA 21 121.00 -6.78 32.19
CA HIS DA 21 120.06 -5.88 31.56
C HIS DA 21 120.30 -5.77 30.04
N ARG DA 22 121.42 -6.32 29.55
CA ARG DA 22 121.74 -6.26 28.12
C ARG DA 22 121.45 -7.62 27.46
N LEU DA 23 121.77 -8.73 28.13
CA LEU DA 23 121.37 -10.06 27.64
C LEU DA 23 119.84 -10.06 27.58
N PHE DA 24 119.25 -9.74 28.73
CA PHE DA 24 117.83 -9.70 28.93
C PHE DA 24 117.10 -9.12 27.70
N LYS DA 25 117.55 -7.96 27.21
CA LYS DA 25 116.90 -7.28 26.08
C LYS DA 25 117.12 -8.08 24.77
N ALA DA 26 118.17 -8.90 24.75
CA ALA DA 26 118.52 -9.62 23.51
C ALA DA 26 118.09 -11.08 23.52
N LEU DA 27 118.53 -11.87 24.50
CA LEU DA 27 118.22 -13.31 24.58
C LEU DA 27 116.77 -13.60 24.96
N VAL DA 28 116.00 -12.60 25.39
CA VAL DA 28 114.57 -12.79 25.74
C VAL DA 28 113.69 -11.62 25.26
N LEU DA 29 113.93 -10.41 25.72
CA LEU DA 29 112.93 -9.35 25.48
C LEU DA 29 112.67 -9.16 23.98
N GLU DA 30 113.73 -9.03 23.17
CA GLU DA 30 113.58 -8.81 21.71
C GLU DA 30 114.13 -10.00 20.93
N ARG DA 31 114.19 -11.16 21.58
CA ARG DA 31 114.78 -12.41 21.05
C ARG DA 31 114.08 -12.83 19.74
N HIS DA 32 112.98 -12.16 19.39
CA HIS DA 32 112.26 -12.48 18.17
C HIS DA 32 113.09 -11.97 16.98
N GLN DA 33 113.37 -10.66 16.96
CA GLN DA 33 114.10 -9.99 15.87
C GLN DA 33 115.60 -10.41 15.81
N VAL DA 34 116.27 -10.37 16.97
CA VAL DA 34 117.72 -10.65 17.05
C VAL DA 34 117.98 -12.14 16.82
N LEU DA 35 116.95 -12.92 16.49
CA LEU DA 35 117.21 -14.32 16.25
C LEU DA 35 117.52 -14.50 14.77
N VAL DA 36 117.10 -13.51 13.98
CA VAL DA 36 117.44 -13.50 12.58
C VAL DA 36 118.85 -12.94 12.51
N LYS DA 37 119.04 -11.71 12.99
CA LYS DA 37 120.39 -11.14 13.05
C LYS DA 37 121.40 -12.25 13.34
N ALA DA 38 121.01 -13.23 14.15
CA ALA DA 38 121.86 -14.30 14.57
C ALA DA 38 122.04 -15.38 13.50
N GLN DA 39 120.95 -15.71 12.78
CA GLN DA 39 120.96 -16.79 11.83
C GLN DA 39 120.10 -16.40 10.62
N PRO DA 40 120.50 -15.38 9.83
CA PRO DA 40 119.72 -14.91 8.68
C PRO DA 40 119.65 -15.93 7.53
N HIS DA 41 119.93 -17.19 7.86
CA HIS DA 41 120.02 -18.32 6.97
C HIS DA 41 119.11 -19.46 7.45
N VAL DA 42 118.93 -19.59 8.78
CA VAL DA 42 118.01 -20.57 9.33
C VAL DA 42 116.73 -19.83 9.72
N PHE DA 43 116.80 -18.51 9.93
CA PHE DA 43 115.64 -17.78 10.38
C PHE DA 43 115.24 -16.68 9.40
N LYS DA 44 113.95 -16.73 9.04
CA LYS DA 44 113.28 -15.87 8.09
C LYS DA 44 112.72 -14.61 8.77
N SER DA 45 111.92 -14.82 9.83
CA SER DA 45 111.23 -13.69 10.52
C SER DA 45 111.29 -13.75 12.05
N GLY DA 46 111.17 -12.59 12.70
CA GLY DA 46 111.05 -12.53 14.16
C GLY DA 46 109.90 -11.61 14.47
N GLU DA 47 108.80 -12.11 15.04
CA GLU DA 47 107.62 -11.21 15.22
C GLU DA 47 106.92 -11.37 16.58
N ILE DA 48 106.24 -10.30 16.99
CA ILE DA 48 105.49 -10.28 18.24
C ILE DA 48 104.02 -10.17 17.82
N ILE DA 49 103.31 -11.30 17.85
CA ILE DA 49 101.94 -11.29 17.37
C ILE DA 49 101.16 -10.33 18.26
N GLU DA 50 101.22 -10.53 19.57
CA GLU DA 50 100.59 -9.62 20.52
C GLU DA 50 101.35 -9.65 21.85
N GLY DA 51 101.07 -8.59 22.59
CA GLY DA 51 101.70 -8.28 23.87
C GLY DA 51 102.53 -7.05 23.66
N ASP DA 52 102.24 -6.00 24.42
CA ASP DA 52 103.07 -4.78 24.34
C ASP DA 52 104.20 -4.93 25.36
N GLY DA 53 105.11 -5.88 25.16
CA GLY DA 53 106.17 -6.12 26.13
C GLY DA 53 105.44 -6.55 27.38
N GLY DA 54 104.13 -6.78 27.21
CA GLY DA 54 103.31 -7.16 28.37
C GLY DA 54 103.40 -8.64 28.64
N VAL DA 55 103.27 -9.08 29.90
CA VAL DA 55 103.33 -10.54 30.21
C VAL DA 55 102.16 -11.18 29.46
N GLY DA 56 102.34 -12.36 28.90
CA GLY DA 56 101.27 -12.86 28.04
C GLY DA 56 101.56 -12.44 26.61
N THR DA 57 102.79 -11.96 26.37
CA THR DA 57 103.27 -11.64 25.01
C THR DA 57 103.42 -12.97 24.28
N VAL DA 58 103.06 -12.97 23.01
CA VAL DA 58 103.16 -14.14 22.14
C VAL DA 58 103.87 -13.69 20.86
N THR DA 59 105.00 -14.35 20.58
CA THR DA 59 105.81 -14.08 19.39
C THR DA 59 105.46 -15.12 18.32
N LYS DA 60 105.97 -14.84 17.11
CA LYS DA 60 105.80 -15.71 15.93
C LYS DA 60 107.13 -15.77 15.16
N ILE DA 61 107.60 -16.99 14.89
CA ILE DA 61 108.83 -17.25 14.12
C ILE DA 61 108.45 -18.05 12.86
N THR DA 62 109.38 -18.08 11.90
CA THR DA 62 109.30 -18.92 10.69
C THR DA 62 110.73 -19.02 10.13
N PHE DA 63 111.23 -20.26 10.00
CA PHE DA 63 112.52 -20.54 9.38
C PHE DA 63 112.40 -20.26 7.88
N VAL DA 64 113.52 -20.17 7.17
CA VAL DA 64 113.49 -19.94 5.71
C VAL DA 64 112.79 -21.13 5.05
N ASP DA 65 111.98 -20.81 4.05
CA ASP DA 65 111.12 -21.74 3.33
C ASP DA 65 111.81 -23.10 3.14
N GLY DA 66 113.11 -23.09 2.80
CA GLY DA 66 113.87 -24.33 2.61
C GLY DA 66 113.76 -25.29 3.79
N HIS DA 67 113.95 -24.74 5.01
CA HIS DA 67 113.97 -25.48 6.29
C HIS DA 67 112.71 -26.30 6.44
N PRO DA 68 112.82 -27.59 6.85
CA PRO DA 68 111.66 -28.47 7.00
C PRO DA 68 110.62 -28.00 8.03
N LEU DA 69 111.10 -27.32 9.10
CA LEU DA 69 110.24 -26.80 10.16
C LEU DA 69 109.61 -25.47 9.69
N THR DA 70 108.32 -25.29 9.98
CA THR DA 70 107.58 -24.10 9.58
C THR DA 70 107.89 -22.97 10.57
N TYR DA 71 107.25 -22.98 11.75
CA TYR DA 71 107.44 -21.90 12.73
C TYR DA 71 107.35 -22.36 14.20
N MET DA 72 107.70 -21.42 15.08
CA MET DA 72 107.73 -21.53 16.55
C MET DA 72 106.90 -20.39 17.16
N LEU DA 73 106.17 -20.68 18.26
CA LEU DA 73 105.34 -19.69 18.97
C LEU DA 73 105.58 -19.76 20.48
N HIS DA 74 105.79 -18.59 21.06
CA HIS DA 74 106.03 -18.48 22.48
C HIS DA 74 105.02 -17.52 23.12
N LYS DA 75 104.64 -17.84 24.35
CA LYS DA 75 103.95 -16.93 25.23
C LYS DA 75 104.94 -16.66 26.36
N PHE DA 76 104.89 -15.44 26.92
CA PHE DA 76 105.70 -15.04 28.07
C PHE DA 76 104.80 -15.10 29.32
N ASP DA 77 105.03 -16.10 30.18
CA ASP DA 77 104.22 -16.35 31.38
C ASP DA 77 104.27 -15.14 32.30
N GLU DA 78 105.51 -14.69 32.55
CA GLU DA 78 105.81 -13.54 33.35
C GLU DA 78 107.19 -13.03 32.89
N ILE DA 79 107.38 -11.73 33.09
CA ILE DA 79 108.69 -11.07 32.82
C ILE DA 79 108.96 -10.10 33.98
N ASP DA 80 109.92 -10.41 34.83
CA ASP DA 80 110.32 -9.43 35.86
C ASP DA 80 111.44 -8.63 35.19
N ALA DA 81 111.10 -7.71 34.28
CA ALA DA 81 112.11 -7.03 33.45
C ALA DA 81 113.06 -6.34 34.41
N ALA DA 82 112.48 -5.62 35.34
CA ALA DA 82 113.25 -4.97 36.36
C ALA DA 82 114.14 -5.95 37.13
N ASN DA 83 113.72 -7.22 37.26
CA ASN DA 83 114.46 -8.21 38.10
C ASN DA 83 115.25 -9.27 37.31
N PHE DA 84 115.08 -9.28 35.98
CA PHE DA 84 115.84 -10.16 35.03
C PHE DA 84 115.47 -11.66 35.20
N TYR DA 85 114.16 -11.88 35.35
CA TYR DA 85 113.51 -13.19 35.45
C TYR DA 85 112.52 -13.28 34.29
N CYS DA 86 112.34 -14.49 33.75
CA CYS DA 86 111.30 -14.67 32.78
C CYS DA 86 110.89 -16.14 32.68
N LYS DA 87 109.59 -16.35 32.50
CA LYS DA 87 109.07 -17.68 32.27
C LYS DA 87 108.32 -17.60 30.94
N TYR DA 88 108.64 -18.53 30.02
CA TYR DA 88 108.06 -18.58 28.67
C TYR DA 88 107.90 -20.03 28.23
N THR DA 89 106.82 -20.29 27.49
CA THR DA 89 106.52 -21.63 26.99
C THR DA 89 106.42 -21.67 25.46
N LEU DA 90 106.96 -22.74 24.88
CA LEU DA 90 106.85 -23.04 23.47
C LEU DA 90 105.51 -23.76 23.34
N PHE DA 91 104.47 -23.09 22.81
CA PHE DA 91 103.10 -23.62 22.89
C PHE DA 91 102.58 -24.24 21.58
N GLU DA 92 103.21 -23.88 20.46
CA GLU DA 92 102.79 -24.35 19.14
C GLU DA 92 103.95 -24.26 18.15
N GLY DA 93 103.97 -25.18 17.17
CA GLY DA 93 104.97 -25.15 16.11
C GLY DA 93 105.17 -26.49 15.44
N ASP DA 94 105.79 -26.47 14.25
CA ASP DA 94 106.11 -27.70 13.52
C ASP DA 94 107.24 -28.38 14.30
N VAL DA 95 108.11 -27.53 14.86
CA VAL DA 95 109.24 -27.91 15.72
C VAL DA 95 108.68 -28.65 16.94
N LEU DA 96 107.50 -28.19 17.39
CA LEU DA 96 106.73 -28.82 18.45
C LEU DA 96 106.12 -30.09 17.82
N ARG DA 97 106.91 -31.18 17.82
CA ARG DA 97 106.52 -32.46 17.23
C ARG DA 97 105.19 -32.90 17.85
N ASP DA 98 104.55 -33.91 17.25
CA ASP DA 98 103.22 -34.39 17.63
C ASP DA 98 103.19 -35.15 18.97
N ASN DA 99 104.29 -35.20 19.71
CA ASN DA 99 104.32 -35.96 20.97
C ASN DA 99 104.69 -35.08 22.17
N ILE DA 100 104.80 -33.77 21.95
CA ILE DA 100 105.17 -32.82 22.99
C ILE DA 100 104.06 -31.76 23.04
N GLU DA 101 103.41 -31.64 24.20
CA GLU DA 101 102.31 -30.68 24.39
C GLU DA 101 102.90 -29.27 24.48
N LYS DA 102 104.01 -29.13 25.21
CA LYS DA 102 104.67 -27.83 25.39
C LYS DA 102 106.02 -27.97 26.11
N VAL DA 103 106.93 -27.03 25.81
CA VAL DA 103 108.27 -26.91 26.38
C VAL DA 103 108.31 -25.54 27.08
N VAL DA 104 108.49 -25.56 28.40
CA VAL DA 104 108.49 -24.38 29.29
C VAL DA 104 109.92 -23.88 29.49
N TYR DA 105 110.10 -22.55 29.47
CA TYR DA 105 111.42 -21.89 29.65
C TYR DA 105 111.41 -21.00 30.89
N GLU DA 106 112.15 -21.43 31.92
CA GLU DA 106 112.29 -20.66 33.14
C GLU DA 106 113.74 -20.14 33.20
N VAL DA 107 113.90 -18.84 32.98
CA VAL DA 107 115.21 -18.17 32.95
C VAL DA 107 115.28 -17.00 33.95
N LYS DA 108 116.33 -17.03 34.77
CA LYS DA 108 116.61 -15.98 35.76
C LYS DA 108 118.10 -15.65 35.74
N LEU DA 109 118.39 -14.37 35.55
CA LEU DA 109 119.75 -13.84 35.54
C LEU DA 109 119.85 -12.71 36.56
N GLU DA 110 121.08 -12.48 37.00
CA GLU DA 110 121.39 -11.40 37.89
C GLU DA 110 122.87 -11.04 37.70
N ALA DA 111 123.15 -9.75 37.92
CA ALA DA 111 124.45 -9.13 37.77
C ALA DA 111 125.46 -9.81 38.71
N VAL DA 112 126.65 -10.05 38.18
CA VAL DA 112 127.73 -10.68 38.91
C VAL DA 112 129.05 -10.07 38.43
N GLY DA 113 129.64 -9.23 39.27
CA GLY DA 113 130.80 -8.45 38.91
C GLY DA 113 130.36 -7.49 37.82
N GLY DA 114 131.02 -7.65 36.68
CA GLY DA 114 130.66 -6.92 35.45
C GLY DA 114 130.04 -7.89 34.46
N GLY DA 115 129.66 -9.06 34.94
CA GLY DA 115 129.15 -10.19 34.15
C GLY DA 115 127.75 -10.58 34.55
N SER DA 116 127.39 -11.81 34.22
CA SER DA 116 126.06 -12.38 34.52
C SER DA 116 126.23 -13.82 34.98
N LYS DA 117 125.18 -14.35 35.60
CA LYS DA 117 125.18 -15.77 36.02
C LYS DA 117 124.00 -16.39 35.30
N GLY DA 118 124.21 -17.46 34.53
CA GLY DA 118 123.05 -18.03 33.83
C GLY DA 118 122.53 -19.37 34.33
N LYS DA 119 121.39 -19.32 35.02
CA LYS DA 119 120.65 -20.54 35.40
C LYS DA 119 119.30 -20.47 34.71
N ILE DA 120 118.98 -21.46 33.91
CA ILE DA 120 117.66 -21.49 33.22
C ILE DA 120 117.13 -22.92 33.29
N THR DA 121 115.81 -23.05 33.37
CA THR DA 121 115.18 -24.39 33.40
C THR DA 121 114.22 -24.46 32.22
N VAL DA 122 114.28 -25.55 31.47
CA VAL DA 122 113.29 -25.80 30.38
C VAL DA 122 112.66 -27.16 30.68
N THR DA 123 111.34 -27.20 30.60
CA THR DA 123 110.59 -28.43 30.92
C THR DA 123 109.84 -28.88 29.68
N TYR DA 124 109.85 -30.18 29.46
CA TYR DA 124 109.24 -30.78 28.31
C TYR DA 124 107.98 -31.51 28.74
N HIS DA 125 106.81 -30.91 28.49
CA HIS DA 125 105.50 -31.54 28.82
C HIS DA 125 104.99 -32.34 27.62
N PRO DA 126 104.85 -33.69 27.72
CA PRO DA 126 104.38 -34.49 26.59
C PRO DA 126 102.85 -34.57 26.43
N LYS DA 127 102.36 -34.52 25.17
CA LYS DA 127 100.90 -34.64 24.87
C LYS DA 127 100.41 -35.99 25.42
N PRO DA 128 99.15 -36.06 25.93
CA PRO DA 128 98.67 -37.23 26.65
C PRO DA 128 99.03 -38.60 26.05
N GLY DA 129 99.73 -39.43 26.84
CA GLY DA 129 100.07 -40.82 26.48
C GLY DA 129 101.47 -41.01 25.91
N CYS DA 130 102.01 -39.98 25.23
CA CYS DA 130 103.34 -40.04 24.59
C CYS DA 130 104.46 -39.96 25.64
N THR DA 131 105.63 -40.50 25.29
CA THR DA 131 106.83 -40.51 26.16
C THR DA 131 107.66 -39.24 25.96
N VAL DA 132 107.50 -38.60 24.79
CA VAL DA 132 108.21 -37.39 24.31
C VAL DA 132 109.60 -37.82 23.84
N ASN DA 133 110.02 -37.27 22.70
CA ASN DA 133 111.30 -37.62 22.10
C ASN DA 133 112.43 -36.97 22.90
N GLU DA 134 113.31 -37.82 23.44
CA GLU DA 134 114.49 -37.44 24.21
C GLU DA 134 115.50 -36.81 23.24
N GLU DA 135 115.21 -36.91 21.94
CA GLU DA 135 115.99 -36.29 20.89
C GLU DA 135 115.78 -34.77 20.97
N GLU DA 136 114.49 -34.36 21.03
CA GLU DA 136 114.08 -32.95 21.01
C GLU DA 136 114.74 -32.22 22.17
N VAL DA 137 115.18 -32.98 23.18
CA VAL DA 137 115.85 -32.41 24.36
C VAL DA 137 117.28 -32.03 23.96
N LYS DA 138 118.12 -33.03 23.67
CA LYS DA 138 119.52 -32.80 23.29
C LYS DA 138 119.57 -31.67 22.25
N ILE DA 139 118.70 -31.78 21.23
CA ILE DA 139 118.57 -30.80 20.14
C ILE DA 139 118.26 -29.41 20.72
N GLY DA 140 117.20 -29.31 21.53
CA GLY DA 140 116.76 -28.04 22.12
C GLY DA 140 117.90 -27.23 22.73
N GLU DA 141 118.79 -27.91 23.46
CA GLU DA 141 119.88 -27.24 24.17
C GLU DA 141 120.92 -26.72 23.17
N LYS DA 142 121.41 -27.61 22.30
CA LYS DA 142 122.47 -27.29 21.32
C LYS DA 142 122.11 -26.06 20.50
N LYS DA 143 120.90 -26.06 19.92
CA LYS DA 143 120.45 -24.97 19.00
C LYS DA 143 120.32 -23.59 19.68
N ALA DA 144 119.69 -23.53 20.86
CA ALA DA 144 119.52 -22.28 21.64
C ALA DA 144 120.78 -21.93 22.46
N TYR DA 145 121.76 -22.84 22.52
CA TYR DA 145 123.07 -22.58 23.14
C TYR DA 145 123.97 -21.96 22.06
N GLU DA 146 124.26 -22.70 20.99
CA GLU DA 146 125.06 -22.15 19.89
C GLU DA 146 124.67 -20.69 19.70
N PHE DA 147 123.37 -20.41 19.69
CA PHE DA 147 122.87 -19.04 19.53
C PHE DA 147 123.17 -18.20 20.77
N TYR DA 148 123.25 -18.87 21.92
CA TYR DA 148 123.55 -18.16 23.14
C TYR DA 148 124.77 -17.27 22.88
N LYS DA 149 125.86 -17.93 22.48
CA LYS DA 149 127.19 -17.35 22.30
C LYS DA 149 127.20 -16.24 21.23
N GLN DA 150 126.77 -16.60 20.03
CA GLN DA 150 126.81 -15.67 18.95
C GLN DA 150 126.47 -14.29 19.49
N VAL DA 151 125.35 -14.26 20.25
CA VAL DA 151 124.76 -13.04 20.76
C VAL DA 151 125.60 -12.46 21.89
N GLU DA 152 126.37 -13.32 22.57
CA GLU DA 152 127.27 -12.88 23.63
C GLU DA 152 128.38 -12.06 22.98
N GLU DA 153 129.20 -12.74 22.18
CA GLU DA 153 130.35 -12.14 21.52
C GLU DA 153 129.96 -10.84 20.79
N TYR DA 154 128.91 -10.89 19.98
CA TYR DA 154 128.53 -9.72 19.26
C TYR DA 154 128.38 -8.56 20.24
N LEU DA 155 127.53 -8.77 21.26
CA LEU DA 155 127.28 -7.76 22.29
C LEU DA 155 128.58 -7.39 23.01
N ALA DA 156 129.48 -8.37 23.10
CA ALA DA 156 130.80 -8.16 23.75
C ALA DA 156 131.60 -7.19 22.89
N ALA DA 157 131.58 -7.42 21.58
CA ALA DA 157 132.33 -6.60 20.60
C ALA DA 157 131.70 -5.23 20.40
N ASN DA 158 130.47 -5.01 20.83
CA ASN DA 158 129.84 -3.66 20.77
C ASN DA 158 129.36 -3.28 22.16
N PRO DA 159 130.03 -2.38 22.91
CA PRO DA 159 129.56 -1.97 24.23
C PRO DA 159 128.41 -0.95 24.19
N GLU DA 160 128.11 -0.43 23.00
CA GLU DA 160 127.05 0.58 22.85
C GLU DA 160 125.70 -0.10 22.60
N VAL DA 161 125.69 -1.41 22.31
CA VAL DA 161 124.47 -2.16 21.95
C VAL DA 161 123.57 -2.40 23.17
N PHE DA 162 122.38 -1.77 23.17
CA PHE DA 162 121.35 -1.88 24.22
C PHE DA 162 121.88 -1.42 25.57
N ALA DA 163 122.74 -0.39 25.58
CA ALA DA 163 123.28 0.14 26.83
C ALA DA 163 122.11 0.78 27.61
N PHE EA 3 161.79 -35.24 40.31
CA PHE EA 3 163.01 -35.86 40.93
C PHE EA 3 162.74 -36.11 42.42
N THR EA 4 162.18 -35.12 43.13
CA THR EA 4 161.83 -35.23 44.59
C THR EA 4 160.73 -36.30 44.78
N MET EA 5 160.81 -37.02 45.93
CA MET EA 5 159.90 -38.13 46.31
C MET EA 5 158.47 -37.61 46.42
N ALA EA 6 157.54 -38.28 45.72
CA ALA EA 6 156.14 -37.89 45.65
C ALA EA 6 155.40 -38.35 46.91
N ALA EA 7 154.63 -37.43 47.51
CA ALA EA 7 153.92 -37.67 48.73
C ALA EA 7 152.43 -37.80 48.45
N TYR EA 8 151.79 -38.61 49.26
CA TYR EA 8 150.38 -38.87 49.16
C TYR EA 8 149.66 -37.89 50.08
N THR EA 9 148.61 -37.30 49.54
CA THR EA 9 147.82 -36.28 50.17
C THR EA 9 146.34 -36.62 50.10
N ILE EA 10 145.65 -36.59 51.26
CA ILE EA 10 144.20 -36.81 51.29
C ILE EA 10 143.57 -35.53 51.82
N VAL EA 11 142.41 -35.18 51.22
CA VAL EA 11 141.63 -33.98 51.50
C VAL EA 11 140.19 -34.34 51.84
N LYS EA 12 139.76 -33.89 53.02
CA LYS EA 12 138.42 -34.16 53.47
C LYS EA 12 137.80 -32.90 54.07
N GLU EA 13 136.59 -32.59 53.60
CA GLU EA 13 135.71 -31.63 54.23
C GLU EA 13 134.68 -32.49 54.97
N GLU EA 14 134.35 -32.12 56.20
CA GLU EA 14 133.38 -32.89 57.00
C GLU EA 14 132.46 -31.93 57.76
N GLU EA 15 131.58 -32.50 58.58
CA GLU EA 15 130.61 -31.74 59.33
C GLU EA 15 130.27 -32.46 60.62
N SER EA 16 130.06 -31.65 61.65
CA SER EA 16 129.67 -32.15 62.91
C SER EA 16 128.69 -31.17 63.54
N PRO EA 17 127.59 -31.64 64.12
CA PRO EA 17 126.72 -30.77 64.90
C PRO EA 17 127.44 -30.33 66.19
N ILE EA 18 128.41 -31.13 66.64
CA ILE EA 18 129.19 -30.79 67.81
C ILE EA 18 130.01 -29.54 67.46
N ALA EA 19 130.19 -28.63 68.43
CA ALA EA 19 130.79 -27.29 68.21
C ALA EA 19 132.31 -27.35 68.06
N PRO EA 20 132.91 -26.41 67.30
CA PRO EA 20 134.32 -26.50 66.91
C PRO EA 20 135.34 -26.24 68.01
N HIS EA 21 134.88 -25.94 69.23
CA HIS EA 21 135.77 -25.69 70.35
C HIS EA 21 135.96 -27.01 71.12
N ARG EA 22 134.88 -27.80 71.22
CA ARG EA 22 134.96 -29.08 71.90
C ARG EA 22 135.65 -30.12 71.00
N LEU EA 23 135.58 -29.92 69.68
CA LEU EA 23 135.95 -30.87 68.67
C LEU EA 23 137.41 -30.64 68.23
N PHE EA 24 137.90 -29.43 68.43
CA PHE EA 24 139.29 -29.05 68.18
C PHE EA 24 140.14 -29.59 69.33
N LYS EA 25 139.60 -29.31 70.51
CA LYS EA 25 140.15 -29.72 71.75
C LYS EA 25 140.24 -31.23 71.77
N ALA EA 26 139.08 -31.87 71.52
CA ALA EA 26 138.93 -33.33 71.52
C ALA EA 26 139.79 -33.94 70.40
N LEU EA 27 139.70 -33.36 69.20
CA LEU EA 27 140.36 -33.94 68.08
C LEU EA 27 141.72 -33.27 67.77
N VAL EA 28 142.18 -32.30 68.56
CA VAL EA 28 143.51 -31.82 68.28
C VAL EA 28 144.29 -31.56 69.56
N LEU EA 29 143.86 -30.55 70.30
CA LEU EA 29 144.61 -30.13 71.47
C LEU EA 29 144.75 -31.23 72.52
N GLU EA 30 143.64 -31.91 72.85
CA GLU EA 30 143.75 -32.91 73.91
C GLU EA 30 143.62 -34.31 73.34
N ARG EA 31 143.84 -34.43 72.03
CA ARG EA 31 143.71 -35.66 71.31
C ARG EA 31 144.36 -36.82 72.08
N HIS EA 32 145.64 -36.63 72.41
CA HIS EA 32 146.49 -37.70 73.04
C HIS EA 32 145.81 -38.34 74.26
N GLN EA 33 145.06 -37.55 75.03
CA GLN EA 33 144.34 -38.01 76.24
C GLN EA 33 142.95 -38.61 75.92
N VAL EA 34 142.39 -38.27 74.76
CA VAL EA 34 141.07 -38.74 74.41
C VAL EA 34 141.18 -40.06 73.66
N LEU EA 35 142.14 -40.18 72.74
CA LEU EA 35 142.33 -41.47 72.13
C LEU EA 35 142.15 -42.47 73.26
N VAL EA 36 142.84 -42.18 74.37
CA VAL EA 36 142.90 -43.04 75.54
C VAL EA 36 141.54 -43.12 76.29
N LYS EA 37 140.64 -42.17 76.07
CA LYS EA 37 139.37 -42.13 76.76
C LYS EA 37 138.34 -43.00 76.04
N ALA EA 38 138.31 -42.86 74.71
CA ALA EA 38 137.34 -43.49 73.84
C ALA EA 38 137.68 -44.96 73.54
N GLN EA 39 138.97 -45.26 73.38
CA GLN EA 39 139.39 -46.59 73.02
C GLN EA 39 140.42 -47.12 74.01
N PRO EA 40 139.97 -47.54 75.21
CA PRO EA 40 140.83 -48.08 76.26
C PRO EA 40 141.37 -49.46 75.91
N HIS EA 41 140.64 -50.13 75.02
CA HIS EA 41 140.96 -51.45 74.62
C HIS EA 41 142.14 -51.39 73.68
N VAL EA 42 142.50 -50.18 73.25
CA VAL EA 42 143.51 -49.95 72.24
C VAL EA 42 144.74 -49.25 72.80
N PHE EA 43 144.54 -48.16 73.54
CA PHE EA 43 145.62 -47.28 74.02
C PHE EA 43 145.68 -47.21 75.54
N LYS EA 44 146.90 -47.38 76.07
CA LYS EA 44 147.28 -47.41 77.51
C LYS EA 44 147.39 -46.00 78.10
N SER EA 45 148.04 -45.11 77.35
CA SER EA 45 148.30 -43.77 77.78
C SER EA 45 148.74 -42.91 76.61
N GLY EA 46 148.62 -41.60 76.85
CA GLY EA 46 149.03 -40.55 75.98
C GLY EA 46 149.55 -39.46 76.88
N GLU EA 47 150.54 -38.68 76.43
CA GLU EA 47 151.18 -37.76 77.34
C GLU EA 47 151.91 -36.67 76.57
N ILE EA 48 152.25 -35.63 77.32
CA ILE EA 48 153.10 -34.53 76.88
C ILE EA 48 154.50 -34.82 77.45
N ILE EA 49 155.50 -34.87 76.59
CA ILE EA 49 156.86 -35.15 77.13
C ILE EA 49 157.82 -34.01 76.84
N GLU EA 50 157.41 -32.94 76.16
CA GLU EA 50 158.35 -31.81 75.90
C GLU EA 50 157.71 -30.43 76.12
N GLY EA 51 156.73 -30.02 75.34
CA GLY EA 51 156.21 -28.64 75.39
C GLY EA 51 155.24 -28.26 76.49
N ASP EA 52 154.66 -27.07 76.31
CA ASP EA 52 153.71 -26.34 77.13
C ASP EA 52 152.29 -26.48 76.55
N GLY EA 53 152.04 -27.59 75.84
CA GLY EA 53 150.76 -27.76 75.19
C GLY EA 53 150.49 -26.55 74.32
N GLY EA 54 151.47 -26.27 73.48
CA GLY EA 54 151.50 -25.17 72.55
C GLY EA 54 152.31 -25.61 71.37
N VAL EA 55 152.78 -24.67 70.54
CA VAL EA 55 153.57 -25.04 69.36
C VAL EA 55 154.88 -25.69 69.82
N GLY EA 56 155.44 -26.57 68.98
CA GLY EA 56 156.68 -27.30 69.28
C GLY EA 56 156.51 -28.41 70.31
N THR EA 57 155.26 -28.68 70.70
CA THR EA 57 154.92 -29.71 71.70
C THR EA 57 155.17 -31.11 71.08
N VAL EA 58 155.54 -32.05 71.96
CA VAL EA 58 155.77 -33.41 71.55
C VAL EA 58 154.95 -34.30 72.49
N THR EA 59 154.06 -35.10 71.88
CA THR EA 59 153.18 -36.03 72.57
C THR EA 59 153.60 -37.46 72.26
N LYS EA 60 153.47 -38.32 73.27
CA LYS EA 60 153.76 -39.75 73.15
C LYS EA 60 152.50 -40.48 73.61
N ILE EA 61 151.97 -41.39 72.77
CA ILE EA 61 150.75 -42.17 73.08
C ILE EA 61 151.07 -43.66 73.10
N THR EA 62 150.65 -44.31 74.18
CA THR EA 62 151.01 -45.70 74.46
C THR EA 62 149.87 -46.68 74.14
N PHE EA 63 150.10 -47.48 73.11
CA PHE EA 63 149.24 -48.58 72.81
C PHE EA 63 149.25 -49.50 74.03
N VAL EA 64 148.34 -50.49 74.05
CA VAL EA 64 148.27 -51.44 75.17
C VAL EA 64 149.31 -52.54 74.98
N ASP EA 65 149.67 -53.16 76.10
CA ASP EA 65 150.68 -54.21 76.22
C ASP EA 65 150.57 -55.14 75.00
N GLY EA 66 149.37 -55.69 74.77
CA GLY EA 66 149.15 -56.64 73.68
C GLY EA 66 149.40 -56.09 72.27
N HIS EA 67 148.69 -55.01 71.91
CA HIS EA 67 148.65 -54.40 70.55
C HIS EA 67 149.89 -54.63 69.70
N PRO EA 68 149.71 -54.97 68.40
CA PRO EA 68 150.83 -55.22 67.49
C PRO EA 68 151.59 -53.95 67.06
N LEU EA 69 151.06 -52.77 67.42
CA LEU EA 69 151.70 -51.44 67.25
C LEU EA 69 152.21 -51.05 68.65
N THR EA 70 153.11 -50.05 68.74
CA THR EA 70 153.87 -49.83 69.98
C THR EA 70 153.81 -48.41 70.53
N TYR EA 71 154.19 -47.41 69.72
CA TYR EA 71 154.36 -46.02 70.18
C TYR EA 71 154.15 -45.00 69.04
N MET EA 72 153.84 -43.77 69.45
CA MET EA 72 153.64 -42.63 68.56
C MET EA 72 154.13 -41.38 69.28
N LEU EA 73 154.85 -40.55 68.52
CA LEU EA 73 155.32 -39.28 68.96
C LEU EA 73 154.75 -38.29 67.97
N HIS EA 74 154.04 -37.27 68.47
CA HIS EA 74 153.55 -36.28 67.56
C HIS EA 74 154.22 -34.97 67.96
N LYS EA 75 154.50 -34.12 66.96
CA LYS EA 75 155.02 -32.80 67.19
C LYS EA 75 154.09 -31.83 66.47
N PHE EA 76 153.87 -30.69 67.11
CA PHE EA 76 152.99 -29.62 66.69
C PHE EA 76 153.78 -28.51 65.98
N ASP EA 77 153.59 -28.43 64.66
CA ASP EA 77 154.32 -27.51 63.82
C ASP EA 77 153.75 -26.10 63.99
N GLU EA 78 152.41 -25.97 63.96
CA GLU EA 78 151.71 -24.68 64.12
C GLU EA 78 150.38 -24.91 64.85
N ILE EA 79 150.07 -24.02 65.79
CA ILE EA 79 148.84 -24.04 66.61
C ILE EA 79 148.24 -22.64 66.63
N ASP EA 80 147.00 -22.51 66.15
CA ASP EA 80 146.21 -21.28 66.16
C ASP EA 80 144.88 -21.61 66.84
N ALA EA 81 144.93 -21.78 68.15
CA ALA EA 81 143.75 -22.28 68.88
C ALA EA 81 142.52 -21.40 68.69
N ALA EA 82 142.70 -20.10 68.51
CA ALA EA 82 141.57 -19.16 68.33
C ALA EA 82 140.78 -19.40 67.05
N ASN EA 83 141.47 -19.78 65.98
CA ASN EA 83 140.82 -19.97 64.64
C ASN EA 83 140.64 -21.45 64.32
N PHE EA 84 140.87 -22.30 65.30
CA PHE EA 84 140.73 -23.76 65.11
C PHE EA 84 141.62 -24.24 63.95
N TYR EA 85 142.85 -23.74 63.88
CA TYR EA 85 143.81 -24.16 62.84
C TYR EA 85 145.01 -24.83 63.51
N CYS EA 86 145.40 -25.99 63.02
CA CYS EA 86 146.59 -26.64 63.58
C CYS EA 86 147.33 -27.46 62.51
N LYS EA 87 148.62 -27.65 62.77
CA LYS EA 87 149.47 -28.38 61.89
C LYS EA 87 150.50 -29.08 62.78
N TYR EA 88 150.33 -30.40 62.90
CA TYR EA 88 151.16 -31.27 63.72
C TYR EA 88 151.67 -32.40 62.82
N THR EA 89 152.74 -33.07 63.29
CA THR EA 89 153.48 -34.13 62.56
C THR EA 89 153.66 -35.43 63.35
N LEU EA 90 153.44 -36.56 62.67
CA LEU EA 90 153.73 -37.91 63.18
C LEU EA 90 155.03 -38.34 62.47
N PHE EA 91 156.08 -38.53 63.26
CA PHE EA 91 157.37 -38.84 62.76
C PHE EA 91 157.93 -40.10 63.41
N GLU EA 92 157.74 -40.26 64.74
CA GLU EA 92 158.33 -41.38 65.48
C GLU EA 92 157.27 -42.30 66.05
N GLY EA 93 157.51 -43.61 65.87
CA GLY EA 93 156.62 -44.71 66.28
C GLY EA 93 156.71 -45.87 65.30
N ASP EA 94 156.34 -47.08 65.74
CA ASP EA 94 156.40 -48.26 64.86
C ASP EA 94 155.25 -48.23 63.85
N VAL EA 95 154.25 -47.42 64.13
CA VAL EA 95 153.11 -47.28 63.19
C VAL EA 95 153.70 -46.78 61.89
N LEU EA 96 154.86 -46.14 62.04
CA LEU EA 96 155.50 -45.58 60.85
C LEU EA 96 155.94 -46.79 60.09
N ARG EA 97 155.28 -47.02 58.96
CA ARG EA 97 155.64 -48.13 58.09
C ARG EA 97 157.04 -47.79 57.62
N ASP EA 98 157.93 -48.75 57.41
CA ASP EA 98 159.33 -48.44 57.02
C ASP EA 98 159.45 -47.62 55.74
N ASN EA 99 158.48 -47.71 54.82
CA ASN EA 99 158.37 -46.90 53.59
C ASN EA 99 157.84 -45.49 53.88
N ILE EA 100 157.48 -45.15 55.12
CA ILE EA 100 156.95 -43.80 55.46
C ILE EA 100 157.91 -43.05 56.41
N GLU EA 101 158.24 -41.80 56.06
CA GLU EA 101 159.15 -40.88 56.79
C GLU EA 101 158.43 -40.05 57.87
N LYS EA 102 157.27 -39.50 57.49
CA LYS EA 102 156.37 -38.70 58.35
C LYS EA 102 154.99 -38.56 57.69
N VAL EA 103 154.02 -38.25 58.56
CA VAL EA 103 152.60 -37.97 58.22
C VAL EA 103 152.31 -36.60 58.81
N VAL EA 104 151.85 -35.67 57.98
CA VAL EA 104 151.57 -34.32 58.47
C VAL EA 104 150.08 -34.06 58.29
N TYR EA 105 149.47 -33.68 59.41
CA TYR EA 105 148.06 -33.36 59.47
C TYR EA 105 147.87 -31.84 59.61
N GLU EA 106 147.09 -31.25 58.71
CA GLU EA 106 146.76 -29.88 58.79
C GLU EA 106 145.24 -29.77 58.98
N VAL EA 107 144.81 -29.08 60.04
CA VAL EA 107 143.38 -29.03 60.34
C VAL EA 107 142.91 -27.59 60.48
N LYS EA 108 141.63 -27.34 60.15
CA LYS EA 108 141.01 -26.02 60.26
C LYS EA 108 139.50 -26.20 60.49
N LEU EA 109 139.03 -25.82 61.67
CA LEU EA 109 137.62 -25.90 62.03
C LEU EA 109 137.01 -24.51 61.91
N GLU EA 110 135.76 -24.46 61.42
CA GLU EA 110 134.92 -23.26 61.36
C GLU EA 110 133.66 -23.53 62.20
N ALA EA 111 132.93 -22.46 62.56
CA ALA EA 111 131.73 -22.58 63.41
C ALA EA 111 130.47 -22.51 62.54
N VAL EA 112 129.63 -23.54 62.57
CA VAL EA 112 128.38 -23.44 61.84
C VAL EA 112 127.26 -23.64 62.85
N GLY EA 113 126.68 -22.52 63.30
CA GLY EA 113 125.65 -22.56 64.29
C GLY EA 113 126.18 -23.17 65.58
N GLY EA 114 125.49 -24.20 66.06
CA GLY EA 114 125.87 -24.91 67.24
C GLY EA 114 127.08 -25.79 67.01
N GLY EA 115 127.38 -26.14 65.74
CA GLY EA 115 128.47 -27.08 65.37
C GLY EA 115 129.53 -26.56 64.40
N SER EA 116 130.27 -27.53 63.81
CA SER EA 116 131.40 -27.29 62.93
C SER EA 116 131.16 -27.82 61.53
N LYS EA 117 132.11 -27.38 60.70
CA LYS EA 117 132.47 -27.73 59.32
C LYS EA 117 134.01 -27.80 59.37
N GLY EA 118 134.68 -28.52 58.47
CA GLY EA 118 136.16 -28.61 58.63
C GLY EA 118 136.88 -29.22 57.45
N LYS EA 119 138.16 -28.85 57.29
CA LYS EA 119 139.03 -29.38 56.21
C LYS EA 119 140.30 -29.94 56.86
N ILE EA 120 140.64 -31.19 56.54
CA ILE EA 120 141.82 -31.82 57.13
C ILE EA 120 142.74 -32.32 56.00
N THR EA 121 144.01 -31.89 56.04
CA THR EA 121 144.93 -32.34 55.04
C THR EA 121 145.91 -33.31 55.66
N VAL EA 122 145.88 -34.53 55.14
CA VAL EA 122 146.78 -35.55 55.60
C VAL EA 122 147.63 -35.92 54.38
N THR EA 123 148.95 -35.76 54.56
CA THR EA 123 149.97 -35.99 53.55
C THR EA 123 151.04 -36.93 54.11
N TYR EA 124 151.23 -38.06 53.45
CA TYR EA 124 152.21 -39.08 53.87
C TYR EA 124 153.52 -38.84 53.13
N HIS EA 125 154.58 -38.55 53.90
CA HIS EA 125 155.88 -38.21 53.34
C HIS EA 125 156.85 -39.39 53.44
N PRO EA 126 157.18 -40.07 52.32
CA PRO EA 126 158.06 -41.22 52.36
C PRO EA 126 159.50 -40.86 52.71
N LYS EA 127 160.27 -41.85 53.13
CA LYS EA 127 161.72 -41.67 53.38
C LYS EA 127 162.49 -41.99 52.09
N PRO EA 128 163.83 -42.05 52.07
CA PRO EA 128 164.56 -42.20 50.82
C PRO EA 128 164.18 -43.36 49.92
N GLY EA 129 163.76 -43.01 48.72
CA GLY EA 129 163.40 -43.98 47.68
C GLY EA 129 162.22 -44.88 48.05
N CYS EA 130 162.12 -45.27 49.33
CA CYS EA 130 161.03 -46.10 49.82
C CYS EA 130 159.72 -45.49 49.38
N THR EA 131 159.10 -46.05 48.33
CA THR EA 131 157.83 -45.58 47.79
C THR EA 131 156.75 -45.71 48.88
N VAL EA 132 155.51 -45.29 48.56
CA VAL EA 132 154.38 -45.38 49.49
C VAL EA 132 153.46 -46.54 49.05
N ASN EA 133 152.33 -46.69 49.73
CA ASN EA 133 151.41 -47.81 49.50
C ASN EA 133 150.02 -47.47 50.03
N GLU EA 134 149.01 -47.85 49.27
CA GLU EA 134 147.62 -47.50 49.58
C GLU EA 134 147.29 -47.99 50.98
N GLU EA 135 147.86 -49.12 51.38
CA GLU EA 135 147.51 -49.69 52.70
C GLU EA 135 147.78 -48.70 53.82
N GLU EA 136 148.92 -48.03 53.83
CA GLU EA 136 149.24 -47.16 54.99
C GLU EA 136 148.30 -45.95 55.05
N VAL EA 137 147.62 -45.66 53.96
CA VAL EA 137 146.81 -44.48 53.80
C VAL EA 137 145.47 -44.69 54.51
N LYS EA 138 144.77 -45.76 54.11
CA LYS EA 138 143.41 -46.07 54.50
C LYS EA 138 143.34 -46.40 55.98
N ILE EA 139 144.23 -47.28 56.44
CA ILE EA 139 144.34 -47.55 57.87
C ILE EA 139 144.21 -46.24 58.65
N GLY EA 140 145.07 -45.28 58.33
CA GLY EA 140 145.18 -44.04 59.09
C GLY EA 140 143.98 -43.12 58.94
N GLU EA 141 143.33 -43.24 57.79
CA GLU EA 141 142.16 -42.47 57.51
C GLU EA 141 141.02 -43.08 58.33
N LYS EA 142 140.83 -44.39 58.19
CA LYS EA 142 139.74 -45.11 58.89
C LYS EA 142 139.86 -44.98 60.41
N LYS EA 143 141.05 -45.21 60.92
CA LYS EA 143 141.16 -45.27 62.38
C LYS EA 143 140.72 -43.94 62.98
N ALA EA 144 141.18 -42.84 62.39
CA ALA EA 144 140.87 -41.47 62.87
C ALA EA 144 139.40 -41.09 62.64
N TYR EA 145 138.78 -41.56 61.57
CA TYR EA 145 137.34 -41.27 61.30
C TYR EA 145 136.44 -42.01 62.27
N GLU EA 146 136.76 -43.27 62.50
CA GLU EA 146 136.09 -44.07 63.46
C GLU EA 146 136.10 -43.30 64.77
N PHE EA 147 137.32 -42.88 65.17
CA PHE EA 147 137.60 -42.18 66.41
C PHE EA 147 136.88 -40.84 66.50
N TYR EA 148 136.75 -40.17 65.37
CA TYR EA 148 136.02 -38.89 65.30
C TYR EA 148 134.54 -39.18 65.60
N LYS EA 149 134.02 -40.29 65.06
CA LYS EA 149 132.59 -40.72 65.18
C LYS EA 149 132.18 -41.08 66.60
N GLN EA 150 133.06 -41.75 67.34
CA GLN EA 150 132.78 -42.13 68.75
C GLN EA 150 132.73 -40.88 69.63
N VAL EA 151 133.67 -39.98 69.39
CA VAL EA 151 133.86 -38.72 70.16
C VAL EA 151 132.70 -37.78 69.87
N GLU EA 152 132.24 -37.76 68.61
CA GLU EA 152 131.07 -36.91 68.22
C GLU EA 152 129.85 -37.38 69.01
N GLU EA 153 129.68 -38.70 69.15
CA GLU EA 153 128.54 -39.27 69.90
C GLU EA 153 128.73 -39.00 71.40
N TYR EA 154 129.93 -39.23 71.91
CA TYR EA 154 130.17 -39.01 73.31
C TYR EA 154 129.96 -37.55 73.68
N LEU EA 155 130.41 -36.64 72.83
CA LEU EA 155 130.24 -35.22 73.12
C LEU EA 155 128.75 -34.87 73.02
N ALA EA 156 128.16 -35.07 71.84
CA ALA EA 156 126.70 -34.88 71.65
C ALA EA 156 125.97 -35.34 72.91
N ALA EA 157 126.47 -36.43 73.50
CA ALA EA 157 125.85 -37.04 74.63
C ALA EA 157 126.00 -36.16 75.88
N ASN EA 158 127.20 -35.63 76.12
CA ASN EA 158 127.54 -34.90 77.34
C ASN EA 158 127.91 -33.44 77.04
N PRO EA 159 126.91 -32.55 76.88
CA PRO EA 159 127.14 -31.18 76.38
C PRO EA 159 128.13 -30.26 77.13
N GLU EA 160 128.77 -30.70 78.21
CA GLU EA 160 129.66 -29.82 78.96
C GLU EA 160 131.12 -30.21 78.72
N VAL EA 161 131.38 -31.50 78.52
CA VAL EA 161 132.74 -31.83 78.30
C VAL EA 161 133.26 -30.90 77.21
N PHE EA 162 134.27 -30.13 77.60
CA PHE EA 162 134.99 -29.22 76.75
C PHE EA 162 134.22 -27.93 76.49
N ALA EA 163 133.00 -27.83 77.01
CA ALA EA 163 132.15 -26.62 76.79
C ALA EA 163 132.90 -25.36 77.23
N THR FA 4 137.91 -41.44 49.59
CA THR FA 4 139.23 -42.01 49.99
C THR FA 4 140.25 -41.81 48.85
N MET FA 5 139.96 -40.85 47.96
CA MET FA 5 140.78 -40.58 46.76
C MET FA 5 141.93 -39.65 47.15
N ALA FA 6 143.16 -40.03 46.78
CA ALA FA 6 144.38 -39.32 47.17
C ALA FA 6 144.79 -38.27 46.12
N ALA FA 7 145.91 -37.61 46.45
CA ALA FA 7 146.59 -36.63 45.62
C ALA FA 7 148.08 -36.78 45.90
N TYR FA 8 148.88 -36.31 44.96
CA TYR FA 8 150.30 -36.41 45.07
C TYR FA 8 150.84 -34.99 45.09
N THR FA 9 151.66 -34.74 46.10
CA THR FA 9 152.18 -33.43 46.39
C THR FA 9 153.71 -33.51 46.48
N ILE FA 10 154.39 -32.54 45.84
CA ILE FA 10 155.85 -32.46 45.92
C ILE FA 10 156.15 -31.20 46.73
N VAL FA 11 156.98 -31.34 47.76
CA VAL FA 11 157.32 -30.27 48.65
C VAL FA 11 158.78 -29.91 48.40
N LYS FA 12 159.02 -28.60 48.19
CA LYS FA 12 160.31 -28.05 47.82
C LYS FA 12 160.70 -26.84 48.67
N GLU FA 13 161.91 -26.91 49.24
CA GLU FA 13 162.52 -25.83 49.99
C GLU FA 13 163.71 -25.41 49.12
N GLU FA 14 163.86 -24.11 48.82
CA GLU FA 14 164.87 -23.66 47.84
C GLU FA 14 165.56 -22.35 48.24
N GLU FA 15 166.76 -22.09 47.68
CA GLU FA 15 167.46 -20.81 47.90
C GLU FA 15 168.04 -20.30 46.58
N SER FA 16 168.00 -18.97 46.42
CA SER FA 16 168.50 -18.21 45.29
C SER FA 16 169.29 -16.98 45.78
N PRO FA 17 170.35 -16.55 45.06
CA PRO FA 17 170.97 -15.24 45.33
C PRO FA 17 170.12 -13.99 45.06
N ILE FA 18 168.96 -14.18 44.41
CA ILE FA 18 168.09 -13.05 44.09
C ILE FA 18 167.14 -12.78 45.24
N ALA FA 19 166.86 -11.50 45.46
CA ALA FA 19 165.92 -11.06 46.48
C ALA FA 19 164.51 -11.58 46.17
N PRO FA 20 163.73 -11.91 47.22
CA PRO FA 20 162.45 -12.59 47.07
C PRO FA 20 161.38 -11.85 46.25
N HIS FA 21 161.34 -10.52 46.34
CA HIS FA 21 160.40 -9.74 45.55
C HIS FA 21 160.75 -9.80 44.06
N ARG FA 22 162.04 -10.04 43.77
CA ARG FA 22 162.52 -10.13 42.43
C ARG FA 22 161.99 -11.48 41.89
N LEU FA 23 162.31 -12.55 42.62
CA LEU FA 23 161.85 -13.85 42.24
C LEU FA 23 160.33 -13.77 42.08
N PHE FA 24 159.67 -13.49 43.19
CA PHE FA 24 158.24 -13.49 43.30
C PHE FA 24 157.59 -12.87 42.06
N LYS FA 25 158.16 -11.77 41.54
CA LYS FA 25 157.61 -11.10 40.39
C LYS FA 25 157.94 -11.93 39.16
N ALA FA 26 159.19 -12.39 39.06
CA ALA FA 26 159.61 -13.12 37.88
C ALA FA 26 158.88 -14.46 37.77
N LEU FA 27 158.83 -15.20 38.87
CA LEU FA 27 158.29 -16.57 38.85
C LEU FA 27 156.84 -16.64 39.33
N VAL FA 28 156.22 -15.52 39.66
CA VAL FA 28 154.81 -15.60 40.12
C VAL FA 28 153.92 -14.65 39.33
N LEU FA 29 153.95 -13.36 39.59
CA LEU FA 29 152.99 -12.44 38.92
C LEU FA 29 153.18 -12.36 37.40
N GLU FA 30 154.41 -12.21 36.93
CA GLU FA 30 154.64 -12.00 35.50
C GLU FA 30 155.27 -13.23 34.85
N ARG FA 31 155.09 -14.38 35.50
CA ARG FA 31 155.57 -15.66 35.08
C ARG FA 31 155.05 -16.02 33.69
N HIS FA 32 153.91 -15.41 33.34
CA HIS FA 32 153.19 -15.73 32.11
C HIS FA 32 153.92 -15.09 30.94
N GLN FA 33 154.43 -13.88 31.15
CA GLN FA 33 155.22 -13.10 30.18
C GLN FA 33 156.66 -13.64 30.02
N VAL FA 34 157.33 -13.78 31.16
CA VAL FA 34 158.71 -14.17 31.24
C VAL FA 34 158.95 -15.50 30.53
N LEU FA 35 158.14 -16.50 30.87
CA LEU FA 35 158.27 -17.78 30.25
C LEU FA 35 158.53 -17.65 28.75
N VAL FA 36 158.07 -16.56 28.11
CA VAL FA 36 158.22 -16.38 26.66
C VAL FA 36 159.58 -15.70 26.44
N LYS FA 37 159.90 -14.79 27.35
CA LYS FA 37 161.19 -14.11 27.27
C LYS FA 37 162.25 -15.18 27.43
N ALA FA 38 162.06 -16.04 28.41
CA ALA FA 38 163.00 -17.12 28.74
C ALA FA 38 163.03 -18.26 27.73
N GLN FA 39 161.88 -18.67 27.20
CA GLN FA 39 161.78 -19.85 26.30
C GLN FA 39 160.91 -19.53 25.08
N PRO FA 40 161.38 -18.66 24.19
CA PRO FA 40 160.62 -18.24 23.03
C PRO FA 40 160.45 -19.35 21.99
N HIS FA 41 161.10 -20.47 22.21
CA HIS FA 41 161.07 -21.65 21.36
C HIS FA 41 160.02 -22.66 21.87
N VAL FA 42 159.63 -22.52 23.14
CA VAL FA 42 158.62 -23.32 23.74
C VAL FA 42 157.31 -22.53 23.76
N PHE FA 43 157.40 -21.22 24.05
CA PHE FA 43 156.26 -20.39 24.24
C PHE FA 43 156.13 -19.30 23.18
N LYS FA 44 154.85 -18.96 22.89
CA LYS FA 44 154.38 -18.02 21.89
C LYS FA 44 153.86 -16.73 22.53
N SER FA 45 153.13 -16.85 23.65
CA SER FA 45 152.50 -15.71 24.32
C SER FA 45 152.07 -16.06 25.76
N GLY FA 46 152.05 -15.04 26.63
CA GLY FA 46 151.53 -15.12 28.00
C GLY FA 46 150.74 -13.88 28.38
N GLU FA 47 149.52 -14.03 28.93
CA GLU FA 47 148.63 -12.85 29.26
C GLU FA 47 147.42 -13.27 30.14
N ILE FA 48 146.74 -12.26 30.71
CA ILE FA 48 145.65 -12.48 31.69
C ILE FA 48 144.27 -12.40 31.01
N ILE FA 49 143.57 -13.56 30.95
CA ILE FA 49 142.23 -13.70 30.31
C ILE FA 49 141.11 -13.28 31.26
N GLU FA 50 141.36 -13.29 32.58
CA GLU FA 50 140.39 -12.74 33.53
C GLU FA 50 141.10 -12.33 34.83
N GLY FA 51 141.16 -11.01 35.10
CA GLY FA 51 141.72 -10.49 36.36
C GLY FA 51 142.54 -9.20 36.20
N ASP FA 52 142.85 -8.61 37.35
CA ASP FA 52 143.67 -7.39 37.46
C ASP FA 52 145.02 -7.74 38.11
N GLY FA 53 145.24 -9.02 38.40
CA GLY FA 53 146.43 -9.48 39.08
C GLY FA 53 146.13 -9.99 40.47
N GLY FA 54 145.05 -9.45 41.08
CA GLY FA 54 144.58 -9.84 42.42
C GLY FA 54 143.99 -11.24 42.44
N VAL FA 55 143.74 -11.76 43.64
CA VAL FA 55 143.18 -13.09 43.79
C VAL FA 55 142.02 -13.21 42.80
N GLY FA 56 141.87 -14.40 42.23
CA GLY FA 56 140.84 -14.71 41.25
C GLY FA 56 141.39 -14.71 39.83
N THR FA 57 142.37 -13.82 39.60
CA THR FA 57 143.02 -13.60 38.31
C THR FA 57 143.46 -14.93 37.65
N VAL FA 58 143.19 -15.01 36.34
CA VAL FA 58 143.46 -16.17 35.50
C VAL FA 58 144.29 -15.70 34.29
N THR FA 59 145.28 -16.52 33.90
CA THR FA 59 146.23 -16.22 32.81
C THR FA 59 146.18 -17.33 31.76
N LYS FA 60 146.54 -16.98 30.52
CA LYS FA 60 146.60 -17.89 29.39
C LYS FA 60 148.00 -17.76 28.79
N ILE FA 61 148.57 -18.91 28.45
CA ILE FA 61 149.94 -19.07 27.99
C ILE FA 61 149.95 -20.05 26.82
N THR FA 62 150.41 -19.61 25.64
CA THR FA 62 150.35 -20.50 24.47
C THR FA 62 151.76 -20.97 24.07
N PHE FA 63 151.86 -22.27 23.67
CA PHE FA 63 153.09 -22.91 23.20
C PHE FA 63 153.28 -22.63 21.70
N VAL FA 64 154.52 -22.73 21.20
CA VAL FA 64 154.80 -22.48 19.79
C VAL FA 64 154.12 -23.59 18.95
N ASP FA 65 153.83 -23.24 17.71
CA ASP FA 65 153.08 -24.07 16.76
C ASP FA 65 153.60 -25.52 16.74
N GLY FA 66 154.91 -25.70 16.62
CA GLY FA 66 155.45 -27.06 16.49
C GLY FA 66 155.16 -27.92 17.70
N HIS FA 67 155.26 -27.29 18.88
CA HIS FA 67 155.18 -27.97 20.17
C HIS FA 67 153.94 -28.85 20.29
N PRO FA 68 154.09 -30.08 20.82
CA PRO FA 68 152.95 -30.93 21.12
C PRO FA 68 151.82 -30.12 21.78
N LEU FA 69 152.15 -29.49 22.92
CA LEU FA 69 151.21 -28.78 23.79
C LEU FA 69 150.54 -27.61 23.05
N THR FA 70 149.56 -27.01 23.73
CA THR FA 70 148.70 -26.00 23.14
C THR FA 70 148.50 -24.77 24.05
N TYR FA 71 148.04 -24.98 25.28
CA TYR FA 71 147.72 -23.84 26.13
C TYR FA 71 147.72 -24.28 27.60
N MET FA 72 147.77 -23.31 28.52
CA MET FA 72 147.73 -23.60 29.96
C MET FA 72 147.06 -22.44 30.65
N LEU FA 73 145.99 -22.66 31.43
CA LEU FA 73 145.39 -21.52 32.18
C LEU FA 73 145.62 -21.75 33.67
N HIS FA 74 146.03 -20.69 34.40
CA HIS FA 74 146.30 -20.74 35.86
C HIS FA 74 145.41 -19.71 36.57
N LYS FA 75 145.03 -20.01 37.82
CA LYS FA 75 144.21 -19.11 38.66
C LYS FA 75 144.91 -18.86 40.00
N PHE FA 76 144.96 -17.58 40.39
CA PHE FA 76 145.58 -17.13 41.63
C PHE FA 76 144.56 -17.13 42.78
N ASP FA 77 144.56 -18.24 43.52
CA ASP FA 77 143.64 -18.53 44.62
C ASP FA 77 143.95 -17.64 45.82
N GLU FA 78 145.23 -17.49 46.13
CA GLU FA 78 145.72 -16.63 47.21
C GLU FA 78 146.96 -15.87 46.75
N ILE FA 79 147.03 -14.59 47.13
CA ILE FA 79 148.14 -13.65 46.88
C ILE FA 79 148.36 -12.81 48.14
N ASP FA 80 149.61 -12.79 48.61
CA ASP FA 80 150.02 -12.00 49.77
C ASP FA 80 151.44 -11.50 49.48
N ALA FA 81 151.55 -10.73 48.39
CA ALA FA 81 152.82 -10.27 47.82
C ALA FA 81 153.77 -9.73 48.89
N ALA FA 82 153.26 -8.97 49.86
CA ALA FA 82 154.08 -8.35 50.92
C ALA FA 82 154.87 -9.40 51.71
N ASN FA 83 154.28 -10.61 51.82
CA ASN FA 83 154.87 -11.76 52.50
C ASN FA 83 155.44 -12.77 51.49
N PHE FA 84 155.20 -12.53 50.19
CA PHE FA 84 155.77 -13.38 49.15
C PHE FA 84 155.24 -14.80 49.23
N TYR FA 85 153.91 -14.91 49.45
CA TYR FA 85 153.15 -16.13 49.49
C TYR FA 85 152.13 -16.08 48.34
N CYS FA 86 151.94 -17.21 47.68
CA CYS FA 86 150.96 -17.32 46.66
C CYS FA 86 150.42 -18.74 46.65
N LYS FA 87 149.14 -18.87 46.32
CA LYS FA 87 148.51 -20.13 46.08
C LYS FA 87 147.88 -19.93 44.70
N TYR FA 88 148.28 -20.74 43.72
CA TYR FA 88 147.79 -20.63 42.32
C TYR FA 88 147.61 -22.06 41.81
N THR FA 89 146.78 -22.23 40.76
CA THR FA 89 146.34 -23.57 40.30
C THR FA 89 146.22 -23.69 38.77
N LEU FA 90 146.79 -24.76 38.20
CA LEU FA 90 146.66 -25.06 36.75
C LEU FA 90 145.39 -25.89 36.56
N PHE FA 91 144.36 -25.35 35.93
CA PHE FA 91 143.09 -26.10 35.80
C PHE FA 91 142.71 -26.38 34.34
N GLU FA 92 143.27 -25.65 33.38
CA GLU FA 92 142.93 -25.90 31.97
C GLU FA 92 144.20 -26.03 31.10
N GLY FA 93 144.19 -26.98 30.16
CA GLY FA 93 145.27 -27.18 29.17
C GLY FA 93 145.52 -28.63 28.84
N ASP FA 94 146.14 -28.88 27.68
CA ASP FA 94 146.50 -30.24 27.19
C ASP FA 94 147.57 -30.92 28.04
N VAL FA 95 148.36 -30.13 28.76
CA VAL FA 95 149.48 -30.67 29.54
C VAL FA 95 148.86 -31.63 30.54
N LEU FA 96 147.54 -31.53 30.70
CA LEU FA 96 146.83 -32.42 31.66
C LEU FA 96 146.86 -33.90 31.29
N ARG FA 97 146.64 -34.23 30.01
CA ARG FA 97 146.67 -35.62 29.48
C ARG FA 97 145.32 -36.29 29.73
N ASP FA 98 144.33 -35.50 30.15
CA ASP FA 98 142.91 -35.93 30.37
C ASP FA 98 142.70 -36.71 31.67
N ASN FA 99 143.73 -36.99 32.46
CA ASN FA 99 143.54 -37.72 33.72
C ASN FA 99 143.76 -36.78 34.90
N ILE FA 100 144.30 -35.60 34.63
CA ILE FA 100 144.60 -34.66 35.75
C ILE FA 100 143.51 -33.61 35.82
N GLU FA 101 142.94 -33.46 37.00
CA GLU FA 101 141.86 -32.52 37.26
C GLU FA 101 142.41 -31.09 37.36
N LYS FA 102 143.47 -30.93 38.17
CA LYS FA 102 144.07 -29.63 38.42
C LYS FA 102 145.45 -29.80 39.09
N VAL FA 103 146.24 -28.71 39.05
CA VAL FA 103 147.57 -28.64 39.70
C VAL FA 103 147.57 -27.37 40.53
N VAL FA 104 147.85 -27.54 41.82
CA VAL FA 104 147.87 -26.45 42.75
C VAL FA 104 149.32 -26.18 43.14
N TYR FA 105 149.69 -24.90 43.00
CA TYR FA 105 151.02 -24.36 43.31
C TYR FA 105 150.86 -23.42 44.50
N GLU FA 106 151.81 -23.53 45.43
CA GLU FA 106 151.79 -22.83 46.69
C GLU FA 106 153.24 -22.45 47.01
N VAL FA 107 153.52 -21.13 46.95
CA VAL FA 107 154.85 -20.57 47.10
C VAL FA 107 154.92 -19.60 48.28
N LYS FA 108 155.86 -19.85 49.20
CA LYS FA 108 156.17 -18.96 50.32
C LYS FA 108 157.65 -18.61 50.32
N LEU FA 109 158.03 -17.35 50.02
CA LEU FA 109 159.47 -16.90 49.97
C LEU FA 109 159.85 -16.06 51.21
N GLU FA 110 161.17 -16.06 51.52
CA GLU FA 110 161.74 -15.33 52.68
C GLU FA 110 163.04 -14.59 52.31
N ALA FA 111 163.19 -13.37 52.83
CA ALA FA 111 164.41 -12.56 52.65
C ALA FA 111 165.55 -13.23 53.41
N VAL FA 112 166.77 -13.18 52.86
CA VAL FA 112 167.97 -13.69 53.51
C VAL FA 112 169.17 -12.98 52.90
N GLY FA 113 169.83 -12.13 53.69
CA GLY FA 113 170.98 -11.39 53.19
C GLY FA 113 170.62 -10.78 51.84
N GLY FA 114 171.52 -10.85 50.86
CA GLY FA 114 171.20 -10.28 49.54
C GLY FA 114 170.26 -11.16 48.71
N GLY FA 115 169.67 -12.20 49.33
CA GLY FA 115 168.91 -13.19 48.60
C GLY FA 115 167.64 -13.71 49.29
N SER FA 116 167.40 -15.02 49.07
CA SER FA 116 166.12 -15.64 49.42
C SER FA 116 166.17 -17.16 49.50
N LYS FA 117 165.20 -17.66 50.25
CA LYS FA 117 164.84 -19.06 50.37
C LYS FA 117 163.34 -19.10 50.04
N GLY FA 118 162.88 -20.23 49.52
CA GLY FA 118 161.50 -20.34 49.15
C GLY FA 118 160.97 -21.70 49.52
N LYS FA 119 159.74 -21.70 50.02
CA LYS FA 119 159.02 -22.92 50.31
C LYS FA 119 157.96 -23.06 49.23
N ILE FA 120 157.97 -24.20 48.53
CA ILE FA 120 157.09 -24.49 47.41
C ILE FA 120 156.56 -25.93 47.50
N THR FA 121 155.23 -26.02 47.44
CA THR FA 121 154.48 -27.27 47.39
C THR FA 121 153.73 -27.29 46.07
N VAL FA 122 153.66 -28.44 45.41
CA VAL FA 122 152.87 -28.56 44.16
C VAL FA 122 152.03 -29.85 44.26
N THR FA 123 150.71 -29.70 44.14
CA THR FA 123 149.75 -30.79 44.38
C THR FA 123 149.10 -31.30 43.11
N TYR FA 124 149.15 -32.62 42.93
CA TYR FA 124 148.57 -33.29 41.78
C TYR FA 124 147.30 -34.03 42.21
N HIS FA 125 146.16 -33.47 41.77
CA HIS FA 125 144.82 -34.02 41.98
C HIS FA 125 144.36 -34.69 40.69
N PRO FA 126 144.15 -36.02 40.70
CA PRO FA 126 143.68 -36.73 39.52
C PRO FA 126 142.18 -36.56 39.23
N LYS FA 127 141.80 -36.92 38.01
CA LYS FA 127 140.40 -36.96 37.61
C LYS FA 127 139.78 -38.18 38.28
N PRO FA 128 138.48 -38.13 38.67
CA PRO FA 128 137.83 -39.25 39.34
C PRO FA 128 138.08 -40.60 38.66
N GLY FA 129 138.65 -41.54 39.44
CA GLY FA 129 138.94 -42.89 38.95
C GLY FA 129 140.27 -42.98 38.22
N CYS FA 130 140.64 -41.88 37.57
CA CYS FA 130 141.94 -41.77 36.86
C CYS FA 130 143.03 -41.58 37.90
N THR FA 131 144.25 -42.00 37.60
CA THR FA 131 145.35 -41.93 38.59
C THR FA 131 146.42 -40.95 38.12
N VAL FA 132 147.47 -40.77 38.93
CA VAL FA 132 148.56 -39.82 38.56
C VAL FA 132 149.86 -40.61 38.39
N ASN FA 133 150.49 -40.45 37.23
CA ASN FA 133 151.78 -41.12 36.91
C ASN FA 133 152.91 -40.16 37.25
N GLU FA 134 153.75 -40.55 38.19
CA GLU FA 134 154.80 -39.67 38.62
C GLU FA 134 155.47 -39.04 37.40
N GLU FA 135 155.53 -39.77 36.28
CA GLU FA 135 156.21 -39.28 35.07
C GLU FA 135 155.87 -37.82 34.81
N GLU FA 136 154.61 -37.44 35.09
CA GLU FA 136 154.13 -36.09 34.80
C GLU FA 136 154.67 -35.12 35.85
N VAL FA 137 154.98 -35.65 37.04
CA VAL FA 137 155.41 -34.87 38.18
C VAL FA 137 156.95 -34.79 38.20
N LYS FA 138 157.64 -35.72 37.55
CA LYS FA 138 159.08 -35.62 37.41
C LYS FA 138 159.36 -34.64 36.28
N ILE FA 139 158.51 -34.68 35.25
CA ILE FA 139 158.60 -33.83 34.08
C ILE FA 139 158.14 -32.41 34.43
N GLY FA 140 157.11 -32.26 35.26
CA GLY FA 140 156.60 -30.92 35.58
C GLY FA 140 157.54 -30.13 36.47
N GLU FA 141 158.33 -30.85 37.27
CA GLU FA 141 159.18 -30.25 38.31
C GLU FA 141 160.42 -29.61 37.69
N LYS FA 142 161.09 -30.41 36.85
CA LYS FA 142 162.22 -30.06 36.04
C LYS FA 142 161.86 -28.84 35.17
N LYS FA 143 160.78 -28.94 34.41
CA LYS FA 143 160.49 -27.79 33.49
C LYS FA 143 160.42 -26.52 34.34
N ALA FA 144 159.79 -26.57 35.51
CA ALA FA 144 159.70 -25.39 36.40
C ALA FA 144 161.10 -24.99 36.94
N TYR FA 145 161.91 -25.97 37.36
CA TYR FA 145 163.24 -25.70 37.96
C TYR FA 145 164.21 -25.06 36.95
N GLU FA 146 164.27 -25.61 35.71
CA GLU FA 146 165.16 -25.07 34.63
C GLU FA 146 164.71 -23.65 34.25
N PHE FA 147 163.41 -23.46 33.97
CA PHE FA 147 162.88 -22.17 33.84
C PHE FA 147 163.48 -21.26 34.93
N TYR FA 148 163.35 -21.67 36.20
CA TYR FA 148 163.77 -20.87 37.40
C TYR FA 148 165.27 -20.54 37.38
N LYS FA 149 166.10 -21.50 36.98
CA LYS FA 149 167.55 -21.27 36.91
C LYS FA 149 167.92 -20.39 35.71
N GLN FA 150 167.17 -20.53 34.63
CA GLN FA 150 167.38 -19.59 33.57
C GLN FA 150 167.04 -18.21 34.16
N VAL FA 151 165.89 -18.09 34.81
CA VAL FA 151 165.45 -16.78 35.24
C VAL FA 151 166.49 -16.17 36.19
N GLU FA 152 166.96 -16.93 37.18
CA GLU FA 152 167.97 -16.56 38.17
C GLU FA 152 169.21 -15.95 37.48
N GLU FA 153 169.79 -16.68 36.51
CA GLU FA 153 170.99 -16.26 35.79
C GLU FA 153 170.79 -14.91 35.09
N TYR FA 154 169.62 -14.75 34.48
CA TYR FA 154 169.33 -13.56 33.74
C TYR FA 154 169.18 -12.38 34.68
N LEU FA 155 168.45 -12.59 35.76
CA LEU FA 155 168.20 -11.52 36.72
C LEU FA 155 169.46 -11.10 37.51
N ALA FA 156 170.44 -11.99 37.61
CA ALA FA 156 171.68 -11.70 38.33
C ALA FA 156 172.56 -10.76 37.49
N ALA FA 157 172.58 -11.02 36.20
CA ALA FA 157 173.34 -10.29 35.24
C ALA FA 157 172.70 -8.92 34.99
N ASN FA 158 171.39 -8.81 35.19
CA ASN FA 158 170.67 -7.58 34.91
C ASN FA 158 169.99 -7.06 36.15
N PRO FA 159 170.75 -6.57 37.17
CA PRO FA 159 170.16 -6.11 38.43
C PRO FA 159 169.12 -4.98 38.43
N GLU FA 160 168.66 -4.49 37.27
CA GLU FA 160 167.59 -3.43 37.24
C GLU FA 160 166.21 -4.04 36.91
N VAL FA 161 166.21 -5.30 36.49
CA VAL FA 161 165.00 -6.04 36.16
C VAL FA 161 164.35 -6.54 37.45
N PHE FA 162 163.07 -6.16 37.62
CA PHE FA 162 162.12 -6.46 38.75
C PHE FA 162 162.67 -5.96 40.09
N ALA FA 163 163.40 -4.82 40.05
CA ALA FA 163 164.03 -4.18 41.20
C ALA FA 163 163.00 -3.39 42.03
N MET GA 5 -155.08 -5.37 -80.23
CA MET GA 5 -155.70 -6.62 -79.64
C MET GA 5 -157.24 -6.50 -79.57
N ALA GA 6 -157.89 -7.67 -79.69
CA ALA GA 6 -159.35 -7.85 -79.80
C ALA GA 6 -160.06 -7.96 -78.43
N ALA GA 7 -160.92 -6.96 -78.17
CA ALA GA 7 -161.71 -6.87 -76.96
C ALA GA 7 -163.18 -7.00 -77.33
N TYR GA 8 -163.92 -7.66 -76.44
CA TYR GA 8 -165.33 -7.90 -76.62
C TYR GA 8 -166.07 -7.01 -75.63
N THR GA 9 -167.00 -6.21 -76.15
CA THR GA 9 -167.65 -5.16 -75.41
C THR GA 9 -169.17 -5.26 -75.49
N ILE GA 10 -169.79 -5.06 -74.34
CA ILE GA 10 -171.19 -5.01 -74.24
C ILE GA 10 -171.55 -3.62 -73.70
N VAL GA 11 -172.27 -2.87 -74.51
CA VAL GA 11 -172.84 -1.59 -74.16
C VAL GA 11 -174.36 -1.76 -74.18
N LYS GA 12 -175.08 -1.22 -73.19
CA LYS GA 12 -176.53 -1.37 -73.23
C LYS GA 12 -177.21 -0.25 -72.44
N GLU GA 13 -178.50 -0.12 -72.69
CA GLU GA 13 -179.37 0.86 -72.01
C GLU GA 13 -180.36 0.05 -71.19
N GLU GA 14 -180.55 0.46 -69.95
CA GLU GA 14 -181.40 -0.21 -68.95
C GLU GA 14 -182.41 0.80 -68.38
N GLU GA 15 -183.49 0.38 -67.76
CA GLU GA 15 -184.46 1.37 -67.21
C GLU GA 15 -185.14 0.85 -65.95
N SER GA 16 -185.24 1.70 -64.94
CA SER GA 16 -185.77 1.27 -63.63
C SER GA 16 -186.77 2.26 -63.03
N PRO GA 17 -187.77 1.77 -62.30
CA PRO GA 17 -188.64 2.66 -61.55
C PRO GA 17 -187.90 3.22 -60.31
N ILE GA 18 -186.74 2.67 -59.97
CA ILE GA 18 -186.02 3.03 -58.79
C ILE GA 18 -185.16 4.26 -59.02
N ALA GA 19 -185.22 5.16 -58.04
CA ALA GA 19 -184.53 6.46 -57.98
C ALA GA 19 -183.05 6.27 -58.23
N PRO GA 20 -182.40 7.16 -59.02
CA PRO GA 20 -181.05 6.94 -59.52
C PRO GA 20 -179.85 6.97 -58.60
N HIS GA 21 -180.05 7.56 -57.43
CA HIS GA 21 -179.10 7.66 -56.30
C HIS GA 21 -179.16 6.39 -55.47
N ARG GA 22 -180.35 5.81 -55.33
CA ARG GA 22 -180.55 4.57 -54.56
C ARG GA 22 -179.93 3.40 -55.34
N LEU GA 23 -180.19 3.37 -56.64
CA LEU GA 23 -179.72 2.31 -57.54
C LEU GA 23 -178.20 2.32 -57.63
N PHE GA 24 -177.63 3.50 -57.56
CA PHE GA 24 -176.18 3.72 -57.72
C PHE GA 24 -175.43 3.34 -56.43
N LYS GA 25 -175.93 3.90 -55.33
CA LYS GA 25 -175.47 3.54 -54.03
C LYS GA 25 -175.51 2.01 -53.87
N ALA GA 26 -176.59 1.37 -54.34
CA ALA GA 26 -176.78 -0.11 -54.19
C ALA GA 26 -175.96 -0.98 -55.17
N LEU GA 27 -175.85 -0.53 -56.42
CA LEU GA 27 -175.25 -1.29 -57.52
C LEU GA 27 -173.87 -0.76 -57.92
N VAL GA 28 -173.32 0.20 -57.16
CA VAL GA 28 -172.01 0.67 -57.45
C VAL GA 28 -171.29 0.91 -56.12
N LEU GA 29 -171.80 1.83 -55.32
CA LEU GA 29 -171.09 2.25 -54.13
C LEU GA 29 -171.08 1.11 -53.12
N GLU GA 30 -172.24 0.55 -52.82
CA GLU GA 30 -172.29 -0.44 -51.80
C GLU GA 30 -172.41 -1.87 -52.37
N ARG GA 31 -172.28 -2.02 -53.68
CA ARG GA 31 -172.43 -3.32 -54.39
C ARG GA 31 -171.80 -4.46 -53.60
N HIS GA 32 -170.55 -4.28 -53.20
CA HIS GA 32 -169.75 -5.39 -52.55
C HIS GA 32 -170.53 -5.97 -51.37
N GLN GA 33 -171.21 -5.06 -50.67
CA GLN GA 33 -172.06 -5.33 -49.56
C GLN GA 33 -173.43 -5.82 -50.04
N VAL GA 34 -174.07 -5.08 -50.94
CA VAL GA 34 -175.46 -5.55 -51.34
C VAL GA 34 -175.37 -6.88 -52.11
N LEU GA 35 -174.29 -7.13 -52.84
CA LEU GA 35 -174.13 -8.51 -53.42
C LEU GA 35 -174.48 -9.56 -52.36
N VAL GA 36 -174.00 -9.33 -51.13
CA VAL GA 36 -174.16 -10.30 -50.01
C VAL GA 36 -175.57 -10.20 -49.41
N LYS GA 37 -176.22 -9.08 -49.61
CA LYS GA 37 -177.46 -8.90 -48.98
C LYS GA 37 -178.50 -9.69 -49.79
N ALA GA 38 -178.41 -9.60 -51.11
CA ALA GA 38 -179.35 -10.20 -52.06
C ALA GA 38 -179.08 -11.65 -52.48
N GLN GA 39 -177.87 -12.19 -52.28
CA GLN GA 39 -177.60 -13.57 -52.60
C GLN GA 39 -176.66 -14.16 -51.55
N PRO GA 40 -177.22 -14.51 -50.37
CA PRO GA 40 -176.44 -15.12 -49.29
C PRO GA 40 -176.06 -16.59 -49.55
N HIS GA 41 -176.66 -17.17 -50.58
CA HIS GA 41 -176.37 -18.57 -50.96
C HIS GA 41 -175.09 -18.62 -51.79
N VAL GA 42 -174.65 -17.47 -52.29
CA VAL GA 42 -173.47 -17.30 -53.18
C VAL GA 42 -172.31 -16.56 -52.50
N PHE GA 43 -172.58 -15.46 -51.81
CA PHE GA 43 -171.51 -14.62 -51.25
C PHE GA 43 -171.52 -14.62 -49.72
N LYS GA 44 -170.36 -14.74 -49.08
CA LYS GA 44 -170.27 -14.81 -47.60
C LYS GA 44 -169.87 -13.49 -46.93
N SER GA 45 -169.21 -12.58 -47.64
CA SER GA 45 -168.75 -11.35 -47.15
C SER GA 45 -168.48 -10.46 -48.33
N GLY GA 46 -168.44 -9.13 -48.09
CA GLY GA 46 -168.08 -8.09 -49.08
C GLY GA 46 -167.37 -6.92 -48.41
N GLU GA 47 -166.14 -6.56 -48.84
CA GLU GA 47 -165.44 -5.50 -48.14
C GLU GA 47 -164.52 -4.65 -49.01
N ILE GA 48 -164.08 -3.56 -48.39
CA ILE GA 48 -163.06 -2.64 -48.87
C ILE GA 48 -161.76 -3.02 -48.15
N ILE GA 49 -160.68 -3.10 -48.92
CA ILE GA 49 -159.34 -3.46 -48.41
C ILE GA 49 -158.34 -2.34 -48.74
N GLU GA 50 -158.68 -1.39 -49.61
CA GLU GA 50 -157.76 -0.34 -50.01
C GLU GA 50 -158.58 0.88 -50.44
N GLY GA 51 -158.59 1.93 -49.59
CA GLY GA 51 -159.28 3.20 -49.88
C GLY GA 51 -160.35 3.53 -48.85
N ASP GA 52 -160.89 4.73 -48.97
CA ASP GA 52 -161.97 5.21 -48.09
C ASP GA 52 -163.34 4.81 -48.62
N GLY GA 53 -163.47 4.82 -49.94
CA GLY GA 53 -164.78 4.62 -50.60
C GLY GA 53 -164.88 5.55 -51.79
N GLY GA 54 -163.72 6.01 -52.26
CA GLY GA 54 -163.55 6.89 -53.42
C GLY GA 54 -162.65 6.25 -54.46
N VAL GA 55 -162.38 6.95 -55.56
CA VAL GA 55 -161.57 6.42 -56.63
C VAL GA 55 -160.26 5.84 -56.09
N GLY GA 56 -159.92 4.65 -56.58
CA GLY GA 56 -158.76 3.88 -56.13
C GLY GA 56 -159.15 2.87 -55.07
N THR GA 57 -160.41 2.89 -54.63
CA THR GA 57 -160.91 1.98 -53.59
C THR GA 57 -160.94 0.55 -54.14
N VAL GA 58 -160.46 -0.42 -53.34
CA VAL GA 58 -160.38 -1.86 -53.75
C VAL GA 58 -161.23 -2.73 -52.81
N THR GA 59 -162.17 -3.47 -53.42
CA THR GA 59 -163.10 -4.36 -52.68
C THR GA 59 -162.70 -5.81 -52.85
N LYS GA 60 -163.05 -6.62 -51.85
CA LYS GA 60 -162.88 -8.07 -51.85
C LYS GA 60 -164.23 -8.73 -51.64
N ILE GA 61 -164.60 -9.60 -52.58
CA ILE GA 61 -165.81 -10.32 -52.59
C ILE GA 61 -165.40 -11.77 -52.59
N THR GA 62 -165.84 -12.45 -51.54
CA THR GA 62 -165.61 -13.83 -51.20
C THR GA 62 -166.90 -14.63 -51.35
N PHE GA 63 -166.86 -15.78 -52.03
CA PHE GA 63 -168.01 -16.69 -52.19
C PHE GA 63 -168.16 -17.63 -50.97
N VAL GA 64 -169.36 -18.18 -50.78
CA VAL GA 64 -169.51 -19.14 -49.68
C VAL GA 64 -168.52 -20.27 -49.94
N ASP GA 65 -168.10 -20.96 -48.88
CA ASP GA 65 -167.08 -22.00 -48.98
C ASP GA 65 -167.40 -22.95 -50.13
N GLY GA 66 -168.67 -23.38 -50.23
CA GLY GA 66 -169.07 -24.45 -51.15
C GLY GA 66 -169.14 -24.03 -52.60
N HIS GA 67 -169.09 -22.74 -52.84
CA HIS GA 67 -169.14 -22.23 -54.23
C HIS GA 67 -167.79 -22.52 -54.87
N PRO GA 68 -167.75 -22.77 -56.20
CA PRO GA 68 -166.52 -23.05 -56.91
C PRO GA 68 -165.60 -21.84 -56.96
N LEU GA 69 -166.16 -20.64 -57.11
CA LEU GA 69 -165.38 -19.38 -57.17
C LEU GA 69 -164.88 -19.04 -55.76
N THR GA 70 -163.76 -18.32 -55.68
CA THR GA 70 -163.11 -18.09 -54.37
C THR GA 70 -163.31 -16.66 -53.89
N TYR GA 71 -162.87 -15.68 -54.67
CA TYR GA 71 -162.99 -14.25 -54.35
C TYR GA 71 -162.79 -13.44 -55.63
N MET GA 72 -163.26 -12.21 -55.66
CA MET GA 72 -162.94 -11.38 -56.81
C MET GA 72 -162.54 -9.99 -56.33
N LEU GA 73 -161.66 -9.32 -57.08
CA LEU GA 73 -161.22 -7.99 -56.70
C LEU GA 73 -161.61 -7.01 -57.80
N HIS GA 74 -161.91 -5.80 -57.34
CA HIS GA 74 -162.40 -4.69 -58.09
C HIS GA 74 -161.70 -3.42 -57.63
N LYS GA 75 -161.48 -2.47 -58.56
CA LYS GA 75 -160.89 -1.18 -58.24
C LYS GA 75 -161.63 -0.11 -59.03
N PHE GA 76 -161.89 1.01 -58.36
CA PHE GA 76 -162.49 2.16 -58.92
C PHE GA 76 -161.45 3.04 -59.61
N ASP GA 77 -161.81 3.43 -60.83
CA ASP GA 77 -160.97 4.17 -61.72
C ASP GA 77 -161.41 5.63 -61.62
N GLU GA 78 -162.73 5.83 -61.58
CA GLU GA 78 -163.40 7.12 -61.41
C GLU GA 78 -164.80 6.89 -60.80
N ILE GA 79 -165.16 7.76 -59.86
CA ILE GA 79 -166.48 7.86 -59.30
C ILE GA 79 -166.85 9.34 -59.52
N ASP GA 80 -168.15 9.62 -59.52
CA ASP GA 80 -168.72 10.96 -59.56
C ASP GA 80 -170.18 10.73 -59.20
N ALA GA 81 -170.33 10.37 -57.93
CA ALA GA 81 -171.56 10.01 -57.32
C ALA GA 81 -172.53 11.19 -57.48
N ALA GA 82 -171.99 12.32 -57.90
CA ALA GA 82 -172.77 13.50 -58.15
C ALA GA 82 -173.69 13.26 -59.38
N ASN GA 83 -173.07 12.90 -60.51
CA ASN GA 83 -173.74 12.67 -61.80
C ASN GA 83 -173.86 11.16 -62.11
N PHE GA 84 -173.86 10.33 -61.06
CA PHE GA 84 -174.05 8.89 -61.15
C PHE GA 84 -173.07 8.20 -62.11
N TYR GA 85 -171.82 8.68 -62.17
CA TYR GA 85 -170.79 8.12 -63.03
C TYR GA 85 -169.76 7.30 -62.27
N CYS GA 86 -169.49 6.10 -62.80
CA CYS GA 86 -168.43 5.22 -62.30
C CYS GA 86 -167.86 4.35 -63.43
N LYS GA 87 -166.56 4.09 -63.31
CA LYS GA 87 -165.71 3.19 -64.09
C LYS GA 87 -164.90 2.43 -63.05
N TYR GA 88 -165.13 1.12 -62.93
CA TYR GA 88 -164.42 0.29 -61.99
C TYR GA 88 -163.87 -0.92 -62.75
N THR GA 89 -163.03 -1.74 -62.09
CA THR GA 89 -162.41 -2.81 -62.82
C THR GA 89 -162.21 -4.01 -61.91
N LEU GA 90 -162.53 -5.16 -62.51
CA LEU GA 90 -162.36 -6.50 -61.96
C LEU GA 90 -160.98 -6.97 -62.44
N PHE GA 91 -160.00 -6.94 -61.53
CA PHE GA 91 -158.60 -7.19 -61.86
C PHE GA 91 -157.98 -8.37 -61.11
N GLU GA 92 -158.78 -9.13 -60.35
CA GLU GA 92 -158.23 -10.34 -59.74
C GLU GA 92 -159.35 -11.23 -59.21
N GLY GA 93 -159.12 -12.54 -59.38
CA GLY GA 93 -160.01 -13.58 -58.96
C GLY GA 93 -160.05 -14.69 -60.00
N ASP GA 94 -160.57 -15.84 -59.57
CA ASP GA 94 -160.67 -17.05 -60.37
C ASP GA 94 -161.78 -16.97 -61.44
N VAL GA 95 -162.74 -16.04 -61.35
CA VAL GA 95 -163.71 -15.99 -62.46
C VAL GA 95 -162.95 -15.60 -63.73
N LEU GA 96 -161.81 -14.92 -63.54
CA LEU GA 96 -161.00 -14.45 -64.64
C LEU GA 96 -160.33 -15.63 -65.35
N ARG GA 97 -159.88 -16.61 -64.59
CA ARG GA 97 -159.21 -17.72 -65.21
C ARG GA 97 -157.94 -17.17 -65.86
N ASP GA 98 -157.44 -17.89 -66.87
CA ASP GA 98 -156.15 -17.60 -67.50
C ASP GA 98 -156.30 -16.72 -68.73
N ASN GA 99 -157.38 -16.94 -69.49
CA ASN GA 99 -157.56 -16.20 -70.69
C ASN GA 99 -157.72 -14.71 -70.38
N ILE GA 100 -158.66 -14.39 -69.49
CA ILE GA 100 -159.08 -13.01 -69.20
C ILE GA 100 -158.14 -12.31 -68.21
N GLU GA 101 -157.67 -11.10 -68.55
CA GLU GA 101 -156.81 -10.31 -67.64
C GLU GA 101 -157.67 -9.50 -66.65
N LYS GA 102 -158.70 -8.82 -67.18
CA LYS GA 102 -159.63 -7.98 -66.37
C LYS GA 102 -160.92 -7.60 -67.13
N VAL GA 103 -161.86 -7.05 -66.39
CA VAL GA 103 -163.17 -6.66 -66.88
C VAL GA 103 -163.44 -5.24 -66.37
N VAL GA 104 -163.75 -4.30 -67.28
CA VAL GA 104 -163.94 -2.92 -66.88
C VAL GA 104 -165.41 -2.51 -67.08
N TYR GA 105 -165.97 -1.87 -66.04
CA TYR GA 105 -167.34 -1.52 -66.05
C TYR GA 105 -167.53 -0.01 -65.96
N GLU GA 106 -168.28 0.54 -66.91
CA GLU GA 106 -168.64 1.94 -66.90
C GLU GA 106 -170.17 2.05 -66.85
N VAL GA 107 -170.62 2.71 -65.78
CA VAL GA 107 -171.98 2.94 -65.44
C VAL GA 107 -172.22 4.45 -65.44
N LYS GA 108 -173.37 4.90 -65.96
CA LYS GA 108 -173.75 6.29 -65.95
C LYS GA 108 -175.27 6.35 -65.92
N LEU GA 109 -175.79 6.74 -64.76
CA LEU GA 109 -177.22 6.77 -64.53
C LEU GA 109 -177.74 8.19 -64.66
N GLU GA 110 -179.06 8.33 -64.51
CA GLU GA 110 -179.72 9.61 -64.54
C GLU GA 110 -181.20 9.40 -64.27
N ALA GA 111 -181.87 10.45 -63.78
CA ALA GA 111 -183.28 10.34 -63.33
C ALA GA 111 -184.27 10.57 -64.48
N VAL GA 112 -185.29 9.72 -64.52
CA VAL GA 112 -186.40 9.85 -65.43
C VAL GA 112 -187.65 9.60 -64.58
N GLY GA 113 -188.21 10.69 -64.05
CA GLY GA 113 -189.36 10.64 -63.16
C GLY GA 113 -188.87 10.40 -61.75
N GLY GA 114 -189.54 9.50 -61.02
CA GLY GA 114 -189.10 9.12 -59.68
C GLY GA 114 -188.07 8.00 -59.76
N GLY GA 115 -187.67 7.71 -61.00
CA GLY GA 115 -186.81 6.58 -61.34
C GLY GA 115 -185.67 6.95 -62.25
N SER GA 116 -185.17 5.97 -63.00
CA SER GA 116 -183.91 6.15 -63.74
C SER GA 116 -183.79 5.31 -65.02
N LYS GA 117 -182.73 5.65 -65.74
CA LYS GA 117 -182.23 5.11 -66.99
C LYS GA 117 -180.72 5.02 -66.84
N GLY GA 118 -180.09 4.10 -67.58
CA GLY GA 118 -178.64 3.91 -67.45
C GLY GA 118 -177.99 3.39 -68.72
N LYS GA 119 -176.65 3.54 -68.76
CA LYS GA 119 -175.83 3.03 -69.85
C LYS GA 119 -174.61 2.33 -69.23
N ILE GA 120 -174.61 0.99 -69.30
CA ILE GA 120 -173.50 0.20 -68.79
C ILE GA 120 -172.72 -0.35 -69.99
N THR GA 121 -171.40 -0.31 -69.85
CA THR GA 121 -170.44 -0.77 -70.80
C THR GA 121 -169.53 -1.77 -70.12
N VAL GA 122 -169.62 -3.03 -70.54
CA VAL GA 122 -168.71 -4.04 -70.03
C VAL GA 122 -167.79 -4.45 -71.20
N THR GA 123 -166.49 -4.52 -70.90
CA THR GA 123 -165.39 -4.83 -71.79
C THR GA 123 -164.46 -5.82 -71.09
N TYR GA 124 -164.42 -7.07 -71.58
CA TYR GA 124 -163.59 -8.16 -71.03
C TYR GA 124 -162.23 -8.05 -71.73
N HIS GA 125 -161.17 -7.84 -70.94
CA HIS GA 125 -159.81 -7.64 -71.47
C HIS GA 125 -159.01 -8.95 -71.44
N PRO GA 126 -158.86 -9.65 -72.60
CA PRO GA 126 -158.13 -10.91 -72.68
C PRO GA 126 -156.62 -10.76 -72.64
N LYS GA 127 -155.94 -11.74 -72.06
CA LYS GA 127 -154.49 -11.70 -71.93
C LYS GA 127 -153.83 -11.79 -73.30
N PRO GA 128 -152.67 -11.12 -73.48
CA PRO GA 128 -151.91 -11.14 -74.74
C PRO GA 128 -151.92 -12.47 -75.51
N GLY GA 129 -152.39 -12.41 -76.76
CA GLY GA 129 -152.48 -13.55 -77.64
C GLY GA 129 -153.55 -14.58 -77.23
N CYS GA 130 -154.53 -14.18 -76.41
CA CYS GA 130 -155.60 -15.10 -75.95
C CYS GA 130 -156.92 -14.70 -76.60
N THR GA 131 -157.90 -15.59 -76.48
CA THR GA 131 -159.26 -15.37 -76.98
C THR GA 131 -160.19 -15.13 -75.78
N VAL GA 132 -161.28 -14.40 -76.04
CA VAL GA 132 -162.29 -14.21 -75.03
C VAL GA 132 -163.48 -15.07 -75.43
N ASN GA 133 -163.70 -16.09 -74.60
CA ASN GA 133 -164.84 -16.95 -74.68
C ASN GA 133 -166.09 -16.07 -74.75
N GLU GA 134 -166.64 -15.89 -75.96
CA GLU GA 134 -167.83 -15.05 -76.12
C GLU GA 134 -168.81 -15.42 -75.00
N GLU GA 135 -168.65 -16.62 -74.44
CA GLU GA 135 -169.50 -17.08 -73.36
C GLU GA 135 -169.18 -16.31 -72.07
N GLU GA 136 -167.89 -16.15 -71.75
CA GLU GA 136 -167.49 -15.45 -70.52
C GLU GA 136 -168.34 -14.17 -70.41
N VAL GA 137 -168.62 -13.57 -71.57
CA VAL GA 137 -169.45 -12.36 -71.76
C VAL GA 137 -170.89 -12.57 -71.32
N LYS GA 138 -171.49 -13.63 -71.85
CA LYS GA 138 -172.90 -13.97 -71.68
C LYS GA 138 -173.18 -14.40 -70.24
N ILE GA 139 -172.14 -14.76 -69.49
CA ILE GA 139 -172.28 -15.22 -68.14
C ILE GA 139 -172.24 -14.02 -67.19
N GLY GA 140 -171.36 -13.06 -67.50
CA GLY GA 140 -171.26 -11.87 -66.73
C GLY GA 140 -172.53 -11.06 -66.87
N GLU GA 141 -172.92 -10.84 -68.12
CA GLU GA 141 -174.13 -10.15 -68.36
C GLU GA 141 -175.23 -10.75 -67.49
N LYS GA 142 -175.31 -12.07 -67.48
CA LYS GA 142 -176.44 -12.66 -66.77
C LYS GA 142 -176.36 -12.35 -65.27
N LYS GA 143 -175.24 -12.71 -64.65
CA LYS GA 143 -175.11 -12.74 -63.19
C LYS GA 143 -175.50 -11.40 -62.61
N ALA GA 144 -175.15 -10.35 -63.33
CA ALA GA 144 -175.36 -9.01 -62.91
C ALA GA 144 -176.80 -8.52 -63.11
N TYR GA 145 -177.40 -8.83 -64.25
CA TYR GA 145 -178.71 -8.37 -64.59
C TYR GA 145 -179.70 -8.94 -63.57
N GLU GA 146 -179.44 -10.18 -63.16
CA GLU GA 146 -180.25 -10.87 -62.18
C GLU GA 146 -180.18 -10.14 -60.85
N PHE GA 147 -178.95 -9.82 -60.47
CA PHE GA 147 -178.64 -9.17 -59.21
C PHE GA 147 -179.41 -7.85 -59.17
N TYR GA 148 -179.15 -7.02 -60.19
CA TYR GA 148 -179.82 -5.76 -60.41
C TYR GA 148 -181.36 -5.89 -60.34
N LYS GA 149 -181.95 -7.03 -60.68
CA LYS GA 149 -183.43 -7.10 -60.67
C LYS GA 149 -183.90 -7.50 -59.29
N GLN GA 150 -183.02 -8.24 -58.57
CA GLN GA 150 -183.30 -8.65 -57.22
C GLN GA 150 -183.38 -7.44 -56.30
N VAL GA 151 -182.39 -6.56 -56.50
CA VAL GA 151 -182.14 -5.42 -55.69
C VAL GA 151 -183.27 -4.44 -55.95
N GLU GA 152 -183.51 -4.15 -57.22
CA GLU GA 152 -184.57 -3.31 -57.66
C GLU GA 152 -185.87 -3.72 -56.95
N GLU GA 153 -186.14 -5.03 -56.83
CA GLU GA 153 -187.36 -5.51 -56.20
C GLU GA 153 -187.31 -5.19 -54.70
N TYR GA 154 -186.14 -5.38 -54.06
CA TYR GA 154 -186.09 -5.09 -52.67
C TYR GA 154 -186.34 -3.60 -52.48
N LEU GA 155 -185.63 -2.80 -53.27
CA LEU GA 155 -185.67 -1.36 -53.08
C LEU GA 155 -187.05 -0.75 -53.34
N ALA GA 156 -187.76 -1.22 -54.37
CA ALA GA 156 -189.13 -0.84 -54.68
C ALA GA 156 -190.01 -1.05 -53.44
N ALA GA 157 -189.88 -2.27 -52.89
CA ALA GA 157 -190.61 -2.79 -51.79
C ALA GA 157 -190.14 -2.25 -50.43
N ASN GA 158 -188.95 -1.62 -50.40
CA ASN GA 158 -188.37 -1.07 -49.18
C ASN GA 158 -187.91 0.36 -49.46
N PRO GA 159 -188.88 1.26 -49.71
CA PRO GA 159 -188.59 2.62 -50.15
C PRO GA 159 -187.66 3.51 -49.31
N GLU GA 160 -187.43 3.15 -48.05
CA GLU GA 160 -186.58 3.94 -47.14
C GLU GA 160 -185.11 3.57 -47.30
N VAL GA 161 -184.84 2.45 -47.98
CA VAL GA 161 -183.48 1.97 -48.13
C VAL GA 161 -182.74 2.80 -49.18
N PHE GA 162 -181.60 3.37 -48.75
CA PHE GA 162 -180.72 4.19 -49.55
C PHE GA 162 -181.41 5.48 -50.02
N ALA GA 163 -182.66 5.69 -49.61
CA ALA GA 163 -183.46 6.83 -50.04
C ALA GA 163 -182.81 8.13 -49.56
N PHE HA 3 -176.94 -12.74 -74.57
CA PHE HA 3 -178.13 -11.82 -74.52
C PHE HA 3 -177.87 -10.61 -75.42
N THR HA 4 -176.95 -9.73 -75.02
CA THR HA 4 -176.57 -8.61 -75.90
C THR HA 4 -175.33 -9.07 -76.68
N MET HA 5 -175.30 -8.73 -77.99
CA MET HA 5 -174.22 -9.11 -78.95
C MET HA 5 -172.96 -8.32 -78.62
N ALA HA 6 -171.85 -9.03 -78.49
CA ALA HA 6 -170.57 -8.46 -78.17
C ALA HA 6 -169.97 -7.77 -79.40
N ALA HA 7 -169.30 -6.63 -79.14
CA ALA HA 7 -168.60 -5.85 -80.12
C ALA HA 7 -167.10 -6.04 -79.91
N TYR HA 8 -166.37 -5.84 -81.02
CA TYR HA 8 -164.89 -5.88 -81.12
C TYR HA 8 -164.44 -4.42 -80.90
N THR HA 9 -163.60 -4.21 -79.88
CA THR HA 9 -163.18 -2.84 -79.47
C THR HA 9 -161.66 -2.66 -79.64
N ILE HA 10 -161.29 -1.54 -80.29
CA ILE HA 10 -159.90 -1.18 -80.48
C ILE HA 10 -159.59 0.01 -79.58
N VAL HA 11 -158.68 -0.23 -78.63
CA VAL HA 11 -158.16 0.76 -77.70
C VAL HA 11 -156.71 1.01 -78.12
N LYS HA 12 -156.43 2.25 -78.52
CA LYS HA 12 -155.12 2.67 -79.02
C LYS HA 12 -154.56 3.81 -78.17
N GLU HA 13 -153.24 3.73 -77.90
CA GLU HA 13 -152.41 4.74 -77.21
C GLU HA 13 -151.42 5.28 -78.24
N GLU HA 14 -151.45 6.59 -78.53
CA GLU HA 14 -150.56 7.07 -79.56
C GLU HA 14 -149.84 8.35 -79.11
N GLU HA 15 -148.58 8.47 -79.54
CA GLU HA 15 -147.68 9.62 -79.32
C GLU HA 15 -147.34 10.25 -80.67
N SER HA 16 -147.21 11.58 -80.68
CA SER HA 16 -146.87 12.34 -81.87
C SER HA 16 -145.98 13.52 -81.49
N PRO HA 17 -145.18 14.08 -82.44
CA PRO HA 17 -144.46 15.32 -82.19
C PRO HA 17 -145.42 16.47 -82.43
N ILE HA 18 -146.57 16.15 -83.04
CA ILE HA 18 -147.57 17.14 -83.34
C ILE HA 18 -148.37 17.37 -82.06
N ALA HA 19 -148.80 18.61 -81.88
CA ALA HA 19 -149.52 19.07 -80.72
C ALA HA 19 -151.02 18.81 -80.88
N PRO HA 20 -151.74 18.80 -79.74
CA PRO HA 20 -153.14 18.41 -79.63
C PRO HA 20 -154.24 19.11 -80.41
N HIS HA 21 -154.30 20.43 -80.47
CA HIS HA 21 -155.38 21.04 -81.28
C HIS HA 21 -155.22 20.66 -82.76
N ARG HA 22 -153.99 20.55 -83.25
CA ARG HA 22 -153.68 20.14 -84.64
C ARG HA 22 -154.08 18.69 -84.96
N LEU HA 23 -153.70 17.68 -84.17
CA LEU HA 23 -154.15 16.34 -84.56
C LEU HA 23 -155.68 16.34 -84.54
N PHE HA 24 -156.22 16.68 -83.38
CA PHE HA 24 -157.66 16.70 -83.13
C PHE HA 24 -158.39 17.45 -84.25
N LYS HA 25 -157.73 18.44 -84.82
CA LYS HA 25 -158.31 19.19 -85.89
C LYS HA 25 -158.42 18.28 -87.12
N ALA HA 26 -157.26 17.73 -87.47
CA ALA HA 26 -157.07 16.97 -88.67
C ALA HA 26 -157.75 15.60 -88.61
N LEU HA 27 -157.57 14.89 -87.49
CA LEU HA 27 -157.95 13.51 -87.45
C LEU HA 27 -159.34 13.32 -86.84
N VAL HA 28 -160.16 14.35 -86.86
CA VAL HA 28 -161.48 14.20 -86.32
C VAL HA 28 -162.42 15.07 -87.11
N LEU HA 29 -162.53 16.35 -86.72
CA LEU HA 29 -163.49 17.26 -87.36
C LEU HA 29 -163.28 17.30 -88.88
N GLU HA 30 -162.05 17.65 -89.28
CA GLU HA 30 -161.70 17.78 -90.66
C GLU HA 30 -161.00 16.50 -91.11
N ARG HA 31 -161.38 15.37 -90.53
CA ARG HA 31 -160.83 14.08 -90.91
C ARG HA 31 -161.35 13.69 -92.29
N HIS HA 32 -162.62 14.02 -92.53
CA HIS HA 32 -163.27 13.73 -93.84
C HIS HA 32 -162.68 14.63 -94.94
N GLN HA 33 -162.56 15.93 -94.65
CA GLN HA 33 -162.02 16.92 -95.63
C GLN HA 33 -160.54 16.65 -95.87
N VAL HA 34 -159.79 16.38 -94.82
CA VAL HA 34 -158.33 16.11 -94.82
C VAL HA 34 -158.06 14.78 -95.51
N LEU HA 35 -158.99 13.84 -95.44
CA LEU HA 35 -158.82 12.54 -96.12
C LEU HA 35 -158.68 12.75 -97.63
N VAL HA 36 -159.45 13.69 -98.18
CA VAL HA 36 -159.33 14.04 -99.61
C VAL HA 36 -157.96 14.68 -99.81
N LYS HA 37 -157.71 15.80 -99.13
CA LYS HA 37 -156.40 16.49 -99.24
C LYS HA 37 -155.31 15.45 -98.96
N ALA HA 38 -155.56 14.59 -97.99
CA ALA HA 38 -154.57 13.58 -97.62
C ALA HA 38 -154.41 12.50 -98.68
N GLN HA 39 -155.49 12.01 -99.26
CA GLN HA 39 -155.38 10.88 -100.20
C GLN HA 39 -156.25 11.09 -101.43
N PRO HA 40 -155.92 12.00 -102.36
CA PRO HA 40 -156.74 12.23 -103.55
C PRO HA 40 -156.89 11.09 -104.56
N HIS HA 41 -156.09 10.05 -104.45
CA HIS HA 41 -156.15 8.83 -105.26
C HIS HA 41 -157.19 7.87 -104.70
N VAL HA 42 -157.82 8.19 -103.57
CA VAL HA 42 -158.82 7.29 -103.05
C VAL HA 42 -160.05 8.08 -102.68
N PHE HA 43 -159.88 9.37 -102.34
CA PHE HA 43 -160.96 10.10 -101.84
C PHE HA 43 -161.40 11.20 -102.78
N LYS HA 44 -162.60 10.97 -103.30
CA LYS HA 44 -163.33 11.90 -104.18
C LYS HA 44 -163.81 13.11 -103.39
N SER HA 45 -164.68 12.94 -102.40
CA SER HA 45 -165.14 14.17 -101.67
C SER HA 45 -165.49 13.90 -100.20
N GLY HA 46 -165.32 14.93 -99.38
CA GLY HA 46 -165.66 14.92 -97.94
C GLY HA 46 -166.50 16.15 -97.62
N GLU HA 47 -167.67 15.97 -97.00
CA GLU HA 47 -168.54 17.14 -96.69
C GLU HA 47 -169.51 16.80 -95.54
N ILE HA 48 -170.12 17.83 -94.96
CA ILE HA 48 -171.10 17.65 -93.85
C ILE HA 48 -172.51 17.71 -94.46
N ILE HA 49 -173.32 16.68 -94.22
CA ILE HA 49 -174.68 16.58 -94.80
C ILE HA 49 -175.78 16.84 -93.75
N GLU HA 50 -175.44 16.84 -92.46
CA GLU HA 50 -176.39 17.14 -91.38
C GLU HA 50 -175.59 17.73 -90.21
N GLY HA 51 -176.04 18.89 -89.72
CA GLY HA 51 -175.37 19.65 -88.67
C GLY HA 51 -174.60 20.80 -89.31
N ASP HA 52 -174.44 21.90 -88.57
CA ASP HA 52 -173.69 23.07 -89.12
C ASP HA 52 -172.22 22.92 -88.76
N GLY HA 53 -171.87 21.88 -88.02
CA GLY HA 53 -170.51 21.61 -87.54
C GLY HA 53 -170.54 21.21 -86.08
N GLY HA 54 -171.69 21.40 -85.44
CA GLY HA 54 -171.94 21.04 -84.04
C GLY HA 54 -172.32 19.58 -83.84
N VAL HA 55 -172.31 19.12 -82.59
CA VAL HA 55 -172.67 17.73 -82.21
C VAL HA 55 -173.88 17.25 -83.03
N GLY HA 56 -173.91 15.93 -83.24
CA GLY HA 56 -174.96 15.28 -84.01
C GLY HA 56 -174.79 15.54 -85.50
N THR HA 57 -173.60 16.02 -85.88
CA THR HA 57 -173.21 16.31 -87.24
C THR HA 57 -172.97 15.01 -87.99
N VAL HA 58 -173.31 15.04 -89.28
CA VAL HA 58 -173.17 13.93 -90.17
C VAL HA 58 -172.35 14.37 -91.37
N THR HA 59 -171.20 13.72 -91.56
CA THR HA 59 -170.38 13.94 -92.73
C THR HA 59 -170.73 12.83 -93.72
N LYS HA 60 -170.26 13.00 -94.95
CA LYS HA 60 -170.45 12.10 -96.05
C LYS HA 60 -169.12 12.08 -96.82
N ILE HA 61 -168.56 10.88 -97.02
CA ILE HA 61 -167.29 10.70 -97.74
C ILE HA 61 -167.52 9.81 -98.96
N THR HA 62 -167.15 10.27 -100.15
CA THR HA 62 -167.30 9.42 -101.33
C THR HA 62 -165.90 9.11 -101.87
N PHE HA 63 -165.80 7.94 -102.50
CA PHE HA 63 -164.56 7.40 -103.04
C PHE HA 63 -164.53 7.56 -104.57
N VAL HA 64 -163.32 7.79 -105.13
CA VAL HA 64 -163.14 7.83 -106.60
C VAL HA 64 -163.93 6.66 -107.17
N ASP HA 65 -164.55 6.87 -108.33
CA ASP HA 65 -165.54 5.96 -108.95
C ASP HA 65 -165.13 4.47 -108.99
N GLY HA 66 -164.10 4.11 -109.77
CA GLY HA 66 -163.71 2.69 -109.97
C GLY HA 66 -163.34 1.94 -108.70
N HIS HA 67 -163.26 2.68 -107.58
CA HIS HA 67 -163.01 2.14 -106.26
C HIS HA 67 -164.20 1.33 -105.78
N PRO HA 68 -164.02 0.06 -105.40
CA PRO HA 68 -165.13 -0.75 -104.88
C PRO HA 68 -166.11 0.04 -104.02
N LEU HA 69 -165.60 0.64 -102.93
CA LEU HA 69 -166.44 1.36 -101.97
C LEU HA 69 -167.04 2.59 -102.63
N THR HA 70 -168.20 3.03 -102.13
CA THR HA 70 -168.80 4.21 -102.67
C THR HA 70 -168.63 5.37 -101.71
N TYR HA 71 -169.26 5.30 -100.53
CA TYR HA 71 -169.13 6.39 -99.57
C TYR HA 71 -169.28 5.89 -98.13
N MET HA 72 -169.00 6.80 -97.20
CA MET HA 72 -169.06 6.52 -95.77
C MET HA 72 -169.83 7.64 -95.07
N LEU HA 73 -170.66 7.27 -94.08
CA LEU HA 73 -171.36 8.23 -93.24
C LEU HA 73 -170.92 8.05 -91.77
N HIS HA 74 -170.42 9.15 -91.16
CA HIS HA 74 -170.10 9.23 -89.71
C HIS HA 74 -170.91 10.37 -89.10
N LYS HA 75 -171.48 10.12 -87.91
CA LYS HA 75 -172.15 11.20 -87.17
C LYS HA 75 -171.33 11.41 -85.89
N PHE HA 76 -171.30 12.67 -85.41
CA PHE HA 76 -170.55 13.02 -84.21
C PHE HA 76 -171.45 12.93 -82.97
N ASP HA 77 -171.34 11.83 -82.24
CA ASP HA 77 -172.14 11.57 -81.06
C ASP HA 77 -172.06 12.79 -80.13
N GLU HA 78 -170.83 13.14 -79.75
CA GLU HA 78 -170.52 14.26 -78.85
C GLU HA 78 -169.09 14.73 -79.14
N ILE HA 79 -168.87 16.03 -78.93
CA ILE HA 79 -167.53 16.63 -79.16
C ILE HA 79 -167.19 17.58 -78.00
N ASP HA 80 -166.24 17.21 -77.15
CA ASP HA 80 -165.72 18.13 -76.10
C ASP HA 80 -164.48 18.78 -76.72
N ALA HA 81 -164.68 19.70 -77.66
CA ALA HA 81 -163.55 20.27 -78.42
C ALA HA 81 -162.57 20.90 -77.44
N ALA HA 82 -163.11 21.55 -76.43
CA ALA HA 82 -162.27 22.14 -75.41
C ALA HA 82 -161.20 21.14 -74.98
N ASN HA 83 -161.63 19.97 -74.51
CA ASN HA 83 -160.72 18.95 -73.95
C ASN HA 83 -160.32 17.89 -75.00
N PHE HA 84 -160.55 18.19 -76.29
CA PHE HA 84 -160.14 17.32 -77.41
C PHE HA 84 -160.69 15.89 -77.25
N TYR HA 85 -162.00 15.81 -77.02
CA TYR HA 85 -162.72 14.54 -76.93
C TYR HA 85 -163.72 14.50 -78.09
N CYS HA 86 -163.87 13.33 -78.69
CA CYS HA 86 -164.90 13.12 -79.64
C CYS HA 86 -165.40 11.68 -79.50
N LYS HA 87 -166.71 11.51 -79.73
CA LYS HA 87 -167.31 10.18 -79.89
C LYS HA 87 -167.97 10.25 -81.27
N TYR HA 88 -167.62 9.33 -82.15
CA TYR HA 88 -168.17 9.38 -83.49
C TYR HA 88 -168.38 7.95 -83.94
N THR HA 89 -169.30 7.78 -84.89
CA THR HA 89 -169.68 6.49 -85.36
C THR HA 89 -169.74 6.41 -86.89
N LEU HA 90 -169.17 5.35 -87.44
CA LEU HA 90 -169.30 5.00 -88.82
C LEU HA 90 -170.63 4.27 -88.91
N PHE HA 91 -171.64 4.83 -89.59
CA PHE HA 91 -172.96 4.21 -89.53
C PHE HA 91 -173.62 3.94 -90.88
N GLU HA 92 -172.91 4.12 -91.98
CA GLU HA 92 -173.52 3.77 -93.29
C GLU HA 92 -172.43 3.66 -94.35
N GLY HA 93 -172.71 2.96 -95.45
CA GLY HA 93 -171.78 2.76 -96.56
C GLY HA 93 -171.49 1.31 -96.75
N ASP HA 94 -170.88 0.93 -97.88
CA ASP HA 94 -170.56 -0.49 -98.13
C ASP HA 94 -169.20 -0.85 -97.53
N VAL HA 95 -168.52 0.10 -96.91
CA VAL HA 95 -167.27 -0.18 -96.17
C VAL HA 95 -167.69 -1.14 -95.07
N LEU HA 96 -168.95 -1.03 -94.65
CA LEU HA 96 -169.50 -1.87 -93.56
C LEU HA 96 -169.82 -3.30 -94.03
N ARG HA 97 -169.84 -3.53 -95.33
CA ARG HA 97 -170.28 -4.80 -95.94
C ARG HA 97 -171.72 -5.03 -95.46
N ASP HA 98 -172.05 -6.24 -95.01
CA ASP HA 98 -173.41 -6.50 -94.51
C ASP HA 98 -173.37 -6.76 -93.00
N ASN HA 99 -172.44 -7.59 -92.56
CA ASN HA 99 -172.32 -8.04 -91.15
C ASN HA 99 -171.94 -6.98 -90.10
N ILE HA 100 -171.56 -5.74 -90.49
CA ILE HA 100 -171.26 -4.68 -89.51
C ILE HA 100 -172.45 -3.73 -89.53
N GLU HA 101 -173.00 -3.38 -88.35
CA GLU HA 101 -174.14 -2.42 -88.26
C GLU HA 101 -173.64 -0.99 -88.08
N LYS HA 102 -172.55 -0.82 -87.32
CA LYS HA 102 -171.95 0.49 -87.05
C LYS HA 102 -170.58 0.35 -86.36
N VAL HA 103 -169.64 1.24 -86.71
CA VAL HA 103 -168.33 1.28 -86.07
C VAL HA 103 -168.21 2.62 -85.33
N VAL HA 104 -167.98 2.49 -84.02
CA VAL HA 104 -167.93 3.61 -83.08
C VAL HA 104 -166.47 3.95 -82.76
N TYR HA 105 -166.13 5.23 -82.91
CA TYR HA 105 -164.80 5.74 -82.65
C TYR HA 105 -164.85 6.70 -81.46
N GLU HA 106 -164.00 6.46 -80.45
CA GLU HA 106 -163.94 7.31 -79.29
C GLU HA 106 -162.50 7.82 -79.09
N VAL HA 107 -162.32 9.13 -79.28
CA VAL HA 107 -161.01 9.80 -79.28
C VAL HA 107 -160.90 10.91 -78.24
N LYS HA 108 -159.79 10.91 -77.48
CA LYS HA 108 -159.44 11.92 -76.44
C LYS HA 108 -157.92 12.15 -76.43
N LEU HA 109 -157.48 13.37 -76.69
CA LEU HA 109 -156.05 13.69 -76.71
C LEU HA 109 -155.64 14.42 -75.43
N GLU HA 110 -154.33 14.64 -75.27
CA GLU HA 110 -153.76 15.41 -74.16
C GLU HA 110 -152.43 16.03 -74.62
N ALA HA 111 -152.21 17.31 -74.28
CA ALA HA 111 -150.97 18.04 -74.60
C ALA HA 111 -149.82 17.49 -73.75
N VAL HA 112 -148.68 17.22 -74.39
CA VAL HA 112 -147.54 16.67 -73.68
C VAL HA 112 -146.27 17.31 -74.22
N GLY HA 113 -145.92 18.46 -73.64
CA GLY HA 113 -144.80 19.24 -74.08
C GLY HA 113 -145.16 19.87 -75.41
N GLY HA 114 -144.23 19.79 -76.37
CA GLY HA 114 -144.46 20.28 -77.73
C GLY HA 114 -145.41 19.37 -78.49
N GLY HA 115 -145.47 18.11 -78.04
CA GLY HA 115 -146.25 17.06 -78.63
C GLY HA 115 -147.63 16.85 -78.02
N SER HA 116 -148.08 15.61 -78.17
CA SER HA 116 -149.42 15.21 -77.82
C SER HA 116 -149.44 13.72 -77.56
N LYS HA 117 -150.30 13.31 -76.63
CA LYS HA 117 -150.64 11.93 -76.38
C LYS HA 117 -152.10 11.82 -76.82
N GLY HA 118 -152.46 10.68 -77.40
CA GLY HA 118 -153.80 10.39 -77.89
C GLY HA 118 -154.18 8.96 -77.58
N LYS HA 119 -155.37 8.80 -76.99
CA LYS HA 119 -155.93 7.45 -76.68
C LYS HA 119 -157.23 7.34 -77.47
N ILE HA 120 -157.40 6.25 -78.21
CA ILE HA 120 -158.54 6.13 -79.10
C ILE HA 120 -159.11 4.71 -79.07
N THR HA 121 -160.43 4.66 -78.90
CA THR HA 121 -161.13 3.41 -78.96
C THR HA 121 -161.96 3.44 -80.25
N VAL HA 122 -162.21 2.24 -80.77
CA VAL HA 122 -163.05 2.00 -81.93
C VAL HA 122 -163.80 0.71 -81.65
N THR HA 123 -165.11 0.73 -81.86
CA THR HA 123 -165.90 -0.44 -81.60
C THR HA 123 -166.67 -0.85 -82.86
N TYR HA 124 -166.70 -2.17 -83.05
CA TYR HA 124 -167.31 -2.83 -84.17
C TYR HA 124 -168.58 -3.57 -83.72
N HIS HA 125 -169.74 -2.96 -83.96
CA HIS HA 125 -171.04 -3.53 -83.62
C HIS HA 125 -171.53 -4.47 -84.72
N PRO HA 126 -171.51 -5.82 -84.51
CA PRO HA 126 -171.97 -6.77 -85.54
C PRO HA 126 -173.49 -6.90 -85.54
N LYS HA 127 -174.11 -6.81 -86.73
CA LYS HA 127 -175.56 -6.89 -86.91
C LYS HA 127 -176.11 -8.08 -86.14
N PRO HA 128 -177.37 -8.00 -85.68
CA PRO HA 128 -177.98 -9.08 -84.88
C PRO HA 128 -177.84 -10.46 -85.53
N GLY HA 129 -176.96 -11.30 -84.94
CA GLY HA 129 -176.79 -12.70 -85.37
C GLY HA 129 -175.46 -12.98 -86.06
N CYS HA 130 -175.02 -12.04 -86.90
CA CYS HA 130 -173.78 -12.19 -87.64
C CYS HA 130 -172.58 -12.07 -86.70
N THR HA 131 -171.40 -12.41 -87.23
CA THR HA 131 -170.16 -12.47 -86.45
C THR HA 131 -169.28 -11.24 -86.76
N VAL HA 132 -168.19 -11.09 -86.00
CA VAL HA 132 -167.27 -9.96 -86.11
C VAL HA 132 -166.20 -10.28 -87.16
N ASN HA 133 -166.16 -9.44 -88.20
CA ASN HA 133 -165.20 -9.53 -89.31
C ASN HA 133 -163.84 -9.00 -88.80
N GLU HA 134 -163.06 -9.89 -88.17
CA GLU HA 134 -161.75 -9.57 -87.59
C GLU HA 134 -160.95 -8.66 -88.53
N GLU HA 135 -160.84 -9.07 -89.79
CA GLU HA 135 -160.16 -8.32 -90.83
C GLU HA 135 -160.67 -6.88 -90.83
N GLU HA 136 -161.98 -6.70 -91.03
CA GLU HA 136 -162.63 -5.38 -91.05
C GLU HA 136 -161.89 -4.40 -90.15
N VAL HA 137 -161.57 -4.88 -88.94
CA VAL HA 137 -160.88 -4.11 -87.93
C VAL HA 137 -159.42 -3.90 -88.36
N LYS HA 138 -158.72 -5.01 -88.64
CA LYS HA 138 -157.32 -4.94 -89.04
C LYS HA 138 -157.13 -3.96 -90.20
N ILE HA 139 -157.91 -4.11 -91.28
CA ILE HA 139 -157.80 -3.23 -92.44
C ILE HA 139 -158.30 -1.83 -92.04
N GLY HA 140 -159.29 -1.76 -91.13
CA GLY HA 140 -159.78 -0.48 -90.61
C GLY HA 140 -158.70 0.22 -89.79
N GLU HA 141 -157.90 -0.58 -89.09
CA GLU HA 141 -156.87 -0.05 -88.27
C GLU HA 141 -155.73 0.46 -89.16
N LYS HA 142 -155.22 -0.41 -90.04
CA LYS HA 142 -154.17 -0.06 -91.02
C LYS HA 142 -154.38 1.30 -91.70
N LYS HA 143 -155.62 1.58 -92.09
CA LYS HA 143 -155.93 2.74 -92.94
C LYS HA 143 -155.95 4.07 -92.18
N ALA HA 144 -156.72 4.07 -91.09
CA ALA HA 144 -156.97 5.23 -90.23
C ALA HA 144 -155.65 5.80 -89.70
N TYR HA 145 -154.68 4.90 -89.63
CA TYR HA 145 -153.38 5.09 -89.09
C TYR HA 145 -152.42 5.53 -90.19
N GLU HA 146 -152.27 4.69 -91.22
CA GLU HA 146 -151.37 4.97 -92.33
C GLU HA 146 -151.60 6.43 -92.72
N PHE HA 147 -152.87 6.84 -92.66
CA PHE HA 147 -153.29 8.15 -93.00
C PHE HA 147 -152.87 9.17 -91.95
N TYR HA 148 -152.90 8.76 -90.69
CA TYR HA 148 -152.40 9.56 -89.60
C TYR HA 148 -150.93 9.86 -89.90
N LYS HA 149 -150.12 8.81 -90.00
CA LYS HA 149 -148.71 8.88 -90.26
C LYS HA 149 -148.41 9.85 -91.43
N GLN HA 150 -149.25 9.84 -92.48
CA GLN HA 150 -149.11 10.77 -93.61
C GLN HA 150 -149.40 12.18 -93.10
N VAL HA 151 -150.45 12.29 -92.29
CA VAL HA 151 -150.86 13.61 -91.75
C VAL HA 151 -149.74 14.16 -90.88
N GLU HA 152 -149.11 13.33 -90.05
CA GLU HA 152 -148.05 13.80 -89.11
C GLU HA 152 -146.85 14.41 -89.85
N GLU HA 153 -146.41 13.78 -90.95
CA GLU HA 153 -145.22 14.23 -91.72
C GLU HA 153 -145.60 15.55 -92.38
N TYR HA 154 -146.83 15.63 -92.85
CA TYR HA 154 -147.33 16.83 -93.48
C TYR HA 154 -147.38 17.97 -92.46
N LEU HA 155 -148.02 17.73 -91.31
CA LEU HA 155 -148.10 18.78 -90.28
C LEU HA 155 -146.69 19.18 -89.80
N ALA HA 156 -145.88 18.22 -89.36
CA ALA HA 156 -144.49 18.49 -88.96
C ALA HA 156 -143.85 19.40 -90.02
N ALA HA 157 -143.93 18.98 -91.28
CA ALA HA 157 -143.42 19.71 -92.43
C ALA HA 157 -144.10 21.08 -92.58
N ASN HA 158 -145.38 21.20 -92.21
CA ASN HA 158 -146.13 22.49 -92.34
C ASN HA 158 -146.64 22.95 -90.97
N PRO HA 159 -145.90 23.83 -90.27
CA PRO HA 159 -146.32 24.30 -88.96
C PRO HA 159 -147.39 25.40 -88.92
N GLU HA 160 -147.82 25.88 -90.08
CA GLU HA 160 -148.84 26.98 -90.08
C GLU HA 160 -150.25 26.42 -90.25
N VAL HA 161 -150.34 25.12 -90.58
CA VAL HA 161 -151.65 24.44 -90.77
C VAL HA 161 -152.16 24.01 -89.40
N PHE HA 162 -153.41 24.35 -89.10
CA PHE HA 162 -154.06 24.07 -87.79
C PHE HA 162 -153.30 24.75 -86.65
N ALA HA 163 -152.92 25.99 -86.92
CA ALA HA 163 -152.23 26.89 -85.98
C ALA HA 163 -152.31 28.31 -86.52
N PRO IA 2 -109.57 -8.73 -72.23
CA PRO IA 2 -109.69 -8.16 -70.90
C PRO IA 2 -110.92 -7.26 -70.74
N PHE IA 3 -112.09 -7.79 -71.12
CA PHE IA 3 -113.35 -7.12 -70.91
C PHE IA 3 -113.78 -7.46 -69.49
N THR IA 4 -114.72 -6.70 -68.93
CA THR IA 4 -115.12 -6.90 -67.55
C THR IA 4 -115.96 -8.17 -67.47
N MET IA 5 -116.21 -8.64 -66.25
CA MET IA 5 -117.04 -9.80 -65.96
C MET IA 5 -118.49 -9.37 -66.09
N ALA IA 6 -119.33 -10.12 -66.81
CA ALA IA 6 -120.74 -9.73 -66.92
C ALA IA 6 -121.46 -10.19 -65.64
N ALA IA 7 -122.08 -9.23 -64.94
CA ALA IA 7 -122.82 -9.51 -63.73
C ALA IA 7 -124.28 -9.65 -64.11
N TYR IA 8 -124.97 -10.61 -63.46
CA TYR IA 8 -126.41 -10.89 -63.68
C TYR IA 8 -127.21 -10.01 -62.70
N THR IA 9 -128.15 -9.23 -63.27
CA THR IA 9 -129.00 -8.27 -62.59
C THR IA 9 -130.48 -8.71 -62.67
N ILE IA 10 -131.17 -8.68 -61.52
CA ILE IA 10 -132.62 -8.98 -61.38
C ILE IA 10 -133.29 -7.69 -60.93
N VAL IA 11 -134.36 -7.28 -61.61
CA VAL IA 11 -135.10 -6.08 -61.25
C VAL IA 11 -136.55 -6.45 -60.95
N LYS IA 12 -136.94 -6.15 -59.72
CA LYS IA 12 -138.21 -6.46 -59.23
C LYS IA 12 -138.93 -5.18 -58.81
N GLU IA 13 -140.25 -5.19 -58.91
CA GLU IA 13 -141.10 -4.15 -58.36
C GLU IA 13 -142.13 -4.92 -57.55
N GLU IA 14 -142.52 -4.38 -56.39
CA GLU IA 14 -143.46 -5.07 -55.49
C GLU IA 14 -144.34 -4.06 -54.74
N GLU IA 15 -145.14 -4.58 -53.81
CA GLU IA 15 -146.09 -3.83 -53.06
C GLU IA 15 -146.51 -4.60 -51.81
N SER IA 16 -146.73 -3.80 -50.77
CA SER IA 16 -147.17 -4.31 -49.49
C SER IA 16 -148.13 -3.27 -48.92
N PRO IA 17 -149.23 -3.69 -48.28
CA PRO IA 17 -150.07 -2.75 -47.55
C PRO IA 17 -149.34 -2.28 -46.28
N ILE IA 18 -148.26 -2.98 -45.90
CA ILE IA 18 -147.44 -2.61 -44.78
C ILE IA 18 -146.77 -1.26 -45.07
N ALA IA 19 -146.67 -0.41 -44.05
CA ALA IA 19 -146.04 0.94 -44.16
C ALA IA 19 -144.54 0.76 -44.35
N PRO IA 20 -143.85 1.65 -45.10
CA PRO IA 20 -142.45 1.45 -45.47
C PRO IA 20 -141.35 1.68 -44.43
N HIS IA 21 -141.65 2.31 -43.30
CA HIS IA 21 -140.65 2.50 -42.28
C HIS IA 21 -140.42 1.17 -41.57
N ARG IA 22 -141.50 0.42 -41.37
CA ARG IA 22 -141.46 -0.85 -40.68
C ARG IA 22 -140.83 -1.94 -41.57
N LEU IA 23 -140.98 -1.75 -42.87
CA LEU IA 23 -140.64 -2.68 -43.90
C LEU IA 23 -139.18 -2.47 -44.30
N PHE IA 24 -138.72 -1.22 -44.18
CA PHE IA 24 -137.33 -0.89 -44.37
C PHE IA 24 -136.55 -1.47 -43.20
N LYS IA 25 -137.02 -1.12 -41.99
CA LYS IA 25 -136.48 -1.60 -40.73
C LYS IA 25 -136.41 -3.12 -40.78
N ALA IA 26 -137.56 -3.75 -41.01
CA ALA IA 26 -137.66 -5.21 -41.07
C ALA IA 26 -136.74 -5.77 -42.16
N LEU IA 27 -136.84 -5.23 -43.36
CA LEU IA 27 -136.20 -5.85 -44.48
C LEU IA 27 -134.90 -5.15 -44.88
N VAL IA 28 -134.42 -4.17 -44.11
CA VAL IA 28 -133.14 -3.63 -44.44
C VAL IA 28 -132.32 -3.33 -43.20
N LEU IA 29 -132.80 -2.36 -42.43
CA LEU IA 29 -132.03 -1.97 -41.30
C LEU IA 29 -131.85 -3.12 -40.31
N GLU IA 30 -132.94 -3.69 -39.81
CA GLU IA 30 -132.85 -4.72 -38.77
C GLU IA 30 -133.07 -6.10 -39.34
N ARG IA 31 -132.65 -6.28 -40.58
CA ARG IA 31 -132.87 -7.51 -41.28
C ARG IA 31 -132.24 -8.67 -40.52
N HIS IA 32 -130.92 -8.53 -40.28
CA HIS IA 32 -130.07 -9.59 -39.67
C HIS IA 32 -130.72 -10.21 -38.42
N GLN IA 33 -131.57 -9.43 -37.74
CA GLN IA 33 -132.25 -9.89 -36.54
C GLN IA 33 -133.63 -10.48 -36.85
N VAL IA 34 -134.29 -9.97 -37.88
CA VAL IA 34 -135.61 -10.45 -38.17
C VAL IA 34 -135.46 -11.78 -38.86
N LEU IA 35 -134.49 -11.90 -39.79
CA LEU IA 35 -134.27 -13.23 -40.37
C LEU IA 35 -134.39 -14.24 -39.24
N VAL IA 36 -133.80 -13.91 -38.09
CA VAL IA 36 -133.74 -14.81 -36.88
C VAL IA 36 -135.12 -14.94 -36.16
N LYS IA 37 -135.94 -13.90 -36.18
CA LYS IA 37 -137.27 -14.00 -35.53
C LYS IA 37 -138.24 -14.87 -36.31
N ALA IA 38 -138.33 -14.66 -37.62
CA ALA IA 38 -139.25 -15.35 -38.56
C ALA IA 38 -138.88 -16.79 -38.87
N GLN IA 39 -137.61 -17.11 -39.05
CA GLN IA 39 -137.25 -18.50 -39.43
C GLN IA 39 -136.21 -19.05 -38.47
N PRO IA 40 -136.58 -19.38 -37.23
CA PRO IA 40 -135.67 -19.94 -36.25
C PRO IA 40 -135.25 -21.36 -36.59
N HIS IA 41 -136.07 -22.09 -37.35
CA HIS IA 41 -135.74 -23.40 -37.76
C HIS IA 41 -134.54 -23.33 -38.68
N VAL IA 42 -134.25 -22.13 -39.17
CA VAL IA 42 -133.25 -21.92 -40.20
C VAL IA 42 -132.04 -21.18 -39.62
N PHE IA 43 -132.25 -20.04 -38.96
CA PHE IA 43 -131.15 -19.19 -38.50
C PHE IA 43 -131.04 -19.17 -36.99
N LYS IA 44 -129.79 -19.31 -36.52
CA LYS IA 44 -129.39 -19.39 -35.11
C LYS IA 44 -129.26 -18.01 -34.44
N SER IA 45 -128.51 -17.11 -35.10
CA SER IA 45 -128.19 -15.77 -34.64
C SER IA 45 -127.91 -14.85 -35.82
N GLY IA 46 -127.77 -13.55 -35.52
CA GLY IA 46 -127.47 -12.46 -36.46
C GLY IA 46 -126.99 -11.25 -35.67
N GLU IA 47 -125.92 -10.56 -36.13
CA GLU IA 47 -125.32 -9.49 -35.29
C GLU IA 47 -124.61 -8.39 -36.08
N ILE IA 48 -124.30 -7.32 -35.35
CA ILE IA 48 -123.48 -6.17 -35.78
C ILE IA 48 -122.07 -6.42 -35.21
N ILE IA 49 -121.05 -6.54 -36.07
CA ILE IA 49 -119.69 -6.83 -35.59
C ILE IA 49 -118.69 -5.79 -36.08
N GLU IA 50 -119.19 -4.68 -36.64
CA GLU IA 50 -118.39 -3.53 -37.15
C GLU IA 50 -119.38 -2.47 -37.63
N GLY IA 51 -119.34 -1.28 -37.02
CA GLY IA 51 -120.24 -0.18 -37.41
C GLY IA 51 -121.26 0.16 -36.35
N ASP IA 52 -122.03 1.21 -36.60
CA ASP IA 52 -123.03 1.73 -35.67
C ASP IA 52 -124.44 1.65 -36.27
N GLY IA 53 -124.68 0.69 -37.16
CA GLY IA 53 -125.98 0.61 -37.85
C GLY IA 53 -125.92 1.35 -39.17
N GLY IA 54 -125.44 2.59 -39.10
CA GLY IA 54 -125.22 3.45 -40.27
C GLY IA 54 -124.30 2.80 -41.29
N VAL IA 55 -123.75 3.64 -42.19
CA VAL IA 55 -122.91 3.16 -43.30
C VAL IA 55 -121.61 2.57 -42.76
N GLY IA 56 -121.05 1.61 -43.52
CA GLY IA 56 -119.85 0.86 -43.19
C GLY IA 56 -120.14 -0.42 -42.42
N THR IA 57 -121.39 -0.58 -41.95
CA THR IA 57 -121.81 -1.68 -41.08
C THR IA 57 -121.58 -3.04 -41.75
N VAL IA 58 -121.11 -3.99 -40.94
CA VAL IA 58 -120.83 -5.34 -41.32
C VAL IA 58 -121.69 -6.20 -40.39
N THR IA 59 -122.59 -7.01 -40.96
CA THR IA 59 -123.45 -7.89 -40.15
C THR IA 59 -123.05 -9.32 -40.42
N LYS IA 60 -123.21 -10.19 -39.41
CA LYS IA 60 -122.90 -11.60 -39.53
C LYS IA 60 -124.14 -12.37 -39.10
N ILE IA 61 -124.61 -13.30 -39.93
CA ILE IA 61 -125.82 -14.02 -39.66
C ILE IA 61 -125.50 -15.51 -39.58
N THR IA 62 -125.98 -16.16 -38.52
CA THR IA 62 -125.63 -17.57 -38.24
C THR IA 62 -126.73 -18.57 -38.63
N PHE IA 63 -126.39 -19.49 -39.53
CA PHE IA 63 -127.29 -20.57 -39.85
C PHE IA 63 -127.33 -21.49 -38.63
N VAL IA 64 -128.26 -22.45 -38.61
CA VAL IA 64 -128.35 -23.41 -37.51
C VAL IA 64 -127.24 -24.44 -37.73
N ASP IA 65 -126.86 -25.18 -36.70
CA ASP IA 65 -125.65 -26.00 -36.82
C ASP IA 65 -125.72 -26.92 -38.03
N GLY IA 66 -126.77 -27.75 -38.09
CA GLY IA 66 -126.94 -28.75 -39.13
C GLY IA 66 -127.19 -28.22 -40.55
N HIS IA 67 -127.64 -26.96 -40.69
CA HIS IA 67 -127.93 -26.39 -42.03
C HIS IA 67 -126.72 -26.48 -42.94
N PRO IA 68 -126.91 -26.99 -44.18
CA PRO IA 68 -125.81 -27.14 -45.15
C PRO IA 68 -125.11 -25.84 -45.54
N LEU IA 69 -125.62 -24.67 -45.10
CA LEU IA 69 -124.99 -23.38 -45.29
C LEU IA 69 -124.46 -22.95 -43.91
N THR IA 70 -123.52 -21.99 -43.85
CA THR IA 70 -122.79 -21.77 -42.57
C THR IA 70 -122.79 -20.33 -42.04
N TYR IA 71 -122.49 -19.32 -42.89
CA TYR IA 71 -122.32 -17.93 -42.41
C TYR IA 71 -122.38 -16.92 -43.56
N MET IA 72 -122.65 -15.65 -43.23
CA MET IA 72 -122.62 -14.61 -44.24
C MET IA 72 -122.43 -13.24 -43.57
N LEU IA 73 -121.59 -12.43 -44.21
CA LEU IA 73 -121.26 -11.11 -43.81
C LEU IA 73 -121.85 -10.23 -44.88
N HIS IA 74 -122.57 -9.20 -44.42
CA HIS IA 74 -123.13 -8.19 -45.26
C HIS IA 74 -122.47 -6.89 -44.82
N LYS IA 75 -122.14 -6.05 -45.80
CA LYS IA 75 -121.56 -4.75 -45.57
C LYS IA 75 -122.53 -3.77 -46.25
N PHE IA 76 -122.85 -2.70 -45.52
CA PHE IA 76 -123.76 -1.65 -45.96
C PHE IA 76 -122.97 -0.62 -46.75
N ASP IA 77 -123.28 -0.48 -48.05
CA ASP IA 77 -122.48 0.36 -48.88
C ASP IA 77 -123.04 1.79 -48.80
N GLU IA 78 -124.37 1.94 -48.83
CA GLU IA 78 -125.05 3.25 -48.80
C GLU IA 78 -126.35 3.14 -48.00
N ILE IA 79 -126.60 4.11 -47.10
CA ILE IA 79 -127.79 4.14 -46.23
C ILE IA 79 -128.32 5.58 -46.12
N ASP IA 80 -129.54 5.76 -46.63
CA ASP IA 80 -130.30 6.97 -46.54
C ASP IA 80 -131.65 6.54 -45.95
N ALA IA 81 -131.68 6.44 -44.63
CA ALA IA 81 -132.82 5.92 -43.94
C ALA IA 81 -134.04 6.85 -43.99
N ALA IA 82 -133.90 8.07 -44.51
CA ALA IA 82 -135.00 9.01 -44.52
C ALA IA 82 -135.90 8.76 -45.74
N ASN IA 83 -135.24 8.24 -46.78
CA ASN IA 83 -135.83 8.01 -48.08
C ASN IA 83 -135.98 6.51 -48.37
N PHE IA 84 -135.84 5.67 -47.35
CA PHE IA 84 -135.97 4.25 -47.55
C PHE IA 84 -135.13 3.82 -48.76
N TYR IA 85 -133.82 4.08 -48.70
CA TYR IA 85 -132.91 3.72 -49.79
C TYR IA 85 -131.63 3.10 -49.22
N CYS IA 86 -131.35 1.85 -49.58
CA CYS IA 86 -130.12 1.18 -49.15
C CYS IA 86 -129.48 0.39 -50.29
N LYS IA 87 -128.19 0.12 -50.11
CA LYS IA 87 -127.32 -0.56 -51.01
C LYS IA 87 -126.28 -1.22 -50.14
N TYR IA 88 -126.22 -2.55 -50.17
CA TYR IA 88 -125.36 -3.34 -49.30
C TYR IA 88 -124.89 -4.52 -50.14
N THR IA 89 -123.89 -5.23 -49.60
CA THR IA 89 -123.17 -6.27 -50.31
C THR IA 89 -123.01 -7.55 -49.50
N LEU IA 90 -123.35 -8.70 -50.10
CA LEU IA 90 -123.04 -10.02 -49.56
C LEU IA 90 -121.74 -10.44 -50.23
N PHE IA 91 -120.66 -10.50 -49.43
CA PHE IA 91 -119.31 -10.78 -49.90
C PHE IA 91 -118.70 -12.02 -49.27
N GLU IA 92 -119.01 -12.32 -48.00
CA GLU IA 92 -118.33 -13.39 -47.21
C GLU IA 92 -119.30 -14.48 -46.76
N GLY IA 93 -119.06 -15.74 -47.16
CA GLY IA 93 -119.91 -16.82 -46.70
C GLY IA 93 -119.95 -17.98 -47.67
N ASP IA 94 -120.32 -19.15 -47.12
CA ASP IA 94 -120.35 -20.33 -47.86
C ASP IA 94 -121.62 -20.37 -48.73
N VAL IA 95 -122.57 -19.44 -48.53
CA VAL IA 95 -123.78 -19.40 -49.38
C VAL IA 95 -123.34 -19.02 -50.80
N LEU IA 96 -122.23 -18.29 -50.84
CA LEU IA 96 -121.58 -17.89 -52.07
C LEU IA 96 -120.94 -19.10 -52.73
N ARG IA 97 -121.61 -19.65 -53.75
CA ARG IA 97 -121.03 -20.76 -54.47
C ARG IA 97 -119.66 -20.29 -54.97
N ASP IA 98 -118.69 -21.20 -55.03
CA ASP IA 98 -117.30 -20.92 -55.46
C ASP IA 98 -117.28 -19.95 -56.64
N ASN IA 99 -118.25 -20.08 -57.55
CA ASN IA 99 -118.36 -19.32 -58.81
C ASN IA 99 -118.89 -17.89 -58.61
N ILE IA 100 -119.09 -17.43 -57.37
CA ILE IA 100 -119.68 -16.10 -57.10
C ILE IA 100 -118.77 -15.27 -56.20
N GLU IA 101 -118.50 -14.03 -56.63
CA GLU IA 101 -117.65 -13.08 -55.94
C GLU IA 101 -118.47 -12.18 -55.01
N LYS IA 102 -119.62 -11.68 -55.51
CA LYS IA 102 -120.46 -10.84 -54.64
C LYS IA 102 -121.90 -10.70 -55.17
N VAL IA 103 -122.81 -10.44 -54.22
CA VAL IA 103 -124.21 -10.15 -54.49
C VAL IA 103 -124.47 -8.76 -53.91
N VAL IA 104 -124.93 -7.81 -54.73
CA VAL IA 104 -125.15 -6.43 -54.28
C VAL IA 104 -126.63 -6.10 -54.42
N TYR IA 105 -127.19 -5.52 -53.35
CA TYR IA 105 -128.60 -5.19 -53.25
C TYR IA 105 -128.77 -3.68 -53.11
N GLU IA 106 -129.60 -3.14 -53.99
CA GLU IA 106 -129.98 -1.78 -54.01
C GLU IA 106 -131.49 -1.77 -53.72
N VAL IA 107 -131.90 -1.21 -52.57
CA VAL IA 107 -133.32 -1.20 -52.20
C VAL IA 107 -133.81 0.24 -52.13
N LYS IA 108 -135.08 0.48 -52.52
CA LYS IA 108 -135.69 1.84 -52.43
C LYS IA 108 -137.21 1.77 -52.31
N LEU IA 109 -137.74 2.14 -51.14
CA LEU IA 109 -139.18 2.10 -50.89
C LEU IA 109 -139.76 3.51 -50.99
N GLU IA 110 -141.06 3.55 -51.30
CA GLU IA 110 -141.92 4.72 -51.32
C GLU IA 110 -143.08 4.48 -50.36
N ALA IA 111 -143.81 5.56 -50.04
CA ALA IA 111 -145.03 5.46 -49.20
C ALA IA 111 -146.27 5.51 -50.09
N VAL IA 112 -147.22 4.59 -49.88
CA VAL IA 112 -148.51 4.58 -50.62
C VAL IA 112 -149.64 4.27 -49.63
N GLY IA 113 -150.19 5.33 -49.03
CA GLY IA 113 -151.31 5.23 -48.10
C GLY IA 113 -150.87 4.60 -46.79
N GLY IA 114 -151.55 3.51 -46.42
CA GLY IA 114 -151.19 2.78 -45.23
C GLY IA 114 -149.93 1.93 -45.43
N GLY IA 115 -149.44 1.79 -46.68
CA GLY IA 115 -148.34 0.87 -47.00
C GLY IA 115 -147.31 1.41 -47.98
N SER IA 116 -146.68 0.51 -48.74
CA SER IA 116 -145.56 0.95 -49.61
C SER IA 116 -145.49 0.29 -50.99
N LYS IA 117 -144.68 0.90 -51.84
CA LYS IA 117 -144.33 0.49 -53.21
C LYS IA 117 -142.80 0.32 -53.19
N GLY IA 118 -142.24 -0.63 -53.94
CA GLY IA 118 -140.77 -0.85 -53.83
C GLY IA 118 -140.11 -1.29 -55.12
N LYS IA 119 -138.81 -1.04 -55.25
CA LYS IA 119 -137.97 -1.47 -56.37
C LYS IA 119 -136.70 -2.02 -55.74
N ILE IA 120 -136.37 -3.27 -56.06
CA ILE IA 120 -135.17 -3.91 -55.49
C ILE IA 120 -134.24 -4.33 -56.64
N THR IA 121 -132.96 -3.90 -56.58
CA THR IA 121 -132.00 -4.35 -57.60
C THR IA 121 -130.99 -5.34 -57.02
N VAL IA 122 -130.97 -6.54 -57.60
CA VAL IA 122 -130.04 -7.54 -57.19
C VAL IA 122 -129.17 -8.00 -58.38
N THR IA 123 -127.86 -7.78 -58.21
CA THR IA 123 -126.82 -8.11 -59.14
C THR IA 123 -125.83 -9.09 -58.49
N TYR IA 124 -125.61 -10.22 -59.15
CA TYR IA 124 -124.69 -11.22 -58.68
C TYR IA 124 -123.39 -11.11 -59.46
N HIS IA 125 -122.26 -10.90 -58.78
CA HIS IA 125 -120.98 -10.67 -59.46
C HIS IA 125 -120.12 -11.93 -59.45
N PRO IA 126 -119.79 -12.47 -60.65
CA PRO IA 126 -118.93 -13.65 -60.74
C PRO IA 126 -117.49 -13.40 -60.25
N LYS IA 127 -116.74 -14.49 -60.10
CA LYS IA 127 -115.32 -14.40 -59.80
C LYS IA 127 -114.59 -14.55 -61.12
N PRO IA 128 -113.30 -14.19 -61.21
CA PRO IA 128 -112.52 -14.33 -62.44
C PRO IA 128 -112.79 -15.56 -63.34
N GLY IA 129 -113.40 -15.29 -64.50
CA GLY IA 129 -113.69 -16.24 -65.60
C GLY IA 129 -114.78 -17.26 -65.29
N CYS IA 130 -115.85 -16.80 -64.63
CA CYS IA 130 -116.88 -17.69 -64.13
C CYS IA 130 -118.23 -17.48 -64.84
N THR IA 131 -119.08 -18.50 -64.77
CA THR IA 131 -120.44 -18.41 -65.33
C THR IA 131 -121.40 -18.39 -64.14
N VAL IA 132 -122.13 -17.30 -63.93
CA VAL IA 132 -123.03 -17.29 -62.75
C VAL IA 132 -124.06 -18.37 -63.01
N ASN IA 133 -124.30 -19.24 -62.04
CA ASN IA 133 -125.28 -20.30 -62.33
C ASN IA 133 -126.66 -19.75 -62.04
N GLU IA 134 -127.47 -19.67 -63.07
CA GLU IA 134 -128.81 -19.18 -62.88
C GLU IA 134 -129.51 -19.97 -61.77
N GLU IA 135 -128.90 -21.08 -61.36
CA GLU IA 135 -129.41 -21.84 -60.25
C GLU IA 135 -129.50 -20.92 -59.03
N GLU IA 136 -128.33 -20.57 -58.49
CA GLU IA 136 -128.22 -19.84 -57.27
C GLU IA 136 -129.10 -18.60 -57.33
N VAL IA 137 -129.22 -18.01 -58.53
CA VAL IA 137 -129.99 -16.78 -58.69
C VAL IA 137 -131.41 -16.99 -58.16
N LYS IA 138 -132.10 -17.91 -58.75
CA LYS IA 138 -133.49 -18.16 -58.34
C LYS IA 138 -133.45 -18.62 -56.90
N ILE IA 139 -132.33 -19.18 -56.45
CA ILE IA 139 -132.33 -19.74 -55.08
C ILE IA 139 -132.56 -18.66 -54.04
N GLY IA 140 -131.62 -17.74 -53.92
CA GLY IA 140 -131.77 -16.75 -52.86
C GLY IA 140 -133.03 -16.01 -53.12
N GLU IA 141 -133.31 -15.76 -54.39
CA GLU IA 141 -134.45 -14.90 -54.76
C GLU IA 141 -135.72 -15.47 -54.18
N LYS IA 142 -135.94 -16.76 -54.33
CA LYS IA 142 -137.16 -17.34 -53.73
C LYS IA 142 -137.07 -17.20 -52.22
N LYS IA 143 -135.91 -17.48 -51.65
CA LYS IA 143 -135.75 -17.47 -50.23
C LYS IA 143 -136.23 -16.18 -49.58
N ALA IA 144 -135.78 -15.07 -50.16
CA ALA IA 144 -135.93 -13.73 -49.65
C ALA IA 144 -137.31 -13.12 -49.90
N TYR IA 145 -138.03 -13.63 -50.91
CA TYR IA 145 -139.44 -13.30 -51.18
C TYR IA 145 -140.33 -14.07 -50.20
N GLU IA 146 -139.91 -15.28 -49.88
CA GLU IA 146 -140.66 -16.03 -48.91
C GLU IA 146 -140.64 -15.20 -47.64
N PHE IA 147 -139.41 -14.86 -47.22
CA PHE IA 147 -139.16 -14.02 -46.08
C PHE IA 147 -139.98 -12.74 -46.16
N TYR IA 148 -139.98 -12.08 -47.31
CA TYR IA 148 -140.76 -10.88 -47.51
C TYR IA 148 -142.20 -11.13 -47.03
N LYS IA 149 -142.78 -12.27 -47.46
CA LYS IA 149 -144.21 -12.70 -47.27
C LYS IA 149 -144.57 -13.07 -45.86
N GLN IA 150 -143.60 -13.65 -45.14
CA GLN IA 150 -143.74 -14.00 -43.73
C GLN IA 150 -143.86 -12.72 -42.88
N VAL IA 151 -142.92 -11.83 -43.13
CA VAL IA 151 -142.80 -10.64 -42.35
C VAL IA 151 -144.04 -9.81 -42.60
N GLU IA 152 -144.29 -9.47 -43.86
CA GLU IA 152 -145.45 -8.76 -44.20
C GLU IA 152 -146.63 -9.36 -43.41
N GLU IA 153 -146.85 -10.67 -43.50
CA GLU IA 153 -148.01 -11.22 -42.83
C GLU IA 153 -147.93 -10.97 -41.33
N TYR IA 154 -146.73 -11.04 -40.76
CA TYR IA 154 -146.54 -10.85 -39.33
C TYR IA 154 -146.82 -9.41 -38.93
N LEU IA 155 -146.33 -8.47 -39.74
CA LEU IA 155 -146.55 -7.06 -39.45
C LEU IA 155 -148.05 -6.78 -39.53
N ALA IA 156 -148.65 -6.96 -40.70
CA ALA IA 156 -150.09 -6.71 -40.84
C ALA IA 156 -150.84 -7.24 -39.61
N ALA IA 157 -150.24 -8.23 -38.94
CA ALA IA 157 -150.80 -8.83 -37.75
C ALA IA 157 -150.61 -7.91 -36.53
N ASN IA 158 -149.37 -7.43 -36.33
CA ASN IA 158 -148.92 -6.67 -35.14
C ASN IA 158 -148.53 -5.25 -35.50
N PRO IA 159 -149.51 -4.30 -35.59
CA PRO IA 159 -149.24 -2.94 -36.07
C PRO IA 159 -148.21 -2.06 -35.36
N GLU IA 160 -147.69 -2.47 -34.19
CA GLU IA 160 -146.77 -1.59 -33.46
C GLU IA 160 -145.32 -1.88 -33.87
N VAL IA 161 -145.04 -3.14 -34.19
CA VAL IA 161 -143.67 -3.49 -34.47
C VAL IA 161 -143.13 -2.49 -35.48
N PHE IA 162 -142.06 -1.81 -35.06
CA PHE IA 162 -141.33 -0.84 -35.84
C PHE IA 162 -142.21 0.33 -36.21
N ALA IA 163 -143.37 0.48 -35.55
CA ALA IA 163 -144.28 1.61 -35.86
C ALA IA 163 -143.59 2.95 -35.59
N THR JA 4 -137.50 -12.36 -62.00
CA THR JA 4 -136.70 -13.59 -62.30
C THR JA 4 -135.96 -13.45 -63.64
N MET JA 5 -136.55 -12.75 -64.62
CA MET JA 5 -135.88 -12.51 -65.91
C MET JA 5 -134.81 -11.44 -65.70
N ALA JA 6 -133.56 -11.83 -65.99
CA ALA JA 6 -132.40 -11.02 -65.68
C ALA JA 6 -132.08 -9.96 -66.75
N ALA JA 7 -130.90 -9.36 -66.53
CA ALA JA 7 -130.20 -8.37 -67.33
C ALA JA 7 -128.72 -8.54 -66.96
N TYR JA 8 -127.84 -8.09 -67.83
CA TYR JA 8 -126.44 -8.23 -67.53
C TYR JA 8 -125.84 -6.84 -67.46
N THR JA 9 -125.00 -6.65 -66.45
CA THR JA 9 -124.46 -5.34 -66.05
C THR JA 9 -122.93 -5.39 -65.96
N ILE JA 10 -122.28 -4.40 -66.58
CA ILE JA 10 -120.83 -4.22 -66.44
C ILE JA 10 -120.61 -2.96 -65.60
N VAL JA 11 -119.91 -3.10 -64.49
CA VAL JA 11 -119.62 -2.04 -63.56
C VAL JA 11 -118.17 -1.64 -63.75
N LYS JA 12 -117.89 -0.35 -64.01
CA LYS JA 12 -116.51 0.07 -64.25
C LYS JA 12 -116.21 1.42 -63.56
N GLU JA 13 -115.00 1.47 -62.98
CA GLU JA 13 -114.38 2.58 -62.26
C GLU JA 13 -113.21 3.04 -63.14
N GLU JA 14 -113.14 4.32 -63.47
CA GLU JA 14 -112.12 4.76 -64.42
C GLU JA 14 -111.40 5.99 -63.90
N GLU JA 15 -110.26 6.33 -64.51
CA GLU JA 15 -109.45 7.47 -64.15
C GLU JA 15 -109.02 8.15 -65.44
N SER JA 16 -108.71 9.44 -65.39
CA SER JA 16 -108.25 10.22 -66.55
C SER JA 16 -107.55 11.50 -66.09
N PRO JA 17 -106.53 11.98 -66.85
CA PRO JA 17 -105.91 13.27 -66.58
C PRO JA 17 -106.79 14.48 -66.95
N ILE JA 18 -107.90 14.24 -67.68
CA ILE JA 18 -108.82 15.31 -68.03
C ILE JA 18 -109.71 15.55 -66.82
N ALA JA 19 -110.12 16.80 -66.62
CA ALA JA 19 -111.01 17.20 -65.52
C ALA JA 19 -112.45 16.79 -65.83
N PRO JA 20 -113.27 16.51 -64.79
CA PRO JA 20 -114.62 15.99 -64.98
C PRO JA 20 -115.49 16.85 -65.89
N HIS JA 21 -115.77 18.08 -65.46
CA HIS JA 21 -116.61 18.97 -66.23
C HIS JA 21 -116.31 18.84 -67.73
N ARG JA 22 -115.05 18.59 -68.10
CA ARG JA 22 -114.66 18.52 -69.51
C ARG JA 22 -115.08 17.17 -70.09
N LEU JA 23 -114.82 16.15 -69.29
CA LEU JA 23 -115.10 14.79 -69.64
C LEU JA 23 -116.63 14.63 -69.71
N PHE JA 24 -117.33 15.17 -68.71
CA PHE JA 24 -118.76 15.02 -68.64
C PHE JA 24 -119.45 15.67 -69.85
N LYS JA 25 -118.83 16.69 -70.43
CA LYS JA 25 -119.40 17.37 -71.57
C LYS JA 25 -119.05 16.59 -72.83
N ALA JA 26 -117.90 15.93 -72.84
CA ALA JA 26 -117.44 15.26 -74.06
C ALA JA 26 -118.15 13.91 -74.27
N LEU JA 27 -118.40 13.23 -73.16
CA LEU JA 27 -118.79 11.86 -73.17
C LEU JA 27 -120.21 11.64 -72.63
N VAL JA 28 -120.91 12.72 -72.31
CA VAL JA 28 -122.31 12.67 -71.90
C VAL JA 28 -123.10 13.56 -72.85
N LEU JA 29 -123.16 14.86 -72.56
CA LEU JA 29 -124.00 15.81 -73.29
C LEU JA 29 -123.74 15.80 -74.81
N GLU JA 30 -122.51 16.11 -75.20
CA GLU JA 30 -122.16 16.33 -76.59
C GLU JA 30 -121.52 15.11 -77.21
N ARG JA 31 -121.78 13.95 -76.61
CA ARG JA 31 -121.30 12.64 -77.04
C ARG JA 31 -121.76 12.31 -78.45
N HIS JA 32 -123.01 12.73 -78.74
CA HIS JA 32 -123.69 12.55 -80.03
C HIS JA 32 -122.94 13.32 -81.11
N GLN JA 33 -122.48 14.53 -80.78
CA GLN JA 33 -121.74 15.36 -81.71
C GLN JA 33 -120.31 14.81 -81.92
N VAL JA 34 -119.55 14.79 -80.84
CA VAL JA 34 -118.13 14.42 -80.87
C VAL JA 34 -117.93 13.07 -81.55
N LEU JA 35 -118.81 12.10 -81.26
CA LEU JA 35 -118.64 10.79 -81.86
C LEU JA 35 -118.31 10.93 -83.36
N VAL JA 36 -118.83 11.97 -84.00
CA VAL JA 36 -118.63 12.20 -85.43
C VAL JA 36 -117.24 12.85 -85.61
N LYS JA 37 -116.95 13.79 -84.72
CA LYS JA 37 -115.66 14.47 -84.70
C LYS JA 37 -114.56 13.43 -84.57
N ALA JA 38 -114.79 12.46 -83.66
CA ALA JA 38 -113.84 11.41 -83.29
C ALA JA 38 -113.74 10.29 -84.30
N GLN JA 39 -114.86 10.01 -84.98
CA GLN JA 39 -114.95 8.89 -85.86
C GLN JA 39 -115.86 9.26 -87.02
N PRO JA 40 -115.42 10.22 -87.86
CA PRO JA 40 -116.22 10.73 -88.97
C PRO JA 40 -116.47 9.62 -89.99
N HIS JA 41 -115.76 8.50 -89.80
CA HIS JA 41 -115.82 7.30 -90.65
C HIS JA 41 -116.78 6.26 -90.11
N VAL JA 42 -117.34 6.49 -88.91
CA VAL JA 42 -118.31 5.57 -88.35
C VAL JA 42 -119.64 6.33 -88.27
N PHE JA 43 -119.61 7.61 -87.90
CA PHE JA 43 -120.80 8.43 -87.69
C PHE JA 43 -120.89 9.62 -88.65
N LYS JA 44 -122.14 9.89 -89.11
CA LYS JA 44 -122.50 10.96 -90.04
C LYS JA 44 -123.03 12.20 -89.31
N SER JA 45 -123.67 12.02 -88.16
CA SER JA 45 -124.19 13.15 -87.42
C SER JA 45 -124.70 12.70 -86.06
N GLY JA 46 -124.98 13.69 -85.17
CA GLY JA 46 -125.53 13.40 -83.84
C GLY JA 46 -126.39 14.57 -83.41
N GLU JA 47 -127.69 14.33 -83.17
CA GLU JA 47 -128.64 15.43 -83.04
C GLU JA 47 -129.70 15.14 -81.97
N ILE JA 48 -130.19 16.19 -81.30
CA ILE JA 48 -131.27 16.03 -80.32
C ILE JA 48 -132.60 16.22 -81.05
N ILE JA 49 -133.42 15.17 -81.08
CA ILE JA 49 -134.74 15.28 -81.69
C ILE JA 49 -135.63 16.10 -80.75
N GLU JA 50 -135.67 15.73 -79.46
CA GLU JA 50 -136.54 16.36 -78.45
C GLU JA 50 -135.73 16.77 -77.22
N GLY JA 51 -135.90 18.04 -76.81
CA GLY JA 51 -135.30 18.57 -75.57
C GLY JA 51 -134.30 19.69 -75.81
N ASP JA 52 -134.02 20.40 -74.71
CA ASP JA 52 -133.08 21.52 -74.60
C ASP JA 52 -131.84 21.06 -73.84
N GLY JA 53 -131.86 19.80 -73.41
CA GLY JA 53 -130.84 19.25 -72.54
C GLY JA 53 -131.37 19.23 -71.11
N GLY JA 54 -131.93 18.08 -70.73
CA GLY JA 54 -132.47 17.88 -69.40
C GLY JA 54 -133.10 16.50 -69.30
N VAL JA 55 -133.63 16.18 -68.13
CA VAL JA 55 -134.28 14.86 -68.04
C VAL JA 55 -135.31 14.88 -69.16
N GLY JA 56 -135.40 13.75 -69.88
CA GLY JA 56 -136.36 13.53 -70.98
C GLY JA 56 -135.74 13.80 -72.34
N THR JA 57 -134.65 14.56 -72.40
CA THR JA 57 -134.01 14.88 -73.69
C THR JA 57 -133.58 13.60 -74.41
N VAL JA 58 -133.78 13.58 -75.72
CA VAL JA 58 -133.44 12.41 -76.54
C VAL JA 58 -132.60 12.89 -77.72
N THR JA 59 -131.61 12.09 -78.10
CA THR JA 59 -130.68 12.37 -79.19
C THR JA 59 -130.70 11.20 -80.17
N LYS JA 60 -130.33 11.50 -81.43
CA LYS JA 60 -130.29 10.61 -82.58
C LYS JA 60 -128.90 10.72 -83.23
N ILE JA 61 -128.23 9.61 -83.52
CA ILE JA 61 -126.87 9.60 -84.04
C ILE JA 61 -126.88 8.77 -85.31
N THR JA 62 -126.33 9.33 -86.39
CA THR JA 62 -126.43 8.64 -87.65
C THR JA 62 -125.05 8.11 -88.09
N PHE JA 63 -125.04 6.86 -88.57
CA PHE JA 63 -123.85 6.15 -89.06
C PHE JA 63 -123.60 6.51 -90.53
N VAL JA 64 -122.36 6.22 -91.00
CA VAL JA 64 -121.96 6.55 -92.34
C VAL JA 64 -122.59 5.55 -93.30
N ASP JA 65 -122.91 6.07 -94.49
CA ASP JA 65 -123.59 5.38 -95.57
C ASP JA 65 -123.14 3.92 -95.66
N GLY JA 66 -121.83 3.65 -95.67
CA GLY JA 66 -121.35 2.29 -95.89
C GLY JA 66 -121.54 1.35 -94.72
N HIS JA 67 -121.62 1.89 -93.50
CA HIS JA 67 -121.59 1.11 -92.24
C HIS JA 67 -122.82 0.21 -92.05
N PRO JA 68 -122.60 -1.04 -91.56
CA PRO JA 68 -123.68 -1.96 -91.22
C PRO JA 68 -124.90 -1.39 -90.49
N LEU JA 69 -124.71 -0.36 -89.66
CA LEU JA 69 -125.81 0.16 -88.85
C LEU JA 69 -126.46 1.40 -89.48
N THR JA 70 -127.37 1.98 -88.71
CA THR JA 70 -128.22 3.00 -89.22
C THR JA 70 -128.38 4.13 -88.20
N TYR JA 71 -128.87 3.79 -87.01
CA TYR JA 71 -129.18 4.83 -86.06
C TYR JA 71 -129.21 4.27 -84.65
N MET JA 72 -129.23 5.18 -83.67
CA MET JA 72 -129.51 4.87 -82.27
C MET JA 72 -129.84 6.19 -81.58
N LEU JA 73 -130.84 6.15 -80.69
CA LEU JA 73 -131.35 7.32 -79.94
C LEU JA 73 -131.22 6.99 -78.45
N HIS JA 74 -130.96 8.00 -77.62
CA HIS JA 74 -130.72 7.78 -76.19
C HIS JA 74 -131.62 8.71 -75.37
N LYS JA 75 -132.02 8.25 -74.18
CA LYS JA 75 -132.90 9.01 -73.31
C LYS JA 75 -132.16 9.27 -71.99
N PHE JA 76 -132.08 10.56 -71.65
CA PHE JA 76 -131.52 11.01 -70.41
C PHE JA 76 -132.59 10.90 -69.32
N ASP JA 77 -132.71 9.70 -68.75
CA ASP JA 77 -133.66 9.37 -67.69
C ASP JA 77 -133.32 10.20 -66.44
N GLU JA 78 -132.03 10.54 -66.27
CA GLU JA 78 -131.60 11.41 -65.18
C GLU JA 78 -130.28 12.10 -65.57
N ILE JA 79 -130.13 13.33 -65.08
CA ILE JA 79 -128.95 14.19 -65.26
C ILE JA 79 -128.73 14.95 -63.95
N ASP JA 80 -127.49 15.37 -63.71
CA ASP JA 80 -127.07 16.10 -62.51
C ASP JA 80 -125.69 16.70 -62.80
N ALA JA 81 -125.60 17.47 -63.88
CA ALA JA 81 -124.33 18.04 -64.37
C ALA JA 81 -123.50 18.67 -63.23
N ALA JA 82 -124.19 19.13 -62.18
CA ALA JA 82 -123.57 19.73 -61.00
C ALA JA 82 -122.74 18.70 -60.23
N ASN JA 83 -123.24 17.47 -60.21
CA ASN JA 83 -122.60 16.37 -59.48
C ASN JA 83 -121.83 15.46 -60.46
N PHE JA 84 -121.88 15.79 -61.76
CA PHE JA 84 -121.22 15.00 -62.81
C PHE JA 84 -121.69 13.55 -62.79
N TYR JA 85 -123.01 13.39 -62.63
CA TYR JA 85 -123.73 12.13 -62.65
C TYR JA 85 -124.73 12.20 -63.82
N CYS JA 86 -125.16 11.04 -64.34
CA CYS JA 86 -126.14 10.93 -65.42
C CYS JA 86 -126.72 9.51 -65.46
N LYS JA 87 -127.81 9.36 -66.19
CA LYS JA 87 -128.41 8.06 -66.45
C LYS JA 87 -129.12 8.21 -67.80
N TYR JA 88 -128.53 7.63 -68.86
CA TYR JA 88 -129.03 7.73 -70.23
C TYR JA 88 -129.20 6.30 -70.76
N THR JA 89 -130.30 6.07 -71.50
CA THR JA 89 -130.65 4.73 -72.01
C THR JA 89 -130.66 4.69 -73.55
N LEU JA 90 -130.01 3.68 -74.13
CA LEU JA 90 -130.13 3.42 -75.56
C LEU JA 90 -131.43 2.63 -75.73
N PHE JA 91 -132.45 3.21 -76.37
CA PHE JA 91 -133.75 2.55 -76.49
C PHE JA 91 -134.21 2.35 -77.94
N GLU JA 92 -133.52 2.90 -78.94
CA GLU JA 92 -133.92 2.67 -80.32
C GLU JA 92 -132.68 2.62 -81.23
N GLY JA 93 -132.64 1.62 -82.13
CA GLY JA 93 -131.56 1.50 -83.15
C GLY JA 93 -131.25 0.08 -83.61
N ASP JA 94 -130.79 -0.04 -84.85
CA ASP JA 94 -130.33 -1.30 -85.44
C ASP JA 94 -129.33 -2.02 -84.51
N VAL JA 95 -128.53 -1.26 -83.74
CA VAL JA 95 -127.42 -1.79 -82.93
C VAL JA 95 -127.90 -2.79 -81.87
N LEU JA 96 -129.22 -2.92 -81.66
CA LEU JA 96 -129.71 -3.79 -80.60
C LEU JA 96 -129.94 -5.23 -81.11
N ARG JA 97 -129.85 -5.44 -82.42
CA ARG JA 97 -130.22 -6.74 -83.01
C ARG JA 97 -131.73 -6.92 -82.71
N ASP JA 98 -132.20 -8.15 -82.52
CA ASP JA 98 -133.63 -8.39 -82.19
C ASP JA 98 -133.75 -8.77 -80.71
N ASN JA 99 -132.59 -9.00 -80.11
CA ASN JA 99 -132.44 -9.51 -78.78
C ASN JA 99 -132.57 -8.41 -77.69
N ILE JA 100 -132.20 -7.15 -77.98
CA ILE JA 100 -132.03 -6.18 -76.88
C ILE JA 100 -133.18 -5.15 -76.78
N GLU JA 101 -133.77 -5.15 -75.58
CA GLU JA 101 -134.85 -4.25 -75.22
C GLU JA 101 -134.27 -2.83 -75.05
N LYS JA 102 -133.15 -2.71 -74.31
CA LYS JA 102 -132.56 -1.41 -74.03
C LYS JA 102 -131.22 -1.52 -73.28
N VAL JA 103 -130.42 -0.45 -73.37
CA VAL JA 103 -129.15 -0.35 -72.64
C VAL JA 103 -129.23 0.91 -71.81
N VAL JA 104 -128.90 0.77 -70.52
CA VAL JA 104 -128.87 1.85 -69.55
C VAL JA 104 -127.40 2.16 -69.20
N TYR JA 105 -127.06 3.45 -69.32
CA TYR JA 105 -125.77 4.04 -69.00
C TYR JA 105 -125.93 4.90 -67.74
N GLU JA 106 -125.19 4.53 -66.71
CA GLU JA 106 -125.19 5.19 -65.41
C GLU JA 106 -123.74 5.68 -65.22
N VAL JA 107 -123.52 7.01 -65.20
CA VAL JA 107 -122.21 7.57 -65.06
C VAL JA 107 -122.13 8.45 -63.79
N LYS JA 108 -120.99 8.37 -63.06
CA LYS JA 108 -120.67 9.23 -61.92
C LYS JA 108 -119.19 9.64 -61.96
N LEU JA 109 -118.90 10.87 -62.36
CA LEU JA 109 -117.49 11.39 -62.41
C LEU JA 109 -117.18 12.17 -61.12
N GLU JA 110 -115.88 12.29 -60.81
CA GLU JA 110 -115.45 12.89 -59.56
C GLU JA 110 -114.10 13.61 -59.74
N ALA JA 111 -114.04 14.90 -59.40
CA ALA JA 111 -112.78 15.67 -59.44
C ALA JA 111 -111.72 14.94 -58.61
N VAL JA 112 -110.53 14.80 -59.18
CA VAL JA 112 -109.38 14.19 -58.49
C VAL JA 112 -108.14 14.97 -58.91
N GLY JA 113 -107.72 15.90 -58.04
CA GLY JA 113 -106.63 16.77 -58.34
C GLY JA 113 -106.97 17.49 -59.62
N GLY JA 114 -106.04 17.51 -60.57
CA GLY JA 114 -106.34 18.13 -61.88
C GLY JA 114 -107.01 17.16 -62.82
N GLY JA 115 -107.38 15.98 -62.29
CA GLY JA 115 -107.92 14.89 -63.07
C GLY JA 115 -109.30 14.47 -62.64
N SER JA 116 -109.63 13.20 -62.96
CA SER JA 116 -110.95 12.68 -62.68
C SER JA 116 -110.95 11.16 -62.53
N LYS JA 117 -111.90 10.71 -61.72
CA LYS JA 117 -112.24 9.32 -61.57
C LYS JA 117 -113.72 9.25 -61.93
N GLY JA 118 -114.09 8.25 -62.72
CA GLY JA 118 -115.45 8.06 -63.12
C GLY JA 118 -115.91 6.67 -62.78
N LYS JA 119 -117.11 6.58 -62.22
CA LYS JA 119 -117.79 5.33 -61.92
C LYS JA 119 -118.91 5.20 -62.95
N ILE JA 120 -118.87 4.09 -63.72
CA ILE JA 120 -119.78 3.86 -64.82
C ILE JA 120 -120.36 2.44 -64.76
N THR JA 121 -121.69 2.34 -64.87
CA THR JA 121 -122.37 1.04 -64.97
C THR JA 121 -123.03 0.97 -66.33
N VAL JA 122 -123.01 -0.20 -67.00
CA VAL JA 122 -123.75 -0.34 -68.26
C VAL JA 122 -124.55 -1.66 -68.19
N THR JA 123 -125.88 -1.50 -68.17
CA THR JA 123 -126.90 -2.57 -67.94
C THR JA 123 -127.58 -3.03 -69.24
N TYR JA 124 -127.50 -4.33 -69.49
CA TYR JA 124 -128.08 -4.93 -70.68
C TYR JA 124 -129.37 -5.63 -70.31
N HIS JA 125 -130.49 -5.04 -70.76
CA HIS JA 125 -131.87 -5.52 -70.57
C HIS JA 125 -132.36 -6.18 -71.85
N PRO JA 126 -132.66 -7.50 -71.84
CA PRO JA 126 -133.15 -8.21 -73.01
C PRO JA 126 -134.66 -8.15 -73.26
N LYS JA 127 -135.04 -8.27 -74.53
CA LYS JA 127 -136.43 -8.33 -74.98
C LYS JA 127 -137.10 -9.55 -74.35
N PRO JA 128 -138.28 -9.37 -73.70
CA PRO JA 128 -138.97 -10.48 -73.02
C PRO JA 128 -138.83 -11.81 -73.77
N GLY JA 129 -138.29 -12.81 -73.07
CA GLY JA 129 -138.13 -14.17 -73.58
C GLY JA 129 -136.78 -14.37 -74.27
N CYS JA 130 -136.20 -13.28 -74.79
CA CYS JA 130 -134.90 -13.28 -75.47
C CYS JA 130 -133.76 -13.18 -74.45
N THR JA 131 -132.58 -13.60 -74.92
CA THR JA 131 -131.36 -13.63 -74.15
C THR JA 131 -130.45 -12.45 -74.50
N VAL JA 132 -129.37 -12.34 -73.73
CA VAL JA 132 -128.30 -11.40 -73.93
C VAL JA 132 -127.02 -12.24 -74.05
N ASN JA 133 -126.34 -12.08 -75.19
CA ASN JA 133 -125.07 -12.76 -75.50
C ASN JA 133 -123.89 -11.79 -75.32
N GLU JA 134 -122.97 -12.14 -74.42
CA GLU JA 134 -121.79 -11.32 -74.08
C GLU JA 134 -121.22 -10.65 -75.33
N GLU JA 135 -121.24 -11.36 -76.47
CA GLU JA 135 -120.78 -10.88 -77.78
C GLU JA 135 -121.09 -9.38 -77.90
N GLU JA 136 -122.34 -9.04 -77.57
CA GLU JA 136 -122.93 -7.70 -77.65
C GLU JA 136 -122.31 -6.74 -76.63
N VAL JA 137 -122.02 -7.27 -75.44
CA VAL JA 137 -121.56 -6.48 -74.35
C VAL JA 137 -120.03 -6.41 -74.36
N LYS JA 138 -119.33 -7.33 -75.01
CA LYS JA 138 -117.87 -7.14 -75.10
C LYS JA 138 -117.63 -6.08 -76.18
N ILE JA 139 -118.36 -6.18 -77.29
CA ILE JA 139 -118.25 -5.30 -78.42
C ILE JA 139 -118.70 -3.88 -78.06
N GLY JA 140 -119.59 -3.73 -77.08
CA GLY JA 140 -120.15 -2.40 -76.69
C GLY JA 140 -119.26 -1.63 -75.72
N GLU JA 141 -118.67 -2.34 -74.76
CA GLU JA 141 -117.71 -1.78 -73.80
C GLU JA 141 -116.47 -1.27 -74.56
N LYS JA 142 -115.97 -2.14 -75.42
CA LYS JA 142 -114.81 -1.84 -76.20
C LYS JA 142 -115.05 -0.57 -77.04
N LYS JA 143 -116.12 -0.54 -77.85
CA LYS JA 143 -116.39 0.63 -78.71
C LYS JA 143 -116.38 1.94 -77.94
N ALA JA 144 -117.07 1.95 -76.79
CA ALA JA 144 -117.35 3.14 -75.96
C ALA JA 144 -116.09 3.68 -75.30
N TYR JA 145 -115.19 2.73 -75.06
CA TYR JA 145 -113.98 2.94 -74.38
C TYR JA 145 -112.91 3.37 -75.36
N GLU JA 146 -112.89 2.77 -76.56
CA GLU JA 146 -111.89 3.19 -77.54
C GLU JA 146 -112.15 4.70 -77.77
N PHE JA 147 -113.42 5.05 -78.07
CA PHE JA 147 -113.88 6.40 -78.25
C PHE JA 147 -113.37 7.35 -77.16
N TYR JA 148 -113.52 6.93 -75.90
CA TYR JA 148 -113.11 7.68 -74.71
C TYR JA 148 -111.60 7.94 -74.71
N LYS JA 149 -110.81 7.01 -75.26
CA LYS JA 149 -109.35 7.17 -75.32
C LYS JA 149 -108.94 8.12 -76.43
N GLN JA 150 -109.76 8.14 -77.50
CA GLN JA 150 -109.52 9.09 -78.55
C GLN JA 150 -109.79 10.50 -78.01
N VAL JA 151 -110.91 10.63 -77.31
CA VAL JA 151 -111.33 11.88 -76.85
C VAL JA 151 -110.24 12.42 -75.93
N GLU JA 152 -109.96 11.68 -74.86
CA GLU JA 152 -108.97 11.98 -73.87
C GLU JA 152 -107.73 12.57 -74.56
N GLU JA 153 -107.13 11.83 -75.49
CA GLU JA 153 -105.95 12.32 -76.23
C GLU JA 153 -106.23 13.74 -76.72
N TYR JA 154 -107.29 13.90 -77.51
CA TYR JA 154 -107.61 15.15 -78.16
C TYR JA 154 -107.76 16.30 -77.16
N LEU JA 155 -108.44 16.07 -76.04
CA LEU JA 155 -108.69 17.15 -75.13
C LEU JA 155 -107.45 17.54 -74.34
N ALA JA 156 -106.52 16.58 -74.20
CA ALA JA 156 -105.28 16.77 -73.46
C ALA JA 156 -104.40 17.70 -74.29
N ALA JA 157 -104.35 17.38 -75.58
CA ALA JA 157 -103.66 18.12 -76.57
C ALA JA 157 -104.45 19.36 -77.00
N ASN JA 158 -105.60 19.65 -76.41
CA ASN JA 158 -106.40 20.83 -76.79
C ASN JA 158 -107.10 21.44 -75.58
N PRO JA 159 -106.33 22.02 -74.63
CA PRO JA 159 -106.87 22.65 -73.41
C PRO JA 159 -108.05 23.62 -73.47
N GLU JA 160 -108.33 24.21 -74.63
CA GLU JA 160 -109.43 25.18 -74.72
C GLU JA 160 -110.76 24.45 -74.85
N VAL JA 161 -110.72 23.28 -75.50
CA VAL JA 161 -111.89 22.50 -75.87
C VAL JA 161 -112.57 21.94 -74.62
N PHE JA 162 -113.82 22.41 -74.44
CA PHE JA 162 -114.76 22.08 -73.37
C PHE JA 162 -114.18 22.55 -72.03
N ALA JA 163 -113.40 23.63 -72.06
CA ALA JA 163 -112.77 24.21 -70.87
C ALA JA 163 -113.81 24.87 -69.95
C1 2AN KA . -161.06 27.15 -35.79
C2 2AN KA . -161.83 27.88 -34.90
C3 2AN KA . -161.97 27.53 -33.55
C4 2AN KA . -161.31 26.45 -33.00
C5 2AN KA . -160.48 25.70 -33.80
C6 2AN KA . -159.85 24.63 -33.21
C7 2AN KA . -159.04 23.84 -33.94
C8 2AN KA . -158.83 24.08 -35.27
N 2AN KA . -160.88 27.70 -37.01
S 2AN KA . -159.01 25.23 -37.52
C9 2AN KA . -159.41 25.10 -35.97
C10 2AN KA . -160.31 26.00 -35.23
C11 2AN KA . -160.45 28.97 -37.14
C12 2AN KA . -160.17 29.87 -36.14
C13 2AN KA . -159.72 31.14 -36.48
C14 2AN KA . -159.53 31.49 -37.80
C15 2AN KA . -159.75 30.56 -38.79
C16 2AN KA . -160.19 29.33 -38.44
O1 2AN KA . -160.25 25.10 -38.52
O2 2AN KA . -158.29 26.45 -37.75
O3 2AN KA . -158.09 24.22 -37.92
C1 2AN LA . -151.17 20.54 -40.46
C2 2AN LA . -151.62 19.58 -41.36
C3 2AN LA . -152.67 19.85 -42.23
C4 2AN LA . -153.31 21.07 -42.21
C5 2AN LA . -152.94 22.08 -41.37
C6 2AN LA . -153.60 23.30 -41.41
C7 2AN LA . -153.23 24.34 -40.57
C8 2AN LA . -152.21 24.19 -39.64
N 2AN LA . -150.06 20.33 -39.72
S 2AN LA . -150.37 22.89 -38.47
C9 2AN LA . -151.51 23.00 -39.56
C10 2AN LA . -151.85 21.87 -40.44
C11 2AN LA . -149.01 19.52 -40.01
C12 2AN LA . -148.79 18.88 -41.19
C13 2AN LA . -147.68 18.02 -41.32
C14 2AN LA . -146.80 17.82 -40.27
C15 2AN LA . -147.03 18.47 -39.07
C16 2AN LA . -148.10 19.33 -38.97
O1 2AN LA . -150.87 22.04 -37.41
O2 2AN LA . -150.11 24.20 -37.92
O3 2AN LA . -149.05 22.24 -39.14
C1 2AN MA . -158.63 9.54 -29.98
C2 2AN MA . -159.37 8.52 -29.45
C3 2AN MA . -159.91 8.54 -28.20
C4 2AN MA . -159.71 9.59 -27.38
C5 2AN MA . -158.99 10.67 -27.80
C6 2AN MA . -158.79 11.73 -26.99
C7 2AN MA . -158.04 12.81 -27.41
C8 2AN MA . -157.47 12.89 -28.66
N 2AN MA . -158.10 9.54 -31.22
S 2AN MA . -156.93 12.01 -30.93
C9 2AN MA . -157.64 11.86 -29.53
C10 2AN MA . -158.40 10.70 -29.13
C11 2AN MA . -158.48 8.68 -32.16
C12 2AN MA . -158.24 9.09 -33.43
C13 2AN MA . -158.65 8.28 -34.44
C14 2AN MA . -159.32 7.10 -34.22
C15 2AN MA . -159.57 6.68 -32.94
C16 2AN MA . -159.15 7.48 -31.91
O1 2AN MA . -158.03 11.81 -32.11
O2 2AN MA . -156.21 13.27 -30.88
O3 2AN MA . -155.98 10.99 -31.18
C1 2AN NA . -174.43 10.81 -53.29
C2 2AN NA . -174.13 10.40 -54.58
C3 2AN NA . -174.80 9.36 -55.24
C4 2AN NA . -175.79 8.65 -54.61
C5 2AN NA . -176.16 8.97 -53.33
C6 2AN NA . -177.18 8.25 -52.71
C7 2AN NA . -177.56 8.55 -51.42
C8 2AN NA . -176.95 9.58 -50.70
N 2AN NA . -173.78 11.78 -52.62
S 2AN NA . -175.30 11.51 -50.29
C9 2AN NA . -175.94 10.37 -51.21
C10 2AN NA . -175.49 10.07 -52.60
C11 2AN NA . -172.69 12.54 -52.93
C12 2AN NA . -172.49 13.69 -52.18
C13 2AN NA . -171.44 14.56 -52.44
C14 2AN NA . -170.57 14.29 -53.47
C15 2AN NA . -170.76 13.13 -54.22
C16 2AN NA . -171.80 12.28 -53.92
O1 2AN NA . -175.25 12.96 -51.05
O2 2AN NA . -176.06 11.62 -49.08
O3 2AN NA . -173.96 11.10 -49.89
C1 2AN OA . -149.78 28.73 -30.26
C2 2AN OA . -149.56 27.95 -31.38
C3 2AN OA . -148.77 28.40 -32.42
C4 2AN OA . -148.15 29.64 -32.40
C5 2AN OA . -148.31 30.49 -31.32
C6 2AN OA . -147.70 31.72 -31.32
C7 2AN OA . -147.84 32.58 -30.24
C8 2AN OA . -148.60 32.23 -29.14
N 2AN OA . -150.37 28.16 -29.23
S 2AN OA . -150.03 30.79 -27.70
C9 2AN OA . -149.25 31.01 -29.04
C10 2AN OA . -149.13 30.05 -30.17
C11 2AN OA . -150.03 26.91 -28.82
C12 2AN OA . -149.11 26.03 -29.42
C13 2AN OA . -148.90 24.73 -28.92
C14 2AN OA . -149.58 24.31 -27.80
C15 2AN OA . -150.47 25.17 -27.17
C16 2AN OA . -150.70 26.47 -27.67
O1 2AN OA . -150.68 32.22 -27.28
O2 2AN OA . -151.12 29.85 -27.75
O3 2AN OA . -149.06 30.31 -26.75
C1 2AN PA . -158.96 31.84 -25.55
C2 2AN PA . -159.24 31.78 -24.19
C3 2AN PA . -159.21 32.94 -23.41
C4 2AN PA . -158.89 34.21 -23.94
C5 2AN PA . -158.59 34.36 -25.28
C6 2AN PA . -158.25 35.61 -25.84
C7 2AN PA . -157.95 35.73 -27.20
C8 2AN PA . -157.97 34.62 -28.05
N 2AN PA . -159.12 30.77 -26.37
S 2AN PA . -158.31 32.09 -28.52
C9 2AN PA . -158.28 33.35 -27.57
C10 2AN PA . -158.62 33.16 -26.14
C11 2AN PA . -160.18 29.90 -26.28
C12 2AN PA . -161.02 29.74 -25.19
C13 2AN PA . -162.03 28.82 -25.20
C14 2AN PA . -162.25 28.07 -26.33
C15 2AN PA . -161.45 28.22 -27.43
C16 2AN PA . -160.42 29.15 -27.39
O1 2AN PA . -159.63 31.58 -28.57
O2 2AN PA . -157.85 32.68 -29.95
O3 2AN PA . -157.42 31.04 -28.02
C1 2AN QA . -148.15 34.09 -67.90
C2 2AN QA . -147.55 33.01 -68.52
C3 2AN QA . -146.31 32.49 -68.15
C4 2AN QA . -145.61 33.05 -67.12
C5 2AN QA . -146.14 34.13 -66.43
C6 2AN QA . -145.43 34.63 -65.37
C7 2AN QA . -145.89 35.72 -64.67
C8 2AN QA . -147.10 36.33 -64.96
N 2AN QA . -149.38 34.57 -68.20
S 2AN QA . -149.25 36.67 -66.13
C9 2AN QA . -147.89 35.91 -65.99
C10 2AN QA . -147.42 34.74 -66.78
C11 2AN QA . -150.34 33.98 -68.96
C12 2AN QA . -151.49 34.73 -69.22
C13 2AN QA . -152.53 34.24 -70.03
C14 2AN QA . -152.43 32.97 -70.57
C15 2AN QA . -151.30 32.20 -70.31
C16 2AN QA . -150.26 32.68 -69.52
O1 2AN QA . -149.64 36.97 -67.48
O2 2AN QA . -150.37 35.66 -65.52
O3 2AN QA . -149.32 37.88 -65.32
C1 2AN RA . -139.43 43.53 -64.20
C2 2AN RA . -138.88 44.79 -63.99
C3 2AN RA . -138.78 45.76 -64.96
C4 2AN RA . -139.27 45.54 -66.23
C5 2AN RA . -139.86 44.36 -66.55
C6 2AN RA . -140.32 44.22 -67.84
C7 2AN RA . -140.93 43.05 -68.25
C8 2AN RA . -141.11 41.98 -67.38
N 2AN RA . -139.63 42.76 -63.10
S 2AN RA . -140.99 40.67 -65.19
C9 2AN RA . -140.66 42.00 -66.05
C10 2AN RA . -140.01 43.26 -65.56
C11 2AN RA . -140.25 43.29 -62.01
C12 2AN RA . -140.65 44.62 -61.83
C13 2AN RA . -141.26 45.03 -60.63
C14 2AN RA . -141.51 44.12 -59.61
C15 2AN RA . -141.12 42.79 -59.80
C16 2AN RA . -140.49 42.39 -60.98
O1 2AN RA . -141.92 41.10 -63.89
O2 2AN RA . -141.86 39.85 -66.01
O3 2AN RA . -139.90 39.78 -64.88
C1 2AN SA . -139.51 35.84 -80.76
C2 2AN SA . -140.15 34.88 -79.96
C3 2AN SA . -141.20 35.17 -79.11
C4 2AN SA . -141.70 36.46 -78.99
C5 2AN SA . -141.13 37.50 -79.71
C6 2AN SA . -141.64 38.77 -79.54
C7 2AN SA . -141.13 39.85 -80.23
C8 2AN SA . -140.07 39.70 -81.11
N 2AN SA . -138.40 35.54 -81.49
S 2AN SA . -138.24 38.58 -82.45
C9 2AN SA . -139.45 38.48 -81.37
C10 2AN SA . -139.99 37.26 -80.65
C11 2AN SA . -137.44 34.61 -81.16
C12 2AN SA . -136.20 34.74 -81.81
C13 2AN SA . -135.13 33.87 -81.54
C14 2AN SA . -135.28 32.86 -80.61
C15 2AN SA . -136.49 32.73 -79.93
C16 2AN SA . -137.55 33.60 -80.19
O1 2AN SA . -138.93 38.71 -83.92
O2 2AN SA . -137.46 39.78 -82.25
O3 2AN SA . -137.34 37.45 -82.41
C1 2AN TA . -153.04 46.29 -66.86
C2 2AN TA . -153.46 46.18 -65.53
C3 2AN TA . -152.68 46.65 -64.48
C4 2AN TA . -151.44 47.26 -64.68
C5 2AN TA . -150.94 47.42 -65.97
C6 2AN TA . -149.71 48.03 -66.21
C7 2AN TA . -149.23 48.17 -67.50
C8 2AN TA . -149.94 47.73 -68.62
N 2AN TA . -153.81 45.83 -67.87
S 2AN TA . -151.99 46.60 -69.76
C9 2AN TA . -151.18 47.11 -68.48
C10 2AN TA . -151.73 46.93 -67.11
C11 2AN TA . -155.04 46.32 -68.08
C12 2AN TA . -155.65 47.10 -67.11
C13 2AN TA . -156.93 47.61 -67.33
C14 2AN TA . -157.59 47.34 -68.52
C15 2AN TA . -156.98 46.55 -69.48
C16 2AN TA . -155.71 46.05 -69.26
O1 2AN TA . -152.56 45.32 -69.48
O2 2AN TA . -153.18 47.66 -70.10
O3 2AN TA . -151.10 46.50 -70.88
S SO4 UA . -152.47 22.76 -77.21
O1 SO4 UA . -153.11 22.61 -78.55
O2 SO4 UA . -153.25 22.17 -76.11
O3 SO4 UA . -151.13 22.15 -77.19
O4 SO4 UA . -152.49 24.22 -77.01
C1 2AN VA . 166.47 -10.76 88.34
C2 2AN VA . 166.35 -11.86 87.49
C3 2AN VA . 165.28 -11.97 86.61
C4 2AN VA . 164.28 -11.00 86.52
C5 2AN VA . 164.31 -9.89 87.31
C6 2AN VA . 163.33 -8.94 87.19
C7 2AN VA . 163.37 -7.79 87.96
C8 2AN VA . 164.36 -7.57 88.91
N 2AN VA . 167.52 -10.60 89.15
S 2AN VA . 166.53 -8.13 90.19
C9 2AN VA . 165.40 -8.46 89.09
C10 2AN VA . 165.43 -9.69 88.26
C11 2AN VA . 168.66 -11.35 89.09
C12 2AN VA . 168.95 -12.27 88.08
C13 2AN VA . 170.11 -13.05 88.13
C14 2AN VA . 170.99 -12.91 89.22
C15 2AN VA . 170.70 -12.00 90.23
C16 2AN VA . 169.54 -11.22 90.15
O1 2AN VA . 166.36 -9.00 91.32
O2 2AN VA . 166.40 -6.76 90.61
O3 2AN VA . 167.94 -8.41 89.48
C1 2AN WA . 156.21 -3.59 92.70
C2 2AN WA . 155.41 -2.92 93.58
C3 2AN WA . 155.28 -3.33 94.87
C4 2AN WA . 155.92 -4.42 95.36
C5 2AN WA . 156.71 -5.17 94.57
C6 2AN WA . 157.34 -6.25 95.08
C7 2AN WA . 158.16 -7.03 94.34
C8 2AN WA . 158.37 -6.75 93.04
N 2AN WA . 156.23 -3.15 91.46
S 2AN WA . 158.17 -5.52 90.92
C9 2AN WA . 157.80 -5.69 92.41
C10 2AN WA . 156.91 -4.80 93.17
C11 2AN WA . 156.57 -1.94 91.10
C12 2AN WA . 156.61 -0.91 91.98
C13 2AN WA . 156.99 0.34 91.55
C14 2AN WA . 157.33 0.54 90.25
C15 2AN WA . 157.30 -0.50 89.36
C16 2AN WA . 156.92 -1.74 89.80
O1 2AN WA . 157.08 -5.58 90.10
O2 2AN WA . 158.94 -4.18 90.73
O3 2AN WA . 158.93 -6.55 90.47
C1 2AN XA . 158.54 -20.60 97.95
C2 2AN XA . 159.25 -20.40 96.77
C3 2AN XA . 159.93 -19.19 96.53
C4 2AN XA . 159.98 -18.17 97.47
C5 2AN XA . 159.32 -18.31 98.67
C6 2AN XA . 159.37 -17.28 99.57
C7 2AN XA . 158.73 -17.39 100.78
C8 2AN XA . 158.01 -18.51 101.15
N 2AN XA . 157.80 -21.68 98.27
S 2AN XA . 157.04 -20.82 100.90
C9 2AN XA . 157.90 -19.60 100.31
C10 2AN XA . 158.58 -19.53 98.99
C11 2AN XA . 157.35 -22.66 97.49
C12 2AN XA . 157.50 -22.77 96.12
C13 2AN XA . 156.98 -23.87 95.47
C14 2AN XA . 156.31 -24.87 96.14
C15 2AN XA . 156.14 -24.77 97.51
C16 2AN XA . 156.65 -23.66 98.17
O1 2AN XA . 156.72 -21.80 99.90
O2 2AN XA . 155.81 -20.28 101.41
O3 2AN XA . 157.78 -21.52 102.17
C1 2AN YA . 167.75 0.28 97.12
C2 2AN YA . 168.22 -0.04 95.84
C3 2AN YA . 168.28 -1.33 95.33
C4 2AN YA . 167.85 -2.39 96.12
C5 2AN YA . 167.36 -2.20 97.41
C6 2AN YA . 166.96 -3.33 98.09
C7 2AN YA . 166.45 -3.20 99.36
C8 2AN YA . 166.33 -1.97 100.01
N 2AN YA . 167.64 1.60 97.47
S 2AN YA . 166.50 0.52 100.29
C9 2AN YA . 166.70 -0.78 99.42
C10 2AN YA . 167.26 -0.83 98.00
C11 2AN YA . 167.49 2.67 96.62
C12 2AN YA . 167.63 2.64 95.20
C13 2AN YA . 167.45 3.78 94.42
C14 2AN YA . 167.11 4.97 95.03
C15 2AN YA . 166.94 5.03 96.41
C16 2AN YA . 167.11 3.89 97.18
O1 2AN YA . 167.35 1.55 99.82
O2 2AN YA . 164.95 1.04 100.30
O3 2AN YA . 166.88 0.32 101.66
C1 2AN ZA . 156.78 0.98 100.41
C2 2AN ZA . 156.57 0.48 99.15
C3 2AN ZA . 157.20 1.01 98.05
C4 2AN ZA . 158.10 2.04 98.15
C5 2AN ZA . 158.41 2.61 99.32
C6 2AN ZA . 159.30 3.66 99.34
C7 2AN ZA . 159.63 4.28 100.54
C8 2AN ZA . 159.04 3.85 101.74
N 2AN ZA . 156.17 0.47 101.52
S 2AN ZA . 157.45 2.36 103.17
C9 2AN ZA . 158.13 2.79 101.79
C10 2AN ZA . 157.76 2.11 100.54
C11 2AN ZA . 155.33 -0.63 101.65
C12 2AN ZA . 154.86 -1.44 100.61
C13 2AN ZA . 154.01 -2.52 100.89
C14 2AN ZA . 153.62 -2.81 102.19
C15 2AN ZA . 154.09 -2.02 103.22
C16 2AN ZA . 154.93 -0.95 102.96
O1 2AN ZA . 156.03 2.33 102.97
O2 2AN ZA . 157.62 3.36 104.17
O3 2AN ZA . 157.91 0.86 103.64
C1 2AN AB . 176.07 12.92 63.75
C2 2AN AB . 176.56 14.13 64.09
C3 2AN AB . 176.61 15.19 63.19
C4 2AN AB . 176.11 15.10 61.90
C5 2AN AB . 175.54 13.91 61.49
C6 2AN AB . 175.05 13.83 60.19
C7 2AN AB . 174.49 12.66 59.73
C8 2AN AB . 174.34 11.54 60.51
N 2AN AB . 175.94 12.08 64.77
S 2AN AB . 174.64 10.16 62.59
C9 2AN AB . 174.85 11.50 61.79
C10 2AN AB . 175.49 12.74 62.37
C11 2AN AB . 175.38 12.49 65.94
C12 2AN AB . 175.38 11.54 66.94
C13 2AN AB . 174.88 11.76 68.20
C14 2AN AB . 174.36 12.99 68.50
C15 2AN AB . 174.33 13.95 67.52
C16 2AN AB . 174.81 13.71 66.23
O1 2AN AB . 173.59 10.52 63.77
O2 2AN AB . 174.21 9.08 61.77
O3 2AN AB . 175.86 9.73 63.23
C1 2AN BB . 168.01 3.42 59.51
C2 2AN BB . 168.54 2.29 58.95
C3 2AN BB . 169.72 1.71 59.41
C4 2AN BB . 170.45 2.25 60.45
C5 2AN BB . 170.00 3.38 61.10
C6 2AN BB . 170.74 3.89 62.13
C7 2AN BB . 170.30 5.02 62.80
C8 2AN BB . 169.13 5.67 62.44
N 2AN BB . 166.81 3.92 59.14
S 2AN BB . 166.98 6.05 61.09
C9 2AN BB . 168.33 5.25 61.38
C10 2AN BB . 168.75 4.04 60.66
C11 2AN BB . 165.83 3.27 58.47
C12 2AN BB . 165.87 1.96 58.02
C13 2AN BB . 164.80 1.43 57.31
C14 2AN BB . 163.67 2.19 57.09
C15 2AN BB . 163.62 3.49 57.54
C16 2AN BB . 164.68 4.03 58.26
O1 2AN BB . 166.95 6.70 59.82
O2 2AN BB . 165.74 5.03 61.16
O3 2AN BB . 166.73 7.00 62.15
C1 2AN CB . 161.06 16.47 57.79
C2 2AN CB . 159.99 16.55 58.70
C3 2AN CB . 160.18 16.49 60.08
C4 2AN CB . 161.45 16.32 60.62
C5 2AN CB . 162.58 16.18 59.79
C6 2AN CB . 163.83 16.01 60.38
C7 2AN CB . 164.98 15.86 59.60
C8 2AN CB . 164.92 15.89 58.21
N 2AN CB . 160.71 16.27 56.51
S 2AN CB . 163.84 16.04 55.90
C9 2AN CB . 163.71 16.07 57.51
C10 2AN CB . 162.44 16.22 58.30
C11 2AN CB . 160.12 15.05 56.32
C12 2AN CB . 159.83 14.69 54.99
C13 2AN CB . 159.23 13.49 54.68
C14 2AN CB . 158.91 12.61 55.70
C15 2AN CB . 159.20 12.92 57.02
C16 2AN CB . 159.80 14.14 57.33
O1 2AN CB . 163.44 14.72 55.53
O2 2AN CB . 162.87 17.15 55.18
O3 2AN CB . 165.20 16.18 55.44
S SO4 DB . 164.16 20.22 61.81
O1 SO4 DB . 164.17 19.80 60.40
O2 SO4 DB . 163.03 21.14 62.12
O3 SO4 DB . 164.15 19.01 62.64
O4 SO4 DB . 165.38 20.95 62.21
C1 2AN EB . 125.29 -7.84 72.58
C2 2AN EB . 124.95 -8.87 71.68
C3 2AN EB . 123.92 -8.71 70.74
C4 2AN EB . 123.17 -7.53 70.67
C5 2AN EB . 123.45 -6.46 71.50
C6 2AN EB . 122.72 -5.29 71.39
C7 2AN EB . 122.95 -4.22 72.21
C8 2AN EB . 123.92 -4.27 73.20
N 2AN EB . 126.39 -7.94 73.37
S 2AN EB . 125.84 -5.38 74.49
C9 2AN EB . 124.71 -5.39 73.37
C10 2AN EB . 124.50 -6.57 72.51
C11 2AN EB . 127.50 -8.68 73.00
C12 2AN EB . 128.47 -8.93 73.98
C13 2AN EB . 129.57 -9.75 73.75
C14 2AN EB . 129.78 -10.30 72.48
C15 2AN EB . 128.84 -10.04 71.48
C16 2AN EB . 127.71 -9.26 71.75
O1 2AN EB . 125.53 -6.34 75.50
O2 2AN EB . 126.03 -4.04 75.09
O3 2AN EB . 127.20 -5.75 73.69
C1 2AN FB . 115.22 -1.27 77.01
C2 2AN FB . 114.42 -0.53 77.86
C3 2AN FB . 114.24 -0.80 79.24
C4 2AN FB . 114.95 -1.76 79.86
C5 2AN FB . 115.81 -2.51 79.09
C6 2AN FB . 116.48 -3.55 79.70
C7 2AN FB . 117.25 -4.39 78.98
C8 2AN FB . 117.47 -4.20 77.65
N 2AN FB . 115.45 -0.85 75.78
S 2AN FB . 117.33 -3.14 75.40
C9 2AN FB . 116.91 -3.22 76.93
C10 2AN FB . 115.98 -2.33 77.63
C11 2AN FB . 115.88 0.38 75.54
C12 2AN FB . 116.22 1.31 76.46
C13 2AN FB . 116.61 2.53 76.01
C14 2AN FB . 116.72 2.81 74.68
C15 2AN FB . 116.44 1.85 73.76
C16 2AN FB . 116.00 0.64 74.19
O1 2AN FB . 116.27 -3.41 74.41
O2 2AN FB . 118.01 -1.72 75.14
O3 2AN FB . 118.44 -3.95 75.20
C1 2AN GB . 118.59 -18.02 81.84
C2 2AN GB . 119.26 -17.66 80.67
C3 2AN GB . 120.01 -16.50 80.62
C4 2AN GB . 120.11 -15.62 81.68
C5 2AN GB . 119.47 -15.92 82.85
C6 2AN GB . 119.56 -15.06 83.90
C7 2AN GB . 118.94 -15.34 85.09
C8 2AN GB . 118.17 -16.48 85.28
N 2AN GB . 117.81 -19.10 82.01
S 2AN GB . 117.05 -18.66 84.60
C9 2AN GB . 117.98 -17.38 84.29
C10 2AN GB . 118.66 -17.11 83.01
C11 2AN GB . 117.56 -19.98 81.05
C12 2AN GB . 116.98 -21.17 81.45
C13 2AN GB . 116.72 -22.16 80.52
C14 2AN GB . 117.04 -21.94 79.19
C15 2AN GB . 117.61 -20.73 78.80
C16 2AN GB . 117.87 -19.76 79.72
O1 2AN GB . 117.32 -19.86 83.90
O2 2AN GB . 115.71 -18.40 84.18
O3 2AN GB . 116.90 -18.91 86.19
C1 2AN HB . 126.28 0.07 83.16
C2 2AN HB . 126.43 -0.58 81.98
C3 2AN HB . 126.96 0.02 80.89
C4 2AN HB . 127.36 1.31 80.96
C5 2AN HB . 127.28 2.02 82.09
C6 2AN HB . 127.74 3.32 82.10
C7 2AN HB . 127.68 4.08 83.27
C8 2AN HB . 127.18 3.60 84.46
N 2AN HB . 125.97 -0.70 84.19
S 2AN HB . 126.28 1.80 85.85
C9 2AN HB . 126.75 2.33 84.50
C10 2AN HB . 126.78 1.45 83.30
C11 2AN HB . 126.51 -1.94 84.31
C12 2AN HB . 126.08 -2.67 85.41
C13 2AN HB . 126.48 -3.97 85.61
C14 2AN HB . 127.39 -4.54 84.73
C15 2AN HB . 127.85 -3.84 83.65
C16 2AN HB . 127.43 -2.53 83.44
O1 2AN HB . 124.99 1.14 85.76
O2 2AN HB . 126.37 2.82 86.82
O3 2AN HB . 127.35 0.63 86.29
N1 EPE IB . 117.36 3.50 84.97
C2 EPE IB . 118.01 4.15 86.10
C3 EPE IB . 118.30 5.60 85.76
N4 EPE IB . 118.71 5.87 84.38
C5 EPE IB . 118.24 4.90 83.37
C6 EPE IB . 118.34 3.54 83.94
C7 EPE IB . 118.25 7.21 83.94
C8 EPE IB . 119.35 7.95 83.15
O8 EPE IB . 118.83 9.18 82.61
C9 EPE IB . 117.09 2.10 85.26
C10 EPE IB . 115.99 2.01 86.32
S EPE IB . 115.39 0.46 86.49
O1S EPE IB . 114.54 0.16 85.31
O2S EPE IB . 114.80 0.37 87.84
O3S EPE IB . 116.48 -0.54 86.45
C1 2AN JB . 128.66 7.83 46.77
C2 2AN JB . 129.85 7.14 46.87
C3 2AN JB . 130.12 6.08 46.02
C4 2AN JB . 129.20 5.65 45.04
C5 2AN JB . 127.99 6.32 44.91
C6 2AN JB . 127.06 5.94 43.98
C7 2AN JB . 125.85 6.62 43.87
C8 2AN JB . 125.54 7.70 44.71
N 2AN JB . 128.24 8.84 47.53
S 2AN JB . 126.08 9.37 46.67
C9 2AN JB . 126.42 8.16 45.69
C10 2AN JB . 127.70 7.45 45.80
C11 2AN JB . 128.80 9.33 48.66
C12 2AN JB . 130.04 8.95 49.16
C13 2AN JB . 130.51 9.51 50.33
C14 2AN JB . 129.77 10.47 51.01
C15 2AN JB . 128.53 10.86 50.53
C16 2AN JB . 128.04 10.28 49.36
O1 2AN JB . 125.65 8.85 47.93
O2 2AN JB . 127.40 10.24 46.96
O3 2AN JB . 125.02 10.26 46.22
C1 2AN KB . 138.72 9.48 30.33
C2 2AN KB . 139.64 8.64 29.69
C3 2AN KB . 139.60 7.24 29.84
C4 2AN KB . 138.68 6.60 30.67
C5 2AN KB . 137.74 7.34 31.36
C6 2AN KB . 136.81 6.72 32.19
C7 2AN KB . 135.86 7.48 32.90
C8 2AN KB . 135.78 8.87 32.81
N 2AN KB . 138.66 10.85 30.20
S 2AN KB . 136.58 11.15 31.93
C9 2AN KB . 136.66 9.57 32.01
C10 2AN KB . 137.71 8.82 31.23
C11 2AN KB . 139.33 11.72 29.38
C12 2AN KB . 140.24 11.35 28.36
C13 2AN KB . 140.88 12.32 27.60
C14 2AN KB . 140.62 13.68 27.83
C15 2AN KB . 139.72 14.06 28.82
C16 2AN KB . 139.08 13.08 29.59
O1 2AN KB . 136.27 11.49 30.35
O2 2AN KB . 135.56 11.71 32.80
O3 2AN KB . 137.85 11.70 32.29
C1 2AN LB . 135.44 16.51 49.44
C2 2AN LB . 135.80 17.84 49.72
C3 2AN LB . 135.61 18.86 48.78
C4 2AN LB . 135.10 18.60 47.50
C5 2AN LB . 134.73 17.31 47.15
C6 2AN LB . 134.23 17.08 45.89
C7 2AN LB . 133.85 15.82 45.51
C8 2AN LB . 133.95 14.72 46.35
N 2AN LB . 135.42 15.57 50.41
S 2AN LB . 134.53 13.47 48.56
C9 2AN LB . 134.47 14.80 47.63
C10 2AN LB . 134.87 16.19 48.09
C11 2AN LB . 134.93 15.81 51.66
C12 2AN LB . 134.89 14.72 52.52
C13 2AN LB . 134.47 14.80 53.85
C14 2AN LB . 134.04 16.02 54.33
C15 2AN LB . 134.04 17.11 53.47
C16 2AN LB . 134.48 17.02 52.15
O1 2AN LB . 133.10 13.62 49.41
O2 2AN LB . 134.68 12.21 47.86
O3 2AN LB . 135.66 13.49 49.44
C1 2AN MB . 87.61 -2.22 56.31
C2 2AN MB . 87.45 -3.39 55.57
C3 2AN MB . 86.44 -3.51 54.66
C4 2AN MB . 85.53 -2.47 54.45
C5 2AN MB . 85.63 -1.30 55.14
C6 2AN MB . 84.79 -0.27 54.89
C7 2AN MB . 84.93 0.93 55.58
C8 2AN MB . 85.91 1.11 56.52
N 2AN MB . 88.65 -2.00 57.11
S 2AN MB . 87.94 0.38 57.88
C9 2AN MB . 86.81 0.13 56.79
C10 2AN MB . 86.71 -1.11 56.06
C11 2AN MB . 89.75 -2.76 56.90
C12 2AN MB . 90.76 -2.64 57.83
C13 2AN MB . 91.90 -3.42 57.78
C14 2AN MB . 92.03 -4.34 56.77
C15 2AN MB . 91.01 -4.48 55.85
C16 2AN MB . 89.88 -3.69 55.91
O1 2AN MB . 87.73 -0.39 59.09
O2 2AN MB . 87.75 1.77 58.20
O3 2AN MB . 89.40 0.16 57.30
C1 2AN NB . 77.59 5.18 60.19
C2 2AN NB . 76.79 6.04 60.90
C3 2AN NB . 76.58 5.92 62.26
C4 2AN NB . 77.18 4.93 63.00
C5 2AN NB . 78.02 4.06 62.37
C6 2AN NB . 78.58 3.06 63.10
C7 2AN NB . 79.40 2.12 62.49
C8 2AN NB . 79.71 2.16 61.16
N 2AN NB . 77.91 5.45 58.94
S 2AN NB . 79.69 3.03 58.83
C9 2AN NB . 79.21 3.11 60.34
C10 2AN NB . 78.29 4.12 60.94
C11 2AN NB . 78.19 6.71 58.58
C12 2AN NB . 78.50 6.86 57.24
C13 2AN NB . 78.79 8.10 56.73
C14 2AN NB . 78.77 9.19 57.57
C15 2AN NB . 78.48 9.03 58.92
C16 2AN NB . 78.20 7.78 59.43
O1 2AN NB . 78.68 2.70 57.80
O2 2AN NB . 80.30 4.47 58.49
O3 2AN NB . 80.65 1.99 58.78
C1 2AN OB . 88.60 8.90 68.39
C2 2AN OB . 88.54 8.74 69.73
C3 2AN OB . 88.46 7.50 70.30
C4 2AN OB . 88.50 6.41 69.44
C5 2AN OB . 88.56 6.57 68.03
C6 2AN OB . 88.62 5.48 67.17
C7 2AN OB . 88.71 5.57 65.78
C8 2AN OB . 88.77 6.76 65.16
N 2AN OB . 88.61 10.07 67.99
S 2AN OB . 88.78 9.10 64.99
C9 2AN OB . 88.74 7.88 65.92
C10 2AN OB . 88.61 7.86 67.41
C11 2AN OB . 87.52 10.73 68.31
C12 2AN OB . 87.58 12.08 68.31
C13 2AN OB . 86.51 12.87 68.61
C14 2AN OB . 85.33 12.30 68.93
C15 2AN OB . 85.27 10.95 68.94
C16 2AN OB . 86.34 10.16 68.63
O1 2AN OB . 87.46 9.30 64.50
O2 2AN OB . 89.57 8.89 63.84
O3 2AN OB . 89.16 10.43 65.82
C1 2AN PB . 79.74 -12.27 65.42
C2 2AN PB . 80.35 -12.24 64.21
C3 2AN PB . 81.18 -11.23 63.77
C4 2AN PB . 81.44 -10.12 64.52
C5 2AN PB . 80.85 -10.02 65.73
C6 2AN PB . 81.11 -8.93 66.49
C7 2AN PB . 80.51 -8.86 67.74
C8 2AN PB . 79.69 -9.83 68.27
N 2AN PB . 78.86 -13.23 65.87
S 2AN PB . 78.39 -12.06 68.19
C9 2AN PB . 79.38 -10.97 67.56
C10 2AN PB . 79.98 -11.09 66.24
C11 2AN PB . 78.36 -14.24 65.12
C12 2AN PB . 77.46 -15.09 65.76
C13 2AN PB . 76.91 -16.17 65.07
C14 2AN PB . 77.26 -16.40 63.73
C15 2AN PB . 78.15 -15.56 63.07
C16 2AN PB . 78.70 -14.49 63.76
O1 2AN PB . 77.15 -11.97 67.48
O2 2AN PB . 78.22 -11.80 69.58
O3 2AN PB . 78.83 -13.60 67.96
C1 2AN QB . 77.59 8.85 70.17
C2 2AN QB . 76.81 8.15 71.12
C3 2AN QB . 76.02 7.07 70.76
C4 2AN QB . 75.92 6.60 69.45
C5 2AN QB . 76.62 7.20 68.43
C6 2AN QB . 76.54 6.70 67.13
C7 2AN QB . 77.28 7.33 66.10
C8 2AN QB . 78.12 8.45 66.33
N 2AN QB . 78.40 9.92 70.38
S 2AN QB . 79.30 10.31 67.84
C9 2AN QB . 78.30 9.03 67.60
C10 2AN QB . 77.51 8.38 68.73
C11 2AN QB . 78.38 10.74 71.45
C12 2AN QB . 78.69 12.06 71.22
C13 2AN QB . 78.57 12.99 72.25
C14 2AN QB . 78.14 12.64 73.51
C15 2AN QB . 77.82 11.33 73.73
C16 2AN QB . 77.94 10.39 72.71
O1 2AN QB . 78.51 11.33 68.47
O2 2AN QB . 79.98 10.82 66.68
O3 2AN QB . 80.49 9.90 68.89
S DMS RB . 85.21 -16.68 53.04
O DMS RB . 85.46 -16.86 54.49
C1 DMS RB . 83.57 -16.26 52.76
C2 DMS RB . 85.96 -15.29 52.39
C1 2AN SB . 88.80 11.32 27.21
C2 2AN SB . 89.19 10.12 26.66
C3 2AN SB . 90.39 9.53 27.03
C4 2AN SB . 91.26 10.08 27.95
C5 2AN SB . 90.97 11.26 28.57
C6 2AN SB . 91.89 11.75 29.50
C7 2AN SB . 91.66 12.94 30.17
C8 2AN SB . 90.49 13.64 29.92
N 2AN SB . 87.56 11.77 26.85
S 2AN SB . 88.27 14.12 28.84
C9 2AN SB . 89.57 13.23 28.98
C10 2AN SB . 89.73 11.96 28.23
C11 2AN SB . 86.59 10.97 26.26
C12 2AN SB . 86.65 9.63 26.02
C13 2AN SB . 85.63 8.92 25.37
C14 2AN SB . 84.49 9.54 24.90
C15 2AN SB . 84.44 10.89 25.11
C16 2AN SB . 85.46 11.56 25.77
O1 2AN SB . 88.28 14.78 27.57
O2 2AN SB . 87.08 13.08 29.05
O3 2AN SB . 88.23 15.16 29.83
C1 2AN TB . 97.69 21.02 31.25
C2 2AN TB . 98.28 22.23 31.52
C3 2AN TB . 98.31 23.32 30.62
C4 2AN TB . 97.71 23.24 29.40
C5 2AN TB . 97.07 22.08 29.04
C6 2AN TB . 96.51 22.03 27.79
C7 2AN TB . 95.87 20.90 27.39
C8 2AN TB . 95.75 19.80 28.21
N 2AN TB . 97.52 20.15 32.28
S 2AN TB . 96.09 18.35 30.27
C9 2AN TB . 96.31 19.73 29.47
C10 2AN TB . 97.01 20.92 29.94
C11 2AN TB . 96.92 20.67 33.42
C12 2AN TB . 96.85 19.85 34.54
C13 2AN TB . 96.34 20.25 35.77
C14 2AN TB . 95.87 21.53 35.90
C15 2AN TB . 95.89 22.38 34.79
C16 2AN TB . 96.41 21.97 33.56
O1 2AN TB . 95.73 17.31 29.38
O2 2AN TB . 95.01 18.53 31.20
O3 2AN TB . 97.44 17.84 31.04
C1 2AN UB . 82.09 24.02 26.14
C2 2AN UB . 81.07 24.09 27.07
C3 2AN UB . 81.32 24.02 28.42
C4 2AN UB . 82.59 23.84 28.91
C5 2AN UB . 83.67 23.70 28.06
C6 2AN UB . 84.94 23.52 28.59
C7 2AN UB . 86.04 23.38 27.75
C8 2AN UB . 85.91 23.42 26.36
N 2AN UB . 81.73 23.85 24.88
S 2AN UB . 84.74 23.62 24.11
C9 2AN UB . 84.68 23.60 25.72
C10 2AN UB . 83.46 23.75 26.59
C11 2AN UB . 81.07 22.69 24.69
C12 2AN UB . 80.97 22.31 23.36
C13 2AN UB . 80.33 21.17 23.02
C14 2AN UB . 79.80 20.35 24.01
C15 2AN UB . 79.91 20.69 25.35
C16 2AN UB . 80.56 21.86 25.69
O1 2AN UB . 84.68 22.30 23.57
O2 2AN UB . 83.68 24.61 23.39
O3 2AN UB . 86.05 24.11 23.75
C1 2AN VB . 46.21 0.25 41.02
C2 2AN VB . 45.85 -0.81 40.25
C3 2AN VB . 44.75 -0.70 39.42
C4 2AN VB . 43.98 0.45 39.32
C5 2AN VB . 44.31 1.55 40.02
C6 2AN VB . 43.54 2.68 39.89
C7 2AN VB . 43.85 3.81 40.64
C8 2AN VB . 44.92 3.85 41.53
N 2AN VB . 47.33 0.21 41.74
S 2AN VB . 46.91 2.89 42.76
C9 2AN VB . 45.72 2.74 41.71
C10 2AN VB . 45.43 1.51 40.93
C11 2AN VB . 48.36 -0.63 41.48
C12 2AN VB . 49.32 -0.71 42.46
C13 2AN VB . 50.40 -1.57 42.41
C14 2AN VB . 50.55 -2.37 41.30
C15 2AN VB . 49.59 -2.29 40.28
C16 2AN VB . 48.49 -1.43 40.34
O1 2AN VB . 46.68 1.93 43.82
O2 2AN VB . 46.94 4.26 43.22
O3 2AN VB . 48.36 2.71 42.15
C1 2AN WB . 39.29 -10.25 50.16
C2 2AN WB . 39.97 -9.99 48.98
C3 2AN WB . 40.79 -8.87 48.80
C4 2AN WB . 40.96 -7.97 49.83
C5 2AN WB . 40.33 -8.13 51.05
C6 2AN WB . 40.52 -7.16 52.02
C7 2AN WB . 39.92 -7.29 53.27
C8 2AN WB . 39.09 -8.38 53.55
N 2AN WB . 38.49 -11.31 50.36
S 2AN WB . 37.87 -10.55 53.03
C9 2AN WB . 38.84 -9.38 52.62
C10 2AN WB . 39.46 -9.28 51.28
C11 2AN WB . 38.22 -12.36 49.53
C12 2AN WB . 38.59 -12.46 48.18
C13 2AN WB . 38.27 -13.57 47.43
C14 2AN WB . 37.59 -14.63 48.01
C15 2AN WB . 37.22 -14.55 49.35
C16 2AN WB . 37.52 -13.42 50.10
O1 2AN WB . 37.65 -10.52 54.44
O2 2AN WB . 36.36 -10.37 52.37
O3 2AN WB . 38.34 -11.84 52.62
C1 2AN XB . 36.14 6.66 45.43
C2 2AN XB . 35.28 7.47 46.18
C3 2AN XB . 35.08 7.32 47.56
C4 2AN XB . 35.76 6.38 48.31
C5 2AN XB . 36.68 5.57 47.66
C6 2AN XB . 37.36 4.63 48.39
C7 2AN XB . 38.24 3.77 47.77
C8 2AN XB . 38.50 3.84 46.43
N 2AN XB . 36.42 7.03 44.17
S 2AN XB . 38.30 4.75 44.03
C9 2AN XB . 37.90 4.75 45.57
C10 2AN XB . 36.92 5.67 46.19
C11 2AN XB . 36.95 8.26 43.95
C12 2AN XB . 37.17 8.57 42.61
C13 2AN XB . 37.67 9.80 42.22
C14 2AN XB . 37.96 10.75 43.15
C15 2AN XB . 37.73 10.47 44.47
C16 2AN XB . 37.25 9.23 44.89
O1 2AN XB . 37.15 4.42 43.18
O2 2AN XB . 39.08 6.10 43.63
O3 2AN XB . 39.39 3.86 43.81
C1 2AN YB . 42.79 -14.24 33.74
C2 2AN YB . 43.55 -13.11 33.46
C3 2AN YB . 44.29 -12.42 34.41
C4 2AN YB . 44.30 -12.82 35.73
C5 2AN YB . 43.60 -13.93 36.15
C6 2AN YB . 43.65 -14.30 37.49
C7 2AN YB . 42.94 -15.40 37.95
C8 2AN YB . 42.15 -16.15 37.09
N 2AN YB . 42.04 -14.88 32.81
S 2AN YB . 41.07 -16.82 34.84
C9 2AN YB . 42.04 -15.88 35.71
C10 2AN YB . 42.79 -14.70 35.17
C11 2AN YB . 41.82 -14.56 31.50
C12 2AN YB . 40.97 -15.37 30.77
C13 2AN YB . 40.69 -15.12 29.42
C14 2AN YB . 41.24 -14.04 28.76
C15 2AN YB . 42.08 -13.22 29.46
C16 2AN YB . 42.36 -13.47 30.81
O1 2AN YB . 39.81 -16.15 34.79
O2 2AN YB . 41.63 -17.10 33.32
O3 2AN YB . 40.83 -18.08 35.51
C1 2AN ZB . 56.49 24.74 17.61
C2 2AN ZB . 56.97 26.00 17.95
C3 2AN ZB . 56.92 27.07 17.08
C4 2AN ZB . 56.45 26.90 15.79
C5 2AN ZB . 56.00 25.65 15.37
C6 2AN ZB . 55.55 25.50 14.09
C7 2AN ZB . 55.10 24.27 13.69
C8 2AN ZB . 55.04 23.15 14.48
N 2AN ZB . 56.32 23.73 18.51
S 2AN ZB . 55.39 21.84 16.69
C9 2AN ZB . 55.47 23.17 15.77
C10 2AN ZB . 55.97 24.50 16.25
C11 2AN ZB . 55.86 23.90 19.78
C12 2AN ZB . 55.87 22.77 20.56
C13 2AN ZB . 55.46 22.80 21.90
C14 2AN ZB . 55.06 23.98 22.46
C15 2AN ZB . 54.99 25.10 21.68
C16 2AN ZB . 55.40 25.07 20.33
O1 2AN ZB . 54.05 21.99 17.61
O2 2AN ZB . 55.40 20.52 16.07
O3 2AN ZB . 56.59 21.81 17.48
C1 2AN AC . 49.20 16.02 14.92
C2 2AN AC . 50.31 15.23 14.88
C3 2AN AC . 50.38 14.19 14.00
C4 2AN AC . 49.35 13.86 13.14
C5 2AN AC . 48.18 14.57 13.15
C6 2AN AC . 47.14 14.25 12.29
C7 2AN AC . 45.96 15.00 12.31
C8 2AN AC . 45.80 16.09 13.15
N 2AN AC . 49.07 17.06 15.76
S 2AN AC . 46.72 17.67 14.98
C9 2AN AC . 46.81 16.45 14.03
C10 2AN AC . 48.07 15.70 14.05
C11 2AN AC . 49.99 17.52 16.58
C12 2AN AC . 49.60 18.62 17.31
C13 2AN AC . 50.48 19.20 18.18
C14 2AN AC . 51.77 18.70 18.30
C15 2AN AC . 52.16 17.59 17.56
C16 2AN AC . 51.27 17.00 16.68
O1 2AN AC . 46.92 17.32 16.33
O2 2AN AC . 45.53 18.47 14.78
O3 2AN AC . 48.02 18.55 14.66
C1 2AN BC . 57.52 20.83 -0.47
C2 2AN BC . 57.39 22.22 -0.52
C3 2AN BC . 56.49 22.92 0.29
C4 2AN BC . 55.63 22.29 1.20
C5 2AN BC . 55.68 20.90 1.36
C6 2AN BC . 54.84 20.23 2.24
C7 2AN BC . 54.87 18.85 2.36
C8 2AN BC . 55.76 18.08 1.59
N 2AN BC . 58.42 20.09 -1.19
S 2AN BC . 57.60 17.83 -0.22
C9 2AN BC . 56.61 18.67 0.68
C10 2AN BC . 56.63 20.15 0.51
C11 2AN BC . 59.46 20.54 -1.96
C12 2AN BC . 59.80 21.89 -2.15
C13 2AN BC . 60.85 22.28 -2.99
C14 2AN BC . 61.59 21.30 -3.65
C15 2AN BC . 61.29 19.96 -3.49
C16 2AN BC . 60.24 19.59 -2.65
O1 2AN BC . 57.08 17.94 -1.56
O2 2AN BC . 57.64 16.47 0.27
O3 2AN BC . 59.11 18.44 -0.24
C1 2AN CC . -0.37 -5.43 34.38
C2 2AN CC . -1.21 -6.37 34.96
C3 2AN CC . -1.78 -6.18 36.21
C4 2AN CC . -1.51 -5.03 36.94
C5 2AN CC . -0.70 -4.05 36.44
C6 2AN CC . -0.46 -2.92 37.18
C7 2AN CC . 0.36 -1.90 36.70
C8 2AN CC . 0.95 -1.98 35.46
N 2AN CC . 0.11 -5.56 33.14
S 2AN CC . 1.46 -3.15 33.27
C9 2AN CC . 0.76 -3.09 34.68
C10 2AN CC . -0.11 -4.18 35.13
C11 2AN CC . -0.32 -6.49 32.23
C12 2AN CC . 0.28 -6.49 30.98
C13 2AN CC . -0.07 -7.41 30.00
C14 2AN CC . -1.04 -8.36 30.24
C15 2AN CC . -1.66 -8.37 31.47
C16 2AN CC . -1.31 -7.45 32.45
O1 2AN CC . 0.25 -3.48 32.22
O2 2AN CC . 2.14 -1.91 33.01
O3 2AN CC . 2.38 -4.24 33.09
C1 2AN DC . 8.08 6.19 24.20
C2 2AN DC . 7.67 5.16 23.43
C3 2AN DC . 6.57 5.32 22.63
C4 2AN DC . 5.85 6.49 22.56
C5 2AN DC . 6.23 7.55 23.29
C6 2AN DC . 5.56 8.75 23.26
C7 2AN DC . 5.94 9.84 24.03
C8 2AN DC . 7.03 9.74 24.88
N 2AN DC . 9.17 6.13 24.94
S 2AN DC . 8.94 8.47 25.89
C9 2AN DC . 7.71 8.58 24.95
C10 2AN DC . 7.37 7.43 24.16
C11 2AN DC . 10.12 5.23 24.67
C12 2AN DC . 11.19 5.16 25.55
C13 2AN DC . 12.18 4.23 25.40
C14 2AN DC . 12.14 3.37 24.35
C15 2AN DC . 11.08 3.45 23.48
C16 2AN DC . 10.08 4.37 23.62
O1 2AN DC . 8.71 7.30 26.67
O2 2AN DC . 8.92 9.58 26.78
O3 2AN DC . 10.35 8.44 25.08
C1 2AN EC . -1.72 12.72 28.22
C2 2AN EC . -2.70 13.47 28.89
C3 2AN EC . -2.79 13.48 30.27
C4 2AN EC . -1.89 12.80 31.07
C5 2AN EC . -0.86 12.08 30.50
C6 2AN EC . 0.00 11.38 31.32
C7 2AN EC . 1.04 10.63 30.77
C8 2AN EC . 1.24 10.56 29.40
N 2AN EC . -1.55 12.95 26.91
S 2AN EC . 0.77 11.01 26.93
C9 2AN EC . 0.42 11.19 28.48
C10 2AN EC . -0.71 12.02 29.04
C11 2AN EC . -1.08 14.20 26.60
C12 2AN EC . -0.82 15.23 27.47
C13 2AN EC . -0.36 16.45 26.98
C14 2AN EC . -0.14 16.65 25.62
C15 2AN EC . -0.39 15.62 24.75
C16 2AN EC . -0.85 14.41 25.23
O1 2AN EC . -0.35 10.64 26.06
O2 2AN EC . 1.49 12.37 26.46
O3 2AN EC . 1.75 9.93 26.96
C1 2AN FC . 18.76 28.31 -0.69
C2 2AN FC . 19.35 29.49 -0.39
C3 2AN FC . 19.45 30.55 -1.28
C4 2AN FC . 18.83 30.53 -2.50
C5 2AN FC . 18.19 29.40 -2.86
C6 2AN FC . 17.67 29.38 -4.14
C7 2AN FC . 17.02 28.27 -4.56
C8 2AN FC . 16.92 27.13 -3.77
N 2AN FC . 18.59 27.41 0.31
S 2AN FC . 17.18 25.71 -1.76
C9 2AN FC . 17.45 27.05 -2.51
C10 2AN FC . 18.13 28.23 -2.00
C11 2AN FC . 18.05 27.79 1.50
C12 2AN FC . 18.00 26.80 2.48
C13 2AN FC . 17.53 27.08 3.76
C14 2AN FC . 17.09 28.32 4.07
C15 2AN FC . 17.10 29.31 3.10
C16 2AN FC . 17.56 29.06 1.82
O1 2AN FC . 15.95 25.81 -0.73
O2 2AN FC . 16.87 24.79 -2.85
O3 2AN FC . 18.32 25.14 -1.09
C1 2AN GC . 9.78 18.60 -4.49
C2 2AN GC . 10.16 17.39 -5.01
C3 2AN GC . 11.34 16.76 -4.60
C4 2AN GC . 12.19 17.31 -3.67
C5 2AN GC . 11.88 18.52 -3.08
C6 2AN GC . 12.73 19.01 -2.14
C7 2AN GC . 12.44 20.21 -1.51
C8 2AN GC . 11.33 20.96 -1.83
N 2AN GC . 8.57 19.09 -4.83
S 2AN GC . 9.13 21.46 -2.93
C9 2AN GC . 10.41 20.54 -2.75
C10 2AN GC . 10.66 19.26 -3.47
C11 2AN GC . 7.60 18.32 -5.43
C12 2AN GC . 6.57 18.99 -6.07
C13 2AN GC . 5.57 18.31 -6.78
C14 2AN GC . 5.60 16.95 -6.87
C15 2AN GC . 6.62 16.26 -6.23
C16 2AN GC . 7.61 16.94 -5.53
O1 2AN GC . 9.00 21.89 -4.30
O2 2AN GC . 7.79 20.68 -2.59
O3 2AN GC . 9.21 22.59 -2.07
C1 2AN HC . 16.73 4.99 -10.41
C2 2AN HC . 16.19 5.51 -9.23
C3 2AN HC . 15.63 6.79 -9.14
C4 2AN HC . 15.58 7.63 -10.23
C5 2AN HC . 16.06 7.23 -11.47
C6 2AN HC . 15.97 8.09 -12.54
C7 2AN HC . 16.46 7.71 -13.78
C8 2AN HC . 17.04 6.45 -13.98
N 2AN HC . 17.37 3.79 -10.47
S 2AN HC . 17.86 4.08 -13.32
C9 2AN HC . 17.18 5.50 -12.97
C10 2AN HC . 16.67 5.87 -11.61
C11 2AN HC . 17.99 3.16 -9.45
C12 2AN HC . 18.61 1.95 -9.75
C13 2AN HC . 19.25 1.21 -8.77
C14 2AN HC . 19.30 1.68 -7.46
C15 2AN HC . 18.71 2.89 -7.14
C16 2AN HC . 18.08 3.63 -8.13
O1 2AN HC . 16.70 2.93 -13.46
O2 2AN HC . 18.58 4.20 -14.56
O3 2AN HC . 18.86 3.69 -12.35
C1 2AN IC . 34.95 6.30 -1.34
C2 2AN IC . 35.15 5.25 -0.45
C3 2AN IC . 36.37 4.59 -0.35
C4 2AN IC . 37.45 4.93 -1.14
C5 2AN IC . 37.38 5.95 -2.07
C6 2AN IC . 38.49 6.25 -2.83
C7 2AN IC . 38.46 7.26 -3.77
C8 2AN IC . 37.29 8.01 -3.97
N 2AN IC . 33.79 7.00 -1.32
S 2AN IC . 34.82 8.67 -3.55
C9 2AN IC . 36.12 7.78 -3.26
C10 2AN IC . 36.11 6.70 -2.22
C11 2AN IC . 32.91 7.15 -0.26
C12 2AN IC . 31.75 7.85 -0.53
C13 2AN IC . 30.74 8.04 0.41
C14 2AN IC . 30.88 7.53 1.68
C15 2AN IC . 32.03 6.83 1.98
C16 2AN IC . 33.05 6.65 1.05
O1 2AN IC . 33.69 7.83 -3.83
O2 2AN IC . 35.02 9.50 -4.70
O3 2AN IC . 34.61 9.63 -2.23
C1 2AN JC . 17.84 35.83 2.89
C2 2AN JC . 16.62 36.15 2.28
C3 2AN JC . 15.63 36.88 2.90
C4 2AN JC . 15.79 37.40 4.18
C5 2AN JC . 16.96 37.18 4.95
C6 2AN JC . 17.19 37.65 6.29
C7 2AN JC . 18.37 37.41 6.99
C8 2AN JC . 19.40 36.67 6.44
N 2AN JC . 18.79 35.14 2.14
S 2AN JC . 20.66 35.34 4.70
C9 2AN JC . 19.34 36.11 5.16
C10 2AN JC . 18.08 36.34 4.31
C11 2AN JC . 18.78 34.94 0.78
C12 2AN JC . 17.85 35.43 -0.13
C13 2AN JC . 17.89 35.15 -1.50
C14 2AN JC . 18.88 34.36 -2.02
C15 2AN JC . 19.81 33.87 -1.13
C16 2AN JC . 19.77 34.15 0.24
O1 2AN JC . 20.40 34.22 3.52
O2 2AN JC . 21.52 36.40 4.27
O3 2AN JC . 21.29 34.64 5.78
C1 2AN KC . 3.13 31.33 -5.51
C2 2AN KC . 2.15 31.42 -4.52
C3 2AN KC . 2.47 31.36 -3.17
C4 2AN KC . 3.77 31.17 -2.73
C5 2AN KC . 4.82 31.03 -3.63
C6 2AN KC . 6.12 30.86 -3.12
C7 2AN KC . 7.20 30.72 -3.99
C8 2AN KC . 7.04 30.75 -5.38
N 2AN KC . 2.67 31.20 -6.75
S 2AN KC . 5.85 30.93 -7.61
C9 2AN KC . 5.79 30.93 -5.99
C10 2AN KC . 4.57 31.08 -5.10
C11 2AN KC . 2.01 30.04 -6.97
C12 2AN KC . 1.92 29.69 -8.32
C13 2AN KC . 1.31 28.53 -8.72
C14 2AN KC . 0.77 27.66 -7.76
C15 2AN KC . 0.87 27.96 -6.40
C16 2AN KC . 1.50 29.15 -6.01
O1 2AN KC . 5.22 29.73 -8.07
O2 2AN KC . 5.15 32.19 -8.36
O3 2AN KC . 7.22 30.92 -8.07
C1 2AN LC . 19.55 22.23 -19.04
C2 2AN LC . 20.46 22.03 -20.08
C3 2AN LC . 21.11 20.84 -20.32
C4 2AN LC . 20.88 19.73 -19.53
C5 2AN LC . 19.99 19.79 -18.47
C6 2AN LC . 19.83 18.64 -17.73
C7 2AN LC . 18.96 18.61 -16.66
C8 2AN LC . 18.22 19.71 -16.27
N 2AN LC . 18.93 23.44 -18.96
S 2AN LC . 17.36 22.04 -16.28
C9 2AN LC . 18.30 20.93 -16.94
C10 2AN LC . 19.24 21.04 -18.14
C11 2AN LC . 18.81 24.36 -19.98
C12 2AN LC . 17.93 25.43 -19.76
C13 2AN LC . 17.72 26.42 -20.74
C14 2AN LC . 18.37 26.36 -21.96
C15 2AN LC . 19.23 25.31 -22.20
C16 2AN LC . 19.44 24.32 -21.24
O1 2AN LC . 16.88 23.00 -17.23
O2 2AN LC . 16.16 21.31 -15.41
O3 2AN LC . 18.11 22.83 -15.37
S SO4 MC . 6.59 35.23 -3.38
O1 SO4 MC . 5.66 34.81 -4.42
O2 SO4 MC . 6.57 36.67 -3.10
O3 SO4 MC . 7.93 34.84 -3.95
O4 SO4 MC . 6.17 34.49 -2.17
C1 2AN NC . -32.75 8.18 9.29
C2 2AN NC . -33.13 7.04 8.55
C3 2AN NC . -34.27 7.05 7.77
C4 2AN NC . -35.10 8.16 7.68
C5 2AN NC . -34.79 9.31 8.36
C6 2AN NC . -35.61 10.41 8.22
C7 2AN NC . -35.30 11.56 8.91
C8 2AN NC . -34.18 11.67 9.73
N 2AN NC . -31.58 8.24 9.98
S 2AN NC . -32.01 10.89 10.89
C9 2AN NC . -33.28 10.64 9.92
C10 2AN NC . -33.59 9.39 9.20
C11 2AN NC . -30.54 7.40 9.78
C12 2AN NC . -29.57 7.40 10.75
C13 2AN NC . -28.51 6.51 10.74
C14 2AN NC . -28.37 5.63 9.72
C15 2AN NC . -29.34 5.62 8.73
C16 2AN NC . -30.43 6.49 8.75
O1 2AN NC . -32.03 9.93 11.92
O2 2AN NC . -32.05 12.19 11.45
O3 2AN NC . -30.61 10.69 10.15
C1 2AN OC . -42.62 14.89 13.71
C2 2AN OC . -43.34 15.75 14.53
C3 2AN OC . -43.50 15.53 15.89
C4 2AN OC . -42.90 14.46 16.54
C5 2AN OC . -42.12 13.56 15.83
C6 2AN OC . -41.54 12.51 16.49
C7 2AN OC . -40.78 11.59 15.80
C8 2AN OC . -40.56 11.70 14.44
N 2AN OC . -42.37 15.26 12.43
S 2AN OC . -40.78 12.78 12.12
C9 2AN OC . -41.11 12.72 13.67
C10 2AN OC . -41.93 13.74 14.37
C11 2AN OC . -41.86 16.50 12.18
C12 2AN OC . -41.45 16.73 10.86
C13 2AN OC . -40.91 17.94 10.44
C14 2AN OC . -40.78 18.96 11.32
C15 2AN OC . -41.15 18.75 12.63
C16 2AN OC . -41.67 17.54 13.08
O1 2AN OC . -41.97 12.77 11.31
O2 2AN OC . -39.80 14.03 11.75
O3 2AN OC . -40.01 11.62 11.83
C1 2AN PC . -39.75 -2.18 18.66
C2 2AN PC . -39.07 -1.84 17.51
C3 2AN PC . -38.34 -0.65 17.40
C4 2AN PC . -38.27 0.27 18.44
C5 2AN PC . -38.93 0.02 19.60
C6 2AN PC . -38.88 0.95 20.62
C7 2AN PC . -39.55 0.70 21.80
C8 2AN PC . -40.29 -0.44 22.02
N 2AN PC . -40.50 -3.30 18.81
S 2AN PC . -41.27 -2.63 21.45
C9 2AN PC . -40.39 -1.40 21.07
C10 2AN PC . -39.70 -1.21 19.77
C11 2AN PC . -40.83 -4.23 17.88
C12 2AN PC . -41.56 -5.33 18.35
C13 2AN PC . -41.93 -6.35 17.51
C14 2AN PC . -41.56 -6.32 16.17
C15 2AN PC . -40.85 -5.23 15.70
C16 2AN PC . -40.49 -4.20 16.54
O1 2AN PC . -42.60 -2.41 20.95
O2 2AN PC . -40.72 -4.07 20.91
O3 2AN PC . -41.30 -2.66 22.88
C1 2AN QC . -36.15 -6.43 2.02
C2 2AN QC . -35.32 -5.39 1.63
C3 2AN QC . -34.56 -4.62 2.54
C4 2AN QC . -34.59 -4.85 3.91
C5 2AN QC . -35.38 -5.85 4.42
C6 2AN QC . -35.41 -6.07 5.79
C7 2AN QC . -36.20 -7.06 6.34
C8 2AN QC . -37.00 -7.88 5.54
N 2AN QC . -36.91 -7.20 1.18
S 2AN QC . -37.96 -8.72 3.29
C9 2AN QC . -37.04 -7.74 4.16
C10 2AN QC . -36.20 -6.69 3.50
C11 2AN QC . -37.17 -7.08 -0.16
C12 2AN QC . -36.52 -6.25 -1.08
C13 2AN QC . -36.91 -6.21 -2.41
C14 2AN QC . -37.96 -7.00 -2.86
C15 2AN QC . -38.61 -7.82 -1.97
C16 2AN QC . -38.23 -7.86 -0.63
O1 2AN QC . -39.20 -8.08 2.90
O2 2AN QC . -38.24 -9.87 4.11
O3 2AN QC . -37.11 -9.19 1.98
C1 2AN RC . -22.27 32.41 -14.60
C2 2AN RC . -21.76 33.60 -14.17
C3 2AN RC . -21.70 34.74 -14.96
C4 2AN RC . -22.18 34.71 -16.24
C5 2AN RC . -22.75 33.56 -16.76
C6 2AN RC . -23.22 33.60 -18.05
C7 2AN RC . -23.77 32.46 -18.61
C8 2AN RC . -23.85 31.26 -17.92
N 2AN RC . -22.46 31.37 -13.72
S 2AN RC . -23.64 29.64 -15.95
C9 2AN RC . -23.41 31.11 -16.62
C10 2AN RC . -22.80 32.32 -15.98
C11 2AN RC . -22.92 31.54 -12.45
C12 2AN RC . -23.36 32.75 -11.93
C13 2AN RC . -23.72 32.80 -10.58
C14 2AN RC . -23.71 31.68 -9.75
C15 2AN RC . -23.31 30.47 -10.30
C16 2AN RC . -22.94 30.41 -11.64
O1 2AN RC . -24.78 29.70 -14.78
O2 2AN RC . -24.13 28.79 -17.00
O3 2AN RC . -22.42 29.04 -15.46
C1 2AN SC . -31.72 16.47 19.66
C2 2AN SC . -31.62 15.73 18.51
C3 2AN SC . -31.02 16.25 17.38
C4 2AN SC . -30.48 17.53 17.36
C5 2AN SC . -30.51 18.32 18.47
C6 2AN SC . -29.96 19.59 18.45
C7 2AN SC . -30.01 20.42 19.57
C8 2AN SC . -30.59 20.00 20.76
N 2AN SC . -32.10 15.78 20.75
S 2AN SC . -31.73 18.28 22.21
C9 2AN SC . -31.13 18.73 20.84
C10 2AN SC . -31.12 17.81 19.70
C11 2AN SC . -31.31 14.71 21.06
C12 2AN SC . -30.18 14.30 20.35
C13 2AN SC . -29.51 13.17 20.75
C14 2AN SC . -29.95 12.40 21.81
C15 2AN SC . -31.06 12.76 22.53
C16 2AN SC . -31.72 13.93 22.15
O1 2AN SC . -33.03 17.65 22.00
O2 2AN SC . -31.70 19.52 22.95
O3 2AN SC . -30.72 17.16 22.83
C1 2AN TC . -30.67 23.26 -18.09
C2 2AN TC . -29.94 22.20 -18.55
C3 2AN TC . -28.80 21.88 -17.89
C4 2AN TC . -28.34 22.54 -16.76
C5 2AN TC . -29.03 23.60 -16.27
C6 2AN TC . -28.62 24.31 -15.17
C7 2AN TC . -29.34 25.39 -14.68
C8 2AN TC . -30.51 25.80 -15.27
N 2AN TC . -31.81 23.66 -18.62
S 2AN TC . -32.17 25.59 -17.14
C9 2AN TC . -30.92 25.14 -16.38
C10 2AN TC . -30.22 23.99 -16.92
C11 2AN TC . -32.53 22.98 -19.52
C12 2AN TC . -33.70 23.60 -19.93
C13 2AN TC . -34.54 23.02 -20.88
C14 2AN TC . -34.19 21.80 -21.43
C15 2AN TC . -33.01 21.18 -21.02
C16 2AN TC . -32.18 21.76 -20.07
O1 2AN TC . -33.21 24.42 -17.11
O2 2AN TC . -32.71 26.76 -16.56
O3 2AN TC . -31.75 25.89 -18.47
C1 2AN UC . -22.10 26.43 -31.67
C2 2AN UC . -23.02 25.98 -30.73
C3 2AN UC . -23.85 26.85 -30.04
C4 2AN UC . -23.84 28.24 -30.26
C5 2AN UC . -22.98 28.79 -31.19
C6 2AN UC . -22.97 30.16 -31.42
C7 2AN UC . -22.14 30.75 -32.37
C8 2AN UC . -21.25 29.96 -33.11
N 2AN UC . -21.25 25.63 -32.41
S 2AN UC . -20.18 27.68 -33.80
C9 2AN UC . -21.18 28.58 -32.94
C10 2AN UC . -22.07 27.91 -31.93
C11 2AN UC . -21.11 24.27 -32.45
C12 2AN UC . -20.21 23.79 -33.43
C13 2AN UC . -19.96 22.43 -33.62
C14 2AN UC . -20.60 21.49 -32.83
C15 2AN UC . -21.49 21.94 -31.86
C16 2AN UC . -21.75 23.31 -31.66
O1 2AN UC . -21.13 26.64 -34.65
O2 2AN UC . -19.39 28.46 -34.73
O3 2AN UC . -19.32 26.94 -32.91
C1 2AN VC . -38.60 35.15 -19.95
C2 2AN VC . -37.76 36.23 -19.72
C3 2AN VC . -37.31 36.47 -18.44
C4 2AN VC . -37.63 35.66 -17.36
C5 2AN VC . -38.45 34.54 -17.52
C6 2AN VC . -38.79 33.70 -16.46
C7 2AN VC . -39.61 32.59 -16.62
C8 2AN VC . -40.14 32.25 -17.85
N 2AN VC . -38.99 34.77 -21.16
S 2AN VC . -40.48 32.60 -20.35
C9 2AN VC . -39.84 33.02 -18.96
C10 2AN VC . -38.97 34.23 -18.84
C11 2AN VC . -38.31 34.82 -22.29
C12 2AN VC . -37.13 35.50 -22.54
C13 2AN VC . -36.58 35.42 -23.81
C14 2AN VC . -37.20 34.67 -24.79
C15 2AN VC . -38.36 33.98 -24.52
C16 2AN VC . -38.92 34.06 -23.26
O1 2AN VC . -39.77 33.29 -21.39
O2 2AN VC . -41.89 32.92 -20.34
O3 2AN VC . -40.42 30.98 -20.58
CAC FLC WC . -31.60 44.61 -9.61
CA FLC WC . -30.60 44.31 -8.53
CB FLC WC . -29.21 44.76 -8.97
CBC FLC WC . -28.57 45.49 -7.79
CG FLC WC . -28.33 43.63 -9.47
CGC FLC WC . -28.32 43.70 -11.00
OA1 FLC WC . -32.73 45.05 -9.27
OA2 FLC WC . -31.25 44.40 -10.80
OB1 FLC WC . -29.27 46.27 -7.10
OB2 FLC WC . -27.36 45.29 -7.55
OG1 FLC WC . -28.88 42.78 -11.62
OG2 FLC WC . -27.78 44.66 -11.59
OHB FLC WC . -29.37 45.56 -10.14
C1 2AN XC . -34.16 40.89 -9.11
C2 2AN XC . -34.03 40.78 -7.74
C3 2AN XC . -32.79 40.66 -7.12
C4 2AN XC . -31.61 40.62 -7.85
C5 2AN XC . -31.63 40.71 -9.23
C6 2AN XC . -30.42 40.69 -9.96
C7 2AN XC . -30.40 40.78 -11.34
C8 2AN XC . -31.58 40.92 -12.07
N 2AN XC . -35.36 40.98 -9.74
S 2AN XC . -34.13 41.11 -12.39
C9 2AN XC . -32.84 40.95 -11.45
C10 2AN XC . -32.92 40.85 -9.96
C11 2AN XC . -36.62 40.75 -9.23
C12 2AN XC . -36.95 40.61 -7.88
C13 2AN XC . -38.26 40.36 -7.50
C14 2AN XC . -39.25 40.24 -8.45
C15 2AN XC . -38.94 40.37 -9.79
C16 2AN XC . -37.63 40.61 -10.18
O1 2AN XC . -34.91 39.89 -12.31
O2 2AN XC . -35.05 42.39 -11.93
O3 2AN XC . -33.70 41.33 -13.76
S DMS YC . -34.58 40.51 -17.32
O DMS YC . -35.82 40.96 -16.61
C1 DMS YC . -33.26 41.47 -16.81
C2 DMS YC . -34.02 38.96 -16.92
S SO4 ZC . -26.09 40.18 -13.34
O1 SO4 ZC . -26.66 38.82 -13.52
O2 SO4 ZC . -27.15 41.04 -12.74
O3 SO4 ZC . -24.90 40.11 -12.41
O4 SO4 ZC . -25.70 40.72 -14.65
C1 2AN AD . -71.95 13.31 -8.32
C2 2AN AD . -72.65 12.37 -9.08
C3 2AN AD . -73.90 12.62 -9.65
C4 2AN AD . -74.48 13.86 -9.53
C5 2AN AD . -73.85 14.84 -8.82
C6 2AN AD . -74.49 16.06 -8.72
C7 2AN AD . -73.90 17.10 -8.00
C8 2AN AD . -72.68 16.96 -7.38
N 2AN AD . -70.74 13.08 -7.78
S 2AN AD . -70.58 15.84 -6.64
C9 2AN AD . -71.97 15.80 -7.42
C10 2AN AD . -72.55 14.64 -8.17
C11 2AN AD . -69.89 12.03 -7.97
C12 2AN AD . -68.65 12.12 -7.32
C13 2AN AD . -67.66 11.14 -7.41
C14 2AN AD . -67.91 10.05 -8.20
C15 2AN AD . -69.14 9.94 -8.85
C16 2AN AD . -70.13 10.94 -8.77
O1 2AN AD . -70.69 16.85 -5.64
O2 2AN AD . -70.38 14.41 -5.93
O3 2AN AD . -69.44 16.23 -7.45
C1 2AN BD . -81.86 19.55 -3.95
C2 2AN BD . -82.74 20.17 -3.07
C3 2AN BD . -82.77 19.87 -1.71
C4 2AN BD . -81.88 18.98 -1.13
C5 2AN BD . -80.92 18.36 -1.91
C6 2AN BD . -80.07 17.49 -1.27
C7 2AN BD . -79.10 16.83 -1.98
C8 2AN BD . -78.95 17.02 -3.36
N 2AN BD . -81.80 20.14 -5.16
S 2AN BD . -79.33 17.93 -5.69
C9 2AN BD . -79.74 17.88 -4.12
C10 2AN BD . -80.82 18.63 -3.38
C11 2AN BD . -81.16 21.34 -5.28
C12 2AN BD . -80.50 22.07 -4.28
C13 2AN BD . -79.91 23.29 -4.62
C14 2AN BD . -79.93 23.76 -5.93
C15 2AN BD . -80.54 23.03 -6.92
C16 2AN BD . -81.14 21.83 -6.59
O1 2AN BD . -79.68 19.11 -6.39
O2 2AN BD . -79.88 16.76 -6.40
O3 2AN BD . -77.73 18.13 -5.70
C1 2AN CD . -79.50 1.78 2.13
C2 2AN CD . -80.28 0.73 2.63
C3 2AN CD . -80.89 0.75 3.86
C4 2AN CD . -80.75 1.85 4.68
C5 2AN CD . -79.99 2.94 4.27
C6 2AN CD . -79.87 4.06 5.08
C7 2AN CD . -79.11 5.16 4.67
C8 2AN CD . -78.47 5.20 3.43
N 2AN CD . -78.94 1.84 0.91
S 2AN CD . -77.86 4.24 1.17
C9 2AN CD . -78.57 4.15 2.57
C10 2AN CD . -79.35 2.97 2.96
C11 2AN CD . -79.28 1.03 -0.10
C12 2AN CD . -78.91 1.47 -1.34
C13 2AN CD . -79.26 0.72 -2.44
C14 2AN CD . -79.99 -0.45 -2.34
C15 2AN CD . -80.37 -0.88 -1.10
C16 2AN CD . -80.03 -0.14 0.00
O1 2AN CD . -79.08 4.25 0.12
O2 2AN CD . -77.07 5.45 1.08
O3 2AN CD . -76.98 3.16 0.89
C1 2AN DD . -69.98 21.53 1.73
C2 2AN DD . -69.52 20.98 0.54
C3 2AN DD . -68.82 21.70 -0.41
C4 2AN DD . -68.53 23.03 -0.22
C5 2AN DD . -68.94 23.68 0.92
C6 2AN DD . -68.62 25.02 1.05
C7 2AN DD . -69.00 25.74 2.19
C8 2AN DD . -69.70 25.13 3.23
N 2AN DD . -70.58 20.76 2.67
S 2AN DD . -70.85 23.23 4.42
C9 2AN DD . -70.07 23.80 3.17
C10 2AN DD . -69.67 22.97 1.98
C11 2AN DD . -70.50 19.38 2.77
C12 2AN DD . -71.02 18.81 3.94
C13 2AN DD . -71.00 17.44 4.15
C14 2AN DD . -70.45 16.59 3.20
C15 2AN DD . -69.92 17.12 2.03
C16 2AN DD . -69.94 18.50 1.82
O1 2AN DD . -72.25 23.18 4.21
O2 2AN DD . -70.60 24.10 5.55
O3 2AN DD . -70.20 21.76 4.65
C1 2AN ED . -80.00 24.53 6.52
C2 2AN ED . -80.28 24.80 7.86
C3 2AN ED . -80.06 26.07 8.40
C4 2AN ED . -79.54 27.13 7.65
C5 2AN ED . -79.23 26.96 6.31
C6 2AN ED . -78.72 27.99 5.52
C7 2AN ED . -78.39 27.79 4.17
C8 2AN ED . -78.59 26.55 3.55
N 2AN ED . -80.31 23.38 5.87
S 2AN ED . -79.30 24.11 3.53
C9 2AN ED . -79.13 25.49 4.25
C10 2AN ED . -79.46 25.64 5.69
C11 2AN ED . -81.35 22.53 6.09
C12 2AN ED . -81.56 21.57 5.11
C13 2AN ED . -82.57 20.63 5.22
C14 2AN ED . -83.39 20.66 6.32
C15 2AN ED . -83.21 21.62 7.29
C16 2AN ED . -82.20 22.56 7.18
O1 2AN ED . -80.76 23.76 2.92
O2 2AN ED . -78.33 24.10 2.48
O3 2AN ED . -78.86 23.06 4.39
C1 2AN FD . -95.82 1.33 -21.03
C2 2AN FD . -95.88 0.84 -22.33
C3 2AN FD . -97.02 0.32 -22.91
C4 2AN FD . -98.20 0.29 -22.20
C5 2AN FD . -98.29 0.78 -20.91
C6 2AN FD . -99.50 0.74 -20.24
C7 2AN FD . -99.63 1.20 -18.95
C8 2AN FD . -98.54 1.74 -18.28
N 2AN FD . -94.69 1.99 -20.72
S 2AN FD . -96.16 2.46 -18.01
C9 2AN FD . -97.30 1.82 -18.86
C10 2AN FD . -97.10 1.35 -20.25
C11 2AN FD . -94.52 3.28 -21.05
C12 2AN FD . -95.45 4.15 -21.53
C13 2AN FD . -95.06 5.47 -21.83
C14 2AN FD . -93.75 5.86 -21.64
C15 2AN FD . -92.81 4.97 -21.17
C16 2AN FD . -93.20 3.69 -20.88
O1 2AN FD . -95.59 3.77 -18.84
O2 2AN FD . -96.75 2.88 -16.77
O3 2AN FD . -95.10 1.52 -17.76
C1 2AN GD . -68.97 25.96 -36.02
C2 2AN GD . -68.50 24.77 -36.56
C3 2AN GD . -67.34 24.20 -36.13
C4 2AN GD . -66.57 24.79 -35.17
C5 2AN GD . -66.95 25.97 -34.58
C6 2AN GD . -66.18 26.49 -33.56
C7 2AN GD . -66.54 27.66 -32.90
C8 2AN GD . -67.70 28.34 -33.24
N 2AN GD . -70.18 26.45 -36.39
S 2AN GD . -69.86 28.71 -34.49
C9 2AN GD . -68.53 27.89 -34.25
C10 2AN GD . -68.17 26.63 -34.97
C11 2AN GD . -71.15 25.75 -37.03
C12 2AN GD . -72.24 26.47 -37.53
C13 2AN GD . -73.23 25.84 -38.28
C14 2AN GD . -73.17 24.49 -38.53
C15 2AN GD . -72.08 23.76 -38.04
C16 2AN GD . -71.08 24.37 -37.29
O1 2AN GD . -70.08 29.19 -35.83
O2 2AN GD . -71.07 27.76 -34.04
O3 2AN GD . -69.95 29.86 -33.64
C1 2AN HD . -60.34 35.85 -32.52
C2 2AN HD . -59.74 37.03 -32.23
C3 2AN HD . -59.66 38.08 -33.14
C4 2AN HD . -60.25 37.96 -34.37
C5 2AN HD . -60.89 36.78 -34.73
C6 2AN HD . -61.40 36.72 -35.98
C7 2AN HD . -62.00 35.56 -36.37
C8 2AN HD . -62.10 34.49 -35.55
N 2AN HD . -60.51 34.93 -31.51
S 2AN HD . -61.91 33.12 -33.58
C9 2AN HD . -61.57 34.45 -34.31
C10 2AN HD . -60.94 35.67 -33.83
C11 2AN HD . -60.99 35.35 -30.30
C12 2AN HD . -61.44 36.65 -29.99
C13 2AN HD . -61.83 36.96 -28.67
C14 2AN HD . -61.76 36.02 -27.68
C15 2AN HD . -61.33 34.74 -28.01
C16 2AN HD . -60.97 34.40 -29.31
O1 2AN HD . -63.08 33.27 -32.44
O2 2AN HD . -62.32 32.31 -34.68
O3 2AN HD . -60.92 32.25 -32.92
C1 2AN ID . -60.87 27.68 -48.78
C2 2AN ID . -61.51 26.78 -47.94
C3 2AN ID . -62.48 27.15 -47.00
C4 2AN ID . -62.93 28.43 -46.85
C5 2AN ID . -62.35 29.40 -47.62
C6 2AN ID . -62.78 30.70 -47.43
C7 2AN ID . -62.25 31.73 -48.19
C8 2AN ID . -61.28 31.49 -49.13
N 2AN ID . -59.84 27.31 -49.57
S 2AN ID . -59.60 30.25 -50.57
C9 2AN ID . -60.73 30.25 -49.41
C10 2AN ID . -61.28 29.11 -48.63
C11 2AN ID . -58.89 26.38 -49.27
C12 2AN ID . -57.82 26.30 -50.16
C13 2AN ID . -56.76 25.40 -49.98
C14 2AN ID . -56.76 24.56 -48.86
C15 2AN ID . -57.80 24.65 -47.96
C16 2AN ID . -58.85 25.56 -48.15
O1 2AN ID . -60.18 30.00 -52.09
O2 2AN ID . -59.09 31.59 -50.68
O3 2AN ID . -58.49 29.38 -50.32
C1 2AN JD . -74.96 37.60 -36.67
C2 2AN JD . -75.73 37.48 -35.54
C3 2AN JD . -75.28 37.89 -34.29
C4 2AN JD . -74.02 38.48 -34.14
C5 2AN JD . -73.19 38.69 -35.23
C6 2AN JD . -71.94 39.28 -35.07
C7 2AN JD . -71.10 39.50 -36.15
C8 2AN JD . -71.46 39.15 -37.44
N 2AN JD . -75.58 37.44 -37.82
S 2AN JD . -72.95 38.22 -39.24
C9 2AN JD . -72.69 38.56 -37.72
C10 2AN JD . -73.63 38.29 -36.59
C11 2AN JD . -76.44 38.43 -38.01
C12 2AN JD . -76.90 38.53 -39.30
C13 2AN JD . -77.78 39.56 -39.62
C14 2AN JD . -78.19 40.47 -38.66
C15 2AN JD . -77.70 40.39 -37.37
C16 2AN JD . -76.81 39.38 -37.05
O1 2AN JD . -73.75 37.05 -39.40
O2 2AN JD . -73.59 39.47 -40.11
O3 2AN JD . -71.67 37.88 -39.80
S SO4 KD . -64.90 43.75 -32.47
O1 SO4 KD . -64.86 43.47 -33.91
O2 SO4 KD . -66.02 43.06 -31.85
O3 SO4 KD . -63.64 43.29 -31.84
O4 SO4 KD . -65.01 45.20 -32.28
C1 2AN LD . -110.74 17.34 -23.56
C2 2AN LD . -111.02 16.30 -24.45
C3 2AN LD . -112.13 16.31 -25.29
C4 2AN LD . -113.05 17.36 -25.31
C5 2AN LD . -112.87 18.42 -24.48
C6 2AN LD . -113.79 19.45 -24.54
C7 2AN LD . -113.64 20.55 -23.71
C8 2AN LD . -112.55 20.65 -22.83
N 2AN LD . -109.61 17.37 -22.79
S 2AN LD . -110.37 19.89 -21.67
C9 2AN LD . -111.57 19.69 -22.71
C10 2AN LD . -111.70 18.48 -23.56
C11 2AN LD . -108.53 16.56 -22.91
C12 2AN LD . -107.56 16.60 -21.91
C13 2AN LD . -106.44 15.76 -21.94
C14 2AN LD . -106.24 14.87 -22.99
C15 2AN LD . -107.18 14.84 -24.00
C16 2AN LD . -108.31 15.68 -23.95
O1 2AN LD . -110.48 18.84 -20.69
O2 2AN LD . -110.45 21.18 -21.07
O3 2AN LD . -109.02 19.86 -22.52
C1 2AN MD . -120.80 23.88 -19.17
C2 2AN MD . -121.51 24.63 -18.26
C3 2AN MD . -121.61 24.25 -16.92
C4 2AN MD . -120.97 23.14 -16.42
C5 2AN MD . -120.22 22.35 -17.26
C6 2AN MD . -119.59 21.24 -16.79
C7 2AN MD . -118.80 20.45 -17.60
C8 2AN MD . -118.60 20.71 -18.93
N 2AN MD . -120.55 24.34 -20.42
S 2AN MD . -118.91 22.00 -21.05
C9 2AN MD . -119.19 21.81 -19.51
C10 2AN MD . -120.08 22.69 -18.69
C11 2AN MD . -120.19 25.61 -20.67
C12 2AN MD . -119.68 25.83 -21.95
C13 2AN MD . -119.26 27.10 -22.35
C14 2AN MD . -119.35 28.16 -21.46
C15 2AN MD . -119.85 27.95 -20.20
C16 2AN MD . -120.22 26.66 -19.78
O1 2AN MD . -120.15 21.87 -21.80
O2 2AN MD . -118.08 23.37 -21.44
O3 2AN MD . -117.96 20.97 -21.38
C1 2AN ND . -118.27 7.02 -13.73
C2 2AN ND . -117.57 7.50 -14.84
C3 2AN ND . -117.04 8.79 -14.88
C4 2AN ND . -117.17 9.66 -13.83
C5 2AN ND . -117.84 9.27 -12.70
C6 2AN ND . -117.99 10.13 -11.66
C7 2AN ND . -118.65 9.76 -10.51
C8 2AN ND . -119.22 8.52 -10.32
N 2AN ND . -118.90 5.84 -13.66
S 2AN ND . -119.90 6.22 -10.89
C9 2AN ND . -119.14 7.55 -11.30
C10 2AN ND . -118.44 7.92 -12.57
C11 2AN ND . -119.40 5.14 -14.67
C12 2AN ND . -119.87 3.87 -14.35
C13 2AN ND . -120.35 3.02 -15.32
C14 2AN ND . -120.36 3.47 -16.63
C15 2AN ND . -119.90 4.75 -16.94
C16 2AN ND . -119.42 5.60 -15.97
O1 2AN ND . -121.30 6.55 -10.87
O2 2AN ND . -119.85 4.92 -11.86
O3 2AN ND . -119.48 5.84 -9.58
C1 2AN OD . -110.06 23.93 -12.50
C2 2AN OD . -109.74 22.57 -12.62
C3 2AN OD . -109.08 21.83 -11.62
C4 2AN OD . -108.65 22.46 -10.48
C5 2AN OD . -108.86 23.83 -10.28
C6 2AN OD . -108.41 24.38 -9.10
C7 2AN OD . -108.58 25.74 -8.83
C8 2AN OD . -109.23 26.60 -9.72
N 2AN OD . -110.46 24.49 -13.64
S 2AN OD . -110.46 27.33 -11.85
C9 2AN OD . -109.73 26.19 -10.97
C10 2AN OD . -109.58 24.69 -11.29
C11 2AN OD . -109.43 25.09 -14.30
C12 2AN OD . -109.59 25.30 -15.67
C13 2AN OD . -108.59 25.89 -16.46
C14 2AN OD . -107.39 26.26 -15.87
C15 2AN OD . -107.19 26.04 -14.50
C16 2AN OD . -108.19 25.46 -13.73
O1 2AN OD . -111.57 26.63 -12.81
O2 2AN OD . -111.09 28.21 -10.91
O3 2AN OD . -109.69 28.18 -12.74
C1 2AN PD . -100.81 40.73 -47.87
C2 2AN PD . -100.26 41.91 -47.39
C3 2AN PD . -100.19 43.03 -48.16
C4 2AN PD . -100.64 43.04 -49.46
C5 2AN PD . -101.21 41.92 -50.03
C6 2AN PD . -101.67 41.97 -51.36
C7 2AN PD . -102.25 40.85 -51.95
C8 2AN PD . -102.37 39.65 -51.26
N 2AN PD . -101.03 39.79 -46.97
S 2AN PD . -102.19 38.11 -49.25
C9 2AN PD . -101.96 39.52 -49.93
C10 2AN PD . -101.32 40.68 -49.25
C11 2AN PD . -101.56 40.12 -45.75
C12 2AN PD . -102.06 41.37 -45.41
C13 2AN PD . -102.52 41.60 -44.11
C14 2AN PD . -102.50 40.60 -43.16
C15 2AN PD . -102.04 39.34 -43.51
C16 2AN PD . -101.57 39.12 -44.80
O1 2AN PD . -103.15 38.16 -47.92
O2 2AN PD . -102.71 37.23 -50.28
O3 2AN PD . -100.93 37.59 -48.78
C1 2AN QD . -109.23 31.50 -51.49
C2 2AN QD . -108.60 30.41 -52.10
C3 2AN QD . -107.51 29.77 -51.53
C4 2AN QD . -106.98 30.18 -50.31
C5 2AN QD . -107.54 31.23 -49.62
C6 2AN QD . -107.02 31.64 -48.39
C7 2AN QD . -107.58 32.70 -47.69
C8 2AN QD . -108.68 33.41 -48.17
N 2AN QD . -110.37 32.07 -51.96
S 2AN QD . -110.49 33.96 -49.88
C9 2AN QD . -109.28 33.08 -49.37
C10 2AN QD . -108.71 31.95 -50.17
C11 2AN QD . -111.30 31.46 -52.72
C12 2AN QD . -111.19 30.19 -53.28
C13 2AN QD . -112.21 29.65 -54.07
C14 2AN QD . -113.36 30.38 -54.32
C15 2AN QD . -113.47 31.64 -53.76
C16 2AN QD . -112.46 32.17 -52.96
O1 2AN QD . -111.71 33.23 -49.92
O2 2AN QD . -110.15 34.42 -51.21
O3 2AN QD . -110.64 35.30 -48.95
C1 2AN RD . -117.57 42.74 -50.45
C2 2AN RD . -116.97 43.63 -49.61
C3 2AN RD . -116.21 44.70 -50.04
C4 2AN RD . -116.03 44.91 -51.35
C5 2AN RD . -116.60 44.05 -52.27
C6 2AN RD . -116.39 44.28 -53.66
C7 2AN RD . -116.92 43.49 -54.61
C8 2AN RD . -117.69 42.41 -54.23
N 2AN RD . -118.32 41.70 -49.88
S 2AN RD . -118.93 40.72 -52.57
C9 2AN RD . -117.92 42.14 -52.90
C10 2AN RD . -117.39 42.94 -51.85
C11 2AN RD . -118.01 40.53 -49.18
C12 2AN RD . -119.01 39.68 -48.71
C13 2AN RD . -118.68 38.51 -48.02
C14 2AN RD . -117.36 38.19 -47.80
C15 2AN RD . -116.38 39.01 -48.26
C16 2AN RD . -116.68 40.16 -48.95
O1 2AN RD . -118.79 39.78 -53.66
O2 2AN RD . -120.25 41.27 -52.41
O3 2AN RD . -118.48 40.18 -51.29
C1 2AN SD . -98.56 -10.56 -31.16
C2 2AN SD . -98.39 -9.50 -30.32
C3 2AN SD . -97.18 -9.24 -29.76
C4 2AN SD . -96.06 -10.03 -30.00
C5 2AN SD . -96.10 -11.08 -30.85
C6 2AN SD . -94.94 -11.80 -31.05
C7 2AN SD . -94.95 -12.90 -31.85
C8 2AN SD . -96.15 -13.27 -32.53
N 2AN SD . -99.76 -10.58 -31.76
S 2AN SD . -98.61 -13.07 -33.24
C9 2AN SD . -97.33 -12.61 -32.39
C10 2AN SD . -97.38 -11.43 -31.48
C11 2AN SD . -100.46 -9.42 -32.05
C12 2AN SD . -101.76 -9.58 -32.38
C13 2AN SD . -102.63 -8.54 -32.61
C14 2AN SD . -102.16 -7.26 -32.67
C15 2AN SD . -100.82 -7.06 -32.34
C16 2AN SD . -99.96 -8.16 -32.07
O1 2AN SD . -99.74 -13.15 -32.41
O2 2AN SD . -98.71 -11.84 -34.20
O3 2AN SD . -98.36 -14.27 -33.96
C1 2AN TD . -91.49 -21.49 -28.63
C2 2AN TD . -91.11 -22.80 -28.54
C3 2AN TD . -91.89 -23.80 -27.95
C4 2AN TD . -93.09 -23.49 -27.36
C5 2AN TD . -93.54 -22.19 -27.39
C6 2AN TD . -94.75 -21.88 -26.82
C7 2AN TD . -95.21 -20.60 -26.85
C8 2AN TD . -94.53 -19.57 -27.44
N 2AN TD . -90.79 -20.62 -29.40
S 2AN TD . -92.65 -18.51 -28.73
C9 2AN TD . -93.32 -19.75 -28.06
C10 2AN TD . -92.78 -21.14 -28.08
C11 2AN TD . -90.32 -21.04 -30.60
C12 2AN TD . -90.59 -22.29 -31.18
C13 2AN TD . -89.95 -22.62 -32.38
C14 2AN TD . -89.09 -21.73 -32.97
C15 2AN TD . -88.83 -20.50 -32.40
C16 2AN TD . -89.44 -20.16 -31.22
O1 2AN TD . -92.58 -18.95 -30.28
O2 2AN TD . -93.59 -17.42 -28.69
O3 2AN TD . -91.38 -18.06 -28.15
C1 2AN UD . -77.83 -4.07 -14.99
C2 2AN UD . -78.63 -5.18 -15.21
C3 2AN UD . -78.61 -6.27 -14.33
C4 2AN UD . -77.81 -6.29 -13.18
C5 2AN UD . -76.99 -5.23 -12.88
C6 2AN UD . -76.18 -5.22 -11.75
C7 2AN UD . -75.36 -4.13 -11.47
C8 2AN UD . -75.30 -3.00 -12.29
N 2AN UD . -77.85 -3.02 -15.84
S 2AN UD . -76.00 -1.62 -14.38
C9 2AN UD . -76.07 -2.91 -13.45
C10 2AN UD . -76.96 -4.05 -13.79
C11 2AN UD . -77.66 -3.24 -17.17
C12 2AN UD . -77.88 -2.21 -18.07
C13 2AN UD . -77.68 -2.42 -19.43
C14 2AN UD . -77.27 -3.66 -19.88
C15 2AN UD . -77.04 -4.70 -18.98
C16 2AN UD . -77.23 -4.48 -17.62
O1 2AN UD . -75.49 -1.99 -15.67
O2 2AN UD . -77.50 -0.99 -14.54
O3 2AN UD . -75.12 -0.65 -13.79
C1 2AN VD . -107.25 -19.95 -36.28
C2 2AN VD . -107.31 -21.22 -35.84
C3 2AN VD . -106.40 -22.21 -36.22
C4 2AN VD . -105.33 -21.92 -37.04
C5 2AN VD . -105.17 -20.66 -37.53
C6 2AN VD . -104.12 -20.35 -38.38
C7 2AN VD . -104.01 -19.06 -38.89
C8 2AN VD . -104.88 -18.03 -38.56
N 2AN VD . -108.05 -18.95 -35.84
S 2AN VD . -107.02 -17.15 -37.29
C9 2AN VD . -105.95 -18.27 -37.71
C10 2AN VD . -106.12 -19.62 -37.17
C11 2AN VD . -108.49 -18.89 -34.56
C12 2AN VD . -109.28 -17.86 -34.24
C13 2AN VD . -109.77 -17.76 -32.96
C14 2AN VD . -109.52 -18.71 -32.00
C15 2AN VD . -108.74 -19.73 -32.32
C16 2AN VD . -108.21 -19.82 -33.57
O1 2AN VD . -108.26 -17.33 -37.97
O2 2AN VD . -106.45 -15.87 -37.62
O3 2AN VD . -107.25 -17.18 -35.72
C1 2AN WD . -102.27 -14.49 -15.20
C2 2AN WD . -102.04 -13.73 -14.04
C3 2AN WD . -101.75 -12.37 -14.10
C4 2AN WD . -101.67 -11.69 -15.31
C5 2AN WD . -101.89 -12.38 -16.50
C6 2AN WD . -101.79 -11.72 -17.73
C7 2AN WD . -102.02 -12.37 -18.93
C8 2AN WD . -102.32 -13.75 -18.93
N 2AN WD . -102.63 -15.76 -15.21
S 2AN WD . -102.72 -15.98 -17.94
C9 2AN WD . -102.42 -14.47 -17.76
C10 2AN WD . -102.22 -13.80 -16.49
C11 2AN WD . -103.03 -16.38 -14.11
C12 2AN WD . -103.16 -15.76 -12.89
C13 2AN WD . -103.52 -16.48 -11.78
C14 2AN WD . -103.77 -17.84 -11.89
C15 2AN WD . -103.63 -18.45 -13.13
C16 2AN WD . -103.26 -17.72 -14.22
O1 2AN WD . -103.92 -16.60 -17.02
O2 2AN WD . -103.08 -15.98 -19.38
O3 2AN WD . -101.56 -16.78 -17.70
C1 2AN XD . -75.97 -19.13 -59.79
C2 2AN XD . -77.18 -19.32 -60.49
C3 2AN XD . -77.79 -18.32 -61.23
C4 2AN XD . -77.23 -17.05 -61.32
C5 2AN XD . -76.02 -16.75 -60.69
C6 2AN XD . -75.47 -15.47 -60.81
C7 2AN XD . -74.27 -15.16 -60.18
C8 2AN XD . -73.57 -16.11 -59.41
N 2AN XD . -75.33 -20.19 -59.23
S 2AN XD . -73.23 -18.47 -58.35
C9 2AN XD . -74.03 -17.40 -59.23
C10 2AN XD . -75.33 -17.79 -59.89
C11 2AN XD . -75.18 -21.36 -59.95
C12 2AN XD . -75.87 -21.72 -61.13
C13 2AN XD . -75.61 -22.93 -61.77
C14 2AN XD . -74.65 -23.80 -61.29
C15 2AN XD . -73.94 -23.46 -60.14
C16 2AN XD . -74.20 -22.25 -59.50
O1 2AN XD . -74.14 -18.83 -57.30
O2 2AN XD . -72.95 -19.76 -59.27
O3 2AN XD . -71.96 -18.02 -57.81
C1 2AN YD . -82.63 -5.03 -62.35
C2 2AN YD . -82.70 -5.89 -63.43
C3 2AN YD . -81.84 -5.87 -64.51
C4 2AN YD . -80.82 -4.95 -64.57
C5 2AN YD . -80.61 -4.07 -63.53
C6 2AN YD . -79.58 -3.15 -63.61
C7 2AN YD . -79.34 -2.23 -62.61
C8 2AN YD . -80.13 -2.16 -61.48
N 2AN YD . -83.42 -5.20 -61.22
S 2AN YD . -82.00 -2.75 -59.83
C9 2AN YD . -81.23 -3.01 -61.25
C10 2AN YD . -81.52 -4.02 -62.34
C11 2AN YD . -83.89 -6.40 -60.78
C12 2AN YD . -84.80 -6.35 -59.74
C13 2AN YD . -85.36 -7.49 -59.24
C14 2AN YD . -85.04 -8.69 -59.79
C15 2AN YD . -84.11 -8.78 -60.81
C16 2AN YD . -83.54 -7.62 -61.31
O1 2AN YD . -83.42 -2.93 -59.82
O2 2AN YD . -81.67 -1.41 -59.34
O3 2AN YD . -81.31 -3.70 -58.82
CAC FLC ZD . -87.61 -12.67 -68.51
CA FLC ZD . -86.66 -13.52 -67.71
CB FLC ZD . -85.18 -13.34 -68.04
CBC FLC ZD . -84.54 -12.28 -67.24
CG FLC ZD . -84.45 -14.66 -67.89
CGC FLC ZD . -84.21 -15.25 -69.27
OA1 FLC ZD . -87.75 -12.97 -69.73
OA2 FLC ZD . -88.23 -11.73 -67.94
OB1 FLC ZD . -84.80 -12.15 -66.03
OB2 FLC ZD . -83.73 -11.56 -67.89
OG1 FLC ZD . -84.49 -16.44 -69.44
OG2 FLC ZD . -83.75 -14.54 -70.18
OHB FLC ZD . -84.92 -12.90 -69.37
C1 2AN AE . -59.19 -14.59 -17.77
C2 2AN AE . -59.01 -13.56 -16.86
C3 2AN AE . -57.76 -13.29 -16.30
C4 2AN AE . -56.66 -14.04 -16.63
C5 2AN AE . -56.74 -15.07 -17.51
C6 2AN AE . -55.61 -15.77 -17.83
C7 2AN AE . -55.65 -16.81 -18.75
C8 2AN AE . -56.82 -17.17 -19.37
N 2AN AE . -60.36 -14.82 -18.42
S 2AN AE . -59.32 -16.99 -19.91
C9 2AN AE . -58.01 -16.49 -19.10
C10 2AN AE . -58.00 -15.39 -18.15
C11 2AN AE . -61.41 -13.93 -18.56
C12 2AN AE . -61.53 -12.72 -17.90
C13 2AN AE . -62.62 -11.88 -18.10
C14 2AN AE . -63.62 -12.22 -18.98
C15 2AN AE . -63.50 -13.40 -19.66
C16 2AN AE . -62.42 -14.26 -19.46
O1 2AN AE . -60.59 -17.60 -19.09
O2 2AN AE . -59.96 -15.97 -20.69
O3 2AN AE . -58.79 -18.07 -20.70
C1 2AN BE . -52.81 -36.64 -12.39
C2 2AN BE . -52.92 -35.39 -12.97
C3 2AN BE . -53.32 -35.16 -14.26
C4 2AN BE . -53.67 -36.18 -15.10
C5 2AN BE . -53.62 -37.48 -14.66
C6 2AN BE . -53.97 -38.54 -15.50
C7 2AN BE . -53.93 -39.87 -15.08
C8 2AN BE . -53.54 -40.22 -13.79
N 2AN BE . -52.53 -36.82 -11.04
S 2AN BE . -52.76 -39.68 -11.42
C9 2AN BE . -53.18 -39.23 -12.87
C10 2AN BE . -53.20 -37.79 -13.26
C11 2AN BE . -52.89 -35.98 -10.07
C12 2AN BE . -52.61 -36.39 -8.79
C13 2AN BE . -52.93 -35.56 -7.71
C14 2AN BE . -53.56 -34.34 -7.90
C15 2AN BE . -53.87 -33.94 -9.18
C16 2AN BE . -53.55 -34.77 -10.24
O1 2AN BE . -53.35 -38.63 -10.33
O2 2AN BE . -53.31 -40.94 -11.10
O3 2AN BE . -51.32 -39.79 -11.36
C1 2AN CE . -62.10 -19.49 -1.92
C2 2AN CE . -62.56 -20.80 -1.97
C3 2AN CE . -62.94 -21.37 -3.17
C4 2AN CE . -62.90 -20.68 -4.39
C5 2AN CE . -62.45 -19.36 -4.43
C6 2AN CE . -62.39 -18.65 -5.62
C7 2AN CE . -61.94 -17.32 -5.62
C8 2AN CE . -61.53 -16.67 -4.46
N 2AN CE . -61.72 -18.94 -0.73
S 2AN CE . -61.09 -16.55 -1.90
C9 2AN CE . -61.56 -17.30 -3.23
C10 2AN CE . -62.03 -18.71 -3.17
C11 2AN CE . -62.60 -18.88 0.29
C12 2AN CE . -62.18 -18.44 1.54
C13 2AN CE . -63.09 -18.37 2.59
C14 2AN CE . -64.41 -18.75 2.39
C15 2AN CE . -64.83 -19.19 1.14
C16 2AN CE . -63.92 -19.25 0.09
O1 2AN CE . -62.19 -16.47 -0.98
O2 2AN CE . -60.65 -15.22 -2.25
O3 2AN CE . -59.86 -17.37 -1.22
C1 2AN DE . -52.93 -22.52 -15.56
C2 2AN DE . -53.20 -23.46 -16.51
C3 2AN DE . -52.53 -23.55 -17.72
C4 2AN DE . -51.51 -22.68 -18.04
C5 2AN DE . -51.13 -21.70 -17.13
C6 2AN DE . -50.11 -20.82 -17.44
C7 2AN DE . -49.70 -19.82 -16.57
C8 2AN DE . -50.31 -19.66 -15.34
N 2AN DE . -53.57 -22.76 -14.41
S 2AN DE . -51.95 -20.28 -13.53
C9 2AN DE . -51.33 -20.50 -14.94
C10 2AN DE . -51.81 -21.58 -15.83
C11 2AN DE . -53.76 -24.06 -14.15
C12 2AN DE . -53.17 -25.05 -14.92
C13 2AN DE . -53.45 -26.40 -14.68
C14 2AN DE . -54.32 -26.77 -13.67
C15 2AN DE . -54.90 -25.77 -12.90
C16 2AN DE . -54.63 -24.44 -13.13
O1 2AN DE . -53.34 -20.03 -13.73
O2 2AN DE . -51.73 -21.60 -12.59
O3 2AN DE . -51.26 -19.14 -12.98
C1 2AN EE . -34.94 -11.56 -53.81
C2 2AN EE . -34.19 -11.63 -54.96
C3 2AN EE . -34.05 -12.84 -55.64
C4 2AN EE . -34.67 -13.97 -55.25
C5 2AN EE . -35.46 -13.98 -54.17
C6 2AN EE . -36.06 -15.12 -53.77
C7 2AN EE . -36.90 -15.12 -52.65
C8 2AN EE . -37.11 -14.00 -51.87
N 2AN EE . -35.22 -10.36 -53.35
S 2AN EE . -36.85 -11.54 -51.39
C9 2AN EE . -36.51 -12.83 -52.21
C10 2AN EE . -35.66 -12.75 -53.39
C11 2AN EE . -35.69 -9.47 -54.26
C12 2AN EE . -36.01 -8.22 -53.73
C13 2AN EE . -36.43 -7.21 -54.54
C14 2AN EE . -36.61 -7.45 -55.88
C15 2AN EE . -36.34 -8.68 -56.40
C16 2AN EE . -35.89 -9.71 -55.60
O1 2AN EE . -37.55 -10.53 -52.40
O2 2AN EE . -37.74 -12.08 -50.44
O3 2AN EE . -35.63 -10.84 -50.96
C1 2AN FE . -31.16 -15.52 -45.48
C2 2AN FE . -31.43 -16.87 -45.22
C3 2AN FE . -30.56 -17.73 -44.61
C4 2AN FE . -29.32 -17.33 -44.20
C5 2AN FE . -28.92 -16.01 -44.40
C6 2AN FE . -27.66 -15.66 -43.95
C7 2AN FE . -27.19 -14.36 -44.13
C8 2AN FE . -27.95 -13.35 -44.74
N 2AN FE . -32.08 -14.71 -46.10
S 2AN FE . -30.00 -12.29 -45.86
C9 2AN FE . -29.24 -13.58 -45.23
C10 2AN FE . -29.81 -14.99 -45.06
C11 2AN FE . -33.31 -15.01 -46.66
C12 2AN FE . -33.90 -14.07 -47.49
C13 2AN FE . -35.13 -14.27 -48.12
C14 2AN FE . -35.81 -15.45 -47.93
C15 2AN FE . -35.25 -16.43 -47.13
C16 2AN FE . -34.02 -16.20 -46.49
O1 2AN FE . -30.50 -12.50 -47.20
O2 2AN FE . -31.12 -12.02 -44.75
O3 2AN FE . -29.25 -11.05 -45.95
C1 2AN GE . -42.77 -12.56 -54.01
C2 2AN GE . -41.56 -12.01 -54.42
C3 2AN GE . -40.84 -11.13 -53.63
C4 2AN GE . -41.29 -10.75 -52.37
C5 2AN GE . -42.47 -11.24 -51.84
C6 2AN GE . -42.92 -10.86 -50.59
C7 2AN GE . -44.10 -11.37 -50.08
C8 2AN GE . -44.89 -12.26 -50.79
N 2AN GE . -43.50 -13.53 -54.65
S 2AN GE . -45.40 -13.69 -52.92
C9 2AN GE . -44.52 -12.68 -52.06
C10 2AN GE . -43.26 -12.17 -52.65
C11 2AN GE . -43.01 -14.54 -55.43
C12 2AN GE . -43.87 -15.64 -55.59
C13 2AN GE . -43.51 -16.74 -56.34
C14 2AN GE . -42.26 -16.78 -56.94
C15 2AN GE . -41.39 -15.72 -56.79
C16 2AN GE . -41.76 -14.61 -56.03
O1 2AN GE . -46.77 -13.62 -52.50
O2 2AN GE . -44.97 -15.06 -52.78
O3 2AN GE . -45.23 -13.17 -54.48
C1 2AN HE . -35.41 10.40 -47.68
C2 2AN HE . -35.85 10.15 -46.39
C3 2AN HE . -35.72 8.94 -45.75
C4 2AN HE . -35.11 7.88 -46.36
C5 2AN HE . -34.65 8.00 -47.65
C6 2AN HE . -34.07 6.93 -48.26
C7 2AN HE . -33.58 7.03 -49.54
C8 2AN HE . -33.66 8.20 -50.28
N 2AN HE . -35.60 11.58 -48.33
S 2AN HE . -34.30 10.58 -50.69
C9 2AN HE . -34.25 9.33 -49.75
C10 2AN HE . -34.76 9.28 -48.38
C11 2AN HE . -36.32 12.63 -47.84
C12 2AN HE . -36.29 13.82 -48.52
C13 2AN HE . -37.00 14.94 -48.07
C14 2AN HE . -37.73 14.87 -46.92
C15 2AN HE . -37.81 13.68 -46.23
C16 2AN HE . -37.11 12.59 -46.69
O1 2AN HE . -35.57 10.78 -51.35
O2 2AN HE . -33.95 11.99 -50.02
O3 2AN HE . -33.34 10.20 -51.71
C1 2AN IE . -61.77 12.57 -42.59
C2 2AN IE . -62.31 12.87 -41.36
C3 2AN IE . -63.06 14.01 -41.14
C4 2AN IE . -63.33 14.90 -42.16
C5 2AN IE . -62.85 14.68 -43.44
C6 2AN IE . -63.14 15.59 -44.46
C7 2AN IE . -62.64 15.40 -45.72
C8 2AN IE . -61.86 14.29 -46.03
N 2AN IE . -61.02 11.46 -42.73
S 2AN IE . -60.63 12.08 -45.57
C9 2AN IE . -61.52 13.32 -45.09
C10 2AN IE . -62.03 13.49 -43.72
C11 2AN IE . -60.74 10.66 -41.67
C12 2AN IE . -60.09 9.47 -41.85
C13 2AN IE . -59.80 8.63 -40.80
C14 2AN IE . -60.19 8.95 -39.51
C15 2AN IE . -60.86 10.16 -39.32
C16 2AN IE . -61.13 11.01 -40.39
O1 2AN IE . -61.61 10.77 -45.55
O2 2AN IE . -60.15 12.34 -46.91
O3 2AN IE . -59.45 11.91 -44.76
C1 2AN JE . -42.97 -6.37 -48.15
C2 2AN JE . -43.02 -7.25 -49.19
C3 2AN JE . -42.15 -7.18 -50.27
C4 2AN JE . -41.17 -6.28 -50.33
C5 2AN JE . -41.03 -5.35 -49.30
C6 2AN JE . -40.03 -4.42 -49.37
C7 2AN JE . -39.90 -3.48 -48.40
C8 2AN JE . -40.75 -3.46 -47.30
N 2AN JE . -43.74 -6.52 -47.07
S 2AN JE . -42.63 -4.21 -45.82
C9 2AN JE . -41.74 -4.35 -47.11
C10 2AN JE . -41.94 -5.34 -48.16
C11 2AN JE . -44.21 -7.73 -46.69
C12 2AN JE . -45.16 -7.75 -45.68
C13 2AN JE . -45.72 -8.92 -45.26
C14 2AN JE . -45.33 -10.11 -45.84
C15 2AN JE . -44.38 -10.11 -46.84
C16 2AN JE . -43.81 -8.93 -47.26
O1 2AN JE . -42.51 -5.43 -45.08
O2 2AN JE . -43.97 -3.88 -46.18
O3 2AN JE . -42.11 -2.97 -44.95
S SO4 KE . -37.59 -4.01 -38.35
O1 SO4 KE . -37.48 -5.31 -39.05
O2 SO4 KE . -39.01 -3.85 -37.97
O3 SO4 KE . -36.72 -3.95 -37.14
O4 SO4 KE . -37.16 -2.88 -39.18
S SO4 LE . -28.76 -9.68 -41.13
O1 SO4 LE . -28.98 -10.46 -42.35
O2 SO4 LE . -30.01 -9.12 -40.57
O3 SO4 LE . -27.86 -8.55 -41.37
O4 SO4 LE . -28.11 -10.59 -40.16
S SO4 ME . -28.77 -7.36 -44.44
O1 SO4 ME . -29.09 -6.32 -45.47
O2 SO4 ME . -29.94 -7.60 -43.58
O3 SO4 ME . -28.35 -8.62 -45.10
O4 SO4 ME . -27.76 -6.76 -43.53
C1 2AN NE . -19.85 -18.93 0.52
C2 2AN NE . -19.77 -17.89 1.42
C3 2AN NE . -18.59 -17.63 2.10
C4 2AN NE . -17.43 -18.39 1.91
C5 2AN NE . -17.42 -19.44 1.02
C6 2AN NE . -16.26 -20.18 0.85
C7 2AN NE . -16.25 -21.23 -0.03
C8 2AN NE . -17.38 -21.59 -0.79
N 2AN NE . -20.96 -19.17 -0.21
S 2AN NE . -19.84 -21.30 -1.54
C9 2AN NE . -18.58 -20.91 -0.66
C10 2AN NE . -18.63 -19.77 0.27
C11 2AN NE . -21.99 -18.32 -0.32
C12 2AN NE . -23.11 -18.73 -1.02
C13 2AN NE . -24.23 -17.91 -1.14
C14 2AN NE . -24.23 -16.66 -0.59
C15 2AN NE . -23.10 -16.26 0.06
C16 2AN NE . -21.97 -17.05 0.19
O1 2AN NE . -21.00 -21.45 -0.76
O2 2AN NE . -20.07 -20.04 -2.47
O3 2AN NE . -19.65 -22.41 -2.38
C1 2AN OE . -12.78 -29.92 3.06
C2 2AN OE . -12.43 -31.26 3.20
C3 2AN OE . -13.20 -32.16 3.94
C4 2AN OE . -14.38 -31.77 4.58
C5 2AN OE . -14.82 -30.46 4.48
C6 2AN OE . -15.98 -30.07 5.10
C7 2AN OE . -16.42 -28.76 4.99
C8 2AN OE . -15.72 -27.79 4.29
N 2AN OE . -12.13 -29.05 2.25
S 2AN OE . -13.79 -26.93 2.79
C9 2AN OE . -14.55 -28.07 3.62
C10 2AN OE . -14.03 -29.47 3.70
C11 2AN OE . -11.43 -29.32 1.16
C12 2AN OE . -11.25 -30.57 0.59
C13 2AN OE . -10.47 -30.69 -0.55
C14 2AN OE . -9.90 -29.57 -1.15
C15 2AN OE . -10.12 -28.32 -0.60
C16 2AN OE . -10.87 -28.20 0.55
O1 2AN OE . -13.60 -27.44 1.26
O2 2AN OE . -14.57 -25.74 2.61
O3 2AN OE . -12.53 -26.67 3.47
C1 2AN PE . -28.18 -28.62 -4.66
C2 2AN PE . -28.08 -29.94 -4.30
C3 2AN PE . -27.12 -30.77 -4.82
C4 2AN PE . -26.18 -30.31 -5.73
C5 2AN PE . -26.17 -29.01 -6.13
C6 2AN PE . -25.25 -28.56 -7.06
C7 2AN PE . -25.24 -27.23 -7.50
C8 2AN PE . -26.16 -26.30 -7.05
N 2AN PE . -29.02 -27.74 -4.09
S 2AN PE . -28.09 -25.52 -5.68
C9 2AN PE . -27.10 -26.66 -6.12
C10 2AN PE . -27.17 -28.08 -5.63
C11 2AN PE . -29.57 -27.79 -2.86
C12 2AN PE . -29.36 -28.77 -1.90
C13 2AN PE . -30.01 -28.70 -0.67
C14 2AN PE . -30.88 -27.68 -0.39
C15 2AN PE . -31.09 -26.71 -1.35
C16 2AN PE . -30.45 -26.77 -2.56
O1 2AN PE . -29.00 -25.92 -4.64
O2 2AN PE . -28.78 -25.11 -6.88
O3 2AN PE . -27.25 -24.24 -5.16
C1 2AN QE . -23.01 -22.97 16.89
C2 2AN QE . -22.65 -22.27 18.05
C3 2AN QE . -22.26 -20.93 18.01
C4 2AN QE . -22.20 -20.23 16.80
C5 2AN QE . -22.56 -20.83 15.63
C6 2AN QE . -22.52 -20.15 14.44
C7 2AN QE . -22.85 -20.74 13.22
C8 2AN QE . -23.24 -22.06 13.13
N 2AN QE . -23.51 -24.23 16.91
S 2AN QE . -23.74 -24.31 14.20
C9 2AN QE . -23.33 -22.81 14.29
C10 2AN QE . -22.99 -22.23 15.61
C11 2AN QE . -24.13 -24.75 17.99
C12 2AN QE . -24.65 -26.04 17.86
C13 2AN QE . -25.30 -26.65 18.93
C14 2AN QE . -25.44 -25.99 20.14
C15 2AN QE . -24.95 -24.70 20.28
C16 2AN QE . -24.31 -24.08 19.21
O1 2AN QE . -24.85 -24.75 15.31
O2 2AN QE . -24.13 -24.61 12.83
O3 2AN QE . -22.53 -24.98 14.54
C1 2AN RE . -24.22 -33.33 -3.43
C2 2AN RE . -24.81 -34.29 -2.62
C3 2AN RE . -25.13 -35.56 -3.08
C4 2AN RE . -24.90 -35.96 -4.39
C5 2AN RE . -24.33 -35.08 -5.29
C6 2AN RE . -24.11 -35.53 -6.59
C7 2AN RE . -23.54 -34.68 -7.53
C8 2AN RE . -23.16 -33.39 -7.20
N 2AN RE . -24.03 -32.04 -2.98
S 2AN RE . -22.88 -31.33 -5.67
C9 2AN RE . -23.36 -32.84 -5.93
C10 2AN RE . -23.97 -33.71 -4.86
C11 2AN RE . -24.85 -31.40 -2.06
C12 2AN RE . -24.80 -30.01 -2.02
C13 2AN RE . -25.61 -29.27 -1.15
C14 2AN RE . -26.51 -29.89 -0.29
C15 2AN RE . -26.59 -31.27 -0.31
C16 2AN RE . -25.78 -32.01 -1.19
O1 2AN RE . -23.83 -30.55 -4.93
O2 2AN RE . -22.62 -30.70 -6.94
O3 2AN RE . -21.52 -31.38 -4.79
C1 2AN SE . 2.28 -11.33 19.00
C2 2AN SE . 3.64 -11.01 19.09
C3 2AN SE . 4.19 -9.89 18.49
C4 2AN SE . 3.44 -9.04 17.70
C5 2AN SE . 2.08 -9.28 17.49
C6 2AN SE . 1.36 -8.39 16.70
C7 2AN SE . -0.02 -8.56 16.45
C8 2AN SE . -0.72 -9.64 16.99
N 2AN SE . 1.93 -12.55 19.45
S 2AN SE . -1.11 -11.76 18.33
C9 2AN SE . -0.10 -10.60 17.82
C10 2AN SE . 1.39 -10.45 18.12
C11 2AN SE . 1.57 -13.50 18.55
C12 2AN SE . 1.30 -13.31 17.18
C13 2AN SE . 0.92 -14.38 16.38
C14 2AN SE . 0.83 -15.65 16.92
C15 2AN SE . 1.10 -15.85 18.26
C16 2AN SE . 1.47 -14.80 19.06
O1 2AN SE . -2.48 -11.13 18.96
O2 2AN SE . -1.47 -12.54 17.19
O3 2AN SE . -0.50 -12.57 19.35
C1 2AN TE . 3.60 -17.51 -37.86
C2 2AN TE . 4.07 -17.45 -39.17
C3 2AN TE . 4.18 -18.59 -39.97
C4 2AN TE . 3.79 -19.84 -39.55
C5 2AN TE . 3.27 -20.01 -38.30
C6 2AN TE . 2.91 -21.28 -37.91
C7 2AN TE . 2.39 -21.55 -36.66
C8 2AN TE . 2.20 -20.53 -35.76
N 2AN TE . 3.31 -16.32 -37.31
S 2AN TE . 2.26 -18.22 -34.91
C9 2AN TE . 2.55 -19.23 -36.07
C10 2AN TE . 3.12 -18.86 -37.38
C11 2AN TE . 2.28 -15.64 -37.98
C12 2AN TE . 1.63 -14.59 -37.32
C13 2AN TE . 0.56 -13.89 -37.90
C14 2AN TE . 0.10 -14.21 -39.16
C15 2AN TE . 0.69 -15.26 -39.84
C16 2AN TE . 1.76 -15.97 -39.26
O1 2AN TE . 1.27 -17.26 -35.26
O2 2AN TE . 1.57 -19.16 -33.79
O3 2AN TE . 3.51 -17.57 -34.61
C1 2AN UE . -3.79 -12.75 -30.28
C2 2AN UE . -3.96 -13.59 -31.37
C3 2AN UE . -3.12 -13.53 -32.49
C4 2AN UE . -2.09 -12.62 -32.59
C5 2AN UE . -1.85 -11.78 -31.53
C6 2AN UE . -0.80 -10.89 -31.66
C7 2AN UE . -0.47 -10.00 -30.66
C8 2AN UE . -1.20 -9.94 -29.49
N 2AN UE . -4.55 -12.91 -29.15
S 2AN UE . -2.94 -10.51 -27.81
C9 2AN UE . -2.27 -10.75 -29.24
C10 2AN UE . -2.66 -11.76 -30.31
C11 2AN UE . -5.07 -14.10 -28.71
C12 2AN UE . -4.88 -15.32 -29.29
C13 2AN UE . -5.48 -16.47 -28.74
C14 2AN UE . -6.25 -16.38 -27.61
C15 2AN UE . -6.43 -15.15 -27.00
C16 2AN UE . -5.84 -14.03 -27.54
O1 2AN UE . -4.31 -10.05 -27.83
O2 2AN UE . -2.86 -11.80 -26.91
O3 2AN UE . -2.19 -9.57 -27.04
C1 2AN VE . 9.18 -15.58 -28.31
C2 2AN VE . 9.41 -14.36 -27.62
C3 2AN VE . 10.48 -13.51 -27.91
C4 2AN VE . 11.41 -13.82 -28.89
C5 2AN VE . 11.32 -14.99 -29.60
C6 2AN VE . 12.24 -15.28 -30.61
C7 2AN VE . 12.12 -16.46 -31.34
C8 2AN VE . 11.09 -17.40 -31.14
N 2AN VE . 8.19 -16.50 -28.08
S 2AN VE . 8.89 -18.28 -29.98
C9 2AN VE . 10.09 -17.20 -30.18
C10 2AN VE . 10.19 -15.94 -29.35
C11 2AN VE . 7.43 -16.61 -26.98
C12 2AN VE . 6.89 -17.87 -26.70
C13 2AN VE . 6.15 -18.06 -25.55
C14 2AN VE . 5.93 -17.04 -24.64
C15 2AN VE . 6.48 -15.80 -24.91
C16 2AN VE . 7.21 -15.60 -26.06
O1 2AN VE . 7.46 -17.58 -30.38
O2 2AN VE . 9.05 -19.39 -30.87
O3 2AN VE . 8.80 -18.77 -28.64
C1 2AN WE . 0.00 -8.78 -21.40
C2 2AN WE . -0.67 -9.85 -22.00
C3 2AN WE . -1.96 -9.75 -22.48
C4 2AN WE . -2.69 -8.57 -22.37
C5 2AN WE . -2.11 -7.46 -21.76
C6 2AN WE . -2.80 -6.27 -21.63
C7 2AN WE . -2.25 -5.15 -21.05
C8 2AN WE . -0.95 -5.14 -20.54
N 2AN WE . 1.27 -8.79 -20.95
S 2AN WE . 1.33 -6.24 -20.03
C9 2AN WE . -0.16 -6.28 -20.61
C10 2AN WE . -0.74 -7.50 -21.24
C11 2AN WE . 2.14 -9.78 -21.03
C12 2AN WE . 1.90 -10.95 -21.75
C13 2AN WE . 2.83 -11.97 -21.75
C14 2AN WE . 3.98 -11.80 -21.02
C15 2AN WE . 4.22 -10.64 -20.29
C16 2AN WE . 3.30 -9.62 -20.29
O1 2AN WE . 2.35 -6.53 -21.28
O2 2AN WE . 1.62 -4.96 -19.44
O3 2AN WE . 1.53 -7.27 -19.06
CAC FLC XE . 7.80 -25.44 -26.16
CA FLC XE . 6.41 -24.95 -25.80
CB FLC XE . 5.39 -25.77 -26.58
CBC FLC XE . 5.11 -26.95 -25.70
CG FLC XE . 4.17 -24.97 -27.07
CGC FLC XE . 3.32 -25.78 -28.02
OA1 FLC XE . 8.33 -24.93 -27.17
OA2 FLC XE . 8.35 -26.32 -25.46
OB1 FLC XE . 3.99 -27.10 -25.16
OB2 FLC XE . 6.03 -27.74 -25.55
OG1 FLC XE . 2.35 -25.28 -28.64
OG2 FLC XE . 3.62 -26.97 -28.17
OHB FLC XE . 6.04 -26.22 -27.76
CAC FLC YE . -5.61 -22.09 -37.71
CA FLC YE . -6.66 -21.13 -37.12
CB FLC YE . -6.25 -20.36 -35.85
CBC FLC YE . -6.04 -21.36 -34.72
CG FLC YE . -5.01 -19.47 -36.12
CGC FLC YE . -4.70 -18.37 -35.10
OA1 FLC YE . -5.98 -23.22 -38.05
OA2 FLC YE . -4.43 -21.74 -37.85
OB1 FLC YE . -5.98 -22.59 -34.96
OB2 FLC YE . -5.98 -20.91 -33.55
OG1 FLC YE . -5.39 -18.33 -34.04
OG2 FLC YE . -3.75 -17.55 -35.33
OHB FLC YE . -7.37 -19.56 -35.46
C1 2AN ZE . 28.35 -32.19 19.62
C2 2AN ZE . 28.75 -33.51 19.87
C3 2AN ZE . 27.96 -34.44 20.50
C4 2AN ZE . 26.68 -34.08 20.92
C5 2AN ZE . 26.15 -32.81 20.70
C6 2AN ZE . 24.88 -32.52 21.14
C7 2AN ZE . 24.31 -31.28 20.94
C8 2AN ZE . 25.01 -30.24 20.31
N 2AN ZE . 29.15 -31.41 18.84
S 2AN ZE . 26.99 -29.09 19.09
C9 2AN ZE . 26.32 -30.39 19.81
C10 2AN ZE . 26.96 -31.76 20.01
C11 2AN ZE . 29.65 -31.82 17.65
C12 2AN ZE . 29.62 -33.08 17.10
C13 2AN ZE . 30.20 -33.30 15.84
C14 2AN ZE . 30.75 -32.25 15.12
C15 2AN ZE . 30.75 -30.99 15.65
C16 2AN ZE . 30.19 -30.77 16.89
O1 2AN ZE . 26.98 -29.26 17.45
O2 2AN ZE . 26.22 -27.91 19.21
O3 2AN ZE . 28.31 -28.86 19.67
C1 2AN AF . 23.75 -8.83 27.01
C2 2AN AF . 24.14 -9.21 25.72
C3 2AN AF . 23.56 -10.28 25.04
C4 2AN AF . 22.54 -11.06 25.57
C5 2AN AF . 22.07 -10.78 26.84
C6 2AN AF . 21.05 -11.55 27.38
C7 2AN AF . 20.56 -11.30 28.66
C8 2AN AF . 21.06 -10.26 29.44
N 2AN AF . 24.32 -7.78 27.70
S 2AN AF . 22.63 -8.23 29.86
C9 2AN AF . 22.09 -9.43 28.98
C10 2AN AF . 22.66 -9.66 27.62
C11 2AN AF . 25.31 -6.90 27.34
C12 2AN AF . 25.57 -5.87 28.24
C13 2AN AF . 26.53 -4.90 27.99
C14 2AN AF . 27.26 -4.92 26.80
C15 2AN AF . 27.02 -5.92 25.89
C16 2AN AF . 26.05 -6.90 26.16
O1 2AN AF . 22.44 -6.91 28.92
O2 2AN AF . 21.81 -8.03 31.02
O3 2AN AF . 23.99 -8.52 30.22
C1 2AN BF . 21.40 -20.95 16.47
C2 2AN BF . 21.44 -19.86 17.34
C3 2AN BF . 22.58 -19.53 18.08
C4 2AN BF . 23.75 -20.26 17.98
C5 2AN BF . 23.81 -21.34 17.15
C6 2AN BF . 25.00 -22.04 17.06
C7 2AN BF . 25.09 -23.15 16.22
C8 2AN BF . 24.02 -23.60 15.44
N 2AN BF . 20.35 -21.25 15.67
S 2AN BF . 21.64 -23.61 14.48
C9 2AN BF . 22.77 -22.97 15.44
C10 2AN BF . 22.62 -21.77 16.34
C11 2AN BF . 19.26 -20.48 15.36
C12 2AN BF . 19.10 -19.13 15.67
C13 2AN BF . 17.90 -18.47 15.38
C14 2AN BF . 16.86 -19.13 14.76
C15 2AN BF . 17.01 -20.47 14.48
C16 2AN BF . 18.20 -21.12 14.75
O1 2AN BF . 20.55 -24.18 15.23
O2 2AN BF . 20.85 -22.61 13.50
O3 2AN BF . 22.29 -24.66 13.72
C1 2AN CF . 18.20 -38.68 9.07
C2 2AN CF . 18.72 -39.24 7.91
C3 2AN CF . 18.05 -39.25 6.69
C4 2AN CF . 16.80 -38.69 6.55
C5 2AN CF . 16.17 -38.11 7.64
C6 2AN CF . 14.93 -37.55 7.49
C7 2AN CF . 14.28 -36.95 8.56
C8 2AN CF . 14.86 -36.89 9.84
N 2AN CF . 18.80 -38.65 10.29
S 2AN CF . 16.76 -37.29 11.58
C9 2AN CF . 16.13 -37.41 10.09
C10 2AN CF . 16.84 -38.07 8.96
C11 2AN CF . 20.02 -39.12 10.70
C12 2AN CF . 20.43 -38.78 11.99
C13 2AN CF . 21.66 -39.20 12.48
C14 2AN CF . 22.51 -39.95 11.68
C15 2AN CF . 22.13 -40.29 10.39
C16 2AN CF . 20.89 -39.88 9.91
O1 2AN CF . 16.93 -38.63 12.11
O2 2AN CF . 15.97 -36.50 12.49
O3 2AN CF . 18.19 -36.50 11.49
C1 2AN DF . 16.54 -26.95 31.15
C2 2AN DF . 16.35 -27.82 30.08
C3 2AN DF . 16.53 -27.44 28.74
C4 2AN DF . 16.91 -26.15 28.37
C5 2AN DF . 17.12 -25.20 29.35
C6 2AN DF . 17.49 -23.91 29.02
C7 2AN DF . 17.69 -22.98 30.04
C8 2AN DF . 17.53 -23.28 31.40
N 2AN DF . 16.33 -27.16 32.48
S 2AN DF . 16.93 -24.89 33.34
C9 2AN DF . 17.13 -24.54 31.80
C10 2AN DF . 16.93 -25.58 30.77
C11 2AN DF . 15.63 -28.12 33.13
C12 2AN DF . 15.44 -27.92 34.50
C13 2AN DF . 14.73 -28.84 35.27
C14 2AN DF . 14.19 -29.97 34.66
C15 2AN DF . 14.36 -30.19 33.29
C16 2AN DF . 15.07 -29.27 32.53
O1 2AN DF . 15.60 -25.34 33.64
O2 2AN DF . 17.18 -23.68 34.10
O3 2AN DF . 17.94 -26.12 33.74
C1 2AN EF . 11.13 -31.21 13.08
C2 2AN EF . 10.27 -30.63 14.02
C3 2AN EF . 10.54 -30.65 15.38
C4 2AN EF . 11.70 -31.17 15.88
C5 2AN EF . 12.69 -31.71 15.05
C6 2AN EF . 13.87 -32.23 15.59
C7 2AN EF . 14.82 -32.79 14.79
C8 2AN EF . 14.66 -32.85 13.44
N 2AN EF . 10.85 -30.92 11.80
S 2AN EF . 13.57 -32.45 11.21
C9 2AN EF . 13.54 -32.38 12.79
C10 2AN EF . 12.45 -31.74 13.58
C11 2AN EF . 11.34 -29.75 11.34
C12 2AN EF . 10.80 -29.30 10.13
C13 2AN EF . 11.21 -28.11 9.54
C14 2AN EF . 12.17 -27.34 10.18
C15 2AN EF . 12.69 -27.79 11.38
C16 2AN EF . 12.28 -28.97 11.97
O1 2AN EF . 12.69 -33.67 10.58
O2 2AN EF . 13.03 -31.20 10.80
O3 2AN EF . 14.94 -32.40 10.72
C1 2AN FF . 47.01 -23.27 -13.30
C2 2AN FF . 46.72 -24.59 -13.04
C3 2AN FF . 47.68 -25.53 -12.70
C4 2AN FF . 49.01 -25.21 -12.56
C5 2AN FF . 49.42 -23.92 -12.79
C6 2AN FF . 50.78 -23.69 -12.63
C7 2AN FF . 51.32 -22.42 -12.85
C8 2AN FF . 50.52 -21.35 -13.21
N 2AN FF . 45.97 -22.51 -13.74
S 2AN FF . 48.46 -20.06 -13.78
C9 2AN FF . 49.13 -21.46 -13.39
C10 2AN FF . 48.46 -22.83 -13.20
C11 2AN FF . 44.89 -22.92 -14.49
C12 2AN FF . 44.06 -21.92 -14.99
C13 2AN FF . 42.91 -22.14 -15.75
C14 2AN FF . 42.56 -23.43 -16.08
C15 2AN FF . 43.37 -24.47 -15.62
C16 2AN FF . 44.51 -24.22 -14.86
O1 2AN FF . 47.69 -20.15 -14.99
O2 2AN FF . 47.68 -19.47 -12.46
O3 2AN FF . 49.40 -19.03 -14.15
C1 2AN GF . 43.27 2.47 -15.28
C2 2AN GF . 42.76 2.35 -14.00
C3 2AN GF . 42.81 1.16 -13.28
C4 2AN GF . 43.36 0.03 -13.82
C5 2AN GF . 43.88 0.03 -15.08
C6 2AN GF . 44.42 -1.15 -15.56
C7 2AN GF . 44.96 -1.17 -16.84
C8 2AN GF . 44.98 -0.05 -17.66
N 2AN GF . 43.16 3.62 -15.99
S 2AN GF . 44.54 2.40 -18.36
C9 2AN GF . 44.45 1.19 -17.27
C10 2AN GF . 43.86 1.26 -15.90
C11 2AN GF . 42.39 4.68 -15.63
C12 2AN GF . 42.47 5.80 -16.46
C13 2AN GF . 41.73 6.94 -16.15
C14 2AN GF . 40.92 6.97 -15.04
C15 2AN GF . 40.84 5.86 -14.22
C16 2AN GF . 41.56 4.72 -14.52
O1 2AN GF . 43.36 2.55 -19.19
O2 2AN GF . 44.72 3.84 -17.66
O3 2AN GF . 45.63 2.07 -19.23
C1 2AN HF . 35.70 -14.25 -15.69
C2 2AN HF . 35.72 -15.06 -16.82
C3 2AN HF . 36.62 -14.89 -17.86
C4 2AN HF . 37.60 -13.94 -17.84
C5 2AN HF . 37.69 -13.09 -16.77
C6 2AN HF . 38.68 -12.12 -16.79
C7 2AN HF . 38.79 -11.25 -15.74
C8 2AN HF . 37.95 -11.30 -14.64
N 2AN HF . 34.87 -14.51 -14.64
S 2AN HF . 36.02 -12.18 -13.20
C9 2AN HF . 36.93 -12.22 -14.51
C10 2AN HF . 36.76 -13.20 -15.63
C11 2AN HF . 34.38 -15.72 -14.28
C12 2AN HF . 34.63 -16.94 -14.90
C13 2AN HF . 34.04 -18.11 -14.45
C14 2AN HF . 33.19 -18.09 -13.35
C15 2AN HF . 32.94 -16.89 -12.71
C16 2AN HF . 33.53 -15.73 -13.16
O1 2AN HF . 34.63 -12.25 -13.59
O2 2AN HF . 36.21 -10.99 -12.42
O3 2AN HF . 36.36 -13.42 -12.20
C1 2AN IF . 33.60 -21.52 -19.14
C2 2AN IF . 33.52 -21.50 -17.76
C3 2AN IF . 34.28 -20.63 -17.01
C4 2AN IF . 35.18 -19.72 -17.58
C5 2AN IF . 35.32 -19.67 -18.94
C6 2AN IF . 36.20 -18.78 -19.55
C7 2AN IF . 36.33 -18.75 -20.92
C8 2AN IF . 35.60 -19.58 -21.77
N 2AN IF . 32.85 -22.37 -19.85
S 2AN IF . 33.87 -21.45 -22.20
C9 2AN IF . 34.71 -20.50 -21.25
C10 2AN IF . 34.53 -20.58 -19.79
C11 2AN IF . 33.25 -23.63 -20.09
C12 2AN IF . 34.30 -24.18 -19.38
C13 2AN IF . 34.71 -25.49 -19.65
C14 2AN IF . 34.05 -26.23 -20.62
C15 2AN IF . 32.99 -25.69 -21.32
C16 2AN IF . 32.59 -24.39 -21.05
O1 2AN IF . 32.55 -21.59 -21.72
O2 2AN IF . 33.84 -20.77 -23.68
O3 2AN IF . 34.53 -22.71 -22.29
S SO4 JF . 50.16 -15.23 -11.94
O1 SO4 JF . 49.50 -14.15 -12.68
O2 SO4 JF . 49.08 -16.04 -11.33
O3 SO4 JF . 50.93 -16.13 -12.85
O4 SO4 JF . 51.09 -14.56 -10.98
C1 2AN KF . 67.61 -36.62 32.97
C2 2AN KF . 68.05 -37.91 33.02
C3 2AN KF . 67.38 -38.89 33.73
C4 2AN KF . 66.22 -38.66 34.42
C5 2AN KF . 65.67 -37.40 34.43
C6 2AN KF . 64.50 -37.20 35.12
C7 2AN KF . 63.87 -35.97 35.17
C8 2AN KF . 64.46 -34.88 34.50
N 2AN KF . 68.24 -35.67 32.18
S 2AN KF . 66.20 -33.71 33.03
C9 2AN KF . 65.63 -35.00 33.77
C10 2AN KF . 66.33 -36.33 33.69
C11 2AN KF . 69.03 -35.86 31.06
C12 2AN KF . 69.54 -37.05 30.58
C13 2AN KF . 70.33 -37.08 29.42
C14 2AN KF . 70.63 -35.91 28.71
C15 2AN KF . 70.11 -34.71 29.16
C16 2AN KF . 69.32 -34.70 30.32
O1 2AN KF . 66.21 -33.86 31.58
O2 2AN KF . 65.13 -32.50 33.30
O3 2AN KF . 67.52 -33.46 33.57
C1 2AN LF . 56.85 -29.29 46.89
C2 2AN LF . 57.44 -28.05 46.73
C3 2AN LF . 57.80 -27.29 47.83
C4 2AN LF . 57.59 -27.73 49.13
C5 2AN LF . 57.01 -28.97 49.39
C6 2AN LF . 56.80 -29.45 50.68
C7 2AN LF . 56.20 -30.70 50.91
C8 2AN LF . 55.79 -31.54 49.86
N 2AN LF . 56.45 -30.14 45.94
S 2AN LF . 55.50 -32.08 47.34
C9 2AN LF . 55.98 -31.14 48.53
C10 2AN LF . 56.61 -29.81 48.26
C11 2AN LF . 56.62 -30.07 44.61
C12 2AN LF . 57.17 -28.96 43.96
C13 2AN LF . 57.30 -28.99 42.59
C14 2AN LF . 56.87 -30.12 41.90
C15 2AN LF . 56.33 -31.21 42.55
C16 2AN LF . 56.20 -31.19 43.91
O1 2AN LF . 55.04 -33.54 47.90
O2 2AN LF . 54.36 -31.46 46.70
O3 2AN LF . 56.56 -32.21 46.40
C1 2AN MF . 64.60 -48.40 35.99
C2 2AN MF . 65.47 -49.41 36.35
C3 2AN MF . 66.12 -49.40 37.60
C4 2AN MF . 65.91 -48.38 38.52
C5 2AN MF . 65.04 -47.33 38.25
C6 2AN MF . 64.82 -46.31 39.17
C7 2AN MF . 63.95 -45.26 38.86
C8 2AN MF . 63.26 -45.19 37.65
N 2AN MF . 63.98 -48.41 34.79
S 2AN MF . 62.64 -46.08 35.28
C9 2AN MF . 63.42 -46.17 36.67
C10 2AN MF . 64.35 -47.30 36.96
C11 2AN MF . 64.71 -48.49 33.65
C12 2AN MF . 64.07 -48.68 32.43
C13 2AN MF . 64.82 -48.76 31.26
C14 2AN MF . 66.21 -48.65 31.32
C15 2AN MF . 66.85 -48.46 32.55
C16 2AN MF . 66.09 -48.38 33.71
O1 2AN MF . 61.71 -47.41 35.10
O2 2AN MF . 61.81 -44.91 35.28
O3 2AN MF . 63.58 -46.00 34.20
C1 2AN NF . 64.15 -45.11 26.36
C2 2AN NF . 64.58 -45.37 25.06
C3 2AN NF . 65.87 -45.76 24.73
C4 2AN NF . 66.83 -45.92 25.70
C5 2AN NF . 66.54 -45.71 27.04
C6 2AN NF . 67.55 -45.89 27.98
C7 2AN NF . 67.28 -45.70 29.33
C8 2AN NF . 66.02 -45.29 29.78
N 2AN NF . 62.87 -44.71 26.66
S 2AN NF . 63.56 -44.65 29.49
C9 2AN NF . 64.96 -45.09 28.91
C10 2AN NF . 65.17 -45.29 27.44
C11 2AN NF . 61.84 -44.42 25.80
C12 2AN NF . 60.63 -44.08 26.36
C13 2AN NF . 59.49 -43.78 25.60
C14 2AN NF . 59.56 -43.84 24.22
C15 2AN NF . 60.77 -44.17 23.62
C16 2AN NF . 61.88 -44.46 24.40
O1 2AN NF . 63.50 -43.27 29.18
O2 2AN NF . 62.40 -45.47 28.69
O3 2AN NF . 63.33 -44.92 30.89
C1 2AN OF . 56.61 -38.58 26.75
C2 2AN OF . 56.87 -37.22 26.74
C3 2AN OF . 57.51 -36.59 25.66
C4 2AN OF . 57.90 -37.28 24.54
C5 2AN OF . 57.68 -38.65 24.43
C6 2AN OF . 58.08 -39.31 23.27
C7 2AN OF . 57.87 -40.68 23.12
C8 2AN OF . 57.25 -41.42 24.11
N 2AN OF . 55.88 -39.10 27.76
S 2AN OF . 56.07 -41.77 26.38
C9 2AN OF . 56.80 -40.84 25.31
C10 2AN OF . 56.99 -39.37 25.53
C11 2AN OF . 54.96 -38.42 28.50
C12 2AN OF . 54.26 -39.14 29.45
C13 2AN OF . 53.35 -38.54 30.28
C14 2AN OF . 53.07 -37.20 30.16
C15 2AN OF . 53.72 -36.46 29.20
C16 2AN OF . 54.65 -37.07 28.39
O1 2AN OF . 54.58 -41.11 26.54
O2 2AN OF . 55.97 -43.12 25.88
O3 2AN OF . 56.80 -41.75 27.63
C1 2AN PF . 60.26 -26.02 30.61
C2 2AN PF . 60.26 -25.00 31.57
C3 2AN PF . 61.17 -24.99 32.62
C4 2AN PF . 62.14 -25.99 32.78
C5 2AN PF . 62.22 -27.05 31.88
C6 2AN PF . 63.16 -28.06 32.02
C7 2AN PF . 63.23 -29.10 31.09
C8 2AN PF . 62.36 -29.19 30.00
N 2AN PF . 59.37 -26.01 29.59
S 2AN PF . 60.38 -28.35 28.55
C9 2AN PF . 61.37 -28.24 29.79
C10 2AN PF . 61.27 -27.10 30.75
C11 2AN PF . 58.05 -25.97 29.85
C12 2AN PF . 57.15 -25.74 28.82
C13 2AN PF . 55.78 -25.69 29.08
C14 2AN PF . 55.32 -25.88 30.39
C15 2AN PF . 56.23 -26.11 31.41
C16 2AN PF . 57.59 -26.15 31.15
O1 2AN PF . 59.03 -28.50 29.02
O2 2AN PF . 60.48 -26.99 27.64
O3 2AN PF . 60.74 -29.49 27.76
S DMS QF . 89.24 -45.66 40.75
O DMS QF . 88.54 -44.46 41.25
C1 DMS QF . 88.89 -46.96 41.82
C2 DMS QF . 88.51 -46.18 39.29
C1 2AN RF . 75.93 -20.23 0.60
C2 2AN RF . 75.83 -21.16 -0.43
C3 2AN RF . 76.55 -21.05 -1.61
C4 2AN RF . 77.41 -19.99 -1.85
C5 2AN RF . 77.57 -18.99 -0.89
C6 2AN RF . 78.47 -17.95 -1.16
C7 2AN RF . 78.68 -16.92 -0.25
C8 2AN RF . 78.01 -16.91 0.97
N 2AN RF . 75.25 -20.39 1.77
S 2AN RF . 76.50 -17.71 2.81
C9 2AN RF . 77.14 -17.93 1.36
C10 2AN RF . 76.83 -19.06 0.39
C11 2AN RF . 74.60 -21.49 2.27
C12 2AN RF . 73.90 -21.31 3.47
C13 2AN RF . 73.16 -22.35 4.08
C14 2AN RF . 73.16 -23.61 3.47
C15 2AN RF . 73.87 -23.80 2.29
C16 2AN RF . 74.61 -22.75 1.69
O1 2AN RF . 75.28 -16.96 2.54
O2 2AN RF . 76.24 -18.97 3.84
O3 2AN RF . 77.40 -16.92 3.58
C1 2AN SF . 121.42 -22.70 65.49
C2 2AN SF . 121.97 -21.47 65.29
C3 2AN SF . 122.50 -20.76 66.35
C4 2AN SF . 122.55 -21.25 67.62
C5 2AN SF . 122.07 -22.47 67.92
C6 2AN SF . 122.13 -22.90 69.22
C7 2AN SF . 121.61 -24.12 69.57
C8 2AN SF . 121.01 -24.94 68.60
N 2AN SF . 120.80 -23.36 64.52
S 2AN SF . 120.14 -25.49 66.20
C9 2AN SF . 120.93 -24.58 67.25
C10 2AN SF . 121.45 -23.26 66.85
C11 2AN SF . 120.53 -22.96 63.24
C12 2AN SF . 120.25 -23.96 62.33
C13 2AN SF . 120.02 -23.71 60.99
C14 2AN SF . 120.06 -22.43 60.52
C15 2AN SF . 120.36 -21.43 61.43
C16 2AN SF . 120.58 -21.69 62.77
O1 2AN SF . 118.76 -24.61 66.28
O2 2AN SF . 120.71 -25.52 64.91
O3 2AN SF . 119.87 -26.83 66.67
C1 2AN TF . 107.01 -40.43 51.75
C2 2AN TF . 107.38 -41.74 51.91
C3 2AN TF . 106.60 -42.70 52.51
C4 2AN TF . 105.37 -42.42 52.99
C5 2AN TF . 104.85 -41.17 52.80
C6 2AN TF . 103.58 -40.93 53.28
C7 2AN TF . 103.06 -39.68 53.21
C8 2AN TF . 103.75 -38.64 52.59
N 2AN TF . 107.81 -39.64 51.01
S 2AN TF . 105.65 -37.52 51.47
C9 2AN TF . 105.04 -38.77 52.12
C10 2AN TF . 105.66 -40.09 52.20
C11 2AN TF . 108.30 -40.02 49.80
C12 2AN TF . 108.96 -38.99 49.12
C13 2AN TF . 109.49 -39.22 47.85
C14 2AN TF . 109.37 -40.47 47.27
C15 2AN TF . 108.70 -41.46 47.89
C16 2AN TF . 108.14 -41.24 49.15
O1 2AN TF . 105.69 -37.84 49.89
O2 2AN TF . 104.67 -36.48 51.56
O3 2AN TF . 106.88 -37.08 52.04
C1 2AN UF . 100.19 -29.52 48.99
C2 2AN UF . 100.26 -28.41 49.83
C3 2AN UF . 101.43 -28.04 50.46
C4 2AN UF . 102.58 -28.76 50.31
C5 2AN UF . 102.66 -29.86 49.50
C6 2AN UF . 103.88 -30.48 49.36
C7 2AN UF . 103.93 -31.62 48.53
C8 2AN UF . 102.79 -32.11 47.83
N 2AN UF . 99.04 -29.78 48.29
S 2AN UF . 100.27 -32.06 47.05
C9 2AN UF . 101.53 -31.54 47.94
C10 2AN UF . 101.45 -30.32 48.79
C11 2AN UF . 98.10 -28.83 47.97
C12 2AN UF . 96.89 -29.28 47.50
C13 2AN UF . 95.83 -28.41 47.26
C14 2AN UF . 95.99 -27.04 47.42
C15 2AN UF . 97.22 -26.57 47.85
C16 2AN UF . 98.27 -27.47 48.10
O1 2AN UF . 99.02 -32.09 47.77
O2 2AN UF . 100.07 -31.07 45.81
O3 2AN UF . 100.50 -33.37 46.50
C1 2AN VF . 102.37 -17.11 59.25
C2 2AN VF . 102.72 -17.48 57.96
C3 2AN VF . 102.12 -18.54 57.27
C4 2AN VF . 101.15 -19.32 57.86
C5 2AN VF . 100.72 -19.04 59.15
C6 2AN VF . 99.72 -19.81 59.73
C7 2AN VF . 99.29 -19.54 61.03
C8 2AN VF . 99.83 -18.48 61.78
N 2AN VF . 102.95 -16.13 59.96
S 2AN VF . 101.41 -16.46 62.15
C9 2AN VF . 100.82 -17.64 61.27
C10 2AN VF . 101.32 -17.91 59.91
C11 2AN VF . 104.01 -15.39 59.62
C12 2AN VF . 104.26 -14.28 60.38
C13 2AN VF . 105.28 -13.39 60.09
C14 2AN VF . 106.10 -13.60 59.01
C15 2AN VF . 105.86 -14.71 58.23
C16 2AN VF . 104.84 -15.59 58.54
O1 2AN VF . 101.34 -15.04 61.32
O2 2AN VF . 100.66 -16.23 63.35
O3 2AN VF . 102.70 -16.97 62.51
C1 2AN WF . 90.48 -39.79 44.33
C2 2AN WF . 90.34 -41.07 44.82
C3 2AN WF . 91.26 -42.08 44.51
C4 2AN WF . 92.39 -41.84 43.71
C5 2AN WF . 92.63 -40.60 43.23
C6 2AN WF . 93.72 -40.37 42.43
C7 2AN WF . 93.93 -39.11 41.93
C8 2AN WF . 93.05 -38.06 42.19
N 2AN WF . 89.73 -38.74 44.75
S 2AN WF . 90.89 -36.98 43.29
C9 2AN WF . 91.90 -38.20 42.98
C10 2AN WF . 91.69 -39.51 43.53
C11 2AN WF . 89.58 -38.51 46.08
C12 2AN WF . 89.01 -37.31 46.42
C13 2AN WF . 88.81 -36.97 47.75
C14 2AN WF . 89.19 -37.84 48.74
C15 2AN WF . 89.79 -39.03 48.41
C16 2AN WF . 89.98 -39.36 47.10
O1 2AN WF . 89.55 -37.22 42.85
O2 2AN WF . 91.32 -35.80 42.62
O3 2AN WF . 90.68 -36.73 44.85
C1 2AN XF . 96.85 -46.62 41.62
C2 2AN XF . 97.46 -47.23 40.53
C3 2AN XF . 96.89 -47.32 39.25
C4 2AN XF . 95.63 -46.81 38.98
C5 2AN XF . 94.94 -46.19 39.99
C6 2AN XF . 93.71 -45.67 39.71
C7 2AN XF . 92.97 -45.06 40.69
C8 2AN XF . 93.44 -44.92 42.00
N 2AN XF . 97.38 -46.53 42.86
S 2AN XF . 95.21 -45.18 43.95
C9 2AN XF . 94.68 -45.40 42.41
C10 2AN XF . 95.50 -46.08 41.37
C11 2AN XF . 98.57 -47.00 43.33
C12 2AN XF . 98.82 -46.84 44.70
C13 2AN XF . 100.02 -47.29 45.28
C14 2AN XF . 100.98 -47.93 44.52
C15 2AN XF . 100.76 -48.10 43.17
C16 2AN XF . 99.56 -47.64 42.59
O1 2AN XF . 95.79 -46.40 44.46
O2 2AN XF . 94.19 -44.68 44.90
O3 2AN XF . 96.45 -44.22 43.68
C1 2AN YF . 95.10 -34.99 64.17
C2 2AN YF . 94.69 -36.15 63.52
C3 2AN YF . 94.71 -36.22 62.12
C4 2AN YF . 95.14 -35.17 61.32
C5 2AN YF . 95.58 -33.99 61.89
C6 2AN YF . 96.02 -32.91 61.11
C7 2AN YF . 96.46 -31.73 61.72
C8 2AN YF . 96.48 -31.56 63.10
N 2AN YF . 95.08 -34.92 65.52
S 2AN YF . 96.08 -32.37 65.53
C9 2AN YF . 96.05 -32.57 63.96
C10 2AN YF . 95.58 -33.85 63.37
C11 2AN YF . 94.92 -36.05 66.26
C12 2AN YF . 95.75 -37.14 66.06
C13 2AN YF . 95.59 -38.29 66.82
C14 2AN YF . 94.57 -38.35 67.77
C15 2AN YF . 93.74 -37.26 67.97
C16 2AN YF . 93.91 -36.10 67.22
O1 2AN YF . 94.78 -32.68 66.08
O2 2AN YF . 96.40 -31.00 65.84
O3 2AN YF . 97.21 -33.35 66.19
C1 2AN ZF . 96.36 -41.87 45.51
C2 2AN ZF . 97.50 -42.00 44.72
C3 2AN ZF . 97.95 -41.10 43.82
C4 2AN ZF . 97.26 -39.94 43.65
C5 2AN ZF . 96.11 -39.69 44.39
C6 2AN ZF . 95.52 -38.47 44.12
C7 2AN ZF . 94.36 -38.08 44.76
C8 2AN ZF . 93.79 -38.85 45.71
N 2AN ZF . 96.36 -42.99 46.26
S 2AN ZF . 93.33 -40.70 47.12
C9 2AN ZF . 94.32 -40.08 46.07
C10 2AN ZF . 95.56 -40.61 45.41
C11 2AN ZF . 95.79 -43.48 47.35
C12 2AN ZF . 94.85 -42.90 48.14
C13 2AN ZF . 94.37 -43.57 49.27
C14 2AN ZF . 94.88 -44.83 49.56
C15 2AN ZF . 95.84 -45.40 48.76
C16 2AN ZF . 96.31 -44.73 47.66
O1 2AN ZF . 92.94 -42.00 46.65
O2 2AN ZF . 92.24 -39.77 47.07
O3 2AN ZF . 93.65 -40.62 48.73
C1 2AN AG . 126.21 -27.81 19.33
C2 2AN AG . 125.69 -26.65 19.89
C3 2AN AG . 125.53 -26.50 21.26
C4 2AN AG . 125.87 -27.48 22.18
C5 2AN AG . 126.41 -28.66 21.75
C6 2AN AG . 126.74 -29.62 22.69
C7 2AN AG . 127.29 -30.84 22.29
C8 2AN AG . 127.52 -31.13 20.94
N 2AN AG . 126.43 -27.91 18.00
S 2AN AG . 127.51 -30.65 18.44
C9 2AN AG . 127.21 -30.22 19.94
C10 2AN AG . 126.62 -28.89 20.29
C11 2AN AG . 126.53 -26.87 17.11
C12 2AN AG . 127.13 -27.17 15.89
C13 2AN AG . 127.33 -26.20 14.92
C14 2AN AG . 126.95 -24.88 15.15
C15 2AN AG . 126.38 -24.56 16.36
C16 2AN AG . 126.18 -25.53 17.33
O1 2AN AG . 126.63 -29.91 17.59
O2 2AN AG . 127.26 -32.07 18.28
O3 2AN AG . 129.09 -30.30 18.17
C1 2AN BG . 115.79 -22.39 18.82
C2 2AN BG . 116.31 -21.14 18.58
C3 2AN BG . 117.05 -20.88 17.44
C4 2AN BG . 117.28 -21.84 16.47
C5 2AN BG . 116.77 -23.12 16.59
C6 2AN BG . 116.99 -24.09 15.63
C7 2AN BG . 116.47 -25.37 15.78
C8 2AN BG . 115.72 -25.73 16.90
N 2AN BG . 115.02 -22.56 19.90
S 2AN BG . 114.60 -25.20 19.20
C9 2AN BG . 115.45 -24.82 17.91
C10 2AN BG . 115.99 -23.44 17.80
C11 2AN BG . 114.57 -21.43 20.44
C12 2AN BG . 114.98 -20.22 19.93
C13 2AN BG . 114.50 -19.05 20.51
C14 2AN BG . 113.62 -19.11 21.59
C15 2AN BG . 113.21 -20.32 22.09
C16 2AN BG . 113.67 -21.49 21.50
O1 2AN BG . 113.81 -24.05 19.55
O2 2AN BG . 113.61 -26.47 18.90
O3 2AN BG . 115.51 -25.51 20.27
C1 2AN CG . 138.73 -34.31 62.54
C2 2AN CG . 138.71 -33.27 63.46
C3 2AN CG . 139.88 -32.88 64.13
C4 2AN CG . 141.09 -33.52 63.96
C5 2AN CG . 141.19 -34.54 63.06
C6 2AN CG . 142.42 -35.15 62.86
C7 2AN CG . 142.52 -36.21 61.95
C8 2AN CG . 141.43 -36.68 61.21
N 2AN CG . 137.67 -34.69 61.76
S 2AN CG . 138.89 -36.67 60.54
C9 2AN CG . 140.16 -36.08 61.33
C10 2AN CG . 140.03 -34.97 62.30
C11 2AN CG . 136.55 -33.97 61.59
C12 2AN CG . 135.53 -34.61 60.90
C13 2AN CG . 134.31 -33.98 60.68
C14 2AN CG . 134.12 -32.69 61.15
C15 2AN CG . 135.15 -32.05 61.84
C16 2AN CG . 136.37 -32.68 62.04
O1 2AN CG . 137.90 -37.01 61.52
O2 2AN CG . 138.14 -35.67 59.49
O3 2AN CG . 139.29 -37.90 59.94
C1 2AN DG . 146.59 -44.76 64.76
C2 2AN DG . 146.98 -46.07 64.86
C3 2AN DG . 146.27 -47.06 65.54
C4 2AN DG . 145.08 -46.78 66.18
C5 2AN DG . 144.59 -45.50 66.15
C6 2AN DG . 143.43 -45.23 66.83
C7 2AN DG . 142.86 -43.98 66.82
C8 2AN DG . 143.45 -42.92 66.17
N 2AN DG . 147.26 -43.87 63.93
S 2AN DG . 145.19 -41.81 64.74
C9 2AN DG . 144.65 -43.07 65.50
C10 2AN DG . 145.29 -44.42 65.45
C11 2AN DG . 147.74 -44.21 62.69
C12 2AN DG . 148.30 -43.20 61.94
C13 2AN DG . 148.84 -43.42 60.67
C14 2AN DG . 148.83 -44.66 60.14
C15 2AN DG . 148.27 -45.69 60.85
C16 2AN DG . 147.71 -45.47 62.11
O1 2AN DG . 145.34 -42.23 63.18
O2 2AN DG . 144.18 -40.77 64.74
O3 2AN DG . 146.48 -41.32 65.26
C1 2AN EG . 136.52 -37.75 77.44
C2 2AN EG . 136.92 -36.73 76.59
C3 2AN EG . 136.82 -36.84 75.19
C4 2AN EG . 136.34 -37.95 74.53
C5 2AN EG . 135.91 -38.97 75.28
C6 2AN EG . 135.43 -40.08 74.63
C7 2AN EG . 135.00 -41.14 75.39
C8 2AN EG . 135.03 -41.13 76.76
N 2AN EG . 136.52 -37.75 78.80
S 2AN EG . 135.48 -40.18 79.11
C9 2AN EG . 135.52 -40.08 77.51
C10 2AN EG . 135.98 -38.92 76.75
C11 2AN EG . 136.65 -36.66 79.61
C12 2AN EG . 137.17 -35.41 79.19
C13 2AN EG . 137.20 -34.34 80.07
C14 2AN EG . 136.73 -34.46 81.37
C15 2AN EG . 136.21 -35.69 81.79
C16 2AN EG . 136.18 -36.78 80.91
O1 2AN EG . 135.07 -41.52 79.45
O2 2AN EG . 134.57 -39.22 79.65
O3 2AN EG . 136.81 -39.77 79.97
C1 2AN FG . 143.48 -53.13 58.13
C2 2AN FG . 143.75 -53.42 56.79
C3 2AN FG . 145.02 -53.78 56.33
C4 2AN FG . 146.12 -53.87 57.17
C5 2AN FG . 145.99 -53.60 58.52
C6 2AN FG . 147.14 -53.73 59.30
C7 2AN FG . 147.07 -53.48 60.67
C8 2AN FG . 145.87 -53.09 61.28
N 2AN FG . 142.25 -52.73 58.55
S 2AN FG . 143.40 -52.56 61.46
C9 2AN FG . 144.66 -52.96 60.57
C10 2AN FG . 144.66 -53.22 59.09
C11 2AN FG . 141.12 -52.48 57.80
C12 2AN FG . 141.00 -52.44 56.41
C13 2AN FG . 139.76 -52.25 55.78
C14 2AN FG . 138.60 -52.08 56.54
C15 2AN FG . 138.73 -52.11 57.91
C16 2AN FG . 139.96 -52.32 58.53
O1 2AN FG . 143.27 -51.13 61.46
O2 2AN FG . 142.05 -53.30 60.99
O3 2AN FG . 143.58 -53.13 62.81
C1 2AN GG . 130.17 -44.75 57.74
C2 2AN GG . 130.30 -46.07 58.17
C3 2AN GG . 131.33 -46.94 57.83
C4 2AN GG . 132.34 -46.57 57.02
C5 2AN GG . 132.36 -45.28 56.54
C6 2AN GG . 133.42 -44.92 55.72
C7 2AN GG . 133.49 -43.63 55.20
C8 2AN GG . 132.53 -42.64 55.46
N 2AN GG . 129.19 -43.95 58.28
S 2AN GG . 130.39 -41.66 56.54
C9 2AN GG . 131.42 -42.88 56.28
C10 2AN GG . 131.30 -44.27 56.88
C11 2AN GG . 128.93 -44.07 59.60
C12 2AN GG . 128.12 -43.11 60.14
C13 2AN GG . 127.79 -43.18 61.48
C14 2AN GG . 128.29 -44.16 62.33
C15 2AN GG . 129.14 -45.09 61.84
C16 2AN GG . 129.47 -45.03 60.50
O1 2AN GG . 129.25 -41.70 55.67
O2 2AN GG . 130.01 -41.61 58.13
O3 2AN GG . 130.99 -40.39 56.32
C1 2AN HG . 153.14 -33.88 25.75
C2 2AN HG . 151.92 -34.47 25.39
C3 2AN HG . 150.86 -34.53 26.27
C4 2AN HG . 151.00 -34.06 27.57
C5 2AN HG . 152.19 -33.53 28.04
C6 2AN HG . 152.25 -33.08 29.35
C7 2AN HG . 153.41 -32.53 29.87
C8 2AN HG . 154.56 -32.40 29.11
N 2AN HG . 154.12 -34.15 24.89
S 2AN HG . 156.01 -32.57 27.08
C9 2AN HG . 154.60 -32.82 27.79
C10 2AN HG . 153.37 -33.43 27.17
C11 2AN HG . 154.48 -35.47 24.93
C12 2AN HG . 155.46 -35.88 24.02
C13 2AN HG . 155.87 -37.20 23.98
C14 2AN HG . 155.31 -38.14 24.84
C15 2AN HG . 154.33 -37.76 25.75
C16 2AN HG . 153.92 -36.43 25.80
O1 2AN HG . 155.84 -32.22 25.49
O2 2AN HG . 156.58 -31.40 27.67
O3 2AN HG . 156.89 -33.71 27.25
C1 2AN IG . 154.96 -27.43 31.73
C2 2AN IG . 155.03 -28.41 30.72
C3 2AN IG . 155.97 -28.40 29.69
C4 2AN IG . 156.90 -27.40 29.60
C5 2AN IG . 156.94 -26.39 30.55
C6 2AN IG . 157.92 -25.41 30.42
C7 2AN IG . 158.03 -24.38 31.31
C8 2AN IG . 157.17 -24.28 32.37
N 2AN IG . 154.09 -27.68 32.75
S 2AN IG . 155.33 -24.82 33.94
C9 2AN IG . 156.16 -25.15 32.61
C10 2AN IG . 155.98 -26.34 31.69
C11 2AN IG . 153.81 -28.97 33.20
C12 2AN IG . 152.89 -29.10 34.23
C13 2AN IG . 152.51 -30.33 34.74
C14 2AN IG . 153.08 -31.47 34.23
C15 2AN IG . 154.02 -31.37 33.23
C16 2AN IG . 154.38 -30.14 32.72
O1 2AN IG . 153.94 -25.23 33.84
O2 2AN IG . 155.38 -23.40 34.28
O3 2AN IG . 156.12 -25.67 35.05
C1 2AN JG . 164.69 -11.37 27.95
C2 2AN JG . 165.28 -12.51 27.41
C3 2AN JG . 165.52 -13.65 28.18
C4 2AN JG . 165.18 -13.73 29.53
C5 2AN JG . 164.58 -12.64 30.15
C6 2AN JG . 164.23 -12.72 31.49
C7 2AN JG . 163.63 -11.63 32.08
C8 2AN JG . 163.34 -10.44 31.42
N 2AN JG . 164.50 -10.26 27.21
S 2AN JG . 163.28 -8.87 29.40
C9 2AN JG . 163.66 -10.27 30.09
C10 2AN JG . 164.31 -11.40 29.38
C11 2AN JG . 165.09 -10.11 25.99
C12 2AN JG . 165.76 -11.15 25.37
C13 2AN JG . 166.37 -10.95 24.13
C14 2AN JG . 166.33 -9.70 23.51
C15 2AN JG . 165.67 -8.65 24.13
C16 2AN JG . 165.06 -8.85 25.37
O1 2AN JG . 162.41 -9.17 28.04
O2 2AN JG . 162.51 -8.07 30.32
O3 2AN JG . 164.46 -8.14 29.03
C1 2AN KG . 160.33 -22.53 41.72
C2 2AN KG . 160.58 -22.78 43.03
C3 2AN KG . 159.85 -22.13 43.99
C4 2AN KG . 158.79 -21.27 43.70
C5 2AN KG . 158.41 -21.03 42.41
C6 2AN KG . 157.36 -20.19 42.13
C7 2AN KG . 157.01 -19.96 40.84
C8 2AN KG . 157.73 -20.56 39.79
N 2AN KG . 160.94 -23.39 40.94
S 2AN KG . 159.60 -22.11 38.82
C9 2AN KG . 158.79 -21.41 39.99
C10 2AN KG . 159.16 -21.70 41.36
C11 2AN KG . 160.57 -24.59 41.46
C12 2AN KG . 159.87 -24.64 42.66
C13 2AN KG . 159.48 -25.87 43.21
C14 2AN KG . 159.78 -27.06 42.55
C15 2AN KG . 160.46 -26.99 41.34
C16 2AN KG . 160.83 -25.76 40.81
O1 2AN KG . 160.34 -21.15 38.06
O2 2AN KG . 160.66 -23.09 39.60
O3 2AN KG . 158.70 -22.83 37.97
C1 2AN LG . -155.34 5.28 -47.21
C2 2AN LG . -154.81 6.46 -47.55
C3 2AN LG . -154.30 7.30 -46.59
C4 2AN LG . -154.22 6.99 -45.28
C5 2AN LG . -154.66 5.80 -44.83
C6 2AN LG . -154.57 5.49 -43.50
C7 2AN LG . -155.08 4.29 -43.04
C8 2AN LG . -155.64 3.40 -43.92
N 2AN LG . -155.97 4.47 -48.08
S 2AN LG . -156.48 2.56 -46.22
C9 2AN LG . -155.74 3.64 -45.28
C10 2AN LG . -155.25 4.89 -45.80
C11 2AN LG . -156.30 4.77 -49.35
C12 2AN LG . -156.36 6.04 -49.83
C13 2AN LG . -156.61 6.27 -51.18
C14 2AN LG . -156.79 5.24 -52.07
C15 2AN LG . -156.71 3.97 -51.59
C16 2AN LG . -156.49 3.72 -50.25
O1 2AN LG . -157.81 3.09 -45.96
O2 2AN LG . -156.11 2.59 -47.77
O3 2AN LG . -156.24 1.21 -45.83
C1 2AN MG . -169.97 -12.66 -60.68
C2 2AN MG . -169.73 -13.99 -60.55
C3 2AN MG . -170.57 -14.93 -59.96
C4 2AN MG . -171.77 -14.54 -59.43
C5 2AN MG . -172.14 -13.21 -59.56
C6 2AN MG . -173.32 -12.81 -58.97
C7 2AN MG . -173.73 -11.53 -59.08
C8 2AN MG . -172.97 -10.56 -59.68
N 2AN MG . -169.16 -11.86 -61.45
S 2AN MG . -171.06 -9.55 -60.92
C9 2AN MG . -171.74 -10.80 -60.23
C10 2AN MG . -171.28 -12.21 -60.18
C11 2AN MG . -168.71 -12.25 -62.69
C12 2AN MG . -169.09 -13.43 -63.35
C13 2AN MG . -168.52 -13.70 -64.58
C14 2AN MG . -167.61 -12.82 -65.14
C15 2AN MG . -167.26 -11.66 -64.52
C16 2AN MG . -167.81 -11.37 -63.29
O1 2AN MG . -170.97 -9.69 -62.50
O2 2AN MG . -172.07 -8.47 -61.02
O3 2AN MG . -169.84 -9.11 -60.27
C1 2AN NG . -176.80 -1.80 -63.40
C2 2AN NG . -176.69 -0.71 -62.55
C3 2AN NG . -175.46 -0.36 -61.97
C4 2AN NG . -174.30 -1.10 -62.19
C5 2AN NG . -174.33 -2.15 -63.07
C6 2AN NG . -173.16 -2.83 -63.30
C7 2AN NG . -173.17 -3.93 -64.13
C8 2AN NG . -174.34 -4.39 -64.75
N 2AN NG . -177.96 -2.02 -64.08
S 2AN NG . -176.84 -4.34 -65.41
C9 2AN NG . -175.56 -3.78 -64.60
C10 2AN NG . -175.59 -2.61 -63.69
C11 2AN NG . -178.80 -0.97 -64.34
C12 2AN NG . -180.05 -1.23 -64.78
C13 2AN NG . -181.03 -0.27 -65.00
C14 2AN NG . -180.71 1.06 -64.82
C15 2AN NG . -179.41 1.34 -64.43
C16 2AN NG . -178.48 0.35 -64.17
O1 2AN NG . -177.93 -4.62 -64.49
O2 2AN NG . -177.30 -3.19 -66.37
O3 2AN NG . -176.55 -5.54 -66.14
C1 2AN OG . -181.30 -5.93 -47.20
C2 2AN OG . -181.20 -5.24 -46.01
C3 2AN OG . -180.88 -3.89 -45.97
C4 2AN OG . -180.61 -3.17 -47.12
C5 2AN OG . -180.68 -3.78 -48.36
C6 2AN OG . -180.43 -3.06 -49.52
C7 2AN OG . -180.48 -3.64 -50.79
C8 2AN OG . -180.84 -4.97 -50.93
N 2AN OG . -181.59 -7.20 -47.29
S 2AN OG . -181.37 -7.25 -50.15
C9 2AN OG . -181.06 -5.76 -49.80
C10 2AN OG . -181.02 -5.19 -48.45
C11 2AN OG . -181.78 -7.99 -46.22
C12 2AN OG . -181.80 -9.34 -46.42
C13 2AN OG . -181.95 -10.23 -45.36
C14 2AN OG . -182.07 -9.77 -44.05
C15 2AN OG . -182.04 -8.40 -43.82
C16 2AN OG . -181.89 -7.53 -44.90
O1 2AN OG . -182.49 -8.05 -49.27
O2 2AN OG . -181.74 -7.02 -51.54
O3 2AN OG . -180.22 -8.11 -50.06
C1 2AN PG . -186.43 -11.55 -68.21
C2 2AN PG . -186.54 -12.85 -67.76
C3 2AN PG . -185.61 -13.84 -68.12
C4 2AN PG . -184.51 -13.55 -68.92
C5 2AN PG . -184.29 -12.28 -69.37
C6 2AN PG . -183.22 -11.97 -70.19
C7 2AN PG . -183.14 -10.73 -70.64
C8 2AN PG . -184.05 -9.70 -70.33
N 2AN PG . -187.20 -10.53 -67.78
S 2AN PG . -186.24 -8.85 -69.14
C9 2AN PG . -185.15 -9.94 -69.52
C10 2AN PG . -185.27 -11.26 -69.02
C11 2AN PG . -187.53 -10.49 -66.48
C12 2AN PG . -188.30 -9.49 -66.10
C13 2AN PG . -188.69 -9.39 -64.80
C14 2AN PG . -188.34 -10.29 -63.86
C15 2AN PG . -187.55 -11.30 -64.25
C16 2AN PG . -187.12 -11.37 -65.53
O1 2AN PG . -185.67 -7.55 -69.85
O2 2AN PG . -187.56 -9.14 -69.64
O3 2AN PG . -186.51 -8.70 -67.76
C1 2AN QG . -182.19 -17.37 -70.37
C2 2AN QG . -183.44 -16.84 -70.72
C3 2AN QG . -183.94 -16.92 -72.01
C4 2AN QG . -183.26 -17.57 -73.05
C5 2AN QG . -182.03 -18.14 -72.82
C6 2AN QG . -181.31 -18.78 -73.85
C7 2AN QG . -180.06 -19.33 -73.61
C8 2AN QG . -179.47 -19.28 -72.35
N 2AN QG . -181.60 -17.35 -69.14
S 2AN QG . -179.47 -18.59 -69.79
C9 2AN QG . -180.10 -18.65 -71.27
C10 2AN QG . -181.44 -18.06 -71.46
C11 2AN QG . -182.08 -17.08 -67.92
C12 2AN QG . -181.20 -17.31 -66.88
C13 2AN QG . -181.55 -17.07 -65.56
C14 2AN QG . -182.83 -16.61 -65.28
C15 2AN QG . -183.73 -16.38 -66.33
C16 2AN QG . -183.34 -16.62 -67.65
O1 2AN QG . -179.42 -17.18 -69.44
O2 2AN QG . -180.52 -19.36 -68.82
O3 2AN QG . -178.17 -19.24 -69.53
C1 2AN RG . -166.53 -20.91 -66.07
C2 2AN RG . -166.28 -20.75 -67.45
C3 2AN RG . -166.59 -19.58 -68.14
C4 2AN RG . -167.15 -18.48 -67.49
C5 2AN RG . -167.46 -18.51 -66.12
C6 2AN RG . -168.05 -17.39 -65.49
C7 2AN RG . -168.37 -17.38 -64.13
C8 2AN RG . -168.12 -18.49 -63.35
N 2AN RG . -166.31 -22.10 -65.44
S 2AN RG . -167.28 -20.87 -62.89
C9 2AN RG . -167.54 -19.65 -63.89
C10 2AN RG . -167.17 -19.73 -65.34
C11 2AN RG . -166.26 -23.36 -66.01
C12 2AN RG . -166.29 -24.43 -65.11
C13 2AN RG . -166.23 -25.74 -65.54
C14 2AN RG . -166.17 -26.01 -66.89
C15 2AN RG . -166.17 -24.97 -67.82
C16 2AN RG . -166.21 -23.66 -67.38
O1 2AN RG . -167.77 -20.41 -61.41
O2 2AN RG . -168.02 -22.05 -63.26
O3 2AN RG . -165.87 -21.16 -62.95
CAC FLC SG . -180.16 -13.30 -67.65
CA FLC SG . -180.74 -12.21 -66.85
CB FLC SG . -181.99 -12.83 -66.19
CBC FLC SG . -181.64 -13.80 -65.15
CG FLC SG . -183.03 -11.90 -65.58
CGC FLC SG . -183.81 -12.65 -64.56
OA1 FLC SG . -180.52 -14.46 -67.31
OA2 FLC SG . -179.40 -12.99 -68.61
OB1 FLC SG . -180.73 -14.64 -65.41
OB2 FLC SG . -182.34 -13.69 -64.13
OG1 FLC SG . -184.49 -13.61 -64.98
OG2 FLC SG . -183.75 -12.32 -63.34
OHB FLC SG . -182.58 -13.70 -67.13
C1 2AN TG . -161.35 3.20 -94.55
C2 2AN TG . -161.38 2.34 -95.65
C3 2AN TG . -160.51 2.41 -96.72
C4 2AN TG . -159.53 3.36 -96.79
C5 2AN TG . -159.39 4.27 -95.76
C6 2AN TG . -158.38 5.22 -95.86
C7 2AN TG . -158.19 6.12 -94.85
C8 2AN TG . -159.02 6.14 -93.73
N 2AN TG . -162.13 2.99 -93.45
S 2AN TG . -160.93 5.44 -92.14
C9 2AN TG . -160.07 5.27 -93.51
C10 2AN TG . -160.28 4.25 -94.57
C11 2AN TG . -162.57 1.74 -93.04
C12 2AN TG . -162.27 0.51 -93.65
C13 2AN TG . -162.78 -0.69 -93.18
C14 2AN TG . -163.66 -0.68 -92.11
C15 2AN TG . -163.98 0.51 -91.47
C16 2AN TG . -163.44 1.71 -91.94
O1 2AN TG . -162.34 5.35 -92.38
O2 2AN TG . -160.82 6.78 -91.62
O3 2AN TG . -160.39 4.34 -91.09
CAC FLC UG . -150.01 -9.90 -89.40
CA FLC UG . -151.02 -8.84 -89.75
CB FLC UG . -151.95 -9.34 -90.84
CBC FLC UG . -152.72 -10.56 -90.37
CG FLC UG . -152.86 -8.13 -91.13
CGC FLC UG . -153.87 -8.37 -92.23
OA1 FLC UG . -150.15 -10.51 -88.32
OA2 FLC UG . -149.09 -10.10 -90.23
OB1 FLC UG . -153.18 -11.43 -91.16
OB2 FLC UG . -152.87 -10.67 -89.15
OG1 FLC UG . -154.29 -7.38 -92.89
OG2 FLC UG . -154.23 -9.53 -92.43
OHB FLC UG . -151.15 -9.73 -91.96
CAC FLC VG . -162.38 -6.39 -101.65
CA FLC VG . -163.06 -6.74 -100.33
CB FLC VG . -164.25 -5.78 -100.08
CBC FLC VG . -163.64 -4.57 -99.43
CG FLC VG . -164.93 -5.33 -101.37
CGC FLC VG . -166.44 -5.40 -101.28
OA1 FLC VG . -162.52 -5.21 -102.12
OA2 FLC VG . -161.71 -7.29 -102.22
OB1 FLC VG . -162.94 -3.81 -100.20
OB2 FLC VG . -163.81 -4.35 -98.19
OG1 FLC VG . -167.04 -5.62 -102.38
OG2 FLC VG . -166.99 -5.20 -100.15
OHB FLC VG . -165.28 -6.50 -99.34
C1 2AN WG . -130.24 -16.91 -48.02
C2 2AN WG . -129.90 -18.27 -48.02
C3 2AN WG . -130.65 -19.24 -47.34
C4 2AN WG . -131.80 -18.91 -46.63
C5 2AN WG . -132.22 -17.58 -46.55
C6 2AN WG . -133.33 -17.27 -45.81
C7 2AN WG . -133.80 -15.95 -45.76
C8 2AN WG . -133.15 -14.89 -46.40
N 2AN WG . -129.58 -16.01 -48.82
S 2AN WG . -131.39 -13.75 -47.86
C9 2AN WG . -132.01 -15.07 -47.15
C10 2AN WG . -131.48 -16.49 -47.26
C11 2AN WG . -129.04 -16.24 -50.06
C12 2AN WG . -128.40 -15.15 -50.66
C13 2AN WG . -127.78 -15.25 -51.90
C14 2AN WG . -127.78 -16.45 -52.56
C15 2AN WG . -128.42 -17.53 -51.99
C16 2AN WG . -129.06 -17.43 -50.76
O1 2AN WG . -131.16 -13.98 -49.46
O2 2AN WG . -132.38 -12.73 -47.82
O3 2AN WG . -130.19 -13.22 -47.21
C1 2AN XG . -137.95 -6.49 -50.01
C2 2AN XG . -137.84 -5.44 -49.11
C3 2AN XG . -136.61 -5.07 -48.57
C4 2AN XG . -135.44 -5.75 -48.89
C5 2AN XG . -135.45 -6.79 -49.77
C6 2AN XG . -134.29 -7.44 -50.09
C7 2AN XG . -134.32 -8.53 -50.97
C8 2AN XG . -135.50 -8.94 -51.57
N 2AN XG . -139.10 -6.79 -50.66
S 2AN XG . -138.01 -8.92 -52.10
C9 2AN XG . -136.72 -8.33 -51.33
C10 2AN XG . -136.72 -7.21 -50.38
C11 2AN XG . -140.12 -5.92 -50.87
C12 2AN XG . -141.29 -6.39 -51.47
C13 2AN XG . -142.39 -5.56 -51.67
C14 2AN XG . -142.35 -4.22 -51.29
C15 2AN XG . -141.19 -3.76 -50.72
C16 2AN XG . -140.10 -4.58 -50.52
O1 2AN XG . -139.10 -9.36 -51.24
O2 2AN XG . -138.82 -8.03 -53.14
O3 2AN XG . -137.39 -10.01 -52.74
C1 2AN YG . -146.49 -16.94 -53.66
C2 2AN YG . -147.22 -16.29 -54.61
C3 2AN YG . -148.24 -15.46 -54.29
C4 2AN YG . -148.60 -15.19 -53.01
C5 2AN YG . -147.91 -15.75 -51.97
C6 2AN YG . -148.29 -15.42 -50.69
C7 2AN YG . -147.57 -15.99 -49.63
C8 2AN YG . -146.52 -16.88 -49.81
N 2AN YG . -145.47 -17.70 -54.03
S 2AN YG . -144.72 -18.25 -51.12
C9 2AN YG . -146.07 -17.30 -51.07
C10 2AN YG . -146.78 -16.68 -52.22
C11 2AN YG . -144.82 -17.58 -55.17
C12 2AN YG . -143.86 -18.51 -55.37
C13 2AN YG . -143.14 -18.48 -56.52
C14 2AN YG . -143.38 -17.51 -57.44
C15 2AN YG . -144.35 -16.56 -57.23
C16 2AN YG . -145.06 -16.58 -56.06
O1 2AN YG . -145.12 -19.77 -51.46
O2 2AN YG . -143.68 -17.71 -51.96
O3 2AN YG . -143.88 -18.14 -49.97
C1 2AN ZG . -140.38 -9.35 -35.11
C2 2AN ZG . -140.06 -8.36 -36.02
C3 2AN ZG . -140.21 -8.51 -37.39
C4 2AN ZG . -140.74 -9.66 -37.95
C5 2AN ZG . -141.11 -10.68 -37.13
C6 2AN ZG . -141.61 -11.81 -37.69
C7 2AN ZG . -141.99 -12.84 -36.89
C8 2AN ZG . -141.88 -12.79 -35.52
N 2AN ZG . -140.29 -9.26 -33.75
S 2AN ZG . -141.26 -11.70 -33.28
C9 2AN ZG . -141.36 -11.71 -34.87
C10 2AN ZG . -140.96 -10.57 -35.69
C11 2AN ZG . -140.13 -8.09 -33.05
C12 2AN ZG . -140.54 -8.06 -31.71
C13 2AN ZG . -140.46 -6.90 -30.93
C14 2AN ZG . -139.99 -5.72 -31.48
C15 2AN ZG . -139.58 -5.71 -32.82
C16 2AN ZG . -139.65 -6.88 -33.59
O1 2AN ZG . -141.88 -12.89 -32.77
O2 2AN ZG . -141.85 -10.52 -32.70
O3 2AN ZG . -139.75 -11.72 -32.74
C1 2AN AH . -104.04 -6.49 -74.89
C2 2AN AH . -104.85 -5.52 -74.28
C3 2AN AH . -105.10 -5.49 -72.90
C4 2AN AH . -104.55 -6.44 -72.04
C5 2AN AH . -103.73 -7.46 -72.53
C6 2AN AH . -103.19 -8.40 -71.66
C7 2AN AH . -102.37 -9.43 -72.13
C8 2AN AH . -102.06 -9.54 -73.48
N 2AN AH . -103.74 -6.56 -76.24
S 2AN AH . -102.15 -8.84 -75.99
C9 2AN AH . -102.54 -8.65 -74.44
C10 2AN AH . -103.43 -7.53 -73.99
C11 2AN AH . -104.01 -5.69 -77.27
C12 2AN AH . -103.47 -6.04 -78.51
C13 2AN AH . -103.67 -5.24 -79.62
C14 2AN AH . -104.43 -4.09 -79.52
C15 2AN AH . -104.97 -3.72 -78.30
C16 2AN AH . -104.78 -4.52 -77.18
O1 2AN AH . -103.42 -9.42 -76.84
O2 2AN AH . -101.71 -7.61 -76.59
O3 2AN AH . -101.06 -9.77 -76.10
C1 2AN BH . -135.84 -27.60 -48.79
C2 2AN BH . -136.34 -28.76 -48.22
C3 2AN BH . -136.24 -30.02 -48.82
C4 2AN BH . -135.61 -30.18 -50.04
C5 2AN BH . -135.05 -29.08 -50.71
C6 2AN BH . -134.43 -29.28 -51.94
C7 2AN BH . -133.87 -28.22 -52.63
C8 2AN BH . -133.90 -26.92 -52.14
N 2AN BH . -135.86 -26.49 -48.05
S 2AN BH . -134.45 -25.12 -50.41
C9 2AN BH . -134.51 -26.62 -50.93
C10 2AN BH . -135.13 -27.72 -50.13
C11 2AN BH . -135.66 -26.58 -46.68
C12 2AN BH . -135.54 -27.76 -45.97
C13 2AN BH . -135.38 -27.71 -44.61
C14 2AN BH . -135.30 -26.51 -43.92
C15 2AN BH . -135.43 -25.35 -44.58
C16 2AN BH . -135.56 -25.40 -45.96
O1 2AN BH . -135.78 -24.66 -50.01
O2 2AN BH . -133.71 -24.23 -51.27
O3 2AN BH . -133.56 -25.44 -49.09
C1 2AN CH . -112.06 16.47 -83.43
C2 2AN CH . -111.49 15.20 -83.56
C3 2AN CH . -111.45 14.28 -82.53
C4 2AN CH . -112.02 14.53 -81.29
C5 2AN CH . -112.62 15.75 -81.04
C6 2AN CH . -113.13 15.96 -79.76
C7 2AN CH . -113.76 17.17 -79.47
C8 2AN CH . -113.83 18.17 -80.42
N 2AN CH . -112.07 17.34 -84.49
S 2AN CH . -113.47 19.24 -82.75
C9 2AN CH . -113.31 18.04 -81.71
C10 2AN CH . -112.65 16.77 -82.09
C11 2AN CH . -111.68 16.99 -85.78
C12 2AN CH . -111.11 15.76 -86.18
C13 2AN CH . -110.76 15.46 -87.50
C14 2AN CH . -110.98 16.42 -88.49
C15 2AN CH . -111.56 17.63 -88.13
C16 2AN CH . -111.90 17.91 -86.80
O1 2AN CH . -114.11 18.74 -84.19
O2 2AN CH . -114.39 20.16 -82.16
O3 2AN CH . -112.26 19.99 -82.95
C1 2AN DH . -121.85 1.34 -80.61
C2 2AN DH . -121.82 0.42 -81.67
C3 2AN DH . -120.88 0.45 -82.71
C4 2AN DH . -119.90 1.40 -82.75
C5 2AN DH . -119.82 2.34 -81.74
C6 2AN DH . -118.81 3.25 -81.80
C7 2AN DH . -118.68 4.19 -80.86
C8 2AN DH . -119.54 4.27 -79.82
N 2AN DH . -122.68 1.10 -79.57
S 2AN DH . -121.42 3.68 -78.31
C9 2AN DH . -120.56 3.40 -79.60
C10 2AN DH . -120.77 2.36 -80.61
C11 2AN DH . -122.94 -0.19 -79.13
C12 2AN DH . -123.88 -0.29 -78.14
C13 2AN DH . -124.25 -1.51 -77.67
C14 2AN DH . -123.70 -2.67 -78.16
C15 2AN DH . -122.75 -2.61 -79.13
C16 2AN DH . -122.38 -1.34 -79.61
O1 2AN DH . -122.85 3.66 -78.66
O2 2AN DH . -121.22 5.01 -77.81
O3 2AN DH . -120.93 2.65 -77.19
C1 2AN EH . -123.47 -5.12 -86.32
C2 2AN EH . -124.66 -5.77 -86.54
C3 2AN EH . -125.61 -5.85 -85.53
C4 2AN EH . -125.39 -5.33 -84.27
C5 2AN EH . -124.21 -4.71 -83.95
C6 2AN EH . -124.01 -4.18 -82.68
C7 2AN EH . -122.82 -3.53 -82.34
C8 2AN EH . -121.81 -3.41 -83.24
N 2AN EH . -122.56 -5.32 -87.25
S 2AN EH . -120.67 -3.71 -85.41
C9 2AN EH . -121.94 -3.90 -84.52
C10 2AN EH . -123.17 -4.60 -84.96
C11 2AN EH . -122.18 -6.61 -87.39
C12 2AN EH . -121.12 -6.82 -88.27
C13 2AN EH . -120.65 -8.10 -88.52
C14 2AN EH . -121.25 -9.18 -87.86
C15 2AN EH . -122.29 -8.98 -86.96
C16 2AN EH . -122.76 -7.70 -86.70
O1 2AN EH . -119.99 -5.00 -85.42
O2 2AN EH . -121.01 -3.23 -86.93
O3 2AN EH . -119.89 -2.73 -84.74
S SO4 FH . -116.43 3.92 -70.95
O1 SO4 FH . -115.79 4.74 -72.00
O2 SO4 FH . -117.90 4.20 -70.86
O3 SO4 FH . -115.79 4.17 -69.63
O4 SO4 FH . -116.24 2.55 -71.38
#